data_1J0B
#
_entry.id   1J0B
#
_cell.length_a   105.87
_cell.length_b   147.28
_cell.length_c   149.07
_cell.angle_alpha   73.18
_cell.angle_beta   90.11
_cell.angle_gamma   68.49
#
_symmetry.space_group_name_H-M   'P 1'
#
loop_
_entity.id
_entity.type
_entity.pdbx_description
1 polymer '1-aminocyclopropane-1-carboxylate deaminase'
2 non-polymer 'N-[3-HYDROXY-2-METHYL-5-PHOSPHONOOXYMETHYL-PYRIDIN-4-Y-LMETHYL]-1-AMINO-CYCLOPROPANECARBOXYLIC ACID'
3 water water
#
_entity_poly.entity_id   1
_entity_poly.type   'polypeptide(L)'
_entity_poly.pdbx_seq_one_letter_code
;MHPKIFALLAKFPRVELIPWETPIQYLPNISREIGADVYIKRDDLTGLGIGGNKIRKLEYLLGDALSKGADVVITVGAVH
SNHAFVTGLAAKKLGLDAILVLRGKEELKGNYLLDKIMGIETRVYDAKDSFELMKYAEEIAEELKREGRKPYVIPPGGAS
PIGTLGYVRAVGEIATQSEVKFDSIVVAAGSGGTLAGLSLGLSILNEDIRPVGIAVGRFGEVMTSKLDNLIKEAAELLGV
KVEVRPELYDYSFGEYGKITGEVAQIIRKVGTREGIILDPVYTGKAFYGLVDLARKGELGEKILFIHTGGISGTFHYGDK
LLSLL
;
_entity_poly.pdbx_strand_id   A,B,C,D,E,F,G,H,I,J,K,L,M,N,O,P,Q,R,S,T,U,V,W,X
#
# COMPACT_ATOMS: atom_id res chain seq x y z
N MET A 1 74.53 -5.93 -72.37
CA MET A 1 74.32 -4.47 -72.17
C MET A 1 74.25 -4.11 -70.69
N HIS A 2 75.26 -3.37 -70.22
CA HIS A 2 75.33 -2.93 -68.82
C HIS A 2 74.23 -1.90 -68.56
N PRO A 3 73.40 -2.12 -67.52
CA PRO A 3 72.29 -1.22 -67.17
C PRO A 3 72.53 0.30 -67.10
N LYS A 4 73.74 0.70 -66.71
CA LYS A 4 74.06 2.12 -66.60
C LYS A 4 74.21 2.78 -67.97
N ILE A 5 74.93 2.11 -68.86
CA ILE A 5 75.15 2.61 -70.20
C ILE A 5 73.88 2.48 -71.05
N PHE A 6 72.98 1.61 -70.60
CA PHE A 6 71.72 1.39 -71.28
C PHE A 6 70.85 2.60 -70.99
N ALA A 7 70.81 3.01 -69.73
CA ALA A 7 70.01 4.15 -69.32
C ALA A 7 70.57 5.43 -69.93
N LEU A 8 71.89 5.57 -69.88
CA LEU A 8 72.51 6.75 -70.42
C LEU A 8 72.34 6.90 -71.94
N LEU A 9 72.12 5.81 -72.66
CA LEU A 9 71.94 5.86 -74.11
C LEU A 9 70.47 5.85 -74.51
N ALA A 10 69.60 5.58 -73.55
CA ALA A 10 68.15 5.49 -73.76
C ALA A 10 67.47 6.42 -74.76
N LYS A 11 67.62 7.72 -74.55
CA LYS A 11 66.96 8.69 -75.42
C LYS A 11 67.56 8.99 -76.78
N PHE A 12 68.71 8.40 -77.11
CA PHE A 12 69.30 8.68 -78.40
C PHE A 12 68.88 7.77 -79.53
N PRO A 13 68.19 8.35 -80.54
CA PRO A 13 67.62 7.83 -81.79
C PRO A 13 68.63 7.06 -82.62
N ARG A 14 68.52 5.74 -82.59
CA ARG A 14 69.43 4.91 -83.33
C ARG A 14 68.72 4.17 -84.45
N VAL A 15 69.51 3.65 -85.36
CA VAL A 15 69.01 2.87 -86.47
C VAL A 15 69.76 1.56 -86.24
N GLU A 16 69.01 0.53 -85.91
CA GLU A 16 69.60 -0.76 -85.64
C GLU A 16 70.17 -1.34 -86.93
N LEU A 17 71.50 -1.42 -86.98
CA LEU A 17 72.24 -1.94 -88.12
C LEU A 17 73.06 -3.16 -87.70
N ILE A 18 73.11 -3.40 -86.40
CA ILE A 18 73.88 -4.51 -85.84
C ILE A 18 73.01 -5.50 -85.05
N PRO A 19 72.69 -6.66 -85.65
CA PRO A 19 71.87 -7.76 -85.13
C PRO A 19 72.45 -8.61 -83.99
N TRP A 20 73.73 -8.48 -83.70
CA TRP A 20 74.31 -9.28 -82.64
C TRP A 20 75.46 -8.56 -82.00
N GLU A 21 76.06 -9.21 -81.02
CA GLU A 21 77.19 -8.67 -80.32
C GLU A 21 78.37 -9.32 -81.04
N THR A 22 79.40 -8.55 -81.36
CA THR A 22 80.54 -9.13 -82.07
C THR A 22 81.33 -9.93 -81.08
N PRO A 23 81.72 -11.14 -81.47
CA PRO A 23 82.50 -12.11 -80.67
C PRO A 23 83.91 -11.68 -80.20
N ILE A 24 84.30 -12.17 -79.02
CA ILE A 24 85.59 -11.88 -78.44
C ILE A 24 86.33 -13.22 -78.36
N GLN A 25 87.52 -13.29 -78.96
CA GLN A 25 88.31 -14.52 -78.97
C GLN A 25 89.71 -14.30 -78.42
N TYR A 26 90.29 -15.31 -77.78
CA TYR A 26 91.64 -15.22 -77.23
C TYR A 26 92.65 -15.59 -78.32
N LEU A 27 93.71 -14.79 -78.46
CA LEU A 27 94.74 -15.07 -79.45
C LEU A 27 95.93 -15.64 -78.69
N PRO A 28 96.00 -16.97 -78.59
CA PRO A 28 97.02 -17.77 -77.90
C PRO A 28 98.44 -17.76 -78.45
N ASN A 29 98.55 -17.78 -79.78
CA ASN A 29 99.84 -17.78 -80.45
C ASN A 29 100.56 -16.44 -80.32
N ILE A 30 99.80 -15.35 -80.40
CA ILE A 30 100.40 -14.01 -80.27
C ILE A 30 100.59 -13.70 -78.80
N SER A 31 99.75 -14.29 -77.94
CA SER A 31 99.86 -14.05 -76.52
C SER A 31 101.09 -14.76 -75.94
N ARG A 32 101.39 -15.94 -76.46
CA ARG A 32 102.53 -16.71 -76.00
C ARG A 32 103.82 -16.09 -76.53
N GLU A 33 103.68 -14.97 -77.22
CA GLU A 33 104.85 -14.33 -77.82
C GLU A 33 105.20 -12.95 -77.29
N ILE A 34 104.21 -12.17 -76.88
CA ILE A 34 104.48 -10.84 -76.34
C ILE A 34 104.51 -10.91 -74.82
N GLY A 35 104.31 -12.12 -74.29
CA GLY A 35 104.29 -12.31 -72.85
C GLY A 35 103.02 -11.84 -72.18
N ALA A 36 101.98 -11.57 -72.97
CA ALA A 36 100.72 -11.10 -72.40
C ALA A 36 99.50 -11.72 -73.07
N ASP A 37 98.40 -11.75 -72.34
CA ASP A 37 97.17 -12.30 -72.89
C ASP A 37 96.56 -11.24 -73.79
N VAL A 38 96.37 -11.58 -75.05
CA VAL A 38 95.75 -10.65 -75.98
C VAL A 38 94.45 -11.21 -76.53
N TYR A 39 93.36 -10.48 -76.34
CA TYR A 39 92.04 -10.88 -76.81
C TYR A 39 91.56 -9.91 -77.91
N ILE A 40 91.02 -10.44 -79.00
CA ILE A 40 90.56 -9.61 -80.09
C ILE A 40 89.04 -9.60 -80.19
N LYS A 41 88.46 -8.40 -80.19
CA LYS A 41 87.02 -8.26 -80.33
C LYS A 41 86.77 -8.06 -81.81
N ARG A 42 86.04 -8.99 -82.41
CA ARG A 42 85.78 -8.97 -83.84
C ARG A 42 84.66 -8.03 -84.31
N ASP A 43 85.00 -6.74 -84.40
CA ASP A 43 84.05 -5.72 -84.84
C ASP A 43 84.19 -5.57 -86.36
N ASP A 44 85.01 -6.43 -86.96
CA ASP A 44 85.25 -6.42 -88.40
C ASP A 44 84.17 -7.29 -89.04
N LEU A 45 83.30 -7.81 -88.19
CA LEU A 45 82.19 -8.66 -88.59
C LEU A 45 80.94 -8.01 -88.04
N THR A 46 80.82 -6.71 -88.27
CA THR A 46 79.67 -5.95 -87.83
C THR A 46 78.51 -6.19 -88.78
N GLY A 47 78.80 -6.43 -90.05
CA GLY A 47 77.75 -6.69 -90.99
C GLY A 47 77.62 -5.81 -92.22
N LEU A 48 77.58 -4.49 -92.06
CA LEU A 48 77.41 -3.67 -93.24
C LEU A 48 78.67 -3.33 -94.01
N GLY A 49 78.68 -3.71 -95.28
CA GLY A 49 79.83 -3.44 -96.13
C GLY A 49 80.95 -4.38 -95.78
N ILE A 50 82.14 -3.83 -95.60
CA ILE A 50 83.32 -4.61 -95.24
C ILE A 50 83.44 -4.62 -93.72
N GLY A 51 82.34 -4.31 -93.07
CA GLY A 51 82.32 -4.26 -91.63
C GLY A 51 83.21 -3.13 -91.17
N GLY A 52 83.40 -3.05 -89.85
CA GLY A 52 84.25 -2.01 -89.32
C GLY A 52 83.63 -1.16 -88.23
N ASN A 53 84.49 -0.44 -87.53
CA ASN A 53 84.10 0.43 -86.43
C ASN A 53 83.05 1.46 -86.82
N LYS A 54 82.95 1.74 -88.11
CA LYS A 54 82.03 2.74 -88.59
C LYS A 54 80.57 2.37 -88.58
N ILE A 55 80.27 1.12 -88.89
CA ILE A 55 78.87 0.72 -88.89
C ILE A 55 78.22 1.14 -87.58
N ARG A 56 78.92 0.97 -86.47
CA ARG A 56 78.37 1.34 -85.17
C ARG A 56 77.99 2.81 -85.09
N LYS A 57 78.86 3.68 -85.56
CA LYS A 57 78.60 5.12 -85.51
C LYS A 57 77.44 5.50 -86.42
N LEU A 58 77.36 4.81 -87.56
CA LEU A 58 76.34 5.03 -88.57
C LEU A 58 74.92 4.73 -88.05
N GLU A 59 74.81 4.02 -86.93
CA GLU A 59 73.50 3.73 -86.37
C GLU A 59 72.92 5.04 -85.83
N TYR A 60 73.78 5.78 -85.15
CA TYR A 60 73.40 7.05 -84.55
C TYR A 60 73.43 8.21 -85.51
N LEU A 61 74.40 8.20 -86.40
CA LEU A 61 74.52 9.26 -87.38
C LEU A 61 73.31 9.23 -88.29
N LEU A 62 73.11 8.11 -88.99
CA LEU A 62 72.00 7.96 -89.91
C LEU A 62 70.65 8.09 -89.20
N GLY A 63 70.66 7.92 -87.90
CA GLY A 63 69.44 8.08 -87.12
C GLY A 63 69.37 9.49 -86.61
N ASP A 64 70.25 10.33 -87.15
CA ASP A 64 70.32 11.74 -86.81
C ASP A 64 69.95 12.45 -88.11
N ALA A 65 70.40 11.87 -89.22
CA ALA A 65 70.13 12.38 -90.55
C ALA A 65 68.66 12.18 -90.82
N LEU A 66 68.18 10.99 -90.49
CA LEU A 66 66.77 10.64 -90.67
C LEU A 66 65.88 11.53 -89.81
N SER A 67 66.09 11.47 -88.50
CA SER A 67 65.27 12.27 -87.59
C SER A 67 65.16 13.71 -88.07
N LYS A 68 65.98 14.07 -89.05
CA LYS A 68 65.96 15.43 -89.57
C LYS A 68 65.45 15.54 -91.00
N GLY A 69 65.17 14.40 -91.61
CA GLY A 69 64.67 14.39 -92.96
C GLY A 69 65.69 14.86 -93.96
N ALA A 70 66.57 13.96 -94.36
CA ALA A 70 67.58 14.30 -95.34
C ALA A 70 67.36 13.36 -96.51
N ASP A 71 67.91 13.71 -97.67
CA ASP A 71 67.75 12.88 -98.85
C ASP A 71 69.11 12.58 -99.46
N VAL A 72 70.09 13.37 -99.05
CA VAL A 72 71.46 13.19 -99.51
C VAL A 72 72.36 13.28 -98.27
N VAL A 73 73.23 12.29 -98.10
CA VAL A 73 74.14 12.24 -96.96
C VAL A 73 75.54 12.46 -97.50
N ILE A 74 76.31 13.32 -96.84
CA ILE A 74 77.67 13.62 -97.28
C ILE A 74 78.75 13.30 -96.22
N THR A 75 79.90 12.85 -96.68
CA THR A 75 81.03 12.57 -95.79
C THR A 75 82.31 12.57 -96.61
N VAL A 76 83.43 12.71 -95.92
CA VAL A 76 84.71 12.79 -96.61
C VAL A 76 85.66 11.65 -96.25
N GLY A 77 86.82 11.61 -96.89
CA GLY A 77 87.79 10.58 -96.57
C GLY A 77 88.82 10.31 -97.64
N ALA A 78 89.93 9.70 -97.29
CA ALA A 78 90.95 9.39 -98.29
C ALA A 78 90.29 8.42 -99.28
N VAL A 79 90.75 8.47 -100.51
CA VAL A 79 90.21 7.60 -101.54
C VAL A 79 90.04 6.15 -101.06
N HIS A 80 90.91 5.70 -100.15
CA HIS A 80 90.84 4.35 -99.62
C HIS A 80 89.95 4.26 -98.40
N SER A 81 89.18 5.31 -98.12
CA SER A 81 88.30 5.33 -96.95
C SER A 81 87.38 4.14 -96.79
N ASN A 82 87.36 3.59 -95.57
CA ASN A 82 86.49 2.47 -95.19
C ASN A 82 85.19 3.10 -94.70
N HIS A 83 85.35 4.26 -94.06
CA HIS A 83 84.25 5.05 -93.52
C HIS A 83 83.38 5.56 -94.68
N ALA A 84 84.00 6.24 -95.63
CA ALA A 84 83.33 6.82 -96.79
C ALA A 84 82.52 5.82 -97.61
N PHE A 85 83.05 4.62 -97.79
CA PHE A 85 82.35 3.60 -98.54
C PHE A 85 81.17 3.16 -97.69
N VAL A 86 81.47 2.56 -96.57
CA VAL A 86 80.46 2.09 -95.66
C VAL A 86 79.37 3.14 -95.34
N THR A 87 79.73 4.42 -95.34
CA THR A 87 78.75 5.47 -95.03
C THR A 87 77.68 5.57 -96.11
N GLY A 88 78.12 5.69 -97.36
CA GLY A 88 77.21 5.80 -98.49
C GLY A 88 76.35 4.56 -98.62
N LEU A 89 76.99 3.41 -98.82
CA LEU A 89 76.27 2.17 -98.92
C LEU A 89 75.18 2.21 -97.83
N ALA A 90 75.61 2.29 -96.57
CA ALA A 90 74.62 2.33 -95.50
C ALA A 90 73.58 3.39 -95.77
N ALA A 91 74.00 4.56 -96.21
CA ALA A 91 73.06 5.63 -96.50
C ALA A 91 72.10 5.16 -97.60
N LYS A 92 72.65 4.49 -98.60
CA LYS A 92 71.87 3.96 -99.72
C LYS A 92 70.87 2.92 -99.25
N LYS A 93 71.28 2.12 -98.27
CA LYS A 93 70.41 1.07 -97.74
C LYS A 93 69.20 1.64 -97.03
N LEU A 94 69.36 2.82 -96.43
CA LEU A 94 68.26 3.50 -95.74
C LEU A 94 67.53 4.36 -96.77
N GLY A 95 67.78 4.08 -98.05
CA GLY A 95 67.13 4.80 -99.12
C GLY A 95 67.61 6.23 -99.27
N LEU A 96 68.73 6.56 -98.64
CA LEU A 96 69.28 7.89 -98.73
C LEU A 96 70.35 7.96 -99.82
N ASP A 97 70.36 9.06 -100.56
CA ASP A 97 71.35 9.21 -101.61
C ASP A 97 72.68 9.45 -100.90
N ALA A 98 73.79 9.23 -101.59
CA ALA A 98 75.08 9.46 -100.96
C ALA A 98 76.17 9.96 -101.90
N ILE A 99 76.86 11.02 -101.49
CA ILE A 99 77.94 11.59 -102.27
C ILE A 99 79.16 11.60 -101.37
N LEU A 100 80.24 10.99 -101.83
CA LEU A 100 81.48 10.92 -101.06
C LEU A 100 82.51 11.92 -101.59
N VAL A 101 82.98 12.81 -100.73
CA VAL A 101 83.98 13.80 -101.13
C VAL A 101 85.38 13.28 -100.78
N LEU A 102 85.89 12.34 -101.58
CA LEU A 102 87.20 11.73 -101.37
C LEU A 102 88.35 12.59 -101.86
N ARG A 103 89.55 12.24 -101.43
CA ARG A 103 90.74 12.96 -101.86
C ARG A 103 91.81 11.92 -102.10
N GLY A 104 92.47 12.02 -103.25
CA GLY A 104 93.53 11.08 -103.56
C GLY A 104 93.51 10.50 -104.96
N LYS A 105 94.25 9.41 -105.13
CA LYS A 105 94.36 8.72 -106.41
C LYS A 105 93.07 8.09 -106.89
N GLU A 106 92.81 8.21 -108.18
CA GLU A 106 91.62 7.60 -108.74
C GLU A 106 91.83 6.13 -109.07
N GLU A 107 92.86 5.53 -108.48
CA GLU A 107 93.15 4.11 -108.70
C GLU A 107 91.86 3.34 -108.55
N LEU A 108 91.72 2.26 -109.31
CA LEU A 108 90.54 1.45 -109.23
C LEU A 108 90.76 0.20 -108.41
N LYS A 109 90.68 0.36 -107.09
CA LYS A 109 90.86 -0.76 -106.17
C LYS A 109 90.54 -0.36 -104.74
N GLY A 110 90.63 -1.34 -103.84
CA GLY A 110 90.34 -1.08 -102.45
C GLY A 110 88.90 -0.67 -102.35
N ASN A 111 88.60 0.33 -101.54
CA ASN A 111 87.23 0.81 -101.38
C ASN A 111 86.81 1.75 -102.52
N TYR A 112 87.73 2.12 -103.40
CA TYR A 112 87.36 3.00 -104.49
C TYR A 112 86.62 2.14 -105.48
N LEU A 113 87.09 0.89 -105.62
CA LEU A 113 86.49 -0.08 -106.51
C LEU A 113 85.08 -0.37 -106.03
N LEU A 114 84.99 -0.79 -104.76
CA LEU A 114 83.71 -1.12 -104.13
C LEU A 114 82.73 0.04 -104.26
N ASP A 115 83.25 1.26 -104.19
CA ASP A 115 82.40 2.44 -104.29
C ASP A 115 81.71 2.44 -105.64
N LYS A 116 82.52 2.54 -106.68
CA LYS A 116 82.00 2.56 -108.03
C LYS A 116 81.17 1.33 -108.33
N ILE A 117 81.57 0.17 -107.81
CA ILE A 117 80.81 -1.04 -108.08
C ILE A 117 79.41 -0.88 -107.51
N MET A 118 79.31 -0.40 -106.28
CA MET A 118 78.01 -0.24 -105.67
C MET A 118 77.39 1.10 -106.02
N GLY A 119 77.83 1.66 -107.14
CA GLY A 119 77.31 2.93 -107.63
C GLY A 119 77.14 4.12 -106.72
N ILE A 120 78.07 4.34 -105.79
CA ILE A 120 77.97 5.48 -104.90
C ILE A 120 78.60 6.63 -105.65
N GLU A 121 78.01 7.83 -105.60
CA GLU A 121 78.60 8.97 -106.32
C GLU A 121 79.91 9.34 -105.66
N THR A 122 80.89 9.79 -106.44
CA THR A 122 82.19 10.13 -105.89
C THR A 122 82.89 11.32 -106.50
N ARG A 123 83.33 12.24 -105.64
CA ARG A 123 84.07 13.44 -106.05
C ARG A 123 85.47 13.44 -105.43
N VAL A 124 86.44 13.00 -106.22
CA VAL A 124 87.83 12.89 -105.82
C VAL A 124 88.65 14.18 -105.98
N TYR A 125 88.46 15.12 -105.06
CA TYR A 125 89.20 16.39 -105.09
C TYR A 125 90.67 16.13 -104.91
N ASP A 126 91.42 16.36 -105.99
CA ASP A 126 92.88 16.21 -106.06
C ASP A 126 93.53 16.97 -104.90
N ALA A 127 92.69 17.62 -104.09
CA ALA A 127 93.12 18.39 -102.93
C ALA A 127 93.77 17.47 -101.90
N LYS A 128 94.84 16.78 -102.33
CA LYS A 128 95.56 15.86 -101.44
C LYS A 128 96.37 16.64 -100.38
N ASP A 129 95.71 16.87 -99.25
CA ASP A 129 96.29 17.60 -98.15
C ASP A 129 95.94 16.93 -96.83
N SER A 130 94.75 17.26 -96.31
CA SER A 130 94.27 16.74 -95.04
C SER A 130 92.75 16.52 -95.07
N PHE A 131 92.04 17.08 -94.09
CA PHE A 131 90.59 16.98 -93.99
C PHE A 131 89.88 18.28 -94.37
N GLU A 132 90.64 19.25 -94.91
CA GLU A 132 90.03 20.50 -95.31
C GLU A 132 89.31 20.33 -96.65
N LEU A 133 88.93 19.07 -96.85
CA LEU A 133 88.19 18.52 -97.97
C LEU A 133 86.76 18.61 -97.46
N MET A 134 86.62 19.15 -96.25
CA MET A 134 85.34 19.32 -95.58
C MET A 134 84.70 20.64 -95.97
N LYS A 135 85.52 21.56 -96.47
CA LYS A 135 84.99 22.85 -96.88
C LYS A 135 84.37 22.62 -98.24
N TYR A 136 84.92 21.65 -98.97
CA TYR A 136 84.39 21.30 -100.26
C TYR A 136 83.10 20.51 -100.06
N ALA A 137 83.06 19.73 -98.98
CA ALA A 137 81.89 18.93 -98.67
C ALA A 137 80.73 19.85 -98.35
N GLU A 138 80.97 20.83 -97.48
CA GLU A 138 79.93 21.76 -97.07
C GLU A 138 79.43 22.68 -98.20
N GLU A 139 80.29 23.00 -99.16
CA GLU A 139 79.87 23.88 -100.25
C GLU A 139 79.04 23.12 -101.27
N ILE A 140 79.29 21.81 -101.37
CA ILE A 140 78.51 20.97 -102.27
C ILE A 140 77.13 20.88 -101.65
N ALA A 141 77.06 21.03 -100.33
CA ALA A 141 75.79 20.97 -99.63
C ALA A 141 75.01 22.26 -99.80
N GLU A 142 75.72 23.39 -99.80
CA GLU A 142 75.07 24.68 -99.99
C GLU A 142 74.35 24.69 -101.34
N GLU A 143 75.07 24.28 -102.38
CA GLU A 143 74.48 24.24 -103.71
C GLU A 143 73.31 23.27 -103.61
N LEU A 144 73.64 22.04 -103.22
CA LEU A 144 72.68 20.98 -103.07
C LEU A 144 71.40 21.42 -102.38
N LYS A 145 71.55 22.10 -101.23
CA LYS A 145 70.39 22.53 -100.45
C LYS A 145 69.59 23.75 -100.90
N ARG A 146 70.12 24.55 -101.84
CA ARG A 146 69.35 25.69 -102.35
C ARG A 146 68.50 25.09 -103.47
N GLU A 147 67.92 23.94 -103.13
CA GLU A 147 67.10 23.18 -104.05
C GLU A 147 66.31 22.12 -103.24
N GLY A 148 65.65 22.57 -102.17
CA GLY A 148 64.86 21.68 -101.33
C GLY A 148 65.60 20.49 -100.73
N ARG A 149 66.44 19.87 -101.55
CA ARG A 149 67.24 18.71 -101.10
C ARG A 149 67.84 19.07 -99.76
N LYS A 150 67.66 18.19 -98.78
CA LYS A 150 68.20 18.43 -97.45
C LYS A 150 69.43 17.58 -97.17
N PRO A 151 70.63 18.09 -97.49
CA PRO A 151 71.83 17.30 -97.23
C PRO A 151 72.13 17.13 -95.75
N TYR A 152 73.01 16.18 -95.46
CA TYR A 152 73.41 15.92 -94.10
C TYR A 152 74.88 15.61 -94.17
N VAL A 153 75.70 16.44 -93.53
CA VAL A 153 77.14 16.25 -93.58
C VAL A 153 77.69 15.54 -92.36
N ILE A 154 78.44 14.47 -92.61
CA ILE A 154 79.04 13.71 -91.54
C ILE A 154 80.52 14.03 -91.54
N PRO A 155 81.05 14.39 -90.38
CA PRO A 155 82.46 14.72 -90.22
C PRO A 155 83.42 13.62 -90.68
N PRO A 156 84.72 13.96 -90.83
CA PRO A 156 85.69 12.95 -91.27
C PRO A 156 85.63 11.78 -90.28
N GLY A 157 85.42 10.58 -90.79
CA GLY A 157 85.34 9.40 -89.93
C GLY A 157 84.08 9.38 -89.08
N GLY A 158 83.13 10.25 -89.39
CA GLY A 158 81.88 10.30 -88.65
C GLY A 158 82.10 10.54 -87.17
N ALA A 159 83.14 11.30 -86.85
CA ALA A 159 83.51 11.58 -85.47
C ALA A 159 82.78 12.77 -84.88
N SER A 160 81.48 12.60 -84.70
CA SER A 160 80.65 13.66 -84.14
C SER A 160 80.07 13.12 -82.86
N PRO A 161 79.92 13.99 -81.83
CA PRO A 161 79.38 13.59 -80.53
C PRO A 161 78.44 12.38 -80.53
N ILE A 162 77.39 12.39 -81.34
CA ILE A 162 76.48 11.25 -81.33
C ILE A 162 76.93 10.06 -82.17
N GLY A 163 77.96 10.23 -82.98
CA GLY A 163 78.44 9.10 -83.75
C GLY A 163 79.39 8.36 -82.84
N THR A 164 79.78 9.06 -81.78
CA THR A 164 80.69 8.57 -80.78
C THR A 164 79.99 7.62 -79.82
N LEU A 165 78.66 7.72 -79.77
CA LEU A 165 77.90 6.84 -78.89
C LEU A 165 77.92 5.41 -79.42
N GLY A 166 78.53 5.24 -80.60
CA GLY A 166 78.62 3.93 -81.21
C GLY A 166 79.49 2.98 -80.40
N TYR A 167 80.58 3.49 -79.86
CA TYR A 167 81.47 2.68 -79.06
C TYR A 167 81.23 2.86 -77.59
N VAL A 168 80.41 3.84 -77.25
CA VAL A 168 80.05 4.06 -75.85
C VAL A 168 79.23 2.81 -75.62
N ARG A 169 78.31 2.59 -76.55
CA ARG A 169 77.43 1.45 -76.52
C ARG A 169 78.29 0.20 -76.67
N ALA A 170 79.45 0.36 -77.30
CA ALA A 170 80.32 -0.77 -77.51
C ALA A 170 80.94 -1.25 -76.22
N VAL A 171 81.36 -0.34 -75.36
CA VAL A 171 81.94 -0.80 -74.11
C VAL A 171 80.81 -1.46 -73.35
N GLY A 172 79.62 -0.87 -73.47
CA GLY A 172 78.45 -1.38 -72.78
C GLY A 172 78.21 -2.83 -73.12
N GLU A 173 78.33 -3.15 -74.41
CA GLU A 173 78.17 -4.52 -74.87
C GLU A 173 79.36 -5.26 -74.31
N ILE A 174 80.56 -4.85 -74.68
CA ILE A 174 81.76 -5.54 -74.20
C ILE A 174 81.60 -5.91 -72.74
N ALA A 175 81.40 -4.89 -71.92
CA ALA A 175 81.27 -5.01 -70.48
C ALA A 175 80.46 -6.20 -70.06
N THR A 176 79.61 -6.68 -70.96
CA THR A 176 78.76 -7.80 -70.64
C THR A 176 79.08 -9.14 -71.28
N GLN A 177 79.27 -9.16 -72.58
CA GLN A 177 79.59 -10.39 -73.28
C GLN A 177 80.89 -11.00 -72.74
N SER A 178 81.64 -10.21 -71.99
CA SER A 178 82.92 -10.68 -71.46
C SER A 178 83.01 -11.13 -70.01
N GLU A 179 83.56 -12.32 -69.82
CA GLU A 179 83.76 -12.85 -68.48
C GLU A 179 85.27 -12.84 -68.30
N VAL A 180 85.80 -11.63 -68.41
CA VAL A 180 87.22 -11.34 -68.27
C VAL A 180 87.29 -9.87 -67.87
N LYS A 181 88.39 -9.51 -67.23
CA LYS A 181 88.61 -8.16 -66.77
C LYS A 181 89.88 -7.71 -67.45
N PHE A 182 89.77 -6.76 -68.38
CA PHE A 182 90.94 -6.28 -69.11
C PHE A 182 91.62 -5.13 -68.39
N ASP A 183 92.90 -4.95 -68.66
CA ASP A 183 93.70 -3.89 -68.06
C ASP A 183 93.64 -2.69 -68.97
N SER A 184 93.46 -2.98 -70.24
CA SER A 184 93.38 -1.96 -71.27
C SER A 184 92.68 -2.52 -72.50
N ILE A 185 92.09 -1.63 -73.27
CA ILE A 185 91.41 -2.01 -74.48
C ILE A 185 92.02 -1.09 -75.53
N VAL A 186 92.58 -1.67 -76.59
CA VAL A 186 93.21 -0.87 -77.64
C VAL A 186 92.42 -0.80 -78.94
N VAL A 187 92.45 0.37 -79.55
CA VAL A 187 91.73 0.64 -80.80
C VAL A 187 92.51 1.66 -81.64
N ALA A 188 92.63 1.42 -82.94
CA ALA A 188 93.35 2.36 -83.78
C ALA A 188 92.72 3.73 -83.66
N ALA A 189 93.55 4.77 -83.78
CA ALA A 189 93.09 6.15 -83.71
C ALA A 189 93.51 6.87 -84.99
N GLY A 190 92.52 7.25 -85.77
CA GLY A 190 92.77 7.96 -87.01
C GLY A 190 92.15 9.33 -86.86
N SER A 191 90.82 9.38 -86.91
CA SER A 191 90.11 10.64 -86.75
C SER A 191 89.77 10.71 -85.28
N GLY A 192 90.06 9.61 -84.58
CA GLY A 192 89.85 9.51 -83.16
C GLY A 192 88.44 9.43 -82.61
N GLY A 193 87.46 9.24 -83.47
CA GLY A 193 86.08 9.16 -83.02
C GLY A 193 85.75 7.90 -82.24
N THR A 194 86.43 6.80 -82.56
CA THR A 194 86.24 5.54 -81.86
C THR A 194 86.84 5.64 -80.44
N LEU A 195 88.13 5.95 -80.38
CA LEU A 195 88.85 6.07 -79.13
C LEU A 195 88.14 7.07 -78.24
N ALA A 196 87.43 7.99 -78.90
CA ALA A 196 86.71 9.03 -78.20
C ALA A 196 85.57 8.50 -77.34
N GLY A 197 84.71 7.67 -77.94
CA GLY A 197 83.58 7.10 -77.22
C GLY A 197 83.98 5.96 -76.30
N LEU A 198 84.98 5.20 -76.72
CA LEU A 198 85.50 4.08 -75.93
C LEU A 198 85.88 4.57 -74.54
N SER A 199 86.51 5.74 -74.51
CA SER A 199 86.94 6.38 -73.28
C SER A 199 85.70 6.76 -72.49
N LEU A 200 84.68 7.19 -73.22
CA LEU A 200 83.43 7.60 -72.60
C LEU A 200 82.80 6.42 -71.86
N GLY A 201 82.60 5.32 -72.57
CA GLY A 201 82.00 4.15 -71.96
C GLY A 201 82.80 3.54 -70.83
N LEU A 202 84.13 3.67 -70.89
CA LEU A 202 84.96 3.11 -69.83
C LEU A 202 85.02 4.10 -68.66
N SER A 203 84.69 5.35 -68.97
CA SER A 203 84.62 6.43 -68.00
C SER A 203 83.35 6.25 -67.16
N ILE A 204 82.25 5.98 -67.85
CA ILE A 204 80.94 5.77 -67.22
C ILE A 204 80.91 4.44 -66.49
N LEU A 205 81.48 3.41 -67.11
CA LEU A 205 81.53 2.11 -66.48
C LEU A 205 82.36 2.22 -65.21
N ASN A 206 83.52 2.84 -65.31
CA ASN A 206 84.35 3.07 -64.13
C ASN A 206 85.30 2.01 -63.58
N GLU A 207 85.55 0.91 -64.27
CA GLU A 207 86.53 -0.03 -63.72
C GLU A 207 87.83 0.69 -64.02
N ASP A 208 88.92 -0.06 -64.09
CA ASP A 208 90.20 0.56 -64.41
C ASP A 208 90.72 0.05 -65.72
N ILE A 209 89.82 0.02 -66.69
CA ILE A 209 90.16 -0.40 -68.04
C ILE A 209 90.67 0.88 -68.70
N ARG A 210 91.90 0.86 -69.15
CA ARG A 210 92.49 2.01 -69.79
C ARG A 210 92.16 2.07 -71.28
N PRO A 211 91.80 3.26 -71.79
CA PRO A 211 91.47 3.45 -73.20
C PRO A 211 92.81 3.68 -73.86
N VAL A 212 93.22 2.76 -74.72
CA VAL A 212 94.51 2.86 -75.37
C VAL A 212 94.46 2.88 -76.89
N GLY A 213 94.55 4.08 -77.45
CA GLY A 213 94.54 4.19 -78.88
C GLY A 213 95.95 4.40 -79.40
N ILE A 214 96.28 3.72 -80.48
CA ILE A 214 97.58 3.87 -81.09
C ILE A 214 97.37 4.62 -82.41
N ALA A 215 97.78 5.88 -82.43
CA ALA A 215 97.65 6.73 -83.61
C ALA A 215 98.27 6.09 -84.84
N VAL A 216 97.51 6.14 -85.93
CA VAL A 216 97.92 5.56 -87.21
C VAL A 216 98.50 6.64 -88.09
N GLY A 217 98.22 7.88 -87.75
CA GLY A 217 98.73 8.99 -88.51
C GLY A 217 99.50 9.99 -87.67
N ARG A 218 100.23 10.87 -88.35
CA ARG A 218 101.03 11.88 -87.71
C ARG A 218 100.24 12.49 -86.53
N PHE A 219 100.44 11.92 -85.34
CA PHE A 219 99.78 12.37 -84.11
C PHE A 219 99.75 13.90 -84.03
N GLY A 220 98.86 14.48 -84.82
CA GLY A 220 98.74 15.92 -84.93
C GLY A 220 98.43 16.76 -83.70
N GLU A 221 98.03 18.00 -83.96
CA GLU A 221 97.67 18.96 -82.92
C GLU A 221 96.17 19.05 -82.68
N VAL A 222 95.45 19.64 -83.63
CA VAL A 222 93.99 19.74 -83.54
C VAL A 222 93.62 18.37 -82.97
N MET A 223 94.30 17.36 -83.50
CA MET A 223 94.12 15.97 -83.11
C MET A 223 93.97 15.81 -81.60
N THR A 224 94.94 16.32 -80.85
CA THR A 224 94.88 16.19 -79.41
C THR A 224 93.86 17.14 -78.81
N SER A 225 93.56 18.23 -79.50
CA SER A 225 92.57 19.18 -78.99
C SER A 225 91.20 18.73 -79.43
N LYS A 226 91.15 18.22 -80.65
CA LYS A 226 89.93 17.73 -81.25
C LYS A 226 89.49 16.54 -80.41
N LEU A 227 90.42 15.62 -80.17
CA LEU A 227 90.10 14.42 -79.42
C LEU A 227 89.44 14.73 -78.09
N ASP A 228 90.02 15.65 -77.34
CA ASP A 228 89.41 15.96 -76.07
C ASP A 228 88.02 16.53 -76.29
N ASN A 229 87.93 17.61 -77.07
CA ASN A 229 86.65 18.26 -77.33
C ASN A 229 85.54 17.35 -77.85
N LEU A 230 85.90 16.23 -78.49
CA LEU A 230 84.89 15.29 -78.98
C LEU A 230 84.34 14.61 -77.73
N ILE A 231 85.24 13.94 -77.03
CA ILE A 231 84.98 13.23 -75.80
C ILE A 231 84.04 13.95 -74.85
N LYS A 232 84.25 15.25 -74.64
CA LYS A 232 83.40 15.97 -73.71
C LYS A 232 82.08 16.53 -74.24
N GLU A 233 82.06 16.99 -75.48
CA GLU A 233 80.80 17.52 -76.01
C GLU A 233 79.78 16.39 -75.97
N ALA A 234 80.29 15.16 -75.90
CA ALA A 234 79.44 13.98 -75.85
C ALA A 234 79.10 13.65 -74.41
N ALA A 235 80.03 13.92 -73.50
CA ALA A 235 79.83 13.68 -72.06
C ALA A 235 78.66 14.56 -71.65
N GLU A 236 78.63 15.76 -72.22
CA GLU A 236 77.58 16.72 -71.96
C GLU A 236 76.27 16.21 -72.49
N LEU A 237 76.31 15.53 -73.63
CA LEU A 237 75.11 14.97 -74.23
C LEU A 237 74.46 13.93 -73.35
N LEU A 238 75.26 12.99 -72.85
CA LEU A 238 74.73 11.95 -71.98
C LEU A 238 74.51 12.58 -70.63
N GLY A 239 75.17 13.72 -70.43
CA GLY A 239 75.07 14.45 -69.17
C GLY A 239 75.99 13.84 -68.13
N VAL A 240 76.92 13.01 -68.59
CA VAL A 240 77.84 12.36 -67.69
C VAL A 240 79.13 13.18 -67.69
N LYS A 241 79.93 13.07 -66.64
CA LYS A 241 81.17 13.83 -66.58
C LYS A 241 82.32 13.03 -67.15
N VAL A 242 83.33 13.71 -67.67
CA VAL A 242 84.46 13.00 -68.24
C VAL A 242 85.52 12.68 -67.20
N GLU A 243 85.54 11.43 -66.78
CA GLU A 243 86.50 10.93 -65.80
C GLU A 243 87.81 11.69 -66.02
N VAL A 244 88.59 11.20 -66.99
CA VAL A 244 89.89 11.77 -67.38
C VAL A 244 90.37 11.03 -68.63
N ARG A 245 91.05 11.79 -69.49
CA ARG A 245 91.61 11.34 -70.76
C ARG A 245 91.96 9.88 -71.08
N PRO A 246 92.26 9.61 -72.38
CA PRO A 246 92.64 8.32 -72.97
C PRO A 246 94.11 8.35 -73.40
N GLU A 247 94.75 7.19 -73.45
CA GLU A 247 96.15 7.15 -73.85
C GLU A 247 96.27 7.08 -75.36
N LEU A 248 97.24 7.79 -75.90
CA LEU A 248 97.44 7.85 -77.33
C LEU A 248 98.90 7.67 -77.74
N TYR A 249 99.20 6.59 -78.47
CA TYR A 249 100.58 6.36 -78.90
C TYR A 249 100.75 6.42 -80.39
N ASP A 250 101.81 7.07 -80.82
CA ASP A 250 102.08 7.19 -82.23
C ASP A 250 102.74 5.98 -82.85
N TYR A 251 102.09 5.39 -83.84
CA TYR A 251 102.67 4.27 -84.55
C TYR A 251 102.39 4.41 -86.03
N SER A 252 102.36 5.65 -86.48
CA SER A 252 102.11 5.99 -87.88
C SER A 252 103.33 5.64 -88.72
N PHE A 253 104.45 5.42 -88.06
CA PHE A 253 105.70 5.07 -88.72
C PHE A 253 106.18 6.16 -89.63
N GLY A 254 105.75 7.39 -89.36
CA GLY A 254 106.17 8.48 -90.21
C GLY A 254 104.98 9.32 -90.62
N GLU A 255 103.96 8.68 -91.18
CA GLU A 255 102.79 9.42 -91.60
C GLU A 255 101.62 8.51 -91.92
N TYR A 256 100.45 9.10 -91.96
CA TYR A 256 99.23 8.41 -92.29
C TYR A 256 99.48 7.69 -93.62
N GLY A 257 99.08 6.43 -93.71
CA GLY A 257 99.24 5.67 -94.94
C GLY A 257 100.59 5.09 -95.30
N LYS A 258 101.58 5.24 -94.44
CA LYS A 258 102.88 4.68 -94.74
C LYS A 258 102.88 3.18 -94.47
N ILE A 259 103.20 2.40 -95.50
CA ILE A 259 103.25 0.94 -95.36
C ILE A 259 104.72 0.53 -95.30
N THR A 260 105.22 0.31 -94.09
CA THR A 260 106.60 -0.11 -93.92
C THR A 260 106.62 -1.64 -93.81
N GLY A 261 107.82 -2.22 -93.84
CA GLY A 261 107.96 -3.66 -93.72
C GLY A 261 107.48 -4.29 -92.42
N GLU A 262 107.36 -3.52 -91.35
CA GLU A 262 106.88 -4.12 -90.10
C GLU A 262 105.39 -4.32 -90.19
N VAL A 263 104.71 -3.49 -90.97
CA VAL A 263 103.27 -3.62 -91.13
C VAL A 263 102.99 -4.90 -91.89
N ALA A 264 103.70 -5.11 -92.99
CA ALA A 264 103.47 -6.31 -93.76
C ALA A 264 103.64 -7.55 -92.88
N GLN A 265 104.70 -7.56 -92.08
CA GLN A 265 105.01 -8.69 -91.19
C GLN A 265 103.90 -8.95 -90.16
N ILE A 266 103.36 -7.90 -89.58
CA ILE A 266 102.28 -8.03 -88.59
C ILE A 266 101.02 -8.59 -89.23
N ILE A 267 100.89 -8.45 -90.55
CA ILE A 267 99.74 -8.96 -91.25
C ILE A 267 99.97 -10.44 -91.51
N ARG A 268 101.18 -10.78 -91.95
CA ARG A 268 101.52 -12.17 -92.20
C ARG A 268 101.40 -12.98 -90.92
N LYS A 269 102.03 -12.52 -89.85
CA LYS A 269 101.99 -13.21 -88.57
C LYS A 269 100.58 -13.45 -88.07
N VAL A 270 99.82 -12.36 -87.87
CA VAL A 270 98.45 -12.50 -87.38
C VAL A 270 97.65 -13.37 -88.33
N GLY A 271 97.90 -13.19 -89.62
CA GLY A 271 97.20 -13.97 -90.62
C GLY A 271 97.51 -15.46 -90.53
N THR A 272 98.78 -15.81 -90.56
CA THR A 272 99.16 -17.22 -90.50
C THR A 272 99.31 -17.82 -89.10
N ARG A 273 99.08 -17.04 -88.04
CA ARG A 273 99.20 -17.58 -86.69
C ARG A 273 97.90 -17.53 -85.91
N GLU A 274 97.06 -16.55 -86.22
CA GLU A 274 95.77 -16.43 -85.56
C GLU A 274 94.62 -16.56 -86.55
N GLY A 275 94.94 -16.56 -87.84
CA GLY A 275 93.94 -16.71 -88.87
C GLY A 275 93.06 -15.48 -89.00
N ILE A 276 93.64 -14.33 -88.67
CA ILE A 276 92.90 -13.08 -88.73
C ILE A 276 93.62 -12.09 -89.63
N ILE A 277 92.86 -11.42 -90.48
CA ILE A 277 93.42 -10.46 -91.41
C ILE A 277 93.23 -9.01 -90.98
N LEU A 278 94.32 -8.23 -91.03
CA LEU A 278 94.31 -6.80 -90.67
C LEU A 278 94.74 -6.01 -91.90
N ASP A 279 94.49 -4.71 -91.91
CA ASP A 279 94.90 -3.93 -93.07
C ASP A 279 96.15 -3.12 -92.76
N PRO A 280 96.83 -2.63 -93.81
CA PRO A 280 98.06 -1.85 -93.70
C PRO A 280 98.00 -0.37 -93.30
N VAL A 281 96.83 0.23 -93.28
CA VAL A 281 96.75 1.64 -92.91
C VAL A 281 96.19 1.88 -91.52
N TYR A 282 95.40 0.93 -91.00
CA TYR A 282 94.79 1.06 -89.67
C TYR A 282 95.06 -0.04 -88.61
N THR A 283 94.37 -1.18 -88.71
CA THR A 283 94.51 -2.26 -87.73
C THR A 283 95.88 -2.94 -87.68
N GLY A 284 96.54 -3.09 -88.82
CA GLY A 284 97.85 -3.71 -88.81
C GLY A 284 98.82 -2.87 -87.99
N LYS A 285 98.65 -1.57 -88.07
CA LYS A 285 99.50 -0.63 -87.36
C LYS A 285 99.19 -0.60 -85.87
N ALA A 286 97.90 -0.65 -85.57
CA ALA A 286 97.41 -0.64 -84.19
C ALA A 286 97.83 -1.86 -83.41
N PHE A 287 97.81 -3.02 -84.06
CA PHE A 287 98.18 -4.26 -83.41
C PHE A 287 99.70 -4.33 -83.30
N TYR A 288 100.39 -3.69 -84.24
CA TYR A 288 101.85 -3.68 -84.19
C TYR A 288 102.23 -2.95 -82.91
N GLY A 289 101.56 -1.85 -82.63
CA GLY A 289 101.86 -1.10 -81.43
C GLY A 289 101.46 -1.85 -80.16
N LEU A 290 100.32 -2.55 -80.24
CA LEU A 290 99.83 -3.32 -79.12
C LEU A 290 100.91 -4.32 -78.68
N VAL A 291 101.57 -4.94 -79.65
CA VAL A 291 102.62 -5.91 -79.35
C VAL A 291 103.75 -5.15 -78.66
N ASP A 292 104.41 -4.30 -79.44
CA ASP A 292 105.54 -3.49 -78.98
C ASP A 292 105.42 -2.95 -77.56
N LEU A 293 104.20 -2.68 -77.13
CA LEU A 293 103.96 -2.16 -75.79
C LEU A 293 103.74 -3.27 -74.75
N ALA A 294 103.10 -4.36 -75.17
CA ALA A 294 102.83 -5.49 -74.28
C ALA A 294 104.13 -6.21 -73.94
N ARG A 295 105.06 -6.22 -74.90
CA ARG A 295 106.37 -6.85 -74.72
C ARG A 295 107.04 -6.21 -73.50
N LYS A 296 107.03 -4.88 -73.50
CA LYS A 296 107.61 -4.07 -72.42
C LYS A 296 106.60 -4.01 -71.27
N GLY A 297 105.65 -4.95 -71.26
CA GLY A 297 104.64 -4.96 -70.23
C GLY A 297 103.79 -3.70 -70.10
N GLU A 298 104.07 -2.69 -70.92
CA GLU A 298 103.35 -1.43 -70.86
C GLU A 298 101.83 -1.44 -71.02
N LEU A 299 101.23 -2.58 -71.30
CA LEU A 299 99.77 -2.61 -71.48
C LEU A 299 98.96 -3.55 -70.61
N GLY A 300 99.54 -4.04 -69.51
CA GLY A 300 98.80 -4.95 -68.64
C GLY A 300 98.94 -6.42 -69.01
N GLU A 301 98.21 -7.29 -68.31
CA GLU A 301 98.28 -8.73 -68.56
C GLU A 301 97.12 -9.18 -69.37
N LYS A 302 96.08 -8.35 -69.38
CA LYS A 302 94.88 -8.64 -70.12
C LYS A 302 94.51 -7.44 -70.98
N ILE A 303 94.83 -7.54 -72.26
CA ILE A 303 94.55 -6.49 -73.24
C ILE A 303 93.42 -6.89 -74.17
N LEU A 304 92.57 -5.93 -74.52
CA LEU A 304 91.48 -6.20 -75.43
C LEU A 304 91.75 -5.33 -76.64
N PHE A 305 91.87 -5.96 -77.81
CA PHE A 305 92.13 -5.22 -79.03
C PHE A 305 90.91 -5.28 -79.93
N ILE A 306 90.30 -4.13 -80.19
CA ILE A 306 89.14 -4.11 -81.06
C ILE A 306 89.52 -4.08 -82.55
N HIS A 307 89.15 -5.13 -83.27
CA HIS A 307 89.41 -5.20 -84.69
C HIS A 307 88.37 -4.29 -85.34
N THR A 308 88.80 -3.15 -85.86
CA THR A 308 87.85 -2.22 -86.47
C THR A 308 87.60 -2.39 -87.97
N GLY A 309 88.13 -3.46 -88.57
CA GLY A 309 87.92 -3.72 -89.98
C GLY A 309 89.02 -3.12 -90.81
N GLY A 310 88.75 -2.91 -92.10
CA GLY A 310 89.74 -2.31 -92.97
C GLY A 310 90.22 -3.25 -94.06
N ILE A 311 89.66 -4.46 -94.04
CA ILE A 311 90.03 -5.49 -94.99
C ILE A 311 90.24 -4.98 -96.43
N SER A 312 89.56 -3.93 -96.83
CA SER A 312 89.72 -3.41 -98.18
C SER A 312 91.15 -3.02 -98.51
N GLY A 313 91.77 -2.24 -97.62
CA GLY A 313 93.14 -1.80 -97.85
C GLY A 313 94.13 -2.91 -98.09
N THR A 314 93.80 -4.12 -97.65
CA THR A 314 94.72 -5.24 -97.83
C THR A 314 94.75 -5.74 -99.27
N PHE A 315 93.70 -5.43 -100.03
CA PHE A 315 93.65 -5.79 -101.44
C PHE A 315 94.19 -4.57 -102.21
N HIS A 316 93.81 -3.39 -101.73
CA HIS A 316 94.18 -2.07 -102.25
C HIS A 316 95.71 -1.89 -102.28
N TYR A 317 96.40 -2.49 -101.32
CA TYR A 317 97.84 -2.35 -101.22
C TYR A 317 98.66 -3.64 -101.12
N GLY A 318 98.07 -4.76 -101.50
CA GLY A 318 98.77 -6.02 -101.44
C GLY A 318 99.96 -6.13 -102.38
N ASP A 319 100.37 -5.03 -102.98
CA ASP A 319 101.52 -5.08 -103.87
C ASP A 319 102.68 -4.52 -103.08
N LYS A 320 102.41 -3.43 -102.36
CA LYS A 320 103.41 -2.78 -101.54
C LYS A 320 103.77 -3.80 -100.48
N LEU A 321 102.75 -4.46 -99.95
CA LEU A 321 102.98 -5.47 -98.94
C LEU A 321 103.96 -6.49 -99.53
N LEU A 322 103.58 -7.11 -100.64
CA LEU A 322 104.43 -8.10 -101.32
C LEU A 322 105.90 -7.70 -101.53
N SER A 323 106.16 -6.39 -101.70
CA SER A 323 107.51 -5.88 -101.90
C SER A 323 108.17 -5.52 -100.57
N LEU A 324 107.62 -6.08 -99.49
CA LEU A 324 108.10 -5.85 -98.14
C LEU A 324 108.40 -7.16 -97.42
N LEU A 325 107.85 -8.26 -97.92
CA LEU A 325 108.08 -9.58 -97.31
C LEU A 325 109.27 -10.35 -97.92
N MET B 1 73.07 -26.49 -81.61
CA MET B 1 73.29 -27.95 -81.78
C MET B 1 72.12 -28.82 -81.33
N HIS B 2 71.52 -29.51 -82.29
CA HIS B 2 70.40 -30.39 -82.02
C HIS B 2 70.86 -31.69 -81.35
N PRO B 3 70.13 -32.14 -80.33
CA PRO B 3 70.48 -33.37 -79.61
C PRO B 3 71.01 -34.50 -80.50
N LYS B 4 70.17 -34.95 -81.42
CA LYS B 4 70.53 -36.05 -82.29
C LYS B 4 71.80 -35.79 -83.10
N ILE B 5 71.79 -34.74 -83.94
CA ILE B 5 72.97 -34.42 -84.73
C ILE B 5 74.25 -34.38 -83.88
N PHE B 6 74.19 -33.69 -82.75
CA PHE B 6 75.34 -33.63 -81.86
C PHE B 6 75.80 -35.08 -81.67
N ALA B 7 74.89 -35.87 -81.13
CA ALA B 7 75.12 -37.29 -80.83
C ALA B 7 75.79 -38.04 -81.95
N LEU B 8 75.49 -37.68 -83.20
CA LEU B 8 76.05 -38.33 -84.37
C LEU B 8 77.37 -37.72 -84.86
N LEU B 9 77.69 -36.51 -84.40
CA LEU B 9 78.95 -35.89 -84.83
C LEU B 9 80.03 -36.04 -83.79
N ALA B 10 79.58 -36.14 -82.54
CA ALA B 10 80.45 -36.27 -81.38
C ALA B 10 81.58 -37.27 -81.50
N LYS B 11 81.44 -38.25 -82.39
CA LYS B 11 82.50 -39.24 -82.56
C LYS B 11 83.66 -38.70 -83.36
N PHE B 12 83.38 -37.80 -84.30
CA PHE B 12 84.42 -37.25 -85.16
C PHE B 12 85.25 -36.15 -84.54
N PRO B 13 86.56 -36.36 -84.54
CA PRO B 13 87.50 -35.39 -83.98
C PRO B 13 87.55 -34.12 -84.80
N ARG B 14 86.96 -33.06 -84.27
CA ARG B 14 86.98 -31.80 -84.99
C ARG B 14 87.78 -30.72 -84.27
N VAL B 15 88.35 -29.83 -85.07
CA VAL B 15 89.13 -28.69 -84.58
C VAL B 15 88.14 -27.55 -84.52
N GLU B 16 88.07 -26.88 -83.37
CA GLU B 16 87.13 -25.78 -83.21
C GLU B 16 87.68 -24.43 -83.72
N LEU B 17 87.28 -24.09 -84.95
CA LEU B 17 87.70 -22.87 -85.63
C LEU B 17 86.70 -21.72 -85.59
N ILE B 18 85.61 -21.89 -84.86
CA ILE B 18 84.62 -20.83 -84.79
C ILE B 18 84.12 -20.61 -83.35
N PRO B 19 83.98 -19.35 -82.93
CA PRO B 19 83.51 -19.06 -81.57
C PRO B 19 82.00 -18.87 -81.39
N TRP B 20 81.38 -18.23 -82.35
CA TRP B 20 79.98 -17.93 -82.25
C TRP B 20 79.17 -18.57 -83.35
N GLU B 21 77.84 -18.52 -83.19
CA GLU B 21 76.93 -19.02 -84.20
C GLU B 21 76.74 -17.79 -85.06
N THR B 22 76.98 -17.90 -86.35
CA THR B 22 76.80 -16.76 -87.24
C THR B 22 75.32 -16.45 -87.37
N PRO B 23 74.97 -15.16 -87.38
CA PRO B 23 73.61 -14.64 -87.48
C PRO B 23 72.77 -15.00 -88.70
N ILE B 24 71.45 -15.03 -88.48
CA ILE B 24 70.49 -15.26 -89.54
C ILE B 24 69.72 -13.93 -89.51
N GLN B 25 69.83 -13.15 -90.57
CA GLN B 25 69.16 -11.85 -90.66
C GLN B 25 68.01 -11.89 -91.66
N TYR B 26 67.04 -11.00 -91.47
CA TYR B 26 65.92 -10.90 -92.40
C TYR B 26 66.23 -9.73 -93.36
N LEU B 27 65.92 -9.90 -94.64
CA LEU B 27 66.19 -8.90 -95.67
C LEU B 27 64.91 -8.21 -96.16
N PRO B 28 64.50 -7.11 -95.51
CA PRO B 28 63.29 -6.36 -95.88
C PRO B 28 63.03 -6.11 -97.37
N ASN B 29 63.99 -5.50 -98.05
CA ASN B 29 63.82 -5.18 -99.45
C ASN B 29 63.73 -6.33 -100.43
N ILE B 30 64.72 -7.20 -100.45
CA ILE B 30 64.65 -8.30 -101.39
C ILE B 30 63.39 -9.12 -101.15
N SER B 31 62.73 -8.87 -100.02
CA SER B 31 61.51 -9.60 -99.69
C SER B 31 60.29 -8.91 -100.31
N ARG B 32 60.32 -7.59 -100.30
CA ARG B 32 59.24 -6.78 -100.85
C ARG B 32 59.22 -7.01 -102.35
N GLU B 33 60.38 -6.88 -102.97
CA GLU B 33 60.49 -7.11 -104.41
C GLU B 33 60.00 -8.52 -104.67
N ILE B 34 60.94 -9.46 -104.68
CA ILE B 34 60.67 -10.87 -104.90
C ILE B 34 59.29 -11.29 -104.42
N GLY B 35 58.93 -10.85 -103.23
CA GLY B 35 57.62 -11.16 -102.70
C GLY B 35 57.58 -12.26 -101.66
N ALA B 36 58.75 -12.71 -101.23
CA ALA B 36 58.80 -13.76 -100.21
C ALA B 36 59.75 -13.31 -99.12
N ASP B 37 59.56 -13.80 -97.91
CA ASP B 37 60.45 -13.41 -96.85
C ASP B 37 61.71 -14.24 -97.03
N VAL B 38 62.83 -13.58 -97.27
CA VAL B 38 64.09 -14.28 -97.42
C VAL B 38 65.01 -13.86 -96.30
N TYR B 39 65.54 -14.85 -95.59
CA TYR B 39 66.44 -14.59 -94.50
C TYR B 39 67.80 -15.02 -94.96
N ILE B 40 68.83 -14.33 -94.49
CA ILE B 40 70.20 -14.67 -94.87
C ILE B 40 71.00 -15.07 -93.64
N LYS B 41 71.73 -16.17 -93.76
CA LYS B 41 72.58 -16.62 -92.67
C LYS B 41 74.00 -16.22 -92.99
N ARG B 42 74.57 -15.35 -92.16
CA ARG B 42 75.94 -14.87 -92.36
C ARG B 42 77.02 -15.90 -92.08
N ASP B 43 77.20 -16.85 -93.00
CA ASP B 43 78.24 -17.83 -92.83
C ASP B 43 79.53 -17.18 -93.31
N ASP B 44 79.41 -15.97 -93.85
CA ASP B 44 80.58 -15.22 -94.32
C ASP B 44 81.26 -14.51 -93.15
N LEU B 45 80.70 -14.69 -91.95
CA LEU B 45 81.24 -14.10 -90.76
C LEU B 45 81.74 -15.22 -89.87
N THR B 46 81.96 -16.38 -90.47
CA THR B 46 82.46 -17.51 -89.73
C THR B 46 83.77 -17.10 -89.07
N GLY B 47 84.33 -15.99 -89.53
CA GLY B 47 85.55 -15.47 -88.93
C GLY B 47 86.96 -15.75 -89.44
N LEU B 48 87.32 -16.97 -89.78
CA LEU B 48 88.70 -17.24 -90.20
C LEU B 48 89.04 -16.85 -91.62
N GLY B 49 90.07 -16.03 -91.76
CA GLY B 49 90.50 -15.57 -93.07
C GLY B 49 89.52 -14.57 -93.65
N ILE B 50 88.88 -14.94 -94.75
CA ILE B 50 87.89 -14.07 -95.36
C ILE B 50 86.57 -14.68 -94.95
N GLY B 51 86.68 -15.71 -94.12
CA GLY B 51 85.49 -16.40 -93.63
C GLY B 51 84.85 -17.25 -94.70
N GLY B 52 83.57 -17.58 -94.53
CA GLY B 52 82.88 -18.37 -95.53
C GLY B 52 82.52 -19.80 -95.16
N ASN B 53 81.93 -20.51 -96.12
CA ASN B 53 81.51 -21.89 -95.94
C ASN B 53 82.63 -22.91 -95.65
N LYS B 54 83.82 -22.70 -96.17
CA LYS B 54 84.92 -23.64 -95.96
C LYS B 54 85.37 -23.85 -94.51
N ILE B 55 85.45 -22.74 -93.76
CA ILE B 55 85.86 -22.73 -92.35
C ILE B 55 85.19 -23.84 -91.57
N ARG B 56 83.88 -23.99 -91.75
CA ARG B 56 83.13 -25.03 -91.07
C ARG B 56 83.63 -26.41 -91.47
N LYS B 57 84.05 -26.55 -92.73
CA LYS B 57 84.55 -27.81 -93.26
C LYS B 57 85.95 -28.11 -92.76
N LEU B 58 86.80 -27.09 -92.78
CA LEU B 58 88.14 -27.28 -92.29
C LEU B 58 88.13 -27.86 -90.89
N GLU B 59 87.06 -27.61 -90.12
CA GLU B 59 86.95 -28.11 -88.76
C GLU B 59 86.96 -29.63 -88.61
N TYR B 60 86.49 -30.35 -89.63
CA TYR B 60 86.49 -31.81 -89.57
C TYR B 60 87.63 -32.41 -90.39
N LEU B 61 88.13 -31.65 -91.35
CA LEU B 61 89.24 -32.10 -92.18
C LEU B 61 90.54 -31.91 -91.41
N LEU B 62 90.88 -30.67 -91.12
CA LEU B 62 92.09 -30.38 -90.36
C LEU B 62 91.98 -30.94 -88.95
N GLY B 63 90.76 -31.18 -88.49
CA GLY B 63 90.58 -31.77 -87.18
C GLY B 63 91.16 -33.15 -87.33
N ASP B 64 90.73 -33.82 -88.41
CA ASP B 64 91.19 -35.16 -88.75
C ASP B 64 92.70 -35.10 -88.93
N ALA B 65 93.15 -34.33 -89.91
CA ALA B 65 94.59 -34.18 -90.22
C ALA B 65 95.52 -34.20 -89.01
N LEU B 66 95.25 -33.30 -88.06
CA LEU B 66 96.03 -33.18 -86.84
C LEU B 66 95.90 -34.46 -86.01
N SER B 67 95.41 -35.53 -86.63
CA SER B 67 95.24 -36.81 -85.96
C SER B 67 96.19 -37.79 -86.63
N LYS B 68 96.02 -37.96 -87.93
CA LYS B 68 96.85 -38.87 -88.70
C LYS B 68 98.29 -38.37 -88.83
N GLY B 69 98.73 -37.63 -87.82
CA GLY B 69 100.08 -37.10 -87.83
C GLY B 69 100.52 -36.55 -89.17
N ALA B 70 99.69 -35.72 -89.79
CA ALA B 70 100.08 -35.12 -91.04
C ALA B 70 100.84 -33.87 -90.64
N ASP B 71 101.65 -33.34 -91.54
CA ASP B 71 102.40 -32.13 -91.23
C ASP B 71 102.53 -31.25 -92.47
N VAL B 72 101.67 -31.50 -93.43
CA VAL B 72 101.70 -30.72 -94.65
C VAL B 72 100.55 -31.08 -95.58
N VAL B 73 99.46 -30.33 -95.42
CA VAL B 73 98.23 -30.45 -96.18
C VAL B 73 98.36 -29.90 -97.61
N ILE B 74 97.66 -30.52 -98.54
CA ILE B 74 97.67 -30.08 -99.92
C ILE B 74 96.21 -29.87 -100.31
N THR B 75 95.96 -28.93 -101.21
CA THR B 75 94.60 -28.67 -101.64
C THR B 75 94.62 -28.13 -103.06
N VAL B 76 93.43 -27.95 -103.65
CA VAL B 76 93.32 -27.43 -105.00
C VAL B 76 92.17 -26.48 -105.13
N GLY B 77 92.06 -25.89 -106.31
CA GLY B 77 91.01 -24.93 -106.60
C GLY B 77 91.48 -23.94 -107.65
N ALA B 78 90.64 -22.96 -107.94
CA ALA B 78 90.99 -21.95 -108.93
C ALA B 78 92.14 -21.15 -108.35
N VAL B 79 92.66 -20.21 -109.13
CA VAL B 79 93.77 -19.38 -108.67
C VAL B 79 93.18 -18.33 -107.73
N HIS B 80 91.88 -18.07 -107.92
CA HIS B 80 91.13 -17.11 -107.11
C HIS B 80 90.39 -17.86 -106.02
N SER B 81 90.58 -19.18 -106.01
CA SER B 81 89.93 -20.06 -105.05
C SER B 81 90.03 -19.68 -103.57
N ASN B 82 88.89 -19.26 -103.01
CA ASN B 82 88.79 -18.90 -101.59
C ASN B 82 89.25 -20.11 -100.77
N HIS B 83 88.53 -21.20 -100.90
CA HIS B 83 88.87 -22.41 -100.20
C HIS B 83 90.40 -22.62 -100.11
N ALA B 84 91.09 -22.52 -101.25
CA ALA B 84 92.53 -22.75 -101.28
C ALA B 84 93.24 -21.88 -100.27
N PHE B 85 92.92 -20.59 -100.26
CA PHE B 85 93.55 -19.68 -99.32
C PHE B 85 93.18 -20.11 -97.91
N VAL B 86 91.90 -19.99 -97.57
CA VAL B 86 91.38 -20.36 -96.26
C VAL B 86 91.86 -21.73 -95.72
N THR B 87 92.08 -22.69 -96.60
CA THR B 87 92.55 -24.00 -96.17
C THR B 87 94.01 -23.80 -95.83
N GLY B 88 94.69 -22.98 -96.63
CA GLY B 88 96.09 -22.70 -96.41
C GLY B 88 96.32 -21.93 -95.13
N LEU B 89 95.74 -20.75 -95.04
CA LEU B 89 95.89 -19.92 -93.85
C LEU B 89 95.48 -20.69 -92.60
N ALA B 90 94.48 -21.56 -92.73
CA ALA B 90 94.00 -22.36 -91.62
C ALA B 90 95.04 -23.41 -91.29
N ALA B 91 95.56 -24.05 -92.33
CA ALA B 91 96.56 -25.07 -92.15
C ALA B 91 97.62 -24.51 -91.21
N LYS B 92 98.13 -23.32 -91.55
CA LYS B 92 99.18 -22.61 -90.81
C LYS B 92 98.87 -22.26 -89.34
N LYS B 93 97.63 -21.92 -89.03
CA LYS B 93 97.28 -21.56 -87.66
C LYS B 93 97.45 -22.78 -86.75
N LEU B 94 96.92 -23.92 -87.20
CA LEU B 94 97.01 -25.16 -86.45
C LEU B 94 98.42 -25.72 -86.43
N GLY B 95 99.36 -24.94 -86.98
CA GLY B 95 100.73 -25.39 -87.01
C GLY B 95 100.96 -26.55 -87.97
N LEU B 96 100.81 -26.26 -89.25
CA LEU B 96 101.01 -27.25 -90.29
C LEU B 96 101.52 -26.48 -91.48
N ASP B 97 101.96 -27.19 -92.51
CA ASP B 97 102.43 -26.51 -93.70
C ASP B 97 101.26 -26.62 -94.66
N ALA B 98 101.40 -26.07 -95.86
CA ALA B 98 100.30 -26.13 -96.83
C ALA B 98 100.76 -25.84 -98.25
N ILE B 99 100.37 -26.71 -99.17
CA ILE B 99 100.71 -26.56 -100.58
C ILE B 99 99.43 -26.45 -101.43
N LEU B 100 99.32 -25.34 -102.15
CA LEU B 100 98.17 -25.08 -103.00
C LEU B 100 98.50 -25.34 -104.47
N VAL B 101 97.77 -26.28 -105.06
CA VAL B 101 97.95 -26.65 -106.45
C VAL B 101 96.85 -25.95 -107.23
N LEU B 102 97.12 -24.69 -107.58
CA LEU B 102 96.19 -23.82 -108.29
C LEU B 102 96.22 -23.98 -109.81
N ARG B 103 95.25 -23.36 -110.47
CA ARG B 103 95.12 -23.47 -111.91
C ARG B 103 94.49 -22.24 -112.52
N GLY B 104 95.27 -21.49 -113.31
CA GLY B 104 94.74 -20.31 -113.97
C GLY B 104 95.64 -19.10 -114.23
N LYS B 105 95.00 -18.09 -114.81
CA LYS B 105 95.65 -16.84 -115.16
C LYS B 105 96.25 -16.32 -113.88
N GLU B 106 97.58 -16.32 -113.82
CA GLU B 106 98.30 -15.84 -112.65
C GLU B 106 98.10 -14.36 -112.46
N GLU B 107 97.09 -14.00 -111.67
CA GLU B 107 96.81 -12.62 -111.41
C GLU B 107 97.11 -12.28 -109.96
N LEU B 108 97.94 -11.26 -109.75
CA LEU B 108 98.28 -10.83 -108.42
C LEU B 108 97.21 -9.92 -107.84
N LYS B 109 96.01 -10.47 -107.69
CA LYS B 109 94.89 -9.75 -107.10
C LYS B 109 93.92 -10.78 -106.54
N GLY B 110 93.06 -10.34 -105.63
CA GLY B 110 92.12 -11.27 -105.04
C GLY B 110 92.82 -12.22 -104.09
N ASN B 111 92.35 -13.48 -104.06
CA ASN B 111 92.91 -14.52 -103.20
C ASN B 111 94.33 -14.94 -103.53
N TYR B 112 94.75 -14.77 -104.78
CA TYR B 112 96.10 -15.13 -105.14
C TYR B 112 97.01 -14.04 -104.60
N LEU B 113 96.47 -12.84 -104.46
CA LEU B 113 97.21 -11.70 -103.91
C LEU B 113 97.35 -12.01 -102.44
N LEU B 114 96.28 -12.47 -101.81
CA LEU B 114 96.34 -12.81 -100.41
C LEU B 114 97.31 -13.97 -100.22
N ASP B 115 97.13 -15.06 -100.97
CA ASP B 115 97.99 -16.23 -100.87
C ASP B 115 99.47 -15.88 -100.65
N LYS B 116 99.94 -14.88 -101.38
CA LYS B 116 101.33 -14.43 -101.28
C LYS B 116 101.56 -13.64 -100.00
N ILE B 117 100.76 -12.60 -99.80
CA ILE B 117 100.89 -11.81 -98.60
C ILE B 117 101.14 -12.73 -97.41
N MET B 118 100.23 -13.68 -97.20
CA MET B 118 100.36 -14.61 -96.08
C MET B 118 101.49 -15.61 -96.27
N GLY B 119 102.15 -15.55 -97.41
CA GLY B 119 103.24 -16.47 -97.66
C GLY B 119 102.89 -17.92 -97.87
N ILE B 120 101.63 -18.23 -98.18
CA ILE B 120 101.25 -19.61 -98.40
C ILE B 120 101.92 -20.12 -99.69
N GLU B 121 102.31 -21.39 -99.74
CA GLU B 121 102.98 -21.90 -100.93
C GLU B 121 102.06 -22.10 -102.13
N THR B 122 102.51 -21.61 -103.27
CA THR B 122 101.70 -21.66 -104.47
C THR B 122 102.29 -22.45 -105.64
N ARG B 123 101.49 -23.36 -106.19
CA ARG B 123 101.92 -24.16 -107.34
C ARG B 123 100.83 -24.18 -108.40
N VAL B 124 101.09 -23.54 -109.55
CA VAL B 124 100.12 -23.49 -110.65
C VAL B 124 100.51 -24.45 -111.78
N TYR B 125 99.51 -25.02 -112.44
CA TYR B 125 99.72 -25.94 -113.55
C TYR B 125 98.58 -25.80 -114.54
N ASP B 126 98.83 -25.19 -115.69
CA ASP B 126 97.77 -25.03 -116.70
C ASP B 126 97.22 -26.42 -117.01
N ALA B 127 96.04 -26.73 -116.48
CA ALA B 127 95.44 -28.04 -116.70
C ALA B 127 93.91 -28.08 -116.74
N LYS B 128 93.40 -29.04 -117.50
CA LYS B 128 91.97 -29.28 -117.65
C LYS B 128 91.17 -28.70 -116.50
N ASP B 129 90.35 -27.69 -116.81
CA ASP B 129 89.52 -27.02 -115.82
C ASP B 129 88.68 -28.05 -115.03
N SER B 130 88.78 -29.30 -115.46
CA SER B 130 88.05 -30.39 -114.80
C SER B 130 88.58 -30.52 -113.37
N PHE B 131 89.37 -29.54 -112.96
CA PHE B 131 89.93 -29.57 -111.62
C PHE B 131 90.75 -30.84 -111.52
N GLU B 132 91.49 -31.17 -112.57
CA GLU B 132 92.29 -32.39 -112.57
C GLU B 132 93.72 -32.17 -112.11
N LEU B 133 93.89 -31.12 -111.31
CA LEU B 133 95.18 -30.80 -110.71
C LEU B 133 95.18 -31.78 -109.53
N MET B 134 93.99 -32.31 -109.27
CA MET B 134 93.78 -33.28 -108.20
C MET B 134 94.74 -34.45 -108.39
N LYS B 135 95.46 -34.46 -109.51
CA LYS B 135 96.42 -35.52 -109.81
C LYS B 135 97.81 -34.98 -109.50
N TYR B 136 97.98 -33.68 -109.70
CA TYR B 136 99.24 -32.97 -109.44
C TYR B 136 99.40 -32.93 -107.93
N ALA B 137 98.27 -32.95 -107.23
CA ALA B 137 98.29 -32.93 -105.77
C ALA B 137 98.90 -34.24 -105.31
N GLU B 138 98.47 -35.33 -105.93
CA GLU B 138 98.95 -36.66 -105.57
C GLU B 138 100.45 -36.87 -105.85
N GLU B 139 100.88 -36.64 -107.09
CA GLU B 139 102.31 -36.79 -107.42
C GLU B 139 103.07 -36.03 -106.33
N ILE B 140 102.56 -34.84 -106.03
CA ILE B 140 103.11 -33.95 -105.03
C ILE B 140 103.09 -34.62 -103.65
N ALA B 141 102.01 -35.34 -103.36
CA ALA B 141 101.91 -36.02 -102.07
C ALA B 141 102.71 -37.31 -102.10
N GLU B 142 103.04 -37.79 -103.29
CA GLU B 142 103.81 -39.02 -103.39
C GLU B 142 105.26 -38.73 -103.03
N GLU B 143 105.89 -37.90 -103.85
CA GLU B 143 107.27 -37.53 -103.63
C GLU B 143 107.52 -36.99 -102.19
N LEU B 144 106.55 -36.29 -101.61
CA LEU B 144 106.70 -35.76 -100.26
C LEU B 144 106.61 -36.93 -99.26
N LYS B 145 105.87 -37.96 -99.65
CA LYS B 145 105.69 -39.16 -98.85
C LYS B 145 106.98 -39.95 -98.99
N ARG B 146 107.73 -39.63 -100.06
CA ARG B 146 109.02 -40.25 -100.38
C ARG B 146 110.05 -39.26 -99.86
N GLU B 147 109.91 -38.91 -98.60
CA GLU B 147 110.81 -37.98 -97.95
C GLU B 147 110.47 -38.19 -96.51
N GLY B 148 109.45 -39.03 -96.29
CA GLY B 148 108.97 -39.34 -94.95
C GLY B 148 108.02 -38.26 -94.47
N ARG B 149 107.79 -37.27 -95.32
CA ARG B 149 106.87 -36.20 -94.97
C ARG B 149 105.44 -36.67 -95.20
N LYS B 150 104.64 -36.70 -94.13
CA LYS B 150 103.24 -37.14 -94.18
C LYS B 150 102.29 -36.03 -94.60
N PRO B 151 101.80 -36.07 -95.85
CA PRO B 151 100.89 -35.01 -96.30
C PRO B 151 99.42 -35.33 -96.08
N TYR B 152 98.57 -34.39 -96.46
CA TYR B 152 97.13 -34.57 -96.34
C TYR B 152 96.55 -33.79 -97.52
N VAL B 153 95.98 -34.53 -98.45
CA VAL B 153 95.42 -33.96 -99.67
C VAL B 153 93.94 -33.64 -99.48
N ILE B 154 93.51 -32.46 -99.91
CA ILE B 154 92.08 -32.12 -99.77
C ILE B 154 91.40 -31.92 -101.11
N PRO B 155 90.25 -32.59 -101.29
CA PRO B 155 89.34 -32.61 -102.46
C PRO B 155 88.60 -31.31 -102.69
N PRO B 156 88.68 -30.76 -103.90
CA PRO B 156 88.03 -29.52 -104.30
C PRO B 156 86.89 -29.11 -103.38
N GLY B 157 87.09 -28.00 -102.66
CA GLY B 157 86.07 -27.52 -101.74
C GLY B 157 85.77 -28.41 -100.55
N GLY B 158 86.73 -29.23 -100.14
CA GLY B 158 86.52 -30.11 -99.01
C GLY B 158 85.33 -31.01 -99.27
N ALA B 159 85.19 -31.39 -100.54
CA ALA B 159 84.14 -32.28 -100.99
C ALA B 159 84.56 -33.67 -100.55
N SER B 160 84.69 -33.82 -99.24
CA SER B 160 85.07 -35.09 -98.64
C SER B 160 83.95 -35.50 -97.73
N PRO B 161 83.71 -36.81 -97.58
CA PRO B 161 82.61 -37.19 -96.69
C PRO B 161 82.79 -36.56 -95.30
N ILE B 162 84.03 -36.53 -94.82
CA ILE B 162 84.32 -35.96 -93.50
C ILE B 162 84.26 -34.42 -93.43
N GLY B 163 84.52 -33.75 -94.55
CA GLY B 163 84.45 -32.30 -94.58
C GLY B 163 82.99 -31.94 -94.72
N THR B 164 82.25 -32.86 -95.34
CA THR B 164 80.82 -32.74 -95.54
C THR B 164 80.12 -32.53 -94.20
N LEU B 165 80.57 -33.27 -93.18
CA LEU B 165 79.99 -33.17 -91.84
C LEU B 165 79.98 -31.71 -91.41
N GLY B 166 80.71 -30.89 -92.16
CA GLY B 166 80.80 -29.47 -91.90
C GLY B 166 79.43 -28.84 -91.76
N TYR B 167 78.65 -28.90 -92.83
CA TYR B 167 77.32 -28.32 -92.78
C TYR B 167 76.31 -29.22 -92.11
N VAL B 168 76.66 -30.49 -91.96
CA VAL B 168 75.76 -31.39 -91.27
C VAL B 168 75.60 -30.83 -89.86
N ARG B 169 76.61 -30.09 -89.42
CA ARG B 169 76.60 -29.49 -88.10
C ARG B 169 75.88 -28.15 -88.22
N ALA B 170 76.09 -27.48 -89.36
CA ALA B 170 75.49 -26.18 -89.63
C ALA B 170 73.98 -26.21 -89.65
N VAL B 171 73.41 -27.37 -89.94
CA VAL B 171 71.96 -27.50 -89.96
C VAL B 171 71.46 -27.57 -88.52
N GLY B 172 72.23 -28.21 -87.65
CA GLY B 172 71.84 -28.34 -86.27
C GLY B 172 71.86 -26.97 -85.60
N GLU B 173 72.84 -26.16 -86.01
CA GLU B 173 73.01 -24.80 -85.50
C GLU B 173 71.93 -23.89 -86.07
N ILE B 174 71.47 -24.19 -87.28
CA ILE B 174 70.43 -23.41 -87.91
C ILE B 174 69.11 -23.79 -87.24
N ALA B 175 69.11 -24.91 -86.52
CA ALA B 175 67.89 -25.35 -85.86
C ALA B 175 67.77 -24.87 -84.40
N THR B 176 68.89 -24.51 -83.77
CA THR B 176 68.86 -24.05 -82.38
C THR B 176 68.46 -22.57 -82.31
N GLN B 177 68.76 -21.84 -83.38
CA GLN B 177 68.49 -20.42 -83.42
C GLN B 177 67.28 -20.01 -84.24
N SER B 178 67.10 -20.61 -85.41
CA SER B 178 66.00 -20.21 -86.28
C SER B 178 64.65 -20.10 -85.61
N GLU B 179 64.10 -18.89 -85.71
CA GLU B 179 62.80 -18.52 -85.19
C GLU B 179 61.83 -18.65 -86.35
N VAL B 180 62.38 -18.79 -87.54
CA VAL B 180 61.58 -18.94 -88.73
C VAL B 180 61.68 -20.37 -89.21
N LYS B 181 60.54 -20.89 -89.65
CA LYS B 181 60.46 -22.25 -90.15
C LYS B 181 60.50 -22.13 -91.67
N PHE B 182 61.66 -22.44 -92.22
CA PHE B 182 61.92 -22.35 -93.64
C PHE B 182 61.36 -23.45 -94.52
N ASP B 183 60.90 -23.04 -95.70
CA ASP B 183 60.37 -23.96 -96.69
C ASP B 183 61.53 -24.43 -97.54
N SER B 184 62.44 -23.52 -97.88
CA SER B 184 63.63 -23.89 -98.66
C SER B 184 64.89 -23.12 -98.16
N ILE B 185 66.07 -23.68 -98.47
CA ILE B 185 67.36 -23.11 -98.12
C ILE B 185 68.23 -23.12 -99.36
N VAL B 186 68.67 -21.95 -99.79
CA VAL B 186 69.52 -21.85 -100.97
C VAL B 186 70.99 -21.79 -100.59
N VAL B 187 71.85 -21.91 -101.60
CA VAL B 187 73.28 -21.86 -101.41
C VAL B 187 73.99 -22.32 -102.68
N ALA B 188 74.96 -21.54 -103.13
CA ALA B 188 75.72 -21.87 -104.33
C ALA B 188 76.23 -23.30 -104.25
N ALA B 189 76.49 -23.91 -105.40
CA ALA B 189 77.00 -25.28 -105.41
C ALA B 189 78.23 -25.38 -106.29
N GLY B 190 79.38 -25.51 -105.62
CA GLY B 190 80.65 -25.62 -106.32
C GLY B 190 81.02 -27.07 -106.40
N SER B 191 81.60 -27.61 -105.31
CA SER B 191 82.01 -29.02 -105.28
C SER B 191 80.92 -29.95 -104.74
N GLY B 192 79.96 -29.40 -103.99
CA GLY B 192 78.87 -30.22 -103.49
C GLY B 192 78.82 -30.55 -102.03
N GLY B 193 79.85 -30.14 -101.29
CA GLY B 193 79.87 -30.43 -99.86
C GLY B 193 78.86 -29.65 -99.04
N THR B 194 78.63 -28.40 -99.44
CA THR B 194 77.68 -27.57 -98.72
C THR B 194 76.28 -28.15 -98.90
N LEU B 195 75.94 -28.62 -100.10
CA LEU B 195 74.62 -29.20 -100.32
C LEU B 195 74.57 -30.55 -99.59
N ALA B 196 75.64 -31.32 -99.69
CA ALA B 196 75.68 -32.62 -99.05
C ALA B 196 75.42 -32.52 -97.55
N GLY B 197 76.39 -31.95 -96.82
CA GLY B 197 76.27 -31.82 -95.38
C GLY B 197 74.93 -31.22 -94.98
N LEU B 198 74.56 -30.14 -95.66
CA LEU B 198 73.30 -29.44 -95.41
C LEU B 198 72.15 -30.42 -95.58
N SER B 199 72.25 -31.25 -96.62
CA SER B 199 71.24 -32.26 -96.91
C SER B 199 71.31 -33.43 -95.95
N LEU B 200 72.50 -33.99 -95.73
CA LEU B 200 72.64 -35.11 -94.81
C LEU B 200 71.99 -34.69 -93.49
N GLY B 201 72.29 -33.47 -93.06
CA GLY B 201 71.74 -32.95 -91.82
C GLY B 201 70.23 -32.82 -91.81
N LEU B 202 69.68 -32.07 -92.77
CA LEU B 202 68.24 -31.89 -92.86
C LEU B 202 67.60 -33.26 -92.70
N SER B 203 67.94 -34.17 -93.60
CA SER B 203 67.43 -35.54 -93.56
C SER B 203 67.56 -36.11 -92.14
N ILE B 204 68.71 -35.85 -91.49
CA ILE B 204 68.92 -36.36 -90.15
C ILE B 204 67.89 -35.74 -89.20
N LEU B 205 67.64 -34.45 -89.35
CA LEU B 205 66.64 -33.78 -88.51
C LEU B 205 65.27 -34.08 -89.10
N ASN B 206 65.29 -34.74 -90.26
CA ASN B 206 64.07 -35.11 -90.99
C ASN B 206 63.18 -33.90 -91.19
N GLU B 207 63.78 -32.75 -91.47
CA GLU B 207 63.03 -31.53 -91.66
C GLU B 207 62.41 -31.37 -93.03
N ASP B 208 61.21 -30.82 -93.05
CA ASP B 208 60.52 -30.63 -94.29
C ASP B 208 60.98 -29.36 -94.95
N ILE B 209 62.30 -29.19 -95.00
CA ILE B 209 62.90 -28.03 -95.63
C ILE B 209 63.56 -28.48 -96.91
N ARG B 210 63.36 -27.73 -97.99
CA ARG B 210 63.93 -28.12 -99.26
C ARG B 210 65.33 -27.60 -99.51
N PRO B 211 66.30 -28.52 -99.74
CA PRO B 211 67.71 -28.27 -100.02
C PRO B 211 67.92 -27.84 -101.46
N VAL B 212 67.98 -26.53 -101.70
CA VAL B 212 68.15 -26.04 -103.05
C VAL B 212 69.54 -25.52 -103.37
N GLY B 213 70.29 -26.29 -104.16
CA GLY B 213 71.63 -25.88 -104.55
C GLY B 213 71.60 -25.12 -105.87
N ILE B 214 72.31 -23.99 -105.92
CA ILE B 214 72.38 -23.18 -107.14
C ILE B 214 73.70 -23.42 -107.84
N ALA B 215 73.75 -24.49 -108.63
CA ALA B 215 74.95 -24.85 -109.36
C ALA B 215 75.59 -23.58 -109.88
N VAL B 216 76.90 -23.56 -109.95
CA VAL B 216 77.59 -22.38 -110.43
C VAL B 216 78.61 -22.72 -111.50
N GLY B 217 78.57 -23.95 -112.00
CA GLY B 217 79.50 -24.34 -113.05
C GLY B 217 79.12 -25.63 -113.79
N ARG B 218 80.04 -26.60 -113.79
CA ARG B 218 79.82 -27.88 -114.44
C ARG B 218 78.53 -28.47 -113.89
N PHE B 219 77.98 -29.45 -114.59
CA PHE B 219 76.73 -30.11 -114.16
C PHE B 219 76.54 -31.47 -114.87
N GLY B 220 76.66 -31.46 -116.20
CA GLY B 220 76.54 -32.66 -117.02
C GLY B 220 75.93 -33.92 -116.41
N GLU B 221 76.80 -34.78 -115.87
CA GLU B 221 76.42 -36.02 -115.18
C GLU B 221 77.09 -36.00 -113.81
N VAL B 222 78.37 -35.65 -113.85
CA VAL B 222 79.21 -35.54 -112.67
C VAL B 222 78.61 -34.76 -111.50
N MET B 223 78.31 -33.49 -111.71
CA MET B 223 77.77 -32.65 -110.65
C MET B 223 76.54 -33.14 -109.87
N THR B 224 75.65 -33.89 -110.52
CA THR B 224 74.42 -34.38 -109.84
C THR B 224 74.52 -35.84 -109.37
N SER B 225 75.21 -36.68 -110.17
CA SER B 225 75.42 -38.09 -109.83
C SER B 225 76.41 -38.12 -108.66
N LYS B 226 77.60 -37.56 -108.88
CA LYS B 226 78.65 -37.45 -107.88
C LYS B 226 78.09 -36.76 -106.63
N LEU B 227 77.12 -35.87 -106.81
CA LEU B 227 76.52 -35.19 -105.66
C LEU B 227 75.90 -36.23 -104.75
N ASP B 228 75.12 -37.13 -105.37
CA ASP B 228 74.42 -38.21 -104.67
C ASP B 228 75.37 -39.18 -104.03
N ASN B 229 76.43 -39.53 -104.74
CA ASN B 229 77.41 -40.44 -104.19
C ASN B 229 77.92 -39.79 -102.89
N LEU B 230 78.48 -38.59 -103.02
CA LEU B 230 79.03 -37.82 -101.91
C LEU B 230 78.15 -37.84 -100.66
N ILE B 231 76.88 -37.51 -100.83
CA ILE B 231 75.96 -37.47 -99.70
C ILE B 231 75.62 -38.88 -99.19
N LYS B 232 76.04 -39.89 -99.95
CA LYS B 232 75.82 -41.29 -99.57
C LYS B 232 76.93 -41.71 -98.60
N GLU B 233 78.18 -41.63 -99.09
CA GLU B 233 79.37 -41.97 -98.30
C GLU B 233 79.33 -41.23 -96.97
N ALA B 234 78.89 -39.98 -97.02
CA ALA B 234 78.77 -39.13 -95.85
C ALA B 234 77.86 -39.78 -94.80
N ALA B 235 76.68 -40.21 -95.24
CA ALA B 235 75.70 -40.86 -94.37
C ALA B 235 76.21 -42.18 -93.85
N GLU B 236 76.92 -42.91 -94.70
CA GLU B 236 77.50 -44.18 -94.31
C GLU B 236 78.56 -43.90 -93.27
N LEU B 237 79.04 -42.67 -93.26
CA LEU B 237 80.03 -42.26 -92.29
C LEU B 237 79.34 -42.07 -90.96
N LEU B 238 78.17 -41.45 -91.01
CA LEU B 238 77.37 -41.20 -89.81
C LEU B 238 76.50 -42.42 -89.55
N GLY B 239 76.60 -43.39 -90.44
CA GLY B 239 75.81 -44.59 -90.28
C GLY B 239 74.32 -44.29 -90.22
N VAL B 240 73.79 -43.73 -91.29
CA VAL B 240 72.36 -43.42 -91.34
C VAL B 240 71.86 -43.40 -92.80
N LYS B 241 70.55 -43.52 -92.99
CA LYS B 241 69.91 -43.54 -94.31
C LYS B 241 69.85 -42.17 -94.97
N VAL B 242 69.47 -42.15 -96.25
CA VAL B 242 69.36 -40.89 -96.97
C VAL B 242 67.89 -40.62 -97.21
N GLU B 243 67.50 -39.35 -97.16
CA GLU B 243 66.12 -38.94 -97.39
C GLU B 243 66.05 -38.16 -98.70
N VAL B 244 66.14 -38.92 -99.80
CA VAL B 244 66.11 -38.45 -101.18
C VAL B 244 66.82 -37.10 -101.41
N ARG B 245 67.76 -37.14 -102.35
CA ARG B 245 68.59 -36.00 -102.73
C ARG B 245 67.84 -34.65 -102.84
N PRO B 246 68.60 -33.53 -102.81
CA PRO B 246 68.10 -32.16 -102.90
C PRO B 246 67.75 -31.74 -104.31
N GLU B 247 67.68 -30.43 -104.51
CA GLU B 247 67.37 -29.85 -105.81
C GLU B 247 68.70 -29.26 -106.29
N LEU B 248 68.79 -28.85 -107.55
CA LEU B 248 70.06 -28.29 -108.02
C LEU B 248 69.98 -27.46 -109.33
N TYR B 249 69.47 -26.23 -109.24
CA TYR B 249 69.34 -25.37 -110.43
C TYR B 249 70.62 -24.69 -110.89
N ASP B 250 70.94 -24.91 -112.16
CA ASP B 250 72.12 -24.34 -112.78
C ASP B 250 71.87 -22.86 -113.08
N TYR B 251 72.75 -22.00 -112.57
CA TYR B 251 72.68 -20.55 -112.78
C TYR B 251 74.12 -20.09 -112.89
N SER B 252 74.91 -20.88 -113.59
CA SER B 252 76.32 -20.60 -113.80
C SER B 252 76.53 -19.71 -115.01
N PHE B 253 75.48 -19.51 -115.78
CA PHE B 253 75.56 -18.69 -116.98
C PHE B 253 76.42 -19.35 -118.04
N GLY B 254 76.46 -20.68 -118.02
CA GLY B 254 77.24 -21.42 -118.99
C GLY B 254 78.56 -22.01 -118.51
N GLU B 255 79.43 -21.19 -117.90
CA GLU B 255 80.72 -21.66 -117.42
C GLU B 255 81.14 -20.98 -116.13
N TYR B 256 81.84 -21.73 -115.27
CA TYR B 256 82.36 -21.27 -113.99
C TYR B 256 83.26 -20.05 -114.22
N GLY B 257 83.14 -19.04 -113.37
CA GLY B 257 83.96 -17.87 -113.54
C GLY B 257 83.43 -16.87 -114.55
N LYS B 258 82.21 -17.05 -115.04
CA LYS B 258 81.70 -16.10 -116.00
C LYS B 258 81.01 -15.00 -115.23
N ILE B 259 81.38 -13.75 -115.56
CA ILE B 259 80.83 -12.57 -114.90
C ILE B 259 79.94 -11.73 -115.83
N THR B 260 78.62 -11.91 -115.68
CA THR B 260 77.59 -11.25 -116.51
C THR B 260 76.88 -10.10 -115.84
N GLY B 261 76.30 -9.24 -116.66
CA GLY B 261 75.58 -8.08 -116.15
C GLY B 261 74.47 -8.45 -115.20
N GLU B 262 74.19 -9.74 -115.08
CA GLU B 262 73.14 -10.20 -114.18
C GLU B 262 73.75 -10.59 -112.84
N VAL B 263 74.92 -11.21 -112.88
CA VAL B 263 75.63 -11.59 -111.67
C VAL B 263 76.11 -10.26 -111.08
N ALA B 264 76.29 -9.27 -111.96
CA ALA B 264 76.75 -7.93 -111.61
C ALA B 264 75.70 -6.99 -111.01
N GLN B 265 74.52 -6.92 -111.62
CA GLN B 265 73.47 -6.04 -111.11
C GLN B 265 73.01 -6.54 -109.76
N ILE B 266 72.85 -7.85 -109.63
CA ILE B 266 72.39 -8.44 -108.36
C ILE B 266 73.41 -8.21 -107.23
N ILE B 267 74.65 -7.84 -107.57
CA ILE B 267 75.66 -7.56 -106.56
C ILE B 267 75.32 -6.17 -105.98
N ARG B 268 75.30 -5.17 -106.86
CA ARG B 268 74.98 -3.79 -106.47
C ARG B 268 73.62 -3.69 -105.80
N LYS B 269 72.70 -4.55 -106.20
CA LYS B 269 71.36 -4.58 -105.64
C LYS B 269 71.35 -5.00 -104.19
N VAL B 270 71.90 -6.19 -103.93
CA VAL B 270 71.97 -6.70 -102.57
C VAL B 270 72.85 -5.76 -101.74
N GLY B 271 73.94 -5.30 -102.33
CA GLY B 271 74.82 -4.42 -101.62
C GLY B 271 74.16 -3.09 -101.28
N THR B 272 73.64 -2.41 -102.30
CA THR B 272 73.01 -1.11 -102.10
C THR B 272 71.62 -1.10 -101.50
N ARG B 273 70.97 -2.25 -101.39
CA ARG B 273 69.64 -2.26 -100.81
C ARG B 273 69.55 -2.98 -99.46
N GLU B 274 70.49 -3.89 -99.22
CA GLU B 274 70.53 -4.66 -97.96
C GLU B 274 71.83 -4.41 -97.20
N GLY B 275 72.83 -3.91 -97.91
CA GLY B 275 74.12 -3.61 -97.31
C GLY B 275 74.97 -4.83 -97.08
N ILE B 276 74.91 -5.77 -98.02
CA ILE B 276 75.69 -6.99 -97.95
C ILE B 276 76.31 -7.24 -99.32
N ILE B 277 77.55 -7.68 -99.33
CA ILE B 277 78.29 -7.94 -100.56
C ILE B 277 78.33 -9.41 -100.90
N LEU B 278 78.16 -9.73 -102.18
CA LEU B 278 78.18 -11.09 -102.66
C LEU B 278 79.19 -11.04 -103.81
N ASP B 279 79.66 -12.19 -104.28
CA ASP B 279 80.66 -12.17 -105.34
C ASP B 279 80.18 -12.66 -106.70
N PRO B 280 80.89 -12.29 -107.75
CA PRO B 280 80.58 -12.67 -109.13
C PRO B 280 80.91 -14.10 -109.56
N VAL B 281 81.34 -14.96 -108.64
CA VAL B 281 81.66 -16.33 -109.01
C VAL B 281 80.85 -17.37 -108.25
N TYR B 282 80.47 -17.03 -107.03
CA TYR B 282 79.71 -17.95 -106.20
C TYR B 282 78.40 -17.37 -105.65
N THR B 283 78.50 -16.62 -104.55
CA THR B 283 77.34 -16.02 -103.86
C THR B 283 76.44 -15.12 -104.68
N GLY B 284 77.02 -14.43 -105.67
CA GLY B 284 76.25 -13.53 -106.52
C GLY B 284 75.30 -14.24 -107.48
N LYS B 285 75.74 -15.37 -108.03
CA LYS B 285 74.93 -16.16 -108.96
C LYS B 285 73.81 -16.88 -108.20
N ALA B 286 74.06 -17.21 -106.93
CA ALA B 286 73.09 -17.93 -106.13
C ALA B 286 72.03 -17.03 -105.51
N PHE B 287 72.32 -15.75 -105.38
CA PHE B 287 71.29 -14.88 -104.82
C PHE B 287 70.44 -14.55 -106.03
N TYR B 288 71.12 -14.44 -107.17
CA TYR B 288 70.46 -14.18 -108.44
C TYR B 288 69.52 -15.32 -108.80
N GLY B 289 69.92 -16.54 -108.44
CA GLY B 289 69.10 -17.71 -108.69
C GLY B 289 68.15 -17.88 -107.54
N LEU B 290 68.13 -16.90 -106.64
CA LEU B 290 67.24 -16.90 -105.48
C LEU B 290 66.01 -16.07 -105.87
N VAL B 291 66.26 -14.95 -106.54
CA VAL B 291 65.19 -14.09 -106.98
C VAL B 291 64.41 -14.86 -108.04
N ASP B 292 65.11 -15.34 -109.06
CA ASP B 292 64.48 -16.08 -110.15
C ASP B 292 63.45 -17.06 -109.65
N LEU B 293 63.85 -17.92 -108.73
CA LEU B 293 62.95 -18.93 -108.19
C LEU B 293 61.84 -18.37 -107.29
N ALA B 294 62.18 -17.40 -106.44
CA ALA B 294 61.17 -16.82 -105.55
C ALA B 294 60.08 -16.04 -106.30
N ARG B 295 60.37 -15.68 -107.54
CA ARG B 295 59.38 -14.98 -108.37
C ARG B 295 58.57 -16.02 -109.15
N LYS B 296 59.18 -17.17 -109.45
CA LYS B 296 58.47 -18.23 -110.17
C LYS B 296 57.70 -19.07 -109.15
N GLY B 297 57.63 -18.57 -107.92
CA GLY B 297 56.92 -19.26 -106.87
C GLY B 297 57.42 -20.67 -106.59
N GLU B 298 58.74 -20.88 -106.76
CA GLU B 298 59.37 -22.19 -106.56
C GLU B 298 60.20 -22.39 -105.28
N LEU B 299 60.16 -21.44 -104.35
CA LEU B 299 60.95 -21.61 -103.11
C LEU B 299 60.15 -21.71 -101.82
N GLY B 300 58.87 -21.31 -101.88
CA GLY B 300 58.03 -21.36 -100.70
C GLY B 300 57.86 -19.96 -100.17
N GLU B 301 57.33 -19.84 -98.96
CA GLU B 301 57.11 -18.53 -98.35
C GLU B 301 58.28 -18.05 -97.50
N LYS B 302 58.97 -18.98 -96.86
CA LYS B 302 60.10 -18.63 -96.00
C LYS B 302 61.40 -19.28 -96.49
N ILE B 303 62.31 -18.45 -97.01
CA ILE B 303 63.60 -18.89 -97.59
C ILE B 303 64.83 -18.31 -96.88
N LEU B 304 65.82 -19.18 -96.60
CA LEU B 304 67.06 -18.77 -95.95
C LEU B 304 68.25 -18.92 -96.91
N PHE B 305 68.93 -17.81 -97.19
CA PHE B 305 70.12 -17.83 -98.07
C PHE B 305 71.41 -17.85 -97.23
N ILE B 306 72.14 -18.95 -97.34
CA ILE B 306 73.39 -19.13 -96.62
C ILE B 306 74.49 -18.43 -97.40
N HIS B 307 74.89 -17.26 -96.92
CA HIS B 307 75.95 -16.48 -97.54
C HIS B 307 77.24 -17.29 -97.31
N THR B 308 77.96 -17.60 -98.38
CA THR B 308 79.17 -18.41 -98.24
C THR B 308 80.51 -17.66 -98.36
N GLY B 309 80.55 -16.39 -97.97
CA GLY B 309 81.77 -15.60 -98.07
C GLY B 309 82.15 -15.27 -99.51
N GLY B 310 83.39 -15.55 -99.87
CA GLY B 310 83.88 -15.31 -101.22
C GLY B 310 84.14 -13.85 -101.54
N ILE B 311 84.18 -13.04 -100.49
CA ILE B 311 84.39 -11.60 -100.60
C ILE B 311 85.58 -11.20 -101.48
N SER B 312 86.54 -12.09 -101.66
CA SER B 312 87.70 -11.76 -102.48
C SER B 312 87.41 -11.63 -103.97
N GLY B 313 86.41 -12.37 -104.44
CA GLY B 313 86.03 -12.32 -105.85
C GLY B 313 85.67 -10.92 -106.30
N THR B 314 84.83 -10.25 -105.52
CA THR B 314 84.38 -8.88 -105.80
C THR B 314 85.53 -7.89 -105.97
N PHE B 315 86.71 -8.26 -105.47
CA PHE B 315 87.87 -7.39 -105.59
C PHE B 315 88.68 -7.90 -106.77
N HIS B 316 88.79 -9.23 -106.86
CA HIS B 316 89.52 -9.89 -107.93
C HIS B 316 89.01 -9.47 -109.30
N TYR B 317 87.71 -9.67 -109.49
CA TYR B 317 87.05 -9.33 -110.74
C TYR B 317 86.17 -8.10 -110.60
N GLY B 318 86.72 -7.07 -109.94
CA GLY B 318 85.99 -5.84 -109.74
C GLY B 318 85.97 -5.00 -111.00
N ASP B 319 86.95 -5.22 -111.87
CA ASP B 319 87.06 -4.49 -113.13
C ASP B 319 85.99 -4.85 -114.14
N LYS B 320 85.74 -6.13 -114.31
CA LYS B 320 84.71 -6.60 -115.21
C LYS B 320 83.40 -6.03 -114.68
N LEU B 321 83.07 -6.41 -113.45
CA LEU B 321 81.85 -5.95 -112.81
C LEU B 321 81.51 -4.51 -113.13
N LEU B 322 82.54 -3.67 -113.18
CA LEU B 322 82.33 -2.25 -113.48
C LEU B 322 81.92 -2.06 -114.93
N SER B 323 82.74 -2.56 -115.85
CA SER B 323 82.48 -2.47 -117.28
C SER B 323 81.09 -2.99 -117.66
N LEU B 324 80.36 -3.53 -116.68
CA LEU B 324 79.02 -4.08 -116.88
C LEU B 324 77.92 -3.27 -116.24
N LEU B 325 78.25 -2.32 -115.39
CA LEU B 325 77.21 -1.51 -114.75
C LEU B 325 77.06 -0.11 -115.37
N MET C 1 8.33 31.19 -72.46
CA MET C 1 8.03 30.26 -73.58
C MET C 1 9.06 30.38 -74.69
N HIS C 2 9.98 29.42 -74.76
CA HIS C 2 11.04 29.44 -75.77
C HIS C 2 10.52 29.71 -77.19
N PRO C 3 11.08 30.72 -77.86
CA PRO C 3 10.72 31.14 -79.22
C PRO C 3 10.34 30.03 -80.20
N LYS C 4 11.21 29.04 -80.35
CA LYS C 4 10.96 27.92 -81.28
C LYS C 4 9.74 27.10 -80.87
N ILE C 5 9.79 26.52 -79.67
CA ILE C 5 8.66 25.75 -79.16
C ILE C 5 7.39 26.58 -79.35
N PHE C 6 7.48 27.90 -79.13
CA PHE C 6 6.31 28.71 -79.34
C PHE C 6 5.88 28.51 -80.80
N ALA C 7 6.78 28.84 -81.74
CA ALA C 7 6.52 28.71 -83.17
C ALA C 7 6.06 27.32 -83.60
N LEU C 8 6.48 26.29 -82.85
CA LEU C 8 6.10 24.91 -83.17
C LEU C 8 4.75 24.54 -82.54
N LEU C 9 4.28 25.34 -81.60
CA LEU C 9 3.00 25.05 -80.95
C LEU C 9 1.88 25.99 -81.32
N ALA C 10 2.24 27.12 -81.93
CA ALA C 10 1.28 28.15 -82.31
C ALA C 10 0.14 27.72 -83.23
N LYS C 11 0.39 26.76 -84.11
CA LYS C 11 -0.63 26.30 -85.05
C LYS C 11 -1.59 25.28 -84.49
N PHE C 12 -1.58 25.10 -83.16
CA PHE C 12 -2.47 24.14 -82.48
C PHE C 12 -3.53 24.80 -81.60
N PRO C 13 -4.79 24.37 -81.76
CA PRO C 13 -5.92 24.91 -80.99
C PRO C 13 -5.65 24.80 -79.49
N ARG C 14 -5.55 25.93 -78.79
CA ARG C 14 -5.33 25.81 -77.37
C ARG C 14 -6.20 26.63 -76.42
N VAL C 15 -6.95 25.90 -75.61
CA VAL C 15 -7.82 26.44 -74.57
C VAL C 15 -6.91 26.70 -73.35
N GLU C 16 -6.88 27.94 -72.88
CA GLU C 16 -6.00 28.25 -71.76
C GLU C 16 -6.60 28.04 -70.37
N LEU C 17 -6.04 27.08 -69.64
CA LEU C 17 -6.48 26.72 -68.31
C LEU C 17 -5.57 27.17 -67.18
N ILE C 18 -4.27 27.24 -67.43
CA ILE C 18 -3.31 27.63 -66.40
C ILE C 18 -2.78 29.02 -66.68
N PRO C 19 -3.41 30.03 -66.09
CA PRO C 19 -3.07 31.45 -66.24
C PRO C 19 -1.64 31.82 -65.84
N TRP C 20 -0.96 30.91 -65.16
CA TRP C 20 0.37 31.22 -64.65
C TRP C 20 1.39 30.12 -64.77
N GLU C 21 2.67 30.48 -64.61
CA GLU C 21 3.78 29.51 -64.64
C GLU C 21 3.89 28.98 -63.22
N THR C 22 3.93 27.66 -63.09
CA THR C 22 4.03 27.03 -61.78
C THR C 22 5.48 27.01 -61.28
N PRO C 23 5.68 27.39 -60.00
CA PRO C 23 6.97 27.46 -59.31
C PRO C 23 7.94 26.26 -59.29
N ILE C 24 9.23 26.58 -59.26
CA ILE C 24 10.30 25.59 -59.16
C ILE C 24 11.05 25.93 -57.88
N GLN C 25 11.00 25.06 -56.87
CA GLN C 25 11.69 25.31 -55.60
C GLN C 25 12.80 24.30 -55.31
N TYR C 26 13.81 24.73 -54.55
CA TYR C 26 14.91 23.86 -54.15
C TYR C 26 14.57 23.15 -52.81
N LEU C 27 14.77 21.84 -52.77
CA LEU C 27 14.50 21.06 -51.55
C LEU C 27 15.76 20.96 -50.67
N PRO C 28 15.92 21.87 -49.68
CA PRO C 28 17.10 21.86 -48.80
C PRO C 28 17.42 20.55 -48.05
N ASN C 29 16.39 19.89 -47.53
CA ASN C 29 16.58 18.65 -46.78
C ASN C 29 16.82 17.40 -47.60
N ILE C 30 16.02 17.20 -48.63
CA ILE C 30 16.20 16.03 -49.48
C ILE C 30 17.53 16.13 -50.20
N SER C 31 17.93 17.35 -50.53
CA SER C 31 19.18 17.59 -51.23
C SER C 31 20.35 17.13 -50.38
N ARG C 32 20.22 17.38 -49.09
CA ARG C 32 21.26 17.04 -48.14
C ARG C 32 21.33 15.54 -47.93
N GLU C 33 20.18 14.88 -47.87
CA GLU C 33 20.20 13.45 -47.66
C GLU C 33 20.76 12.65 -48.84
N ILE C 34 20.33 12.99 -50.07
CA ILE C 34 20.76 12.27 -51.28
C ILE C 34 22.05 12.81 -51.87
N GLY C 35 22.67 13.75 -51.17
CA GLY C 35 23.91 14.34 -51.64
C GLY C 35 23.79 14.89 -53.05
N ALA C 36 22.72 15.64 -53.32
CA ALA C 36 22.54 16.19 -54.66
C ALA C 36 21.44 17.23 -54.69
N ASP C 37 21.63 18.21 -55.57
CA ASP C 37 20.66 19.28 -55.70
C ASP C 37 19.42 18.80 -56.44
N VAL C 38 18.29 18.81 -55.74
CA VAL C 38 17.03 18.37 -56.32
C VAL C 38 15.98 19.46 -56.28
N TYR C 39 15.68 20.08 -57.42
CA TYR C 39 14.68 21.15 -57.45
C TYR C 39 13.34 20.65 -57.99
N ILE C 40 12.28 20.81 -57.20
CA ILE C 40 10.93 20.39 -57.55
C ILE C 40 10.05 21.43 -58.22
N LYS C 41 9.35 20.99 -59.28
CA LYS C 41 8.43 21.87 -60.01
C LYS C 41 7.01 21.54 -59.60
N ARG C 42 6.36 22.51 -59.00
CA ARG C 42 5.01 22.31 -58.50
C ARG C 42 3.91 22.39 -59.54
N ASP C 43 3.89 21.45 -60.48
CA ASP C 43 2.85 21.44 -61.50
C ASP C 43 1.54 21.14 -60.80
N ASP C 44 1.65 20.48 -59.64
CA ASP C 44 0.48 20.15 -58.84
C ASP C 44 -0.33 21.40 -58.47
N LEU C 45 0.26 22.56 -58.71
CA LEU C 45 -0.39 23.83 -58.41
C LEU C 45 -0.86 24.46 -59.71
N THR C 46 -1.06 23.63 -60.73
CA THR C 46 -1.51 24.14 -62.01
C THR C 46 -2.86 24.89 -61.94
N GLY C 47 -3.61 24.67 -60.86
CA GLY C 47 -4.84 25.42 -60.71
C GLY C 47 -6.21 24.79 -60.72
N LEU C 48 -6.52 23.98 -61.72
CA LEU C 48 -7.84 23.38 -61.86
C LEU C 48 -8.08 22.08 -61.09
N GLY C 49 -9.07 22.07 -60.21
CA GLY C 49 -9.39 20.88 -59.44
C GLY C 49 -8.27 20.46 -58.50
N ILE C 50 -7.87 19.21 -58.59
CA ILE C 50 -6.78 18.73 -57.75
C ILE C 50 -5.51 19.00 -58.55
N GLY C 51 -5.68 19.77 -59.61
CA GLY C 51 -4.56 20.14 -60.48
C GLY C 51 -3.67 18.98 -60.81
N GLY C 52 -2.48 19.27 -61.30
CA GLY C 52 -1.56 18.20 -61.64
C GLY C 52 -1.17 18.24 -63.11
N ASN C 53 -0.42 17.24 -63.55
CA ASN C 53 0.02 17.16 -64.94
C ASN C 53 -1.06 17.04 -66.01
N LYS C 54 -2.30 16.75 -65.65
CA LYS C 54 -3.32 16.62 -66.68
C LYS C 54 -3.87 17.95 -67.20
N ILE C 55 -3.88 18.98 -66.36
CA ILE C 55 -4.38 20.29 -66.77
C ILE C 55 -3.57 20.83 -67.94
N ARG C 56 -2.25 20.73 -67.86
CA ARG C 56 -1.42 21.20 -68.97
C ARG C 56 -1.81 20.48 -70.25
N LYS C 57 -2.16 19.21 -70.09
CA LYS C 57 -2.55 18.34 -71.19
C LYS C 57 -3.94 18.65 -71.74
N LEU C 58 -4.87 18.94 -70.84
CA LEU C 58 -6.23 19.24 -71.25
C LEU C 58 -6.30 20.47 -72.13
N GLU C 59 -5.25 21.31 -72.08
CA GLU C 59 -5.23 22.53 -72.88
C GLU C 59 -5.21 22.28 -74.39
N TYR C 60 -4.85 21.07 -74.79
CA TYR C 60 -4.84 20.71 -76.20
C TYR C 60 -5.90 19.67 -76.51
N LEU C 61 -6.27 18.90 -75.50
CA LEU C 61 -7.27 17.87 -75.68
C LEU C 61 -8.64 18.55 -75.81
N LEU C 62 -9.09 19.21 -74.74
CA LEU C 62 -10.38 19.88 -74.77
C LEU C 62 -10.44 20.96 -75.85
N GLY C 63 -9.35 21.68 -76.06
CA GLY C 63 -9.37 22.69 -77.09
C GLY C 63 -9.79 22.00 -78.37
N ASP C 64 -9.00 21.00 -78.76
CA ASP C 64 -9.23 20.21 -79.97
C ASP C 64 -10.63 19.61 -80.05
N ALA C 65 -11.40 19.74 -78.97
CA ALA C 65 -12.76 19.19 -78.95
C ALA C 65 -13.75 20.34 -79.09
N LEU C 66 -13.48 21.43 -78.39
CA LEU C 66 -14.34 22.59 -78.48
C LEU C 66 -14.15 23.12 -79.90
N SER C 67 -13.15 22.58 -80.60
CA SER C 67 -12.85 23.01 -81.96
C SER C 67 -13.31 22.02 -83.04
N LYS C 68 -14.18 21.10 -82.64
CA LYS C 68 -14.72 20.11 -83.56
C LYS C 68 -16.15 19.80 -83.08
N GLY C 69 -16.77 20.82 -82.51
CA GLY C 69 -18.12 20.68 -82.02
C GLY C 69 -18.39 19.48 -81.14
N ALA C 70 -17.59 19.29 -80.11
CA ALA C 70 -17.85 18.18 -79.22
C ALA C 70 -18.83 18.72 -78.19
N ASP C 71 -19.55 17.85 -77.51
CA ASP C 71 -20.51 18.27 -76.49
C ASP C 71 -20.43 17.29 -75.32
N VAL C 72 -19.59 16.28 -75.49
CA VAL C 72 -19.43 15.28 -74.45
C VAL C 72 -18.14 14.50 -74.60
N VAL C 73 -17.16 14.86 -73.76
CA VAL C 73 -15.85 14.24 -73.73
C VAL C 73 -15.87 12.89 -72.98
N ILE C 74 -15.06 11.93 -73.41
CA ILE C 74 -14.99 10.64 -72.72
C ILE C 74 -13.55 10.22 -72.43
N THR C 75 -13.30 9.82 -71.19
CA THR C 75 -11.98 9.40 -70.75
C THR C 75 -12.02 8.15 -69.86
N VAL C 76 -10.89 7.44 -69.78
CA VAL C 76 -10.76 6.23 -68.97
C VAL C 76 -9.84 6.42 -67.79
N GLY C 77 -9.77 5.39 -66.95
CA GLY C 77 -8.91 5.45 -65.79
C GLY C 77 -9.43 4.69 -64.59
N ALA C 78 -8.52 4.48 -63.63
CA ALA C 78 -8.82 3.78 -62.40
C ALA C 78 -9.92 4.53 -61.68
N VAL C 79 -10.68 3.83 -60.84
CA VAL C 79 -11.74 4.47 -60.12
C VAL C 79 -11.15 5.66 -59.39
N HIS C 80 -9.89 5.54 -58.98
CA HIS C 80 -9.18 6.59 -58.25
C HIS C 80 -8.54 7.62 -59.19
N SER C 81 -8.48 7.29 -60.47
CA SER C 81 -7.88 8.17 -61.48
C SER C 81 -8.03 9.66 -61.23
N ASN C 82 -6.91 10.37 -61.21
CA ASN C 82 -6.91 11.83 -61.04
C ASN C 82 -7.34 12.42 -62.37
N HIS C 83 -6.78 11.87 -63.44
CA HIS C 83 -7.08 12.27 -64.80
C HIS C 83 -8.60 12.30 -65.03
N ALA C 84 -9.27 11.20 -64.68
CA ALA C 84 -10.70 11.11 -64.84
C ALA C 84 -11.40 12.33 -64.28
N PHE C 85 -11.19 12.62 -63.01
CA PHE C 85 -11.82 13.77 -62.36
C PHE C 85 -11.48 15.05 -63.09
N VAL C 86 -10.19 15.34 -63.12
CA VAL C 86 -9.65 16.54 -63.73
C VAL C 86 -10.23 16.80 -65.11
N THR C 87 -10.32 15.75 -65.92
CA THR C 87 -10.87 15.87 -67.26
C THR C 87 -12.37 16.16 -67.24
N GLY C 88 -13.05 15.63 -66.22
CA GLY C 88 -14.47 15.82 -66.10
C GLY C 88 -14.90 17.15 -65.56
N LEU C 89 -14.09 17.72 -64.67
CA LEU C 89 -14.43 19.00 -64.11
C LEU C 89 -14.07 20.00 -65.17
N ALA C 90 -12.99 19.70 -65.87
CA ALA C 90 -12.51 20.57 -66.94
C ALA C 90 -13.58 20.76 -68.01
N ALA C 91 -14.13 19.65 -68.48
CA ALA C 91 -15.16 19.69 -69.50
C ALA C 91 -16.23 20.67 -69.02
N LYS C 92 -16.94 20.27 -67.96
CA LYS C 92 -18.02 21.06 -67.38
C LYS C 92 -17.76 22.55 -67.31
N LYS C 93 -16.53 22.94 -67.02
CA LYS C 93 -16.24 24.37 -66.93
C LYS C 93 -16.27 25.05 -68.31
N LEU C 94 -15.78 24.34 -69.32
CA LEU C 94 -15.73 24.85 -70.68
C LEU C 94 -16.97 24.48 -71.53
N GLY C 95 -18.14 24.41 -70.91
CA GLY C 95 -19.35 24.07 -71.66
C GLY C 95 -19.68 22.58 -71.66
N LEU C 96 -18.93 21.81 -72.44
CA LEU C 96 -19.04 20.36 -72.63
C LEU C 96 -19.62 19.47 -71.55
N ASP C 97 -19.75 18.18 -71.88
CA ASP C 97 -20.26 17.19 -70.96
C ASP C 97 -19.20 16.11 -70.79
N ALA C 98 -19.24 15.37 -69.69
CA ALA C 98 -18.24 14.34 -69.44
C ALA C 98 -18.74 13.01 -68.92
N ILE C 99 -18.19 11.93 -69.49
CA ILE C 99 -18.52 10.58 -69.07
C ILE C 99 -17.20 9.85 -68.81
N LEU C 100 -17.04 9.42 -67.56
CA LEU C 100 -15.85 8.72 -67.11
C LEU C 100 -16.12 7.22 -67.07
N VAL C 101 -15.14 6.44 -67.53
CA VAL C 101 -15.24 4.97 -67.56
C VAL C 101 -14.07 4.42 -66.75
N LEU C 102 -14.33 4.11 -65.48
CA LEU C 102 -13.32 3.60 -64.54
C LEU C 102 -13.30 2.06 -64.43
N ARG C 103 -12.78 1.53 -63.32
CA ARG C 103 -12.70 0.10 -63.08
C ARG C 103 -12.17 -0.24 -61.69
N GLY C 104 -13.03 -0.79 -60.83
CA GLY C 104 -12.57 -1.13 -59.49
C GLY C 104 -13.62 -1.01 -58.42
N LYS C 105 -13.19 -1.03 -57.15
CA LYS C 105 -14.12 -0.92 -56.04
C LYS C 105 -14.79 0.44 -56.15
N GLU C 106 -15.96 0.61 -55.54
CA GLU C 106 -16.63 1.88 -55.65
C GLU C 106 -16.79 2.57 -54.32
N GLU C 107 -15.66 3.13 -53.87
CA GLU C 107 -15.59 3.81 -52.59
C GLU C 107 -15.77 5.31 -52.65
N LEU C 108 -16.73 5.81 -51.88
CA LEU C 108 -16.99 7.24 -51.82
C LEU C 108 -15.92 7.94 -51.01
N LYS C 109 -14.72 7.93 -51.58
CA LYS C 109 -13.55 8.58 -50.99
C LYS C 109 -12.55 8.75 -52.12
N GLY C 110 -11.57 9.62 -51.94
CA GLY C 110 -10.61 9.82 -53.03
C GLY C 110 -11.29 10.44 -54.24
N ASN C 111 -10.67 10.34 -55.40
CA ASN C 111 -11.24 10.94 -56.60
C ASN C 111 -12.67 10.54 -56.96
N TYR C 112 -13.00 9.26 -56.84
CA TYR C 112 -14.35 8.83 -57.17
C TYR C 112 -15.31 9.67 -56.33
N LEU C 113 -15.04 9.82 -55.04
CA LEU C 113 -15.88 10.61 -54.16
C LEU C 113 -16.10 11.96 -54.80
N LEU C 114 -15.01 12.67 -55.08
CA LEU C 114 -15.09 13.98 -55.70
C LEU C 114 -16.03 13.94 -56.91
N ASP C 115 -15.79 13.00 -57.82
CA ASP C 115 -16.59 12.81 -59.04
C ASP C 115 -18.08 13.04 -58.78
N LYS C 116 -18.58 12.43 -57.72
CA LYS C 116 -20.00 12.54 -57.35
C LYS C 116 -20.32 13.93 -56.84
N ILE C 117 -19.54 14.39 -55.88
CA ILE C 117 -19.72 15.71 -55.30
C ILE C 117 -19.90 16.70 -56.43
N MET C 118 -18.95 16.71 -57.37
CA MET C 118 -19.02 17.61 -58.51
C MET C 118 -20.10 17.18 -59.49
N GLY C 119 -20.67 16.02 -59.20
CA GLY C 119 -21.73 15.47 -60.01
C GLY C 119 -21.38 15.10 -61.44
N ILE C 120 -20.27 14.42 -61.67
CA ILE C 120 -19.92 14.02 -63.03
C ILE C 120 -20.55 12.65 -63.32
N GLU C 121 -20.42 12.16 -64.54
CA GLU C 121 -21.00 10.85 -64.85
C GLU C 121 -19.96 9.74 -64.90
N THR C 122 -20.17 8.70 -64.09
CA THR C 122 -19.23 7.59 -64.07
C THR C 122 -19.89 6.27 -64.45
N ARG C 123 -19.04 5.32 -64.85
CA ARG C 123 -19.48 3.99 -65.28
C ARG C 123 -18.38 2.96 -65.02
N VAL C 124 -18.52 2.24 -63.91
CA VAL C 124 -17.52 1.24 -63.52
C VAL C 124 -17.77 -0.15 -64.07
N TYR C 125 -16.97 -0.50 -65.06
CA TYR C 125 -17.09 -1.80 -65.67
C TYR C 125 -16.18 -2.75 -64.92
N ASP C 126 -16.79 -3.63 -64.14
CA ASP C 126 -16.08 -4.62 -63.35
C ASP C 126 -15.14 -5.46 -64.23
N ALA C 127 -14.78 -4.90 -65.39
CA ALA C 127 -13.87 -5.55 -66.30
C ALA C 127 -12.58 -4.86 -65.92
N LYS C 128 -12.20 -5.07 -64.66
CA LYS C 128 -10.98 -4.51 -64.10
C LYS C 128 -9.79 -5.38 -64.51
N ASP C 129 -8.86 -4.79 -65.26
CA ASP C 129 -7.67 -5.49 -65.74
C ASP C 129 -6.72 -4.47 -66.36
N SER C 130 -6.86 -4.24 -67.67
CA SER C 130 -6.02 -3.27 -68.36
C SER C 130 -6.86 -2.15 -69.00
N PHE C 131 -6.19 -1.26 -69.74
CA PHE C 131 -6.91 -0.14 -70.36
C PHE C 131 -7.78 -0.48 -71.57
N GLU C 132 -7.93 -1.78 -71.86
CA GLU C 132 -8.79 -2.21 -72.96
C GLU C 132 -10.18 -1.84 -72.43
N LEU C 133 -10.18 -1.36 -71.18
CA LEU C 133 -11.38 -0.87 -70.52
C LEU C 133 -11.79 0.29 -71.41
N MET C 134 -10.84 0.67 -72.27
CA MET C 134 -10.98 1.74 -73.23
C MET C 134 -12.12 1.47 -74.23
N LYS C 135 -12.11 0.27 -74.81
CA LYS C 135 -13.14 -0.13 -75.77
C LYS C 135 -14.49 0.21 -75.16
N TYR C 136 -14.56 0.21 -73.83
CA TYR C 136 -15.79 0.55 -73.12
C TYR C 136 -16.11 2.00 -73.38
N ALA C 137 -15.07 2.81 -73.49
CA ALA C 137 -15.29 4.22 -73.81
C ALA C 137 -15.85 4.23 -75.24
N GLU C 138 -15.20 3.44 -76.09
CA GLU C 138 -15.58 3.28 -77.49
C GLU C 138 -17.08 3.01 -77.69
N GLU C 139 -17.50 1.78 -77.41
CA GLU C 139 -18.92 1.43 -77.57
C GLU C 139 -19.82 2.53 -76.98
N ILE C 140 -19.46 3.00 -75.81
CA ILE C 140 -20.22 4.05 -75.14
C ILE C 140 -20.29 5.27 -76.05
N ALA C 141 -19.15 5.67 -76.59
CA ALA C 141 -19.13 6.83 -77.48
C ALA C 141 -20.22 6.63 -78.53
N GLU C 142 -20.03 5.58 -79.34
CA GLU C 142 -20.94 5.22 -80.43
C GLU C 142 -22.41 5.54 -80.25
N GLU C 143 -23.04 4.87 -79.27
CA GLU C 143 -24.45 5.08 -79.01
C GLU C 143 -24.84 6.55 -78.73
N LEU C 144 -23.88 7.47 -78.86
CA LEU C 144 -24.11 8.91 -78.66
C LEU C 144 -23.99 9.65 -79.99
N LYS C 145 -23.04 9.22 -80.81
CA LYS C 145 -22.82 9.82 -82.12
C LYS C 145 -23.87 9.22 -83.03
N ARG C 146 -24.15 7.94 -82.84
CA ARG C 146 -25.18 7.26 -83.63
C ARG C 146 -26.48 7.79 -83.05
N GLU C 147 -26.42 9.04 -82.60
CA GLU C 147 -27.57 9.72 -82.03
C GLU C 147 -27.38 11.21 -82.23
N GLY C 148 -26.62 11.55 -83.27
CA GLY C 148 -26.36 12.93 -83.60
C GLY C 148 -25.38 13.65 -82.70
N ARG C 149 -25.22 13.16 -81.47
CA ARG C 149 -24.31 13.75 -80.50
C ARG C 149 -22.86 13.59 -80.92
N LYS C 150 -22.06 14.63 -80.72
CA LYS C 150 -20.63 14.62 -81.08
C LYS C 150 -19.71 14.43 -79.88
N PRO C 151 -19.15 13.22 -79.71
CA PRO C 151 -18.25 12.94 -78.60
C PRO C 151 -16.80 13.09 -79.01
N TYR C 152 -15.93 13.07 -78.02
CA TYR C 152 -14.48 13.18 -78.20
C TYR C 152 -13.91 12.12 -77.25
N VAL C 153 -12.99 11.30 -77.75
CA VAL C 153 -12.42 10.22 -76.95
C VAL C 153 -11.00 10.54 -76.48
N ILE C 154 -10.77 10.48 -75.16
CA ILE C 154 -9.45 10.76 -74.61
C ILE C 154 -8.83 9.52 -74.00
N PRO C 155 -7.69 9.08 -74.55
CA PRO C 155 -6.95 7.90 -74.11
C PRO C 155 -6.54 8.00 -72.66
N PRO C 156 -5.91 6.94 -72.14
CA PRO C 156 -5.47 6.99 -70.74
C PRO C 156 -4.47 8.13 -70.61
N GLY C 157 -4.57 8.88 -69.53
CA GLY C 157 -3.67 10.00 -69.29
C GLY C 157 -3.34 10.88 -70.49
N GLY C 158 -4.36 11.23 -71.26
CA GLY C 158 -4.16 12.07 -72.44
C GLY C 158 -2.99 11.63 -73.28
N ALA C 159 -2.86 10.31 -73.42
CA ALA C 159 -1.78 9.68 -74.16
C ALA C 159 -1.92 9.83 -75.66
N SER C 160 -2.45 10.96 -76.09
CA SER C 160 -2.61 11.24 -77.51
C SER C 160 -1.42 12.08 -77.91
N PRO C 161 -1.06 12.07 -79.19
CA PRO C 161 0.09 12.91 -79.51
C PRO C 161 -0.22 14.41 -79.34
N ILE C 162 -1.48 14.82 -79.55
CA ILE C 162 -1.86 16.22 -79.38
C ILE C 162 -2.03 16.50 -77.89
N GLY C 163 -2.24 15.45 -77.11
CA GLY C 163 -2.37 15.61 -75.68
C GLY C 163 -0.99 15.79 -75.04
N THR C 164 0.02 15.19 -75.67
CA THR C 164 1.40 15.26 -75.21
C THR C 164 2.01 16.65 -75.43
N LEU C 165 1.43 17.42 -76.34
CA LEU C 165 1.95 18.76 -76.59
C LEU C 165 1.94 19.52 -75.27
N GLY C 166 1.16 19.03 -74.31
CA GLY C 166 1.08 19.67 -73.01
C GLY C 166 2.43 19.94 -72.37
N TYR C 167 3.30 18.94 -72.29
CA TYR C 167 4.61 19.16 -71.67
C TYR C 167 5.67 19.61 -72.62
N VAL C 168 5.39 19.47 -73.91
CA VAL C 168 6.33 19.95 -74.91
C VAL C 168 6.37 21.44 -74.60
N ARG C 169 5.21 21.99 -74.21
CA ARG C 169 5.08 23.40 -73.85
C ARG C 169 5.69 23.60 -72.47
N ALA C 170 5.49 22.62 -71.60
CA ALA C 170 6.01 22.68 -70.25
C ALA C 170 7.51 22.94 -70.20
N VAL C 171 8.28 22.18 -70.98
CA VAL C 171 9.72 22.38 -70.98
C VAL C 171 10.06 23.77 -71.46
N GLY C 172 9.16 24.37 -72.22
CA GLY C 172 9.39 25.70 -72.73
C GLY C 172 9.35 26.71 -71.60
N GLU C 173 8.28 26.65 -70.83
CA GLU C 173 8.06 27.53 -69.68
C GLU C 173 9.12 27.28 -68.60
N ILE C 174 9.64 26.04 -68.58
CA ILE C 174 10.68 25.65 -67.64
C ILE C 174 11.93 26.39 -68.09
N ALA C 175 12.32 26.16 -69.34
CA ALA C 175 13.49 26.80 -69.92
C ALA C 175 13.52 28.31 -69.69
N THR C 176 12.35 28.89 -69.52
CA THR C 176 12.23 30.33 -69.35
C THR C 176 12.40 30.76 -67.90
N GLN C 177 11.72 30.04 -67.01
CA GLN C 177 11.74 30.36 -65.59
C GLN C 177 12.90 29.74 -64.83
N SER C 178 13.55 28.75 -65.42
CA SER C 178 14.61 28.05 -64.73
C SER C 178 16.02 28.56 -64.97
N GLU C 179 16.71 28.83 -63.86
CA GLU C 179 18.11 29.26 -63.91
C GLU C 179 18.94 28.24 -63.10
N VAL C 180 18.79 26.96 -63.45
CA VAL C 180 19.51 25.91 -62.76
C VAL C 180 19.73 24.73 -63.69
N LYS C 181 20.50 24.93 -64.75
CA LYS C 181 20.80 23.88 -65.73
C LYS C 181 20.75 22.47 -65.14
N PHE C 182 19.58 21.84 -65.25
CA PHE C 182 19.35 20.50 -64.73
C PHE C 182 19.99 19.43 -65.60
N ASP C 183 20.52 18.39 -64.96
CA ASP C 183 21.15 17.29 -65.69
C ASP C 183 20.07 16.28 -66.07
N SER C 184 19.09 16.08 -65.20
CA SER C 184 18.00 15.16 -65.48
C SER C 184 16.68 15.75 -64.96
N ILE C 185 15.58 15.26 -65.53
CA ILE C 185 14.23 15.68 -65.15
C ILE C 185 13.46 14.41 -64.87
N VAL C 186 13.15 14.14 -63.62
CA VAL C 186 12.40 12.92 -63.31
C VAL C 186 10.92 13.16 -63.06
N VAL C 187 10.09 12.36 -63.73
CA VAL C 187 8.64 12.46 -63.59
C VAL C 187 8.07 11.04 -63.49
N ALA C 188 6.85 10.91 -62.99
CA ALA C 188 6.22 9.60 -62.85
C ALA C 188 5.61 9.10 -64.17
N ALA C 189 5.91 7.86 -64.54
CA ALA C 189 5.36 7.32 -65.78
C ALA C 189 4.05 6.54 -65.58
N GLY C 190 2.94 7.18 -65.95
CA GLY C 190 1.63 6.57 -65.88
C GLY C 190 1.27 5.96 -67.21
N SER C 191 0.96 6.81 -68.19
CA SER C 191 0.61 6.35 -69.52
C SER C 191 1.71 6.72 -70.49
N GLY C 192 2.58 7.65 -70.08
CA GLY C 192 3.68 8.04 -70.93
C GLY C 192 3.51 9.42 -71.54
N GLY C 193 2.39 10.07 -71.25
CA GLY C 193 2.15 11.39 -71.78
C GLY C 193 3.27 12.35 -71.43
N THR C 194 3.42 12.60 -70.13
CA THR C 194 4.44 13.52 -69.61
C THR C 194 5.89 13.13 -69.95
N LEU C 195 6.28 11.90 -69.67
CA LEU C 195 7.66 11.47 -69.97
C LEU C 195 7.96 11.69 -71.45
N ALA C 196 6.92 11.61 -72.27
CA ALA C 196 7.02 11.79 -73.70
C ALA C 196 7.06 13.26 -74.07
N GLY C 197 6.25 14.07 -73.39
CA GLY C 197 6.22 15.49 -73.65
C GLY C 197 7.61 16.06 -73.43
N LEU C 198 8.21 15.68 -72.31
CA LEU C 198 9.55 16.11 -71.94
C LEU C 198 10.56 15.61 -72.95
N SER C 199 10.36 14.37 -73.40
CA SER C 199 11.24 13.81 -74.39
C SER C 199 11.12 14.66 -75.65
N LEU C 200 9.91 14.77 -76.19
CA LEU C 200 9.69 15.56 -77.38
C LEU C 200 10.22 16.97 -77.15
N GLY C 201 9.81 17.58 -76.05
CA GLY C 201 10.27 18.93 -75.77
C GLY C 201 11.77 19.05 -75.75
N LEU C 202 12.37 18.57 -74.67
CA LEU C 202 13.81 18.62 -74.47
C LEU C 202 14.60 18.52 -75.77
N SER C 203 14.29 17.51 -76.56
CA SER C 203 14.95 17.29 -77.85
C SER C 203 14.84 18.44 -78.83
N ILE C 204 13.67 19.06 -78.90
CA ILE C 204 13.48 20.16 -79.84
C ILE C 204 14.38 21.35 -79.48
N LEU C 205 14.61 21.54 -78.17
CA LEU C 205 15.48 22.60 -77.67
C LEU C 205 16.93 22.13 -77.76
N ASN C 206 17.10 20.82 -77.90
CA ASN C 206 18.42 20.19 -77.98
C ASN C 206 19.21 20.51 -76.71
N GLU C 207 18.74 19.93 -75.61
CA GLU C 207 19.33 20.11 -74.28
C GLU C 207 20.00 18.84 -73.76
N ASP C 208 21.22 18.98 -73.23
CA ASP C 208 21.93 17.84 -72.68
C ASP C 208 21.25 17.34 -71.42
N ILE C 209 19.99 17.73 -71.25
CA ILE C 209 19.23 17.30 -70.08
C ILE C 209 18.73 15.89 -70.35
N ARG C 210 18.58 15.10 -69.31
CA ARG C 210 18.13 13.73 -69.49
C ARG C 210 16.70 13.53 -69.08
N PRO C 211 15.91 12.93 -69.98
CA PRO C 211 14.48 12.63 -69.81
C PRO C 211 14.24 11.32 -69.03
N VAL C 212 14.15 11.41 -67.71
CA VAL C 212 13.92 10.23 -66.90
C VAL C 212 12.55 10.15 -66.24
N GLY C 213 11.79 9.16 -66.67
CA GLY C 213 10.48 8.92 -66.11
C GLY C 213 10.54 7.62 -65.38
N ILE C 214 9.76 7.48 -64.33
CA ILE C 214 9.79 6.26 -63.56
C ILE C 214 8.40 5.62 -63.44
N ALA C 215 8.28 4.44 -64.06
CA ALA C 215 7.03 3.70 -64.08
C ALA C 215 6.48 3.44 -62.68
N VAL C 216 5.19 3.71 -62.54
CA VAL C 216 4.50 3.52 -61.28
C VAL C 216 3.40 2.47 -61.43
N GLY C 217 3.69 1.44 -62.23
CA GLY C 217 2.75 0.36 -62.48
C GLY C 217 3.48 -0.62 -63.37
N ARG C 218 3.29 -1.94 -63.19
CA ARG C 218 4.03 -2.90 -64.00
C ARG C 218 4.23 -2.43 -65.43
N PHE C 219 5.25 -1.59 -65.61
CA PHE C 219 5.65 -1.08 -66.92
C PHE C 219 5.27 -2.25 -67.86
N GLY C 220 4.39 -1.99 -68.84
CA GLY C 220 3.95 -3.07 -69.72
C GLY C 220 4.54 -3.08 -71.13
N GLU C 221 4.26 -4.15 -71.88
CA GLU C 221 4.74 -4.28 -73.27
C GLU C 221 4.33 -3.04 -74.08
N VAL C 222 3.03 -2.75 -74.08
CA VAL C 222 2.47 -1.60 -74.77
C VAL C 222 2.79 -0.43 -73.85
N MET C 223 4.08 -0.28 -73.55
CA MET C 223 4.55 0.77 -72.67
C MET C 223 6.03 1.13 -72.92
N THR C 224 6.90 0.14 -73.14
CA THR C 224 8.31 0.45 -73.42
C THR C 224 8.34 1.15 -74.77
N SER C 225 7.43 0.72 -75.66
CA SER C 225 7.29 1.28 -76.99
C SER C 225 6.03 2.15 -77.10
N LYS C 226 5.00 1.83 -76.32
CA LYS C 226 3.80 2.64 -76.39
C LYS C 226 4.24 4.10 -76.21
N LEU C 227 5.38 4.30 -75.53
CA LEU C 227 5.92 5.64 -75.29
C LEU C 227 6.89 5.99 -76.41
N ASP C 228 7.48 4.94 -76.99
CA ASP C 228 8.43 5.08 -78.09
C ASP C 228 7.65 5.51 -79.31
N ASN C 229 6.53 4.84 -79.57
CA ASN C 229 5.69 5.24 -80.69
C ASN C 229 5.24 6.64 -80.31
N LEU C 230 4.29 6.72 -79.38
CA LEU C 230 3.74 7.97 -78.88
C LEU C 230 4.60 9.17 -79.24
N ILE C 231 5.88 9.09 -78.86
CA ILE C 231 6.87 10.15 -79.06
C ILE C 231 7.29 10.50 -80.48
N LYS C 232 7.19 9.55 -81.41
CA LYS C 232 7.53 9.84 -82.80
C LYS C 232 6.28 10.44 -83.46
N GLU C 233 5.12 10.07 -82.90
CA GLU C 233 3.84 10.56 -83.40
C GLU C 233 3.78 12.07 -83.16
N ALA C 234 3.71 12.45 -81.90
CA ALA C 234 3.69 13.87 -81.56
C ALA C 234 4.75 14.61 -82.36
N ALA C 235 5.89 13.97 -82.59
CA ALA C 235 6.96 14.62 -83.37
C ALA C 235 6.51 14.82 -84.81
N GLU C 236 5.73 13.85 -85.30
CA GLU C 236 5.18 13.88 -86.65
C GLU C 236 4.16 15.00 -86.72
N LEU C 237 3.46 15.22 -85.62
CA LEU C 237 2.47 16.29 -85.51
C LEU C 237 3.20 17.63 -85.69
N LEU C 238 4.16 17.88 -84.80
CA LEU C 238 4.94 19.12 -84.84
C LEU C 238 5.88 19.11 -86.05
N GLY C 239 5.85 18.02 -86.81
CA GLY C 239 6.70 17.93 -87.97
C GLY C 239 8.13 18.25 -87.60
N VAL C 240 8.69 17.44 -86.70
CA VAL C 240 10.06 17.60 -86.22
C VAL C 240 10.71 16.20 -86.10
N LYS C 241 12.05 16.15 -86.14
CA LYS C 241 12.81 14.88 -86.08
C LYS C 241 13.27 14.40 -84.70
N VAL C 242 12.58 13.42 -84.13
CA VAL C 242 12.96 12.89 -82.82
C VAL C 242 14.47 12.87 -82.58
N GLU C 243 14.88 13.21 -81.38
CA GLU C 243 16.29 13.19 -81.01
C GLU C 243 16.58 11.71 -80.79
N VAL C 244 16.67 11.33 -79.51
CA VAL C 244 16.89 9.96 -79.16
C VAL C 244 16.38 9.73 -77.74
N ARG C 245 15.54 8.71 -77.61
CA ARG C 245 14.89 8.26 -76.37
C ARG C 245 15.25 8.83 -74.98
N PRO C 246 14.29 8.71 -74.03
CA PRO C 246 14.36 9.13 -72.64
C PRO C 246 14.74 7.87 -71.85
N GLU C 247 14.85 7.98 -70.53
CA GLU C 247 15.21 6.82 -69.71
C GLU C 247 13.96 6.35 -69.02
N LEU C 248 14.02 5.19 -68.37
CA LEU C 248 12.81 4.70 -67.69
C LEU C 248 13.14 3.61 -66.66
N TYR C 249 12.76 3.83 -65.40
CA TYR C 249 13.01 2.85 -64.34
C TYR C 249 11.73 2.40 -63.64
N ASP C 250 11.50 1.09 -63.64
CA ASP C 250 10.31 0.56 -63.01
C ASP C 250 10.46 0.57 -61.48
N TYR C 251 9.70 1.44 -60.84
CA TYR C 251 9.67 1.54 -59.38
C TYR C 251 8.22 1.43 -58.98
N SER C 252 7.49 0.62 -59.74
CA SER C 252 6.08 0.38 -59.51
C SER C 252 5.83 -0.50 -58.30
N PHE C 253 6.89 -1.14 -57.80
CA PHE C 253 6.79 -2.04 -56.65
C PHE C 253 5.87 -3.21 -56.97
N GLY C 254 6.00 -3.78 -58.16
CA GLY C 254 5.19 -4.93 -58.52
C GLY C 254 4.01 -4.70 -59.45
N GLU C 255 3.15 -3.72 -59.11
CA GLU C 255 1.98 -3.43 -59.93
C GLU C 255 1.38 -2.07 -59.62
N TYR C 256 0.83 -1.45 -60.66
CA TYR C 256 0.17 -0.15 -60.55
C TYR C 256 -0.71 -0.10 -59.32
N GLY C 257 -0.54 0.95 -58.52
CA GLY C 257 -1.37 1.11 -57.33
C GLY C 257 -1.03 0.35 -56.06
N LYS C 258 -0.08 -0.59 -56.12
CA LYS C 258 0.27 -1.35 -54.92
C LYS C 258 0.90 -0.43 -53.90
N ILE C 259 0.46 -0.50 -52.65
CA ILE C 259 0.98 0.37 -51.60
C ILE C 259 1.90 -0.28 -50.56
N THR C 260 3.19 0.05 -50.64
CA THR C 260 4.25 -0.46 -49.75
C THR C 260 4.67 0.54 -48.69
N GLY C 261 5.32 0.04 -47.64
CA GLY C 261 5.77 0.91 -46.57
C GLY C 261 6.85 1.83 -47.11
N GLU C 262 7.40 1.48 -48.25
CA GLU C 262 8.44 2.28 -48.88
C GLU C 262 7.87 3.56 -49.49
N VAL C 263 6.57 3.55 -49.80
CA VAL C 263 5.89 4.71 -50.37
C VAL C 263 5.18 5.45 -49.23
N ALA C 264 4.83 4.68 -48.19
CA ALA C 264 4.20 5.24 -47.01
C ALA C 264 5.31 5.97 -46.26
N GLN C 265 6.54 5.58 -46.56
CA GLN C 265 7.72 6.16 -45.93
C GLN C 265 8.18 7.40 -46.69
N ILE C 266 8.31 7.25 -48.00
CA ILE C 266 8.74 8.34 -48.86
C ILE C 266 7.70 9.47 -48.88
N ILE C 267 6.51 9.20 -48.35
CA ILE C 267 5.46 10.23 -48.28
C ILE C 267 5.65 10.98 -46.98
N ARG C 268 5.85 10.26 -45.88
CA ARG C 268 6.05 10.91 -44.60
C ARG C 268 7.32 11.74 -44.62
N LYS C 269 8.40 11.19 -45.14
CA LYS C 269 9.66 11.90 -45.20
C LYS C 269 9.57 13.22 -45.93
N VAL C 270 9.10 13.17 -47.17
CA VAL C 270 9.00 14.38 -47.98
C VAL C 270 8.02 15.39 -47.36
N GLY C 271 6.98 14.86 -46.73
CA GLY C 271 6.00 15.72 -46.11
C GLY C 271 6.58 16.46 -44.93
N THR C 272 7.07 15.70 -43.96
CA THR C 272 7.63 16.27 -42.75
C THR C 272 8.95 17.01 -42.91
N ARG C 273 9.76 16.67 -43.89
CA ARG C 273 11.01 17.40 -44.07
C ARG C 273 10.93 18.49 -45.13
N GLU C 274 9.99 18.39 -46.07
CA GLU C 274 9.87 19.41 -47.10
C GLU C 274 8.52 20.10 -47.13
N GLY C 275 7.58 19.59 -46.33
CA GLY C 275 6.26 20.20 -46.27
C GLY C 275 5.44 20.10 -47.54
N ILE C 276 5.86 19.24 -48.46
CA ILE C 276 5.17 19.01 -49.74
C ILE C 276 4.54 17.62 -49.73
N ILE C 277 3.24 17.55 -50.01
CA ILE C 277 2.53 16.27 -50.00
C ILE C 277 2.54 15.52 -51.33
N LEU C 278 2.78 14.22 -51.26
CA LEU C 278 2.83 13.34 -52.43
C LEU C 278 1.84 12.21 -52.21
N ASP C 279 1.64 11.37 -53.21
CA ASP C 279 0.68 10.27 -53.08
C ASP C 279 1.31 8.88 -53.26
N PRO C 280 0.56 7.84 -52.92
CA PRO C 280 1.07 6.48 -53.04
C PRO C 280 0.80 5.68 -54.31
N VAL C 281 0.25 6.31 -55.35
CA VAL C 281 -0.01 5.60 -56.59
C VAL C 281 0.76 6.21 -57.78
N TYR C 282 1.28 7.41 -57.60
CA TYR C 282 2.05 8.06 -58.67
C TYR C 282 3.31 8.80 -58.21
N THR C 283 3.13 9.88 -57.46
CA THR C 283 4.25 10.71 -57.01
C THR C 283 5.24 10.12 -56.02
N GLY C 284 4.74 9.50 -54.96
CA GLY C 284 5.59 8.92 -53.95
C GLY C 284 6.64 7.94 -54.47
N LYS C 285 6.22 7.06 -55.38
CA LYS C 285 7.12 6.08 -55.98
C LYS C 285 8.12 6.73 -56.90
N ALA C 286 7.64 7.63 -57.76
CA ALA C 286 8.50 8.32 -58.71
C ALA C 286 9.53 9.14 -57.98
N PHE C 287 9.26 9.44 -56.71
CA PHE C 287 10.20 10.21 -55.92
C PHE C 287 11.14 9.21 -55.28
N TYR C 288 10.57 8.08 -54.84
CA TYR C 288 11.35 7.02 -54.24
C TYR C 288 12.42 6.73 -55.26
N GLY C 289 12.00 6.26 -56.43
CA GLY C 289 12.96 5.96 -57.48
C GLY C 289 13.96 7.08 -57.60
N LEU C 290 13.51 8.31 -57.42
CA LEU C 290 14.37 9.48 -57.50
C LEU C 290 15.51 9.47 -56.48
N VAL C 291 15.21 9.04 -55.26
CA VAL C 291 16.25 8.98 -54.25
C VAL C 291 17.21 7.84 -54.65
N ASP C 292 16.65 6.69 -55.02
CA ASP C 292 17.44 5.53 -55.45
C ASP C 292 18.52 5.95 -56.45
N LEU C 293 18.08 6.30 -57.65
CA LEU C 293 18.97 6.74 -58.73
C LEU C 293 19.93 7.82 -58.26
N ALA C 294 19.40 8.85 -57.60
CA ALA C 294 20.19 9.97 -57.10
C ALA C 294 21.21 9.49 -56.07
N ARG C 295 20.77 8.63 -55.16
CA ARG C 295 21.69 8.09 -54.19
C ARG C 295 22.71 7.28 -54.99
N LYS C 296 22.23 6.33 -55.81
CA LYS C 296 23.13 5.51 -56.63
C LYS C 296 23.93 6.37 -57.61
N GLY C 297 23.73 7.69 -57.55
CA GLY C 297 24.45 8.59 -58.44
C GLY C 297 24.11 8.43 -59.90
N GLU C 298 22.83 8.18 -60.21
CA GLU C 298 22.43 8.01 -61.59
C GLU C 298 21.48 9.10 -62.10
N LEU C 299 21.67 10.34 -61.67
CA LEU C 299 20.84 11.46 -62.14
C LEU C 299 21.68 12.70 -62.36
N GLY C 300 22.87 12.72 -61.79
CA GLY C 300 23.73 13.88 -61.91
C GLY C 300 23.62 14.67 -60.62
N GLU C 301 24.08 15.91 -60.62
CA GLU C 301 24.04 16.72 -59.41
C GLU C 301 22.93 17.74 -59.46
N LYS C 302 22.26 17.84 -60.60
CA LYS C 302 21.16 18.80 -60.75
C LYS C 302 19.88 18.22 -61.34
N ILE C 303 18.99 17.77 -60.46
CA ILE C 303 17.71 17.14 -60.81
C ILE C 303 16.42 17.92 -60.57
N LEU C 304 15.50 17.82 -61.54
CA LEU C 304 14.19 18.48 -61.48
C LEU C 304 13.13 17.38 -61.33
N PHE C 305 12.34 17.45 -60.27
CA PHE C 305 11.28 16.48 -60.02
C PHE C 305 9.93 17.10 -60.29
N ILE C 306 9.42 16.91 -61.49
CA ILE C 306 8.13 17.45 -61.86
C ILE C 306 7.04 16.81 -61.00
N HIS C 307 6.41 17.61 -60.16
CA HIS C 307 5.34 17.13 -59.30
C HIS C 307 4.06 17.10 -60.12
N THR C 308 3.42 15.93 -60.19
CA THR C 308 2.23 15.73 -61.00
C THR C 308 0.86 15.66 -60.31
N GLY C 309 0.67 16.35 -59.20
CA GLY C 309 -0.60 16.30 -58.51
C GLY C 309 -0.76 14.99 -57.77
N GLY C 310 -1.97 14.45 -57.81
CA GLY C 310 -2.25 13.19 -57.16
C GLY C 310 -2.60 13.22 -55.68
N ILE C 311 -2.59 14.43 -55.09
CA ILE C 311 -2.89 14.59 -53.67
C ILE C 311 -4.17 13.89 -53.23
N SER C 312 -5.10 13.69 -54.15
CA SER C 312 -6.33 13.01 -53.78
C SER C 312 -5.94 11.67 -53.18
N GLY C 313 -4.88 11.08 -53.73
CA GLY C 313 -4.41 9.79 -53.25
C GLY C 313 -4.15 9.68 -51.76
N THR C 314 -3.27 10.53 -51.22
CA THR C 314 -2.96 10.48 -49.80
C THR C 314 -4.20 10.46 -48.91
N PHE C 315 -5.35 10.81 -49.49
CA PHE C 315 -6.61 10.79 -48.73
C PHE C 315 -7.26 9.42 -48.88
N HIS C 316 -7.36 9.01 -50.14
CA HIS C 316 -7.98 7.74 -50.54
C HIS C 316 -7.44 6.55 -49.80
N TYR C 317 -6.15 6.32 -49.94
CA TYR C 317 -5.51 5.18 -49.30
C TYR C 317 -4.79 5.58 -48.02
N GLY C 318 -5.44 6.42 -47.22
CA GLY C 318 -4.84 6.87 -45.97
C GLY C 318 -4.74 5.81 -44.88
N ASP C 319 -5.81 5.02 -44.74
CA ASP C 319 -5.88 3.95 -43.74
C ASP C 319 -4.93 2.80 -44.07
N LYS C 320 -4.66 2.64 -45.37
CA LYS C 320 -3.75 1.61 -45.85
C LYS C 320 -2.31 2.11 -45.71
N LEU C 321 -2.12 3.42 -45.74
CA LEU C 321 -0.79 4.01 -45.58
C LEU C 321 -0.43 4.06 -44.11
N LEU C 322 -1.37 4.51 -43.27
CA LEU C 322 -1.11 4.60 -41.85
C LEU C 322 -0.58 3.28 -41.28
N SER C 323 -1.34 2.20 -41.47
CA SER C 323 -0.95 0.88 -40.99
C SER C 323 0.46 0.47 -41.42
N LEU C 324 0.95 1.08 -42.50
CA LEU C 324 2.30 0.80 -43.00
C LEU C 324 3.37 1.58 -42.27
N LEU C 325 2.97 2.64 -41.58
CA LEU C 325 3.94 3.46 -40.87
C LEU C 325 4.25 2.97 -39.46
N MET D 1 4.80 44.08 -54.09
CA MET D 1 4.82 44.48 -52.66
C MET D 1 4.77 46.00 -52.56
N HIS D 2 3.60 46.54 -52.20
CA HIS D 2 3.43 48.00 -52.08
C HIS D 2 4.41 48.59 -51.05
N PRO D 3 5.23 49.52 -51.51
CA PRO D 3 6.27 50.22 -50.76
C PRO D 3 5.95 50.50 -49.29
N LYS D 4 4.72 50.92 -49.03
CA LYS D 4 4.27 51.28 -47.69
C LYS D 4 4.03 50.09 -46.75
N ILE D 5 3.60 48.96 -47.33
CA ILE D 5 3.37 47.76 -46.55
C ILE D 5 4.78 47.22 -46.33
N PHE D 6 5.59 47.33 -47.38
CA PHE D 6 6.97 46.88 -47.38
C PHE D 6 7.73 47.50 -46.23
N ALA D 7 7.53 48.78 -46.04
CA ALA D 7 8.20 49.49 -44.98
C ALA D 7 7.68 49.03 -43.63
N LEU D 8 6.46 49.43 -43.32
CA LEU D 8 5.86 49.09 -42.06
C LEU D 8 6.09 47.66 -41.59
N LEU D 9 6.48 46.77 -42.50
CA LEU D 9 6.71 45.36 -42.14
C LEU D 9 8.15 44.86 -42.23
N ALA D 10 9.08 45.70 -42.65
CA ALA D 10 10.46 45.27 -42.79
C ALA D 10 11.14 44.87 -41.49
N LYS D 11 10.68 45.44 -40.36
CA LYS D 11 11.28 45.15 -39.07
C LYS D 11 10.79 43.87 -38.44
N PHE D 12 9.76 43.26 -39.01
CA PHE D 12 9.25 42.02 -38.48
C PHE D 12 9.80 40.84 -39.24
N PRO D 13 10.53 39.97 -38.52
CA PRO D 13 11.18 38.75 -39.01
C PRO D 13 10.22 37.59 -39.23
N ARG D 14 10.54 36.77 -40.22
CA ARG D 14 9.72 35.62 -40.54
C ARG D 14 10.50 34.49 -41.21
N VAL D 15 9.77 33.45 -41.59
CA VAL D 15 10.33 32.30 -42.31
C VAL D 15 9.65 32.42 -43.67
N GLU D 16 10.44 32.54 -44.72
CA GLU D 16 9.91 32.67 -46.06
C GLU D 16 9.48 31.31 -46.57
N LEU D 17 8.23 30.96 -46.29
CA LEU D 17 7.68 29.67 -46.71
C LEU D 17 7.14 29.67 -48.14
N ILE D 18 6.40 30.71 -48.53
CA ILE D 18 5.79 30.81 -49.85
C ILE D 18 6.79 31.23 -50.95
N PRO D 19 6.88 30.45 -52.04
CA PRO D 19 7.80 30.74 -53.14
C PRO D 19 7.44 31.81 -54.17
N TRP D 20 6.15 31.94 -54.48
CA TRP D 20 5.67 32.89 -55.47
C TRP D 20 4.47 33.68 -54.97
N GLU D 21 4.00 34.62 -55.79
CA GLU D 21 2.82 35.41 -55.43
C GLU D 21 1.66 34.52 -55.88
N THR D 22 0.66 34.33 -55.02
CA THR D 22 -0.47 33.49 -55.40
C THR D 22 -1.29 34.23 -56.45
N PRO D 23 -1.51 33.60 -57.60
CA PRO D 23 -2.26 34.20 -58.70
C PRO D 23 -3.70 34.64 -58.43
N ILE D 24 -4.17 35.59 -59.24
CA ILE D 24 -5.52 36.12 -59.18
C ILE D 24 -6.16 35.91 -60.54
N GLN D 25 -7.32 35.24 -60.57
CA GLN D 25 -8.03 34.97 -61.82
C GLN D 25 -9.43 35.55 -61.81
N TYR D 26 -9.96 35.83 -63.00
CA TYR D 26 -11.32 36.36 -63.15
C TYR D 26 -12.28 35.17 -63.17
N LEU D 27 -13.45 35.33 -62.59
CA LEU D 27 -14.43 34.25 -62.59
C LEU D 27 -15.64 34.66 -63.41
N PRO D 28 -15.69 34.22 -64.68
CA PRO D 28 -16.73 34.47 -65.71
C PRO D 28 -18.15 34.00 -65.45
N ASN D 29 -18.31 32.73 -65.15
CA ASN D 29 -19.62 32.13 -64.92
C ASN D 29 -20.34 32.53 -63.65
N ILE D 30 -19.60 32.91 -62.62
CA ILE D 30 -20.20 33.33 -61.36
C ILE D 30 -20.51 34.82 -61.48
N SER D 31 -19.76 35.53 -62.31
CA SER D 31 -20.01 36.94 -62.52
C SER D 31 -21.31 37.10 -63.30
N ARG D 32 -21.40 36.40 -64.43
CA ARG D 32 -22.59 36.43 -65.29
C ARG D 32 -23.81 36.24 -64.40
N GLU D 33 -23.82 35.18 -63.60
CA GLU D 33 -24.93 34.90 -62.70
C GLU D 33 -25.23 35.97 -61.65
N ILE D 34 -24.20 36.37 -60.90
CA ILE D 34 -24.33 37.35 -59.83
C ILE D 34 -24.60 38.79 -60.28
N GLY D 35 -23.97 39.22 -61.38
CA GLY D 35 -24.17 40.58 -61.85
C GLY D 35 -23.08 41.55 -61.41
N ALA D 36 -21.92 40.99 -61.10
CA ALA D 36 -20.77 41.77 -60.65
C ALA D 36 -19.51 40.99 -61.00
N ASP D 37 -18.46 41.69 -61.40
CA ASP D 37 -17.24 40.97 -61.70
C ASP D 37 -16.75 40.39 -60.39
N VAL D 38 -16.29 39.16 -60.42
CA VAL D 38 -15.79 38.52 -59.22
C VAL D 38 -14.54 37.73 -59.57
N TYR D 39 -13.40 38.19 -59.07
CA TYR D 39 -12.12 37.53 -59.31
C TYR D 39 -11.81 36.70 -58.06
N ILE D 40 -10.74 35.90 -58.09
CA ILE D 40 -10.40 35.07 -56.95
C ILE D 40 -8.90 34.99 -56.74
N LYS D 41 -8.43 35.31 -55.54
CA LYS D 41 -7.01 35.19 -55.26
C LYS D 41 -6.81 33.81 -54.69
N ARG D 42 -6.02 33.02 -55.39
CA ARG D 42 -5.77 31.65 -55.03
C ARG D 42 -4.75 31.38 -53.93
N ASP D 43 -5.10 31.74 -52.70
CA ASP D 43 -4.23 31.51 -51.57
C ASP D 43 -4.35 30.06 -51.11
N ASP D 44 -4.80 29.20 -52.02
CA ASP D 44 -4.92 27.79 -51.70
C ASP D 44 -3.75 27.16 -52.43
N LEU D 45 -3.11 27.95 -53.28
CA LEU D 45 -1.97 27.49 -54.04
C LEU D 45 -0.70 28.06 -53.41
N THR D 46 -0.72 28.22 -52.09
CA THR D 46 0.43 28.77 -51.38
C THR D 46 1.60 27.81 -51.32
N GLY D 47 1.35 26.52 -51.27
CA GLY D 47 2.46 25.59 -51.31
C GLY D 47 2.80 24.66 -50.15
N LEU D 48 2.54 25.04 -48.92
CA LEU D 48 2.92 24.14 -47.87
C LEU D 48 1.75 23.26 -47.42
N GLY D 49 1.97 21.95 -47.46
CA GLY D 49 0.95 21.01 -47.06
C GLY D 49 -0.19 21.00 -48.05
N ILE D 50 -1.37 21.43 -47.59
CA ILE D 50 -2.58 21.49 -48.40
C ILE D 50 -2.91 22.93 -48.79
N GLY D 51 -1.90 23.79 -48.85
CA GLY D 51 -2.15 25.19 -49.18
C GLY D 51 -3.05 25.84 -48.15
N GLY D 52 -3.40 27.10 -48.35
CA GLY D 52 -4.27 27.75 -47.40
C GLY D 52 -3.79 29.06 -46.80
N ASN D 53 -4.71 29.78 -46.20
CA ASN D 53 -4.42 31.08 -45.61
C ASN D 53 -3.51 31.04 -44.38
N LYS D 54 -3.34 29.86 -43.79
CA LYS D 54 -2.51 29.77 -42.62
C LYS D 54 -1.01 29.78 -42.89
N ILE D 55 -0.60 29.33 -44.07
CA ILE D 55 0.81 29.31 -44.41
C ILE D 55 1.34 30.74 -44.38
N ARG D 56 0.47 31.71 -44.61
CA ARG D 56 0.89 33.11 -44.59
C ARG D 56 1.07 33.59 -43.15
N LYS D 57 0.25 33.10 -42.24
CA LYS D 57 0.37 33.50 -40.85
C LYS D 57 1.60 32.87 -40.19
N LEU D 58 1.91 31.65 -40.62
CA LEU D 58 3.01 30.87 -40.09
C LEU D 58 4.37 31.35 -40.56
N GLU D 59 4.39 32.34 -41.46
CA GLU D 59 5.67 32.87 -41.91
C GLU D 59 6.24 33.65 -40.74
N TYR D 60 5.37 34.43 -40.09
CA TYR D 60 5.74 35.23 -38.94
C TYR D 60 5.63 34.45 -37.63
N LEU D 61 4.64 33.55 -37.55
CA LEU D 61 4.50 32.75 -36.35
C LEU D 61 5.68 31.82 -36.16
N LEU D 62 5.84 30.86 -37.07
CA LEU D 62 6.94 29.91 -36.97
C LEU D 62 8.27 30.63 -36.88
N GLY D 63 8.27 31.89 -37.32
CA GLY D 63 9.49 32.68 -37.25
C GLY D 63 9.67 33.22 -35.85
N ASP D 64 8.56 33.54 -35.19
CA ASP D 64 8.57 34.08 -33.83
C ASP D 64 8.84 32.96 -32.84
N ALA D 65 8.68 31.72 -33.29
CA ALA D 65 8.90 30.55 -32.45
C ALA D 65 10.38 30.25 -32.55
N LEU D 66 10.93 30.51 -33.73
CA LEU D 66 12.35 30.30 -34.00
C LEU D 66 13.14 31.27 -33.14
N SER D 67 12.80 32.54 -33.28
CA SER D 67 13.45 33.62 -32.53
C SER D 67 13.55 33.33 -31.04
N LYS D 68 12.42 33.01 -30.41
CA LYS D 68 12.41 32.73 -28.99
C LYS D 68 12.91 31.32 -28.64
N GLY D 69 13.73 30.75 -29.51
CA GLY D 69 14.28 29.43 -29.30
C GLY D 69 13.33 28.38 -28.78
N ALA D 70 12.26 28.12 -29.52
CA ALA D 70 11.28 27.11 -29.13
C ALA D 70 11.75 25.82 -29.77
N ASP D 71 11.31 24.69 -29.22
CA ASP D 71 11.73 23.42 -29.78
C ASP D 71 10.53 22.48 -29.86
N VAL D 72 9.34 23.05 -29.74
CA VAL D 72 8.13 22.25 -29.79
C VAL D 72 6.92 23.18 -29.95
N VAL D 73 6.22 23.04 -31.07
CA VAL D 73 5.06 23.86 -31.36
C VAL D 73 3.74 23.23 -30.92
N ILE D 74 2.91 24.04 -30.27
CA ILE D 74 1.60 23.62 -29.75
C ILE D 74 0.47 24.48 -30.31
N THR D 75 -0.57 23.85 -30.85
CA THR D 75 -1.71 24.59 -31.36
C THR D 75 -3.03 23.85 -31.09
N VAL D 76 -4.15 24.54 -31.30
CA VAL D 76 -5.46 23.95 -31.04
C VAL D 76 -6.41 24.06 -32.24
N GLY D 77 -7.60 23.47 -32.12
CA GLY D 77 -8.57 23.55 -33.19
C GLY D 77 -9.48 22.33 -33.35
N ALA D 78 -10.43 22.40 -34.28
CA ALA D 78 -11.32 21.26 -34.51
C ALA D 78 -10.50 20.10 -35.04
N VAL D 79 -10.92 18.89 -34.77
CA VAL D 79 -10.18 17.71 -35.23
C VAL D 79 -9.87 17.79 -36.72
N HIS D 80 -10.69 18.52 -37.47
CA HIS D 80 -10.51 18.66 -38.92
C HIS D 80 -9.74 19.92 -39.31
N SER D 81 -9.31 20.69 -38.31
CA SER D 81 -8.57 21.93 -38.51
C SER D 81 -7.56 21.94 -39.67
N ASN D 82 -7.53 23.04 -40.42
CA ASN D 82 -6.61 23.20 -41.55
C ASN D 82 -5.38 23.92 -41.01
N HIS D 83 -5.60 24.72 -39.98
CA HIS D 83 -4.54 25.46 -39.31
C HIS D 83 -3.66 24.45 -38.58
N ALA D 84 -4.31 23.57 -37.82
CA ALA D 84 -3.68 22.55 -37.02
C ALA D 84 -2.79 21.59 -37.77
N PHE D 85 -3.16 21.24 -39.00
CA PHE D 85 -2.36 20.32 -39.80
C PHE D 85 -1.19 21.06 -40.39
N VAL D 86 -1.50 22.13 -41.07
CA VAL D 86 -0.50 22.95 -41.71
C VAL D 86 0.51 23.48 -40.70
N THR D 87 0.07 23.78 -39.48
CA THR D 87 0.99 24.28 -38.45
C THR D 87 1.99 23.21 -38.05
N GLY D 88 1.50 22.01 -37.79
CA GLY D 88 2.37 20.93 -37.41
C GLY D 88 3.33 20.49 -38.50
N LEU D 89 2.84 20.40 -39.72
CA LEU D 89 3.69 19.98 -40.83
C LEU D 89 4.84 20.98 -40.99
N ALA D 90 4.50 22.25 -41.13
CA ALA D 90 5.52 23.25 -41.29
C ALA D 90 6.49 23.20 -40.12
N ALA D 91 5.94 23.06 -38.91
CA ALA D 91 6.81 22.97 -37.74
C ALA D 91 7.88 21.93 -38.10
N LYS D 92 7.51 20.66 -38.16
CA LYS D 92 8.43 19.57 -38.52
C LYS D 92 9.39 19.92 -39.65
N LYS D 93 8.90 20.64 -40.65
CA LYS D 93 9.77 21.01 -41.76
C LYS D 93 10.93 21.83 -41.20
N LEU D 94 10.61 22.87 -40.45
CA LEU D 94 11.66 23.69 -39.85
C LEU D 94 12.46 22.87 -38.81
N GLY D 95 11.90 21.74 -38.36
CA GLY D 95 12.60 20.91 -37.40
C GLY D 95 12.16 20.98 -35.94
N LEU D 96 10.97 21.53 -35.68
CA LEU D 96 10.47 21.62 -34.32
C LEU D 96 9.49 20.48 -34.12
N ASP D 97 9.29 20.04 -32.88
CA ASP D 97 8.35 18.97 -32.64
C ASP D 97 6.99 19.63 -32.67
N ALA D 98 5.94 18.83 -32.68
CA ALA D 98 4.60 19.38 -32.69
C ALA D 98 3.57 18.52 -31.95
N ILE D 99 2.57 19.19 -31.39
CA ILE D 99 1.48 18.52 -30.68
C ILE D 99 0.20 19.28 -31.01
N LEU D 100 -0.77 18.58 -31.59
CA LEU D 100 -2.05 19.19 -31.96
C LEU D 100 -3.14 18.97 -30.92
N VAL D 101 -3.55 20.05 -30.28
CA VAL D 101 -4.62 19.94 -29.29
C VAL D 101 -5.95 20.14 -30.00
N LEU D 102 -6.35 19.10 -30.75
CA LEU D 102 -7.59 19.08 -31.53
C LEU D 102 -8.81 18.68 -30.70
N ARG D 103 -9.99 19.03 -31.21
CA ARG D 103 -11.22 18.67 -30.52
C ARG D 103 -12.24 18.03 -31.42
N GLY D 104 -12.98 17.09 -30.84
CA GLY D 104 -14.05 16.40 -31.53
C GLY D 104 -13.91 14.92 -31.88
N LYS D 105 -14.80 14.53 -32.78
CA LYS D 105 -14.90 13.18 -33.33
C LYS D 105 -13.46 12.79 -33.65
N GLU D 106 -13.05 11.58 -33.32
CA GLU D 106 -11.69 11.21 -33.63
C GLU D 106 -11.66 10.37 -34.91
N GLU D 107 -12.43 10.81 -35.90
CA GLU D 107 -12.50 10.15 -37.20
C GLU D 107 -11.15 10.16 -37.91
N LEU D 108 -10.86 9.08 -38.63
CA LEU D 108 -9.59 8.98 -39.36
C LEU D 108 -9.80 9.32 -40.82
N LYS D 109 -9.91 10.61 -41.11
CA LYS D 109 -10.10 11.07 -42.47
C LYS D 109 -9.97 12.57 -42.44
N GLY D 110 -9.77 13.18 -43.60
CA GLY D 110 -9.64 14.61 -43.64
C GLY D 110 -8.29 15.04 -43.13
N ASN D 111 -8.25 16.06 -42.27
CA ASN D 111 -6.97 16.52 -41.73
C ASN D 111 -6.42 15.65 -40.60
N TYR D 112 -7.28 14.94 -39.89
CA TYR D 112 -6.79 14.09 -38.81
C TYR D 112 -5.94 13.04 -39.51
N LEU D 113 -6.47 12.53 -40.62
CA LEU D 113 -5.77 11.50 -41.41
C LEU D 113 -4.39 12.01 -41.78
N LEU D 114 -4.36 13.16 -42.45
CA LEU D 114 -3.11 13.79 -42.90
C LEU D 114 -2.07 13.90 -41.79
N ASP D 115 -2.51 14.28 -40.59
CA ASP D 115 -1.60 14.39 -39.46
C ASP D 115 -0.93 13.04 -39.33
N LYS D 116 -1.67 12.12 -38.72
CA LYS D 116 -1.24 10.76 -38.49
C LYS D 116 -0.35 10.22 -39.59
N ILE D 117 -0.78 10.36 -40.84
CA ILE D 117 0.02 9.87 -41.95
C ILE D 117 1.42 10.47 -41.86
N MET D 118 1.50 11.77 -41.61
CA MET D 118 2.79 12.43 -41.51
C MET D 118 3.42 12.24 -40.12
N GLY D 119 2.72 11.59 -39.22
CA GLY D 119 3.26 11.36 -37.89
C GLY D 119 3.22 12.57 -36.98
N ILE D 120 2.25 13.45 -37.17
CA ILE D 120 2.14 14.62 -36.30
C ILE D 120 1.44 14.09 -35.08
N GLU D 121 1.89 14.48 -33.90
CA GLU D 121 1.26 14.01 -32.67
C GLU D 121 0.00 14.78 -32.45
N THR D 122 -1.06 14.08 -32.04
CA THR D 122 -2.32 14.72 -31.78
C THR D 122 -2.84 14.29 -30.43
N ARG D 123 -3.68 15.14 -29.84
CA ARG D 123 -4.28 14.85 -28.56
C ARG D 123 -5.72 15.36 -28.54
N VAL D 124 -6.62 14.51 -29.01
CA VAL D 124 -8.04 14.81 -29.10
C VAL D 124 -8.72 14.97 -27.75
N TYR D 125 -9.43 16.08 -27.54
CA TYR D 125 -10.16 16.30 -26.30
C TYR D 125 -11.66 16.43 -26.55
N ASP D 126 -12.41 16.55 -25.47
CA ASP D 126 -13.86 16.70 -25.51
C ASP D 126 -14.13 17.86 -24.57
N ALA D 127 -13.68 19.02 -25.00
CA ALA D 127 -13.81 20.25 -24.23
C ALA D 127 -14.61 21.30 -24.99
N LYS D 128 -15.78 21.65 -24.45
CA LYS D 128 -16.70 22.65 -25.00
C LYS D 128 -16.29 23.15 -26.38
N ASP D 129 -17.20 23.08 -27.36
CA ASP D 129 -16.84 23.52 -28.69
C ASP D 129 -16.72 25.03 -28.83
N SER D 130 -15.87 25.59 -27.98
CA SER D 130 -15.57 27.01 -27.93
C SER D 130 -14.06 26.97 -27.77
N PHE D 131 -13.43 26.08 -28.55
CA PHE D 131 -11.99 25.83 -28.57
C PHE D 131 -11.27 26.20 -27.28
N GLU D 132 -12.00 26.12 -26.16
CA GLU D 132 -11.46 26.43 -24.84
C GLU D 132 -10.44 25.33 -24.49
N LEU D 133 -9.87 24.77 -25.57
CA LEU D 133 -8.85 23.75 -25.49
C LEU D 133 -7.57 24.57 -25.46
N MET D 134 -7.73 25.84 -25.13
CA MET D 134 -6.60 26.74 -25.05
C MET D 134 -5.94 26.57 -23.69
N LYS D 135 -6.76 26.31 -22.69
CA LYS D 135 -6.28 26.10 -21.32
C LYS D 135 -5.56 24.76 -21.31
N TYR D 136 -5.97 23.88 -22.21
CA TYR D 136 -5.36 22.56 -22.36
C TYR D 136 -4.03 22.58 -23.09
N ALA D 137 -3.86 23.45 -24.08
CA ALA D 137 -2.60 23.49 -24.79
C ALA D 137 -1.54 24.06 -23.83
N GLU D 138 -1.99 24.99 -22.99
CA GLU D 138 -1.12 25.65 -22.02
C GLU D 138 -0.67 24.65 -20.92
N GLU D 139 -1.58 23.78 -20.50
CA GLU D 139 -1.29 22.76 -19.48
C GLU D 139 -0.20 21.84 -20.04
N ILE D 140 -0.45 21.33 -21.24
CA ILE D 140 0.48 20.44 -21.94
C ILE D 140 1.85 21.10 -22.04
N ALA D 141 1.86 22.41 -22.26
CA ALA D 141 3.11 23.14 -22.39
C ALA D 141 3.76 23.37 -21.03
N GLU D 142 3.01 23.95 -20.10
CA GLU D 142 3.50 24.24 -18.75
C GLU D 142 4.22 23.02 -18.20
N GLU D 143 3.62 21.85 -18.42
CA GLU D 143 4.22 20.60 -18.02
C GLU D 143 5.43 20.44 -18.94
N LEU D 144 5.19 20.40 -20.24
CA LEU D 144 6.25 20.24 -21.24
C LEU D 144 7.44 21.09 -20.85
N LYS D 145 7.12 22.23 -20.24
CA LYS D 145 8.08 23.22 -19.77
C LYS D 145 8.97 22.65 -18.66
N ARG D 146 8.37 21.82 -17.78
CA ARG D 146 9.07 21.21 -16.66
C ARG D 146 10.17 20.23 -17.10
N GLU D 147 10.64 20.40 -18.33
CA GLU D 147 11.71 19.56 -18.86
C GLU D 147 12.55 20.35 -19.86
N GLY D 148 12.82 21.61 -19.54
CA GLY D 148 13.63 22.43 -20.42
C GLY D 148 12.95 22.63 -21.75
N ARG D 149 12.23 21.60 -22.21
CA ARG D 149 11.49 21.67 -23.47
C ARG D 149 10.83 23.04 -23.54
N LYS D 150 11.27 23.85 -24.49
CA LYS D 150 10.70 25.17 -24.61
C LYS D 150 9.58 25.17 -25.63
N PRO D 151 8.33 25.14 -25.14
CA PRO D 151 7.18 25.14 -26.02
C PRO D 151 6.79 26.56 -26.35
N TYR D 152 6.07 26.70 -27.44
CA TYR D 152 5.59 27.99 -27.94
C TYR D 152 4.15 27.69 -28.31
N VAL D 153 3.21 28.47 -27.79
CA VAL D 153 1.82 28.19 -28.09
C VAL D 153 1.18 29.12 -29.11
N ILE D 154 0.45 28.54 -30.05
CA ILE D 154 -0.23 29.32 -31.06
C ILE D 154 -1.74 29.33 -30.88
N PRO D 155 -2.34 30.52 -30.85
CA PRO D 155 -3.78 30.67 -30.67
C PRO D 155 -4.57 29.98 -31.77
N PRO D 156 -5.91 29.93 -31.63
CA PRO D 156 -6.79 29.30 -32.60
C PRO D 156 -6.70 30.00 -33.97
N GLY D 157 -6.33 29.26 -35.00
CA GLY D 157 -6.20 29.84 -36.33
C GLY D 157 -4.96 30.69 -36.51
N GLY D 158 -4.12 30.73 -35.48
CA GLY D 158 -2.91 31.52 -35.54
C GLY D 158 -3.26 32.98 -35.42
N ALA D 159 -4.50 33.26 -35.00
CA ALA D 159 -5.02 34.61 -34.87
C ALA D 159 -4.22 35.42 -33.86
N SER D 160 -2.92 35.40 -34.02
CA SER D 160 -2.01 36.13 -33.14
C SER D 160 -1.74 37.46 -33.81
N PRO D 161 -1.76 38.58 -33.04
CA PRO D 161 -1.51 39.87 -33.68
C PRO D 161 -0.30 39.85 -34.63
N ILE D 162 0.70 39.06 -34.28
CA ILE D 162 1.91 38.93 -35.07
C ILE D 162 1.74 38.16 -36.38
N GLY D 163 0.88 37.15 -36.37
CA GLY D 163 0.65 36.36 -37.57
C GLY D 163 -0.48 36.95 -38.41
N THR D 164 -1.11 37.98 -37.87
CA THR D 164 -2.20 38.69 -38.52
C THR D 164 -1.56 39.56 -39.58
N LEU D 165 -0.24 39.62 -39.55
CA LEU D 165 0.49 40.41 -40.53
C LEU D 165 0.70 39.55 -41.76
N GLY D 166 0.22 38.31 -41.70
CA GLY D 166 0.35 37.43 -42.84
C GLY D 166 -0.49 37.97 -43.98
N TYR D 167 -1.67 38.48 -43.65
CA TYR D 167 -2.56 39.05 -44.67
C TYR D 167 -2.45 40.55 -44.73
N VAL D 168 -1.39 41.08 -44.12
CA VAL D 168 -1.14 42.51 -44.19
C VAL D 168 -0.12 42.55 -45.32
N ARG D 169 0.67 41.49 -45.42
CA ARG D 169 1.66 41.37 -46.49
C ARG D 169 0.87 40.96 -47.72
N ALA D 170 -0.17 40.18 -47.49
CA ALA D 170 -1.03 39.71 -48.56
C ALA D 170 -1.66 40.89 -49.32
N VAL D 171 -2.31 41.80 -48.60
CA VAL D 171 -2.93 42.92 -49.29
C VAL D 171 -1.90 43.65 -50.15
N GLY D 172 -0.71 43.86 -49.60
CA GLY D 172 0.33 44.53 -50.35
C GLY D 172 0.73 43.74 -51.58
N GLU D 173 0.73 42.42 -51.48
CA GLU D 173 1.07 41.59 -52.63
C GLU D 173 -0.09 41.80 -53.59
N ILE D 174 -1.30 41.92 -53.04
CA ILE D 174 -2.46 42.16 -53.87
C ILE D 174 -2.21 43.44 -54.65
N ALA D 175 -2.26 44.57 -53.95
CA ALA D 175 -2.05 45.88 -54.54
C ALA D 175 -1.19 45.87 -55.79
N THR D 176 -0.08 45.14 -55.75
CA THR D 176 0.82 45.09 -56.89
C THR D 176 0.46 44.09 -57.97
N GLN D 177 0.30 42.83 -57.62
CA GLN D 177 -0.01 41.83 -58.61
C GLN D 177 -1.26 42.24 -59.39
N SER D 178 -2.21 42.86 -58.69
CA SER D 178 -3.49 43.24 -59.28
C SER D 178 -3.53 44.29 -60.38
N GLU D 179 -4.40 44.04 -61.37
CA GLU D 179 -4.65 44.92 -62.51
C GLU D 179 -5.99 45.61 -62.25
N VAL D 180 -6.73 45.08 -61.28
CA VAL D 180 -8.05 45.58 -60.94
C VAL D 180 -8.18 46.44 -59.66
N LYS D 181 -9.18 47.32 -59.68
CA LYS D 181 -9.48 48.19 -58.57
C LYS D 181 -10.74 47.62 -57.93
N PHE D 182 -10.56 46.84 -56.86
CA PHE D 182 -11.67 46.20 -56.16
C PHE D 182 -12.41 47.16 -55.24
N ASP D 183 -13.72 46.94 -55.12
CA ASP D 183 -14.58 47.76 -54.28
C ASP D 183 -14.68 47.12 -52.93
N SER D 184 -14.36 45.82 -52.90
CA SER D 184 -14.40 45.03 -51.70
C SER D 184 -13.62 43.74 -51.87
N ILE D 185 -13.10 43.24 -50.75
CA ILE D 185 -12.36 42.01 -50.73
C ILE D 185 -12.98 41.11 -49.66
N VAL D 186 -13.47 39.95 -50.10
CA VAL D 186 -14.13 38.97 -49.22
C VAL D 186 -13.26 37.77 -48.85
N VAL D 187 -13.37 37.38 -47.58
CA VAL D 187 -12.63 36.26 -47.00
C VAL D 187 -13.50 35.67 -45.88
N ALA D 188 -13.34 34.39 -45.59
CA ALA D 188 -14.11 33.77 -44.51
C ALA D 188 -13.56 34.17 -43.13
N ALA D 189 -14.45 34.41 -42.18
CA ALA D 189 -14.06 34.80 -40.83
C ALA D 189 -14.17 33.69 -39.80
N GLY D 190 -13.15 32.85 -39.71
CA GLY D 190 -13.18 31.81 -38.70
C GLY D 190 -12.84 32.49 -37.38
N SER D 191 -11.54 32.60 -37.10
CA SER D 191 -11.06 33.22 -35.87
C SER D 191 -11.01 34.73 -36.07
N GLY D 192 -11.00 35.14 -37.32
CA GLY D 192 -10.98 36.56 -37.63
C GLY D 192 -9.61 37.13 -37.87
N GLY D 193 -8.62 36.25 -38.00
CA GLY D 193 -7.28 36.73 -38.22
C GLY D 193 -7.12 37.36 -39.59
N THR D 194 -7.43 36.59 -40.62
CA THR D 194 -7.32 37.06 -41.99
C THR D 194 -8.04 38.38 -42.16
N LEU D 195 -9.21 38.49 -41.52
CA LEU D 195 -10.04 39.71 -41.61
C LEU D 195 -9.30 40.85 -40.94
N ALA D 196 -8.60 40.53 -39.85
CA ALA D 196 -7.87 41.54 -39.11
C ALA D 196 -6.64 42.06 -39.84
N GLY D 197 -5.92 41.19 -40.54
CA GLY D 197 -4.75 41.64 -41.26
C GLY D 197 -5.14 42.33 -42.57
N LEU D 198 -6.32 41.97 -43.06
CA LEU D 198 -6.87 42.51 -44.30
C LEU D 198 -7.31 43.95 -44.07
N SER D 199 -7.92 44.17 -42.93
CA SER D 199 -8.42 45.47 -42.54
C SER D 199 -7.26 46.40 -42.31
N LEU D 200 -6.22 45.89 -41.69
CA LEU D 200 -5.04 46.68 -41.43
C LEU D 200 -4.45 47.13 -42.77
N GLY D 201 -4.09 46.14 -43.59
CA GLY D 201 -3.50 46.40 -44.89
C GLY D 201 -4.33 47.24 -45.85
N LEU D 202 -5.65 47.10 -45.80
CA LEU D 202 -6.50 47.89 -46.68
C LEU D 202 -6.65 49.32 -46.15
N SER D 203 -6.49 49.46 -44.83
CA SER D 203 -6.55 50.72 -44.12
C SER D 203 -5.25 51.49 -44.33
N ILE D 204 -4.14 50.74 -44.22
CA ILE D 204 -2.80 51.29 -44.40
C ILE D 204 -2.70 51.79 -45.82
N LEU D 205 -3.06 50.95 -46.78
CA LEU D 205 -3.02 51.35 -48.17
C LEU D 205 -3.95 52.55 -48.32
N ASN D 206 -5.17 52.41 -47.82
CA ASN D 206 -6.11 53.51 -47.86
C ASN D 206 -6.70 53.83 -49.25
N GLU D 207 -7.15 52.81 -49.97
CA GLU D 207 -7.79 53.02 -51.27
C GLU D 207 -9.25 53.00 -50.80
N ASP D 208 -10.21 52.88 -51.68
CA ASP D 208 -11.58 52.84 -51.16
C ASP D 208 -12.08 51.41 -51.07
N ILE D 209 -11.17 50.49 -50.76
CA ILE D 209 -11.49 49.08 -50.64
C ILE D 209 -12.08 48.75 -49.27
N ARG D 210 -13.02 47.80 -49.27
CA ARG D 210 -13.69 47.37 -48.06
C ARG D 210 -13.33 45.94 -47.75
N PRO D 211 -13.04 45.64 -46.47
CA PRO D 211 -12.69 44.28 -46.07
C PRO D 211 -13.99 43.59 -45.70
N VAL D 212 -14.32 42.52 -46.41
CA VAL D 212 -15.56 41.84 -46.10
C VAL D 212 -15.31 40.44 -45.61
N GLY D 213 -15.86 40.17 -44.43
CA GLY D 213 -15.72 38.88 -43.82
C GLY D 213 -17.07 38.24 -43.64
N ILE D 214 -17.15 36.99 -44.08
CA ILE D 214 -18.35 36.19 -44.00
C ILE D 214 -18.14 35.25 -42.82
N ALA D 215 -18.70 35.57 -41.67
CA ALA D 215 -18.55 34.73 -40.48
C ALA D 215 -19.15 33.36 -40.75
N VAL D 216 -18.48 32.33 -40.26
CA VAL D 216 -18.95 30.96 -40.47
C VAL D 216 -19.25 30.24 -39.17
N GLY D 217 -19.64 30.96 -38.14
CA GLY D 217 -19.93 30.28 -36.89
C GLY D 217 -20.64 31.07 -35.84
N ARG D 218 -20.00 31.24 -34.67
CA ARG D 218 -20.57 31.98 -33.55
C ARG D 218 -20.90 33.40 -34.01
N PHE D 219 -20.44 34.41 -33.25
CA PHE D 219 -20.65 35.81 -33.60
C PHE D 219 -20.84 36.68 -32.36
N GLY D 220 -22.08 37.09 -32.11
CA GLY D 220 -22.37 37.91 -30.94
C GLY D 220 -21.29 38.92 -30.56
N GLU D 221 -21.31 39.35 -29.30
CA GLU D 221 -20.36 40.34 -28.80
C GLU D 221 -18.97 39.74 -28.58
N VAL D 222 -18.93 38.45 -28.25
CA VAL D 222 -17.69 37.73 -28.03
C VAL D 222 -16.68 38.13 -29.13
N MET D 223 -16.75 37.41 -30.26
CA MET D 223 -15.89 37.61 -31.40
C MET D 223 -15.75 39.06 -31.86
N THR D 224 -16.86 39.78 -31.85
CA THR D 224 -16.87 41.16 -32.27
C THR D 224 -15.87 42.03 -31.53
N SER D 225 -15.54 41.67 -30.29
CA SER D 225 -14.59 42.46 -29.51
C SER D 225 -13.16 41.94 -29.60
N LYS D 226 -13.02 40.65 -29.87
CA LYS D 226 -11.72 40.01 -30.05
C LYS D 226 -11.20 40.41 -31.43
N LEU D 227 -12.07 40.45 -32.43
CA LEU D 227 -11.66 40.85 -33.75
C LEU D 227 -11.09 42.26 -33.67
N ASP D 228 -11.89 43.17 -33.12
CA ASP D 228 -11.47 44.55 -32.97
C ASP D 228 -10.13 44.67 -32.28
N ASN D 229 -10.10 44.32 -30.99
CA ASN D 229 -8.88 44.39 -30.21
C ASN D 229 -7.70 43.71 -30.92
N LEU D 230 -7.98 42.80 -31.85
CA LEU D 230 -6.91 42.10 -32.58
C LEU D 230 -6.33 43.00 -33.66
N ILE D 231 -7.17 43.47 -34.58
CA ILE D 231 -6.68 44.32 -35.65
C ILE D 231 -5.99 45.52 -35.00
N LYS D 232 -6.62 46.06 -33.95
CA LYS D 232 -6.09 47.22 -33.25
C LYS D 232 -4.78 46.95 -32.53
N GLU D 233 -4.60 45.74 -32.03
CA GLU D 233 -3.37 45.39 -31.33
C GLU D 233 -2.23 45.21 -32.32
N ALA D 234 -2.59 44.78 -33.54
CA ALA D 234 -1.59 44.55 -34.58
C ALA D 234 -1.21 45.86 -35.26
N ALA D 235 -2.09 46.85 -35.15
CA ALA D 235 -1.86 48.17 -35.73
C ALA D 235 -0.81 48.91 -34.90
N GLU D 236 -0.63 48.48 -33.66
CA GLU D 236 0.34 49.09 -32.78
C GLU D 236 1.70 48.54 -33.13
N LEU D 237 1.72 47.29 -33.55
CA LEU D 237 2.98 46.67 -33.94
C LEU D 237 3.57 47.42 -35.12
N LEU D 238 2.70 47.98 -35.95
CA LEU D 238 3.16 48.74 -37.11
C LEU D 238 2.96 50.19 -36.74
N GLY D 239 2.49 50.40 -35.53
CA GLY D 239 2.26 51.75 -35.07
C GLY D 239 1.51 52.59 -36.09
N VAL D 240 0.28 52.20 -36.40
CA VAL D 240 -0.56 52.94 -37.35
C VAL D 240 -2.00 53.05 -36.82
N LYS D 241 -2.76 54.00 -37.37
CA LYS D 241 -4.15 54.30 -36.96
C LYS D 241 -5.15 53.23 -37.42
N VAL D 242 -6.16 52.96 -36.60
CA VAL D 242 -7.15 51.96 -36.94
C VAL D 242 -8.43 52.64 -37.44
N GLU D 243 -8.75 52.41 -38.70
CA GLU D 243 -9.92 53.01 -39.32
C GLU D 243 -11.10 52.05 -39.21
N VAL D 244 -12.02 52.37 -38.28
CA VAL D 244 -13.23 51.60 -38.03
C VAL D 244 -13.21 50.16 -38.58
N ARG D 245 -13.43 49.21 -37.68
CA ARG D 245 -13.43 47.79 -38.01
C ARG D 245 -14.21 47.51 -39.30
N PRO D 246 -14.00 46.33 -39.88
CA PRO D 246 -14.65 45.88 -41.11
C PRO D 246 -16.10 45.40 -41.03
N GLU D 247 -16.54 44.84 -42.16
CA GLU D 247 -17.89 44.32 -42.33
C GLU D 247 -17.83 42.82 -42.09
N LEU D 248 -18.84 42.27 -41.43
CA LEU D 248 -18.87 40.88 -41.10
C LEU D 248 -20.28 40.35 -41.05
N TYR D 249 -20.74 39.69 -42.11
CA TYR D 249 -22.09 39.15 -42.14
C TYR D 249 -22.10 37.70 -41.71
N ASP D 250 -23.25 37.25 -41.25
CA ASP D 250 -23.43 35.88 -40.79
C ASP D 250 -23.95 34.97 -41.89
N TYR D 251 -23.15 33.98 -42.28
CA TYR D 251 -23.54 33.00 -43.29
C TYR D 251 -23.21 31.62 -42.75
N SER D 252 -23.36 31.46 -41.43
CA SER D 252 -23.08 30.21 -40.71
C SER D 252 -24.20 29.18 -40.76
N PHE D 253 -25.37 29.59 -41.24
CA PHE D 253 -26.50 28.69 -41.35
C PHE D 253 -26.91 28.08 -40.01
N GLY D 254 -26.67 28.79 -38.92
CA GLY D 254 -27.06 28.26 -37.63
C GLY D 254 -25.94 27.88 -36.67
N GLU D 255 -24.88 27.30 -37.21
CA GLU D 255 -23.74 26.91 -36.39
C GLU D 255 -22.49 26.52 -37.16
N TYR D 256 -21.34 26.72 -36.52
CA TYR D 256 -20.04 26.39 -37.07
C TYR D 256 -20.05 24.92 -37.47
N GLY D 257 -19.57 24.63 -38.68
CA GLY D 257 -19.54 23.25 -39.12
C GLY D 257 -20.83 22.70 -39.68
N LYS D 258 -21.94 23.42 -39.51
CA LYS D 258 -23.22 22.95 -40.02
C LYS D 258 -23.31 23.02 -41.54
N ILE D 259 -23.26 21.85 -42.18
CA ILE D 259 -23.35 21.74 -43.64
C ILE D 259 -24.82 21.70 -44.11
N THR D 260 -25.18 22.57 -45.05
CA THR D 260 -26.52 22.60 -45.56
C THR D 260 -26.47 22.41 -47.08
N GLY D 261 -27.64 22.33 -47.70
CA GLY D 261 -27.71 22.13 -49.14
C GLY D 261 -27.13 23.29 -49.92
N GLU D 262 -27.44 24.52 -49.51
CA GLU D 262 -26.94 25.69 -50.21
C GLU D 262 -25.43 25.62 -50.31
N VAL D 263 -24.80 25.13 -49.23
CA VAL D 263 -23.36 24.99 -49.14
C VAL D 263 -22.85 23.86 -50.03
N ALA D 264 -23.51 22.70 -49.98
CA ALA D 264 -23.10 21.59 -50.82
C ALA D 264 -23.24 22.03 -52.29
N GLN D 265 -24.21 22.89 -52.54
CA GLN D 265 -24.47 23.37 -53.89
C GLN D 265 -23.42 24.36 -54.41
N ILE D 266 -23.03 25.34 -53.60
CA ILE D 266 -22.03 26.31 -54.02
C ILE D 266 -20.71 25.66 -54.34
N ILE D 267 -20.47 24.47 -53.78
CA ILE D 267 -19.24 23.77 -54.05
C ILE D 267 -19.31 23.04 -55.36
N ARG D 268 -20.49 22.51 -55.70
CA ARG D 268 -20.66 21.80 -56.96
C ARG D 268 -20.59 22.72 -58.19
N LYS D 269 -21.22 23.88 -58.07
CA LYS D 269 -21.29 24.87 -59.14
C LYS D 269 -20.00 25.61 -59.38
N VAL D 270 -19.38 26.08 -58.29
CA VAL D 270 -18.12 26.81 -58.39
C VAL D 270 -17.09 25.84 -58.94
N GLY D 271 -17.26 24.57 -58.58
CA GLY D 271 -16.36 23.55 -59.08
C GLY D 271 -16.61 23.28 -60.55
N THR D 272 -17.83 22.84 -60.90
CA THR D 272 -18.20 22.52 -62.27
C THR D 272 -18.24 23.68 -63.27
N ARG D 273 -18.49 24.90 -62.82
CA ARG D 273 -18.50 26.04 -63.75
C ARG D 273 -17.21 26.86 -63.78
N GLU D 274 -16.41 26.79 -62.71
CA GLU D 274 -15.14 27.52 -62.68
C GLU D 274 -13.91 26.60 -62.55
N GLY D 275 -14.13 25.34 -62.20
CA GLY D 275 -13.01 24.42 -62.08
C GLY D 275 -12.23 24.68 -60.80
N ILE D 276 -12.94 25.05 -59.75
CA ILE D 276 -12.30 25.32 -58.49
C ILE D 276 -13.10 24.72 -57.32
N ILE D 277 -12.37 24.09 -56.39
CA ILE D 277 -12.99 23.45 -55.23
C ILE D 277 -12.97 24.32 -53.98
N LEU D 278 -14.08 24.34 -53.27
CA LEU D 278 -14.19 25.09 -52.01
C LEU D 278 -14.53 24.02 -50.96
N ASP D 279 -14.63 24.39 -49.69
CA ASP D 279 -14.96 23.38 -48.69
C ASP D 279 -16.24 23.75 -47.94
N PRO D 280 -16.88 22.78 -47.29
CA PRO D 280 -18.12 22.94 -46.53
C PRO D 280 -18.08 23.69 -45.20
N VAL D 281 -16.90 23.93 -44.66
CA VAL D 281 -16.81 24.64 -43.38
C VAL D 281 -16.39 26.10 -43.51
N TYR D 282 -15.49 26.39 -44.45
CA TYR D 282 -15.00 27.76 -44.62
C TYR D 282 -15.25 28.47 -45.96
N THR D 283 -14.48 28.16 -46.99
CA THR D 283 -14.59 28.79 -48.29
C THR D 283 -15.92 28.67 -49.03
N GLY D 284 -16.61 27.55 -48.87
CA GLY D 284 -17.89 27.36 -49.53
C GLY D 284 -18.95 28.26 -48.93
N LYS D 285 -18.93 28.33 -47.60
CA LYS D 285 -19.86 29.15 -46.84
C LYS D 285 -19.66 30.64 -47.13
N ALA D 286 -18.39 31.04 -47.20
CA ALA D 286 -18.05 32.43 -47.47
C ALA D 286 -18.39 32.87 -48.90
N PHE D 287 -18.09 32.04 -49.90
CA PHE D 287 -18.39 32.40 -51.29
C PHE D 287 -19.91 32.45 -51.47
N TYR D 288 -20.63 31.58 -50.77
CA TYR D 288 -22.09 31.57 -50.86
C TYR D 288 -22.62 32.90 -50.30
N GLY D 289 -21.84 33.52 -49.43
CA GLY D 289 -22.25 34.80 -48.85
C GLY D 289 -21.74 35.91 -49.72
N LEU D 290 -20.76 35.57 -50.55
CA LEU D 290 -20.18 36.51 -51.49
C LEU D 290 -21.26 36.69 -52.55
N VAL D 291 -21.66 35.57 -53.14
CA VAL D 291 -22.68 35.53 -54.17
C VAL D 291 -23.98 36.15 -53.66
N ASP D 292 -24.47 35.66 -52.52
CA ASP D 292 -25.72 36.16 -51.94
C ASP D 292 -25.62 37.58 -51.41
N LEU D 293 -24.59 38.31 -51.79
CA LEU D 293 -24.48 39.67 -51.31
C LEU D 293 -24.16 40.55 -52.52
N ALA D 294 -23.60 39.91 -53.55
CA ALA D 294 -23.25 40.59 -54.79
C ALA D 294 -24.51 40.67 -55.67
N ARG D 295 -25.51 39.84 -55.36
CA ARG D 295 -26.78 39.83 -56.09
C ARG D 295 -27.59 41.05 -55.72
N LYS D 296 -27.61 41.39 -54.43
CA LYS D 296 -28.33 42.55 -53.92
C LYS D 296 -27.50 43.81 -54.15
N GLY D 297 -26.39 43.67 -54.87
CA GLY D 297 -25.53 44.82 -55.14
C GLY D 297 -24.95 45.40 -53.87
N GLU D 298 -24.71 44.53 -52.89
CA GLU D 298 -24.18 44.96 -51.60
C GLU D 298 -22.66 44.90 -51.47
N LEU D 299 -21.95 44.49 -52.51
CA LEU D 299 -20.48 44.43 -52.46
C LEU D 299 -19.74 45.17 -53.56
N GLY D 300 -20.46 45.95 -54.36
CA GLY D 300 -19.80 46.67 -55.44
C GLY D 300 -19.93 45.96 -56.77
N GLU D 301 -19.07 46.32 -57.71
CA GLU D 301 -19.11 45.73 -59.05
C GLU D 301 -17.93 44.82 -59.25
N LYS D 302 -16.84 45.15 -58.59
CA LYS D 302 -15.63 44.37 -58.67
C LYS D 302 -15.35 43.82 -57.27
N ILE D 303 -15.37 42.51 -57.14
CA ILE D 303 -15.16 41.86 -55.86
C ILE D 303 -13.95 40.94 -55.89
N LEU D 304 -13.19 40.91 -54.80
CA LEU D 304 -12.03 40.04 -54.73
C LEU D 304 -12.27 39.00 -53.67
N PHE D 305 -12.37 37.75 -54.08
CA PHE D 305 -12.57 36.70 -53.11
C PHE D 305 -11.24 35.96 -52.91
N ILE D 306 -10.82 35.86 -51.64
CA ILE D 306 -9.58 35.17 -51.34
C ILE D 306 -9.82 33.72 -50.99
N HIS D 307 -9.52 32.84 -51.93
CA HIS D 307 -9.68 31.42 -51.72
C HIS D 307 -8.58 30.98 -50.76
N THR D 308 -9.00 30.69 -49.54
CA THR D 308 -8.07 30.30 -48.53
C THR D 308 -7.95 28.79 -48.29
N GLY D 309 -7.99 28.00 -49.37
CA GLY D 309 -7.86 26.56 -49.26
C GLY D 309 -8.86 25.89 -48.32
N GLY D 310 -8.46 24.77 -47.74
CA GLY D 310 -9.31 24.03 -46.81
C GLY D 310 -9.89 22.79 -47.46
N ILE D 311 -9.23 22.31 -48.51
CA ILE D 311 -9.67 21.16 -49.30
C ILE D 311 -9.81 19.83 -48.58
N SER D 312 -9.11 19.68 -47.46
CA SER D 312 -9.17 18.43 -46.70
C SER D 312 -10.59 18.14 -46.23
N GLY D 313 -11.36 19.20 -46.01
CA GLY D 313 -12.73 19.05 -45.53
C GLY D 313 -13.75 18.61 -46.56
N THR D 314 -13.47 18.86 -47.83
CA THR D 314 -14.40 18.44 -48.84
C THR D 314 -14.31 16.92 -48.87
N PHE D 315 -13.12 16.38 -48.66
CA PHE D 315 -12.92 14.94 -48.60
C PHE D 315 -13.50 14.46 -47.27
N HIS D 316 -13.19 15.20 -46.22
CA HIS D 316 -13.62 14.90 -44.86
C HIS D 316 -15.14 14.68 -44.72
N TYR D 317 -15.91 15.58 -45.32
CA TYR D 317 -17.35 15.52 -45.25
C TYR D 317 -18.02 15.35 -46.62
N GLY D 318 -17.44 14.49 -47.44
CA GLY D 318 -17.96 14.23 -48.76
C GLY D 318 -19.20 13.37 -48.73
N ASP D 319 -19.58 12.91 -47.54
CA ASP D 319 -20.77 12.10 -47.44
C ASP D 319 -21.91 13.02 -47.03
N LYS D 320 -21.58 14.02 -46.23
CA LYS D 320 -22.55 14.99 -45.77
C LYS D 320 -22.96 15.82 -46.99
N LEU D 321 -22.03 15.99 -47.92
CA LEU D 321 -22.31 16.72 -49.15
C LEU D 321 -23.17 15.83 -50.06
N LEU D 322 -22.67 14.63 -50.36
CA LEU D 322 -23.37 13.65 -51.18
C LEU D 322 -24.81 13.47 -50.71
N SER D 323 -25.03 13.57 -49.40
CA SER D 323 -26.36 13.43 -48.82
C SER D 323 -27.15 14.74 -48.92
N LEU D 324 -26.68 15.63 -49.80
CA LEU D 324 -27.28 16.95 -50.03
C LEU D 324 -27.48 17.27 -51.51
N LEU D 325 -26.82 16.53 -52.38
CA LEU D 325 -26.92 16.78 -53.81
C LEU D 325 -27.88 15.86 -54.62
N MET E 1 -22.78 35.69 17.67
CA MET E 1 -24.03 35.25 17.01
C MET E 1 -25.11 35.06 18.05
N HIS E 2 -26.15 35.88 18.00
CA HIS E 2 -27.22 35.75 18.98
C HIS E 2 -27.71 34.32 19.05
N PRO E 3 -27.90 33.80 20.28
CA PRO E 3 -28.38 32.43 20.49
C PRO E 3 -29.74 32.15 19.87
N LYS E 4 -30.64 33.12 19.96
CA LYS E 4 -31.99 33.01 19.41
C LYS E 4 -31.93 32.95 17.90
N ILE E 5 -30.95 33.66 17.32
CA ILE E 5 -30.75 33.65 15.88
C ILE E 5 -29.98 32.38 15.53
N PHE E 6 -29.04 32.00 16.40
CA PHE E 6 -28.27 30.78 16.18
C PHE E 6 -29.26 29.62 16.22
N ALA E 7 -30.23 29.72 17.12
CA ALA E 7 -31.24 28.69 17.27
C ALA E 7 -32.16 28.60 16.04
N LEU E 8 -32.73 29.71 15.61
CA LEU E 8 -33.63 29.66 14.47
C LEU E 8 -32.97 29.40 13.12
N LEU E 9 -31.71 29.77 12.95
CA LEU E 9 -31.03 29.52 11.68
C LEU E 9 -30.35 28.16 11.71
N ALA E 10 -30.49 27.46 12.84
CA ALA E 10 -29.85 26.17 13.03
C ALA E 10 -30.17 25.03 12.06
N LYS E 11 -31.44 24.72 11.88
CA LYS E 11 -31.79 23.61 11.00
C LYS E 11 -31.54 23.91 9.53
N PHE E 12 -31.00 25.09 9.22
CA PHE E 12 -30.78 25.45 7.83
C PHE E 12 -29.35 25.26 7.31
N PRO E 13 -29.21 24.48 6.20
CA PRO E 13 -27.91 24.20 5.58
C PRO E 13 -27.27 25.49 5.12
N ARG E 14 -25.97 25.61 5.33
CA ARG E 14 -25.29 26.81 4.94
C ARG E 14 -23.86 26.47 4.60
N VAL E 15 -23.38 27.00 3.48
CA VAL E 15 -22.01 26.78 3.03
C VAL E 15 -21.24 27.99 3.49
N GLU E 16 -20.21 27.75 4.29
CA GLU E 16 -19.38 28.83 4.81
C GLU E 16 -18.63 29.47 3.66
N LEU E 17 -19.08 30.66 3.26
CA LEU E 17 -18.42 31.37 2.18
C LEU E 17 -17.58 32.47 2.79
N ILE E 18 -18.19 33.25 3.67
CA ILE E 18 -17.50 34.37 4.33
C ILE E 18 -16.94 33.91 5.66
N PRO E 19 -15.62 33.78 5.75
CA PRO E 19 -14.91 33.36 6.97
C PRO E 19 -15.07 34.30 8.15
N TRP E 20 -14.65 35.55 7.94
CA TRP E 20 -14.70 36.58 8.97
C TRP E 20 -15.99 37.41 9.07
N GLU E 21 -15.96 38.39 9.98
CA GLU E 21 -17.07 39.29 10.22
C GLU E 21 -16.71 40.61 9.57
N THR E 22 -17.63 41.14 8.78
CA THR E 22 -17.41 42.41 8.07
C THR E 22 -17.38 43.63 9.02
N PRO E 23 -16.36 44.50 8.86
CA PRO E 23 -16.15 45.71 9.65
C PRO E 23 -17.21 46.80 9.61
N ILE E 24 -17.27 47.56 10.71
CA ILE E 24 -18.20 48.67 10.87
C ILE E 24 -17.41 49.94 11.19
N GLN E 25 -17.55 50.96 10.33
CA GLN E 25 -16.84 52.23 10.49
C GLN E 25 -17.73 53.46 10.68
N TYR E 26 -17.17 54.48 11.33
CA TYR E 26 -17.85 55.75 11.57
C TYR E 26 -17.33 56.71 10.54
N LEU E 27 -18.23 57.40 9.85
CA LEU E 27 -17.87 58.37 8.82
C LEU E 27 -17.85 59.77 9.46
N PRO E 28 -16.67 60.24 9.87
CA PRO E 28 -16.47 61.55 10.50
C PRO E 28 -16.90 62.80 9.71
N ASN E 29 -16.81 62.73 8.39
CA ASN E 29 -17.19 63.87 7.56
C ASN E 29 -18.68 63.88 7.27
N ILE E 30 -19.13 62.90 6.50
CA ILE E 30 -20.53 62.79 6.14
C ILE E 30 -21.41 63.06 7.33
N SER E 31 -21.08 62.42 8.45
CA SER E 31 -21.83 62.57 9.70
C SER E 31 -21.82 64.03 10.14
N ARG E 32 -20.66 64.66 10.01
CA ARG E 32 -20.49 66.04 10.38
C ARG E 32 -21.28 66.96 9.43
N GLU E 33 -21.20 66.63 8.14
CA GLU E 33 -21.85 67.37 7.07
C GLU E 33 -23.36 67.30 7.07
N ILE E 34 -23.94 66.44 7.90
CA ILE E 34 -25.40 66.33 7.94
C ILE E 34 -25.96 66.21 9.36
N GLY E 35 -25.13 66.48 10.35
CA GLY E 35 -25.58 66.43 11.74
C GLY E 35 -26.23 65.18 12.31
N ALA E 36 -25.72 64.00 11.97
CA ALA E 36 -26.26 62.74 12.47
C ALA E 36 -25.12 61.74 12.43
N ASP E 37 -25.15 60.72 13.27
CA ASP E 37 -24.07 59.75 13.24
C ASP E 37 -24.32 58.67 12.22
N VAL E 38 -23.61 58.71 11.11
CA VAL E 38 -23.80 57.69 10.10
C VAL E 38 -22.57 56.78 10.02
N TYR E 39 -22.79 55.49 10.22
CA TYR E 39 -21.74 54.46 10.16
C TYR E 39 -21.98 53.60 8.93
N ILE E 40 -21.03 52.73 8.62
CA ILE E 40 -21.17 51.89 7.45
C ILE E 40 -20.72 50.47 7.73
N LYS E 41 -21.46 49.49 7.21
CA LYS E 41 -21.08 48.08 7.37
C LYS E 41 -20.48 47.58 6.06
N ARG E 42 -19.16 47.39 6.07
CA ARG E 42 -18.43 46.98 4.89
C ARG E 42 -18.70 45.63 4.28
N ASP E 43 -19.95 45.39 3.89
CA ASP E 43 -20.30 44.14 3.27
C ASP E 43 -19.80 44.07 1.84
N ASP E 44 -19.15 45.12 1.38
CA ASP E 44 -18.57 45.11 0.03
C ASP E 44 -17.25 44.33 0.15
N LEU E 45 -16.91 43.98 1.38
CA LEU E 45 -15.67 43.25 1.67
C LEU E 45 -15.95 41.82 2.14
N THR E 46 -17.12 41.30 1.81
CA THR E 46 -17.51 39.95 2.20
C THR E 46 -16.55 38.89 1.71
N GLY E 47 -15.80 39.20 0.64
CA GLY E 47 -14.82 38.24 0.15
C GLY E 47 -14.89 37.60 -1.24
N LEU E 48 -15.98 36.92 -1.54
CA LEU E 48 -16.10 36.25 -2.83
C LEU E 48 -16.42 37.15 -4.04
N GLY E 49 -15.64 37.00 -5.10
CA GLY E 49 -15.85 37.80 -6.30
C GLY E 49 -15.63 39.27 -6.04
N ILE E 50 -16.71 40.05 -6.14
CA ILE E 50 -16.67 41.49 -5.91
C ILE E 50 -17.35 41.81 -4.59
N GLY E 51 -17.73 40.76 -3.87
CA GLY E 51 -18.37 40.96 -2.59
C GLY E 51 -19.82 41.37 -2.74
N GLY E 52 -20.34 42.10 -1.76
CA GLY E 52 -21.72 42.53 -1.85
C GLY E 52 -22.61 41.98 -0.76
N ASN E 53 -23.91 41.96 -1.03
CA ASN E 53 -24.88 41.48 -0.07
C ASN E 53 -25.41 40.10 -0.46
N LYS E 54 -25.08 39.69 -1.68
CA LYS E 54 -25.53 38.41 -2.19
C LYS E 54 -24.76 37.21 -1.66
N ILE E 55 -23.46 37.40 -1.42
CA ILE E 55 -22.59 36.34 -0.91
C ILE E 55 -23.11 35.83 0.43
N ARG E 56 -23.78 36.69 1.19
CA ARG E 56 -24.36 36.25 2.46
C ARG E 56 -25.53 35.34 2.11
N LYS E 57 -26.24 35.71 1.04
CA LYS E 57 -27.39 34.97 0.55
C LYS E 57 -26.95 33.68 -0.14
N LEU E 58 -25.91 33.78 -0.95
CA LEU E 58 -25.40 32.62 -1.68
C LEU E 58 -25.14 31.43 -0.76
N GLU E 59 -24.80 31.70 0.51
CA GLU E 59 -24.51 30.65 1.48
C GLU E 59 -25.68 29.71 1.65
N TYR E 60 -26.76 30.25 2.19
CA TYR E 60 -27.99 29.50 2.41
C TYR E 60 -28.55 29.06 1.06
N LEU E 61 -28.40 29.91 0.06
CA LEU E 61 -28.88 29.59 -1.29
C LEU E 61 -28.12 28.41 -1.91
N LEU E 62 -26.81 28.54 -2.05
CA LEU E 62 -26.02 27.45 -2.63
C LEU E 62 -26.00 26.31 -1.63
N GLY E 63 -26.10 26.64 -0.35
CA GLY E 63 -26.14 25.63 0.69
C GLY E 63 -27.31 24.70 0.47
N ASP E 64 -28.41 25.23 -0.04
CA ASP E 64 -29.60 24.43 -0.31
C ASP E 64 -29.55 23.68 -1.65
N ALA E 65 -28.68 24.11 -2.56
CA ALA E 65 -28.58 23.46 -3.84
C ALA E 65 -27.72 22.21 -3.67
N LEU E 66 -26.67 22.34 -2.87
CA LEU E 66 -25.75 21.24 -2.58
C LEU E 66 -26.53 20.24 -1.71
N SER E 67 -27.25 20.75 -0.72
CA SER E 67 -28.03 19.87 0.15
C SER E 67 -29.14 19.20 -0.67
N LYS E 68 -29.25 19.56 -1.93
CA LYS E 68 -30.25 18.96 -2.78
C LYS E 68 -29.59 18.35 -4.00
N GLY E 69 -28.27 18.23 -3.89
CA GLY E 69 -27.49 17.65 -4.97
C GLY E 69 -27.86 18.17 -6.34
N ALA E 70 -27.68 19.47 -6.54
CA ALA E 70 -27.97 20.10 -7.82
C ALA E 70 -26.61 20.12 -8.48
N ASP E 71 -26.54 20.14 -9.79
CA ASP E 71 -25.23 20.16 -10.42
C ASP E 71 -25.11 21.33 -11.36
N VAL E 72 -26.03 22.28 -11.22
CA VAL E 72 -26.03 23.48 -12.06
C VAL E 72 -26.86 24.53 -11.37
N VAL E 73 -26.46 25.79 -11.50
CA VAL E 73 -27.22 26.88 -10.90
C VAL E 73 -27.64 27.89 -11.95
N ILE E 74 -28.86 28.38 -11.81
CA ILE E 74 -29.43 29.37 -12.73
C ILE E 74 -29.94 30.52 -11.90
N THR E 75 -29.86 31.71 -12.46
CA THR E 75 -30.35 32.89 -11.78
C THR E 75 -30.50 34.05 -12.79
N VAL E 76 -31.19 35.11 -12.42
CA VAL E 76 -31.38 36.22 -13.36
C VAL E 76 -31.07 37.59 -12.79
N GLY E 77 -30.60 38.48 -13.66
CA GLY E 77 -30.29 39.84 -13.27
C GLY E 77 -30.11 40.64 -14.56
N ALA E 78 -29.94 41.94 -14.45
CA ALA E 78 -29.73 42.73 -15.66
C ALA E 78 -28.41 42.21 -16.21
N VAL E 79 -27.83 42.83 -17.23
CA VAL E 79 -26.56 42.32 -17.73
C VAL E 79 -25.44 42.85 -16.82
N HIS E 80 -25.70 44.00 -16.21
CA HIS E 80 -24.76 44.64 -15.31
C HIS E 80 -24.90 44.09 -13.87
N SER E 81 -25.66 43.00 -13.72
CA SER E 81 -25.92 42.40 -12.42
C SER E 81 -24.72 41.83 -11.65
N ASN E 82 -24.56 42.29 -10.43
CA ASN E 82 -23.50 41.84 -9.54
C ASN E 82 -23.90 40.42 -9.15
N HIS E 83 -25.14 40.30 -8.70
CA HIS E 83 -25.72 39.05 -8.27
C HIS E 83 -25.52 38.00 -9.36
N ALA E 84 -25.51 38.48 -10.60
CA ALA E 84 -25.29 37.61 -11.73
C ALA E 84 -23.90 37.00 -11.67
N PHE E 85 -22.90 37.87 -11.53
CA PHE E 85 -21.50 37.43 -11.47
C PHE E 85 -21.12 36.70 -10.20
N VAL E 86 -21.45 37.31 -9.08
CA VAL E 86 -21.10 36.69 -7.83
C VAL E 86 -21.75 35.34 -7.64
N THR E 87 -23.00 35.20 -8.05
CA THR E 87 -23.69 33.92 -7.92
C THR E 87 -23.07 32.85 -8.81
N GLY E 88 -22.59 33.25 -9.97
CA GLY E 88 -21.98 32.28 -10.88
C GLY E 88 -20.62 31.80 -10.43
N LEU E 89 -19.77 32.73 -10.03
CA LEU E 89 -18.44 32.39 -9.58
C LEU E 89 -18.56 31.49 -8.36
N ALA E 90 -19.27 31.98 -7.35
CA ALA E 90 -19.46 31.24 -6.12
C ALA E 90 -19.90 29.81 -6.37
N ALA E 91 -20.69 29.62 -7.41
CA ALA E 91 -21.20 28.31 -7.76
C ALA E 91 -20.08 27.45 -8.30
N LYS E 92 -19.31 28.01 -9.23
CA LYS E 92 -18.21 27.28 -9.84
C LYS E 92 -17.17 26.83 -8.83
N LYS E 93 -16.89 27.70 -7.86
CA LYS E 93 -15.93 27.39 -6.82
C LYS E 93 -16.43 26.18 -5.99
N LEU E 94 -17.74 26.14 -5.76
CA LEU E 94 -18.38 25.10 -4.98
C LEU E 94 -18.56 23.79 -5.73
N GLY E 95 -18.01 23.71 -6.93
CA GLY E 95 -18.14 22.48 -7.70
C GLY E 95 -19.25 22.51 -8.74
N LEU E 96 -20.41 23.03 -8.39
CA LEU E 96 -21.54 23.09 -9.32
C LEU E 96 -21.14 23.76 -10.63
N ASP E 97 -22.10 23.77 -11.55
CA ASP E 97 -21.96 24.40 -12.87
C ASP E 97 -22.94 25.53 -12.70
N ALA E 98 -22.90 26.52 -13.59
CA ALA E 98 -23.82 27.65 -13.46
C ALA E 98 -24.16 28.27 -14.81
N ILE E 99 -25.44 28.57 -15.02
CA ILE E 99 -25.88 29.20 -16.26
C ILE E 99 -26.66 30.48 -15.96
N LEU E 100 -26.09 31.60 -16.36
CA LEU E 100 -26.67 32.92 -16.13
C LEU E 100 -27.63 33.40 -17.21
N VAL E 101 -28.76 33.97 -16.78
CA VAL E 101 -29.79 34.50 -17.67
C VAL E 101 -29.96 36.00 -17.35
N LEU E 102 -29.55 36.85 -18.30
CA LEU E 102 -29.62 38.31 -18.16
C LEU E 102 -30.38 38.98 -19.34
N ARG E 103 -30.47 40.31 -19.33
CA ARG E 103 -31.21 41.01 -20.39
C ARG E 103 -30.72 42.43 -20.65
N GLY E 104 -30.40 42.74 -21.91
CA GLY E 104 -29.96 44.09 -22.24
C GLY E 104 -28.71 44.18 -23.12
N LYS E 105 -28.07 45.35 -23.13
CA LYS E 105 -26.86 45.55 -23.91
C LYS E 105 -25.81 44.54 -23.51
N GLU E 106 -25.30 43.81 -24.48
CA GLU E 106 -24.31 42.78 -24.22
C GLU E 106 -22.89 43.26 -23.96
N GLU E 107 -22.68 44.58 -23.96
CA GLU E 107 -21.35 45.18 -23.72
C GLU E 107 -20.37 44.34 -22.89
N LEU E 108 -19.25 43.98 -23.52
CA LEU E 108 -18.20 43.21 -22.85
C LEU E 108 -17.50 44.03 -21.79
N LYS E 109 -18.25 44.44 -20.77
CA LYS E 109 -17.68 45.25 -19.68
C LYS E 109 -18.47 45.17 -18.37
N GLY E 110 -17.86 45.65 -17.28
CA GLY E 110 -18.51 45.58 -15.99
C GLY E 110 -18.65 44.15 -15.53
N ASN E 111 -19.81 43.79 -14.98
CA ASN E 111 -20.05 42.42 -14.52
C ASN E 111 -20.13 41.40 -15.65
N TYR E 112 -20.51 41.83 -16.85
CA TYR E 112 -20.62 40.92 -17.98
C TYR E 112 -19.23 40.56 -18.51
N LEU E 113 -18.26 41.46 -18.35
CA LEU E 113 -16.90 41.18 -18.82
C LEU E 113 -16.34 40.15 -17.85
N LEU E 114 -16.72 40.32 -16.58
CA LEU E 114 -16.32 39.42 -15.50
C LEU E 114 -16.85 38.05 -15.76
N ASP E 115 -18.13 37.96 -16.13
CA ASP E 115 -18.72 36.67 -16.44
C ASP E 115 -17.93 36.01 -17.57
N LYS E 116 -17.62 36.78 -18.60
CA LYS E 116 -16.87 36.27 -19.73
C LYS E 116 -15.52 35.73 -19.31
N ILE E 117 -14.72 36.59 -18.71
CA ILE E 117 -13.40 36.19 -18.27
C ILE E 117 -13.37 34.87 -17.50
N MET E 118 -14.16 34.79 -16.45
CA MET E 118 -14.20 33.60 -15.60
C MET E 118 -14.85 32.36 -16.20
N GLY E 119 -15.37 32.47 -17.42
CA GLY E 119 -16.03 31.33 -18.07
C GLY E 119 -17.42 30.93 -17.60
N ILE E 120 -18.15 31.86 -16.98
CA ILE E 120 -19.49 31.56 -16.50
C ILE E 120 -20.43 31.70 -17.69
N GLU E 121 -21.14 30.62 -18.03
CA GLU E 121 -22.05 30.62 -19.16
C GLU E 121 -23.05 31.76 -19.01
N THR E 122 -23.32 32.44 -20.11
CA THR E 122 -24.23 33.58 -20.03
C THR E 122 -25.12 33.67 -21.27
N ARG E 123 -26.42 33.86 -21.04
CA ARG E 123 -27.42 33.97 -22.12
C ARG E 123 -28.23 35.25 -22.05
N VAL E 124 -27.80 36.27 -22.80
CA VAL E 124 -28.51 37.55 -22.80
C VAL E 124 -29.72 37.53 -23.71
N TYR E 125 -30.88 37.70 -23.11
CA TYR E 125 -32.12 37.72 -23.85
C TYR E 125 -32.54 39.14 -24.13
N ASP E 126 -32.97 39.42 -25.36
CA ASP E 126 -33.40 40.77 -25.68
C ASP E 126 -34.57 41.19 -24.79
N ALA E 127 -35.48 40.25 -24.56
CA ALA E 127 -36.66 40.50 -23.72
C ALA E 127 -36.36 41.27 -22.41
N LYS E 128 -35.91 42.52 -22.53
CA LYS E 128 -35.61 43.34 -21.37
C LYS E 128 -36.87 44.08 -20.97
N ASP E 129 -37.00 44.28 -19.65
CA ASP E 129 -38.14 44.98 -19.05
C ASP E 129 -38.29 44.54 -17.59
N SER E 130 -38.97 43.43 -17.36
CA SER E 130 -39.20 42.90 -16.01
C SER E 130 -38.35 41.64 -15.77
N PHE E 131 -38.24 41.25 -14.49
CA PHE E 131 -37.49 40.06 -14.09
C PHE E 131 -38.12 38.81 -14.69
N GLU E 132 -39.21 39.00 -15.43
CA GLU E 132 -39.93 37.92 -16.09
C GLU E 132 -39.06 37.31 -17.19
N LEU E 133 -37.79 37.16 -16.82
CA LEU E 133 -36.73 36.57 -17.61
C LEU E 133 -36.75 35.21 -16.95
N MET E 134 -37.47 35.17 -15.82
CA MET E 134 -37.63 33.98 -15.03
C MET E 134 -38.33 32.85 -15.78
N LYS E 135 -39.16 33.18 -16.77
CA LYS E 135 -39.85 32.15 -17.55
C LYS E 135 -38.78 31.43 -18.36
N TYR E 136 -37.73 32.19 -18.70
CA TYR E 136 -36.60 31.69 -19.48
C TYR E 136 -35.69 30.77 -18.69
N ALA E 137 -35.55 31.01 -17.39
CA ALA E 137 -34.70 30.18 -16.53
C ALA E 137 -35.42 28.84 -16.30
N GLU E 138 -36.75 28.90 -16.28
CA GLU E 138 -37.57 27.72 -16.07
C GLU E 138 -37.52 26.77 -17.27
N GLU E 139 -37.75 27.29 -18.48
CA GLU E 139 -37.72 26.44 -19.66
C GLU E 139 -36.32 25.81 -19.77
N ILE E 140 -35.31 26.57 -19.34
CA ILE E 140 -33.91 26.12 -19.33
C ILE E 140 -33.76 25.11 -18.19
N ALA E 141 -34.15 25.51 -16.99
CA ALA E 141 -34.07 24.62 -15.84
C ALA E 141 -34.86 23.37 -16.21
N GLU E 142 -35.80 23.54 -17.12
CA GLU E 142 -36.65 22.45 -17.58
C GLU E 142 -35.93 21.51 -18.54
N GLU E 143 -35.48 22.06 -19.66
CA GLU E 143 -34.78 21.28 -20.67
C GLU E 143 -33.44 20.79 -20.16
N LEU E 144 -33.16 21.08 -18.90
CA LEU E 144 -31.93 20.67 -18.26
C LEU E 144 -32.36 19.64 -17.20
N LYS E 145 -33.44 19.98 -16.50
CA LYS E 145 -34.03 19.11 -15.48
C LYS E 145 -34.78 18.01 -16.18
N ARG E 146 -34.89 18.11 -17.50
CA ARG E 146 -35.57 17.08 -18.29
C ARG E 146 -34.50 16.29 -19.02
N GLU E 147 -33.31 16.26 -18.41
CA GLU E 147 -32.19 15.53 -18.98
C GLU E 147 -31.12 15.23 -17.94
N GLY E 148 -31.58 14.70 -16.82
CA GLY E 148 -30.68 14.30 -15.75
C GLY E 148 -30.18 15.39 -14.83
N ARG E 149 -29.24 16.18 -15.31
CA ARG E 149 -28.64 17.27 -14.55
C ARG E 149 -29.65 18.01 -13.70
N LYS E 150 -29.59 17.80 -12.39
CA LYS E 150 -30.51 18.50 -11.52
C LYS E 150 -30.12 19.96 -11.50
N PRO E 151 -31.07 20.86 -11.78
CA PRO E 151 -30.80 22.29 -11.76
C PRO E 151 -31.46 22.97 -10.59
N TYR E 152 -30.89 24.07 -10.15
CA TYR E 152 -31.46 24.81 -9.05
C TYR E 152 -31.66 26.23 -9.60
N VAL E 153 -32.81 26.84 -9.31
CA VAL E 153 -33.08 28.18 -9.80
C VAL E 153 -33.26 29.17 -8.66
N ILE E 154 -32.43 30.22 -8.65
CA ILE E 154 -32.49 31.29 -7.64
C ILE E 154 -33.33 32.48 -8.17
N PRO E 155 -34.20 33.06 -7.32
CA PRO E 155 -35.06 34.18 -7.70
C PRO E 155 -34.25 35.37 -8.18
N PRO E 156 -34.89 36.54 -8.37
CA PRO E 156 -34.10 37.69 -8.81
C PRO E 156 -33.39 38.28 -7.58
N GLY E 157 -32.06 38.38 -7.65
CA GLY E 157 -31.31 38.91 -6.53
C GLY E 157 -31.41 37.97 -5.34
N GLY E 158 -31.44 36.66 -5.62
CA GLY E 158 -31.54 35.65 -4.57
C GLY E 158 -32.66 36.07 -3.64
N ALA E 159 -33.83 36.31 -4.23
CA ALA E 159 -35.00 36.79 -3.48
C ALA E 159 -36.01 35.77 -2.95
N SER E 160 -35.54 34.71 -2.32
CA SER E 160 -36.46 33.72 -1.74
C SER E 160 -36.33 33.79 -0.22
N PRO E 161 -37.25 33.14 0.51
CA PRO E 161 -37.18 33.18 1.97
C PRO E 161 -35.88 32.65 2.57
N ILE E 162 -35.31 31.63 1.93
CA ILE E 162 -34.07 31.03 2.41
C ILE E 162 -32.86 31.90 2.05
N GLY E 163 -32.98 32.70 0.99
CA GLY E 163 -31.90 33.58 0.61
C GLY E 163 -31.98 34.80 1.49
N THR E 164 -33.12 34.97 2.15
CA THR E 164 -33.32 36.09 3.05
C THR E 164 -32.62 35.77 4.35
N LEU E 165 -32.30 34.49 4.55
CA LEU E 165 -31.63 34.06 5.77
C LEU E 165 -30.20 34.59 5.86
N GLY E 166 -29.67 35.08 4.74
CA GLY E 166 -28.32 35.60 4.74
C GLY E 166 -28.22 36.84 5.61
N TYR E 167 -29.22 37.71 5.52
CA TYR E 167 -29.22 38.93 6.30
C TYR E 167 -30.01 38.86 7.58
N VAL E 168 -30.73 37.76 7.79
CA VAL E 168 -31.46 37.58 9.04
C VAL E 168 -30.37 37.05 9.96
N ARG E 169 -29.22 36.80 9.35
CA ARG E 169 -28.04 36.26 10.01
C ARG E 169 -27.00 37.36 10.17
N ALA E 170 -27.23 38.49 9.49
CA ALA E 170 -26.33 39.63 9.53
C ALA E 170 -26.71 40.48 10.72
N VAL E 171 -28.01 40.54 11.02
CA VAL E 171 -28.45 41.33 12.15
C VAL E 171 -27.89 40.66 13.39
N GLY E 172 -27.76 39.34 13.32
CA GLY E 172 -27.22 38.58 14.41
C GLY E 172 -25.77 38.95 14.55
N GLU E 173 -25.06 39.01 13.43
CA GLU E 173 -23.67 39.38 13.47
C GLU E 173 -23.50 40.84 13.87
N ILE E 174 -24.18 41.72 13.17
CA ILE E 174 -24.11 43.14 13.48
C ILE E 174 -24.37 43.34 14.97
N ALA E 175 -25.20 42.49 15.55
CA ALA E 175 -25.56 42.59 16.96
C ALA E 175 -24.53 42.01 17.89
N THR E 176 -23.73 41.08 17.37
CA THR E 176 -22.66 40.44 18.13
C THR E 176 -21.43 41.33 18.16
N GLN E 177 -21.18 42.03 17.07
CA GLN E 177 -20.00 42.87 16.94
C GLN E 177 -20.10 44.33 17.32
N SER E 178 -21.28 44.90 17.19
CA SER E 178 -21.46 46.32 17.42
C SER E 178 -21.86 46.80 18.80
N GLU E 179 -21.20 47.87 19.24
CA GLU E 179 -21.52 48.52 20.52
C GLU E 179 -21.86 49.97 20.19
N VAL E 180 -22.94 50.09 19.42
CA VAL E 180 -23.52 51.35 18.97
C VAL E 180 -24.96 50.99 18.67
N LYS E 181 -25.87 51.40 19.55
CA LYS E 181 -27.29 51.13 19.38
C LYS E 181 -27.80 52.11 18.32
N PHE E 182 -28.03 51.59 17.12
CA PHE E 182 -28.49 52.39 15.98
C PHE E 182 -29.97 52.64 15.95
N ASP E 183 -30.34 53.88 15.65
CA ASP E 183 -31.74 54.26 15.57
C ASP E 183 -32.32 53.70 14.28
N SER E 184 -31.47 53.57 13.27
CA SER E 184 -31.93 53.05 11.99
C SER E 184 -30.83 52.48 11.08
N ILE E 185 -31.11 51.29 10.55
CA ILE E 185 -30.19 50.64 9.64
C ILE E 185 -30.79 50.87 8.26
N VAL E 186 -30.03 51.51 7.38
CA VAL E 186 -30.51 51.81 6.04
C VAL E 186 -29.79 51.05 4.91
N VAL E 187 -30.56 50.29 4.12
CA VAL E 187 -30.01 49.53 3.00
C VAL E 187 -30.61 49.97 1.67
N ALA E 188 -30.05 49.50 0.56
CA ALA E 188 -30.58 49.86 -0.75
C ALA E 188 -31.49 48.73 -1.24
N ALA E 189 -32.76 49.04 -1.45
CA ALA E 189 -33.73 48.05 -1.90
C ALA E 189 -33.80 47.85 -3.42
N GLY E 190 -33.85 46.58 -3.81
CA GLY E 190 -33.94 46.20 -5.20
C GLY E 190 -34.96 45.09 -5.17
N SER E 191 -34.48 43.86 -5.06
CA SER E 191 -35.40 42.75 -4.98
C SER E 191 -36.06 42.85 -3.61
N GLY E 192 -35.46 43.62 -2.69
CA GLY E 192 -36.02 43.75 -1.37
C GLY E 192 -35.70 42.56 -0.47
N GLY E 193 -34.79 41.71 -0.96
CA GLY E 193 -34.40 40.55 -0.20
C GLY E 193 -33.52 40.87 1.01
N THR E 194 -32.74 41.95 0.92
CA THR E 194 -31.87 42.38 2.01
C THR E 194 -32.64 43.06 3.14
N LEU E 195 -33.38 44.13 2.82
CA LEU E 195 -34.19 44.87 3.79
C LEU E 195 -35.05 43.86 4.53
N ALA E 196 -35.52 42.85 3.80
CA ALA E 196 -36.35 41.78 4.33
C ALA E 196 -35.57 41.05 5.42
N GLY E 197 -34.30 40.75 5.14
CA GLY E 197 -33.46 40.08 6.11
C GLY E 197 -33.29 40.99 7.32
N LEU E 198 -33.00 42.25 7.06
CA LEU E 198 -32.82 43.23 8.10
C LEU E 198 -34.06 43.32 8.98
N SER E 199 -35.23 43.34 8.34
CA SER E 199 -36.50 43.44 9.05
C SER E 199 -36.89 42.20 9.88
N LEU E 200 -36.81 41.02 9.27
CA LEU E 200 -37.15 39.78 9.97
C LEU E 200 -36.14 39.63 11.10
N GLY E 201 -34.89 39.95 10.76
CA GLY E 201 -33.81 39.85 11.73
C GLY E 201 -33.93 40.81 12.88
N LEU E 202 -34.25 42.08 12.60
CA LEU E 202 -34.40 43.08 13.65
C LEU E 202 -35.61 42.78 14.50
N SER E 203 -36.54 42.03 13.91
CA SER E 203 -37.78 41.62 14.54
C SER E 203 -37.55 40.52 15.57
N ILE E 204 -36.79 39.51 15.16
CA ILE E 204 -36.47 38.38 16.04
C ILE E 204 -35.70 38.86 17.28
N LEU E 205 -34.90 39.90 17.13
CA LEU E 205 -34.16 40.44 18.26
C LEU E 205 -34.96 41.56 18.94
N ASN E 206 -36.24 41.66 18.57
CA ASN E 206 -37.17 42.65 19.09
C ASN E 206 -36.48 43.90 19.64
N GLU E 207 -35.97 44.73 18.73
CA GLU E 207 -35.30 45.97 19.09
C GLU E 207 -35.99 47.15 18.40
N ASP E 208 -35.68 48.36 18.87
CA ASP E 208 -36.27 49.60 18.32
C ASP E 208 -35.51 50.17 17.13
N ILE E 209 -34.65 49.36 16.51
CA ILE E 209 -33.91 49.79 15.34
C ILE E 209 -34.89 49.82 14.16
N ARG E 210 -34.65 50.69 13.19
CA ARG E 210 -35.56 50.78 12.05
C ARG E 210 -35.00 50.33 10.72
N PRO E 211 -35.66 49.37 10.07
CA PRO E 211 -35.17 48.92 8.78
C PRO E 211 -35.64 49.96 7.78
N VAL E 212 -34.73 50.82 7.34
CA VAL E 212 -35.09 51.84 6.40
C VAL E 212 -34.57 51.49 5.02
N GLY E 213 -35.48 51.07 4.14
CA GLY E 213 -35.10 50.73 2.77
C GLY E 213 -35.13 51.95 1.86
N ILE E 214 -34.33 51.91 0.82
CA ILE E 214 -34.30 53.00 -0.14
C ILE E 214 -34.24 52.42 -1.54
N ALA E 215 -35.28 52.70 -2.33
CA ALA E 215 -35.41 52.17 -3.70
C ALA E 215 -34.52 52.86 -4.71
N VAL E 216 -33.70 52.07 -5.36
CA VAL E 216 -32.78 52.59 -6.35
C VAL E 216 -33.41 52.51 -7.76
N GLY E 217 -34.63 51.98 -7.83
CA GLY E 217 -35.32 51.85 -9.09
C GLY E 217 -36.82 52.06 -8.95
N ARG E 218 -37.50 52.16 -10.08
CA ARG E 218 -38.96 52.38 -10.15
C ARG E 218 -39.68 51.51 -9.12
N PHE E 219 -40.07 52.16 -8.02
CA PHE E 219 -40.78 51.54 -6.92
C PHE E 219 -42.07 50.94 -7.46
N GLY E 220 -41.95 49.81 -8.14
CA GLY E 220 -43.12 49.16 -8.72
C GLY E 220 -44.23 48.82 -7.73
N GLU E 221 -44.89 47.69 -7.94
CA GLU E 221 -45.97 47.25 -7.04
C GLU E 221 -45.69 45.91 -6.41
N VAL E 222 -45.29 44.95 -7.24
CA VAL E 222 -44.94 43.62 -6.74
C VAL E 222 -43.59 43.83 -6.02
N MET E 223 -43.52 45.00 -5.37
CA MET E 223 -42.37 45.43 -4.58
C MET E 223 -42.93 45.97 -3.26
N THR E 224 -43.55 47.14 -3.31
CA THR E 224 -44.13 47.72 -2.12
C THR E 224 -45.16 46.77 -1.52
N SER E 225 -45.21 45.55 -2.06
CA SER E 225 -46.12 44.54 -1.59
C SER E 225 -45.57 43.10 -1.73
N LYS E 226 -44.45 42.96 -2.41
CA LYS E 226 -43.85 41.63 -2.54
C LYS E 226 -42.89 41.66 -1.35
N LEU E 227 -42.54 42.89 -0.98
CA LEU E 227 -41.67 43.11 0.14
C LEU E 227 -42.24 42.38 1.32
N ASP E 228 -43.55 42.57 1.52
CA ASP E 228 -44.24 41.97 2.64
C ASP E 228 -44.52 40.48 2.53
N ASN E 229 -44.81 39.99 1.33
CA ASN E 229 -45.06 38.57 1.19
C ASN E 229 -43.77 37.82 1.59
N LEU E 230 -42.62 38.37 1.20
CA LEU E 230 -41.34 37.75 1.51
C LEU E 230 -41.18 37.64 3.02
N ILE E 231 -41.02 38.78 3.68
CA ILE E 231 -40.88 38.83 5.13
C ILE E 231 -41.84 37.86 5.82
N LYS E 232 -43.00 37.66 5.23
CA LYS E 232 -44.01 36.77 5.77
C LYS E 232 -43.58 35.32 5.61
N GLU E 233 -43.11 34.97 4.41
CA GLU E 233 -42.70 33.60 4.13
C GLU E 233 -41.46 33.18 4.92
N ALA E 234 -40.44 34.03 4.95
CA ALA E 234 -39.22 33.73 5.67
C ALA E 234 -39.59 33.60 7.14
N ALA E 235 -40.27 34.60 7.67
CA ALA E 235 -40.70 34.59 9.06
C ALA E 235 -41.34 33.25 9.40
N GLU E 236 -41.91 32.60 8.38
CA GLU E 236 -42.57 31.31 8.60
C GLU E 236 -41.61 30.14 8.57
N LEU E 237 -40.47 30.34 7.90
CA LEU E 237 -39.46 29.30 7.85
C LEU E 237 -38.91 29.15 9.25
N LEU E 238 -38.45 30.26 9.81
CA LEU E 238 -37.89 30.31 11.16
C LEU E 238 -39.02 30.09 12.16
N GLY E 239 -40.22 29.96 11.62
CA GLY E 239 -41.41 29.74 12.42
C GLY E 239 -41.64 30.79 13.49
N VAL E 240 -41.27 32.03 13.23
CA VAL E 240 -41.45 33.11 14.20
C VAL E 240 -42.45 34.16 13.73
N LYS E 241 -43.08 34.86 14.68
CA LYS E 241 -44.05 35.89 14.36
C LYS E 241 -43.39 37.14 13.80
N VAL E 242 -43.72 37.44 12.55
CA VAL E 242 -43.19 38.63 11.89
C VAL E 242 -43.55 39.79 12.80
N GLU E 243 -42.70 40.82 12.84
CA GLU E 243 -42.95 41.98 13.70
C GLU E 243 -43.82 43.01 13.00
N VAL E 244 -43.23 44.15 12.65
CA VAL E 244 -43.93 45.22 11.95
C VAL E 244 -43.02 45.92 10.92
N ARG E 245 -43.50 45.93 9.68
CA ARG E 245 -42.87 46.52 8.49
C ARG E 245 -41.61 47.39 8.54
N PRO E 246 -40.92 47.45 7.39
CA PRO E 246 -39.71 48.23 7.15
C PRO E 246 -40.15 49.58 6.56
N GLU E 247 -39.22 50.52 6.39
CA GLU E 247 -39.54 51.81 5.81
C GLU E 247 -38.95 51.92 4.40
N LEU E 248 -39.78 52.00 3.36
CA LEU E 248 -39.23 52.10 2.02
C LEU E 248 -39.39 53.51 1.49
N TYR E 249 -38.31 54.02 0.88
CA TYR E 249 -38.28 55.36 0.30
C TYR E 249 -37.84 55.24 -1.14
N ASP E 250 -38.22 56.20 -1.96
CA ASP E 250 -37.83 56.15 -3.36
C ASP E 250 -36.86 57.28 -3.76
N TYR E 251 -35.70 56.88 -4.27
CA TYR E 251 -34.67 57.81 -4.74
C TYR E 251 -34.10 57.21 -6.03
N SER E 252 -34.96 56.51 -6.75
CA SER E 252 -34.59 55.87 -8.01
C SER E 252 -34.31 56.91 -9.07
N PHE E 253 -34.71 58.15 -8.78
CA PHE E 253 -34.52 59.26 -9.69
C PHE E 253 -35.33 59.14 -10.98
N GLY E 254 -36.14 58.11 -11.08
CA GLY E 254 -36.92 57.94 -12.30
C GLY E 254 -37.10 56.47 -12.58
N GLU E 255 -36.03 55.82 -12.97
CA GLU E 255 -36.09 54.39 -13.22
C GLU E 255 -34.79 53.74 -12.82
N TYR E 256 -34.89 52.48 -12.40
CA TYR E 256 -33.76 51.68 -12.00
C TYR E 256 -32.71 51.80 -13.10
N GLY E 257 -31.50 52.23 -12.73
CA GLY E 257 -30.43 52.36 -13.70
C GLY E 257 -30.22 53.77 -14.24
N LYS E 258 -31.17 54.66 -14.04
CA LYS E 258 -30.99 56.01 -14.55
C LYS E 258 -29.98 56.73 -13.66
N ILE E 259 -28.91 57.19 -14.28
CA ILE E 259 -27.84 57.88 -13.59
C ILE E 259 -27.96 59.39 -13.69
N THR E 260 -28.17 60.04 -12.55
CA THR E 260 -28.29 61.49 -12.50
C THR E 260 -27.10 62.08 -11.75
N GLY E 261 -26.69 63.27 -12.17
CA GLY E 261 -25.56 63.94 -11.57
C GLY E 261 -25.54 63.93 -10.05
N GLU E 262 -26.72 63.88 -9.44
CA GLU E 262 -26.85 63.87 -8.00
C GLU E 262 -26.01 62.69 -7.51
N VAL E 263 -26.28 61.54 -8.11
CA VAL E 263 -25.57 60.30 -7.80
C VAL E 263 -24.06 60.50 -7.96
N ALA E 264 -23.63 60.91 -9.15
CA ALA E 264 -22.23 61.12 -9.43
C ALA E 264 -21.58 61.97 -8.34
N GLN E 265 -22.23 63.07 -8.00
CA GLN E 265 -21.71 63.97 -6.98
C GLN E 265 -21.68 63.26 -5.63
N ILE E 266 -22.65 62.40 -5.38
CA ILE E 266 -22.67 61.67 -4.12
C ILE E 266 -21.46 60.75 -4.09
N ILE E 267 -21.18 60.14 -5.23
CA ILE E 267 -20.04 59.26 -5.30
C ILE E 267 -18.78 60.02 -4.96
N ARG E 268 -18.54 61.12 -5.67
CA ARG E 268 -17.35 61.93 -5.44
C ARG E 268 -17.17 62.34 -3.98
N LYS E 269 -18.20 62.88 -3.34
CA LYS E 269 -18.07 63.28 -1.93
C LYS E 269 -17.67 62.12 -1.02
N VAL E 270 -18.31 60.96 -1.23
CA VAL E 270 -18.08 59.77 -0.42
C VAL E 270 -16.72 59.07 -0.64
N GLY E 271 -16.08 59.37 -1.77
CA GLY E 271 -14.81 58.74 -2.08
C GLY E 271 -13.64 59.69 -1.99
N THR E 272 -13.88 60.89 -1.50
CA THR E 272 -12.82 61.90 -1.35
C THR E 272 -12.92 62.47 0.06
N ARG E 273 -14.07 62.23 0.67
CA ARG E 273 -14.31 62.72 1.99
C ARG E 273 -14.57 61.55 2.93
N GLU E 274 -14.34 60.32 2.45
CA GLU E 274 -14.55 59.13 3.28
C GLU E 274 -13.75 57.91 2.92
N GLY E 275 -13.13 57.91 1.75
CA GLY E 275 -12.32 56.78 1.32
C GLY E 275 -13.03 55.57 0.73
N ILE E 276 -14.34 55.53 0.83
CA ILE E 276 -15.13 54.40 0.33
C ILE E 276 -15.60 54.65 -1.11
N ILE E 277 -15.73 53.59 -1.90
CA ILE E 277 -16.22 53.72 -3.26
C ILE E 277 -17.64 53.17 -3.36
N LEU E 278 -18.56 53.97 -3.88
CA LEU E 278 -19.96 53.53 -4.02
C LEU E 278 -20.25 53.34 -5.49
N ASP E 279 -21.41 52.77 -5.80
CA ASP E 279 -21.77 52.56 -7.20
C ASP E 279 -22.92 53.46 -7.60
N PRO E 280 -23.00 53.84 -8.89
CA PRO E 280 -24.05 54.71 -9.43
C PRO E 280 -25.47 54.13 -9.55
N VAL E 281 -25.62 52.82 -9.52
CA VAL E 281 -26.94 52.21 -9.63
C VAL E 281 -27.56 51.81 -8.29
N TYR E 282 -26.75 51.39 -7.32
CA TYR E 282 -27.27 50.97 -6.01
C TYR E 282 -26.87 51.80 -4.80
N THR E 283 -25.70 51.49 -4.22
CA THR E 283 -25.24 52.17 -3.01
C THR E 283 -25.19 53.68 -3.04
N GLY E 284 -25.03 54.25 -4.23
CA GLY E 284 -25.01 55.69 -4.35
C GLY E 284 -26.41 56.26 -4.12
N LYS E 285 -27.40 55.75 -4.84
CA LYS E 285 -28.75 56.23 -4.68
C LYS E 285 -29.22 55.97 -3.26
N ALA E 286 -28.66 54.92 -2.65
CA ALA E 286 -29.04 54.56 -1.28
C ALA E 286 -28.36 55.43 -0.26
N PHE E 287 -27.18 55.93 -0.57
CA PHE E 287 -26.51 56.79 0.39
C PHE E 287 -27.11 58.19 0.26
N TYR E 288 -27.36 58.62 -0.97
CA TYR E 288 -27.94 59.93 -1.23
C TYR E 288 -29.28 60.00 -0.53
N GLY E 289 -30.10 58.97 -0.69
CA GLY E 289 -31.40 58.97 -0.04
C GLY E 289 -31.30 59.09 1.46
N LEU E 290 -30.23 58.50 2.00
CA LEU E 290 -29.94 58.51 3.44
C LEU E 290 -29.62 59.91 3.92
N VAL E 291 -28.69 60.55 3.23
CA VAL E 291 -28.28 61.89 3.56
C VAL E 291 -29.55 62.73 3.68
N ASP E 292 -30.16 63.01 2.54
CA ASP E 292 -31.39 63.80 2.48
C ASP E 292 -32.32 63.48 3.65
N LEU E 293 -32.72 62.21 3.74
CA LEU E 293 -33.60 61.76 4.81
C LEU E 293 -33.06 62.23 6.15
N ALA E 294 -31.75 62.08 6.34
CA ALA E 294 -31.05 62.46 7.57
C ALA E 294 -31.06 63.97 7.79
N ARG E 295 -30.72 64.74 6.75
CA ARG E 295 -30.75 66.19 6.85
C ARG E 295 -32.13 66.60 7.39
N LYS E 296 -33.19 66.17 6.72
CA LYS E 296 -34.56 66.48 7.16
C LYS E 296 -34.78 65.91 8.56
N GLY E 297 -33.85 65.08 9.00
CA GLY E 297 -33.94 64.47 10.31
C GLY E 297 -35.00 63.38 10.37
N GLU E 298 -34.91 62.40 9.49
CA GLU E 298 -35.90 61.34 9.47
C GLU E 298 -35.35 59.95 9.72
N LEU E 299 -34.12 59.89 10.21
CA LEU E 299 -33.48 58.61 10.51
C LEU E 299 -32.93 58.56 11.93
N GLY E 300 -33.32 59.52 12.75
CA GLY E 300 -32.84 59.54 14.11
C GLY E 300 -31.45 60.14 14.15
N GLU E 301 -30.72 59.86 15.21
CA GLU E 301 -29.38 60.41 15.34
C GLU E 301 -28.26 59.41 15.14
N LYS E 302 -28.57 58.12 15.18
CA LYS E 302 -27.56 57.08 15.00
C LYS E 302 -27.91 56.11 13.87
N ILE E 303 -27.34 56.37 12.70
CA ILE E 303 -27.59 55.56 11.51
C ILE E 303 -26.48 54.61 11.14
N LEU E 304 -26.88 53.47 10.56
CA LEU E 304 -25.96 52.44 10.08
C LEU E 304 -26.27 52.06 8.63
N PHE E 305 -25.48 52.57 7.71
CA PHE E 305 -25.62 52.27 6.30
C PHE E 305 -24.93 50.95 6.01
N ILE E 306 -25.50 50.19 5.08
CA ILE E 306 -24.95 48.91 4.69
C ILE E 306 -24.44 48.88 3.25
N HIS E 307 -23.12 48.96 3.10
CA HIS E 307 -22.53 48.93 1.77
C HIS E 307 -22.76 47.53 1.24
N THR E 308 -23.72 47.40 0.33
CA THR E 308 -24.02 46.12 -0.28
C THR E 308 -23.09 45.86 -1.47
N GLY E 309 -22.16 46.79 -1.72
CA GLY E 309 -21.19 46.62 -2.79
C GLY E 309 -21.33 47.43 -4.08
N GLY E 310 -21.40 46.72 -5.21
CA GLY E 310 -21.58 47.36 -6.49
C GLY E 310 -20.38 47.84 -7.27
N ILE E 311 -19.19 47.73 -6.71
CA ILE E 311 -17.96 48.19 -7.37
C ILE E 311 -17.93 48.14 -8.91
N SER E 312 -18.33 47.02 -9.50
CA SER E 312 -18.31 46.86 -10.95
C SER E 312 -19.15 47.85 -11.78
N GLY E 313 -20.03 48.59 -11.13
CA GLY E 313 -20.87 49.54 -11.85
C GLY E 313 -20.24 50.90 -12.01
N THR E 314 -19.27 51.21 -11.17
CA THR E 314 -18.62 52.51 -11.28
C THR E 314 -17.72 52.47 -12.51
N PHE E 315 -17.05 51.34 -12.75
CA PHE E 315 -16.17 51.17 -13.91
C PHE E 315 -17.00 51.15 -15.19
N HIS E 316 -18.08 50.39 -15.11
CA HIS E 316 -19.04 50.17 -16.18
C HIS E 316 -19.64 51.47 -16.73
N TYR E 317 -20.10 52.33 -15.82
CA TYR E 317 -20.73 53.59 -16.18
C TYR E 317 -19.83 54.80 -15.90
N GLY E 318 -18.52 54.56 -16.00
CA GLY E 318 -17.55 55.61 -15.76
C GLY E 318 -17.75 56.88 -16.54
N ASP E 319 -17.77 56.77 -17.87
CA ASP E 319 -17.96 57.90 -18.76
C ASP E 319 -19.20 58.67 -18.36
N LYS E 320 -20.31 57.96 -18.24
CA LYS E 320 -21.57 58.57 -17.88
C LYS E 320 -21.33 59.53 -16.74
N LEU E 321 -21.07 59.00 -15.55
CA LEU E 321 -20.80 59.84 -14.38
C LEU E 321 -19.92 61.04 -14.77
N LEU E 322 -18.80 60.79 -15.45
CA LEU E 322 -17.93 61.89 -15.88
C LEU E 322 -18.79 62.92 -16.60
N SER E 323 -19.37 62.52 -17.73
CA SER E 323 -20.23 63.38 -18.52
C SER E 323 -21.24 64.14 -17.65
N LEU E 324 -21.56 63.59 -16.48
CA LEU E 324 -22.49 64.23 -15.55
C LEU E 324 -21.72 65.04 -14.51
N LEU E 325 -20.49 64.64 -14.22
CA LEU E 325 -19.67 65.35 -13.26
C LEU E 325 -19.20 66.64 -13.89
N MET F 1 -0.73 41.78 17.32
CA MET F 1 0.40 42.64 16.88
C MET F 1 1.62 42.27 17.72
N HIS F 2 2.62 41.66 17.08
CA HIS F 2 3.80 41.25 17.81
C HIS F 2 4.29 42.33 18.75
N PRO F 3 4.68 41.94 19.98
CA PRO F 3 5.18 42.90 20.97
C PRO F 3 6.47 43.56 20.50
N LYS F 4 7.37 42.76 19.92
CA LYS F 4 8.65 43.27 19.41
C LYS F 4 8.45 44.20 18.20
N ILE F 5 7.42 43.95 17.41
CA ILE F 5 7.16 44.79 16.24
C ILE F 5 6.57 46.08 16.79
N PHE F 6 5.63 45.93 17.71
CA PHE F 6 4.99 47.06 18.34
C PHE F 6 6.12 48.00 18.70
N ALA F 7 6.87 47.62 19.72
CA ALA F 7 8.00 48.40 20.21
C ALA F 7 8.80 49.22 19.18
N LEU F 8 9.27 48.58 18.12
CA LEU F 8 10.07 49.28 17.12
C LEU F 8 9.35 50.26 16.18
N LEU F 9 8.03 50.15 16.04
CA LEU F 9 7.27 51.05 15.17
C LEU F 9 6.45 52.08 15.97
N ALA F 10 6.25 51.78 17.25
CA ALA F 10 5.48 52.63 18.15
C ALA F 10 5.75 54.11 18.10
N LYS F 11 6.90 54.50 17.58
CA LYS F 11 7.26 55.90 17.55
C LYS F 11 6.94 56.60 16.25
N PHE F 12 6.83 55.82 15.19
CA PHE F 12 6.54 56.38 13.88
C PHE F 12 5.05 56.74 13.74
N PRO F 13 4.77 58.02 13.46
CA PRO F 13 3.39 58.49 13.30
C PRO F 13 2.74 57.97 12.03
N ARG F 14 1.47 57.60 12.14
CA ARG F 14 0.71 57.09 11.02
C ARG F 14 -0.78 57.35 11.12
N VAL F 15 -1.39 57.81 10.03
CA VAL F 15 -2.84 58.03 9.99
C VAL F 15 -3.39 56.62 9.90
N GLU F 16 -4.17 56.18 10.88
CA GLU F 16 -4.74 54.82 10.84
C GLU F 16 -5.84 54.63 9.80
N LEU F 17 -5.43 54.20 8.61
CA LEU F 17 -6.32 53.96 7.48
C LEU F 17 -7.11 52.68 7.56
N ILE F 18 -6.45 51.55 7.76
CA ILE F 18 -7.16 50.27 7.85
C ILE F 18 -7.68 50.12 9.28
N PRO F 19 -9.00 49.97 9.42
CA PRO F 19 -9.68 49.83 10.72
C PRO F 19 -9.74 48.41 11.29
N TRP F 20 -9.10 47.43 10.66
CA TRP F 20 -9.18 46.06 11.15
C TRP F 20 -8.02 45.19 10.69
N GLU F 21 -8.24 43.87 10.72
CA GLU F 21 -7.23 42.90 10.28
C GLU F 21 -7.76 42.07 9.11
N THR F 22 -6.96 41.93 8.07
CA THR F 22 -7.37 41.15 6.92
C THR F 22 -7.16 39.67 7.19
N PRO F 23 -8.15 38.84 6.81
CA PRO F 23 -8.24 37.39 6.95
C PRO F 23 -7.37 36.51 6.05
N ILE F 24 -7.01 35.35 6.58
CA ILE F 24 -6.18 34.36 5.89
C ILE F 24 -6.99 33.10 5.66
N GLN F 25 -7.01 32.63 4.42
CA GLN F 25 -7.81 31.46 4.08
C GLN F 25 -7.02 30.35 3.41
N TYR F 26 -7.47 29.13 3.60
CA TYR F 26 -6.83 28.00 2.95
C TYR F 26 -7.46 27.93 1.57
N LEU F 27 -6.68 27.54 0.56
CA LEU F 27 -7.20 27.43 -0.78
C LEU F 27 -7.10 25.96 -1.16
N PRO F 28 -8.18 25.19 -0.90
CA PRO F 28 -8.33 23.76 -1.15
C PRO F 28 -7.96 23.27 -2.54
N ASN F 29 -8.52 23.93 -3.55
CA ASN F 29 -8.26 23.50 -4.91
C ASN F 29 -6.83 23.70 -5.39
N ILE F 30 -6.27 24.88 -5.19
CA ILE F 30 -4.91 25.10 -5.64
C ILE F 30 -3.92 24.23 -4.87
N SER F 31 -4.11 24.07 -3.56
CA SER F 31 -3.22 23.24 -2.78
C SER F 31 -3.23 21.85 -3.40
N ARG F 32 -4.42 21.28 -3.46
CA ARG F 32 -4.62 19.96 -4.05
C ARG F 32 -3.99 19.85 -5.46
N GLU F 33 -4.16 20.89 -6.27
CA GLU F 33 -3.64 20.94 -7.63
C GLU F 33 -2.12 21.09 -7.63
N ILE F 34 -1.64 22.00 -6.80
CA ILE F 34 -0.21 22.34 -6.65
C ILE F 34 0.64 21.33 -5.87
N GLY F 35 0.01 20.49 -5.06
CA GLY F 35 0.76 19.50 -4.31
C GLY F 35 1.44 19.95 -3.02
N ALA F 36 1.00 21.09 -2.48
CA ALA F 36 1.50 21.65 -1.23
C ALA F 36 0.41 22.55 -0.70
N ASP F 37 0.46 22.87 0.58
CA ASP F 37 -0.55 23.75 1.18
C ASP F 37 -0.24 25.20 0.94
N VAL F 38 -1.24 25.92 0.42
CA VAL F 38 -1.10 27.33 0.16
C VAL F 38 -2.35 28.00 0.68
N TYR F 39 -2.15 29.00 1.51
CA TYR F 39 -3.23 29.77 2.11
C TYR F 39 -3.09 31.15 1.50
N ILE F 40 -4.04 32.05 1.77
CA ILE F 40 -3.96 33.40 1.21
C ILE F 40 -4.32 34.48 2.25
N LYS F 41 -3.62 35.61 2.18
CA LYS F 41 -3.89 36.74 3.06
C LYS F 41 -4.62 37.80 2.25
N ARG F 42 -5.79 38.22 2.73
CA ARG F 42 -6.60 39.20 2.02
C ARG F 42 -6.29 40.69 2.15
N ASP F 43 -5.07 41.10 1.81
CA ASP F 43 -4.73 42.53 1.90
C ASP F 43 -5.54 43.33 0.87
N ASP F 44 -6.30 42.61 0.05
CA ASP F 44 -7.14 43.21 -0.98
C ASP F 44 -8.41 43.80 -0.37
N LEU F 45 -8.61 43.56 0.92
CA LEU F 45 -9.78 44.05 1.62
C LEU F 45 -9.41 45.11 2.65
N THR F 46 -8.25 45.72 2.47
CA THR F 46 -7.76 46.75 3.37
C THR F 46 -8.80 47.87 3.58
N GLY F 47 -9.83 47.86 2.74
CA GLY F 47 -10.91 48.82 2.85
C GLY F 47 -10.97 50.15 2.12
N LEU F 48 -9.84 50.82 1.88
CA LEU F 48 -9.84 52.12 1.21
C LEU F 48 -9.71 52.01 -0.29
N GLY F 49 -10.52 52.78 -1.01
CA GLY F 49 -10.50 52.73 -2.47
C GLY F 49 -10.72 51.31 -2.95
N ILE F 50 -9.76 50.79 -3.71
CA ILE F 50 -9.83 49.43 -4.22
C ILE F 50 -9.01 48.46 -3.37
N GLY F 51 -8.88 48.76 -2.08
CA GLY F 51 -8.10 47.91 -1.21
C GLY F 51 -6.71 47.72 -1.76
N GLY F 52 -6.01 46.68 -1.34
CA GLY F 52 -4.67 46.45 -1.86
C GLY F 52 -3.56 46.76 -0.88
N ASN F 53 -2.34 46.45 -1.30
CA ASN F 53 -1.16 46.63 -0.48
C ASN F 53 -0.65 48.02 -0.18
N LYS F 54 -0.96 49.02 -0.99
CA LYS F 54 -0.43 50.34 -0.69
C LYS F 54 -1.24 51.18 0.30
N ILE F 55 -2.23 50.55 0.93
CA ILE F 55 -3.02 51.27 1.92
C ILE F 55 -2.23 51.29 3.23
N ARG F 56 -1.55 50.17 3.53
CA ARG F 56 -0.74 50.07 4.73
C ARG F 56 0.34 51.12 4.64
N LYS F 57 1.05 51.11 3.53
CA LYS F 57 2.11 52.08 3.32
C LYS F 57 1.63 53.49 3.59
N LEU F 58 0.48 53.85 3.03
CA LEU F 58 -0.10 55.17 3.22
C LEU F 58 -0.37 55.47 4.68
N GLU F 59 -0.52 54.44 5.50
CA GLU F 59 -0.74 54.66 6.93
C GLU F 59 0.49 55.37 7.51
N TYR F 60 1.68 54.84 7.20
CA TYR F 60 2.94 55.39 7.69
C TYR F 60 3.49 56.51 6.81
N LEU F 61 2.97 56.60 5.58
CA LEU F 61 3.38 57.64 4.66
C LEU F 61 2.50 58.89 4.86
N LEU F 62 1.19 58.72 4.77
CA LEU F 62 0.30 59.85 4.92
C LEU F 62 0.44 60.45 6.30
N GLY F 63 1.01 59.66 7.21
CA GLY F 63 1.25 60.13 8.56
C GLY F 63 2.43 61.10 8.54
N ASP F 64 3.50 60.69 7.87
CA ASP F 64 4.70 61.53 7.75
C ASP F 64 4.33 62.85 7.07
N ALA F 65 3.75 62.73 5.87
CA ALA F 65 3.30 63.86 5.07
C ALA F 65 2.49 64.75 6.00
N LEU F 66 1.33 64.24 6.43
CA LEU F 66 0.47 64.99 7.35
C LEU F 66 1.29 65.68 8.43
N SER F 67 2.33 65.01 8.93
CA SER F 67 3.17 65.59 9.97
C SER F 67 3.98 66.79 9.50
N LYS F 68 4.75 66.60 8.44
CA LYS F 68 5.57 67.68 7.88
C LYS F 68 4.74 68.80 7.22
N GLY F 69 3.51 68.97 7.70
CA GLY F 69 2.64 70.01 7.17
C GLY F 69 2.61 70.17 5.66
N ALA F 70 2.55 69.05 4.95
CA ALA F 70 2.50 69.07 3.50
C ALA F 70 1.10 69.53 3.12
N ASP F 71 0.97 70.20 1.98
CA ASP F 71 -0.34 70.70 1.52
C ASP F 71 -0.73 70.14 0.13
N VAL F 72 -0.06 69.04 -0.26
CA VAL F 72 -0.30 68.37 -1.53
C VAL F 72 0.54 67.11 -1.63
N VAL F 73 -0.10 66.00 -1.95
CA VAL F 73 0.63 64.76 -2.09
C VAL F 73 0.90 64.64 -3.57
N ILE F 74 2.08 64.15 -3.94
CA ILE F 74 2.41 64.01 -5.35
C ILE F 74 3.17 62.72 -5.62
N THR F 75 2.60 61.85 -6.45
CA THR F 75 3.28 60.62 -6.78
C THR F 75 3.23 60.32 -8.27
N VAL F 76 3.95 59.29 -8.70
CA VAL F 76 3.97 58.93 -10.11
C VAL F 76 3.50 57.49 -10.28
N GLY F 77 3.55 57.01 -11.51
CA GLY F 77 3.14 55.66 -11.80
C GLY F 77 2.74 55.50 -13.24
N ALA F 78 2.15 54.36 -13.56
CA ALA F 78 1.67 54.06 -14.90
C ALA F 78 0.17 54.37 -14.86
N VAL F 79 -0.34 54.97 -15.91
CA VAL F 79 -1.76 55.31 -15.99
C VAL F 79 -2.70 54.38 -15.23
N HIS F 80 -2.55 53.07 -15.44
CA HIS F 80 -3.39 52.07 -14.79
C HIS F 80 -2.99 51.84 -13.33
N SER F 81 -2.31 52.82 -12.75
CA SER F 81 -1.80 52.73 -11.39
C SER F 81 -2.79 52.55 -10.25
N ASN F 82 -2.63 51.47 -9.50
CA ASN F 82 -3.48 51.19 -8.34
C ASN F 82 -3.03 52.17 -7.27
N HIS F 83 -1.71 52.20 -7.11
CA HIS F 83 -1.05 53.04 -6.14
C HIS F 83 -1.40 54.52 -6.33
N ALA F 84 -1.24 54.98 -7.56
CA ALA F 84 -1.53 56.36 -7.88
C ALA F 84 -2.93 56.75 -7.45
N PHE F 85 -3.92 55.93 -7.80
CA PHE F 85 -5.29 56.27 -7.43
C PHE F 85 -5.52 56.29 -5.94
N VAL F 86 -5.09 55.22 -5.27
CA VAL F 86 -5.26 55.09 -3.84
C VAL F 86 -4.58 56.22 -3.06
N THR F 87 -3.41 56.63 -3.53
CA THR F 87 -2.70 57.71 -2.88
C THR F 87 -3.58 58.95 -2.93
N GLY F 88 -3.97 59.32 -4.15
CA GLY F 88 -4.82 60.48 -4.37
C GLY F 88 -6.16 60.40 -3.67
N LEU F 89 -6.69 59.19 -3.47
CA LEU F 89 -7.97 59.08 -2.79
C LEU F 89 -7.78 59.35 -1.29
N ALA F 90 -6.87 58.60 -0.68
CA ALA F 90 -6.58 58.72 0.75
C ALA F 90 -6.06 60.08 1.16
N ALA F 91 -5.17 60.65 0.34
CA ALA F 91 -4.65 61.96 0.65
C ALA F 91 -5.84 62.89 0.81
N LYS F 92 -6.75 62.85 -0.17
CA LYS F 92 -7.93 63.69 -0.14
C LYS F 92 -8.77 63.46 1.09
N LYS F 93 -9.05 62.20 1.40
CA LYS F 93 -9.83 61.86 2.60
C LYS F 93 -9.25 62.59 3.81
N LEU F 94 -7.94 62.52 4.00
CA LEU F 94 -7.31 63.21 5.10
C LEU F 94 -7.63 64.68 4.96
N GLY F 95 -7.83 65.10 3.71
CA GLY F 95 -8.16 66.49 3.45
C GLY F 95 -7.04 67.26 2.78
N LEU F 96 -6.12 66.57 2.10
CA LEU F 96 -5.01 67.26 1.42
C LEU F 96 -5.21 67.15 -0.11
N ASP F 97 -4.45 67.92 -0.88
CA ASP F 97 -4.55 67.87 -2.33
C ASP F 97 -3.66 66.76 -2.87
N ALA F 98 -3.75 66.49 -4.17
CA ALA F 98 -2.93 65.43 -4.77
C ALA F 98 -2.77 65.62 -6.29
N ILE F 99 -1.58 65.30 -6.80
CA ILE F 99 -1.32 65.44 -8.21
C ILE F 99 -0.65 64.19 -8.80
N LEU F 100 -1.43 63.39 -9.52
CA LEU F 100 -0.94 62.18 -10.12
C LEU F 100 -0.18 62.40 -11.43
N VAL F 101 1.14 62.31 -11.34
CA VAL F 101 2.01 62.46 -12.50
C VAL F 101 2.16 61.07 -13.10
N LEU F 102 1.17 60.65 -13.89
CA LEU F 102 1.15 59.32 -14.50
C LEU F 102 1.82 59.26 -15.86
N ARG F 103 1.59 58.14 -16.54
CA ARG F 103 2.15 57.87 -17.85
C ARG F 103 1.37 56.77 -18.58
N GLY F 104 1.69 56.58 -19.86
CA GLY F 104 1.00 55.59 -20.68
C GLY F 104 -0.24 56.18 -21.35
N LYS F 105 -1.01 55.32 -22.00
CA LYS F 105 -2.21 55.73 -22.72
C LYS F 105 -3.17 56.60 -21.87
N GLU F 106 -3.91 57.44 -22.56
CA GLU F 106 -4.87 58.34 -21.92
C GLU F 106 -6.17 57.62 -21.61
N GLU F 107 -6.38 56.45 -22.22
CA GLU F 107 -7.60 55.64 -22.03
C GLU F 107 -8.36 55.99 -20.78
N LEU F 108 -9.67 56.16 -20.92
CA LEU F 108 -10.51 56.53 -19.79
C LEU F 108 -11.17 55.34 -19.09
N LYS F 109 -10.38 54.29 -18.86
CA LYS F 109 -10.85 53.09 -18.19
C LYS F 109 -9.93 52.64 -17.05
N GLY F 110 -10.46 51.88 -16.10
CA GLY F 110 -9.65 51.40 -15.00
C GLY F 110 -9.51 52.38 -13.85
N ASN F 111 -8.30 52.49 -13.32
CA ASN F 111 -8.00 53.40 -12.20
C ASN F 111 -7.90 54.82 -12.69
N TYR F 112 -7.48 54.98 -13.94
CA TYR F 112 -7.38 56.29 -14.55
C TYR F 112 -8.81 56.86 -14.57
N LEU F 113 -9.78 55.98 -14.80
CA LEU F 113 -11.20 56.31 -14.85
C LEU F 113 -11.67 56.81 -13.47
N LEU F 114 -11.39 56.02 -12.44
CA LEU F 114 -11.78 56.38 -11.08
C LEU F 114 -11.10 57.68 -10.70
N ASP F 115 -9.83 57.80 -11.05
CA ASP F 115 -9.06 58.99 -10.75
C ASP F 115 -10.00 60.15 -10.99
N LYS F 116 -10.27 60.38 -12.27
CA LYS F 116 -11.14 61.45 -12.71
C LYS F 116 -12.46 61.52 -11.96
N ILE F 117 -13.23 60.43 -12.03
CA ILE F 117 -14.51 60.38 -11.36
C ILE F 117 -14.44 60.99 -9.97
N MET F 118 -13.37 60.66 -9.25
CA MET F 118 -13.16 61.15 -7.90
C MET F 118 -12.59 62.57 -7.86
N GLY F 119 -12.25 63.07 -9.04
CA GLY F 119 -11.72 64.42 -9.10
C GLY F 119 -10.32 64.49 -8.52
N ILE F 120 -9.42 63.72 -9.11
CA ILE F 120 -8.03 63.69 -8.68
C ILE F 120 -7.25 64.20 -9.87
N GLU F 121 -6.55 65.31 -9.68
CA GLU F 121 -5.77 65.88 -10.75
C GLU F 121 -4.69 64.94 -11.25
N THR F 122 -4.61 64.81 -12.57
CA THR F 122 -3.63 63.93 -13.21
C THR F 122 -2.76 64.71 -14.19
N ARG F 123 -1.58 64.14 -14.47
CA ARG F 123 -0.65 64.77 -15.40
C ARG F 123 -0.02 63.62 -16.13
N VAL F 124 -0.28 63.54 -17.42
CA VAL F 124 0.26 62.47 -18.23
C VAL F 124 1.39 62.92 -19.14
N TYR F 125 2.55 62.29 -18.97
CA TYR F 125 3.73 62.59 -19.79
C TYR F 125 4.07 61.34 -20.57
N ASP F 126 4.79 61.53 -21.67
CA ASP F 126 5.22 60.42 -22.49
C ASP F 126 6.68 60.27 -22.14
N ALA F 127 6.90 59.65 -20.99
CA ALA F 127 8.23 59.42 -20.45
C ALA F 127 8.61 57.93 -20.48
N LYS F 128 9.90 57.67 -20.65
CA LYS F 128 10.43 56.30 -20.65
C LYS F 128 9.75 55.60 -19.49
N ASP F 129 9.20 54.42 -19.73
CA ASP F 129 8.51 53.72 -18.65
C ASP F 129 9.47 53.44 -17.50
N SER F 130 10.62 54.10 -17.55
CA SER F 130 11.60 53.96 -16.51
C SER F 130 11.13 54.95 -15.43
N PHE F 131 9.86 54.81 -15.08
CA PHE F 131 9.19 55.62 -14.07
C PHE F 131 9.98 56.79 -13.49
N GLU F 132 10.67 57.53 -14.34
CA GLU F 132 11.41 58.69 -13.87
C GLU F 132 10.60 59.95 -14.18
N LEU F 133 9.31 59.86 -13.85
CA LEU F 133 8.35 60.96 -14.01
C LEU F 133 8.66 61.75 -12.74
N MET F 134 9.54 61.13 -11.94
CA MET F 134 10.04 61.65 -10.68
C MET F 134 10.58 63.03 -10.97
N LYS F 135 11.16 63.19 -12.15
CA LYS F 135 11.70 64.48 -12.53
C LYS F 135 10.59 65.50 -12.71
N TYR F 136 9.50 65.11 -13.38
CA TYR F 136 8.38 66.03 -13.59
C TYR F 136 7.70 66.29 -12.27
N ALA F 137 7.84 65.36 -11.34
CA ALA F 137 7.22 65.52 -10.02
C ALA F 137 8.12 66.37 -9.13
N GLU F 138 9.41 66.41 -9.43
CA GLU F 138 10.30 67.25 -8.65
C GLU F 138 9.98 68.63 -9.18
N GLU F 139 10.05 68.75 -10.49
CA GLU F 139 9.74 69.99 -11.19
C GLU F 139 8.39 70.51 -10.68
N ILE F 140 7.35 69.67 -10.74
CA ILE F 140 6.01 70.08 -10.29
C ILE F 140 6.06 70.39 -8.79
N ALA F 141 6.73 69.53 -8.03
CA ALA F 141 6.86 69.73 -6.58
C ALA F 141 7.41 71.14 -6.39
N GLU F 142 8.41 71.45 -7.20
CA GLU F 142 9.07 72.73 -7.16
C GLU F 142 8.12 73.91 -7.39
N GLU F 143 7.68 74.09 -8.64
CA GLU F 143 6.77 75.18 -8.98
C GLU F 143 5.73 75.44 -7.88
N LEU F 144 5.04 74.37 -7.50
CA LEU F 144 4.00 74.42 -6.47
C LEU F 144 4.58 74.92 -5.14
N LYS F 145 5.90 74.81 -5.00
CA LYS F 145 6.62 75.24 -3.80
C LYS F 145 6.74 76.74 -3.95
N ARG F 146 7.02 77.18 -5.17
CA ARG F 146 7.16 78.60 -5.49
C ARG F 146 5.92 79.37 -5.10
N GLU F 147 5.07 78.75 -4.30
CA GLU F 147 3.85 79.38 -3.85
C GLU F 147 3.52 78.89 -2.46
N GLY F 148 4.33 79.35 -1.49
CA GLY F 148 4.15 79.00 -0.09
C GLY F 148 3.35 77.75 0.19
N ARG F 149 3.57 76.73 -0.63
CA ARG F 149 2.88 75.44 -0.51
C ARG F 149 3.95 74.37 -0.24
N LYS F 150 3.59 73.40 0.59
CA LYS F 150 4.51 72.34 1.02
C LYS F 150 4.19 70.94 0.51
N PRO F 151 4.75 70.56 -0.65
CA PRO F 151 4.47 69.21 -1.17
C PRO F 151 5.23 68.04 -0.52
N TYR F 152 4.63 66.85 -0.61
CA TYR F 152 5.21 65.63 -0.10
C TYR F 152 5.21 64.73 -1.34
N VAL F 153 6.36 64.16 -1.69
CA VAL F 153 6.45 63.32 -2.88
C VAL F 153 6.73 61.85 -2.64
N ILE F 154 5.68 61.04 -2.68
CA ILE F 154 5.80 59.61 -2.50
C ILE F 154 6.42 59.06 -3.78
N PRO F 155 7.21 57.97 -3.69
CA PRO F 155 7.86 57.37 -4.86
C PRO F 155 7.05 56.23 -5.49
N PRO F 156 7.51 55.71 -6.63
CA PRO F 156 6.80 54.60 -7.29
C PRO F 156 6.41 53.50 -6.31
N GLY F 157 5.12 53.18 -6.26
CA GLY F 157 4.65 52.15 -5.37
C GLY F 157 4.78 52.42 -3.88
N GLY F 158 5.15 53.64 -3.52
CA GLY F 158 5.33 54.00 -2.11
C GLY F 158 6.60 53.35 -1.54
N ALA F 159 7.38 52.72 -2.42
CA ALA F 159 8.60 52.01 -2.04
C ALA F 159 9.68 52.87 -1.37
N SER F 160 9.30 53.55 -0.31
CA SER F 160 10.25 54.35 0.43
C SER F 160 10.27 53.78 1.85
N PRO F 161 11.46 53.69 2.48
CA PRO F 161 11.61 53.17 3.84
C PRO F 161 10.44 53.49 4.81
N ILE F 162 9.96 54.73 4.83
CA ILE F 162 8.83 55.06 5.71
C ILE F 162 7.60 54.25 5.26
N GLY F 163 7.45 54.06 3.95
CA GLY F 163 6.34 53.29 3.42
C GLY F 163 6.49 51.80 3.69
N THR F 164 7.65 51.24 3.36
CA THR F 164 7.88 49.81 3.57
C THR F 164 7.50 49.42 4.98
N LEU F 165 7.52 50.38 5.88
CA LEU F 165 7.16 50.11 7.26
C LEU F 165 5.77 49.49 7.34
N GLY F 166 4.94 49.79 6.34
CA GLY F 166 3.59 49.27 6.30
C GLY F 166 3.54 47.76 6.39
N TYR F 167 4.47 47.10 5.69
CA TYR F 167 4.50 45.64 5.69
C TYR F 167 5.37 45.01 6.76
N VAL F 168 6.08 45.83 7.52
CA VAL F 168 6.90 45.31 8.59
C VAL F 168 5.87 45.09 9.69
N ARG F 169 4.81 45.89 9.61
CA ARG F 169 3.70 45.85 10.55
C ARG F 169 2.82 44.67 10.21
N ALA F 170 2.64 44.45 8.93
CA ALA F 170 1.81 43.34 8.45
C ALA F 170 2.30 42.00 8.98
N VAL F 171 3.61 41.80 9.01
CA VAL F 171 4.18 40.55 9.51
C VAL F 171 3.96 40.38 11.02
N GLY F 172 3.74 41.50 11.71
CA GLY F 172 3.49 41.45 13.13
C GLY F 172 2.01 41.18 13.35
N GLU F 173 1.26 41.16 12.26
CA GLU F 173 -0.17 40.88 12.28
C GLU F 173 -0.30 39.39 11.97
N ILE F 174 0.37 38.96 10.90
CA ILE F 174 0.34 37.56 10.47
C ILE F 174 0.80 36.70 11.63
N ALA F 175 1.87 37.13 12.30
CA ALA F 175 2.42 36.40 13.45
C ALA F 175 1.31 36.17 14.45
N THR F 176 0.59 37.24 14.76
CA THR F 176 -0.52 37.17 15.71
C THR F 176 -1.74 36.40 15.22
N GLN F 177 -2.34 36.85 14.11
CA GLN F 177 -3.54 36.21 13.60
C GLN F 177 -3.35 34.79 13.13
N SER F 178 -2.36 34.58 12.28
CA SER F 178 -2.07 33.27 11.73
C SER F 178 -2.26 32.11 12.69
N GLU F 179 -2.86 31.03 12.18
CA GLU F 179 -3.08 29.79 12.93
C GLU F 179 -2.07 28.80 12.36
N VAL F 180 -1.40 29.19 11.28
CA VAL F 180 -0.44 28.32 10.62
C VAL F 180 0.94 28.93 10.43
N LYS F 181 1.93 28.16 10.82
CA LYS F 181 3.33 28.53 10.68
C LYS F 181 3.65 28.29 9.23
N PHE F 182 4.14 29.30 8.52
CA PHE F 182 4.48 29.13 7.11
C PHE F 182 5.97 28.95 6.88
N ASP F 183 6.32 28.47 5.69
CA ASP F 183 7.72 28.24 5.34
C ASP F 183 8.17 29.39 4.46
N SER F 184 7.21 30.02 3.79
CA SER F 184 7.52 31.15 2.91
C SER F 184 6.29 31.94 2.56
N ILE F 185 6.43 33.26 2.52
CA ILE F 185 5.32 34.12 2.19
C ILE F 185 5.59 34.72 0.83
N VAL F 186 4.59 34.69 -0.05
CA VAL F 186 4.77 35.21 -1.39
C VAL F 186 4.09 36.56 -1.57
N VAL F 187 4.57 37.30 -2.58
CA VAL F 187 4.02 38.59 -2.90
C VAL F 187 4.53 39.07 -4.26
N ALA F 188 3.73 39.89 -4.94
CA ALA F 188 4.13 40.41 -6.25
C ALA F 188 5.20 41.45 -6.03
N ALA F 189 6.15 41.52 -6.96
CA ALA F 189 7.23 42.48 -6.85
C ALA F 189 7.21 43.51 -7.95
N GLY F 190 6.92 44.75 -7.58
CA GLY F 190 6.93 45.83 -8.54
C GLY F 190 8.07 46.77 -8.18
N SER F 191 7.77 47.76 -7.34
CA SER F 191 8.75 48.74 -6.91
C SER F 191 9.66 48.18 -5.82
N GLY F 192 9.10 47.36 -4.94
CA GLY F 192 9.91 46.77 -3.90
C GLY F 192 9.26 46.77 -2.53
N GLY F 193 8.85 47.95 -2.09
CA GLY F 193 8.22 48.08 -0.78
C GLY F 193 7.68 46.80 -0.16
N THR F 194 6.58 46.27 -0.74
CA THR F 194 5.94 45.09 -0.20
C THR F 194 6.82 43.91 0.15
N LEU F 195 7.80 43.61 -0.69
CA LEU F 195 8.71 42.49 -0.41
C LEU F 195 9.61 42.90 0.73
N ALA F 196 10.24 44.06 0.59
CA ALA F 196 11.14 44.61 1.59
C ALA F 196 10.61 44.46 2.99
N GLY F 197 9.57 45.23 3.29
CA GLY F 197 8.96 45.16 4.62
C GLY F 197 8.67 43.73 4.99
N LEU F 198 8.18 42.96 4.02
CA LEU F 198 7.87 41.56 4.26
C LEU F 198 9.13 40.95 4.88
N SER F 199 10.27 41.34 4.31
CA SER F 199 11.57 40.89 4.76
C SER F 199 12.03 41.55 6.06
N LEU F 200 11.99 42.87 6.13
CA LEU F 200 12.41 43.57 7.34
C LEU F 200 11.65 43.08 8.57
N GLY F 201 10.35 42.84 8.42
CA GLY F 201 9.56 42.39 9.55
C GLY F 201 9.79 40.94 9.94
N LEU F 202 9.70 40.02 8.98
CA LEU F 202 9.93 38.60 9.25
C LEU F 202 11.28 38.51 9.89
N SER F 203 12.24 39.13 9.20
CA SER F 203 13.62 39.20 9.62
C SER F 203 13.71 39.63 11.07
N ILE F 204 12.88 40.59 11.47
CA ILE F 204 12.86 41.09 12.85
C ILE F 204 12.32 40.03 13.80
N LEU F 205 11.63 39.04 13.26
CA LEU F 205 11.02 38.01 14.09
C LEU F 205 11.73 36.67 13.99
N ASN F 206 13.00 36.72 13.58
CA ASN F 206 13.79 35.51 13.43
C ASN F 206 12.88 34.31 13.33
N GLU F 207 12.11 34.26 12.26
CA GLU F 207 11.21 33.16 12.00
C GLU F 207 11.90 32.42 10.86
N ASP F 208 11.59 31.14 10.64
CA ASP F 208 12.28 30.46 9.56
C ASP F 208 11.53 30.59 8.24
N ILE F 209 10.73 31.64 8.16
CA ILE F 209 9.90 31.93 7.01
C ILE F 209 10.67 32.72 5.95
N ARG F 210 10.72 32.19 4.73
CA ARG F 210 11.44 32.84 3.63
C ARG F 210 10.58 33.81 2.83
N PRO F 211 11.02 35.07 2.70
CA PRO F 211 10.26 36.06 1.95
C PRO F 211 10.51 35.81 0.48
N VAL F 212 9.52 35.29 -0.22
CA VAL F 212 9.71 35.06 -1.64
C VAL F 212 9.08 36.20 -2.42
N GLY F 213 9.77 36.61 -3.47
CA GLY F 213 9.30 37.72 -4.29
C GLY F 213 9.17 37.33 -5.74
N ILE F 214 8.02 37.66 -6.31
CA ILE F 214 7.78 37.35 -7.71
C ILE F 214 7.85 38.65 -8.51
N ALA F 215 8.91 38.76 -9.30
CA ALA F 215 9.13 39.94 -10.13
C ALA F 215 8.16 40.01 -11.31
N VAL F 216 7.39 41.08 -11.34
CA VAL F 216 6.41 41.30 -12.40
C VAL F 216 6.99 42.10 -13.57
N GLY F 217 8.08 42.79 -13.32
CA GLY F 217 8.73 43.59 -14.36
C GLY F 217 10.24 43.49 -14.43
N ARG F 218 10.89 44.63 -14.62
CA ARG F 218 12.35 44.73 -14.73
C ARG F 218 13.15 43.94 -13.70
N PHE F 219 14.23 43.32 -14.18
CA PHE F 219 15.07 42.55 -13.29
C PHE F 219 16.56 42.82 -13.43
N GLY F 220 17.35 42.24 -12.51
CA GLY F 220 18.79 42.41 -12.55
C GLY F 220 19.42 43.27 -11.45
N GLU F 221 20.74 43.43 -11.55
CA GLU F 221 21.53 44.25 -10.60
C GLU F 221 20.65 45.38 -10.09
N VAL F 222 20.05 46.11 -11.02
CA VAL F 222 19.15 47.20 -10.66
C VAL F 222 18.34 46.72 -9.47
N MET F 223 17.18 46.11 -9.75
CA MET F 223 16.31 45.62 -8.71
C MET F 223 17.04 44.88 -7.61
N THR F 224 17.48 43.66 -7.91
CA THR F 224 18.15 42.84 -6.91
C THR F 224 18.94 43.68 -5.91
N SER F 225 19.89 44.44 -6.42
CA SER F 225 20.74 45.26 -5.58
C SER F 225 20.04 46.45 -4.93
N LYS F 226 19.21 47.17 -5.68
CA LYS F 226 18.51 48.33 -5.11
C LYS F 226 17.52 47.95 -4.00
N LEU F 227 16.89 46.78 -4.14
CA LEU F 227 15.93 46.31 -3.16
C LEU F 227 16.65 46.27 -1.81
N ASP F 228 17.93 45.89 -1.87
CA ASP F 228 18.77 45.80 -0.69
C ASP F 228 19.01 47.18 -0.09
N ASN F 229 19.38 48.13 -0.94
CA ASN F 229 19.62 49.46 -0.45
C ASN F 229 18.36 49.97 0.26
N LEU F 230 17.26 49.23 0.13
CA LEU F 230 16.00 49.64 0.74
C LEU F 230 15.72 49.00 2.11
N ILE F 231 15.71 47.67 2.17
CA ILE F 231 15.44 47.02 3.44
C ILE F 231 16.47 47.53 4.45
N LYS F 232 17.71 47.72 3.99
CA LYS F 232 18.76 48.22 4.84
C LYS F 232 18.35 49.60 5.42
N GLU F 233 18.12 50.57 4.53
CA GLU F 233 17.71 51.92 4.93
C GLU F 233 16.49 51.93 5.85
N ALA F 234 15.61 50.96 5.70
CA ALA F 234 14.44 50.87 6.56
C ALA F 234 14.88 50.13 7.81
N ALA F 235 15.72 49.12 7.61
CA ALA F 235 16.28 48.32 8.72
C ALA F 235 16.99 49.29 9.65
N GLU F 236 17.78 50.15 9.04
CA GLU F 236 18.54 51.17 9.77
C GLU F 236 17.56 52.19 10.39
N LEU F 237 16.52 52.56 9.65
CA LEU F 237 15.54 53.53 10.17
C LEU F 237 14.94 53.01 11.47
N LEU F 238 14.76 51.69 11.54
CA LEU F 238 14.20 51.05 12.71
C LEU F 238 15.33 50.67 13.68
N GLY F 239 16.56 50.81 13.22
CA GLY F 239 17.73 50.48 14.01
C GLY F 239 17.78 49.00 14.30
N VAL F 240 17.84 48.18 13.26
CA VAL F 240 17.86 46.74 13.42
C VAL F 240 18.70 46.02 12.36
N LYS F 241 19.25 44.89 12.78
CA LYS F 241 20.09 44.04 11.94
C LYS F 241 19.26 43.34 10.85
N VAL F 242 19.93 43.08 9.74
CA VAL F 242 19.31 42.44 8.60
C VAL F 242 19.56 40.94 8.49
N GLU F 243 18.47 40.21 8.22
CA GLU F 243 18.55 38.77 8.02
C GLU F 243 18.65 38.66 6.50
N VAL F 244 19.87 38.39 6.01
CA VAL F 244 20.19 38.24 4.58
C VAL F 244 18.95 38.13 3.66
N ARG F 245 18.95 39.01 2.66
CA ARG F 245 17.92 39.15 1.61
C ARG F 245 16.84 38.08 1.37
N PRO F 246 15.81 38.46 0.61
CA PRO F 246 14.70 37.55 0.29
C PRO F 246 14.97 36.98 -1.08
N GLU F 247 14.17 36.00 -1.48
CA GLU F 247 14.32 35.39 -2.80
C GLU F 247 13.55 36.28 -3.75
N LEU F 248 13.95 36.34 -5.02
CA LEU F 248 13.24 37.17 -5.99
C LEU F 248 13.25 36.47 -7.35
N TYR F 249 12.08 36.04 -7.80
CA TYR F 249 12.00 35.33 -9.07
C TYR F 249 11.40 36.11 -10.22
N ASP F 250 11.85 35.75 -11.42
CA ASP F 250 11.43 36.40 -12.64
C ASP F 250 10.23 35.73 -13.27
N TYR F 251 9.08 36.37 -13.16
CA TYR F 251 7.87 35.85 -13.76
C TYR F 251 7.11 37.00 -14.43
N SER F 252 7.90 37.97 -14.90
CA SER F 252 7.42 39.18 -15.58
C SER F 252 6.85 38.88 -16.95
N PHE F 253 7.44 37.91 -17.64
CA PHE F 253 7.03 37.50 -18.97
C PHE F 253 7.67 38.39 -20.00
N GLY F 254 8.91 38.78 -19.73
CA GLY F 254 9.65 39.63 -20.64
C GLY F 254 9.42 41.11 -20.41
N GLU F 255 8.30 41.50 -19.84
CA GLU F 255 8.06 42.93 -19.62
C GLU F 255 6.91 43.28 -18.67
N TYR F 256 6.99 44.48 -18.11
CA TYR F 256 5.97 44.99 -17.20
C TYR F 256 4.72 45.18 -18.02
N GLY F 257 3.60 44.66 -17.54
CA GLY F 257 2.34 44.78 -18.26
C GLY F 257 1.98 43.60 -19.14
N LYS F 258 2.88 43.23 -20.04
CA LYS F 258 2.63 42.12 -20.94
C LYS F 258 1.68 41.08 -20.37
N ILE F 259 0.46 41.11 -20.87
CA ILE F 259 -0.59 40.17 -20.47
C ILE F 259 -0.52 38.96 -21.42
N THR F 260 -0.11 37.82 -20.89
CA THR F 260 0.03 36.60 -21.71
C THR F 260 -1.08 35.60 -21.42
N GLY F 261 -1.11 34.55 -22.24
CA GLY F 261 -2.09 33.51 -22.09
C GLY F 261 -2.00 32.86 -20.72
N GLU F 262 -0.78 32.65 -20.23
CA GLU F 262 -0.60 32.05 -18.92
C GLU F 262 -1.30 32.80 -17.80
N VAL F 263 -1.08 34.12 -17.73
CA VAL F 263 -1.68 34.94 -16.68
C VAL F 263 -3.20 35.10 -16.75
N ALA F 264 -3.79 34.91 -17.92
CA ALA F 264 -5.24 35.03 -18.04
C ALA F 264 -5.91 33.74 -17.52
N GLN F 265 -5.23 32.63 -17.76
CA GLN F 265 -5.68 31.30 -17.37
C GLN F 265 -5.67 31.09 -15.85
N ILE F 266 -4.67 31.65 -15.18
CA ILE F 266 -4.52 31.53 -13.73
C ILE F 266 -5.53 32.42 -13.04
N ILE F 267 -5.97 33.47 -13.73
CA ILE F 267 -6.96 34.37 -13.15
C ILE F 267 -8.31 33.67 -13.12
N ARG F 268 -8.61 32.94 -14.18
CA ARG F 268 -9.86 32.21 -14.27
C ARG F 268 -9.86 31.03 -13.29
N LYS F 269 -8.69 30.45 -13.06
CA LYS F 269 -8.55 29.33 -12.13
C LYS F 269 -8.64 29.72 -10.67
N VAL F 270 -8.09 30.86 -10.31
CA VAL F 270 -8.17 31.28 -8.92
C VAL F 270 -9.53 31.94 -8.69
N GLY F 271 -10.14 32.37 -9.79
CA GLY F 271 -11.44 33.00 -9.71
C GLY F 271 -12.54 31.96 -9.62
N THR F 272 -12.40 30.90 -10.42
CA THR F 272 -13.39 29.82 -10.44
C THR F 272 -13.20 28.71 -9.39
N ARG F 273 -11.95 28.38 -9.07
CA ARG F 273 -11.71 27.34 -8.08
C ARG F 273 -11.58 27.89 -6.65
N GLU F 274 -11.14 29.12 -6.50
CA GLU F 274 -11.04 29.66 -5.16
C GLU F 274 -11.99 30.84 -4.91
N GLY F 275 -12.58 31.34 -5.99
CA GLY F 275 -13.53 32.44 -5.87
C GLY F 275 -12.90 33.79 -5.58
N ILE F 276 -11.62 33.94 -5.92
CA ILE F 276 -10.92 35.20 -5.70
C ILE F 276 -10.49 35.77 -7.04
N ILE F 277 -10.57 37.10 -7.18
CA ILE F 277 -10.22 37.77 -8.42
C ILE F 277 -8.79 38.27 -8.38
N LEU F 278 -8.01 37.93 -9.40
CA LEU F 278 -6.63 38.39 -9.49
C LEU F 278 -6.52 39.29 -10.72
N ASP F 279 -5.45 40.08 -10.80
CA ASP F 279 -5.28 40.97 -11.94
C ASP F 279 -4.10 40.51 -12.78
N PRO F 280 -4.02 40.99 -14.03
CA PRO F 280 -2.94 40.60 -14.93
C PRO F 280 -1.53 41.15 -14.74
N VAL F 281 -1.40 42.34 -14.19
CA VAL F 281 -0.06 42.90 -14.06
C VAL F 281 0.71 42.57 -12.78
N TYR F 282 0.01 42.36 -11.67
CA TYR F 282 0.69 42.05 -10.40
C TYR F 282 0.37 40.69 -9.75
N THR F 283 -0.70 40.67 -8.97
CA THR F 283 -1.14 39.47 -8.24
C THR F 283 -1.49 38.33 -9.17
N GLY F 284 -1.44 38.56 -10.47
CA GLY F 284 -1.76 37.50 -11.42
C GLY F 284 -0.51 36.73 -11.79
N LYS F 285 0.56 37.48 -12.05
CA LYS F 285 1.81 36.87 -12.39
C LYS F 285 2.50 36.32 -11.14
N ALA F 286 2.19 36.89 -9.99
CA ALA F 286 2.79 36.43 -8.74
C ALA F 286 2.32 35.04 -8.36
N PHE F 287 1.03 34.76 -8.56
CA PHE F 287 0.44 33.46 -8.20
C PHE F 287 0.97 32.38 -9.14
N TYR F 288 1.24 32.78 -10.38
CA TYR F 288 1.75 31.88 -11.40
C TYR F 288 3.06 31.30 -10.88
N GLY F 289 3.99 32.19 -10.52
CA GLY F 289 5.28 31.79 -9.98
C GLY F 289 5.14 30.94 -8.73
N LEU F 290 4.16 31.29 -7.92
CA LEU F 290 3.87 30.53 -6.71
C LEU F 290 3.65 29.12 -7.25
N VAL F 291 2.64 28.97 -8.09
CA VAL F 291 2.31 27.66 -8.68
C VAL F 291 3.50 26.89 -9.29
N ASP F 292 4.31 27.56 -10.09
CA ASP F 292 5.46 26.91 -10.71
C ASP F 292 6.49 26.54 -9.63
N LEU F 293 6.89 27.54 -8.85
CA LEU F 293 7.84 27.34 -7.77
C LEU F 293 7.39 26.14 -6.94
N ALA F 294 6.16 26.17 -6.47
CA ALA F 294 5.61 25.08 -5.66
C ALA F 294 5.59 23.75 -6.43
N ARG F 295 5.19 23.79 -7.69
CA ARG F 295 5.15 22.56 -8.49
C ARG F 295 6.53 21.97 -8.75
N LYS F 296 7.58 22.75 -8.51
CA LYS F 296 8.96 22.26 -8.64
C LYS F 296 9.38 21.90 -7.23
N GLY F 297 8.48 22.15 -6.27
CA GLY F 297 8.75 21.86 -4.88
C GLY F 297 9.84 22.74 -4.30
N GLU F 298 9.76 24.04 -4.55
CA GLU F 298 10.76 25.00 -4.07
C GLU F 298 10.22 26.02 -3.04
N LEU F 299 9.00 25.81 -2.55
CA LEU F 299 8.42 26.74 -1.59
C LEU F 299 8.03 26.11 -0.26
N GLY F 300 8.44 24.88 -0.02
CA GLY F 300 8.08 24.24 1.22
C GLY F 300 6.73 23.60 1.07
N GLU F 301 5.99 23.47 2.16
CA GLU F 301 4.68 22.84 2.11
C GLU F 301 3.61 23.64 2.82
N LYS F 302 3.97 24.86 3.17
CA LYS F 302 3.07 25.79 3.83
C LYS F 302 3.57 27.15 3.40
N ILE F 303 2.83 27.72 2.45
CA ILE F 303 3.14 29.01 1.83
C ILE F 303 1.96 29.97 2.02
N LEU F 304 2.24 31.23 2.27
CA LEU F 304 1.17 32.21 2.47
C LEU F 304 1.29 33.29 1.41
N PHE F 305 0.27 33.39 0.57
CA PHE F 305 0.24 34.37 -0.51
C PHE F 305 -0.51 35.61 -0.04
N ILE F 306 0.12 36.78 -0.21
CA ILE F 306 -0.54 38.02 0.19
C ILE F 306 -1.21 38.62 -1.00
N HIS F 307 -2.54 38.68 -0.96
CA HIS F 307 -3.27 39.24 -2.07
C HIS F 307 -3.22 40.74 -1.90
N THR F 308 -2.32 41.37 -2.65
CA THR F 308 -2.12 42.81 -2.63
C THR F 308 -3.17 43.58 -3.43
N GLY F 309 -4.25 42.89 -3.81
CA GLY F 309 -5.37 43.50 -4.53
C GLY F 309 -5.24 43.99 -5.95
N GLY F 310 -5.67 45.24 -6.19
CA GLY F 310 -5.61 45.84 -7.51
C GLY F 310 -6.61 45.34 -8.53
N ILE F 311 -7.87 45.26 -8.13
CA ILE F 311 -8.92 44.77 -9.01
C ILE F 311 -9.18 45.68 -10.21
N SER F 312 -8.94 46.98 -10.04
CA SER F 312 -9.15 47.93 -11.14
C SER F 312 -8.42 47.43 -12.36
N GLY F 313 -7.30 46.77 -12.16
CA GLY F 313 -6.52 46.28 -13.28
C GLY F 313 -7.21 45.20 -14.09
N THR F 314 -8.20 44.54 -13.52
CA THR F 314 -8.89 43.48 -14.23
C THR F 314 -10.04 43.99 -15.09
N PHE F 315 -10.50 45.21 -14.80
CA PHE F 315 -11.55 45.82 -15.58
C PHE F 315 -10.86 46.54 -16.72
N HIS F 316 -9.65 47.00 -16.41
CA HIS F 316 -8.84 47.73 -17.35
C HIS F 316 -8.40 46.89 -18.55
N TYR F 317 -8.06 45.62 -18.31
CA TYR F 317 -7.60 44.78 -19.40
C TYR F 317 -8.41 43.51 -19.65
N GLY F 318 -9.68 43.53 -19.27
CA GLY F 318 -10.55 42.39 -19.49
C GLY F 318 -10.77 42.11 -20.95
N ASP F 319 -10.45 43.09 -21.80
CA ASP F 319 -10.60 42.93 -23.24
C ASP F 319 -9.34 42.23 -23.74
N LYS F 320 -8.24 42.44 -23.02
CA LYS F 320 -6.98 41.79 -23.37
C LYS F 320 -7.07 40.32 -22.91
N LEU F 321 -7.57 40.12 -21.70
CA LEU F 321 -7.71 38.76 -21.19
C LEU F 321 -8.62 37.89 -22.09
N LEU F 322 -9.73 38.46 -22.55
CA LEU F 322 -10.65 37.70 -23.40
C LEU F 322 -9.96 37.18 -24.65
N SER F 323 -9.35 38.06 -25.41
CA SER F 323 -8.67 37.64 -26.60
C SER F 323 -7.74 36.48 -26.27
N LEU F 324 -7.38 36.36 -24.99
CA LEU F 324 -6.46 35.31 -24.52
C LEU F 324 -7.00 33.96 -24.05
N LEU F 325 -8.17 33.93 -23.42
CA LEU F 325 -8.71 32.66 -22.94
C LEU F 325 -9.19 31.66 -24.02
N MET G 1 0.57 -51.82 -34.41
CA MET G 1 0.83 -52.95 -33.47
C MET G 1 0.94 -54.28 -34.21
N HIS G 2 2.18 -54.76 -34.35
CA HIS G 2 2.46 -56.02 -35.04
C HIS G 2 1.56 -57.12 -34.47
N PRO G 3 1.06 -58.00 -35.34
CA PRO G 3 0.19 -59.08 -34.84
C PRO G 3 0.75 -59.96 -33.72
N LYS G 4 1.96 -60.52 -33.89
CA LYS G 4 2.58 -61.40 -32.89
C LYS G 4 2.96 -60.77 -31.55
N ILE G 5 3.37 -59.52 -31.57
CA ILE G 5 3.73 -58.77 -30.36
C ILE G 5 2.46 -58.29 -29.68
N PHE G 6 1.34 -58.38 -30.38
CA PHE G 6 0.08 -57.95 -29.82
C PHE G 6 -0.43 -59.02 -28.90
N ALA G 7 -0.40 -60.25 -29.40
CA ALA G 7 -0.83 -61.39 -28.64
C ALA G 7 -0.02 -61.38 -27.35
N LEU G 8 1.25 -61.77 -27.45
CA LEU G 8 2.14 -61.84 -26.29
C LEU G 8 2.03 -60.75 -25.19
N LEU G 9 1.57 -59.55 -25.51
CA LEU G 9 1.43 -58.53 -24.46
C LEU G 9 -0.03 -58.35 -24.03
N ALA G 10 -0.92 -58.97 -24.78
CA ALA G 10 -2.37 -58.90 -24.55
C ALA G 10 -2.84 -59.31 -23.16
N LYS G 11 -2.01 -60.03 -22.41
CA LYS G 11 -2.42 -60.48 -21.08
C LYS G 11 -1.98 -59.55 -19.97
N PHE G 12 -1.07 -58.64 -20.28
CA PHE G 12 -0.56 -57.72 -19.29
C PHE G 12 -1.42 -56.48 -19.24
N PRO G 13 -1.62 -55.93 -18.02
CA PRO G 13 -2.41 -54.73 -17.74
C PRO G 13 -1.72 -53.42 -18.05
N ARG G 14 -2.44 -52.51 -18.69
CA ARG G 14 -1.88 -51.21 -19.01
C ARG G 14 -2.77 -50.03 -18.62
N VAL G 15 -2.21 -48.82 -18.71
CA VAL G 15 -2.92 -47.61 -18.33
C VAL G 15 -2.73 -46.55 -19.43
N GLU G 16 -2.63 -47.01 -20.67
CA GLU G 16 -2.42 -46.15 -21.84
C GLU G 16 -2.26 -44.67 -21.59
N LEU G 17 -1.03 -44.24 -21.77
CA LEU G 17 -0.69 -42.85 -21.58
C LEU G 17 -0.47 -42.28 -22.96
N ILE G 18 0.22 -43.06 -23.78
CA ILE G 18 0.56 -42.67 -25.13
C ILE G 18 -0.62 -42.91 -26.06
N PRO G 19 -1.58 -41.95 -26.08
CA PRO G 19 -2.77 -42.05 -26.91
C PRO G 19 -2.44 -42.31 -28.37
N TRP G 20 -1.44 -41.60 -28.88
CA TRP G 20 -1.05 -41.76 -30.28
C TRP G 20 0.34 -42.41 -30.48
N GLU G 21 0.65 -42.69 -31.74
CA GLU G 21 1.91 -43.26 -32.16
C GLU G 21 2.88 -42.09 -32.41
N THR G 22 4.10 -42.18 -31.85
CA THR G 22 5.11 -41.12 -32.00
C THR G 22 5.82 -41.20 -33.34
N PRO G 23 5.89 -40.07 -34.03
CA PRO G 23 6.54 -39.94 -35.35
C PRO G 23 7.90 -40.60 -35.50
N ILE G 24 8.35 -40.70 -36.75
CA ILE G 24 9.64 -41.23 -37.12
C ILE G 24 10.03 -40.31 -38.26
N GLN G 25 10.94 -39.38 -37.96
CA GLN G 25 11.40 -38.42 -38.95
C GLN G 25 12.69 -38.95 -39.55
N TYR G 26 13.16 -38.25 -40.58
CA TYR G 26 14.42 -38.56 -41.24
C TYR G 26 15.22 -37.26 -41.13
N LEU G 27 16.48 -37.39 -40.72
CA LEU G 27 17.36 -36.23 -40.54
C LEU G 27 18.35 -36.12 -41.72
N PRO G 28 18.00 -35.30 -42.73
CA PRO G 28 18.77 -35.04 -43.95
C PRO G 28 20.09 -34.29 -43.84
N ASN G 29 20.31 -33.56 -42.75
CA ASN G 29 21.57 -32.82 -42.59
C ASN G 29 22.59 -33.63 -41.80
N ILE G 30 22.10 -34.40 -40.85
CA ILE G 30 22.98 -35.22 -40.03
C ILE G 30 23.33 -36.51 -40.78
N SER G 31 22.49 -36.88 -41.73
CA SER G 31 22.77 -38.10 -42.48
C SER G 31 23.88 -37.86 -43.48
N ARG G 32 23.80 -36.73 -44.18
CA ARG G 32 24.79 -36.36 -45.18
C ARG G 32 26.11 -36.10 -44.46
N GLU G 33 26.09 -35.08 -43.61
CA GLU G 33 27.26 -34.69 -42.83
C GLU G 33 27.97 -35.87 -42.13
N ILE G 34 27.42 -37.08 -42.23
CA ILE G 34 28.11 -38.23 -41.63
C ILE G 34 27.99 -39.46 -42.54
N GLY G 35 27.57 -39.23 -43.78
CA GLY G 35 27.45 -40.33 -44.75
C GLY G 35 26.65 -41.55 -44.38
N ALA G 36 25.66 -41.38 -43.50
CA ALA G 36 24.79 -42.48 -43.06
C ALA G 36 23.40 -41.94 -42.76
N ASP G 37 22.38 -42.77 -43.00
CA ASP G 37 21.01 -42.35 -42.76
C ASP G 37 20.56 -42.45 -41.32
N VAL G 38 20.03 -41.35 -40.80
CA VAL G 38 19.55 -41.34 -39.43
C VAL G 38 18.10 -40.91 -39.35
N TYR G 39 17.26 -41.83 -38.87
CA TYR G 39 15.85 -41.53 -38.68
C TYR G 39 15.73 -41.41 -37.17
N ILE G 40 14.70 -40.73 -36.68
CA ILE G 40 14.58 -40.55 -35.24
C ILE G 40 13.14 -40.62 -34.73
N LYS G 41 12.77 -41.76 -34.16
CA LYS G 41 11.43 -41.92 -33.65
C LYS G 41 11.23 -41.03 -32.44
N ARG G 42 10.60 -39.89 -32.67
CA ARG G 42 10.33 -38.89 -31.64
C ARG G 42 9.60 -39.35 -30.38
N ASP G 43 10.14 -40.33 -29.67
CA ASP G 43 9.51 -40.80 -28.44
C ASP G 43 9.60 -39.78 -27.34
N ASP G 44 10.00 -38.57 -27.72
CA ASP G 44 10.13 -37.46 -26.77
C ASP G 44 8.82 -36.66 -26.79
N LEU G 45 8.03 -36.88 -27.84
CA LEU G 45 6.74 -36.24 -28.02
C LEU G 45 5.66 -37.23 -27.58
N THR G 46 5.86 -37.92 -26.46
CA THR G 46 4.86 -38.88 -25.97
C THR G 46 3.73 -38.14 -25.25
N GLY G 47 3.99 -36.92 -24.78
CA GLY G 47 2.91 -36.17 -24.16
C GLY G 47 2.84 -35.83 -22.67
N LEU G 48 2.94 -36.82 -21.79
CA LEU G 48 2.86 -36.58 -20.34
C LEU G 48 4.15 -35.95 -19.80
N GLY G 49 4.03 -34.80 -19.16
CA GLY G 49 5.20 -34.12 -18.63
C GLY G 49 6.17 -33.71 -19.72
N ILE G 50 7.42 -33.45 -19.35
CA ILE G 50 8.41 -33.06 -20.32
C ILE G 50 8.55 -34.12 -21.42
N GLY G 51 7.70 -35.15 -21.37
CA GLY G 51 7.74 -36.19 -22.36
C GLY G 51 8.62 -37.33 -21.92
N GLY G 52 9.46 -37.82 -22.82
CA GLY G 52 10.38 -38.87 -22.44
C GLY G 52 9.99 -40.34 -22.52
N ASN G 53 11.02 -41.16 -22.75
CA ASN G 53 10.96 -42.61 -22.87
C ASN G 53 10.43 -43.32 -21.63
N LYS G 54 10.35 -42.62 -20.50
CA LYS G 54 9.87 -43.25 -19.28
C LYS G 54 8.40 -43.61 -19.41
N ILE G 55 7.64 -42.72 -20.06
CA ILE G 55 6.21 -42.91 -20.28
C ILE G 55 5.79 -44.34 -20.70
N ARG G 56 6.40 -44.91 -21.74
CA ARG G 56 6.03 -46.27 -22.16
C ARG G 56 5.95 -47.25 -21.00
N LYS G 57 7.09 -47.59 -20.40
CA LYS G 57 7.09 -48.49 -19.24
C LYS G 57 6.05 -48.05 -18.21
N LEU G 58 5.90 -46.73 -18.01
CA LEU G 58 4.95 -46.15 -17.05
C LEU G 58 3.49 -46.56 -17.30
N GLU G 59 3.23 -47.13 -18.47
CA GLU G 59 1.89 -47.60 -18.77
C GLU G 59 1.82 -48.94 -18.05
N TYR G 60 2.70 -49.85 -18.47
CA TYR G 60 2.78 -51.18 -17.89
C TYR G 60 3.21 -51.14 -16.43
N LEU G 61 3.92 -50.08 -16.06
CA LEU G 61 4.34 -49.93 -14.67
C LEU G 61 3.06 -49.70 -13.89
N LEU G 62 2.68 -48.45 -13.68
CA LEU G 62 1.46 -48.15 -12.91
C LEU G 62 0.23 -48.96 -13.37
N GLY G 63 0.27 -49.50 -14.59
CA GLY G 63 -0.82 -50.33 -15.08
C GLY G 63 -0.83 -51.56 -14.21
N ASP G 64 0.16 -51.56 -13.33
CA ASP G 64 0.42 -52.61 -12.33
C ASP G 64 0.03 -52.01 -10.97
N ALA G 65 0.81 -51.05 -10.50
CA ALA G 65 0.51 -50.41 -9.21
C ALA G 65 -0.99 -50.10 -9.05
N LEU G 66 -1.70 -49.93 -10.17
CA LEU G 66 -3.15 -49.63 -10.17
C LEU G 66 -3.94 -50.93 -9.99
N SER G 67 -3.31 -52.01 -10.41
CA SER G 67 -3.90 -53.34 -10.31
C SER G 67 -3.77 -53.88 -8.88
N LYS G 68 -2.68 -53.55 -8.20
CA LYS G 68 -2.45 -54.04 -6.84
C LYS G 68 -3.08 -53.19 -5.74
N GLY G 69 -3.56 -51.99 -6.09
CA GLY G 69 -4.18 -51.12 -5.10
C GLY G 69 -3.22 -50.38 -4.17
N ALA G 70 -2.36 -49.56 -4.75
CA ALA G 70 -1.40 -48.79 -3.97
C ALA G 70 -1.97 -47.40 -3.77
N ASP G 71 -1.65 -46.76 -2.66
CA ASP G 71 -2.14 -45.41 -2.39
C ASP G 71 -1.02 -44.37 -2.54
N VAL G 72 0.14 -44.84 -2.97
CA VAL G 72 1.32 -43.99 -3.17
C VAL G 72 2.34 -44.69 -4.07
N VAL G 73 3.12 -43.90 -4.80
CA VAL G 73 4.13 -44.47 -5.67
C VAL G 73 5.52 -44.14 -5.13
N ILE G 74 6.45 -45.07 -5.36
CA ILE G 74 7.83 -44.93 -4.90
C ILE G 74 8.85 -45.32 -5.99
N THR G 75 9.65 -44.35 -6.42
CA THR G 75 10.66 -44.65 -7.44
C THR G 75 12.00 -43.96 -7.16
N VAL G 76 12.99 -44.22 -8.01
CA VAL G 76 14.33 -43.65 -7.83
C VAL G 76 14.96 -42.85 -9.00
N GLY G 77 15.57 -41.72 -8.66
CA GLY G 77 16.23 -40.87 -9.64
C GLY G 77 16.98 -39.69 -9.02
N ALA G 78 17.89 -39.07 -9.77
CA ALA G 78 18.64 -37.93 -9.24
C ALA G 78 17.74 -36.70 -9.23
N VAL G 79 18.19 -35.65 -8.54
CA VAL G 79 17.45 -34.39 -8.44
C VAL G 79 17.13 -33.82 -9.84
N HIS G 80 17.74 -34.43 -10.87
CA HIS G 80 17.59 -34.03 -12.26
C HIS G 80 16.95 -35.16 -13.07
N SER G 81 16.59 -36.23 -12.37
CA SER G 81 15.96 -37.38 -13.01
C SER G 81 14.78 -36.97 -13.92
N ASN G 82 14.76 -37.52 -15.12
CA ASN G 82 13.67 -37.25 -16.09
C ASN G 82 12.62 -38.27 -15.67
N HIS G 83 13.09 -39.28 -14.95
CA HIS G 83 12.29 -40.37 -14.44
C HIS G 83 11.45 -39.95 -13.23
N ALA G 84 12.03 -39.12 -12.38
CA ALA G 84 11.34 -38.65 -11.18
C ALA G 84 9.93 -38.13 -11.48
N PHE G 85 9.93 -37.04 -12.26
CA PHE G 85 8.74 -36.31 -12.72
C PHE G 85 7.71 -37.17 -13.48
N VAL G 86 8.04 -37.48 -14.73
CA VAL G 86 7.21 -38.29 -15.59
C VAL G 86 6.50 -39.42 -14.84
N THR G 87 7.13 -39.98 -13.82
CA THR G 87 6.50 -41.05 -13.04
C THR G 87 5.70 -40.50 -11.89
N GLY G 88 6.13 -39.37 -11.35
CA GLY G 88 5.43 -38.76 -10.25
C GLY G 88 4.13 -38.17 -10.72
N LEU G 89 4.21 -37.35 -11.77
CA LEU G 89 3.06 -36.68 -12.39
C LEU G 89 2.06 -37.76 -12.77
N ALA G 90 2.49 -38.63 -13.68
CA ALA G 90 1.72 -39.76 -14.17
C ALA G 90 0.89 -40.38 -13.07
N ALA G 91 1.54 -40.68 -11.95
CA ALA G 91 0.87 -41.28 -10.81
C ALA G 91 -0.13 -40.33 -10.15
N LYS G 92 0.17 -39.03 -10.17
CA LYS G 92 -0.73 -38.02 -9.59
C LYS G 92 -1.89 -37.72 -10.54
N LYS G 93 -1.76 -38.16 -11.78
CA LYS G 93 -2.81 -37.96 -12.78
C LYS G 93 -3.84 -39.04 -12.51
N LEU G 94 -3.36 -40.28 -12.38
CA LEU G 94 -4.21 -41.42 -12.12
C LEU G 94 -4.84 -41.37 -10.73
N GLY G 95 -4.39 -40.44 -9.89
CA GLY G 95 -4.97 -40.32 -8.57
C GLY G 95 -4.08 -40.67 -7.39
N LEU G 96 -3.03 -41.47 -7.63
CA LEU G 96 -2.13 -41.85 -6.55
C LEU G 96 -1.28 -40.66 -6.05
N ASP G 97 -0.58 -40.88 -4.96
CA ASP G 97 0.28 -39.88 -4.34
C ASP G 97 1.69 -40.44 -4.57
N ALA G 98 2.73 -39.62 -4.45
CA ALA G 98 4.07 -40.15 -4.67
C ALA G 98 5.18 -39.43 -3.92
N ILE G 99 6.30 -40.14 -3.83
CA ILE G 99 7.50 -39.61 -3.18
C ILE G 99 8.73 -40.28 -3.85
N LEU G 100 9.54 -39.46 -4.51
CA LEU G 100 10.69 -39.96 -5.23
C LEU G 100 11.90 -40.06 -4.32
N VAL G 101 12.94 -40.70 -4.82
CA VAL G 101 14.19 -40.85 -4.08
C VAL G 101 15.33 -40.24 -4.92
N LEU G 102 15.72 -39.02 -4.55
CA LEU G 102 16.77 -38.27 -5.26
C LEU G 102 18.09 -38.11 -4.48
N ARG G 103 19.23 -38.13 -5.18
CA ARG G 103 20.54 -37.95 -4.50
C ARG G 103 21.46 -36.87 -5.10
N GLY G 104 21.46 -35.68 -4.48
CA GLY G 104 22.33 -34.60 -4.96
C GLY G 104 21.95 -33.21 -4.47
N LYS G 105 22.40 -32.17 -5.17
CA LYS G 105 22.04 -30.80 -4.78
C LYS G 105 20.52 -30.72 -4.87
N GLU G 106 19.95 -29.60 -4.46
CA GLU G 106 18.50 -29.44 -4.53
C GLU G 106 18.17 -28.28 -5.46
N GLU G 107 19.06 -28.11 -6.44
CA GLU G 107 18.93 -27.06 -7.42
C GLU G 107 17.49 -26.90 -7.90
N LEU G 108 16.92 -25.74 -7.57
CA LEU G 108 15.57 -25.36 -7.95
C LEU G 108 15.64 -24.89 -9.42
N LYS G 109 16.15 -25.79 -10.27
CA LYS G 109 16.29 -25.59 -11.72
C LYS G 109 16.34 -27.00 -12.33
N GLY G 110 15.45 -27.30 -13.27
CA GLY G 110 15.42 -28.62 -13.87
C GLY G 110 14.25 -29.48 -13.40
N ASN G 111 14.36 -30.80 -13.60
CA ASN G 111 13.28 -31.68 -13.19
C ASN G 111 12.82 -31.46 -11.75
N TYR G 112 13.77 -31.12 -10.87
CA TYR G 112 13.47 -30.87 -9.45
C TYR G 112 12.63 -29.61 -9.22
N LEU G 113 12.91 -28.55 -9.96
CA LEU G 113 12.18 -27.30 -9.84
C LEU G 113 10.71 -27.61 -10.09
N LEU G 114 10.44 -28.62 -10.91
CA LEU G 114 9.08 -29.01 -11.24
C LEU G 114 8.46 -29.88 -10.16
N ASP G 115 9.22 -30.87 -9.67
CA ASP G 115 8.71 -31.75 -8.61
C ASP G 115 8.01 -30.88 -7.56
N LYS G 116 8.64 -29.76 -7.21
CA LYS G 116 8.05 -28.86 -6.23
C LYS G 116 6.99 -27.99 -6.87
N ILE G 117 7.08 -27.81 -8.19
CA ILE G 117 6.10 -27.00 -8.93
C ILE G 117 4.77 -27.73 -8.97
N MET G 118 4.80 -28.99 -9.40
CA MET G 118 3.59 -29.76 -9.47
C MET G 118 3.17 -30.15 -8.07
N GLY G 119 4.15 -30.26 -7.18
CA GLY G 119 3.86 -30.61 -5.81
C GLY G 119 4.04 -32.08 -5.56
N ILE G 120 4.99 -32.68 -6.27
CA ILE G 120 5.28 -34.11 -6.12
C ILE G 120 6.43 -34.26 -5.12
N GLU G 121 6.13 -34.78 -3.94
CA GLU G 121 7.10 -34.92 -2.84
C GLU G 121 8.39 -35.66 -3.14
N THR G 122 9.49 -34.96 -2.87
CA THR G 122 10.87 -35.42 -3.05
C THR G 122 11.58 -35.49 -1.70
N ARG G 123 12.56 -36.38 -1.59
CA ARG G 123 13.34 -36.50 -0.35
C ARG G 123 14.82 -36.64 -0.72
N VAL G 124 15.46 -35.51 -1.04
CA VAL G 124 16.85 -35.49 -1.47
C VAL G 124 17.93 -36.09 -0.54
N TYR G 125 18.04 -37.41 -0.59
CA TYR G 125 19.03 -38.15 0.21
C TYR G 125 20.45 -37.89 -0.26
N ASP G 126 21.16 -37.10 0.53
CA ASP G 126 22.56 -36.75 0.28
C ASP G 126 23.40 -38.00 0.11
N ALA G 127 22.88 -39.13 0.61
CA ALA G 127 23.56 -40.43 0.52
C ALA G 127 23.78 -40.76 -0.96
N LYS G 128 24.16 -39.73 -1.71
CA LYS G 128 24.40 -39.77 -3.15
C LYS G 128 25.62 -40.54 -3.64
N ASP G 129 25.38 -41.63 -4.37
CA ASP G 129 26.47 -42.42 -4.92
C ASP G 129 26.06 -43.35 -6.05
N SER G 130 25.51 -44.51 -5.70
CA SER G 130 25.05 -45.52 -6.68
C SER G 130 23.52 -45.54 -6.90
N PHE G 131 22.94 -46.74 -6.94
CA PHE G 131 21.49 -46.88 -7.13
C PHE G 131 20.83 -47.62 -5.97
N GLU G 132 21.60 -47.83 -4.90
CA GLU G 132 21.10 -48.51 -3.71
C GLU G 132 20.31 -47.50 -2.87
N LEU G 133 19.88 -46.45 -3.56
CA LEU G 133 19.07 -45.36 -3.01
C LEU G 133 17.66 -45.97 -2.87
N MET G 134 17.64 -47.28 -3.12
CA MET G 134 16.45 -48.11 -3.06
C MET G 134 16.33 -48.82 -1.71
N LYS G 135 17.28 -48.61 -0.81
CA LYS G 135 17.20 -49.21 0.51
C LYS G 135 16.37 -48.17 1.22
N TYR G 136 16.63 -46.93 0.84
CA TYR G 136 15.93 -45.79 1.38
C TYR G 136 14.46 -45.77 0.88
N ALA G 137 14.28 -46.03 -0.41
CA ALA G 137 12.93 -46.08 -0.97
C ALA G 137 12.20 -47.11 -0.10
N GLU G 138 12.83 -48.26 0.08
CA GLU G 138 12.27 -49.33 0.88
C GLU G 138 12.08 -48.94 2.35
N GLU G 139 13.16 -48.55 3.01
CA GLU G 139 13.06 -48.19 4.42
C GLU G 139 11.88 -47.25 4.75
N ILE G 140 11.35 -46.55 3.74
CA ILE G 140 10.21 -45.64 3.97
C ILE G 140 8.87 -46.31 3.60
N ALA G 141 8.91 -47.20 2.61
CA ALA G 141 7.70 -47.91 2.21
C ALA G 141 7.26 -48.80 3.38
N GLU G 142 8.18 -49.07 4.29
CA GLU G 142 7.85 -49.88 5.45
C GLU G 142 7.15 -49.00 6.46
N GLU G 143 7.75 -47.85 6.79
CA GLU G 143 7.14 -46.95 7.75
C GLU G 143 5.74 -46.58 7.28
N LEU G 144 5.41 -46.98 6.04
CA LEU G 144 4.11 -46.72 5.39
C LEU G 144 3.22 -47.97 5.34
N LYS G 145 3.73 -49.08 4.80
CA LYS G 145 2.93 -50.31 4.73
C LYS G 145 2.54 -50.70 6.14
N ARG G 146 3.47 -50.58 7.09
CA ARG G 146 3.20 -50.91 8.50
C ARG G 146 2.18 -49.86 8.98
N GLU G 147 1.38 -49.39 8.02
CA GLU G 147 0.36 -48.41 8.28
C GLU G 147 -0.75 -48.57 7.24
N GLY G 148 -0.97 -49.80 6.81
CA GLY G 148 -2.01 -50.08 5.83
C GLY G 148 -1.87 -49.40 4.49
N ARG G 149 -1.03 -48.37 4.41
CA ARG G 149 -0.83 -47.68 3.14
C ARG G 149 0.03 -48.57 2.26
N LYS G 150 -0.61 -49.12 1.21
CA LYS G 150 0.06 -50.02 0.26
C LYS G 150 0.87 -49.27 -0.81
N PRO G 151 2.13 -48.93 -0.53
CA PRO G 151 2.87 -48.21 -1.56
C PRO G 151 3.42 -49.10 -2.68
N TYR G 152 3.90 -48.46 -3.74
CA TYR G 152 4.47 -49.15 -4.89
C TYR G 152 5.89 -48.65 -5.18
N VAL G 153 6.84 -49.58 -5.34
CA VAL G 153 8.25 -49.26 -5.62
C VAL G 153 8.70 -49.63 -7.02
N ILE G 154 9.16 -48.62 -7.75
CA ILE G 154 9.64 -48.75 -9.10
C ILE G 154 11.17 -48.63 -9.12
N PRO G 155 11.87 -49.62 -9.71
CA PRO G 155 13.32 -49.70 -9.84
C PRO G 155 13.87 -48.45 -10.54
N PRO G 156 15.15 -48.47 -10.95
CA PRO G 156 15.71 -47.30 -11.63
C PRO G 156 15.23 -47.25 -13.09
N GLY G 157 14.35 -46.30 -13.38
CA GLY G 157 13.82 -46.19 -14.73
C GLY G 157 12.93 -47.39 -15.01
N GLY G 158 12.07 -47.71 -14.06
CA GLY G 158 11.19 -48.85 -14.23
C GLY G 158 12.02 -49.93 -14.86
N ALA G 159 13.08 -50.35 -14.17
CA ALA G 159 13.95 -51.39 -14.71
C ALA G 159 13.39 -52.78 -14.45
N SER G 160 12.26 -52.85 -13.77
CA SER G 160 11.60 -54.12 -13.49
C SER G 160 11.29 -54.71 -14.86
N PRO G 161 11.26 -56.05 -15.01
CA PRO G 161 10.99 -56.63 -16.33
C PRO G 161 9.76 -56.05 -17.05
N ILE G 162 8.66 -55.84 -16.31
CA ILE G 162 7.43 -55.32 -16.87
C ILE G 162 7.53 -53.90 -17.42
N GLY G 163 8.33 -53.04 -16.76
CA GLY G 163 8.50 -51.69 -17.22
C GLY G 163 9.34 -51.71 -18.49
N THR G 164 9.68 -52.92 -18.93
CA THR G 164 10.49 -53.12 -20.13
C THR G 164 9.58 -53.52 -21.30
N LEU G 165 8.45 -54.14 -20.97
CA LEU G 165 7.50 -54.52 -22.00
C LEU G 165 7.20 -53.27 -22.81
N GLY G 166 7.38 -52.12 -22.17
CA GLY G 166 7.14 -50.84 -22.81
C GLY G 166 7.71 -50.81 -24.23
N TYR G 167 8.99 -51.10 -24.35
CA TYR G 167 9.58 -51.07 -25.67
C TYR G 167 9.47 -52.37 -26.43
N VAL G 168 8.96 -53.41 -25.79
CA VAL G 168 8.78 -54.67 -26.48
C VAL G 168 7.60 -54.29 -27.35
N ARG G 169 6.66 -53.58 -26.71
CA ARG G 169 5.46 -53.08 -27.36
C ARG G 169 5.86 -51.98 -28.34
N ALA G 170 6.77 -51.10 -27.91
CA ALA G 170 7.24 -49.99 -28.75
C ALA G 170 7.86 -50.48 -30.03
N VAL G 171 8.66 -51.54 -29.98
CA VAL G 171 9.27 -52.05 -31.20
C VAL G 171 8.13 -52.46 -32.13
N GLY G 172 7.04 -52.92 -31.53
CA GLY G 172 5.89 -53.32 -32.31
C GLY G 172 5.33 -52.11 -33.03
N GLU G 173 5.23 -50.98 -32.31
CA GLU G 173 4.72 -49.75 -32.90
C GLU G 173 5.53 -49.41 -34.13
N ILE G 174 6.86 -49.39 -33.97
CA ILE G 174 7.77 -49.06 -35.06
C ILE G 174 7.64 -50.07 -36.20
N ALA G 175 7.61 -51.35 -35.87
CA ALA G 175 7.46 -52.37 -36.90
C ALA G 175 6.34 -51.87 -37.78
N THR G 176 5.29 -51.40 -37.10
CA THR G 176 4.07 -50.88 -37.69
C THR G 176 4.18 -49.56 -38.44
N GLN G 177 4.42 -48.49 -37.70
CA GLN G 177 4.51 -47.14 -38.23
C GLN G 177 5.63 -46.83 -39.22
N SER G 178 6.41 -47.81 -39.63
CA SER G 178 7.49 -47.50 -40.55
C SER G 178 7.68 -48.43 -41.73
N GLU G 179 7.99 -47.84 -42.89
CA GLU G 179 8.27 -48.62 -44.09
C GLU G 179 9.73 -48.40 -44.46
N VAL G 180 10.59 -48.43 -43.45
CA VAL G 180 12.04 -48.31 -43.63
C VAL G 180 12.64 -49.50 -42.90
N LYS G 181 13.28 -50.37 -43.68
CA LYS G 181 13.90 -51.57 -43.14
C LYS G 181 15.20 -51.21 -42.42
N PHE G 182 15.16 -51.18 -41.11
CA PHE G 182 16.34 -50.81 -40.35
C PHE G 182 17.44 -51.87 -40.19
N ASP G 183 18.67 -51.35 -40.04
CA ASP G 183 19.85 -52.16 -39.82
C ASP G 183 20.07 -52.19 -38.31
N SER G 184 19.89 -51.04 -37.67
CA SER G 184 20.08 -50.94 -36.24
C SER G 184 19.43 -49.73 -35.58
N ILE G 185 18.67 -49.99 -34.53
CA ILE G 185 18.00 -48.94 -33.78
C ILE G 185 18.88 -48.63 -32.57
N VAL G 186 19.35 -47.39 -32.46
CA VAL G 186 20.19 -47.03 -31.32
C VAL G 186 19.48 -46.11 -30.31
N VAL G 187 19.42 -46.57 -29.06
CA VAL G 187 18.76 -45.83 -28.00
C VAL G 187 19.73 -45.65 -26.82
N ALA G 188 19.67 -44.50 -26.15
CA ALA G 188 20.57 -44.27 -25.02
C ALA G 188 20.34 -45.40 -24.00
N ALA G 189 21.18 -45.47 -22.96
CA ALA G 189 21.06 -46.51 -21.95
C ALA G 189 21.59 -46.08 -20.58
N GLY G 190 20.69 -45.84 -19.63
CA GLY G 190 21.07 -45.43 -18.29
C GLY G 190 20.95 -46.58 -17.30
N SER G 191 19.73 -46.88 -16.88
CA SER G 191 19.54 -48.01 -15.98
C SER G 191 19.62 -49.24 -16.88
N GLY G 192 19.11 -49.09 -18.10
CA GLY G 192 19.12 -50.18 -19.08
C GLY G 192 17.78 -50.84 -19.33
N GLY G 193 16.69 -50.10 -19.14
CA GLY G 193 15.37 -50.67 -19.36
C GLY G 193 14.86 -50.50 -20.78
N THR G 194 15.10 -49.32 -21.32
CA THR G 194 14.67 -48.98 -22.67
C THR G 194 15.30 -49.93 -23.70
N LEU G 195 16.63 -50.03 -23.68
CA LEU G 195 17.36 -50.90 -24.61
C LEU G 195 16.86 -52.31 -24.35
N ALA G 196 16.68 -52.61 -23.07
CA ALA G 196 16.19 -53.92 -22.65
C ALA G 196 15.02 -54.32 -23.55
N GLY G 197 13.87 -53.66 -23.32
CA GLY G 197 12.65 -53.91 -24.07
C GLY G 197 12.73 -53.84 -25.59
N LEU G 198 13.67 -53.05 -26.12
CA LEU G 198 13.83 -52.92 -27.56
C LEU G 198 14.50 -54.14 -28.18
N SER G 199 15.51 -54.68 -27.51
CA SER G 199 16.21 -55.87 -28.01
C SER G 199 15.24 -57.03 -27.90
N LEU G 200 14.71 -57.26 -26.70
CA LEU G 200 13.73 -58.32 -26.47
C LEU G 200 12.66 -58.15 -27.54
N GLY G 201 12.15 -56.93 -27.61
CA GLY G 201 11.14 -56.55 -28.58
C GLY G 201 11.64 -56.79 -30.01
N LEU G 202 12.94 -56.57 -30.24
CA LEU G 202 13.49 -56.80 -31.57
C LEU G 202 13.71 -58.29 -31.87
N SER G 203 13.74 -59.12 -30.82
CA SER G 203 13.96 -60.55 -30.96
C SER G 203 12.76 -61.28 -31.52
N ILE G 204 11.62 -61.08 -30.88
CA ILE G 204 10.34 -61.70 -31.27
C ILE G 204 10.00 -61.41 -32.73
N LEU G 205 10.43 -60.25 -33.20
CA LEU G 205 10.18 -59.87 -34.59
C LEU G 205 11.08 -60.76 -35.47
N ASN G 206 12.28 -61.02 -34.95
CA ASN G 206 13.25 -61.86 -35.63
C ASN G 206 13.74 -61.17 -36.89
N GLU G 207 14.06 -59.89 -36.72
CA GLU G 207 14.55 -59.06 -37.79
C GLU G 207 15.97 -58.65 -37.43
N ASP G 208 16.89 -58.92 -38.34
CA ASP G 208 18.29 -58.59 -38.12
C ASP G 208 18.46 -57.09 -37.98
N ILE G 209 17.81 -56.50 -36.98
CA ILE G 209 17.92 -55.07 -36.68
C ILE G 209 18.84 -55.09 -35.46
N ARG G 210 19.59 -54.02 -35.19
CA ARG G 210 20.52 -54.07 -34.05
C ARG G 210 20.29 -53.20 -32.81
N PRO G 211 19.97 -53.84 -31.67
CA PRO G 211 19.74 -53.17 -30.38
C PRO G 211 21.06 -52.54 -29.99
N VAL G 212 21.11 -51.22 -29.89
CA VAL G 212 22.38 -50.62 -29.55
C VAL G 212 22.31 -49.50 -28.54
N GLY G 213 22.71 -49.82 -27.32
CA GLY G 213 22.72 -48.83 -26.27
C GLY G 213 23.98 -47.99 -26.35
N ILE G 214 23.97 -46.87 -25.65
CA ILE G 214 25.09 -45.97 -25.64
C ILE G 214 25.08 -45.35 -24.26
N ALA G 215 25.81 -45.99 -23.35
CA ALA G 215 25.89 -45.55 -21.96
C ALA G 215 26.22 -44.07 -21.80
N VAL G 216 25.21 -43.27 -21.46
CA VAL G 216 25.42 -41.83 -21.29
C VAL G 216 26.24 -41.60 -20.03
N GLY G 217 26.44 -42.67 -19.28
CA GLY G 217 27.19 -42.60 -18.05
C GLY G 217 28.13 -43.77 -17.85
N ARG G 218 28.79 -43.76 -16.69
CA ARG G 218 29.72 -44.83 -16.36
C ARG G 218 29.12 -46.22 -16.62
N PHE G 219 29.61 -46.86 -17.68
CA PHE G 219 29.21 -48.20 -18.08
C PHE G 219 29.87 -49.14 -17.04
N GLY G 220 29.06 -49.93 -16.33
CA GLY G 220 29.60 -50.84 -15.32
C GLY G 220 29.31 -52.34 -15.39
N GLU G 221 29.44 -53.01 -14.24
CA GLU G 221 29.22 -54.46 -14.14
C GLU G 221 27.74 -54.89 -14.06
N VAL G 222 27.09 -54.59 -12.94
CA VAL G 222 25.68 -54.92 -12.74
C VAL G 222 24.88 -53.95 -13.65
N MET G 223 25.54 -53.58 -14.75
CA MET G 223 24.98 -52.72 -15.78
C MET G 223 24.90 -53.68 -16.96
N THR G 224 26.04 -54.30 -17.31
CA THR G 224 26.10 -55.29 -18.39
C THR G 224 25.44 -56.61 -17.95
N SER G 225 26.00 -57.20 -16.90
CA SER G 225 25.47 -58.44 -16.36
C SER G 225 24.00 -58.24 -15.99
N LYS G 226 23.63 -56.99 -15.75
CA LYS G 226 22.26 -56.65 -15.39
C LYS G 226 21.36 -56.69 -16.63
N LEU G 227 21.62 -55.81 -17.60
CA LEU G 227 20.86 -55.75 -18.84
C LEU G 227 20.50 -57.14 -19.35
N ASP G 228 21.39 -58.09 -19.14
CA ASP G 228 21.12 -59.45 -19.60
C ASP G 228 20.17 -60.21 -18.67
N ASN G 229 20.46 -60.19 -17.36
CA ASN G 229 19.62 -60.88 -16.37
C ASN G 229 18.21 -60.32 -16.39
N LEU G 230 18.08 -59.06 -16.80
CA LEU G 230 16.77 -58.40 -16.92
C LEU G 230 16.00 -59.04 -18.12
N ILE G 231 16.69 -59.15 -19.25
CA ILE G 231 16.17 -59.70 -20.52
C ILE G 231 15.74 -61.15 -20.53
N LYS G 232 16.56 -62.03 -19.97
CA LYS G 232 16.21 -63.46 -19.93
C LYS G 232 14.98 -63.57 -19.01
N GLU G 233 14.83 -62.58 -18.12
CA GLU G 233 13.71 -62.54 -17.17
C GLU G 233 12.48 -61.99 -17.89
N ALA G 234 12.63 -60.77 -18.43
CA ALA G 234 11.59 -60.10 -19.16
C ALA G 234 11.19 -60.99 -20.32
N ALA G 235 12.05 -61.96 -20.67
CA ALA G 235 11.74 -62.88 -21.77
C ALA G 235 10.97 -64.13 -21.29
N GLU G 236 10.99 -64.36 -19.97
CA GLU G 236 10.28 -65.47 -19.32
C GLU G 236 8.94 -64.94 -18.84
N LEU G 237 8.83 -63.62 -18.82
CA LEU G 237 7.63 -62.89 -18.40
C LEU G 237 6.75 -62.76 -19.65
N LEU G 238 7.14 -63.48 -20.69
CA LEU G 238 6.43 -63.45 -21.96
C LEU G 238 6.28 -64.84 -22.51
N GLY G 239 7.12 -65.75 -22.01
CA GLY G 239 7.11 -67.14 -22.43
C GLY G 239 7.77 -67.29 -23.78
N VAL G 240 8.98 -66.76 -23.90
CA VAL G 240 9.72 -66.82 -25.14
C VAL G 240 11.22 -66.96 -24.90
N LYS G 241 11.91 -67.63 -25.82
CA LYS G 241 13.35 -67.83 -25.72
C LYS G 241 14.09 -66.64 -26.31
N VAL G 242 14.67 -65.81 -25.45
CA VAL G 242 15.42 -64.63 -25.87
C VAL G 242 16.39 -64.88 -27.03
N GLU G 243 16.36 -63.98 -28.00
CA GLU G 243 17.21 -64.06 -29.16
C GLU G 243 18.65 -64.11 -28.66
N VAL G 244 19.36 -63.00 -28.81
CA VAL G 244 20.75 -62.89 -28.36
C VAL G 244 21.30 -61.48 -28.30
N ARG G 245 21.68 -61.10 -27.08
CA ARG G 245 22.24 -59.80 -26.71
C ARG G 245 22.33 -58.57 -27.65
N PRO G 246 22.19 -57.38 -27.04
CA PRO G 246 22.25 -56.08 -27.68
C PRO G 246 23.70 -55.62 -27.69
N GLU G 247 23.92 -54.40 -28.16
CA GLU G 247 25.26 -53.87 -28.24
C GLU G 247 25.31 -52.61 -27.39
N LEU G 248 26.24 -52.58 -26.45
CA LEU G 248 26.40 -51.45 -25.56
C LEU G 248 27.75 -50.82 -25.86
N TYR G 249 27.77 -49.50 -25.95
CA TYR G 249 29.00 -48.77 -26.23
C TYR G 249 29.16 -47.74 -25.12
N ASP G 250 30.38 -47.23 -24.97
CA ASP G 250 30.69 -46.29 -23.89
C ASP G 250 30.94 -44.81 -24.22
N TYR G 251 29.87 -44.03 -24.32
CA TYR G 251 30.04 -42.60 -24.59
C TYR G 251 29.69 -41.91 -23.30
N SER G 252 30.43 -42.34 -22.30
CA SER G 252 30.32 -41.87 -20.94
C SER G 252 31.14 -40.61 -20.78
N PHE G 253 32.38 -40.66 -21.28
CA PHE G 253 33.30 -39.53 -21.16
C PHE G 253 33.72 -39.59 -19.70
N GLY G 254 33.91 -40.82 -19.25
CA GLY G 254 34.28 -41.06 -17.88
C GLY G 254 33.04 -41.14 -17.02
N GLU G 255 32.41 -40.01 -16.75
CA GLU G 255 31.24 -40.06 -15.87
C GLU G 255 29.89 -39.52 -16.31
N TYR G 256 28.87 -40.35 -16.05
CA TYR G 256 27.50 -40.00 -16.32
C TYR G 256 27.42 -38.62 -15.67
N GLY G 257 26.50 -37.78 -16.12
CA GLY G 257 26.37 -36.46 -15.54
C GLY G 257 27.54 -35.55 -15.86
N LYS G 258 28.52 -36.04 -16.64
CA LYS G 258 29.65 -35.19 -16.99
C LYS G 258 29.40 -34.50 -18.33
N ILE G 259 29.26 -33.17 -18.26
CA ILE G 259 28.99 -32.34 -19.42
C ILE G 259 30.26 -31.93 -20.16
N THR G 260 30.75 -32.84 -21.01
CA THR G 260 31.95 -32.62 -21.82
C THR G 260 31.52 -32.07 -23.19
N GLY G 261 32.36 -31.22 -23.79
CA GLY G 261 32.07 -30.59 -25.08
C GLY G 261 31.34 -31.45 -26.12
N GLU G 262 31.97 -32.55 -26.53
CA GLU G 262 31.44 -33.49 -27.51
C GLU G 262 29.93 -33.53 -27.51
N VAL G 263 29.38 -33.45 -26.29
CA VAL G 263 27.95 -33.45 -26.06
C VAL G 263 27.40 -32.01 -26.10
N ALA G 264 27.95 -31.13 -25.28
CA ALA G 264 27.47 -29.75 -25.31
C ALA G 264 27.52 -29.31 -26.76
N GLN G 265 28.51 -29.81 -27.47
CA GLN G 265 28.69 -29.46 -28.87
C GLN G 265 27.62 -30.13 -29.73
N ILE G 266 27.46 -31.44 -29.55
CA ILE G 266 26.49 -32.23 -30.32
C ILE G 266 25.10 -31.61 -30.28
N ILE G 267 24.74 -31.05 -29.12
CA ILE G 267 23.46 -30.43 -28.90
C ILE G 267 23.16 -29.28 -29.86
N ARG G 268 24.04 -28.28 -29.87
CA ARG G 268 23.86 -27.12 -30.76
C ARG G 268 23.73 -27.51 -32.25
N LYS G 269 24.54 -28.45 -32.70
CA LYS G 269 24.50 -28.88 -34.11
C LYS G 269 23.14 -29.48 -34.47
N VAL G 270 22.67 -30.44 -33.68
CA VAL G 270 21.38 -31.09 -33.92
C VAL G 270 20.21 -30.20 -33.45
N GLY G 271 20.51 -28.93 -33.21
CA GLY G 271 19.48 -28.00 -32.77
C GLY G 271 19.40 -26.81 -33.72
N THR G 272 20.25 -26.81 -34.75
CA THR G 272 20.29 -25.76 -35.76
C THR G 272 20.41 -26.39 -37.15
N ARG G 273 20.60 -27.70 -37.19
CA ARG G 273 20.72 -28.42 -38.45
C ARG G 273 19.56 -29.42 -38.57
N GLU G 274 18.69 -29.43 -37.57
CA GLU G 274 17.53 -30.29 -37.56
C GLU G 274 16.58 -29.84 -36.47
N GLY G 275 16.78 -28.62 -36.00
CA GLY G 275 15.93 -28.09 -34.95
C GLY G 275 15.35 -29.10 -33.97
N ILE G 276 16.07 -30.16 -33.64
CA ILE G 276 15.60 -31.15 -32.65
C ILE G 276 16.50 -31.13 -31.41
N ILE G 277 15.90 -30.81 -30.27
CA ILE G 277 16.59 -30.70 -28.99
C ILE G 277 17.01 -31.96 -28.20
N LEU G 278 18.28 -32.34 -28.33
CA LEU G 278 18.84 -33.49 -27.61
C LEU G 278 19.26 -33.02 -26.21
N ASP G 279 19.38 -33.92 -25.23
CA ASP G 279 19.78 -33.49 -23.89
C ASP G 279 21.23 -33.90 -23.58
N PRO G 280 21.95 -33.07 -22.81
CA PRO G 280 23.35 -33.33 -22.46
C PRO G 280 23.60 -34.52 -21.55
N VAL G 281 22.57 -35.00 -20.87
CA VAL G 281 22.77 -36.13 -19.96
C VAL G 281 22.48 -37.50 -20.53
N TYR G 282 21.70 -37.59 -21.59
CA TYR G 282 21.39 -38.91 -22.17
C TYR G 282 21.48 -39.01 -23.69
N THR G 283 20.48 -38.46 -24.35
CA THR G 283 20.38 -38.48 -25.80
C THR G 283 21.58 -37.82 -26.48
N GLY G 284 21.87 -36.58 -26.09
CA GLY G 284 23.00 -35.86 -26.66
C GLY G 284 24.27 -36.69 -26.70
N LYS G 285 24.57 -37.40 -25.61
CA LYS G 285 25.75 -38.26 -25.50
C LYS G 285 25.45 -39.45 -26.39
N ALA G 286 24.17 -39.80 -26.44
CA ALA G 286 23.69 -40.94 -27.22
C ALA G 286 23.84 -40.77 -28.72
N PHE G 287 23.51 -39.60 -29.22
CA PHE G 287 23.61 -39.37 -30.65
C PHE G 287 25.10 -39.44 -31.06
N TYR G 288 25.91 -38.63 -30.40
CA TYR G 288 27.34 -38.60 -30.63
C TYR G 288 27.92 -40.00 -30.78
N GLY G 289 27.40 -40.97 -30.04
CA GLY G 289 27.92 -42.33 -30.17
C GLY G 289 27.60 -42.91 -31.54
N LEU G 290 26.35 -42.67 -31.96
CA LEU G 290 25.87 -43.12 -33.25
C LEU G 290 26.62 -42.37 -34.34
N VAL G 291 26.81 -41.07 -34.16
CA VAL G 291 27.53 -40.35 -35.19
C VAL G 291 28.91 -41.00 -35.28
N ASP G 292 29.50 -41.25 -34.12
CA ASP G 292 30.81 -41.88 -34.02
C ASP G 292 30.86 -43.18 -34.80
N LEU G 293 30.04 -44.15 -34.42
CA LEU G 293 30.03 -45.43 -35.13
C LEU G 293 29.55 -45.35 -36.57
N ALA G 294 28.73 -44.34 -36.86
CA ALA G 294 28.22 -44.09 -38.20
C ALA G 294 29.43 -43.70 -39.05
N ARG G 295 30.13 -42.66 -38.62
CA ARG G 295 31.33 -42.23 -39.33
C ARG G 295 32.26 -43.45 -39.52
N LYS G 296 32.57 -44.14 -38.41
CA LYS G 296 33.45 -45.32 -38.46
C LYS G 296 32.74 -46.38 -39.28
N GLY G 297 31.48 -46.10 -39.60
CA GLY G 297 30.64 -46.95 -40.44
C GLY G 297 30.18 -48.29 -39.92
N GLU G 298 29.97 -48.39 -38.61
CA GLU G 298 29.58 -49.66 -38.00
C GLU G 298 28.09 -49.83 -37.69
N LEU G 299 27.27 -48.90 -38.16
CA LEU G 299 25.83 -48.95 -37.91
C LEU G 299 24.96 -49.19 -39.15
N GLY G 300 25.54 -49.70 -40.24
CA GLY G 300 24.74 -49.93 -41.44
C GLY G 300 24.40 -48.67 -42.24
N GLU G 301 23.47 -48.78 -43.19
CA GLU G 301 23.08 -47.63 -44.02
C GLU G 301 21.89 -46.87 -43.46
N LYS G 302 20.89 -47.62 -43.01
CA LYS G 302 19.67 -47.03 -42.48
C LYS G 302 19.67 -47.21 -40.95
N ILE G 303 19.44 -46.11 -40.23
CA ILE G 303 19.47 -46.10 -38.76
C ILE G 303 18.21 -45.53 -38.09
N LEU G 304 17.88 -46.06 -36.92
CA LEU G 304 16.74 -45.58 -36.15
C LEU G 304 17.26 -45.13 -34.77
N PHE G 305 17.10 -43.85 -34.48
CA PHE G 305 17.50 -43.30 -33.20
C PHE G 305 16.22 -43.28 -32.38
N ILE G 306 16.32 -43.18 -31.06
CA ILE G 306 15.12 -43.16 -30.25
C ILE G 306 15.16 -42.04 -29.20
N HIS G 307 15.21 -40.82 -29.70
CA HIS G 307 15.22 -39.64 -28.84
C HIS G 307 14.41 -40.01 -27.62
N THR G 308 14.92 -39.72 -26.43
CA THR G 308 14.22 -40.08 -25.21
C THR G 308 13.80 -38.95 -24.30
N GLY G 309 13.81 -37.73 -24.83
CA GLY G 309 13.35 -36.59 -24.04
C GLY G 309 14.33 -35.81 -23.18
N GLY G 310 14.19 -36.00 -21.86
CA GLY G 310 15.05 -35.32 -20.92
C GLY G 310 15.37 -33.89 -21.34
N ILE G 311 14.43 -33.26 -22.02
CA ILE G 311 14.61 -31.90 -22.48
C ILE G 311 14.93 -30.98 -21.29
N SER G 312 14.86 -31.52 -20.08
CA SER G 312 15.14 -30.72 -18.89
C SER G 312 16.62 -30.71 -18.53
N GLY G 313 17.35 -31.74 -18.96
CA GLY G 313 18.76 -31.78 -18.68
C GLY G 313 19.45 -30.66 -19.46
N THR G 314 18.65 -29.89 -20.21
CA THR G 314 19.18 -28.78 -21.01
C THR G 314 18.74 -27.41 -20.48
N PHE G 315 17.68 -27.38 -19.68
CA PHE G 315 17.23 -26.11 -19.10
C PHE G 315 17.95 -26.05 -17.74
N HIS G 316 18.38 -27.23 -17.29
CA HIS G 316 19.08 -27.44 -16.02
C HIS G 316 20.54 -26.97 -16.21
N TYR G 317 21.30 -27.80 -16.92
CA TYR G 317 22.71 -27.58 -17.20
C TYR G 317 22.92 -26.57 -18.35
N GLY G 318 22.03 -25.59 -18.41
CA GLY G 318 22.08 -24.57 -19.45
C GLY G 318 23.41 -23.87 -19.44
N ASP G 319 23.73 -23.24 -18.30
CA ASP G 319 24.99 -22.52 -18.14
C ASP G 319 26.16 -23.50 -18.20
N LYS G 320 25.94 -24.74 -17.74
CA LYS G 320 27.00 -25.74 -17.81
C LYS G 320 27.27 -26.17 -19.24
N LEU G 321 26.38 -25.75 -20.14
CA LEU G 321 26.55 -26.06 -21.56
C LEU G 321 27.28 -24.87 -22.19
N LEU G 322 26.64 -23.70 -22.11
CA LEU G 322 27.17 -22.45 -22.67
C LEU G 322 28.69 -22.32 -22.70
N SER G 323 29.33 -22.59 -21.57
CA SER G 323 30.78 -22.51 -21.52
C SER G 323 31.39 -23.34 -22.63
N LEU G 324 31.19 -24.66 -22.60
CA LEU G 324 31.75 -25.57 -23.60
C LEU G 324 31.52 -25.16 -25.07
N LEU G 325 31.00 -23.95 -25.29
CA LEU G 325 30.74 -23.41 -26.63
C LEU G 325 31.46 -22.07 -26.75
N MET H 1 -7.14 -32.53 -43.42
CA MET H 1 -7.20 -31.27 -44.21
C MET H 1 -8.55 -31.07 -44.93
N HIS H 2 -9.34 -30.10 -44.49
CA HIS H 2 -10.60 -29.87 -45.16
C HIS H 2 -10.27 -29.39 -46.58
N PRO H 3 -11.05 -29.83 -47.59
CA PRO H 3 -10.85 -29.45 -48.99
C PRO H 3 -10.86 -27.96 -49.28
N LYS H 4 -11.87 -27.23 -48.82
CA LYS H 4 -11.91 -25.80 -49.12
C LYS H 4 -10.62 -25.04 -48.73
N ILE H 5 -10.10 -25.33 -47.54
CA ILE H 5 -8.87 -24.67 -47.08
C ILE H 5 -7.62 -25.14 -47.82
N PHE H 6 -7.60 -26.40 -48.26
CA PHE H 6 -6.44 -26.89 -49.00
C PHE H 6 -6.32 -26.12 -50.32
N ALA H 7 -7.42 -25.97 -51.04
CA ALA H 7 -7.45 -25.27 -52.32
C ALA H 7 -7.16 -23.79 -52.17
N LEU H 8 -7.59 -23.20 -51.06
CA LEU H 8 -7.32 -21.79 -50.82
C LEU H 8 -5.89 -21.61 -50.27
N LEU H 9 -5.35 -22.65 -49.67
CA LEU H 9 -3.98 -22.61 -49.17
C LEU H 9 -3.14 -23.52 -50.05
N ALA H 10 -3.41 -23.51 -51.35
CA ALA H 10 -2.68 -24.33 -52.31
C ALA H 10 -1.59 -23.59 -53.12
N LYS H 11 -1.70 -22.27 -53.23
CA LYS H 11 -0.73 -21.47 -53.98
C LYS H 11 0.35 -20.79 -53.09
N PHE H 12 0.16 -20.84 -51.78
CA PHE H 12 1.09 -20.24 -50.81
C PHE H 12 2.18 -21.18 -50.30
N PRO H 13 3.38 -21.12 -50.91
CA PRO H 13 4.54 -21.94 -50.58
C PRO H 13 4.93 -21.87 -49.11
N ARG H 14 5.07 -23.03 -48.49
CA ARG H 14 5.46 -23.11 -47.11
C ARG H 14 6.51 -24.17 -46.90
N VAL H 15 7.41 -23.92 -45.97
CA VAL H 15 8.45 -24.87 -45.64
C VAL H 15 7.70 -25.82 -44.73
N GLU H 16 7.59 -27.07 -45.12
CA GLU H 16 6.89 -28.06 -44.29
C GLU H 16 7.67 -28.40 -43.03
N LEU H 17 7.51 -27.57 -42.00
CA LEU H 17 8.22 -27.79 -40.75
C LEU H 17 7.63 -28.93 -39.95
N ILE H 18 6.41 -28.73 -39.44
CA ILE H 18 5.71 -29.75 -38.66
C ILE H 18 5.52 -31.07 -39.40
N PRO H 19 5.89 -32.19 -38.77
CA PRO H 19 5.75 -33.51 -39.38
C PRO H 19 4.31 -34.01 -39.37
N TRP H 20 3.98 -34.71 -38.29
CA TRP H 20 2.68 -35.30 -38.06
C TRP H 20 1.50 -34.34 -37.85
N GLU H 21 0.36 -34.90 -37.46
CA GLU H 21 -0.84 -34.13 -37.17
C GLU H 21 -0.96 -34.16 -35.65
N THR H 22 -0.77 -33.01 -35.00
CA THR H 22 -0.85 -33.00 -33.54
C THR H 22 -2.14 -33.64 -33.04
N PRO H 23 -2.03 -34.51 -32.03
CA PRO H 23 -3.15 -35.23 -31.41
C PRO H 23 -4.13 -34.36 -30.60
N ILE H 24 -5.34 -34.88 -30.36
CA ILE H 24 -6.34 -34.15 -29.58
C ILE H 24 -6.73 -35.05 -28.42
N GLN H 25 -7.08 -34.45 -27.28
CA GLN H 25 -7.46 -35.24 -26.13
C GLN H 25 -8.54 -34.58 -25.29
N TYR H 26 -9.23 -35.42 -24.55
CA TYR H 26 -10.29 -34.95 -23.68
C TYR H 26 -9.62 -34.94 -22.33
N LEU H 27 -10.06 -34.01 -21.47
CA LEU H 27 -9.50 -33.91 -20.15
C LEU H 27 -10.63 -34.27 -19.17
N PRO H 28 -10.71 -35.55 -18.78
CA PRO H 28 -11.75 -36.02 -17.85
C PRO H 28 -11.97 -35.21 -16.58
N ASN H 29 -10.89 -34.93 -15.85
CA ASN H 29 -11.02 -34.20 -14.61
C ASN H 29 -11.29 -32.72 -14.77
N ILE H 30 -10.58 -32.06 -15.67
CA ILE H 30 -10.80 -30.63 -15.88
C ILE H 30 -12.26 -30.42 -16.27
N SER H 31 -12.85 -31.40 -16.96
CA SER H 31 -14.25 -31.30 -17.37
C SER H 31 -15.18 -31.58 -16.19
N ARG H 32 -14.72 -32.46 -15.31
CA ARG H 32 -15.49 -32.85 -14.13
C ARG H 32 -15.69 -31.65 -13.17
N GLU H 33 -14.58 -31.02 -12.78
CA GLU H 33 -14.66 -29.87 -11.89
C GLU H 33 -15.47 -28.79 -12.58
N ILE H 34 -14.97 -28.41 -13.76
CA ILE H 34 -15.55 -27.39 -14.61
C ILE H 34 -16.97 -27.67 -15.02
N GLY H 35 -17.32 -28.95 -15.10
CA GLY H 35 -18.66 -29.33 -15.51
C GLY H 35 -18.88 -28.94 -16.96
N ALA H 36 -18.15 -29.61 -17.86
CA ALA H 36 -18.28 -29.33 -19.29
C ALA H 36 -17.20 -30.12 -20.00
N ASP H 37 -17.35 -30.30 -21.32
CA ASP H 37 -16.38 -31.05 -22.10
C ASP H 37 -15.21 -30.18 -22.55
N VAL H 38 -14.05 -30.28 -21.92
CA VAL H 38 -12.90 -29.49 -22.36
C VAL H 38 -11.89 -30.41 -23.04
N TYR H 39 -11.59 -30.13 -24.31
CA TYR H 39 -10.64 -30.91 -25.09
C TYR H 39 -9.40 -30.06 -25.39
N ILE H 40 -8.23 -30.69 -25.41
CA ILE H 40 -6.99 -29.95 -25.69
C ILE H 40 -6.23 -30.51 -26.89
N LYS H 41 -5.83 -29.63 -27.81
CA LYS H 41 -5.08 -30.04 -29.00
C LYS H 41 -3.56 -29.90 -28.77
N ARG H 42 -2.86 -31.03 -28.69
CA ARG H 42 -1.41 -31.04 -28.44
C ARG H 42 -0.54 -30.44 -29.53
N ASP H 43 -0.69 -29.15 -29.80
CA ASP H 43 0.14 -28.50 -30.81
C ASP H 43 1.55 -28.29 -30.27
N ASP H 44 1.65 -28.15 -28.95
CA ASP H 44 2.96 -27.99 -28.34
C ASP H 44 3.84 -29.13 -28.82
N LEU H 45 3.23 -30.19 -29.32
CA LEU H 45 3.96 -31.33 -29.82
C LEU H 45 4.19 -31.16 -31.33
N THR H 46 4.29 -29.91 -31.78
CA THR H 46 4.50 -29.61 -33.21
C THR H 46 5.87 -29.96 -33.76
N GLY H 47 6.71 -30.54 -32.92
CA GLY H 47 8.02 -30.98 -33.38
C GLY H 47 9.24 -30.10 -33.18
N LEU H 48 9.42 -29.15 -34.09
CA LEU H 48 10.57 -28.25 -34.08
C LEU H 48 10.81 -27.47 -32.80
N GLY H 49 12.08 -27.46 -32.38
CA GLY H 49 12.51 -26.76 -31.19
C GLY H 49 11.81 -27.17 -29.90
N ILE H 50 11.05 -26.22 -29.36
CA ILE H 50 10.27 -26.40 -28.15
C ILE H 50 8.80 -26.52 -28.57
N GLY H 51 8.59 -26.31 -29.88
CA GLY H 51 7.26 -26.39 -30.47
C GLY H 51 6.25 -25.33 -30.08
N GLY H 52 4.99 -25.58 -30.40
CA GLY H 52 3.93 -24.63 -30.08
C GLY H 52 3.32 -23.96 -31.30
N ASN H 53 2.46 -23.00 -31.04
CA ASN H 53 1.74 -22.26 -32.08
C ASN H 53 2.59 -21.54 -33.12
N LYS H 54 3.86 -21.31 -32.82
CA LYS H 54 4.71 -20.58 -33.75
C LYS H 54 5.30 -21.39 -34.90
N ILE H 55 5.40 -22.70 -34.75
CA ILE H 55 5.96 -23.47 -35.86
C ILE H 55 5.00 -23.45 -37.05
N ARG H 56 3.69 -23.55 -36.83
CA ARG H 56 2.71 -23.51 -37.91
C ARG H 56 2.93 -22.26 -38.76
N LYS H 57 2.89 -21.09 -38.12
CA LYS H 57 3.09 -19.83 -38.81
C LYS H 57 4.41 -19.86 -39.56
N LEU H 58 5.45 -20.29 -38.86
CA LEU H 58 6.81 -20.36 -39.40
C LEU H 58 6.88 -21.09 -40.73
N GLU H 59 5.99 -22.06 -40.91
CA GLU H 59 5.98 -22.78 -42.16
C GLU H 59 5.76 -21.80 -43.29
N TYR H 60 4.80 -20.90 -43.10
CA TYR H 60 4.48 -19.90 -44.13
C TYR H 60 5.47 -18.74 -44.23
N LEU H 61 6.02 -18.34 -43.08
CA LEU H 61 6.98 -17.24 -43.06
C LEU H 61 8.33 -17.64 -43.61
N LEU H 62 8.77 -18.85 -43.28
CA LEU H 62 10.05 -19.30 -43.81
C LEU H 62 9.87 -19.65 -45.29
N GLY H 63 8.61 -19.75 -45.73
CA GLY H 63 8.30 -20.06 -47.12
C GLY H 63 8.40 -18.79 -47.95
N ASP H 64 7.95 -17.69 -47.37
CA ASP H 64 8.01 -16.37 -48.01
C ASP H 64 9.48 -15.93 -48.03
N ALA H 65 10.17 -16.14 -46.91
CA ALA H 65 11.59 -15.79 -46.81
C ALA H 65 12.37 -16.37 -47.98
N LEU H 66 12.19 -17.67 -48.20
CA LEU H 66 12.86 -18.38 -49.28
C LEU H 66 12.41 -17.94 -50.69
N SER H 67 11.15 -17.54 -50.85
CA SER H 67 10.68 -17.06 -52.15
C SER H 67 11.52 -15.82 -52.39
N LYS H 68 11.35 -14.84 -51.49
CA LYS H 68 12.05 -13.56 -51.52
C LYS H 68 13.54 -13.76 -51.19
N GLY H 69 13.92 -15.03 -51.02
CA GLY H 69 15.29 -15.43 -50.76
C GLY H 69 16.21 -14.62 -49.87
N ALA H 70 15.71 -14.07 -48.78
CA ALA H 70 16.57 -13.30 -47.90
C ALA H 70 17.65 -14.24 -47.38
N ASP H 71 18.68 -13.68 -46.77
CA ASP H 71 19.77 -14.49 -46.20
C ASP H 71 19.88 -14.31 -44.68
N VAL H 72 19.01 -13.47 -44.11
CA VAL H 72 18.99 -13.22 -42.67
C VAL H 72 17.56 -13.01 -42.22
N VAL H 73 17.14 -13.74 -41.19
CA VAL H 73 15.77 -13.57 -40.72
C VAL H 73 15.79 -12.62 -39.54
N ILE H 74 14.69 -11.89 -39.37
CA ILE H 74 14.57 -10.92 -38.31
C ILE H 74 13.22 -11.05 -37.60
N THR H 75 13.05 -10.33 -36.51
CA THR H 75 11.82 -10.38 -35.73
C THR H 75 11.99 -9.53 -34.45
N VAL H 76 11.03 -9.65 -33.52
CA VAL H 76 11.05 -8.91 -32.25
C VAL H 76 10.62 -9.82 -31.09
N GLY H 77 9.89 -9.24 -30.13
CA GLY H 77 9.43 -10.02 -28.99
C GLY H 77 10.21 -9.76 -27.71
N ALA H 78 9.81 -10.39 -26.61
CA ALA H 78 10.50 -10.22 -25.34
C ALA H 78 11.82 -10.98 -25.36
N VAL H 79 12.57 -10.89 -24.27
CA VAL H 79 13.85 -11.59 -24.16
C VAL H 79 13.49 -13.04 -23.87
N HIS H 80 12.21 -13.25 -23.57
CA HIS H 80 11.66 -14.59 -23.27
C HIS H 80 10.56 -14.86 -24.30
N SER H 81 10.81 -14.51 -25.56
CA SER H 81 9.82 -14.77 -26.57
C SER H 81 9.97 -16.12 -27.27
N ASN H 82 8.96 -16.95 -27.11
CA ASN H 82 8.90 -18.27 -27.72
C ASN H 82 9.16 -18.11 -29.22
N HIS H 83 8.34 -17.25 -29.83
CA HIS H 83 8.42 -16.94 -31.24
C HIS H 83 9.87 -16.73 -31.64
N ALA H 84 10.48 -15.73 -31.01
CA ALA H 84 11.87 -15.34 -31.25
C ALA H 84 12.88 -16.50 -31.32
N PHE H 85 12.79 -17.44 -30.39
CA PHE H 85 13.71 -18.58 -30.33
C PHE H 85 13.50 -19.59 -31.46
N VAL H 86 12.24 -19.99 -31.62
CA VAL H 86 11.90 -20.97 -32.65
C VAL H 86 11.98 -20.38 -34.04
N THR H 87 11.67 -19.09 -34.14
CA THR H 87 11.72 -18.40 -35.42
C THR H 87 13.16 -18.45 -35.92
N GLY H 88 14.10 -18.19 -35.01
CA GLY H 88 15.50 -18.19 -35.32
C GLY H 88 16.13 -19.57 -35.35
N LEU H 89 15.61 -20.49 -34.56
CA LEU H 89 16.16 -21.82 -34.55
C LEU H 89 15.65 -22.56 -35.80
N ALA H 90 14.47 -22.14 -36.26
CA ALA H 90 13.85 -22.71 -37.46
C ALA H 90 14.50 -22.04 -38.67
N ALA H 91 14.50 -20.70 -38.69
CA ALA H 91 15.13 -20.00 -39.79
C ALA H 91 16.47 -20.71 -39.98
N LYS H 92 17.25 -20.72 -38.91
CA LYS H 92 18.56 -21.35 -38.88
C LYS H 92 18.56 -22.70 -39.57
N LYS H 93 17.75 -23.62 -39.06
CA LYS H 93 17.65 -24.96 -39.64
C LYS H 93 17.64 -25.02 -41.18
N LEU H 94 16.87 -24.13 -41.80
CA LEU H 94 16.79 -24.10 -43.26
C LEU H 94 18.13 -23.72 -43.89
N GLY H 95 19.09 -23.31 -43.04
CA GLY H 95 20.39 -22.89 -43.52
C GLY H 95 20.47 -21.37 -43.58
N LEU H 96 19.50 -20.71 -42.97
CA LEU H 96 19.43 -19.26 -42.94
C LEU H 96 19.88 -18.68 -41.60
N ASP H 97 20.22 -17.41 -41.60
CA ASP H 97 20.66 -16.75 -40.38
C ASP H 97 19.47 -16.10 -39.73
N ALA H 98 19.66 -15.70 -38.48
CA ALA H 98 18.59 -15.06 -37.75
C ALA H 98 19.16 -14.01 -36.81
N ILE H 99 18.29 -13.11 -36.35
CA ILE H 99 18.65 -12.05 -35.42
C ILE H 99 17.35 -11.65 -34.69
N LEU H 100 17.35 -11.74 -33.36
CA LEU H 100 16.15 -11.40 -32.60
C LEU H 100 16.26 -10.14 -31.75
N VAL H 101 15.50 -9.09 -32.10
CA VAL H 101 15.52 -7.85 -31.33
C VAL H 101 14.61 -8.02 -30.13
N LEU H 102 15.09 -8.73 -29.13
CA LEU H 102 14.33 -8.99 -27.89
C LEU H 102 14.39 -7.82 -26.88
N ARG H 103 13.63 -7.94 -25.80
CA ARG H 103 13.61 -6.92 -24.75
C ARG H 103 13.49 -7.60 -23.40
N GLY H 104 14.25 -7.13 -22.43
CA GLY H 104 14.13 -7.71 -21.12
C GLY H 104 15.35 -8.21 -20.35
N LYS H 105 15.14 -8.32 -19.04
CA LYS H 105 16.14 -8.82 -18.10
C LYS H 105 16.91 -9.89 -18.82
N GLU H 106 18.20 -9.68 -18.96
CA GLU H 106 19.01 -10.67 -19.65
C GLU H 106 19.36 -11.87 -18.80
N GLU H 107 18.39 -12.40 -18.06
CA GLU H 107 18.67 -13.58 -17.26
C GLU H 107 19.23 -14.55 -18.27
N LEU H 108 19.66 -15.72 -17.83
CA LEU H 108 20.20 -16.69 -18.77
C LEU H 108 19.45 -18.00 -18.59
N LYS H 109 18.13 -17.87 -18.53
CA LYS H 109 17.22 -18.99 -18.33
C LYS H 109 16.00 -18.82 -19.26
N GLY H 110 15.55 -19.92 -19.88
CA GLY H 110 14.40 -19.88 -20.76
C GLY H 110 14.73 -19.92 -22.24
N ASN H 111 14.02 -19.12 -23.03
CA ASN H 111 14.24 -19.07 -24.48
C ASN H 111 15.54 -18.34 -24.83
N TYR H 112 15.90 -17.32 -24.03
CA TYR H 112 17.15 -16.62 -24.29
C TYR H 112 18.31 -17.62 -24.03
N LEU H 113 18.14 -18.47 -23.02
CA LEU H 113 19.13 -19.48 -22.69
C LEU H 113 19.37 -20.37 -23.91
N LEU H 114 18.28 -20.88 -24.50
CA LEU H 114 18.37 -21.74 -25.68
C LEU H 114 18.76 -20.89 -26.86
N ASP H 115 18.38 -19.62 -26.82
CA ASP H 115 18.75 -18.69 -27.89
C ASP H 115 20.27 -18.83 -27.95
N LYS H 116 20.88 -18.77 -26.76
CA LYS H 116 22.33 -18.88 -26.60
C LYS H 116 22.88 -20.26 -26.88
N ILE H 117 22.45 -21.26 -26.13
CA ILE H 117 22.97 -22.63 -26.34
C ILE H 117 22.88 -23.06 -27.82
N MET H 118 21.95 -22.42 -28.55
CA MET H 118 21.70 -22.71 -29.96
C MET H 118 22.44 -21.69 -30.80
N GLY H 119 22.89 -20.61 -30.16
CA GLY H 119 23.65 -19.60 -30.85
C GLY H 119 22.88 -18.89 -31.92
N ILE H 120 22.00 -17.99 -31.49
CA ILE H 120 21.17 -17.19 -32.39
C ILE H 120 21.60 -15.74 -32.18
N GLU H 121 22.00 -15.05 -33.23
CA GLU H 121 22.40 -13.65 -33.07
C GLU H 121 21.36 -12.99 -32.20
N THR H 122 21.81 -12.37 -31.10
CA THR H 122 20.93 -11.69 -30.15
C THR H 122 21.36 -10.22 -29.94
N ARG H 123 20.40 -9.36 -29.62
CA ARG H 123 20.65 -7.94 -29.38
C ARG H 123 19.53 -7.36 -28.52
N VAL H 124 19.62 -7.50 -27.21
CA VAL H 124 18.59 -7.00 -26.33
C VAL H 124 18.59 -5.46 -26.35
N TYR H 125 17.43 -4.85 -26.51
CA TYR H 125 17.35 -3.38 -26.51
C TYR H 125 16.37 -3.01 -25.41
N ASP H 126 16.77 -2.16 -24.47
CA ASP H 126 15.85 -1.78 -23.40
C ASP H 126 14.97 -0.65 -23.92
N ALA H 127 13.80 -1.02 -24.45
CA ALA H 127 12.86 -0.04 -25.01
C ALA H 127 11.42 -0.23 -24.56
N LYS H 128 10.55 0.63 -25.06
CA LYS H 128 9.12 0.58 -24.74
C LYS H 128 8.57 -0.84 -24.89
N ASP H 129 8.04 -1.35 -23.78
CA ASP H 129 7.43 -2.68 -23.68
C ASP H 129 6.08 -2.64 -24.42
N SER H 130 6.19 -2.51 -25.74
CA SER H 130 5.06 -2.45 -26.65
C SER H 130 5.75 -2.82 -27.96
N PHE H 131 6.64 -3.79 -27.84
CA PHE H 131 7.44 -4.36 -28.93
C PHE H 131 7.64 -3.49 -30.17
N GLU H 132 7.90 -2.21 -29.91
CA GLU H 132 8.17 -1.25 -30.96
C GLU H 132 9.68 -1.37 -31.21
N LEU H 133 10.22 -2.54 -30.85
CA LEU H 133 11.62 -2.88 -31.06
C LEU H 133 11.73 -3.05 -32.57
N MET H 134 10.55 -3.16 -33.20
CA MET H 134 10.42 -3.31 -34.63
C MET H 134 11.34 -2.29 -35.31
N LYS H 135 11.28 -1.03 -34.88
CA LYS H 135 12.13 -0.02 -35.48
C LYS H 135 13.60 -0.47 -35.60
N TYR H 136 14.13 -1.06 -34.52
CA TYR H 136 15.52 -1.53 -34.51
C TYR H 136 15.76 -2.61 -35.56
N ALA H 137 14.81 -3.54 -35.66
CA ALA H 137 14.87 -4.62 -36.65
C ALA H 137 14.74 -4.00 -38.03
N GLU H 138 14.05 -2.86 -38.09
CA GLU H 138 13.88 -2.12 -39.33
C GLU H 138 15.26 -1.59 -39.74
N GLU H 139 15.92 -0.88 -38.81
CA GLU H 139 17.26 -0.34 -39.03
C GLU H 139 18.20 -1.44 -39.51
N ILE H 140 18.38 -2.46 -38.65
CA ILE H 140 19.25 -3.61 -38.95
C ILE H 140 19.07 -4.15 -40.38
N ALA H 141 17.81 -4.30 -40.78
CA ALA H 141 17.47 -4.77 -42.11
C ALA H 141 18.04 -3.73 -43.06
N GLU H 142 17.90 -2.47 -42.64
CA GLU H 142 18.35 -1.32 -43.42
C GLU H 142 19.85 -1.12 -43.53
N GLU H 143 20.61 -1.60 -42.55
CA GLU H 143 22.07 -1.47 -42.63
C GLU H 143 22.59 -2.64 -43.44
N LEU H 144 22.19 -3.84 -43.04
CA LEU H 144 22.62 -5.03 -43.75
C LEU H 144 22.13 -4.86 -45.19
N LYS H 145 20.96 -4.24 -45.35
CA LYS H 145 20.40 -4.00 -46.67
C LYS H 145 21.44 -3.42 -47.63
N ARG H 146 22.50 -2.83 -47.07
CA ARG H 146 23.58 -2.19 -47.84
C ARG H 146 24.88 -2.99 -47.83
N GLU H 147 24.76 -4.31 -47.88
CA GLU H 147 25.94 -5.17 -47.90
C GLU H 147 25.54 -6.29 -48.82
N GLY H 148 24.64 -5.92 -49.74
CA GLY H 148 24.10 -6.83 -50.74
C GLY H 148 23.20 -7.84 -50.08
N ARG H 149 23.21 -7.86 -48.75
CA ARG H 149 22.39 -8.80 -47.98
C ARG H 149 20.93 -8.39 -47.81
N LYS H 150 20.05 -9.38 -47.93
CA LYS H 150 18.61 -9.17 -47.84
C LYS H 150 18.02 -9.84 -46.58
N PRO H 151 17.34 -9.05 -45.75
CA PRO H 151 16.74 -9.53 -44.51
C PRO H 151 15.25 -9.83 -44.58
N TYR H 152 14.82 -10.91 -43.93
CA TYR H 152 13.41 -11.23 -43.92
C TYR H 152 12.85 -10.93 -42.52
N VAL H 153 12.36 -9.71 -42.37
CA VAL H 153 11.80 -9.23 -41.12
C VAL H 153 10.42 -9.85 -40.83
N ILE H 154 10.24 -10.31 -39.59
CA ILE H 154 8.99 -10.94 -39.17
C ILE H 154 8.34 -10.20 -38.03
N PRO H 155 7.12 -9.71 -38.23
CA PRO H 155 6.34 -8.96 -37.24
C PRO H 155 6.26 -9.67 -35.90
N PRO H 156 5.73 -8.98 -34.87
CA PRO H 156 5.60 -9.56 -33.53
C PRO H 156 4.60 -10.73 -33.60
N GLY H 157 4.86 -11.77 -32.83
CA GLY H 157 3.98 -12.91 -32.85
C GLY H 157 4.16 -13.66 -34.15
N GLY H 158 4.54 -12.93 -35.20
CA GLY H 158 4.72 -13.54 -36.52
C GLY H 158 3.43 -13.23 -37.27
N ALA H 159 2.50 -12.66 -36.52
CA ALA H 159 1.17 -12.26 -36.98
C ALA H 159 1.24 -11.47 -38.27
N SER H 160 1.81 -12.10 -39.28
CA SER H 160 1.93 -11.53 -40.60
C SER H 160 0.69 -12.06 -41.28
N PRO H 161 -0.03 -11.23 -42.06
CA PRO H 161 -1.23 -11.78 -42.71
C PRO H 161 -0.87 -13.10 -43.37
N ILE H 162 0.35 -13.15 -43.93
CA ILE H 162 0.84 -14.35 -44.57
C ILE H 162 1.22 -15.37 -43.52
N GLY H 163 1.46 -14.88 -42.30
CA GLY H 163 1.85 -15.76 -41.21
C GLY H 163 0.68 -16.35 -40.48
N THR H 164 -0.42 -15.59 -40.47
CA THR H 164 -1.66 -16.01 -39.82
C THR H 164 -2.31 -17.19 -40.59
N LEU H 165 -1.82 -17.47 -41.79
CA LEU H 165 -2.34 -18.56 -42.59
C LEU H 165 -2.10 -19.85 -41.85
N GLY H 166 -1.01 -19.87 -41.07
CA GLY H 166 -0.64 -21.05 -40.31
C GLY H 166 -1.76 -21.80 -39.61
N TYR H 167 -2.64 -21.08 -38.94
CA TYR H 167 -3.75 -21.75 -38.27
C TYR H 167 -5.03 -21.84 -39.08
N VAL H 168 -4.98 -21.39 -40.33
CA VAL H 168 -6.12 -21.50 -41.22
C VAL H 168 -6.04 -22.98 -41.62
N ARG H 169 -4.81 -23.49 -41.66
CA ARG H 169 -4.55 -24.87 -42.01
C ARG H 169 -4.77 -25.69 -40.77
N ALA H 170 -4.42 -25.12 -39.62
CA ALA H 170 -4.59 -25.80 -38.36
C ALA H 170 -6.08 -26.10 -38.12
N VAL H 171 -6.98 -25.23 -38.60
CA VAL H 171 -8.41 -25.47 -38.44
C VAL H 171 -8.76 -26.49 -39.51
N GLY H 172 -8.16 -26.39 -40.68
CA GLY H 172 -8.43 -27.37 -41.69
C GLY H 172 -8.12 -28.73 -41.09
N GLU H 173 -6.95 -28.81 -40.44
CA GLU H 173 -6.49 -30.03 -39.78
C GLU H 173 -7.42 -30.45 -38.62
N ILE H 174 -7.99 -29.48 -37.93
CA ILE H 174 -8.88 -29.80 -36.82
C ILE H 174 -10.21 -30.34 -37.33
N ALA H 175 -10.57 -29.94 -38.56
CA ALA H 175 -11.82 -30.35 -39.20
C ALA H 175 -11.73 -31.82 -39.55
N THR H 176 -10.57 -32.22 -40.04
CA THR H 176 -10.33 -33.61 -40.40
C THR H 176 -10.24 -34.51 -39.18
N GLN H 177 -9.13 -34.42 -38.46
CA GLN H 177 -8.83 -35.24 -37.30
C GLN H 177 -9.87 -35.38 -36.17
N SER H 178 -10.86 -34.49 -36.09
CA SER H 178 -11.81 -34.58 -34.99
C SER H 178 -12.97 -35.57 -35.03
N GLU H 179 -13.48 -35.84 -33.83
CA GLU H 179 -14.59 -36.74 -33.60
C GLU H 179 -15.65 -35.97 -32.82
N VAL H 180 -15.27 -34.77 -32.38
CA VAL H 180 -16.19 -33.93 -31.62
C VAL H 180 -16.38 -32.61 -32.33
N LYS H 181 -17.60 -32.10 -32.24
CA LYS H 181 -17.96 -30.83 -32.85
C LYS H 181 -17.83 -29.79 -31.74
N PHE H 182 -17.12 -28.69 -32.00
CA PHE H 182 -16.93 -27.69 -30.95
C PHE H 182 -17.75 -26.41 -30.99
N ASP H 183 -18.20 -26.00 -29.80
CA ASP H 183 -18.97 -24.79 -29.63
C ASP H 183 -18.03 -23.59 -29.74
N SER H 184 -16.76 -23.81 -29.48
CA SER H 184 -15.79 -22.73 -29.55
C SER H 184 -14.38 -23.21 -29.23
N ILE H 185 -13.41 -22.59 -29.90
CA ILE H 185 -12.00 -22.91 -29.69
C ILE H 185 -11.38 -21.75 -28.90
N VAL H 186 -10.84 -22.07 -27.73
CA VAL H 186 -10.24 -21.05 -26.87
C VAL H 186 -8.71 -21.03 -27.04
N VAL H 187 -8.15 -19.87 -27.38
CA VAL H 187 -6.71 -19.74 -27.59
C VAL H 187 -6.16 -18.45 -26.99
N ALA H 188 -5.00 -18.53 -26.33
CA ALA H 188 -4.39 -17.35 -25.72
C ALA H 188 -4.22 -16.26 -26.78
N ALA H 189 -4.30 -15.01 -26.37
CA ALA H 189 -4.14 -13.91 -27.31
C ALA H 189 -2.86 -13.11 -27.04
N GLY H 190 -1.99 -13.10 -28.04
CA GLY H 190 -0.72 -12.40 -27.95
C GLY H 190 -0.66 -11.34 -29.02
N SER H 191 0.08 -11.63 -30.09
CA SER H 191 0.19 -10.65 -31.17
C SER H 191 -1.19 -10.44 -31.73
N GLY H 192 -1.85 -11.55 -32.06
CA GLY H 192 -3.20 -11.48 -32.62
C GLY H 192 -3.28 -12.45 -33.79
N GLY H 193 -2.14 -13.05 -34.11
CA GLY H 193 -2.06 -13.97 -35.23
C GLY H 193 -2.84 -15.28 -35.13
N THR H 194 -2.68 -15.98 -34.01
CA THR H 194 -3.38 -17.25 -33.87
C THR H 194 -4.89 -17.07 -33.75
N LEU H 195 -5.34 -15.86 -33.44
CA LEU H 195 -6.78 -15.62 -33.34
C LEU H 195 -7.30 -15.36 -34.76
N ALA H 196 -6.70 -14.38 -35.43
CA ALA H 196 -7.09 -14.06 -36.78
C ALA H 196 -7.16 -15.36 -37.58
N GLY H 197 -6.02 -16.02 -37.76
CA GLY H 197 -5.97 -17.27 -38.53
C GLY H 197 -6.76 -18.42 -37.95
N LEU H 198 -7.57 -18.12 -36.95
CA LEU H 198 -8.38 -19.15 -36.32
C LEU H 198 -9.81 -18.67 -36.53
N SER H 199 -9.94 -17.38 -36.77
CA SER H 199 -11.23 -16.75 -37.02
C SER H 199 -11.48 -16.83 -38.51
N LEU H 200 -10.44 -16.56 -39.29
CA LEU H 200 -10.54 -16.61 -40.74
C LEU H 200 -10.83 -18.07 -41.08
N GLY H 201 -9.96 -18.95 -40.61
CA GLY H 201 -10.10 -20.38 -40.86
C GLY H 201 -11.43 -21.00 -40.49
N LEU H 202 -12.24 -20.32 -39.68
CA LEU H 202 -13.56 -20.83 -39.28
C LEU H 202 -14.70 -20.04 -39.96
N SER H 203 -14.37 -18.89 -40.55
CA SER H 203 -15.39 -18.12 -41.26
C SER H 203 -15.42 -18.90 -42.57
N ILE H 204 -14.23 -19.25 -43.06
CA ILE H 204 -14.13 -20.00 -44.31
C ILE H 204 -14.86 -21.33 -44.29
N LEU H 205 -14.75 -22.08 -43.21
CA LEU H 205 -15.44 -23.36 -43.14
C LEU H 205 -16.88 -23.08 -42.73
N ASN H 206 -17.24 -21.81 -42.69
CA ASN H 206 -18.58 -21.39 -42.27
C ASN H 206 -19.24 -22.40 -41.35
N GLU H 207 -18.51 -22.82 -40.32
CA GLU H 207 -19.07 -23.77 -39.38
C GLU H 207 -19.82 -22.92 -38.35
N ASP H 208 -20.19 -23.54 -37.24
CA ASP H 208 -20.90 -22.82 -36.18
C ASP H 208 -20.00 -22.82 -34.94
N ILE H 209 -18.74 -22.44 -35.12
CA ILE H 209 -17.82 -22.44 -34.00
C ILE H 209 -17.29 -21.06 -33.62
N ARG H 210 -17.38 -20.77 -32.33
CA ARG H 210 -16.95 -19.51 -31.75
C ARG H 210 -15.45 -19.35 -31.53
N PRO H 211 -14.84 -18.34 -32.15
CA PRO H 211 -13.40 -18.20 -31.90
C PRO H 211 -13.27 -17.47 -30.55
N VAL H 212 -12.41 -17.95 -29.65
CA VAL H 212 -12.30 -17.29 -28.35
C VAL H 212 -10.89 -16.98 -27.90
N GLY H 213 -10.58 -15.70 -27.83
CA GLY H 213 -9.26 -15.28 -27.42
C GLY H 213 -9.18 -14.86 -25.97
N ILE H 214 -8.35 -15.56 -25.21
CA ILE H 214 -8.12 -15.25 -23.81
C ILE H 214 -6.88 -14.34 -23.89
N ALA H 215 -7.10 -13.03 -23.72
CA ALA H 215 -6.02 -12.03 -23.80
C ALA H 215 -5.12 -12.14 -22.59
N VAL H 216 -3.84 -11.88 -22.79
CA VAL H 216 -2.89 -11.96 -21.69
C VAL H 216 -2.05 -10.69 -21.58
N GLY H 217 -2.57 -9.57 -22.07
CA GLY H 217 -1.83 -8.31 -22.00
C GLY H 217 -2.61 -7.05 -22.35
N ARG H 218 -2.31 -6.47 -23.51
CA ARG H 218 -2.96 -5.24 -23.99
C ARG H 218 -4.41 -5.47 -24.45
N PHE H 219 -5.15 -4.37 -24.59
CA PHE H 219 -6.55 -4.46 -25.00
C PHE H 219 -6.98 -3.15 -25.66
N GLY H 220 -8.02 -2.53 -25.10
CA GLY H 220 -8.52 -1.27 -25.62
C GLY H 220 -8.82 -1.27 -27.10
N GLU H 221 -8.13 -0.41 -27.86
CA GLU H 221 -8.38 -0.36 -29.29
C GLU H 221 -7.16 -0.59 -30.16
N VAL H 222 -5.98 -0.56 -29.57
CA VAL H 222 -4.78 -0.82 -30.35
C VAL H 222 -4.76 -2.29 -30.66
N MET H 223 -5.01 -3.15 -29.66
CA MET H 223 -5.00 -4.60 -29.91
C MET H 223 -6.25 -4.90 -30.71
N THR H 224 -7.38 -4.94 -30.03
CA THR H 224 -8.65 -5.18 -30.68
C THR H 224 -8.65 -4.71 -32.15
N SER H 225 -8.83 -3.41 -32.38
CA SER H 225 -8.83 -2.90 -33.75
C SER H 225 -7.86 -3.63 -34.67
N LYS H 226 -6.56 -3.48 -34.42
CA LYS H 226 -5.54 -4.14 -35.25
C LYS H 226 -5.95 -5.58 -35.59
N LEU H 227 -6.27 -6.35 -34.55
CA LEU H 227 -6.67 -7.75 -34.70
C LEU H 227 -7.62 -7.80 -35.89
N ASP H 228 -8.67 -6.99 -35.83
CA ASP H 228 -9.67 -6.89 -36.88
C ASP H 228 -8.95 -6.67 -38.21
N ASN H 229 -8.20 -5.58 -38.27
CA ASN H 229 -7.45 -5.20 -39.45
C ASN H 229 -6.67 -6.38 -40.01
N LEU H 230 -6.07 -7.17 -39.12
CA LEU H 230 -5.29 -8.31 -39.56
C LEU H 230 -6.17 -9.38 -40.19
N ILE H 231 -7.20 -9.81 -39.48
CA ILE H 231 -8.08 -10.85 -40.00
C ILE H 231 -8.88 -10.33 -41.19
N LYS H 232 -8.83 -9.02 -41.41
CA LYS H 232 -9.53 -8.39 -42.53
C LYS H 232 -8.61 -8.40 -43.73
N GLU H 233 -7.36 -8.05 -43.47
CA GLU H 233 -6.34 -8.00 -44.50
C GLU H 233 -5.94 -9.40 -45.02
N ALA H 234 -5.92 -10.39 -44.14
CA ALA H 234 -5.56 -11.76 -44.53
C ALA H 234 -6.60 -12.35 -45.48
N ALA H 235 -7.87 -12.35 -45.06
CA ALA H 235 -8.96 -12.88 -45.86
C ALA H 235 -8.76 -12.46 -47.30
N GLU H 236 -8.58 -11.17 -47.51
CA GLU H 236 -8.33 -10.62 -48.83
C GLU H 236 -7.19 -11.34 -49.54
N LEU H 237 -6.23 -11.86 -48.76
CA LEU H 237 -5.08 -12.56 -49.33
C LEU H 237 -5.58 -13.71 -50.21
N LEU H 238 -6.71 -14.27 -49.78
CA LEU H 238 -7.37 -15.39 -50.44
C LEU H 238 -8.78 -15.03 -50.98
N GLY H 239 -9.10 -13.73 -50.98
CA GLY H 239 -10.40 -13.30 -51.46
C GLY H 239 -11.46 -14.08 -50.72
N VAL H 240 -12.01 -13.56 -49.63
CA VAL H 240 -13.04 -14.30 -48.93
C VAL H 240 -13.76 -13.59 -47.80
N LYS H 241 -15.08 -13.77 -47.77
CA LYS H 241 -15.95 -13.16 -46.75
C LYS H 241 -15.32 -13.32 -45.36
N VAL H 242 -15.76 -12.46 -44.43
CA VAL H 242 -15.25 -12.50 -43.06
C VAL H 242 -16.37 -12.50 -42.04
N GLU H 243 -16.78 -13.69 -41.67
CA GLU H 243 -17.82 -13.84 -40.67
C GLU H 243 -17.28 -13.14 -39.41
N VAL H 244 -18.07 -12.23 -38.87
CA VAL H 244 -17.74 -11.43 -37.68
C VAL H 244 -16.54 -11.93 -36.88
N ARG H 245 -15.73 -10.98 -36.40
CA ARG H 245 -14.51 -11.31 -35.65
C ARG H 245 -14.65 -12.26 -34.44
N PRO H 246 -13.51 -12.69 -33.93
CA PRO H 246 -13.52 -13.59 -32.78
C PRO H 246 -14.01 -12.90 -31.51
N GLU H 247 -13.84 -13.59 -30.40
CA GLU H 247 -14.19 -13.10 -29.08
C GLU H 247 -12.90 -12.94 -28.31
N LEU H 248 -12.79 -11.87 -27.53
CA LEU H 248 -11.57 -11.64 -26.75
C LEU H 248 -11.93 -11.41 -25.29
N TYR H 249 -11.11 -11.95 -24.39
CA TYR H 249 -11.32 -11.81 -22.95
C TYR H 249 -9.99 -11.71 -22.23
N ASP H 250 -9.82 -10.67 -21.42
CA ASP H 250 -8.57 -10.50 -20.68
C ASP H 250 -8.50 -11.38 -19.44
N TYR H 251 -7.31 -11.94 -19.20
CA TYR H 251 -7.03 -12.78 -18.04
C TYR H 251 -5.52 -12.69 -17.75
N SER H 252 -4.93 -11.57 -18.18
CA SER H 252 -3.49 -11.29 -18.02
C SER H 252 -3.10 -11.00 -16.59
N PHE H 253 -4.06 -10.40 -15.87
CA PHE H 253 -3.90 -10.03 -14.46
C PHE H 253 -3.26 -8.66 -14.23
N GLY H 254 -3.34 -7.78 -15.21
CA GLY H 254 -2.77 -6.45 -15.04
C GLY H 254 -1.85 -6.00 -16.15
N GLU H 255 -0.97 -6.89 -16.55
CA GLU H 255 -0.05 -6.56 -17.61
C GLU H 255 0.55 -7.82 -18.19
N TYR H 256 0.94 -7.76 -19.46
CA TYR H 256 1.55 -8.91 -20.10
C TYR H 256 2.78 -9.27 -19.28
N GLY H 257 2.90 -10.55 -18.91
CA GLY H 257 4.06 -10.99 -18.16
C GLY H 257 3.96 -10.89 -16.64
N LYS H 258 2.83 -10.40 -16.15
CA LYS H 258 2.66 -10.31 -14.70
C LYS H 258 2.13 -11.61 -14.12
N ILE H 259 3.03 -12.47 -13.65
CA ILE H 259 2.65 -13.75 -13.07
C ILE H 259 1.83 -13.50 -11.80
N THR H 260 1.14 -14.54 -11.32
CA THR H 260 0.29 -14.45 -10.13
C THR H 260 -0.18 -15.84 -9.60
N GLY H 261 -0.79 -15.85 -8.42
CA GLY H 261 -1.24 -17.10 -7.82
C GLY H 261 -2.21 -17.92 -8.67
N GLU H 262 -3.33 -17.29 -9.03
CA GLU H 262 -4.37 -17.91 -9.83
C GLU H 262 -3.79 -18.57 -11.08
N VAL H 263 -2.67 -18.05 -11.55
CA VAL H 263 -2.01 -18.59 -12.72
C VAL H 263 -1.19 -19.81 -12.36
N ALA H 264 -0.48 -19.72 -11.23
CA ALA H 264 0.38 -20.80 -10.75
C ALA H 264 -0.44 -21.90 -10.10
N GLN H 265 -1.72 -21.62 -9.93
CA GLN H 265 -2.62 -22.58 -9.33
C GLN H 265 -3.12 -23.53 -10.42
N ILE H 266 -3.37 -22.98 -11.60
CA ILE H 266 -3.87 -23.75 -12.74
C ILE H 266 -2.72 -24.53 -13.35
N ILE H 267 -1.52 -23.94 -13.28
CA ILE H 267 -0.32 -24.59 -13.82
C ILE H 267 0.00 -25.86 -13.05
N ARG H 268 -0.51 -25.92 -11.82
CA ARG H 268 -0.30 -27.05 -10.93
C ARG H 268 -1.45 -28.04 -11.03
N LYS H 269 -2.63 -27.53 -11.35
CA LYS H 269 -3.82 -28.33 -11.47
C LYS H 269 -3.90 -29.13 -12.77
N VAL H 270 -3.66 -28.46 -13.89
CA VAL H 270 -3.66 -29.11 -15.20
C VAL H 270 -2.46 -30.05 -15.30
N GLY H 271 -1.38 -29.66 -14.62
CA GLY H 271 -0.18 -30.47 -14.62
C GLY H 271 -0.34 -31.73 -13.78
N THR H 272 -1.07 -31.68 -12.66
CA THR H 272 -1.27 -32.87 -11.81
C THR H 272 -2.57 -33.64 -12.06
N ARG H 273 -3.46 -33.09 -12.89
CA ARG H 273 -4.72 -33.75 -13.22
C ARG H 273 -4.77 -34.23 -14.68
N GLU H 274 -3.99 -33.61 -15.57
CA GLU H 274 -3.95 -34.04 -16.96
C GLU H 274 -2.49 -34.34 -17.41
N GLY H 275 -1.54 -34.05 -16.52
CA GLY H 275 -0.14 -34.28 -16.83
C GLY H 275 0.33 -33.47 -18.01
N ILE H 276 -0.29 -32.32 -18.23
CA ILE H 276 0.08 -31.43 -19.33
C ILE H 276 0.70 -30.16 -18.73
N ILE H 277 1.96 -29.89 -19.06
CA ILE H 277 2.67 -28.73 -18.51
C ILE H 277 2.46 -27.43 -19.26
N LEU H 278 1.72 -26.52 -18.66
CA LEU H 278 1.45 -25.23 -19.29
C LEU H 278 2.51 -24.22 -18.88
N ASP H 279 2.44 -23.01 -19.46
CA ASP H 279 3.37 -21.92 -19.14
C ASP H 279 2.56 -20.78 -18.50
N PRO H 280 3.18 -19.99 -17.60
CA PRO H 280 2.49 -18.88 -16.92
C PRO H 280 2.22 -17.55 -17.63
N VAL H 281 2.66 -17.40 -18.87
CA VAL H 281 2.42 -16.12 -19.56
C VAL H 281 1.47 -16.18 -20.77
N TYR H 282 1.35 -17.35 -21.38
CA TYR H 282 0.44 -17.55 -22.51
C TYR H 282 -0.61 -18.63 -22.16
N THR H 283 -0.32 -19.89 -22.47
CA THR H 283 -1.31 -20.92 -22.17
C THR H 283 -1.95 -20.84 -20.78
N GLY H 284 -1.14 -20.58 -19.75
CA GLY H 284 -1.65 -20.51 -18.39
C GLY H 284 -2.81 -19.56 -18.22
N LYS H 285 -2.59 -18.31 -18.58
CA LYS H 285 -3.62 -17.29 -18.45
C LYS H 285 -4.81 -17.62 -19.35
N ALA H 286 -4.57 -18.41 -20.39
CA ALA H 286 -5.63 -18.83 -21.30
C ALA H 286 -6.47 -19.88 -20.58
N PHE H 287 -5.88 -21.01 -20.24
CA PHE H 287 -6.64 -22.04 -19.57
C PHE H 287 -7.25 -21.56 -18.26
N TYR H 288 -6.51 -20.81 -17.46
CA TYR H 288 -7.12 -20.31 -16.24
C TYR H 288 -8.37 -19.57 -16.72
N GLY H 289 -8.25 -18.94 -17.88
CA GLY H 289 -9.38 -18.23 -18.44
C GLY H 289 -10.46 -19.21 -18.84
N LEU H 290 -10.17 -20.00 -19.88
CA LEU H 290 -11.04 -21.03 -20.41
C LEU H 290 -12.00 -21.46 -19.34
N VAL H 291 -11.43 -21.96 -18.25
CA VAL H 291 -12.20 -22.43 -17.10
C VAL H 291 -13.27 -21.44 -16.65
N ASP H 292 -12.83 -20.24 -16.30
CA ASP H 292 -13.70 -19.18 -15.79
C ASP H 292 -14.84 -18.82 -16.73
N LEU H 293 -14.54 -18.81 -18.02
CA LEU H 293 -15.54 -18.47 -19.03
C LEU H 293 -16.47 -19.65 -19.28
N ALA H 294 -16.13 -20.80 -18.71
CA ALA H 294 -16.91 -22.03 -18.88
C ALA H 294 -17.78 -22.23 -17.67
N ARG H 295 -17.21 -21.95 -16.50
CA ARG H 295 -17.97 -22.10 -15.25
C ARG H 295 -19.23 -21.22 -15.33
N LYS H 296 -19.09 -20.03 -15.89
CA LYS H 296 -20.24 -19.14 -16.01
C LYS H 296 -21.13 -19.62 -17.16
N GLY H 297 -20.67 -20.68 -17.83
CA GLY H 297 -21.40 -21.28 -18.93
C GLY H 297 -21.39 -20.40 -20.16
N GLU H 298 -20.22 -19.90 -20.50
CA GLU H 298 -20.10 -19.02 -21.64
C GLU H 298 -19.22 -19.64 -22.71
N LEU H 299 -18.96 -20.94 -22.59
CA LEU H 299 -18.12 -21.62 -23.57
C LEU H 299 -18.81 -22.76 -24.31
N GLY H 300 -20.04 -23.08 -23.90
CA GLY H 300 -20.79 -24.13 -24.55
C GLY H 300 -20.69 -25.49 -23.87
N GLU H 301 -20.23 -26.49 -24.59
CA GLU H 301 -20.09 -27.82 -24.02
C GLU H 301 -18.95 -28.52 -24.70
N LYS H 302 -18.75 -28.17 -25.96
CA LYS H 302 -17.70 -28.77 -26.75
C LYS H 302 -16.60 -27.76 -26.94
N ILE H 303 -15.94 -27.39 -25.84
CA ILE H 303 -14.85 -26.40 -25.88
C ILE H 303 -13.52 -27.05 -26.22
N LEU H 304 -12.87 -26.54 -27.25
CA LEU H 304 -11.59 -27.05 -27.71
C LEU H 304 -10.52 -26.00 -27.47
N PHE H 305 -9.72 -26.21 -26.43
CA PHE H 305 -8.62 -25.30 -26.08
C PHE H 305 -7.38 -25.84 -26.76
N ILE H 306 -6.55 -24.94 -27.27
CA ILE H 306 -5.36 -25.39 -27.97
C ILE H 306 -4.09 -25.20 -27.17
N HIS H 307 -3.27 -26.25 -27.09
CA HIS H 307 -2.01 -26.14 -26.38
C HIS H 307 -1.04 -25.48 -27.35
N THR H 308 -0.64 -24.27 -27.02
CA THR H 308 0.27 -23.49 -27.83
C THR H 308 1.75 -23.75 -27.51
N GLY H 309 2.01 -24.50 -26.44
CA GLY H 309 3.38 -24.84 -26.05
C GLY H 309 4.20 -23.85 -25.22
N GLY H 310 5.41 -23.55 -25.69
CA GLY H 310 6.27 -22.63 -24.97
C GLY H 310 6.45 -23.06 -23.52
N ILE H 311 6.87 -24.29 -23.31
CA ILE H 311 7.04 -24.79 -21.96
C ILE H 311 8.07 -23.97 -21.21
N SER H 312 9.02 -23.41 -21.97
CA SER H 312 10.08 -22.60 -21.40
C SER H 312 9.61 -21.77 -20.21
N GLY H 313 8.80 -20.74 -20.46
CA GLY H 313 8.31 -19.85 -19.42
C GLY H 313 7.95 -20.42 -18.08
N THR H 314 8.11 -21.73 -17.91
CA THR H 314 7.81 -22.40 -16.64
C THR H 314 9.13 -22.55 -15.88
N PHE H 315 10.18 -22.93 -16.61
CA PHE H 315 11.52 -23.06 -16.05
C PHE H 315 12.06 -21.65 -15.85
N HIS H 316 11.61 -20.73 -16.69
CA HIS H 316 12.02 -19.32 -16.68
C HIS H 316 11.29 -18.55 -15.58
N TYR H 317 10.29 -19.17 -14.99
CA TYR H 317 9.53 -18.49 -13.96
C TYR H 317 9.16 -19.44 -12.85
N GLY H 318 9.85 -20.58 -12.80
CA GLY H 318 9.62 -21.59 -11.79
C GLY H 318 9.75 -21.04 -10.39
N ASP H 319 10.81 -20.28 -10.13
CA ASP H 319 11.02 -19.70 -8.81
C ASP H 319 9.88 -18.73 -8.45
N LYS H 320 9.37 -18.01 -9.45
CA LYS H 320 8.27 -17.05 -9.25
C LYS H 320 6.93 -17.76 -9.01
N LEU H 321 6.90 -19.06 -9.30
CA LEU H 321 5.72 -19.90 -9.11
C LEU H 321 5.77 -20.45 -7.69
N LEU H 322 6.95 -20.87 -7.25
CA LEU H 322 7.12 -21.39 -5.89
C LEU H 322 6.74 -20.31 -4.87
N SER H 323 6.77 -19.04 -5.30
CA SER H 323 6.42 -17.96 -4.41
C SER H 323 4.89 -17.81 -4.33
N LEU H 324 4.20 -18.44 -5.28
CA LEU H 324 2.73 -18.39 -5.34
C LEU H 324 2.05 -19.61 -4.70
N LEU H 325 2.73 -20.76 -4.73
CA LEU H 325 2.19 -21.97 -4.12
C LEU H 325 3.02 -22.25 -2.88
N MET I 1 -18.06 -45.31 38.96
CA MET I 1 -16.79 -44.67 38.48
C MET I 1 -15.59 -45.20 39.29
N HIS I 2 -14.67 -45.88 38.61
CA HIS I 2 -13.51 -46.43 39.30
C HIS I 2 -12.70 -45.34 39.93
N PRO I 3 -12.45 -45.44 41.24
CA PRO I 3 -11.68 -44.44 41.96
C PRO I 3 -10.45 -43.91 41.21
N LYS I 4 -9.78 -44.79 40.46
CA LYS I 4 -8.59 -44.39 39.71
C LYS I 4 -8.90 -43.53 38.49
N ILE I 5 -9.86 -43.94 37.67
CA ILE I 5 -10.17 -43.11 36.51
C ILE I 5 -10.92 -41.86 36.98
N PHE I 6 -11.49 -41.92 38.17
CA PHE I 6 -12.19 -40.76 38.72
C PHE I 6 -11.19 -39.72 39.24
N ALA I 7 -10.00 -40.18 39.61
CA ALA I 7 -8.98 -39.30 40.10
C ALA I 7 -8.24 -38.74 38.90
N LEU I 8 -8.02 -39.57 37.90
CA LEU I 8 -7.29 -39.13 36.72
C LEU I 8 -8.17 -38.42 35.66
N LEU I 9 -9.21 -37.72 36.11
CA LEU I 9 -10.09 -36.98 35.20
C LEU I 9 -10.74 -35.79 35.88
N ALA I 10 -10.53 -35.69 37.19
CA ALA I 10 -11.12 -34.63 38.02
C ALA I 10 -10.84 -33.18 37.57
N LYS I 11 -9.59 -32.92 37.18
CA LYS I 11 -9.21 -31.57 36.71
C LYS I 11 -9.70 -31.24 35.29
N PHE I 12 -10.22 -32.22 34.57
CA PHE I 12 -10.69 -32.00 33.20
C PHE I 12 -12.15 -31.58 33.11
N PRO I 13 -12.39 -30.40 32.50
CA PRO I 13 -13.67 -29.71 32.24
C PRO I 13 -14.62 -30.42 31.30
N ARG I 14 -15.68 -30.98 31.86
CA ARG I 14 -16.67 -31.71 31.08
C ARG I 14 -18.00 -30.95 31.03
N VAL I 15 -18.79 -31.21 30.00
CA VAL I 15 -20.11 -30.61 29.86
C VAL I 15 -21.04 -31.81 29.93
N GLU I 16 -21.39 -32.16 31.16
CA GLU I 16 -22.24 -33.32 31.43
C GLU I 16 -23.49 -33.40 30.54
N LEU I 17 -23.32 -34.00 29.36
CA LEU I 17 -24.41 -34.21 28.40
C LEU I 17 -25.10 -35.57 28.60
N ILE I 18 -24.46 -36.44 29.38
CA ILE I 18 -25.05 -37.75 29.62
C ILE I 18 -25.36 -37.98 31.11
N PRO I 19 -26.65 -38.01 31.47
CA PRO I 19 -27.25 -38.20 32.80
C PRO I 19 -27.27 -39.62 33.36
N TRP I 20 -27.21 -40.61 32.48
CA TRP I 20 -27.28 -42.02 32.83
C TRP I 20 -26.14 -42.82 32.21
N GLU I 21 -25.98 -44.06 32.66
CA GLU I 21 -24.95 -44.96 32.13
C GLU I 21 -25.63 -45.79 31.05
N THR I 22 -25.00 -45.98 29.90
CA THR I 22 -25.63 -46.83 28.89
C THR I 22 -25.49 -48.27 29.38
N PRO I 23 -26.59 -49.03 29.32
CA PRO I 23 -26.71 -50.44 29.74
C PRO I 23 -25.93 -51.46 28.94
N ILE I 24 -25.76 -52.63 29.53
CA ILE I 24 -25.04 -53.71 28.89
C ILE I 24 -25.93 -54.94 28.90
N GLN I 25 -26.35 -55.35 27.71
CA GLN I 25 -27.22 -56.51 27.55
C GLN I 25 -26.43 -57.64 26.91
N TYR I 26 -26.67 -58.87 27.37
CA TYR I 26 -25.99 -60.03 26.80
C TYR I 26 -26.75 -60.40 25.52
N LEU I 27 -26.01 -60.59 24.43
CA LEU I 27 -26.60 -60.96 23.14
C LEU I 27 -26.81 -62.47 23.06
N PRO I 28 -28.07 -62.91 23.24
CA PRO I 28 -28.55 -64.29 23.22
C PRO I 28 -28.38 -65.12 21.94
N ASN I 29 -28.67 -64.53 20.78
CA ASN I 29 -28.59 -65.28 19.53
C ASN I 29 -27.28 -65.26 18.81
N ILE I 30 -26.56 -64.16 18.92
CA ILE I 30 -25.30 -64.14 18.24
C ILE I 30 -24.41 -65.04 19.07
N SER I 31 -24.40 -64.80 20.38
CA SER I 31 -23.58 -65.61 21.27
C SER I 31 -23.72 -67.07 20.91
N ARG I 32 -24.93 -67.48 20.55
CA ARG I 32 -25.20 -68.86 20.18
C ARG I 32 -24.53 -69.18 18.84
N GLU I 33 -24.97 -68.46 17.82
CA GLU I 33 -24.50 -68.61 16.43
C GLU I 33 -23.00 -68.50 16.21
N ILE I 34 -22.24 -68.01 17.19
CA ILE I 34 -20.78 -67.86 17.02
C ILE I 34 -19.85 -68.66 17.95
N GLY I 35 -20.44 -69.35 18.94
CA GLY I 35 -19.64 -70.13 19.88
C GLY I 35 -18.72 -69.27 20.73
N ALA I 36 -19.32 -68.41 21.56
CA ALA I 36 -18.61 -67.48 22.46
C ALA I 36 -19.53 -66.30 22.84
N ASP I 37 -19.53 -65.95 24.13
CA ASP I 37 -20.36 -64.88 24.65
C ASP I 37 -20.05 -63.49 24.13
N VAL I 38 -21.01 -62.89 23.45
CA VAL I 38 -20.80 -61.55 22.94
C VAL I 38 -21.80 -60.63 23.58
N TYR I 39 -21.25 -59.64 24.29
CA TYR I 39 -22.05 -58.64 24.99
C TYR I 39 -21.97 -57.33 24.19
N ILE I 40 -22.94 -56.45 24.40
CA ILE I 40 -22.95 -55.18 23.69
C ILE I 40 -23.29 -54.05 24.66
N LYS I 41 -22.62 -52.92 24.50
CA LYS I 41 -22.86 -51.72 25.32
C LYS I 41 -23.59 -50.66 24.48
N ARG I 42 -24.83 -50.38 24.86
CA ARG I 42 -25.69 -49.44 24.12
C ARG I 42 -25.31 -47.98 24.23
N ASP I 43 -24.31 -47.60 23.45
CA ASP I 43 -23.80 -46.23 23.43
C ASP I 43 -24.41 -45.42 22.31
N ASP I 44 -25.54 -45.93 21.82
CA ASP I 44 -26.32 -45.27 20.79
C ASP I 44 -27.54 -44.76 21.54
N LEU I 45 -27.43 -44.80 22.86
CA LEU I 45 -28.49 -44.37 23.76
C LEU I 45 -28.05 -43.23 24.66
N THR I 46 -26.95 -42.56 24.28
CA THR I 46 -26.44 -41.44 25.05
C THR I 46 -27.45 -40.28 25.03
N GLY I 47 -28.48 -40.44 24.20
CA GLY I 47 -29.56 -39.47 24.10
C GLY I 47 -29.43 -38.20 23.28
N LEU I 48 -28.21 -37.71 23.04
CA LEU I 48 -28.08 -36.48 22.28
C LEU I 48 -28.22 -36.75 20.80
N GLY I 49 -29.14 -36.06 20.15
CA GLY I 49 -29.33 -36.26 18.72
C GLY I 49 -29.67 -37.67 18.30
N ILE I 50 -28.68 -38.39 17.77
CA ILE I 50 -28.84 -39.77 17.31
C ILE I 50 -28.05 -40.65 18.26
N GLY I 51 -27.61 -40.05 19.35
CA GLY I 51 -26.81 -40.79 20.31
C GLY I 51 -25.52 -41.07 19.59
N GLY I 52 -24.80 -42.09 20.02
CA GLY I 52 -23.53 -42.41 19.38
C GLY I 52 -22.39 -42.21 20.34
N ASN I 53 -21.16 -42.34 19.84
CA ASN I 53 -19.96 -42.20 20.65
C ASN I 53 -19.41 -40.78 20.71
N LYS I 54 -19.77 -39.98 19.72
CA LYS I 54 -19.33 -38.59 19.62
C LYS I 54 -19.85 -37.70 20.74
N ILE I 55 -20.92 -38.13 21.40
CA ILE I 55 -21.46 -37.34 22.49
C ILE I 55 -20.54 -37.50 23.71
N ARG I 56 -19.89 -38.66 23.83
CA ARG I 56 -18.99 -38.89 24.95
C ARG I 56 -17.77 -37.98 24.79
N LYS I 57 -17.09 -38.11 23.67
CA LYS I 57 -15.90 -37.32 23.40
C LYS I 57 -16.13 -35.80 23.41
N LEU I 58 -17.34 -35.40 23.02
CA LEU I 58 -17.73 -33.98 22.96
C LEU I 58 -17.74 -33.35 24.35
N GLU I 59 -18.28 -34.06 25.33
CA GLU I 59 -18.34 -33.56 26.69
C GLU I 59 -17.11 -32.74 27.06
N TYR I 60 -15.96 -33.38 26.89
CA TYR I 60 -14.69 -32.76 27.20
C TYR I 60 -14.31 -31.69 26.18
N LEU I 61 -14.57 -31.97 24.91
CA LEU I 61 -14.27 -31.02 23.85
C LEU I 61 -15.05 -29.78 24.17
N LEU I 62 -16.37 -29.83 23.94
CA LEU I 62 -17.25 -28.69 24.18
C LEU I 62 -17.03 -27.99 25.53
N GLY I 63 -16.31 -28.64 26.44
CA GLY I 63 -16.03 -28.05 27.72
C GLY I 63 -14.88 -27.07 27.46
N ASP I 64 -13.84 -27.60 26.81
CA ASP I 64 -12.63 -26.84 26.46
C ASP I 64 -13.01 -25.71 25.48
N ALA I 65 -14.12 -25.91 24.77
CA ALA I 65 -14.61 -24.92 23.82
C ALA I 65 -14.90 -23.67 24.63
N LEU I 66 -15.95 -23.75 25.45
CA LEU I 66 -16.36 -22.66 26.31
C LEU I 66 -15.16 -22.25 27.19
N SER I 67 -14.40 -23.24 27.67
CA SER I 67 -13.20 -22.99 28.49
C SER I 67 -12.32 -21.97 27.79
N LYS I 68 -12.44 -21.92 26.47
CA LYS I 68 -11.69 -21.02 25.63
C LYS I 68 -12.71 -20.20 24.86
N GLY I 69 -13.90 -20.11 25.45
CA GLY I 69 -15.00 -19.36 24.86
C GLY I 69 -14.91 -19.00 23.39
N ALA I 70 -15.21 -19.95 22.53
CA ALA I 70 -15.20 -19.70 21.09
C ALA I 70 -16.70 -19.54 20.79
N ASP I 71 -17.04 -18.94 19.65
CA ASP I 71 -18.46 -18.76 19.33
C ASP I 71 -18.95 -19.70 18.26
N VAL I 72 -18.08 -20.04 17.32
CA VAL I 72 -18.47 -20.95 16.27
C VAL I 72 -17.62 -22.21 16.28
N VAL I 73 -18.23 -23.31 16.67
CA VAL I 73 -17.54 -24.58 16.70
C VAL I 73 -17.42 -25.05 15.25
N ILE I 74 -16.20 -25.39 14.83
CA ILE I 74 -15.96 -25.87 13.47
C ILE I 74 -15.30 -27.25 13.49
N THR I 75 -15.88 -28.18 12.72
CA THR I 75 -15.35 -29.54 12.61
C THR I 75 -15.61 -30.13 11.22
N VAL I 76 -14.81 -31.14 10.85
CA VAL I 76 -14.92 -31.81 9.55
C VAL I 76 -15.88 -33.00 9.54
N GLY I 77 -15.79 -33.81 8.48
CA GLY I 77 -16.65 -34.96 8.34
C GLY I 77 -17.22 -35.16 6.94
N ALA I 78 -17.77 -36.35 6.68
CA ALA I 78 -18.36 -36.71 5.38
C ALA I 78 -19.82 -36.26 5.33
N VAL I 79 -20.41 -36.21 4.14
CA VAL I 79 -21.80 -35.80 4.09
C VAL I 79 -22.54 -36.64 5.14
N HIS I 80 -22.78 -37.91 4.82
CA HIS I 80 -23.47 -38.85 5.70
C HIS I 80 -22.90 -38.95 7.13
N SER I 81 -21.74 -38.36 7.38
CA SER I 81 -21.11 -38.43 8.71
C SER I 81 -21.99 -38.03 9.91
N ASN I 82 -21.85 -38.80 10.99
CA ASN I 82 -22.60 -38.64 12.26
C ASN I 82 -21.98 -37.61 13.22
N HIS I 83 -20.66 -37.73 13.40
CA HIS I 83 -19.91 -36.85 14.29
C HIS I 83 -20.28 -35.36 14.15
N ALA I 84 -20.40 -34.90 12.91
CA ALA I 84 -20.74 -33.49 12.65
C ALA I 84 -22.16 -33.18 13.12
N PHE I 85 -23.14 -33.84 12.52
CA PHE I 85 -24.53 -33.61 12.91
C PHE I 85 -24.59 -33.49 14.42
N VAL I 86 -24.14 -34.53 15.11
CA VAL I 86 -24.11 -34.53 16.57
C VAL I 86 -23.30 -33.37 17.17
N THR I 87 -22.06 -33.17 16.74
CA THR I 87 -21.27 -32.05 17.27
C THR I 87 -21.98 -30.73 17.01
N GLY I 88 -22.71 -30.67 15.89
CA GLY I 88 -23.44 -29.46 15.57
C GLY I 88 -24.58 -29.29 16.56
N LEU I 89 -25.52 -30.22 16.49
CA LEU I 89 -26.66 -30.18 17.39
C LEU I 89 -26.17 -29.87 18.80
N ALA I 90 -25.02 -30.43 19.17
CA ALA I 90 -24.44 -30.18 20.50
C ALA I 90 -24.17 -28.69 20.66
N ALA I 91 -23.29 -28.14 19.83
CA ALA I 91 -22.98 -26.72 19.89
C ALA I 91 -24.27 -25.98 20.21
N LYS I 92 -25.09 -25.69 19.20
CA LYS I 92 -26.37 -24.99 19.41
C LYS I 92 -27.04 -25.22 20.76
N LYS I 93 -26.72 -26.35 21.40
CA LYS I 93 -27.29 -26.66 22.71
C LYS I 93 -26.64 -25.73 23.73
N LEU I 94 -25.30 -25.75 23.77
CA LEU I 94 -24.57 -24.90 24.68
C LEU I 94 -24.51 -23.48 24.10
N GLY I 95 -25.54 -23.12 23.34
CA GLY I 95 -25.61 -21.80 22.74
C GLY I 95 -24.75 -21.56 21.52
N LEU I 96 -23.52 -22.07 21.55
CA LEU I 96 -22.56 -21.93 20.46
C LEU I 96 -23.13 -21.99 19.02
N ASP I 97 -22.24 -21.85 18.04
CA ASP I 97 -22.62 -21.89 16.63
C ASP I 97 -21.89 -23.03 15.92
N ALA I 98 -22.33 -23.39 14.72
CA ALA I 98 -21.68 -24.50 14.01
C ALA I 98 -21.54 -24.46 12.50
N ILE I 99 -20.41 -24.98 12.01
CA ILE I 99 -20.15 -25.07 10.59
C ILE I 99 -19.51 -26.44 10.31
N LEU I 100 -20.22 -27.21 9.49
CA LEU I 100 -19.77 -28.53 9.11
C LEU I 100 -19.12 -28.43 7.74
N VAL I 101 -17.89 -28.93 7.65
CA VAL I 101 -17.15 -28.93 6.40
C VAL I 101 -17.17 -30.38 5.91
N LEU I 102 -18.19 -30.69 5.13
CA LEU I 102 -18.44 -32.02 4.57
C LEU I 102 -17.95 -32.20 3.14
N ARG I 103 -17.91 -33.45 2.69
CA ARG I 103 -17.53 -33.77 1.31
C ARG I 103 -18.28 -34.99 0.79
N GLY I 104 -19.10 -34.78 -0.25
CA GLY I 104 -19.88 -35.87 -0.85
C GLY I 104 -21.19 -35.53 -1.54
N LYS I 105 -22.03 -36.55 -1.72
CA LYS I 105 -23.33 -36.38 -2.38
C LYS I 105 -24.33 -35.57 -1.55
N GLU I 106 -24.51 -34.31 -1.94
CA GLU I 106 -25.44 -33.46 -1.23
C GLU I 106 -26.87 -33.89 -1.54
N GLU I 107 -27.20 -35.12 -1.11
CA GLU I 107 -28.52 -35.68 -1.27
C GLU I 107 -29.24 -35.20 -0.01
N LEU I 108 -30.54 -34.92 -0.13
CA LEU I 108 -31.28 -34.45 1.03
C LEU I 108 -31.75 -35.61 1.92
N LYS I 109 -30.77 -36.31 2.52
CA LYS I 109 -31.05 -37.43 3.40
C LYS I 109 -29.97 -37.74 4.44
N GLY I 110 -30.25 -38.74 5.28
CA GLY I 110 -29.31 -39.14 6.32
C GLY I 110 -29.08 -37.99 7.28
N ASN I 111 -27.94 -38.01 7.98
CA ASN I 111 -27.60 -36.93 8.91
C ASN I 111 -27.72 -35.61 8.16
N TYR I 112 -27.10 -35.58 6.98
CA TYR I 112 -27.16 -34.43 6.09
C TYR I 112 -28.57 -33.80 6.03
N LEU I 113 -29.59 -34.65 5.88
CA LEU I 113 -30.98 -34.19 5.83
C LEU I 113 -31.30 -33.54 7.17
N LEU I 114 -30.86 -34.20 8.23
CA LEU I 114 -31.06 -33.75 9.60
C LEU I 114 -30.38 -32.41 9.81
N ASP I 115 -29.22 -32.22 9.22
CA ASP I 115 -28.56 -30.94 9.37
C ASP I 115 -29.46 -29.79 8.88
N LYS I 116 -29.84 -29.82 7.60
CA LYS I 116 -30.67 -28.76 7.02
C LYS I 116 -31.97 -28.52 7.76
N ILE I 117 -32.64 -29.59 8.16
CA ILE I 117 -33.90 -29.45 8.90
C ILE I 117 -33.66 -28.74 10.23
N MET I 118 -32.56 -29.09 10.89
CA MET I 118 -32.21 -28.54 12.18
C MET I 118 -31.63 -27.15 12.08
N GLY I 119 -31.30 -26.74 10.85
CA GLY I 119 -30.74 -25.42 10.62
C GLY I 119 -29.26 -25.34 10.97
N ILE I 120 -28.50 -26.30 10.49
CA ILE I 120 -27.08 -26.31 10.75
C ILE I 120 -26.38 -25.89 9.45
N GLU I 121 -25.47 -24.92 9.56
CA GLU I 121 -24.77 -24.45 8.41
C GLU I 121 -23.89 -25.55 7.88
N THR I 122 -24.12 -25.92 6.62
CA THR I 122 -23.35 -26.98 5.97
C THR I 122 -22.50 -26.38 4.87
N ARG I 123 -21.44 -27.10 4.50
CA ARG I 123 -20.52 -26.67 3.45
C ARG I 123 -19.84 -27.87 2.80
N VAL I 124 -20.58 -28.57 1.93
CA VAL I 124 -20.05 -29.75 1.25
C VAL I 124 -19.02 -29.37 0.20
N TYR I 125 -17.76 -29.70 0.51
CA TYR I 125 -16.61 -29.40 -0.33
C TYR I 125 -16.23 -30.48 -1.33
N ASP I 126 -16.45 -30.22 -2.62
CA ASP I 126 -16.10 -31.19 -3.68
C ASP I 126 -14.60 -31.55 -3.60
N ALA I 127 -13.92 -30.95 -2.62
CA ALA I 127 -12.52 -31.23 -2.39
C ALA I 127 -12.63 -32.57 -1.68
N LYS I 128 -13.36 -33.45 -2.35
CA LYS I 128 -13.66 -34.81 -1.91
C LYS I 128 -12.39 -35.64 -2.16
N ASP I 129 -12.05 -36.48 -1.19
CA ASP I 129 -10.87 -37.36 -1.25
C ASP I 129 -10.46 -37.83 0.14
N SER I 130 -9.34 -37.31 0.63
CA SER I 130 -8.80 -37.64 1.93
C SER I 130 -9.43 -36.76 3.00
N PHE I 131 -9.40 -37.20 4.27
CA PHE I 131 -9.98 -36.35 5.32
C PHE I 131 -9.14 -35.07 5.49
N GLU I 132 -8.15 -34.90 4.62
CA GLU I 132 -7.30 -33.72 4.65
C GLU I 132 -8.15 -32.53 4.22
N LEU I 133 -9.47 -32.75 4.21
CA LEU I 133 -10.46 -31.73 3.90
C LEU I 133 -10.43 -30.92 5.22
N MET I 134 -9.42 -31.25 6.02
CA MET I 134 -9.20 -30.65 7.32
C MET I 134 -8.59 -29.26 7.25
N LYS I 135 -7.91 -28.93 6.15
CA LYS I 135 -7.30 -27.63 6.04
C LYS I 135 -8.36 -26.55 5.83
N TYR I 136 -9.34 -26.85 4.98
CA TYR I 136 -10.41 -25.91 4.71
C TYR I 136 -11.03 -25.40 6.00
N ALA I 137 -10.96 -26.21 7.05
CA ALA I 137 -11.53 -25.77 8.31
C ALA I 137 -10.50 -24.89 9.03
N GLU I 138 -9.24 -25.04 8.66
CA GLU I 138 -8.21 -24.22 9.27
C GLU I 138 -8.37 -22.81 8.71
N GLU I 139 -8.38 -22.71 7.39
CA GLU I 139 -8.52 -21.41 6.75
C GLU I 139 -9.90 -20.80 7.00
N ILE I 140 -10.97 -21.60 7.01
CA ILE I 140 -12.29 -21.03 7.29
C ILE I 140 -12.18 -20.43 8.68
N ALA I 141 -11.41 -21.09 9.55
CA ALA I 141 -11.21 -20.58 10.90
C ALA I 141 -10.50 -19.24 10.75
N GLU I 142 -9.52 -19.19 9.86
CA GLU I 142 -8.77 -17.95 9.62
C GLU I 142 -9.69 -16.76 9.21
N GLU I 143 -10.49 -16.92 8.15
CA GLU I 143 -11.37 -15.81 7.77
C GLU I 143 -12.31 -15.47 8.91
N LEU I 144 -12.73 -16.49 9.65
CA LEU I 144 -13.64 -16.27 10.77
C LEU I 144 -12.88 -15.60 11.90
N LYS I 145 -11.78 -16.20 12.32
CA LYS I 145 -11.03 -15.62 13.40
C LYS I 145 -10.75 -14.17 13.07
N ARG I 146 -10.41 -13.90 11.81
CA ARG I 146 -10.17 -12.51 11.45
C ARG I 146 -11.52 -11.81 11.38
N GLU I 147 -12.26 -11.93 12.48
CA GLU I 147 -13.58 -11.33 12.65
C GLU I 147 -13.96 -11.37 14.10
N GLY I 148 -12.94 -11.42 14.96
CA GLY I 148 -13.13 -11.43 16.40
C GLY I 148 -13.95 -12.58 16.93
N ARG I 149 -14.53 -13.35 16.00
CA ARG I 149 -15.33 -14.51 16.34
C ARG I 149 -14.33 -15.65 16.58
N LYS I 150 -14.33 -16.23 17.77
CA LYS I 150 -13.41 -17.33 18.09
C LYS I 150 -13.97 -18.70 17.69
N PRO I 151 -13.40 -19.32 16.62
CA PRO I 151 -13.84 -20.63 16.12
C PRO I 151 -13.04 -21.74 16.79
N TYR I 152 -13.69 -22.89 17.00
CA TYR I 152 -13.07 -24.05 17.63
C TYR I 152 -13.13 -25.23 16.68
N VAL I 153 -11.98 -25.68 16.23
CA VAL I 153 -11.97 -26.80 15.30
C VAL I 153 -11.58 -28.15 15.90
N ILE I 154 -12.57 -29.02 15.90
CA ILE I 154 -12.45 -30.37 16.42
C ILE I 154 -12.02 -31.26 15.24
N PRO I 155 -10.89 -31.99 15.38
CA PRO I 155 -10.46 -32.84 14.26
C PRO I 155 -11.60 -33.79 13.90
N PRO I 156 -11.42 -34.67 12.90
CA PRO I 156 -12.55 -35.56 12.61
C PRO I 156 -12.76 -36.52 13.79
N GLY I 157 -14.00 -36.61 14.28
CA GLY I 157 -14.29 -37.48 15.40
C GLY I 157 -13.38 -37.23 16.60
N GLY I 158 -13.67 -36.17 17.36
CA GLY I 158 -12.89 -35.79 18.52
C GLY I 158 -11.52 -36.43 18.67
N ALA I 159 -10.78 -36.51 17.56
CA ALA I 159 -9.45 -37.13 17.52
C ALA I 159 -8.48 -36.49 18.49
N SER I 160 -8.87 -35.34 19.02
CA SER I 160 -8.04 -34.62 19.99
C SER I 160 -7.69 -35.52 21.19
N PRO I 161 -6.63 -35.16 21.92
CA PRO I 161 -6.27 -35.98 23.07
C PRO I 161 -7.34 -35.95 24.20
N ILE I 162 -7.93 -34.78 24.44
CA ILE I 162 -8.96 -34.63 25.47
C ILE I 162 -10.21 -35.43 25.06
N GLY I 163 -10.63 -35.28 23.80
CA GLY I 163 -11.78 -36.00 23.30
C GLY I 163 -11.59 -37.51 23.42
N THR I 164 -10.35 -37.90 23.74
CA THR I 164 -10.03 -39.30 23.91
C THR I 164 -10.41 -39.66 25.33
N LEU I 165 -10.62 -38.63 26.15
CA LEU I 165 -11.00 -38.83 27.54
C LEU I 165 -12.51 -39.13 27.62
N GLY I 166 -13.13 -39.25 26.45
CA GLY I 166 -14.55 -39.57 26.38
C GLY I 166 -14.72 -41.04 26.67
N TYR I 167 -13.84 -41.87 26.09
CA TYR I 167 -13.89 -43.30 26.33
C TYR I 167 -12.87 -43.68 27.37
N VAL I 168 -12.10 -42.70 27.81
CA VAL I 168 -11.16 -42.94 28.88
C VAL I 168 -12.13 -42.97 30.07
N ARG I 169 -13.16 -42.14 30.00
CA ARG I 169 -14.19 -42.04 31.04
C ARG I 169 -15.24 -43.12 30.79
N ALA I 170 -15.24 -43.66 29.59
CA ALA I 170 -16.20 -44.70 29.25
C ALA I 170 -15.80 -45.93 30.03
N VAL I 171 -14.62 -46.47 29.73
CA VAL I 171 -14.14 -47.67 30.41
C VAL I 171 -14.38 -47.53 31.91
N GLY I 172 -14.09 -46.33 32.43
CA GLY I 172 -14.25 -46.06 33.84
C GLY I 172 -15.66 -46.33 34.32
N GLU I 173 -16.60 -46.31 33.37
CA GLU I 173 -18.02 -46.55 33.67
C GLU I 173 -18.35 -48.01 33.44
N ILE I 174 -17.65 -48.64 32.51
CA ILE I 174 -17.90 -50.03 32.21
C ILE I 174 -17.38 -50.90 33.35
N ALA I 175 -16.29 -50.49 33.96
CA ALA I 175 -15.68 -51.26 35.02
C ALA I 175 -16.52 -51.29 36.28
N THR I 176 -17.16 -50.17 36.57
CA THR I 176 -18.00 -50.01 37.76
C THR I 176 -19.43 -50.55 37.61
N GLN I 177 -19.89 -50.73 36.37
CA GLN I 177 -21.24 -51.20 36.10
C GLN I 177 -21.31 -52.69 35.82
N SER I 178 -20.30 -53.20 35.14
CA SER I 178 -20.25 -54.59 34.76
C SER I 178 -19.80 -55.61 35.77
N GLU I 179 -20.46 -56.75 35.69
CA GLU I 179 -20.14 -57.88 36.53
C GLU I 179 -19.86 -58.91 35.45
N VAL I 180 -19.04 -58.53 34.48
CA VAL I 180 -18.67 -59.43 33.40
C VAL I 180 -17.27 -59.12 32.91
N LYS I 181 -16.28 -59.69 33.59
CA LYS I 181 -14.87 -59.51 33.28
C LYS I 181 -14.54 -60.00 31.85
N PHE I 182 -14.59 -59.08 30.88
CA PHE I 182 -14.34 -59.43 29.49
C PHE I 182 -12.92 -59.83 29.14
N ASP I 183 -12.78 -60.51 28.01
CA ASP I 183 -11.49 -60.93 27.49
C ASP I 183 -10.97 -59.80 26.61
N SER I 184 -11.77 -59.49 25.60
CA SER I 184 -11.42 -58.44 24.67
C SER I 184 -12.57 -57.42 24.60
N ILE I 185 -12.29 -56.27 24.00
CA ILE I 185 -13.31 -55.24 23.83
C ILE I 185 -13.10 -54.68 22.45
N VAL I 186 -14.05 -54.95 21.57
CA VAL I 186 -13.99 -54.52 20.18
C VAL I 186 -14.75 -53.23 19.94
N VAL I 187 -14.12 -52.33 19.20
CA VAL I 187 -14.72 -51.04 18.90
C VAL I 187 -14.45 -50.63 17.44
N ALA I 188 -15.47 -50.11 16.76
CA ALA I 188 -15.33 -49.68 15.39
C ALA I 188 -14.42 -48.46 15.36
N ALA I 189 -13.41 -48.47 14.49
CA ALA I 189 -12.47 -47.36 14.40
C ALA I 189 -12.35 -46.70 13.02
N GLY I 190 -12.60 -45.39 13.01
CA GLY I 190 -12.49 -44.59 11.80
C GLY I 190 -11.31 -43.63 11.96
N SER I 191 -11.50 -42.67 12.86
CA SER I 191 -10.49 -41.65 13.18
C SER I 191 -9.57 -42.12 14.30
N GLY I 192 -9.98 -43.16 15.01
CA GLY I 192 -9.18 -43.73 16.10
C GLY I 192 -9.52 -43.22 17.50
N GLY I 193 -10.31 -42.16 17.55
CA GLY I 193 -10.71 -41.56 18.82
C GLY I 193 -11.26 -42.51 19.86
N THR I 194 -12.40 -43.14 19.57
CA THR I 194 -13.02 -44.08 20.51
C THR I 194 -12.07 -45.21 20.94
N LEU I 195 -11.35 -45.79 19.98
CA LEU I 195 -10.45 -46.88 20.27
C LEU I 195 -9.31 -46.39 21.14
N ALA I 196 -8.61 -45.39 20.64
CA ALA I 196 -7.48 -44.82 21.38
C ALA I 196 -7.79 -44.63 22.85
N GLY I 197 -8.95 -44.04 23.14
CA GLY I 197 -9.35 -43.78 24.52
C GLY I 197 -9.85 -45.01 25.20
N LEU I 198 -10.26 -45.98 24.40
CA LEU I 198 -10.75 -47.22 24.93
C LEU I 198 -9.51 -47.87 25.55
N SER I 199 -8.48 -47.98 24.73
CA SER I 199 -7.21 -48.58 25.13
C SER I 199 -6.54 -47.97 26.36
N LEU I 200 -6.52 -46.64 26.43
CA LEU I 200 -5.88 -45.94 27.55
C LEU I 200 -6.60 -46.24 28.88
N GLY I 201 -7.92 -46.10 28.91
CA GLY I 201 -8.70 -46.39 30.11
C GLY I 201 -8.75 -47.86 30.49
N LEU I 202 -8.25 -48.71 29.60
CA LEU I 202 -8.21 -50.15 29.82
C LEU I 202 -6.84 -50.44 30.40
N SER I 203 -5.92 -49.52 30.14
CA SER I 203 -4.55 -49.58 30.62
C SER I 203 -4.52 -48.97 32.02
N ILE I 204 -5.14 -47.79 32.14
CA ILE I 204 -5.26 -47.08 33.40
C ILE I 204 -5.82 -48.01 34.48
N LEU I 205 -6.79 -48.86 34.11
CA LEU I 205 -7.43 -49.77 35.07
C LEU I 205 -6.66 -51.08 35.25
N ASN I 206 -5.63 -51.24 34.41
CA ASN I 206 -4.81 -52.43 34.47
C ASN I 206 -5.59 -53.74 34.53
N GLU I 207 -6.22 -54.07 33.41
CA GLU I 207 -6.98 -55.30 33.30
C GLU I 207 -6.35 -55.98 32.09
N ASP I 208 -6.51 -57.30 31.95
CA ASP I 208 -5.94 -58.01 30.80
C ASP I 208 -6.92 -58.00 29.63
N ILE I 209 -7.71 -56.94 29.54
CA ILE I 209 -8.68 -56.84 28.47
C ILE I 209 -7.97 -56.37 27.18
N ARG I 210 -8.38 -56.92 26.05
CA ARG I 210 -7.78 -56.53 24.79
C ARG I 210 -8.63 -55.48 24.10
N PRO I 211 -7.99 -54.39 23.63
CA PRO I 211 -8.78 -53.36 22.95
C PRO I 211 -8.79 -53.73 21.47
N VAL I 212 -9.89 -54.31 21.01
CA VAL I 212 -9.96 -54.70 19.61
C VAL I 212 -10.76 -53.71 18.77
N GLY I 213 -10.06 -52.91 17.99
CA GLY I 213 -10.72 -51.97 17.12
C GLY I 213 -10.74 -52.58 15.74
N ILE I 214 -11.83 -52.37 15.01
CA ILE I 214 -11.96 -52.92 13.66
C ILE I 214 -12.05 -51.82 12.61
N ALA I 215 -11.00 -51.67 11.82
CA ALA I 215 -10.96 -50.65 10.78
C ALA I 215 -12.05 -50.76 9.75
N VAL I 216 -12.99 -49.83 9.84
CA VAL I 216 -14.14 -49.71 8.95
C VAL I 216 -13.66 -48.98 7.69
N GLY I 217 -12.42 -48.48 7.77
CA GLY I 217 -11.87 -47.74 6.66
C GLY I 217 -10.46 -48.15 6.26
N ARG I 218 -10.03 -47.59 5.14
CA ARG I 218 -8.73 -47.85 4.55
C ARG I 218 -7.53 -47.61 5.47
N PHE I 219 -7.17 -48.68 6.20
CA PHE I 219 -6.05 -48.72 7.14
C PHE I 219 -4.89 -47.89 6.61
N GLY I 220 -4.90 -46.60 6.93
CA GLY I 220 -3.87 -45.70 6.46
C GLY I 220 -2.62 -45.63 7.32
N GLU I 221 -1.60 -44.99 6.75
CA GLU I 221 -0.30 -44.79 7.39
C GLU I 221 -0.54 -44.10 8.71
N VAL I 222 -0.88 -42.82 8.58
CA VAL I 222 -1.19 -41.95 9.71
C VAL I 222 -2.56 -42.34 10.31
N MET I 223 -2.71 -43.63 10.65
CA MET I 223 -3.95 -44.11 11.27
C MET I 223 -3.60 -45.12 12.36
N THR I 224 -2.66 -46.03 12.06
CA THR I 224 -2.24 -46.99 13.07
C THR I 224 -1.20 -46.21 13.87
N SER I 225 -0.34 -45.47 13.15
CA SER I 225 0.68 -44.67 13.80
C SER I 225 0.11 -43.36 14.35
N LYS I 226 -0.93 -42.83 13.69
CA LYS I 226 -1.58 -41.62 14.16
C LYS I 226 -2.11 -42.05 15.50
N LEU I 227 -2.76 -43.21 15.47
CA LEU I 227 -3.34 -43.84 16.66
C LEU I 227 -2.34 -43.91 17.81
N ASP I 228 -1.21 -44.58 17.58
CA ASP I 228 -0.18 -44.74 18.59
C ASP I 228 0.25 -43.47 19.28
N ASN I 229 0.28 -42.36 18.55
CA ASN I 229 0.64 -41.10 19.19
C ASN I 229 -0.65 -40.46 19.72
N LEU I 230 -1.81 -40.82 19.15
CA LEU I 230 -3.09 -40.28 19.58
C LEU I 230 -3.37 -40.79 20.98
N ILE I 231 -2.88 -42.00 21.25
CA ILE I 231 -3.05 -42.60 22.56
C ILE I 231 -2.05 -41.94 23.48
N LYS I 232 -0.77 -42.07 23.12
CA LYS I 232 0.32 -41.46 23.86
C LYS I 232 -0.07 -40.01 24.21
N GLU I 233 -0.18 -39.14 23.21
CA GLU I 233 -0.57 -37.74 23.41
C GLU I 233 -1.78 -37.60 24.36
N ALA I 234 -2.87 -38.28 24.02
CA ALA I 234 -4.06 -38.23 24.87
C ALA I 234 -3.81 -38.93 26.23
N ALA I 235 -2.61 -39.51 26.39
CA ALA I 235 -2.22 -40.22 27.61
C ALA I 235 -1.32 -39.33 28.49
N GLU I 236 -0.98 -38.15 27.96
CA GLU I 236 -0.15 -37.19 28.66
C GLU I 236 -1.00 -36.21 29.44
N LEU I 237 -2.19 -35.94 28.95
CA LEU I 237 -3.09 -35.05 29.65
C LEU I 237 -3.39 -35.65 31.03
N LEU I 238 -3.10 -36.94 31.22
CA LEU I 238 -3.38 -37.62 32.49
C LEU I 238 -2.17 -37.94 33.37
N GLY I 239 -0.96 -37.87 32.81
CA GLY I 239 0.23 -38.12 33.60
C GLY I 239 0.50 -39.58 33.99
N VAL I 240 0.17 -40.49 33.09
CA VAL I 240 0.37 -41.92 33.30
C VAL I 240 1.17 -42.46 32.11
N LYS I 241 2.02 -43.46 32.36
CA LYS I 241 2.82 -44.05 31.29
C LYS I 241 1.96 -45.03 30.53
N VAL I 242 1.71 -44.76 29.25
CA VAL I 242 0.91 -45.62 28.39
C VAL I 242 1.41 -47.08 28.40
N GLU I 243 0.57 -48.00 28.91
CA GLU I 243 0.89 -49.42 28.99
C GLU I 243 1.26 -49.98 27.61
N VAL I 244 0.50 -50.94 27.07
CA VAL I 244 0.87 -51.51 25.77
C VAL I 244 -0.25 -51.80 24.74
N ARG I 245 0.08 -51.41 23.50
CA ARG I 245 -0.76 -51.52 22.32
C ARG I 245 -2.06 -52.35 22.27
N PRO I 246 -3.06 -51.84 21.51
CA PRO I 246 -4.40 -52.37 21.24
C PRO I 246 -4.37 -53.34 20.04
N GLU I 247 -5.48 -53.44 19.31
CA GLU I 247 -5.55 -54.32 18.12
C GLU I 247 -6.45 -53.70 17.04
N LEU I 248 -6.03 -53.79 15.78
CA LEU I 248 -6.76 -53.18 14.67
C LEU I 248 -6.94 -54.09 13.45
N TYR I 249 -8.09 -54.73 13.34
CA TYR I 249 -8.33 -55.64 12.21
C TYR I 249 -9.11 -55.04 11.03
N ASP I 250 -8.46 -54.96 9.88
CA ASP I 250 -9.11 -54.41 8.69
C ASP I 250 -10.32 -55.24 8.25
N TYR I 251 -11.47 -54.57 8.20
CA TYR I 251 -12.73 -55.18 7.76
C TYR I 251 -13.43 -53.99 7.12
N SER I 252 -12.64 -53.18 6.45
CA SER I 252 -13.12 -51.98 5.78
C SER I 252 -13.89 -52.32 4.53
N PHE I 253 -13.59 -53.49 3.97
CA PHE I 253 -14.16 -54.00 2.70
C PHE I 253 -13.47 -53.20 1.62
N GLY I 254 -12.32 -52.63 2.00
CA GLY I 254 -11.53 -51.82 1.09
C GLY I 254 -11.61 -50.31 1.23
N GLU I 255 -12.82 -49.77 1.32
CA GLU I 255 -12.98 -48.31 1.44
C GLU I 255 -14.14 -47.81 2.32
N TYR I 256 -13.88 -46.74 3.06
CA TYR I 256 -14.90 -46.15 3.90
C TYR I 256 -16.00 -45.73 2.96
N GLY I 257 -17.22 -46.22 3.18
CA GLY I 257 -18.30 -45.86 2.30
C GLY I 257 -18.87 -47.06 1.56
N LYS I 258 -18.00 -47.95 1.10
CA LYS I 258 -18.43 -49.12 0.37
C LYS I 258 -19.32 -50.06 1.17
N ILE I 259 -20.57 -50.19 0.73
CA ILE I 259 -21.58 -51.03 1.38
C ILE I 259 -21.75 -52.42 0.74
N THR I 260 -20.87 -53.35 1.12
CA THR I 260 -20.90 -54.70 0.58
C THR I 260 -22.10 -55.48 1.10
N GLY I 261 -22.39 -56.60 0.43
CA GLY I 261 -23.51 -57.45 0.80
C GLY I 261 -23.30 -58.23 2.09
N GLU I 262 -22.03 -58.49 2.44
CA GLU I 262 -21.70 -59.22 3.68
C GLU I 262 -22.05 -58.34 4.87
N VAL I 263 -22.03 -57.02 4.66
CA VAL I 263 -22.36 -56.08 5.72
C VAL I 263 -23.87 -56.05 5.95
N ALA I 264 -24.62 -55.80 4.87
CA ALA I 264 -26.08 -55.75 4.93
C ALA I 264 -26.62 -57.05 5.52
N GLN I 265 -25.88 -58.13 5.33
CA GLN I 265 -26.28 -59.43 5.83
C GLN I 265 -26.18 -59.44 7.35
N ILE I 266 -25.19 -58.73 7.89
CA ILE I 266 -25.02 -58.67 9.35
C ILE I 266 -26.12 -57.77 9.91
N ILE I 267 -26.29 -56.60 9.30
CA ILE I 267 -27.28 -55.61 9.70
C ILE I 267 -28.66 -56.28 9.84
N ARG I 268 -28.77 -57.51 9.36
CA ARG I 268 -30.03 -58.23 9.41
C ARG I 268 -30.00 -59.50 10.29
N LYS I 269 -28.83 -60.09 10.49
CA LYS I 269 -28.75 -61.26 11.38
C LYS I 269 -28.99 -60.67 12.76
N VAL I 270 -28.21 -59.63 13.05
CA VAL I 270 -28.26 -58.90 14.30
C VAL I 270 -29.61 -58.19 14.45
N GLY I 271 -30.19 -57.77 13.32
CA GLY I 271 -31.46 -57.09 13.35
C GLY I 271 -32.62 -57.98 13.73
N THR I 272 -32.74 -59.10 13.03
CA THR I 272 -33.83 -60.06 13.27
C THR I 272 -33.56 -61.10 14.36
N ARG I 273 -32.35 -61.09 14.90
CA ARG I 273 -32.02 -62.05 15.95
C ARG I 273 -31.53 -61.40 17.25
N GLU I 274 -31.40 -60.08 17.28
CA GLU I 274 -30.94 -59.45 18.51
C GLU I 274 -31.71 -58.20 18.92
N GLY I 275 -32.60 -57.72 18.05
CA GLY I 275 -33.42 -56.56 18.34
C GLY I 275 -32.68 -55.24 18.29
N ILE I 276 -31.40 -55.32 17.94
CA ILE I 276 -30.56 -54.15 17.86
C ILE I 276 -30.28 -53.80 16.39
N ILE I 277 -30.18 -52.50 16.10
CA ILE I 277 -29.90 -52.07 14.73
C ILE I 277 -28.44 -51.60 14.62
N LEU I 278 -27.83 -51.80 13.46
CA LEU I 278 -26.46 -51.37 13.25
C LEU I 278 -26.41 -50.62 11.92
N ASP I 279 -25.30 -49.94 11.65
CA ASP I 279 -25.17 -49.16 10.41
C ASP I 279 -24.21 -49.76 9.40
N PRO I 280 -24.38 -49.41 8.11
CA PRO I 280 -23.58 -49.86 6.97
C PRO I 280 -22.17 -49.26 6.80
N VAL I 281 -21.82 -48.26 7.60
CA VAL I 281 -20.50 -47.65 7.47
C VAL I 281 -19.57 -47.95 8.61
N TYR I 282 -20.15 -48.14 9.80
CA TYR I 282 -19.35 -48.40 10.99
C TYR I 282 -19.71 -49.71 11.71
N THR I 283 -20.66 -49.63 12.64
CA THR I 283 -21.07 -50.80 13.43
C THR I 283 -21.28 -52.04 12.56
N GLY I 284 -21.84 -51.84 11.36
CA GLY I 284 -22.05 -52.95 10.45
C GLY I 284 -20.78 -53.80 10.35
N LYS I 285 -19.67 -53.19 9.95
CA LYS I 285 -18.42 -53.93 9.82
C LYS I 285 -17.83 -54.32 11.16
N ALA I 286 -17.99 -53.45 12.16
CA ALA I 286 -17.44 -53.71 13.51
C ALA I 286 -17.89 -55.04 14.14
N PHE I 287 -19.20 -55.27 14.13
CA PHE I 287 -19.77 -56.49 14.68
C PHE I 287 -19.29 -57.64 13.82
N TYR I 288 -19.34 -57.42 12.50
CA TYR I 288 -18.92 -58.41 11.50
C TYR I 288 -17.48 -58.85 11.77
N GLY I 289 -16.62 -57.87 12.04
CA GLY I 289 -15.24 -58.17 12.35
C GLY I 289 -15.22 -59.08 13.56
N LEU I 290 -15.91 -58.63 14.60
CA LEU I 290 -16.01 -59.39 15.84
C LEU I 290 -16.49 -60.80 15.51
N VAL I 291 -17.46 -60.88 14.60
CA VAL I 291 -18.05 -62.13 14.17
C VAL I 291 -17.02 -63.08 13.50
N ASP I 292 -15.93 -62.50 12.99
CA ASP I 292 -14.88 -63.26 12.29
C ASP I 292 -13.83 -63.94 13.18
N LEU I 293 -13.09 -63.11 13.94
CA LEU I 293 -12.04 -63.59 14.83
C LEU I 293 -12.64 -64.47 15.91
N ALA I 294 -13.80 -64.04 16.42
CA ALA I 294 -14.51 -64.78 17.44
C ALA I 294 -14.69 -66.23 16.99
N ARG I 295 -15.21 -66.42 15.77
CA ARG I 295 -15.42 -67.75 15.19
C ARG I 295 -14.07 -68.47 15.06
N LYS I 296 -13.03 -67.70 14.77
CA LYS I 296 -11.68 -68.26 14.68
C LYS I 296 -11.16 -68.47 16.11
N GLY I 297 -11.78 -67.76 17.07
CA GLY I 297 -11.39 -67.89 18.47
C GLY I 297 -10.24 -66.99 18.92
N GLU I 298 -10.15 -65.80 18.35
CA GLU I 298 -9.09 -64.86 18.68
C GLU I 298 -9.58 -63.61 19.42
N LEU I 299 -10.80 -63.68 19.95
CA LEU I 299 -11.36 -62.55 20.70
C LEU I 299 -11.66 -62.98 22.13
N GLY I 300 -11.28 -64.21 22.46
CA GLY I 300 -11.50 -64.75 23.78
C GLY I 300 -12.78 -65.58 23.83
N GLU I 301 -13.54 -65.41 24.92
CA GLU I 301 -14.79 -66.12 25.12
C GLU I 301 -15.82 -65.17 25.75
N LYS I 302 -15.32 -64.01 26.16
CA LYS I 302 -16.11 -62.98 26.78
C LYS I 302 -15.73 -61.68 26.09
N ILE I 303 -16.51 -61.37 25.06
CA ILE I 303 -16.31 -60.19 24.22
C ILE I 303 -17.34 -59.11 24.55
N LEU I 304 -16.93 -57.86 24.45
CA LEU I 304 -17.83 -56.74 24.73
C LEU I 304 -17.83 -55.90 23.46
N PHE I 305 -19.00 -55.57 22.95
CA PHE I 305 -19.08 -54.79 21.72
C PHE I 305 -19.75 -53.44 21.87
N ILE I 306 -18.96 -52.38 21.96
CA ILE I 306 -19.48 -51.02 22.09
C ILE I 306 -20.21 -50.50 20.85
N HIS I 307 -21.54 -50.52 20.90
CA HIS I 307 -22.36 -50.03 19.79
C HIS I 307 -22.18 -48.51 19.72
N THR I 308 -21.83 -47.97 18.56
CA THR I 308 -21.59 -46.54 18.43
C THR I 308 -22.61 -45.66 17.68
N GLY I 309 -23.84 -46.17 17.52
CA GLY I 309 -24.89 -45.40 16.85
C GLY I 309 -25.07 -45.55 15.34
N GLY I 310 -24.70 -44.51 14.60
CA GLY I 310 -24.78 -44.52 13.15
C GLY I 310 -26.13 -44.74 12.46
N ILE I 311 -27.18 -44.87 13.25
CA ILE I 311 -28.52 -45.12 12.71
C ILE I 311 -28.94 -44.26 11.51
N SER I 312 -28.63 -42.97 11.53
CA SER I 312 -29.02 -42.15 10.40
C SER I 312 -28.46 -42.80 9.15
N GLY I 313 -27.33 -43.48 9.30
CA GLY I 313 -26.68 -44.15 8.18
C GLY I 313 -27.50 -45.25 7.53
N THR I 314 -28.34 -45.94 8.30
CA THR I 314 -29.18 -47.01 7.75
C THR I 314 -30.27 -46.42 6.86
N PHE I 315 -30.88 -45.33 7.29
CA PHE I 315 -31.90 -44.67 6.50
C PHE I 315 -31.22 -44.17 5.21
N HIS I 316 -30.10 -43.49 5.38
CA HIS I 316 -29.31 -42.90 4.28
C HIS I 316 -29.10 -43.84 3.11
N TYR I 317 -28.47 -44.98 3.36
CA TYR I 317 -28.21 -45.95 2.30
C TYR I 317 -29.19 -47.08 2.35
N GLY I 318 -30.45 -46.73 2.54
CA GLY I 318 -31.51 -47.72 2.63
C GLY I 318 -31.82 -48.41 1.32
N ASP I 319 -31.80 -47.67 0.22
CA ASP I 319 -32.08 -48.28 -1.06
C ASP I 319 -30.81 -48.95 -1.58
N LYS I 320 -29.66 -48.45 -1.14
CA LYS I 320 -28.40 -49.06 -1.54
C LYS I 320 -28.19 -50.39 -0.78
N LEU I 321 -28.85 -50.54 0.36
CA LEU I 321 -28.75 -51.74 1.21
C LEU I 321 -29.79 -52.78 0.84
N LEU I 322 -30.89 -52.31 0.27
CA LEU I 322 -31.96 -53.20 -0.13
C LEU I 322 -31.55 -54.02 -1.34
N SER I 323 -30.76 -53.43 -2.22
CA SER I 323 -30.30 -54.13 -3.42
C SER I 323 -29.12 -55.11 -3.15
N LEU I 324 -29.03 -55.60 -1.91
CA LEU I 324 -27.97 -56.54 -1.54
C LEU I 324 -28.54 -57.69 -0.72
N LEU I 325 -29.84 -57.61 -0.38
CA LEU I 325 -30.53 -58.64 0.39
C LEU I 325 -31.76 -59.12 -0.37
N MET J 1 -40.13 -49.17 40.76
CA MET J 1 -41.36 -50.01 40.71
C MET J 1 -42.17 -49.83 41.98
N HIS J 2 -43.27 -49.07 41.91
CA HIS J 2 -44.10 -48.85 43.08
C HIS J 2 -44.71 -50.15 43.54
N PRO J 3 -44.65 -50.44 44.86
CA PRO J 3 -45.20 -51.66 45.47
C PRO J 3 -46.59 -52.00 44.99
N LYS J 4 -47.47 -51.01 44.93
CA LYS J 4 -48.86 -51.21 44.49
C LYS J 4 -49.01 -51.61 43.03
N ILE J 5 -48.11 -51.14 42.16
CA ILE J 5 -48.14 -51.48 40.74
C ILE J 5 -47.52 -52.85 40.48
N PHE J 6 -46.64 -53.28 41.36
CA PHE J 6 -45.99 -54.58 41.20
C PHE J 6 -47.03 -55.67 41.48
N ALA J 7 -47.50 -55.73 42.71
CA ALA J 7 -48.48 -56.72 43.11
C ALA J 7 -49.71 -56.72 42.23
N LEU J 8 -50.06 -55.56 41.68
CA LEU J 8 -51.25 -55.47 40.84
C LEU J 8 -51.01 -55.94 39.40
N LEU J 9 -49.76 -55.97 38.98
CA LEU J 9 -49.42 -56.38 37.63
C LEU J 9 -48.54 -57.64 37.57
N ALA J 10 -48.40 -58.33 38.69
CA ALA J 10 -47.53 -59.50 38.71
C ALA J 10 -47.97 -60.72 37.91
N LYS J 11 -49.22 -61.16 38.09
CA LYS J 11 -49.66 -62.37 37.41
C LYS J 11 -49.58 -62.32 35.90
N PHE J 12 -49.52 -61.12 35.33
CA PHE J 12 -49.44 -61.00 33.87
C PHE J 12 -48.01 -61.13 33.32
N PRO J 13 -47.69 -62.30 32.75
CA PRO J 13 -46.37 -62.56 32.17
C PRO J 13 -45.96 -61.57 31.09
N ARG J 14 -44.67 -61.26 31.05
CA ARG J 14 -44.13 -60.32 30.08
C ARG J 14 -42.71 -60.64 29.60
N VAL J 15 -42.51 -60.56 28.29
CA VAL J 15 -41.21 -60.80 27.69
C VAL J 15 -40.35 -59.60 28.09
N GLU J 16 -39.33 -59.87 28.90
CA GLU J 16 -38.47 -58.81 29.39
C GLU J 16 -37.57 -58.19 28.32
N LEU J 17 -38.18 -57.25 27.58
CA LEU J 17 -37.55 -56.50 26.48
C LEU J 17 -36.56 -55.40 26.93
N ILE J 18 -37.08 -54.31 27.47
CA ILE J 18 -36.21 -53.22 27.90
C ILE J 18 -35.31 -53.66 29.04
N PRO J 19 -34.01 -53.39 28.94
CA PRO J 19 -33.06 -53.79 29.98
C PRO J 19 -33.02 -52.89 31.19
N TRP J 20 -33.18 -51.58 30.97
CA TRP J 20 -33.11 -50.58 32.05
C TRP J 20 -34.37 -49.73 32.22
N GLU J 21 -34.25 -48.64 32.98
CA GLU J 21 -35.38 -47.73 33.19
C GLU J 21 -35.05 -46.53 32.33
N THR J 22 -36.02 -46.04 31.56
CA THR J 22 -35.73 -44.89 30.71
C THR J 22 -35.61 -43.64 31.56
N PRO J 23 -34.55 -42.86 31.34
CA PRO J 23 -34.22 -41.62 32.04
C PRO J 23 -35.15 -40.41 31.89
N ILE J 24 -35.26 -39.66 32.99
CA ILE J 24 -36.06 -38.43 33.04
C ILE J 24 -35.09 -37.24 33.02
N GLN J 25 -35.27 -36.30 32.09
CA GLN J 25 -34.38 -35.16 32.02
C GLN J 25 -35.11 -33.83 32.14
N TYR J 26 -34.42 -32.83 32.70
CA TYR J 26 -34.96 -31.50 32.85
C TYR J 26 -34.54 -30.66 31.64
N LEU J 27 -35.53 -30.08 30.97
CA LEU J 27 -35.27 -29.25 29.79
C LEU J 27 -35.46 -27.76 30.10
N PRO J 28 -34.39 -27.09 30.58
CA PRO J 28 -34.34 -25.66 30.96
C PRO J 28 -34.90 -24.68 29.96
N ASN J 29 -34.31 -24.64 28.78
CA ASN J 29 -34.73 -23.72 27.74
C ASN J 29 -36.23 -23.72 27.44
N ILE J 30 -36.79 -24.82 26.97
CA ILE J 30 -38.22 -24.82 26.69
C ILE J 30 -38.98 -24.29 27.90
N SER J 31 -38.37 -24.42 29.08
CA SER J 31 -38.99 -23.96 30.32
C SER J 31 -38.86 -22.44 30.50
N ARG J 32 -37.61 -21.97 30.58
CA ARG J 32 -37.32 -20.55 30.72
C ARG J 32 -38.32 -19.85 29.81
N GLU J 33 -38.53 -20.41 28.61
CA GLU J 33 -39.50 -19.83 27.68
C GLU J 33 -40.93 -19.96 28.18
N ILE J 34 -41.54 -21.13 27.96
CA ILE J 34 -42.93 -21.39 28.37
C ILE J 34 -43.34 -20.81 29.72
N GLY J 35 -42.40 -20.68 30.65
CA GLY J 35 -42.73 -20.13 31.95
C GLY J 35 -43.28 -21.19 32.88
N ALA J 36 -42.72 -22.39 32.73
CA ALA J 36 -43.08 -23.56 33.52
C ALA J 36 -41.89 -24.50 33.55
N ASP J 37 -41.95 -25.47 34.46
CA ASP J 37 -40.89 -26.47 34.62
C ASP J 37 -41.25 -27.79 33.94
N VAL J 38 -40.62 -28.05 32.79
CA VAL J 38 -40.89 -29.25 32.04
C VAL J 38 -39.70 -30.23 31.98
N TYR J 39 -40.01 -31.52 32.13
CA TYR J 39 -39.02 -32.61 32.07
C TYR J 39 -39.46 -33.54 30.95
N ILE J 40 -38.54 -34.38 30.47
CA ILE J 40 -38.92 -35.32 29.40
C ILE J 40 -38.39 -36.74 29.64
N LYS J 41 -39.27 -37.72 29.63
CA LYS J 41 -38.83 -39.09 29.86
C LYS J 41 -38.48 -39.72 28.52
N ARG J 42 -37.28 -40.28 28.42
CA ARG J 42 -36.76 -40.87 27.18
C ARG J 42 -37.21 -42.28 26.76
N ASP J 43 -38.50 -42.48 26.52
CA ASP J 43 -38.99 -43.78 26.09
C ASP J 43 -38.61 -44.11 24.65
N ASP J 44 -37.80 -43.26 24.02
CA ASP J 44 -37.36 -43.52 22.65
C ASP J 44 -36.01 -44.17 22.79
N LEU J 45 -35.72 -44.57 24.02
CA LEU J 45 -34.47 -45.22 24.39
C LEU J 45 -34.76 -46.55 25.09
N THR J 46 -35.96 -47.10 24.84
CA THR J 46 -36.35 -48.37 25.42
C THR J 46 -35.38 -49.41 24.87
N GLY J 47 -34.96 -49.19 23.62
CA GLY J 47 -34.01 -50.07 22.96
C GLY J 47 -34.34 -50.83 21.68
N LEU J 48 -35.41 -51.61 21.68
CA LEU J 48 -35.76 -52.41 20.51
C LEU J 48 -36.12 -51.63 19.24
N GLY J 49 -35.24 -51.69 18.24
CA GLY J 49 -35.48 -51.01 16.98
C GLY J 49 -35.17 -49.52 16.93
N ILE J 50 -36.20 -48.70 17.09
CA ILE J 50 -36.04 -47.25 17.07
C ILE J 50 -36.61 -46.69 18.37
N GLY J 51 -36.76 -47.59 19.34
CA GLY J 51 -37.29 -47.19 20.62
C GLY J 51 -38.79 -47.03 20.56
N GLY J 52 -39.33 -46.17 21.41
CA GLY J 52 -40.75 -45.93 21.40
C GLY J 52 -41.58 -46.42 22.58
N ASN J 53 -42.86 -46.13 22.48
CA ASN J 53 -43.86 -46.50 23.48
C ASN J 53 -44.42 -47.90 23.17
N LYS J 54 -43.95 -48.54 22.11
CA LYS J 54 -44.44 -49.87 21.75
C LYS J 54 -43.67 -50.99 22.43
N ILE J 55 -42.36 -50.84 22.55
CA ILE J 55 -41.56 -51.88 23.20
C ILE J 55 -42.24 -52.26 24.52
N ARG J 56 -42.56 -51.24 25.33
CA ARG J 56 -43.21 -51.43 26.63
C ARG J 56 -44.47 -52.24 26.48
N LYS J 57 -45.25 -51.93 25.45
CA LYS J 57 -46.48 -52.68 25.23
C LYS J 57 -46.09 -54.06 24.71
N LEU J 58 -45.28 -54.06 23.67
CA LEU J 58 -44.81 -55.29 23.05
C LEU J 58 -44.58 -56.44 24.01
N GLU J 59 -43.99 -56.18 25.17
CA GLU J 59 -43.71 -57.20 26.17
C GLU J 59 -44.94 -58.00 26.58
N TYR J 60 -45.98 -57.30 27.02
CA TYR J 60 -47.20 -57.97 27.44
C TYR J 60 -47.87 -58.55 26.21
N LEU J 61 -47.82 -57.80 25.11
CA LEU J 61 -48.43 -58.20 23.83
C LEU J 61 -47.79 -59.41 23.15
N LEU J 62 -46.46 -59.41 23.07
CA LEU J 62 -45.71 -60.52 22.47
C LEU J 62 -45.56 -61.58 23.53
N GLY J 63 -45.63 -61.14 24.78
CA GLY J 63 -45.55 -62.06 25.89
C GLY J 63 -46.75 -62.94 25.62
N ASP J 64 -47.92 -62.46 26.02
CA ASP J 64 -49.16 -63.22 25.82
C ASP J 64 -49.10 -64.13 24.59
N ALA J 65 -49.02 -63.55 23.39
CA ALA J 65 -48.92 -64.33 22.16
C ALA J 65 -47.99 -65.53 22.40
N LEU J 66 -46.73 -65.26 22.74
CA LEU J 66 -45.74 -66.32 23.00
C LEU J 66 -46.35 -67.37 23.91
N SER J 67 -47.12 -66.91 24.89
CA SER J 67 -47.77 -67.80 25.80
C SER J 67 -48.75 -68.61 24.96
N LYS J 68 -49.59 -67.89 24.22
CA LYS J 68 -50.56 -68.50 23.33
C LYS J 68 -49.82 -69.16 22.17
N GLY J 69 -48.60 -69.62 22.45
CA GLY J 69 -47.74 -70.27 21.49
C GLY J 69 -48.03 -70.03 20.02
N ALA J 70 -48.00 -68.78 19.57
CA ALA J 70 -48.27 -68.45 18.18
C ALA J 70 -46.95 -68.55 17.41
N ASP J 71 -47.03 -68.57 16.07
CA ASP J 71 -45.82 -68.65 15.26
C ASP J 71 -45.77 -67.57 14.18
N VAL J 72 -46.48 -66.47 14.43
CA VAL J 72 -46.51 -65.36 13.48
C VAL J 72 -47.40 -64.22 13.97
N VAL J 73 -46.78 -63.08 14.27
CA VAL J 73 -47.46 -61.88 14.74
C VAL J 73 -48.01 -61.12 13.53
N ILE J 74 -49.21 -60.56 13.67
CA ILE J 74 -49.83 -59.82 12.55
C ILE J 74 -50.47 -58.49 12.97
N THR J 75 -49.81 -57.37 12.70
CA THR J 75 -50.36 -56.07 13.08
C THR J 75 -50.78 -55.19 11.88
N VAL J 76 -51.30 -54.00 12.18
CA VAL J 76 -51.73 -53.07 11.15
C VAL J 76 -51.12 -51.67 11.34
N GLY J 77 -51.42 -50.74 10.44
CA GLY J 77 -50.89 -49.39 10.57
C GLY J 77 -50.62 -48.69 9.25
N ALA J 78 -50.09 -47.48 9.34
CA ALA J 78 -49.77 -46.71 8.14
C ALA J 78 -48.54 -47.39 7.58
N VAL J 79 -48.09 -46.96 6.41
CA VAL J 79 -46.92 -47.57 5.79
C VAL J 79 -45.66 -47.17 6.57
N HIS J 80 -45.79 -46.10 7.36
CA HIS J 80 -44.69 -45.58 8.15
C HIS J 80 -44.79 -45.93 9.63
N SER J 81 -45.77 -46.77 9.98
CA SER J 81 -45.98 -47.19 11.36
C SER J 81 -44.71 -47.56 12.16
N ASN J 82 -44.68 -47.11 13.41
CA ASN J 82 -43.56 -47.39 14.30
C ASN J 82 -43.88 -48.72 14.96
N HIS J 83 -45.07 -48.79 15.54
CA HIS J 83 -45.53 -50.01 16.18
C HIS J 83 -45.35 -51.16 15.19
N ALA J 84 -45.47 -50.87 13.89
CA ALA J 84 -45.31 -51.87 12.83
C ALA J 84 -43.87 -52.34 12.72
N PHE J 85 -42.92 -51.40 12.63
CA PHE J 85 -41.51 -51.77 12.55
C PHE J 85 -41.02 -52.41 13.83
N VAL J 86 -41.40 -51.81 14.97
CA VAL J 86 -41.00 -52.30 16.28
C VAL J 86 -41.64 -53.64 16.62
N THR J 87 -42.82 -53.89 16.07
CA THR J 87 -43.52 -55.14 16.33
C THR J 87 -42.88 -56.32 15.56
N GLY J 88 -42.58 -56.10 14.27
CA GLY J 88 -41.99 -57.14 13.46
C GLY J 88 -40.57 -57.51 13.82
N LEU J 89 -39.82 -56.54 14.31
CA LEU J 89 -38.45 -56.75 14.73
C LEU J 89 -38.48 -57.22 16.16
N ALA J 90 -39.63 -57.07 16.79
CA ALA J 90 -39.80 -57.48 18.16
C ALA J 90 -39.91 -58.99 18.23
N ALA J 91 -40.90 -59.53 17.51
CA ALA J 91 -41.16 -60.96 17.48
C ALA J 91 -40.18 -61.74 16.63
N LYS J 92 -39.45 -61.06 15.76
CA LYS J 92 -38.48 -61.76 14.92
C LYS J 92 -37.29 -62.07 15.81
N LYS J 93 -37.15 -61.31 16.88
CA LYS J 93 -36.10 -61.50 17.86
C LYS J 93 -36.50 -62.74 18.67
N LEU J 94 -37.70 -62.68 19.24
CA LEU J 94 -38.23 -63.77 20.03
C LEU J 94 -38.53 -65.05 19.25
N GLY J 95 -37.98 -65.16 18.04
CA GLY J 95 -38.14 -66.33 17.20
C GLY J 95 -39.50 -66.70 16.61
N LEU J 96 -40.38 -65.72 16.40
CA LEU J 96 -41.71 -65.99 15.84
C LEU J 96 -41.66 -65.80 14.34
N ASP J 97 -42.65 -65.07 13.82
CA ASP J 97 -42.73 -64.78 12.40
C ASP J 97 -43.41 -63.42 12.30
N ALA J 98 -43.23 -62.73 11.19
CA ALA J 98 -43.83 -61.40 11.05
C ALA J 98 -44.65 -61.16 9.78
N ILE J 99 -45.72 -60.40 9.93
CA ILE J 99 -46.58 -60.02 8.81
C ILE J 99 -47.26 -58.67 9.13
N LEU J 100 -46.84 -57.62 8.45
CA LEU J 100 -47.42 -56.31 8.70
C LEU J 100 -48.36 -55.79 7.61
N VAL J 101 -49.66 -55.81 7.91
CA VAL J 101 -50.69 -55.32 7.00
C VAL J 101 -50.56 -53.79 7.05
N LEU J 102 -50.26 -53.16 5.92
CA LEU J 102 -50.08 -51.70 5.93
C LEU J 102 -50.99 -50.89 5.01
N ARG J 103 -50.70 -49.59 4.90
CA ARG J 103 -51.44 -48.64 4.06
C ARG J 103 -50.70 -47.32 3.90
N GLY J 104 -50.84 -46.69 2.73
CA GLY J 104 -50.19 -45.41 2.48
C GLY J 104 -49.30 -45.39 1.24
N LYS J 105 -48.78 -44.21 0.88
CA LYS J 105 -47.89 -44.07 -0.28
C LYS J 105 -46.69 -44.98 -0.06
N GLU J 106 -46.67 -46.09 -0.79
CA GLU J 106 -45.63 -47.12 -0.69
C GLU J 106 -44.19 -46.69 -0.97
N GLU J 107 -43.74 -45.63 -0.27
CA GLU J 107 -42.38 -45.11 -0.39
C GLU J 107 -41.36 -46.05 0.27
N LEU J 108 -40.21 -46.26 -0.38
CA LEU J 108 -39.17 -47.11 0.18
C LEU J 108 -38.19 -46.27 1.04
N LYS J 109 -38.76 -45.59 2.02
CA LYS J 109 -38.02 -44.74 2.94
C LYS J 109 -38.65 -44.85 4.33
N GLY J 110 -38.12 -44.09 5.29
CA GLY J 110 -38.66 -44.11 6.64
C GLY J 110 -38.59 -45.46 7.33
N ASN J 111 -39.70 -45.88 7.94
CA ASN J 111 -39.75 -47.17 8.64
C ASN J 111 -39.90 -48.34 7.67
N TYR J 112 -40.77 -48.17 6.67
CA TYR J 112 -41.01 -49.20 5.66
C TYR J 112 -39.71 -49.56 4.94
N LEU J 113 -38.74 -48.65 4.93
CA LEU J 113 -37.45 -48.89 4.30
C LEU J 113 -36.69 -49.82 5.24
N LEU J 114 -36.90 -49.61 6.54
CA LEU J 114 -36.24 -50.39 7.58
C LEU J 114 -36.84 -51.79 7.66
N ASP J 115 -38.16 -51.85 7.50
CA ASP J 115 -38.87 -53.12 7.54
C ASP J 115 -38.16 -54.12 6.63
N LYS J 116 -37.91 -53.70 5.39
CA LYS J 116 -37.26 -54.55 4.41
C LYS J 116 -35.84 -54.94 4.77
N ILE J 117 -35.04 -54.00 5.24
CA ILE J 117 -33.67 -54.33 5.60
C ILE J 117 -33.68 -55.47 6.61
N MET J 118 -34.67 -55.49 7.48
CA MET J 118 -34.77 -56.55 8.47
C MET J 118 -35.38 -57.82 7.89
N GLY J 119 -36.12 -57.68 6.78
CA GLY J 119 -36.73 -58.83 6.15
C GLY J 119 -38.08 -59.13 6.75
N ILE J 120 -38.80 -58.07 7.09
CA ILE J 120 -40.13 -58.18 7.66
C ILE J 120 -41.15 -58.29 6.52
N GLU J 121 -42.03 -59.30 6.60
CA GLU J 121 -43.02 -59.47 5.55
C GLU J 121 -44.05 -58.35 5.51
N THR J 122 -44.23 -57.78 4.32
CA THR J 122 -45.19 -56.71 4.16
C THR J 122 -46.22 -56.98 3.06
N ARG J 123 -47.47 -56.72 3.41
CA ARG J 123 -48.61 -56.85 2.49
C ARG J 123 -49.24 -55.47 2.63
N VAL J 124 -49.24 -54.68 1.56
CA VAL J 124 -49.80 -53.32 1.60
C VAL J 124 -51.11 -53.16 0.82
N TYR J 125 -52.16 -52.79 1.53
CA TYR J 125 -53.48 -52.57 0.93
C TYR J 125 -53.82 -51.08 0.95
N ASP J 126 -54.65 -50.66 -0.02
CA ASP J 126 -55.11 -49.28 -0.01
C ASP J 126 -56.44 -49.46 0.71
N ALA J 127 -56.72 -48.58 1.67
CA ALA J 127 -57.96 -48.70 2.41
C ALA J 127 -58.25 -47.42 3.18
N LYS J 128 -59.52 -47.24 3.54
CA LYS J 128 -59.96 -46.07 4.28
C LYS J 128 -59.03 -45.88 5.50
N ASP J 129 -58.15 -44.88 5.40
CA ASP J 129 -57.19 -44.59 6.48
C ASP J 129 -57.97 -44.39 7.77
N SER J 130 -58.46 -45.50 8.29
CA SER J 130 -59.22 -45.56 9.53
C SER J 130 -58.80 -46.88 10.16
N PHE J 131 -57.61 -47.31 9.78
CA PHE J 131 -57.00 -48.55 10.24
C PHE J 131 -58.03 -49.64 10.41
N GLU J 132 -58.80 -49.88 9.34
CA GLU J 132 -59.82 -50.93 9.34
C GLU J 132 -59.20 -52.02 8.47
N LEU J 133 -57.88 -51.93 8.35
CA LEU J 133 -57.07 -52.90 7.63
C LEU J 133 -57.28 -54.15 8.50
N MET J 134 -57.56 -53.88 9.78
CA MET J 134 -57.80 -54.91 10.80
C MET J 134 -58.47 -56.13 10.19
N LYS J 135 -59.55 -55.90 9.44
CA LYS J 135 -60.27 -57.00 8.81
C LYS J 135 -59.28 -57.84 7.98
N TYR J 136 -58.54 -57.22 7.05
CA TYR J 136 -57.54 -57.96 6.23
C TYR J 136 -56.65 -58.79 7.14
N ALA J 137 -56.00 -58.10 8.09
CA ALA J 137 -55.11 -58.73 9.06
C ALA J 137 -55.86 -59.86 9.74
N GLU J 138 -57.17 -59.66 9.90
CA GLU J 138 -58.06 -60.66 10.49
C GLU J 138 -58.27 -61.88 9.57
N GLU J 139 -58.25 -61.66 8.26
CA GLU J 139 -58.41 -62.71 7.27
C GLU J 139 -57.13 -63.53 7.13
N ILE J 140 -56.01 -62.83 6.95
CA ILE J 140 -54.71 -63.52 6.83
C ILE J 140 -54.58 -64.43 8.04
N ALA J 141 -55.12 -63.96 9.17
CA ALA J 141 -55.12 -64.75 10.40
C ALA J 141 -55.80 -66.02 9.95
N GLU J 142 -57.07 -65.85 9.59
CA GLU J 142 -57.94 -66.92 9.10
C GLU J 142 -57.20 -67.74 8.03
N GLU J 143 -57.11 -67.19 6.82
CA GLU J 143 -56.43 -67.88 5.73
C GLU J 143 -55.25 -68.69 6.24
N LEU J 144 -54.30 -68.00 6.86
CA LEU J 144 -53.11 -68.63 7.42
C LEU J 144 -53.50 -69.77 8.38
N LYS J 145 -54.43 -69.47 9.28
CA LYS J 145 -54.93 -70.42 10.28
C LYS J 145 -55.28 -71.75 9.64
N ARG J 146 -55.77 -71.69 8.41
CA ARG J 146 -56.13 -72.91 7.70
C ARG J 146 -54.89 -73.71 7.36
N GLU J 147 -53.76 -73.31 7.96
CA GLU J 147 -52.49 -73.99 7.71
C GLU J 147 -51.80 -74.52 8.98
N GLY J 148 -52.57 -74.78 10.04
CA GLY J 148 -51.96 -75.29 11.27
C GLY J 148 -51.22 -74.16 11.96
N ARG J 149 -50.87 -73.13 11.19
CA ARG J 149 -50.18 -71.98 11.74
C ARG J 149 -51.18 -71.16 12.51
N LYS J 150 -50.76 -70.80 13.72
CA LYS J 150 -51.54 -70.00 14.66
C LYS J 150 -50.98 -68.58 14.71
N PRO J 151 -51.62 -67.64 14.01
CA PRO J 151 -51.19 -66.24 13.99
C PRO J 151 -51.47 -65.58 15.33
N TYR J 152 -51.25 -64.27 15.41
CA TYR J 152 -51.52 -63.51 16.62
C TYR J 152 -51.66 -62.04 16.26
N VAL J 153 -52.90 -61.58 16.15
CA VAL J 153 -53.16 -60.21 15.77
C VAL J 153 -52.97 -59.17 16.88
N ILE J 154 -52.28 -58.07 16.52
CA ILE J 154 -51.98 -56.94 17.39
C ILE J 154 -52.66 -55.69 16.83
N PRO J 155 -53.34 -54.92 17.72
CA PRO J 155 -54.07 -53.69 17.39
C PRO J 155 -53.19 -52.44 17.14
N PRO J 156 -53.68 -51.51 16.31
CA PRO J 156 -52.97 -50.27 15.96
C PRO J 156 -52.41 -49.61 17.21
N GLY J 157 -51.09 -49.71 17.41
CA GLY J 157 -50.48 -49.11 18.58
C GLY J 157 -50.66 -49.83 19.92
N GLY J 158 -50.82 -51.14 19.87
CA GLY J 158 -50.99 -51.92 21.08
C GLY J 158 -52.10 -51.46 22.01
N ALA J 159 -53.10 -50.76 21.47
CA ALA J 159 -54.21 -50.26 22.28
C ALA J 159 -55.07 -51.39 22.80
N SER J 160 -54.41 -52.34 23.45
CA SER J 160 -55.08 -53.50 24.01
C SER J 160 -55.16 -53.37 25.54
N PRO J 161 -56.07 -54.09 26.19
CA PRO J 161 -56.05 -53.89 27.65
C PRO J 161 -54.71 -54.47 28.12
N ILE J 162 -54.28 -55.52 27.42
CA ILE J 162 -53.05 -56.21 27.72
C ILE J 162 -51.87 -55.27 27.47
N GLY J 163 -51.73 -54.78 26.25
CA GLY J 163 -50.64 -53.88 25.93
C GLY J 163 -50.67 -52.57 26.71
N THR J 164 -51.79 -52.25 27.33
CA THR J 164 -51.90 -51.02 28.07
C THR J 164 -51.11 -51.14 29.36
N LEU J 165 -51.01 -52.37 29.87
CA LEU J 165 -50.28 -52.63 31.10
C LEU J 165 -48.90 -52.06 31.00
N GLY J 166 -48.41 -51.97 29.77
CA GLY J 166 -47.09 -51.41 29.57
C GLY J 166 -46.91 -50.07 30.25
N TYR J 167 -47.90 -49.16 30.12
CA TYR J 167 -47.78 -47.84 30.75
C TYR J 167 -48.37 -47.72 32.14
N VAL J 168 -48.88 -48.84 32.64
CA VAL J 168 -49.43 -48.87 33.98
C VAL J 168 -48.17 -49.21 34.74
N ARG J 169 -47.22 -49.78 34.01
CA ARG J 169 -45.92 -50.18 34.54
C ARG J 169 -44.99 -48.99 34.34
N ALA J 170 -45.31 -48.19 33.33
CA ALA J 170 -44.52 -47.01 32.99
C ALA J 170 -44.62 -45.98 34.11
N VAL J 171 -45.84 -45.63 34.48
CA VAL J 171 -46.01 -44.67 35.55
C VAL J 171 -45.66 -45.38 36.85
N GLY J 172 -45.52 -46.70 36.79
CA GLY J 172 -45.15 -47.43 37.98
C GLY J 172 -43.65 -47.25 38.13
N GLU J 173 -42.99 -47.24 36.99
CA GLU J 173 -41.56 -47.08 36.95
C GLU J 173 -41.18 -45.68 37.40
N ILE J 174 -41.87 -44.68 36.84
CA ILE J 174 -41.65 -43.26 37.16
C ILE J 174 -41.78 -43.01 38.64
N ALA J 175 -42.92 -43.41 39.19
CA ALA J 175 -43.19 -43.27 40.60
C ALA J 175 -41.89 -43.44 41.39
N THR J 176 -41.21 -44.55 41.12
CA THR J 176 -39.96 -44.89 41.78
C THR J 176 -38.74 -44.03 41.39
N GLN J 177 -38.45 -43.90 40.11
CA GLN J 177 -37.31 -43.12 39.67
C GLN J 177 -37.55 -41.62 39.88
N SER J 178 -38.76 -41.18 39.58
CA SER J 178 -39.16 -39.77 39.69
C SER J 178 -38.73 -38.97 40.93
N GLU J 179 -37.69 -38.17 40.76
CA GLU J 179 -37.19 -37.31 41.82
C GLU J 179 -38.08 -36.08 41.90
N VAL J 180 -39.13 -36.02 41.08
CA VAL J 180 -40.03 -34.87 41.04
C VAL J 180 -41.54 -35.14 40.99
N LYS J 181 -42.27 -34.38 41.80
CA LYS J 181 -43.72 -34.45 41.92
C LYS J 181 -44.43 -33.69 40.80
N PHE J 182 -44.79 -34.38 39.74
CA PHE J 182 -45.45 -33.74 38.60
C PHE J 182 -46.92 -33.42 38.85
N ASP J 183 -47.55 -32.71 37.90
CA ASP J 183 -48.96 -32.33 37.99
C ASP J 183 -49.76 -32.91 36.83
N SER J 184 -49.02 -33.30 35.81
CA SER J 184 -49.57 -33.91 34.62
C SER J 184 -48.43 -34.33 33.71
N ILE J 185 -48.56 -35.51 33.14
CA ILE J 185 -47.56 -36.01 32.22
C ILE J 185 -48.31 -35.90 30.89
N VAL J 186 -47.67 -35.32 29.89
CA VAL J 186 -48.28 -35.16 28.57
C VAL J 186 -47.73 -36.18 27.57
N VAL J 187 -48.63 -36.96 26.97
CA VAL J 187 -48.28 -37.99 25.98
C VAL J 187 -49.14 -37.81 24.71
N ALA J 188 -48.58 -38.12 23.54
CA ALA J 188 -49.29 -38.01 22.25
C ALA J 188 -50.35 -39.10 22.11
N ALA J 189 -51.50 -38.75 21.54
CA ALA J 189 -52.58 -39.71 21.38
C ALA J 189 -52.89 -40.16 19.95
N GLY J 190 -52.45 -41.36 19.60
CA GLY J 190 -52.75 -41.89 18.28
C GLY J 190 -53.94 -42.80 18.50
N SER J 191 -53.67 -44.01 19.00
CA SER J 191 -54.70 -44.99 19.30
C SER J 191 -55.22 -44.63 20.69
N GLY J 192 -54.29 -44.43 21.62
CA GLY J 192 -54.66 -44.08 22.98
C GLY J 192 -54.08 -45.01 24.03
N GLY J 193 -53.74 -46.23 23.65
CA GLY J 193 -53.19 -47.19 24.58
C GLY J 193 -52.19 -46.60 25.54
N THR J 194 -51.25 -45.83 25.02
CA THR J 194 -50.25 -45.20 25.87
C THR J 194 -50.99 -44.33 26.88
N LEU J 195 -51.79 -43.44 26.36
CA LEU J 195 -52.58 -42.50 27.14
C LEU J 195 -53.43 -43.20 28.19
N ALA J 196 -53.89 -44.39 27.86
CA ALA J 196 -54.72 -45.17 28.78
C ALA J 196 -53.88 -45.73 29.93
N GLY J 197 -52.83 -46.48 29.56
CA GLY J 197 -51.93 -47.06 30.54
C GLY J 197 -51.46 -45.95 31.43
N LEU J 198 -51.35 -44.77 30.84
CA LEU J 198 -50.95 -43.59 31.57
C LEU J 198 -51.96 -43.34 32.69
N SER J 199 -53.19 -43.07 32.30
CA SER J 199 -54.26 -42.82 33.25
C SER J 199 -54.47 -43.96 34.24
N LEU J 200 -54.66 -45.17 33.72
CA LEU J 200 -54.90 -46.34 34.57
C LEU J 200 -53.77 -46.48 35.59
N GLY J 201 -52.62 -45.87 35.30
CA GLY J 201 -51.50 -45.95 36.22
C GLY J 201 -51.54 -44.94 37.37
N LEU J 202 -51.82 -43.67 37.06
CA LEU J 202 -51.89 -42.63 38.08
C LEU J 202 -53.13 -42.78 38.93
N SER J 203 -54.08 -43.51 38.35
CA SER J 203 -55.37 -43.78 38.97
C SER J 203 -55.11 -44.69 40.16
N ILE J 204 -54.30 -45.70 39.91
CA ILE J 204 -53.95 -46.68 40.92
C ILE J 204 -53.02 -46.06 41.96
N LEU J 205 -52.09 -45.23 41.52
CA LEU J 205 -51.17 -44.60 42.47
C LEU J 205 -51.77 -43.37 43.15
N ASN J 206 -53.04 -43.11 42.86
CA ASN J 206 -53.75 -41.95 43.41
C ASN J 206 -52.82 -40.77 43.61
N GLU J 207 -52.10 -40.44 42.54
CA GLU J 207 -51.18 -39.31 42.57
C GLU J 207 -51.97 -38.17 41.96
N ASP J 208 -51.87 -36.98 42.56
CA ASP J 208 -52.58 -35.82 42.05
C ASP J 208 -51.97 -35.43 40.70
N ILE J 209 -51.63 -36.44 39.91
CA ILE J 209 -51.05 -36.22 38.61
C ILE J 209 -52.21 -36.25 37.63
N ARG J 210 -52.10 -35.47 36.56
CA ARG J 210 -53.14 -35.45 35.54
C ARG J 210 -52.69 -36.13 34.26
N PRO J 211 -53.56 -36.98 33.68
CA PRO J 211 -53.24 -37.68 32.45
C PRO J 211 -53.61 -36.74 31.30
N VAL J 212 -52.61 -36.24 30.57
CA VAL J 212 -52.89 -35.33 29.47
C VAL J 212 -52.57 -35.90 28.11
N GLY J 213 -53.59 -35.99 27.25
CA GLY J 213 -53.40 -36.51 25.91
C GLY J 213 -53.48 -35.42 24.84
N ILE J 214 -52.69 -35.59 23.79
CA ILE J 214 -52.67 -34.65 22.68
C ILE J 214 -53.04 -35.33 21.35
N ALA J 215 -54.33 -35.35 21.05
CA ALA J 215 -54.84 -35.98 19.82
C ALA J 215 -54.17 -35.39 18.58
N VAL J 216 -53.41 -36.24 17.88
CA VAL J 216 -52.70 -35.81 16.68
C VAL J 216 -53.55 -35.93 15.43
N GLY J 217 -54.67 -36.62 15.55
CA GLY J 217 -55.53 -36.79 14.40
C GLY J 217 -57.00 -36.71 14.73
N ARG J 218 -57.69 -37.81 14.47
CA ARG J 218 -59.13 -37.99 14.70
C ARG J 218 -59.61 -37.35 16.02
N PHE J 219 -60.87 -37.59 16.38
CA PHE J 219 -61.41 -37.05 17.63
C PHE J 219 -62.90 -37.24 17.68
N GLY J 220 -63.62 -36.29 18.26
CA GLY J 220 -65.05 -36.41 18.37
C GLY J 220 -65.41 -37.73 19.02
N GLU J 221 -66.71 -38.04 19.05
CA GLU J 221 -67.19 -39.29 19.65
C GLU J 221 -66.30 -40.55 19.49
N VAL J 222 -65.88 -40.87 18.26
CA VAL J 222 -65.05 -42.06 18.03
C VAL J 222 -64.02 -42.25 19.13
N MET J 223 -62.83 -41.65 18.98
CA MET J 223 -61.76 -41.77 19.97
C MET J 223 -62.26 -41.62 21.42
N THR J 224 -62.55 -40.39 21.82
CA THR J 224 -63.04 -40.13 23.18
C THR J 224 -63.83 -41.30 23.78
N SER J 225 -64.85 -41.75 23.06
CA SER J 225 -65.71 -42.85 23.50
C SER J 225 -64.91 -44.13 23.77
N LYS J 226 -64.18 -44.59 22.76
CA LYS J 226 -63.39 -45.82 22.89
C LYS J 226 -62.37 -45.69 24.03
N LEU J 227 -61.55 -44.65 24.03
CA LEU J 227 -60.57 -44.43 25.09
C LEU J 227 -61.11 -44.87 26.45
N ASP J 228 -62.23 -44.28 26.85
CA ASP J 228 -62.85 -44.65 28.13
C ASP J 228 -63.12 -46.15 28.10
N ASN J 229 -63.65 -46.63 26.98
CA ASN J 229 -63.93 -48.06 26.77
C ASN J 229 -62.64 -48.85 26.96
N LEU J 230 -61.51 -48.22 26.64
CA LEU J 230 -60.19 -48.86 26.76
C LEU J 230 -59.84 -49.05 28.22
N ILE J 231 -59.38 -47.97 28.85
CA ILE J 231 -59.00 -48.03 30.23
C ILE J 231 -60.03 -48.77 31.08
N LYS J 232 -61.30 -48.73 30.69
CA LYS J 232 -62.32 -49.41 31.48
C LYS J 232 -62.09 -50.92 31.45
N GLU J 233 -61.55 -51.43 30.34
CA GLU J 233 -61.28 -52.86 30.20
C GLU J 233 -59.98 -53.28 30.85
N ALA J 234 -58.99 -52.41 30.76
CA ALA J 234 -57.68 -52.66 31.35
C ALA J 234 -57.85 -52.61 32.86
N ALA J 235 -58.74 -51.74 33.31
CA ALA J 235 -59.01 -51.55 34.73
C ALA J 235 -59.65 -52.79 35.31
N GLU J 236 -60.51 -53.43 34.52
CA GLU J 236 -61.19 -54.64 34.95
C GLU J 236 -60.20 -55.77 34.99
N LEU J 237 -59.13 -55.63 34.20
CA LEU J 237 -58.06 -56.62 34.19
C LEU J 237 -57.47 -56.61 35.61
N LEU J 238 -56.80 -55.51 35.91
CA LEU J 238 -56.16 -55.28 37.20
C LEU J 238 -57.13 -55.31 38.38
N GLY J 239 -58.42 -55.38 38.09
CA GLY J 239 -59.43 -55.42 39.14
C GLY J 239 -59.51 -54.20 40.04
N VAL J 240 -59.16 -53.03 39.52
CA VAL J 240 -59.20 -51.80 40.31
C VAL J 240 -60.22 -50.79 39.80
N LYS J 241 -60.45 -49.76 40.61
CA LYS J 241 -61.37 -48.69 40.28
C LYS J 241 -60.69 -47.70 39.36
N VAL J 242 -61.44 -47.22 38.37
CA VAL J 242 -60.93 -46.23 37.44
C VAL J 242 -61.43 -44.88 37.95
N GLU J 243 -60.50 -44.06 38.43
CA GLU J 243 -60.84 -42.74 38.93
C GLU J 243 -60.84 -41.79 37.72
N VAL J 244 -62.05 -41.53 37.21
CA VAL J 244 -62.33 -40.65 36.06
C VAL J 244 -61.25 -40.40 35.02
N ARG J 245 -61.71 -40.42 33.76
CA ARG J 245 -60.85 -40.23 32.59
C ARG J 245 -59.96 -38.99 32.61
N PRO J 246 -58.97 -38.96 31.70
CA PRO J 246 -57.99 -37.88 31.52
C PRO J 246 -58.37 -36.79 30.54
N GLU J 247 -57.34 -36.16 30.00
CA GLU J 247 -57.48 -35.06 29.05
C GLU J 247 -57.04 -35.49 27.66
N LEU J 248 -57.77 -35.01 26.66
CA LEU J 248 -57.47 -35.30 25.25
C LEU J 248 -57.59 -33.98 24.49
N TYR J 249 -56.46 -33.32 24.28
CA TYR J 249 -56.46 -32.04 23.60
C TYR J 249 -56.10 -32.16 22.12
N ASP J 250 -57.04 -31.77 21.27
CA ASP J 250 -56.82 -31.84 19.83
C ASP J 250 -55.72 -30.88 19.34
N TYR J 251 -54.82 -31.43 18.53
CA TYR J 251 -53.71 -30.68 17.94
C TYR J 251 -53.37 -31.39 16.66
N SER J 252 -54.39 -32.08 16.13
CA SER J 252 -54.25 -32.86 14.92
C SER J 252 -53.99 -32.00 13.70
N PHE J 253 -54.01 -30.68 13.92
CA PHE J 253 -53.82 -29.71 12.82
C PHE J 253 -54.68 -30.16 11.66
N GLY J 254 -55.94 -30.41 11.94
CA GLY J 254 -56.85 -30.84 10.92
C GLY J 254 -56.85 -32.33 10.67
N GLU J 255 -55.68 -32.91 10.45
CA GLU J 255 -55.62 -34.36 10.17
C GLU J 255 -54.34 -35.11 10.54
N TYR J 256 -54.50 -36.41 10.72
CA TYR J 256 -53.40 -37.29 11.08
C TYR J 256 -52.40 -37.37 9.94
N GLY J 257 -51.13 -37.08 10.26
CA GLY J 257 -50.07 -37.14 9.28
C GLY J 257 -49.78 -35.82 8.60
N LYS J 258 -50.48 -34.76 9.03
CA LYS J 258 -50.30 -33.44 8.41
C LYS J 258 -49.11 -32.65 8.97
N ILE J 259 -48.19 -32.27 8.07
CA ILE J 259 -47.02 -31.53 8.47
C ILE J 259 -47.18 -30.03 8.22
N THR J 260 -47.31 -29.27 9.31
CA THR J 260 -47.46 -27.81 9.25
C THR J 260 -46.15 -27.14 9.61
N GLY J 261 -45.99 -25.90 9.19
CA GLY J 261 -44.77 -25.17 9.48
C GLY J 261 -44.51 -25.12 10.97
N GLU J 262 -45.58 -25.12 11.75
CA GLU J 262 -45.46 -25.06 13.21
C GLU J 262 -44.86 -26.35 13.80
N VAL J 263 -45.37 -27.50 13.34
CA VAL J 263 -44.90 -28.81 13.79
C VAL J 263 -43.45 -28.96 13.31
N ALA J 264 -43.03 -28.06 12.43
CA ALA J 264 -41.69 -28.08 11.89
C ALA J 264 -40.80 -27.20 12.76
N GLN J 265 -41.27 -25.98 12.96
CA GLN J 265 -40.57 -24.99 13.76
C GLN J 265 -40.30 -25.59 15.15
N ILE J 266 -41.28 -26.37 15.62
CA ILE J 266 -41.17 -26.98 16.93
C ILE J 266 -40.01 -27.97 16.98
N ILE J 267 -39.91 -28.83 15.98
CA ILE J 267 -38.84 -29.81 15.93
C ILE J 267 -37.55 -29.03 16.02
N ARG J 268 -37.24 -28.36 14.93
CA ARG J 268 -36.03 -27.58 14.87
C ARG J 268 -35.73 -26.94 16.21
N LYS J 269 -36.74 -26.33 16.86
CA LYS J 269 -36.58 -25.66 18.16
C LYS J 269 -36.21 -26.54 19.35
N VAL J 270 -36.92 -27.65 19.49
CA VAL J 270 -36.67 -28.58 20.61
C VAL J 270 -35.36 -29.33 20.40
N GLY J 271 -34.93 -29.39 19.14
CA GLY J 271 -33.71 -30.09 18.80
C GLY J 271 -32.50 -29.19 18.70
N THR J 272 -32.71 -27.88 18.79
CA THR J 272 -31.62 -26.90 18.71
C THR J 272 -31.47 -26.21 20.06
N ARG J 273 -32.02 -26.81 21.11
CA ARG J 273 -31.96 -26.26 22.46
C ARG J 273 -31.84 -27.33 23.53
N GLU J 274 -32.20 -28.56 23.17
CA GLU J 274 -32.14 -29.68 24.09
C GLU J 274 -31.42 -30.84 23.44
N GLY J 275 -31.07 -30.65 22.17
CA GLY J 275 -30.39 -31.69 21.43
C GLY J 275 -31.30 -32.91 21.34
N ILE J 276 -32.60 -32.66 21.29
CA ILE J 276 -33.55 -33.76 21.22
C ILE J 276 -34.33 -33.75 19.89
N ILE J 277 -34.45 -34.94 19.30
CA ILE J 277 -35.12 -35.10 18.03
C ILE J 277 -36.56 -35.57 18.16
N LEU J 278 -37.51 -34.71 17.83
CA LEU J 278 -38.92 -35.08 17.91
C LEU J 278 -39.42 -35.46 16.51
N ASP J 279 -40.61 -36.03 16.39
CA ASP J 279 -41.08 -36.42 15.06
C ASP J 279 -42.33 -35.65 14.58
N PRO J 280 -42.42 -35.39 13.27
CA PRO J 280 -43.51 -34.68 12.59
C PRO J 280 -44.93 -35.19 12.82
N VAL J 281 -45.12 -36.51 12.79
CA VAL J 281 -46.43 -37.12 12.96
C VAL J 281 -46.96 -37.28 14.40
N TYR J 282 -46.06 -37.61 15.33
CA TYR J 282 -46.45 -37.81 16.73
C TYR J 282 -45.90 -36.81 17.76
N THR J 283 -44.76 -37.15 18.36
CA THR J 283 -44.12 -36.34 19.39
C THR J 283 -44.01 -34.85 19.10
N GLY J 284 -43.99 -34.48 17.82
CA GLY J 284 -43.88 -33.07 17.47
C GLY J 284 -45.13 -32.27 17.77
N LYS J 285 -46.25 -32.72 17.21
CA LYS J 285 -47.53 -32.04 17.40
C LYS J 285 -48.00 -32.11 18.84
N ALA J 286 -47.44 -33.05 19.60
CA ALA J 286 -47.82 -33.22 21.00
C ALA J 286 -46.98 -32.42 21.97
N PHE J 287 -45.89 -31.81 21.49
CA PHE J 287 -45.05 -30.98 22.35
C PHE J 287 -45.51 -29.53 22.13
N TYR J 288 -45.85 -29.22 20.89
CA TYR J 288 -46.36 -27.90 20.54
C TYR J 288 -47.66 -27.75 21.33
N GLY J 289 -48.40 -28.85 21.43
CA GLY J 289 -49.67 -28.90 22.15
C GLY J 289 -49.42 -28.85 23.63
N LEU J 290 -48.14 -28.87 23.98
CA LEU J 290 -47.66 -28.82 25.35
C LEU J 290 -47.34 -27.35 25.60
N VAL J 291 -46.56 -26.78 24.70
CA VAL J 291 -46.19 -25.38 24.78
C VAL J 291 -47.46 -24.49 24.82
N ASP J 292 -48.24 -24.49 23.75
CA ASP J 292 -49.46 -23.68 23.70
C ASP J 292 -50.40 -23.96 24.88
N LEU J 293 -50.46 -25.23 25.28
CA LEU J 293 -51.32 -25.66 26.39
C LEU J 293 -50.73 -25.16 27.72
N ALA J 294 -49.40 -24.95 27.73
CA ALA J 294 -48.68 -24.50 28.92
C ALA J 294 -48.64 -22.99 28.99
N ARG J 295 -48.99 -22.34 27.88
CA ARG J 295 -49.03 -20.90 27.83
C ARG J 295 -50.44 -20.46 28.21
N LYS J 296 -51.33 -21.42 28.37
CA LYS J 296 -52.69 -21.13 28.78
C LYS J 296 -52.74 -21.62 30.22
N GLY J 297 -51.56 -21.66 30.85
CA GLY J 297 -51.41 -22.10 32.23
C GLY J 297 -52.39 -23.15 32.68
N GLU J 298 -52.55 -24.18 31.84
CA GLU J 298 -53.49 -25.26 32.13
C GLU J 298 -52.78 -26.57 32.44
N LEU J 299 -51.49 -26.50 32.78
CA LEU J 299 -50.70 -27.70 33.07
C LEU J 299 -49.75 -27.63 34.29
N GLY J 300 -50.12 -26.87 35.32
CA GLY J 300 -49.29 -26.78 36.52
C GLY J 300 -47.83 -26.37 36.38
N GLU J 301 -47.22 -25.98 37.50
CA GLU J 301 -45.83 -25.53 37.52
C GLU J 301 -44.86 -26.62 37.12
N LYS J 302 -45.30 -27.87 37.15
CA LYS J 302 -44.41 -29.00 36.83
C LYS J 302 -45.05 -29.97 35.84
N ILE J 303 -44.38 -30.16 34.70
CA ILE J 303 -44.88 -31.05 33.65
C ILE J 303 -43.84 -32.07 33.16
N LEU J 304 -44.22 -33.34 33.13
CA LEU J 304 -43.33 -34.40 32.66
C LEU J 304 -43.76 -34.73 31.24
N PHE J 305 -42.81 -34.87 30.34
CA PHE J 305 -43.12 -35.21 28.96
C PHE J 305 -42.61 -36.62 28.62
N ILE J 306 -43.45 -37.45 28.02
CA ILE J 306 -43.01 -38.80 27.64
C ILE J 306 -42.57 -38.79 26.18
N HIS J 307 -41.32 -39.18 25.92
CA HIS J 307 -40.86 -39.22 24.56
C HIS J 307 -41.20 -40.58 23.99
N THR J 308 -42.30 -40.63 23.25
CA THR J 308 -42.79 -41.86 22.68
C THR J 308 -41.98 -42.46 21.53
N GLY J 309 -40.96 -41.72 21.08
CA GLY J 309 -40.13 -42.20 19.98
C GLY J 309 -40.49 -41.72 18.57
N GLY J 310 -40.64 -42.67 17.65
CA GLY J 310 -40.96 -42.35 16.27
C GLY J 310 -39.87 -41.55 15.56
N ILE J 311 -38.62 -41.80 15.95
CA ILE J 311 -37.51 -41.09 15.34
C ILE J 311 -37.56 -41.20 13.83
N SER J 312 -37.77 -42.42 13.34
CA SER J 312 -37.85 -42.65 11.90
C SER J 312 -38.50 -41.41 11.28
N GLY J 313 -39.84 -41.40 11.20
CA GLY J 313 -40.61 -40.29 10.64
C GLY J 313 -39.87 -39.02 10.23
N THR J 314 -39.26 -38.36 11.20
CA THR J 314 -38.48 -37.15 10.98
C THR J 314 -37.53 -37.29 9.78
N PHE J 315 -37.35 -38.51 9.31
CA PHE J 315 -36.52 -38.77 8.14
C PHE J 315 -37.53 -38.87 7.00
N HIS J 316 -38.45 -39.83 7.14
CA HIS J 316 -39.52 -40.09 6.17
C HIS J 316 -40.09 -38.77 5.64
N TYR J 317 -39.90 -37.68 6.39
CA TYR J 317 -40.41 -36.36 5.99
C TYR J 317 -39.41 -35.20 6.00
N GLY J 318 -38.12 -35.48 5.85
CA GLY J 318 -37.13 -34.42 5.84
C GLY J 318 -37.43 -33.31 4.82
N ASP J 319 -37.61 -33.71 3.57
CA ASP J 319 -37.90 -32.77 2.50
C ASP J 319 -39.16 -31.94 2.79
N LYS J 320 -40.29 -32.61 2.99
CA LYS J 320 -41.54 -31.91 3.28
C LYS J 320 -41.53 -31.27 4.68
N LEU J 321 -40.33 -31.12 5.25
CA LEU J 321 -40.18 -30.49 6.56
C LEU J 321 -39.23 -29.33 6.34
N LEU J 322 -38.56 -29.35 5.19
CA LEU J 322 -37.62 -28.29 4.82
C LEU J 322 -38.34 -27.25 3.97
N SER J 323 -39.45 -27.66 3.36
CA SER J 323 -40.27 -26.77 2.55
C SER J 323 -41.06 -25.90 3.50
N LEU J 324 -40.82 -26.07 4.79
CA LEU J 324 -41.50 -25.32 5.85
C LEU J 324 -40.51 -24.52 6.69
N LEU J 325 -39.23 -24.85 6.58
CA LEU J 325 -38.20 -24.15 7.34
C LEU J 325 -37.46 -23.16 6.45
N MET K 1 -27.90 -36.32 42.91
CA MET K 1 -28.06 -34.96 42.32
C MET K 1 -29.44 -34.84 41.67
N HIS K 2 -30.18 -33.80 42.06
CA HIS K 2 -31.52 -33.55 41.55
C HIS K 2 -31.52 -33.09 40.08
N PRO K 3 -32.37 -33.72 39.23
CA PRO K 3 -32.58 -33.52 37.77
C PRO K 3 -32.64 -32.11 37.14
N LYS K 4 -33.36 -31.18 37.76
CA LYS K 4 -33.47 -29.82 37.26
C LYS K 4 -32.22 -29.00 37.59
N ILE K 5 -31.64 -29.22 38.77
CA ILE K 5 -30.41 -28.54 39.15
C ILE K 5 -29.38 -29.05 38.15
N PHE K 6 -29.15 -30.34 38.19
CA PHE K 6 -28.19 -30.96 37.28
C PHE K 6 -28.21 -30.31 35.89
N ALA K 7 -29.40 -30.00 35.40
CA ALA K 7 -29.59 -29.38 34.07
C ALA K 7 -29.12 -27.93 33.97
N LEU K 8 -29.30 -27.17 35.04
CA LEU K 8 -28.90 -25.77 35.05
C LEU K 8 -27.39 -25.60 35.28
N LEU K 9 -26.76 -26.57 35.91
CA LEU K 9 -25.32 -26.49 36.17
C LEU K 9 -24.48 -27.12 35.07
N ALA K 10 -24.91 -28.29 34.59
CA ALA K 10 -24.25 -29.07 33.55
C ALA K 10 -23.20 -28.39 32.65
N LYS K 11 -23.45 -27.16 32.21
CA LYS K 11 -22.52 -26.45 31.34
C LYS K 11 -21.41 -25.70 32.04
N PHE K 12 -21.28 -25.89 33.35
CA PHE K 12 -20.23 -25.21 34.12
C PHE K 12 -19.13 -26.16 34.55
N PRO K 13 -17.89 -25.87 34.14
CA PRO K 13 -16.62 -26.56 34.37
C PRO K 13 -16.22 -26.84 35.82
N ARG K 14 -16.80 -27.85 36.43
CA ARG K 14 -16.46 -28.20 37.81
C ARG K 14 -15.28 -29.18 37.95
N VAL K 15 -14.24 -28.77 38.68
CA VAL K 15 -13.10 -29.65 38.94
C VAL K 15 -13.56 -30.50 40.13
N GLU K 16 -13.95 -31.74 39.88
CA GLU K 16 -14.41 -32.59 40.95
C GLU K 16 -13.39 -32.89 42.05
N LEU K 17 -13.53 -32.21 43.19
CA LEU K 17 -12.63 -32.39 44.34
C LEU K 17 -13.19 -33.36 45.41
N ILE K 18 -14.48 -33.23 45.72
CA ILE K 18 -15.15 -34.06 46.73
C ILE K 18 -15.68 -35.39 46.18
N PRO K 19 -15.09 -36.51 46.59
CA PRO K 19 -15.59 -37.79 46.06
C PRO K 19 -16.66 -38.52 46.87
N TRP K 20 -17.71 -37.81 47.30
CA TRP K 20 -18.78 -38.42 48.09
C TRP K 20 -19.69 -37.40 48.77
N GLU K 21 -20.92 -37.79 49.03
CA GLU K 21 -21.86 -36.90 49.71
C GLU K 21 -21.48 -36.96 51.18
N THR K 22 -21.91 -35.95 51.92
CA THR K 22 -21.60 -35.82 53.35
C THR K 22 -22.81 -36.13 54.24
N PRO K 23 -22.60 -36.99 55.26
CA PRO K 23 -23.60 -37.43 56.24
C PRO K 23 -24.45 -36.37 56.90
N ILE K 24 -25.71 -36.74 57.17
CA ILE K 24 -26.66 -35.84 57.83
C ILE K 24 -27.14 -36.44 59.16
N GLN K 25 -26.20 -36.68 60.07
CA GLN K 25 -26.53 -37.23 61.38
C GLN K 25 -27.40 -36.25 62.15
N TYR K 26 -28.43 -36.76 62.81
CA TYR K 26 -29.36 -35.95 63.59
C TYR K 26 -28.68 -35.60 64.91
N LEU K 27 -29.29 -34.69 65.67
CA LEU K 27 -28.74 -34.30 66.96
C LEU K 27 -29.76 -34.53 68.08
N PRO K 28 -29.67 -35.69 68.75
CA PRO K 28 -30.55 -36.07 69.86
C PRO K 28 -30.64 -35.09 71.04
N ASN K 29 -29.52 -34.83 71.71
CA ASN K 29 -29.49 -33.94 72.89
C ASN K 29 -29.89 -32.50 72.65
N ILE K 30 -29.30 -31.86 71.65
CA ILE K 30 -29.59 -30.46 71.33
C ILE K 30 -31.06 -30.28 71.05
N SER K 31 -31.59 -31.17 70.22
CA SER K 31 -33.00 -31.10 69.86
C SER K 31 -33.87 -31.12 71.09
N ARG K 32 -33.56 -32.07 71.95
CA ARG K 32 -34.26 -32.26 73.21
C ARG K 32 -34.11 -31.01 74.10
N GLU K 33 -32.95 -30.37 73.99
CA GLU K 33 -32.61 -29.18 74.77
C GLU K 33 -33.23 -27.92 74.19
N ILE K 34 -33.11 -27.74 72.88
CA ILE K 34 -33.68 -26.56 72.21
C ILE K 34 -35.15 -26.71 71.75
N GLY K 35 -35.78 -27.84 72.06
CA GLY K 35 -37.16 -28.11 71.69
C GLY K 35 -37.42 -28.18 70.19
N ALA K 36 -36.60 -28.91 69.45
CA ALA K 36 -36.77 -29.00 68.01
C ALA K 36 -35.79 -29.98 67.38
N ASP K 37 -36.17 -30.56 66.24
CA ASP K 37 -35.31 -31.49 65.55
C ASP K 37 -34.24 -30.74 64.80
N VAL K 38 -33.08 -30.55 65.43
CA VAL K 38 -31.99 -29.88 64.74
C VAL K 38 -31.07 -30.96 64.18
N TYR K 39 -30.95 -30.98 62.87
CA TYR K 39 -30.10 -31.95 62.19
C TYR K 39 -28.83 -31.20 61.81
N ILE K 40 -27.81 -31.93 61.39
CA ILE K 40 -26.57 -31.29 60.98
C ILE K 40 -26.00 -32.01 59.77
N LYS K 41 -25.66 -31.24 58.75
CA LYS K 41 -25.05 -31.82 57.55
C LYS K 41 -23.57 -31.60 57.77
N ARG K 42 -22.77 -32.64 57.60
CA ARG K 42 -21.36 -32.54 57.85
C ARG K 42 -20.49 -32.15 56.66
N ASP K 43 -20.31 -30.85 56.48
CA ASP K 43 -19.48 -30.34 55.41
C ASP K 43 -18.07 -30.09 55.92
N ASP K 44 -17.89 -30.30 57.22
CA ASP K 44 -16.59 -30.13 57.84
C ASP K 44 -15.82 -31.42 57.55
N LEU K 45 -16.18 -32.06 56.45
CA LEU K 45 -15.56 -33.32 56.08
C LEU K 45 -15.47 -33.44 54.57
N THR K 46 -15.61 -32.32 53.86
CA THR K 46 -15.55 -32.35 52.41
C THR K 46 -14.28 -32.96 51.82
N GLY K 47 -13.34 -33.32 52.69
CA GLY K 47 -12.12 -33.96 52.22
C GLY K 47 -10.80 -33.19 52.28
N LEU K 48 -10.55 -32.37 51.25
CA LEU K 48 -9.33 -31.58 51.11
C LEU K 48 -9.17 -30.40 52.08
N GLY K 49 -8.01 -30.39 52.74
CA GLY K 49 -7.69 -29.34 53.72
C GLY K 49 -8.45 -29.61 55.01
N ILE K 50 -9.14 -28.58 55.52
CA ILE K 50 -9.94 -28.73 56.72
C ILE K 50 -11.36 -28.67 56.19
N GLY K 51 -11.46 -28.91 54.88
CA GLY K 51 -12.73 -28.92 54.17
C GLY K 51 -13.68 -27.78 54.44
N GLY K 52 -14.95 -28.12 54.53
CA GLY K 52 -15.95 -27.11 54.80
C GLY K 52 -16.50 -26.58 53.51
N ASN K 53 -17.51 -25.72 53.64
CA ASN K 53 -18.19 -25.12 52.50
C ASN K 53 -17.32 -24.61 51.35
N LYS K 54 -16.28 -23.84 51.66
CA LYS K 54 -15.43 -23.30 50.61
C LYS K 54 -15.16 -24.29 49.47
N ILE K 55 -14.75 -25.51 49.78
CA ILE K 55 -14.45 -26.53 48.77
C ILE K 55 -15.58 -26.71 47.76
N ARG K 56 -16.83 -26.57 48.19
CA ARG K 56 -17.95 -26.72 47.26
C ARG K 56 -17.94 -25.55 46.26
N LYS K 57 -17.18 -24.50 46.60
CA LYS K 57 -17.05 -23.34 45.72
C LYS K 57 -15.80 -23.50 44.84
N LEU K 58 -14.76 -24.12 45.39
CA LEU K 58 -13.53 -24.35 44.65
C LEU K 58 -13.77 -25.17 43.39
N GLU K 59 -14.65 -26.17 43.49
CA GLU K 59 -14.97 -27.02 42.35
C GLU K 59 -15.32 -26.17 41.13
N TYR K 60 -16.14 -25.14 41.33
CA TYR K 60 -16.54 -24.25 40.24
C TYR K 60 -15.61 -23.08 40.03
N LEU K 61 -14.76 -22.83 41.02
CA LEU K 61 -13.82 -21.74 40.89
C LEU K 61 -12.63 -22.17 40.04
N LEU K 62 -11.92 -23.21 40.45
CA LEU K 62 -10.76 -23.69 39.69
C LEU K 62 -11.18 -24.08 38.27
N GLY K 63 -12.43 -24.53 38.14
CA GLY K 63 -12.95 -24.89 36.84
C GLY K 63 -13.16 -23.66 35.98
N ASP K 64 -13.00 -22.51 36.62
CA ASP K 64 -13.13 -21.23 35.95
C ASP K 64 -11.72 -20.65 35.86
N ALA K 65 -10.86 -21.08 36.80
CA ALA K 65 -9.48 -20.60 36.83
C ALA K 65 -8.59 -21.50 35.99
N LEU K 66 -8.91 -22.79 35.99
CA LEU K 66 -8.13 -23.75 35.23
C LEU K 66 -8.48 -23.53 33.77
N SER K 67 -9.77 -23.66 33.46
CA SER K 67 -10.27 -23.47 32.12
C SER K 67 -9.61 -22.22 31.54
N LYS K 68 -9.92 -21.05 32.10
CA LYS K 68 -9.34 -19.80 31.62
C LYS K 68 -7.82 -19.86 31.42
N GLY K 69 -7.18 -20.92 31.93
CA GLY K 69 -5.75 -21.06 31.80
C GLY K 69 -5.11 -20.21 32.88
N ALA K 70 -4.56 -20.86 33.89
CA ALA K 70 -3.96 -20.12 35.00
C ALA K 70 -2.69 -20.73 35.59
N ASP K 71 -2.02 -19.94 36.41
CA ASP K 71 -0.76 -20.33 37.06
C ASP K 71 -0.57 -19.57 38.37
N VAL K 72 -1.57 -18.79 38.73
CA VAL K 72 -1.52 -18.01 39.96
C VAL K 72 -2.89 -17.44 40.27
N VAL K 73 -3.73 -18.24 40.92
CA VAL K 73 -5.06 -17.79 41.29
C VAL K 73 -4.91 -16.98 42.56
N ILE K 74 -5.72 -15.92 42.66
CA ILE K 74 -5.68 -15.05 43.84
C ILE K 74 -7.07 -14.98 44.46
N THR K 75 -7.11 -14.69 45.75
CA THR K 75 -8.36 -14.50 46.46
C THR K 75 -7.95 -13.73 47.71
N VAL K 76 -8.90 -13.06 48.37
CA VAL K 76 -8.54 -12.24 49.54
C VAL K 76 -9.03 -12.80 50.87
N GLY K 77 -8.51 -12.25 51.97
CA GLY K 77 -8.92 -12.69 53.29
C GLY K 77 -7.87 -12.75 54.41
N ALA K 78 -8.31 -12.44 55.63
CA ALA K 78 -7.47 -12.45 56.84
C ALA K 78 -6.62 -13.72 57.09
N VAL K 79 -5.74 -13.65 58.10
CA VAL K 79 -4.81 -14.74 58.48
C VAL K 79 -5.46 -16.08 58.83
N HIS K 80 -6.26 -16.09 59.88
CA HIS K 80 -6.95 -17.28 60.36
C HIS K 80 -7.89 -17.89 59.32
N SER K 81 -8.42 -17.02 58.45
CA SER K 81 -9.37 -17.42 57.42
C SER K 81 -8.98 -18.69 56.66
N ASN K 82 -9.87 -19.68 56.71
CA ASN K 82 -9.66 -20.93 56.02
C ASN K 82 -9.87 -20.77 54.50
N HIS K 83 -11.00 -20.17 54.09
CA HIS K 83 -11.26 -19.96 52.65
C HIS K 83 -9.95 -19.63 52.02
N ALA K 84 -9.10 -18.98 52.81
CA ALA K 84 -7.77 -18.62 52.40
C ALA K 84 -7.08 -19.96 52.14
N PHE K 85 -6.53 -20.53 53.20
CA PHE K 85 -5.83 -21.82 53.13
C PHE K 85 -6.37 -22.74 52.06
N VAL K 86 -7.54 -23.30 52.32
CA VAL K 86 -8.24 -24.23 51.42
C VAL K 86 -7.92 -23.95 49.94
N THR K 87 -8.33 -22.78 49.45
CA THR K 87 -8.12 -22.35 48.08
C THR K 87 -6.69 -22.51 47.61
N GLY K 88 -5.73 -22.28 48.52
CA GLY K 88 -4.34 -22.42 48.16
C GLY K 88 -4.00 -23.86 47.89
N LEU K 89 -4.32 -24.72 48.83
CA LEU K 89 -4.05 -26.13 48.72
C LEU K 89 -4.77 -26.72 47.50
N ALA K 90 -6.00 -26.29 47.28
CA ALA K 90 -6.79 -26.78 46.14
C ALA K 90 -6.07 -26.48 44.81
N ALA K 91 -5.62 -25.24 44.65
CA ALA K 91 -4.90 -24.84 43.44
C ALA K 91 -3.52 -25.50 43.42
N LYS K 92 -2.84 -25.54 44.56
CA LYS K 92 -1.52 -26.16 44.63
C LYS K 92 -1.70 -27.65 44.39
N LYS K 93 -2.88 -28.14 44.75
CA LYS K 93 -3.18 -29.54 44.54
C LYS K 93 -3.15 -29.67 43.02
N LEU K 94 -3.77 -28.71 42.35
CA LEU K 94 -3.82 -28.72 40.90
C LEU K 94 -2.55 -28.18 40.23
N GLY K 95 -1.40 -28.39 40.89
CA GLY K 95 -0.16 -27.92 40.33
C GLY K 95 -0.18 -26.43 40.00
N LEU K 96 -1.33 -25.78 40.18
CA LEU K 96 -1.46 -24.36 39.89
C LEU K 96 -0.89 -23.54 41.03
N ASP K 97 -0.01 -22.60 40.72
CA ASP K 97 0.54 -21.75 41.77
C ASP K 97 -0.55 -20.73 42.09
N ALA K 98 -0.66 -20.34 43.35
CA ALA K 98 -1.66 -19.36 43.73
C ALA K 98 -1.07 -18.44 44.77
N ILE K 99 -1.76 -17.33 45.05
CA ILE K 99 -1.26 -16.42 46.06
C ILE K 99 -2.44 -15.82 46.82
N LEU K 100 -2.26 -15.63 48.12
CA LEU K 100 -3.30 -15.10 48.98
C LEU K 100 -2.98 -13.76 49.62
N VAL K 101 -3.83 -12.78 49.33
CA VAL K 101 -3.66 -11.46 49.89
C VAL K 101 -4.46 -11.44 51.22
N LEU K 102 -3.72 -11.48 52.33
CA LEU K 102 -4.30 -11.52 53.68
C LEU K 102 -4.29 -10.14 54.36
N ARG K 103 -4.68 -10.11 55.64
CA ARG K 103 -4.71 -8.89 56.45
C ARG K 103 -4.83 -9.14 57.97
N GLY K 104 -3.72 -9.02 58.72
CA GLY K 104 -3.80 -9.24 60.16
C GLY K 104 -2.56 -9.75 60.88
N LYS K 105 -2.70 -10.04 62.18
CA LYS K 105 -1.60 -10.54 63.02
C LYS K 105 -0.83 -11.68 62.35
N GLU K 106 0.49 -11.54 62.23
CA GLU K 106 1.27 -12.61 61.63
C GLU K 106 1.74 -13.60 62.69
N GLU K 107 0.87 -13.90 63.65
CA GLU K 107 1.23 -14.89 64.67
C GLU K 107 1.13 -16.25 63.99
N LEU K 108 2.02 -17.14 64.40
CA LEU K 108 2.02 -18.49 63.89
C LEU K 108 1.03 -19.25 64.79
N LYS K 109 -0.01 -19.83 64.16
CA LYS K 109 -1.06 -20.62 64.82
C LYS K 109 -2.43 -20.40 64.18
N GLY K 110 -3.02 -21.48 63.68
CA GLY K 110 -4.33 -21.45 63.02
C GLY K 110 -4.20 -21.65 61.51
N ASN K 111 -5.11 -21.07 60.73
CA ASN K 111 -5.00 -21.21 59.28
C ASN K 111 -3.89 -20.33 58.70
N TYR K 112 -2.99 -19.85 59.55
CA TYR K 112 -1.84 -19.11 59.04
C TYR K 112 -0.76 -20.18 58.99
N LEU K 113 -0.49 -20.74 60.16
CA LEU K 113 0.50 -21.81 60.31
C LEU K 113 0.37 -22.83 59.16
N LEU K 114 -0.88 -23.06 58.71
CA LEU K 114 -1.16 -24.03 57.64
C LEU K 114 -0.63 -23.72 56.25
N ASP K 115 -0.88 -22.51 55.76
CA ASP K 115 -0.42 -22.12 54.43
C ASP K 115 1.10 -21.98 54.52
N LYS K 116 1.59 -21.85 55.75
CA LYS K 116 3.03 -21.70 56.01
C LYS K 116 3.75 -23.04 56.16
N ILE K 117 3.01 -24.09 56.50
CA ILE K 117 3.60 -25.41 56.62
C ILE K 117 3.53 -26.06 55.25
N MET K 118 2.56 -25.63 54.46
CA MET K 118 2.33 -26.18 53.13
C MET K 118 3.00 -25.32 52.05
N GLY K 119 3.39 -24.12 52.45
CA GLY K 119 4.05 -23.23 51.50
C GLY K 119 3.11 -22.49 50.56
N ILE K 120 2.11 -21.82 51.12
CA ILE K 120 1.13 -21.03 50.36
C ILE K 120 1.51 -19.54 50.49
N GLU K 121 1.56 -18.82 49.36
CA GLU K 121 1.95 -17.41 49.38
C GLU K 121 1.06 -16.41 50.11
N THR K 122 1.65 -15.84 51.16
CA THR K 122 1.00 -14.87 52.05
C THR K 122 1.64 -13.48 52.01
N ARG K 123 0.81 -12.49 51.71
CA ARG K 123 1.25 -11.10 51.61
C ARG K 123 0.47 -10.29 52.62
N VAL K 124 0.62 -10.65 53.89
CA VAL K 124 -0.10 -9.97 54.97
C VAL K 124 0.08 -8.46 54.86
N TYR K 125 -1.03 -7.77 54.70
CA TYR K 125 -1.00 -6.32 54.63
C TYR K 125 -1.29 -5.85 56.04
N ASP K 126 -0.95 -4.62 56.33
CA ASP K 126 -1.30 -4.08 57.63
C ASP K 126 -2.71 -3.56 57.31
N ALA K 127 -3.16 -3.86 56.09
CA ALA K 127 -4.49 -3.46 55.62
C ALA K 127 -5.55 -4.25 56.40
N LYS K 128 -5.29 -4.40 57.69
CA LYS K 128 -6.21 -5.09 58.55
C LYS K 128 -7.46 -4.22 58.69
N ASP K 129 -8.59 -4.79 58.29
CA ASP K 129 -9.88 -4.13 58.40
C ASP K 129 -10.89 -4.72 57.43
N SER K 130 -10.96 -4.18 56.21
CA SER K 130 -11.93 -4.66 55.23
C SER K 130 -11.36 -5.59 54.16
N PHE K 131 -12.28 -6.22 53.44
CA PHE K 131 -11.96 -7.13 52.36
C PHE K 131 -11.42 -6.38 51.15
N GLU K 132 -11.50 -5.05 51.16
CA GLU K 132 -11.01 -4.26 50.04
C GLU K 132 -9.54 -4.51 49.81
N LEU K 133 -9.07 -5.51 50.55
CA LEU K 133 -7.73 -6.03 50.50
C LEU K 133 -7.62 -6.42 49.02
N MET K 134 -8.80 -6.49 48.43
CA MET K 134 -9.03 -6.81 47.04
C MET K 134 -8.14 -5.95 46.13
N LYS K 135 -8.37 -4.64 46.11
CA LYS K 135 -7.59 -3.71 45.26
C LYS K 135 -6.15 -4.17 45.13
N TYR K 136 -5.58 -4.64 46.23
CA TYR K 136 -4.22 -5.11 46.19
C TYR K 136 -4.16 -6.26 45.17
N ALA K 137 -4.82 -7.38 45.48
CA ALA K 137 -4.85 -8.54 44.60
C ALA K 137 -5.25 -8.10 43.17
N GLU K 138 -5.80 -6.89 43.07
CA GLU K 138 -6.16 -6.34 41.78
C GLU K 138 -4.84 -5.76 41.28
N GLU K 139 -4.38 -4.69 41.92
CA GLU K 139 -3.11 -4.13 41.53
C GLU K 139 -2.11 -5.28 41.36
N ILE K 140 -1.90 -6.05 42.43
CA ILE K 140 -0.99 -7.21 42.44
C ILE K 140 -1.08 -8.07 41.17
N ALA K 141 -2.32 -8.37 40.76
CA ALA K 141 -2.59 -9.19 39.58
C ALA K 141 -1.97 -8.50 38.37
N GLU K 142 -2.10 -7.18 38.33
CA GLU K 142 -1.54 -6.40 37.23
C GLU K 142 -0.06 -6.68 37.00
N GLU K 143 0.73 -6.70 38.08
CA GLU K 143 2.17 -6.94 37.96
C GLU K 143 2.50 -8.40 37.67
N LEU K 144 1.50 -9.27 37.80
CA LEU K 144 1.69 -10.69 37.51
C LEU K 144 1.19 -11.01 36.10
N LYS K 145 0.20 -10.24 35.65
CA LYS K 145 -0.35 -10.43 34.32
C LYS K 145 0.53 -9.71 33.29
N ARG K 146 0.93 -8.47 33.61
CA ARG K 146 1.79 -7.69 32.72
C ARG K 146 3.19 -8.29 32.80
N GLU K 147 3.19 -9.60 32.99
CA GLU K 147 4.41 -10.41 33.09
C GLU K 147 3.94 -11.81 32.83
N GLY K 148 3.50 -12.04 31.59
CA GLY K 148 3.00 -13.33 31.14
C GLY K 148 1.93 -14.03 31.96
N ARG K 149 2.32 -14.49 33.14
CA ARG K 149 1.46 -15.21 34.07
C ARG K 149 0.01 -14.73 34.06
N LYS K 150 -0.91 -15.67 34.19
CA LYS K 150 -2.35 -15.40 34.18
C LYS K 150 -3.02 -15.55 35.54
N PRO K 151 -3.20 -14.44 36.28
CA PRO K 151 -3.85 -14.55 37.59
C PRO K 151 -5.35 -14.85 37.44
N TYR K 152 -6.03 -15.08 38.56
CA TYR K 152 -7.45 -15.37 38.56
C TYR K 152 -8.02 -15.01 39.93
N VAL K 153 -8.27 -13.71 40.15
CA VAL K 153 -8.79 -13.23 41.42
C VAL K 153 -10.14 -13.86 41.79
N ILE K 154 -10.21 -14.35 43.02
CA ILE K 154 -11.41 -14.95 43.54
C ILE K 154 -11.80 -14.03 44.70
N PRO K 155 -12.99 -13.39 44.63
CA PRO K 155 -13.47 -12.50 45.67
C PRO K 155 -13.39 -13.17 47.05
N PRO K 156 -13.69 -12.43 48.12
CA PRO K 156 -13.63 -13.02 49.47
C PRO K 156 -14.56 -14.24 49.61
N GLY K 157 -14.09 -15.28 50.29
CA GLY K 157 -14.92 -16.46 50.46
C GLY K 157 -15.53 -16.94 49.15
N GLY K 158 -14.79 -16.74 48.06
CA GLY K 158 -15.25 -17.13 46.75
C GLY K 158 -16.69 -16.71 46.47
N ALA K 159 -17.12 -15.60 47.07
CA ALA K 159 -18.49 -15.11 46.92
C ALA K 159 -18.93 -14.75 45.50
N SER K 160 -18.10 -15.05 44.51
CA SER K 160 -18.41 -14.77 43.11
C SER K 160 -19.64 -15.57 42.68
N PRO K 161 -20.33 -15.13 41.61
CA PRO K 161 -21.50 -15.91 41.20
C PRO K 161 -21.22 -17.38 40.85
N ILE K 162 -20.03 -17.71 40.32
CA ILE K 162 -19.72 -19.12 40.02
C ILE K 162 -19.32 -19.92 41.27
N GLY K 163 -18.90 -19.21 42.32
CA GLY K 163 -18.54 -19.88 43.56
C GLY K 163 -19.83 -20.18 44.33
N THR K 164 -20.87 -19.46 43.95
CA THR K 164 -22.19 -19.60 44.55
C THR K 164 -22.78 -20.90 44.04
N LEU K 165 -22.09 -21.49 43.08
CA LEU K 165 -22.53 -22.74 42.50
C LEU K 165 -22.23 -23.85 43.49
N GLY K 166 -21.31 -23.58 44.40
CA GLY K 166 -20.95 -24.58 45.38
C GLY K 166 -22.18 -25.03 46.17
N TYR K 167 -23.03 -24.07 46.51
CA TYR K 167 -24.21 -24.40 47.28
C TYR K 167 -25.53 -24.51 46.58
N VAL K 168 -25.51 -24.40 45.26
CA VAL K 168 -26.71 -24.56 44.46
C VAL K 168 -26.69 -26.06 44.11
N ARG K 169 -25.50 -26.65 44.19
CA ARG K 169 -25.33 -28.08 43.94
C ARG K 169 -25.63 -28.87 45.21
N ALA K 170 -25.34 -28.23 46.35
CA ALA K 170 -25.57 -28.82 47.67
C ALA K 170 -27.07 -28.96 47.97
N VAL K 171 -27.84 -27.96 47.60
CA VAL K 171 -29.30 -28.00 47.81
C VAL K 171 -29.89 -29.17 47.02
N GLY K 172 -29.14 -29.65 46.03
CA GLY K 172 -29.60 -30.76 45.23
C GLY K 172 -28.99 -32.04 45.80
N GLU K 173 -27.76 -31.92 46.27
CA GLU K 173 -27.10 -33.06 46.87
C GLU K 173 -27.86 -33.42 48.14
N ILE K 174 -28.38 -32.41 48.85
CA ILE K 174 -29.16 -32.66 50.07
C ILE K 174 -30.47 -33.34 49.68
N ALA K 175 -31.35 -32.61 48.99
CA ALA K 175 -32.64 -33.16 48.56
C ALA K 175 -32.54 -34.66 48.35
N THR K 176 -31.53 -35.06 47.58
CA THR K 176 -31.31 -36.47 47.30
C THR K 176 -31.01 -37.26 48.58
N GLN K 177 -29.85 -36.99 49.16
CA GLN K 177 -29.36 -37.67 50.35
C GLN K 177 -30.21 -37.58 51.60
N SER K 178 -31.24 -36.74 51.61
CA SER K 178 -32.01 -36.61 52.82
C SER K 178 -33.43 -37.11 52.83
N GLU K 179 -33.79 -37.71 53.95
CA GLU K 179 -35.11 -38.24 54.15
C GLU K 179 -35.78 -37.52 55.32
N VAL K 180 -35.56 -36.21 55.38
CA VAL K 180 -36.15 -35.33 56.40
C VAL K 180 -36.43 -34.02 55.70
N LYS K 181 -37.71 -33.73 55.51
CA LYS K 181 -38.16 -32.49 54.86
C LYS K 181 -38.03 -31.33 55.83
N PHE K 182 -36.87 -30.69 55.81
CA PHE K 182 -36.57 -29.57 56.71
C PHE K 182 -37.44 -28.30 56.49
N ASP K 183 -37.50 -27.46 57.51
CA ASP K 183 -38.26 -26.20 57.44
C ASP K 183 -37.35 -25.05 57.10
N SER K 184 -36.09 -25.21 57.49
CA SER K 184 -35.09 -24.19 57.30
C SER K 184 -33.69 -24.73 57.44
N ILE K 185 -32.78 -24.23 56.61
CA ILE K 185 -31.38 -24.62 56.69
C ILE K 185 -30.65 -23.37 57.18
N VAL K 186 -29.83 -23.49 58.23
CA VAL K 186 -29.08 -22.34 58.74
C VAL K 186 -27.58 -22.57 58.73
N VAL K 187 -26.89 -21.72 57.99
CA VAL K 187 -25.44 -21.80 57.86
C VAL K 187 -24.81 -20.52 58.42
N ALA K 188 -23.54 -20.56 58.83
CA ALA K 188 -22.89 -19.35 59.35
C ALA K 188 -23.10 -18.27 58.28
N ALA K 189 -22.46 -17.12 58.38
CA ALA K 189 -22.69 -16.12 57.34
C ALA K 189 -21.53 -15.16 57.05
N GLY K 190 -20.44 -15.68 56.47
CA GLY K 190 -19.31 -14.84 56.17
C GLY K 190 -19.65 -13.77 55.14
N SER K 191 -19.18 -14.00 53.92
CA SER K 191 -19.41 -13.10 52.81
C SER K 191 -20.87 -13.15 52.29
N GLY K 192 -21.64 -14.11 52.79
CA GLY K 192 -23.01 -14.29 52.32
C GLY K 192 -22.95 -15.05 51.00
N GLY K 193 -21.79 -15.68 50.76
CA GLY K 193 -21.59 -16.45 49.53
C GLY K 193 -22.27 -17.80 49.52
N THR K 194 -22.22 -18.48 50.67
CA THR K 194 -22.86 -19.80 50.83
C THR K 194 -24.36 -19.59 50.94
N LEU K 195 -24.74 -18.59 51.74
CA LEU K 195 -26.14 -18.26 51.96
C LEU K 195 -26.80 -17.99 50.61
N ALA K 196 -26.11 -17.24 49.76
CA ALA K 196 -26.63 -16.92 48.43
C ALA K 196 -26.78 -18.22 47.64
N GLY K 197 -25.73 -19.06 47.64
CA GLY K 197 -25.82 -20.32 46.92
C GLY K 197 -26.99 -21.13 47.45
N LEU K 198 -26.93 -21.45 48.74
CA LEU K 198 -28.00 -22.19 49.40
C LEU K 198 -29.37 -21.62 48.99
N SER K 199 -29.48 -20.30 48.86
CA SER K 199 -30.75 -19.62 48.50
C SER K 199 -31.14 -19.76 47.03
N LEU K 200 -30.15 -19.76 46.15
CA LEU K 200 -30.42 -19.90 44.73
C LEU K 200 -30.96 -21.32 44.53
N GLY K 201 -30.16 -22.30 44.93
CA GLY K 201 -30.55 -23.69 44.78
C GLY K 201 -31.90 -24.06 45.36
N LEU K 202 -32.21 -23.52 46.54
CA LEU K 202 -33.48 -23.79 47.22
C LEU K 202 -34.63 -23.06 46.54
N SER K 203 -34.30 -22.07 45.72
CA SER K 203 -35.33 -21.34 45.00
C SER K 203 -35.66 -22.12 43.74
N ILE K 204 -34.61 -22.60 43.09
CA ILE K 204 -34.71 -23.38 41.87
C ILE K 204 -35.51 -24.63 42.11
N LEU K 205 -35.45 -25.15 43.33
CA LEU K 205 -36.16 -26.36 43.69
C LEU K 205 -37.62 -26.14 44.12
N ASN K 206 -37.98 -24.89 44.39
CA ASN K 206 -39.35 -24.57 44.77
C ASN K 206 -39.63 -25.20 46.12
N GLU K 207 -38.60 -25.34 46.95
CA GLU K 207 -38.80 -25.93 48.26
C GLU K 207 -39.04 -24.88 49.31
N ASP K 208 -40.22 -24.96 49.94
CA ASP K 208 -40.60 -23.99 50.97
C ASP K 208 -39.61 -23.96 52.10
N ILE K 209 -38.54 -24.71 51.96
CA ILE K 209 -37.52 -24.69 53.00
C ILE K 209 -37.18 -23.21 53.12
N ARG K 210 -36.89 -22.76 54.33
CA ARG K 210 -36.50 -21.38 54.52
C ARG K 210 -34.98 -21.33 54.61
N PRO K 211 -34.33 -20.50 53.77
CA PRO K 211 -32.85 -20.44 53.85
C PRO K 211 -32.52 -19.40 54.90
N VAL K 212 -31.90 -19.81 56.00
CA VAL K 212 -31.58 -18.84 57.03
C VAL K 212 -30.09 -18.63 57.17
N GLY K 213 -29.67 -17.37 57.01
CA GLY K 213 -28.27 -17.04 57.16
C GLY K 213 -28.08 -16.39 58.52
N ILE K 214 -27.00 -16.74 59.23
CA ILE K 214 -26.74 -16.14 60.54
C ILE K 214 -25.42 -15.39 60.51
N ALA K 215 -25.52 -14.07 60.44
CA ALA K 215 -24.35 -13.20 60.37
C ALA K 215 -23.38 -13.28 61.53
N VAL K 216 -22.12 -13.66 61.25
CA VAL K 216 -21.06 -13.74 62.26
C VAL K 216 -20.19 -12.47 62.24
N GLY K 217 -20.51 -11.58 61.29
CA GLY K 217 -19.76 -10.34 61.13
C GLY K 217 -20.68 -9.15 61.28
N ARG K 218 -20.13 -7.95 61.11
CA ARG K 218 -20.93 -6.74 61.22
C ARG K 218 -21.83 -6.75 59.98
N PHE K 219 -23.12 -6.90 60.23
CA PHE K 219 -24.15 -6.92 59.19
C PHE K 219 -24.01 -5.61 58.42
N GLY K 220 -23.10 -5.59 57.44
CA GLY K 220 -22.89 -4.38 56.67
C GLY K 220 -23.95 -4.09 55.62
N GLU K 221 -23.72 -3.01 54.89
CA GLU K 221 -24.62 -2.60 53.80
C GLU K 221 -24.18 -3.50 52.67
N VAL K 222 -22.93 -3.32 52.22
CA VAL K 222 -22.36 -4.12 51.14
C VAL K 222 -22.23 -5.54 51.66
N MET K 223 -23.23 -5.93 52.46
CA MET K 223 -23.38 -7.24 53.08
C MET K 223 -24.81 -7.64 52.70
N THR K 224 -25.77 -6.93 53.31
CA THR K 224 -27.21 -7.12 53.06
C THR K 224 -27.63 -6.60 51.68
N SER K 225 -26.65 -6.06 50.95
CA SER K 225 -26.87 -5.53 49.61
C SER K 225 -25.85 -6.22 48.66
N LYS K 226 -24.91 -6.92 49.27
CA LYS K 226 -23.85 -7.64 48.56
C LYS K 226 -24.30 -9.10 48.39
N LEU K 227 -25.33 -9.46 49.15
CA LEU K 227 -25.90 -10.80 49.09
C LEU K 227 -26.93 -10.78 47.95
N ASP K 228 -27.72 -9.71 47.94
CA ASP K 228 -28.77 -9.50 46.94
C ASP K 228 -28.26 -9.28 45.51
N ASN K 229 -27.06 -8.73 45.33
CA ASN K 229 -26.57 -8.55 43.96
C ASN K 229 -25.97 -9.90 43.54
N LEU K 230 -25.66 -10.72 44.54
CA LEU K 230 -25.05 -12.02 44.29
C LEU K 230 -26.00 -13.07 43.70
N ILE K 231 -27.16 -13.24 44.29
CA ILE K 231 -28.13 -14.20 43.79
C ILE K 231 -28.64 -13.85 42.39
N LYS K 232 -29.22 -12.65 42.22
CA LYS K 232 -29.75 -12.20 40.91
C LYS K 232 -28.76 -12.26 39.77
N GLU K 233 -27.50 -12.59 40.08
CA GLU K 233 -26.47 -12.70 39.05
C GLU K 233 -26.23 -14.16 38.70
N ALA K 234 -26.19 -15.01 39.72
CA ALA K 234 -26.03 -16.43 39.50
C ALA K 234 -27.37 -16.86 38.90
N ALA K 235 -28.43 -16.15 39.30
CA ALA K 235 -29.80 -16.40 38.84
C ALA K 235 -29.86 -16.26 37.33
N GLU K 236 -28.92 -15.49 36.78
CA GLU K 236 -28.86 -15.29 35.35
C GLU K 236 -27.87 -16.28 34.76
N LEU K 237 -26.79 -16.54 35.48
CA LEU K 237 -25.76 -17.50 35.05
C LEU K 237 -26.43 -18.83 34.74
N LEU K 238 -27.33 -19.27 35.63
CA LEU K 238 -28.06 -20.52 35.44
C LEU K 238 -29.34 -20.21 34.65
N GLY K 239 -29.75 -18.94 34.69
CA GLY K 239 -30.93 -18.49 33.97
C GLY K 239 -32.19 -18.67 34.80
N VAL K 240 -32.03 -18.94 36.09
CA VAL K 240 -33.18 -19.11 36.98
C VAL K 240 -33.68 -17.78 37.50
N LYS K 241 -34.98 -17.70 37.78
CA LYS K 241 -35.59 -16.50 38.33
C LYS K 241 -35.55 -16.56 39.85
N VAL K 242 -34.62 -15.81 40.43
CA VAL K 242 -34.48 -15.74 41.87
C VAL K 242 -35.86 -15.67 42.53
N GLU K 243 -36.21 -16.70 43.30
CA GLU K 243 -37.50 -16.73 44.00
C GLU K 243 -37.60 -15.41 44.75
N VAL K 244 -37.19 -15.40 46.02
CA VAL K 244 -37.17 -14.19 46.85
C VAL K 244 -36.12 -14.33 47.95
N ARG K 245 -35.65 -13.18 48.43
CA ARG K 245 -34.65 -13.07 49.48
C ARG K 245 -34.57 -14.18 50.53
N PRO K 246 -33.36 -14.38 51.09
CA PRO K 246 -33.10 -15.40 52.12
C PRO K 246 -33.41 -14.70 53.43
N GLU K 247 -33.04 -15.32 54.55
CA GLU K 247 -33.28 -14.72 55.87
C GLU K 247 -31.98 -14.50 56.64
N LEU K 248 -31.62 -13.23 56.86
CA LEU K 248 -30.39 -12.93 57.55
C LEU K 248 -30.62 -12.52 59.01
N TYR K 249 -29.90 -13.17 59.93
CA TYR K 249 -30.00 -12.86 61.36
C TYR K 249 -28.62 -12.50 61.88
N ASP K 250 -28.59 -11.44 62.70
CA ASP K 250 -27.36 -10.90 63.26
C ASP K 250 -26.96 -11.43 64.65
N TYR K 251 -25.92 -12.27 64.68
CA TYR K 251 -25.39 -12.84 65.92
C TYR K 251 -23.86 -12.70 65.93
N SER K 252 -23.42 -11.51 65.60
CA SER K 252 -22.02 -11.17 65.50
C SER K 252 -21.34 -10.77 66.83
N PHE K 253 -22.07 -10.89 67.93
CA PHE K 253 -21.52 -10.55 69.25
C PHE K 253 -20.63 -9.30 69.25
N GLY K 254 -21.14 -8.21 68.68
CA GLY K 254 -20.39 -6.97 68.63
C GLY K 254 -19.81 -6.73 67.25
N GLU K 255 -19.28 -7.78 66.65
CA GLU K 255 -18.68 -7.66 65.33
C GLU K 255 -18.01 -8.97 64.93
N TYR K 256 -17.43 -8.98 63.74
CA TYR K 256 -16.76 -10.15 63.18
C TYR K 256 -15.51 -10.58 63.96
N GLY K 257 -15.30 -11.89 63.99
CA GLY K 257 -14.14 -12.43 64.67
C GLY K 257 -14.05 -12.05 66.14
N LYS K 258 -15.18 -11.73 66.76
CA LYS K 258 -15.18 -11.36 68.17
C LYS K 258 -15.70 -12.45 69.11
N ILE K 259 -14.77 -13.20 69.72
CA ILE K 259 -15.07 -14.27 70.67
C ILE K 259 -15.84 -13.72 71.88
N THR K 260 -16.89 -14.42 72.30
CA THR K 260 -17.68 -13.99 73.46
C THR K 260 -18.01 -15.23 74.30
N GLY K 261 -18.06 -15.06 75.64
CA GLY K 261 -18.34 -16.17 76.53
C GLY K 261 -19.34 -17.16 75.99
N GLU K 262 -20.48 -16.65 75.55
CA GLU K 262 -21.55 -17.46 74.97
C GLU K 262 -20.95 -18.53 74.05
N VAL K 263 -20.10 -18.10 73.11
CA VAL K 263 -19.44 -18.99 72.17
C VAL K 263 -18.59 -20.07 72.86
N ALA K 264 -17.78 -19.65 73.83
CA ALA K 264 -16.93 -20.62 74.55
C ALA K 264 -17.81 -21.72 75.14
N GLN K 265 -19.09 -21.42 75.29
CA GLN K 265 -20.08 -22.36 75.85
C GLN K 265 -20.55 -23.38 74.79
N ILE K 266 -21.24 -22.87 73.76
CA ILE K 266 -21.78 -23.65 72.62
C ILE K 266 -20.76 -24.56 71.96
N ILE K 267 -19.49 -24.22 72.13
CA ILE K 267 -18.40 -25.00 71.57
C ILE K 267 -18.10 -26.09 72.58
N ARG K 268 -18.70 -25.97 73.76
CA ARG K 268 -18.47 -26.98 74.79
C ARG K 268 -19.68 -27.89 74.88
N LYS K 269 -20.88 -27.30 74.93
CA LYS K 269 -22.11 -28.08 75.01
C LYS K 269 -22.17 -28.99 73.80
N VAL K 270 -22.09 -28.39 72.61
CA VAL K 270 -22.13 -29.14 71.36
C VAL K 270 -21.05 -30.20 71.33
N GLY K 271 -19.80 -29.79 71.16
CA GLY K 271 -18.72 -30.75 71.13
C GLY K 271 -18.88 -31.86 72.16
N THR K 272 -19.29 -31.51 73.40
CA THR K 272 -19.43 -32.53 74.46
C THR K 272 -20.78 -33.20 74.64
N ARG K 273 -21.70 -32.98 73.72
CA ARG K 273 -22.98 -33.65 73.81
C ARG K 273 -23.25 -34.31 72.46
N GLU K 274 -22.48 -33.90 71.47
CA GLU K 274 -22.61 -34.45 70.13
C GLU K 274 -21.25 -34.76 69.51
N GLY K 275 -20.23 -34.87 70.35
CA GLY K 275 -18.89 -35.18 69.88
C GLY K 275 -18.41 -34.40 68.67
N ILE K 276 -19.14 -33.36 68.28
CA ILE K 276 -18.74 -32.58 67.11
C ILE K 276 -18.08 -31.26 67.52
N ILE K 277 -16.98 -30.91 66.85
CA ILE K 277 -16.19 -29.70 67.14
C ILE K 277 -16.55 -28.45 66.34
N LEU K 278 -16.98 -27.40 67.04
CA LEU K 278 -17.35 -26.11 66.41
C LEU K 278 -16.19 -25.14 66.65
N ASP K 279 -16.17 -24.02 65.92
CA ASP K 279 -15.11 -23.02 66.12
C ASP K 279 -15.69 -21.64 66.46
N PRO K 280 -15.00 -20.89 67.34
CA PRO K 280 -15.46 -19.55 67.75
C PRO K 280 -15.76 -18.53 66.65
N VAL K 281 -14.87 -18.44 65.67
CA VAL K 281 -15.07 -17.45 64.63
C VAL K 281 -16.21 -17.61 63.62
N TYR K 282 -16.79 -18.81 63.52
CA TYR K 282 -17.90 -18.99 62.56
C TYR K 282 -19.08 -19.90 62.99
N THR K 283 -18.87 -21.21 63.06
CA THR K 283 -19.94 -22.14 63.42
C THR K 283 -20.52 -21.94 64.84
N GLY K 284 -19.68 -22.11 65.86
CA GLY K 284 -20.14 -21.96 67.24
C GLY K 284 -21.11 -20.81 67.43
N LYS K 285 -20.88 -19.75 66.68
CA LYS K 285 -21.72 -18.55 66.72
C LYS K 285 -22.95 -18.76 65.86
N ALA K 286 -22.69 -19.19 64.62
CA ALA K 286 -23.73 -19.47 63.63
C ALA K 286 -24.80 -20.40 64.20
N PHE K 287 -24.38 -21.22 65.16
CA PHE K 287 -25.22 -22.19 65.83
C PHE K 287 -25.86 -21.54 67.06
N TYR K 288 -25.05 -20.85 67.86
CA TYR K 288 -25.55 -20.19 69.06
C TYR K 288 -26.77 -19.38 68.65
N GLY K 289 -26.81 -19.03 67.37
CA GLY K 289 -27.92 -18.27 66.83
C GLY K 289 -29.11 -19.18 66.78
N LEU K 290 -29.05 -20.19 65.92
CA LEU K 290 -30.13 -21.16 65.76
C LEU K 290 -30.69 -21.58 67.12
N VAL K 291 -29.79 -21.88 68.06
CA VAL K 291 -30.23 -22.29 69.39
C VAL K 291 -31.08 -21.21 70.03
N ASP K 292 -31.11 -20.05 69.41
CA ASP K 292 -31.89 -18.90 69.90
C ASP K 292 -33.23 -18.74 69.17
N LEU K 293 -33.19 -18.45 67.87
CA LEU K 293 -34.42 -18.30 67.10
C LEU K 293 -35.25 -19.56 67.30
N ALA K 294 -34.57 -20.65 67.66
CA ALA K 294 -35.24 -21.94 67.89
C ALA K 294 -36.03 -21.89 69.17
N ARG K 295 -35.34 -21.71 70.29
CA ARG K 295 -36.08 -21.65 71.52
C ARG K 295 -37.26 -20.70 71.33
N LYS K 296 -37.06 -19.62 70.57
CA LYS K 296 -38.14 -18.65 70.31
C LYS K 296 -39.16 -19.16 69.28
N GLY K 297 -38.96 -20.37 68.75
CA GLY K 297 -39.87 -20.96 67.79
C GLY K 297 -39.81 -20.33 66.41
N GLU K 298 -38.68 -19.70 66.12
CA GLU K 298 -38.48 -19.03 64.86
C GLU K 298 -37.60 -19.75 63.83
N LEU K 299 -37.75 -21.07 63.69
CA LEU K 299 -36.96 -21.81 62.70
C LEU K 299 -37.60 -23.13 62.26
N GLY K 300 -38.75 -23.46 62.84
CA GLY K 300 -39.44 -24.70 62.50
C GLY K 300 -39.09 -25.87 63.38
N GLU K 301 -39.84 -26.96 63.26
CA GLU K 301 -39.62 -28.17 64.06
C GLU K 301 -38.46 -29.04 63.57
N LYS K 302 -38.24 -29.08 62.26
CA LYS K 302 -37.17 -29.85 61.66
C LYS K 302 -36.20 -28.84 61.03
N ILE K 303 -35.05 -28.62 61.66
CA ILE K 303 -34.06 -27.64 61.17
C ILE K 303 -32.75 -28.28 60.71
N LEU K 304 -32.15 -27.79 59.62
CA LEU K 304 -30.88 -28.34 59.15
C LEU K 304 -29.72 -27.33 59.16
N PHE K 305 -28.67 -27.66 59.90
CA PHE K 305 -27.49 -26.81 60.03
C PHE K 305 -26.28 -27.34 59.28
N ILE K 306 -25.87 -26.65 58.23
CA ILE K 306 -24.70 -27.07 57.45
C ILE K 306 -23.45 -26.66 58.24
N HIS K 307 -22.59 -27.63 58.52
CA HIS K 307 -21.36 -27.37 59.26
C HIS K 307 -20.30 -26.96 58.25
N THR K 308 -20.20 -25.65 58.03
CA THR K 308 -19.27 -25.06 57.09
C THR K 308 -17.79 -25.30 57.36
N GLY K 309 -17.50 -26.12 58.36
CA GLY K 309 -16.12 -26.42 58.67
C GLY K 309 -15.44 -25.37 59.53
N GLY K 310 -14.29 -24.90 59.07
CA GLY K 310 -13.52 -23.87 59.78
C GLY K 310 -13.02 -24.41 61.10
N ILE K 311 -12.34 -25.55 61.07
CA ILE K 311 -11.83 -26.19 62.28
C ILE K 311 -10.72 -25.45 63.03
N SER K 312 -9.63 -25.12 62.35
CA SER K 312 -8.49 -24.43 62.96
C SER K 312 -8.84 -23.15 63.74
N GLY K 313 -9.91 -22.49 63.32
CA GLY K 313 -10.34 -21.27 63.99
C GLY K 313 -10.56 -21.47 65.47
N THR K 314 -10.45 -22.71 65.92
CA THR K 314 -10.64 -23.04 67.33
C THR K 314 -9.29 -23.23 67.99
N PHE K 315 -8.38 -23.92 67.30
CA PHE K 315 -7.02 -24.16 67.80
C PHE K 315 -6.32 -22.80 67.91
N HIS K 316 -6.59 -21.96 66.92
CA HIS K 316 -6.04 -20.61 66.85
C HIS K 316 -6.59 -19.88 68.07
N TYR K 317 -7.86 -19.53 67.98
CA TYR K 317 -8.56 -18.84 69.06
C TYR K 317 -8.61 -19.71 70.30
N GLY K 318 -7.66 -20.64 70.40
CA GLY K 318 -7.58 -21.54 71.54
C GLY K 318 -7.88 -20.91 72.88
N ASP K 319 -6.82 -20.63 73.64
CA ASP K 319 -6.95 -20.04 74.97
C ASP K 319 -8.04 -18.98 75.11
N LYS K 320 -8.28 -18.20 74.04
CA LYS K 320 -9.30 -17.15 74.02
C LYS K 320 -10.70 -17.72 74.16
N LEU K 321 -10.74 -18.95 74.67
CA LEU K 321 -11.97 -19.68 74.94
C LEU K 321 -11.74 -20.34 76.32
N LEU K 322 -10.54 -20.87 76.56
CA LEU K 322 -10.24 -21.47 77.85
C LEU K 322 -10.27 -20.29 78.80
N SER K 323 -10.22 -19.12 78.18
CA SER K 323 -10.24 -17.83 78.85
C SER K 323 -11.67 -17.36 79.15
N LEU K 324 -12.65 -18.06 78.59
CA LEU K 324 -14.05 -17.70 78.80
C LEU K 324 -14.85 -18.81 79.47
N LEU K 325 -14.25 -19.99 79.59
CA LEU K 325 -14.93 -21.14 80.20
C LEU K 325 -14.87 -21.24 81.73
N MET L 1 -19.60 -54.22 54.66
CA MET L 1 -19.83 -55.09 55.85
C MET L 1 -20.07 -56.56 55.46
N HIS L 2 -19.01 -57.22 55.01
CA HIS L 2 -19.05 -58.63 54.61
C HIS L 2 -19.84 -59.47 55.61
N PRO L 3 -20.53 -60.52 55.13
CA PRO L 3 -21.37 -61.43 55.93
C PRO L 3 -20.69 -62.19 57.06
N LYS L 4 -19.61 -62.89 56.76
CA LYS L 4 -18.91 -63.64 57.78
C LYS L 4 -18.55 -62.78 58.99
N ILE L 5 -18.09 -61.56 58.72
CA ILE L 5 -17.70 -60.59 59.74
C ILE L 5 -18.94 -60.20 60.52
N PHE L 6 -20.00 -59.88 59.80
CA PHE L 6 -21.27 -59.50 60.39
C PHE L 6 -21.67 -60.50 61.47
N ALA L 7 -21.63 -61.77 61.13
CA ALA L 7 -22.01 -62.84 62.04
C ALA L 7 -21.05 -62.99 63.21
N LEU L 8 -19.76 -63.10 62.91
CA LEU L 8 -18.77 -63.28 63.96
C LEU L 8 -18.68 -62.12 64.95
N LEU L 9 -19.18 -60.93 64.56
CA LEU L 9 -19.14 -59.72 65.41
C LEU L 9 -20.46 -59.27 65.99
N ALA L 10 -21.51 -59.98 65.63
CA ALA L 10 -22.85 -59.64 66.07
C ALA L 10 -23.17 -59.80 67.56
N LYS L 11 -22.32 -60.45 68.34
CA LYS L 11 -22.62 -60.65 69.76
C LYS L 11 -22.03 -59.65 70.74
N PHE L 12 -21.00 -58.93 70.31
CA PHE L 12 -20.36 -57.95 71.16
C PHE L 12 -21.11 -56.63 71.00
N PRO L 13 -21.50 -55.99 72.12
CA PRO L 13 -22.23 -54.72 72.08
C PRO L 13 -21.39 -53.55 71.63
N ARG L 14 -21.93 -52.78 70.69
CA ARG L 14 -21.23 -51.60 70.19
C ARG L 14 -22.17 -50.41 70.02
N VAL L 15 -21.67 -49.23 70.39
CA VAL L 15 -22.42 -47.98 70.23
C VAL L 15 -22.14 -47.57 68.79
N GLU L 16 -23.16 -47.14 68.06
CA GLU L 16 -22.96 -46.73 66.67
C GLU L 16 -22.52 -45.26 66.61
N LEU L 17 -21.23 -45.06 66.40
CA LEU L 17 -20.61 -43.75 66.35
C LEU L 17 -20.39 -43.21 64.94
N ILE L 18 -19.74 -43.98 64.08
CA ILE L 18 -19.50 -43.53 62.72
C ILE L 18 -20.81 -43.73 61.98
N PRO L 19 -21.32 -42.69 61.31
CA PRO L 19 -22.58 -42.76 60.57
C PRO L 19 -22.45 -43.18 59.11
N TRP L 20 -21.22 -43.42 58.66
CA TRP L 20 -21.00 -43.83 57.27
C TRP L 20 -19.77 -44.73 57.09
N GLU L 21 -19.50 -45.14 55.84
CA GLU L 21 -18.31 -45.94 55.51
C GLU L 21 -17.38 -44.87 54.99
N THR L 22 -16.14 -44.76 55.48
CA THR L 22 -15.31 -43.68 54.95
C THR L 22 -14.92 -43.93 53.52
N PRO L 23 -14.94 -42.87 52.70
CA PRO L 23 -14.60 -42.88 51.28
C PRO L 23 -13.15 -43.22 50.94
N ILE L 24 -12.99 -44.06 49.94
CA ILE L 24 -11.67 -44.47 49.50
C ILE L 24 -11.32 -43.57 48.33
N GLN L 25 -10.11 -43.01 48.36
CA GLN L 25 -9.64 -42.09 47.33
C GLN L 25 -8.38 -42.55 46.63
N TYR L 26 -8.27 -42.23 45.34
CA TYR L 26 -7.08 -42.60 44.59
C TYR L 26 -6.17 -41.39 44.60
N LEU L 27 -4.88 -41.66 44.67
CA LEU L 27 -3.90 -40.62 44.69
C LEU L 27 -3.09 -40.72 43.40
N PRO L 28 -3.40 -39.84 42.43
CA PRO L 28 -2.76 -39.77 41.10
C PRO L 28 -1.30 -39.32 41.08
N ASN L 29 -0.95 -38.42 41.98
CA ASN L 29 0.41 -37.90 42.01
C ASN L 29 1.36 -38.75 42.87
N ILE L 30 0.94 -39.06 44.09
CA ILE L 30 1.74 -39.90 44.99
C ILE L 30 1.89 -41.25 44.32
N SER L 31 1.08 -41.47 43.29
CA SER L 31 1.13 -42.71 42.55
C SER L 31 2.03 -42.55 41.33
N ARG L 32 1.92 -41.41 40.65
CA ARG L 32 2.77 -41.23 39.47
C ARG L 32 4.20 -41.52 39.90
N GLU L 33 4.71 -40.69 40.82
CA GLU L 33 6.06 -40.85 41.34
C GLU L 33 6.26 -42.28 41.84
N ILE L 34 5.81 -42.53 43.07
CA ILE L 34 5.98 -43.82 43.73
C ILE L 34 6.23 -45.01 42.84
N GLY L 35 5.36 -45.22 41.85
CA GLY L 35 5.52 -46.34 40.93
C GLY L 35 4.38 -47.32 41.05
N ALA L 36 3.70 -47.30 42.19
CA ALA L 36 2.57 -48.18 42.45
C ALA L 36 1.25 -47.42 42.43
N ASP L 37 0.25 -47.94 43.14
CA ASP L 37 -1.03 -47.25 43.18
C ASP L 37 -1.51 -47.15 44.61
N VAL L 38 -1.37 -45.96 45.18
CA VAL L 38 -1.77 -45.73 46.55
C VAL L 38 -3.13 -45.07 46.67
N TYR L 39 -4.03 -45.76 47.36
CA TYR L 39 -5.37 -45.29 47.63
C TYR L 39 -5.33 -44.98 49.12
N ILE L 40 -6.29 -44.22 49.62
CA ILE L 40 -6.26 -43.87 51.03
C ILE L 40 -7.66 -43.96 51.65
N LYS L 41 -7.73 -44.48 52.88
CA LYS L 41 -9.03 -44.59 53.55
C LYS L 41 -9.15 -43.48 54.59
N ARG L 42 -10.00 -42.53 54.28
CA ARG L 42 -10.23 -41.36 55.11
C ARG L 42 -10.89 -41.66 56.46
N ASP L 43 -10.26 -42.53 57.26
CA ASP L 43 -10.78 -42.86 58.58
C ASP L 43 -10.69 -41.63 59.45
N ASP L 44 -9.98 -40.62 58.97
CA ASP L 44 -9.85 -39.36 59.70
C ASP L 44 -11.17 -38.63 59.51
N LEU L 45 -12.08 -39.32 58.82
CA LEU L 45 -13.41 -38.81 58.54
C LEU L 45 -14.45 -39.64 59.29
N THR L 46 -14.00 -40.36 60.32
CA THR L 46 -14.90 -41.14 61.15
C THR L 46 -15.81 -40.11 61.81
N GLY L 47 -15.34 -38.87 61.87
CA GLY L 47 -16.15 -37.79 62.40
C GLY L 47 -16.35 -37.46 63.86
N LEU L 48 -16.24 -38.39 64.80
CA LEU L 48 -16.47 -37.97 66.19
C LEU L 48 -15.35 -37.05 66.66
N GLY L 49 -15.61 -35.75 66.53
CA GLY L 49 -14.65 -34.75 66.93
C GLY L 49 -13.57 -34.51 65.90
N ILE L 50 -12.41 -35.11 66.13
CA ILE L 50 -11.27 -34.97 65.22
C ILE L 50 -11.26 -36.12 64.26
N GLY L 51 -11.96 -37.18 64.64
CA GLY L 51 -12.04 -38.37 63.82
C GLY L 51 -10.89 -39.32 64.07
N GLY L 52 -10.55 -40.11 63.06
CA GLY L 52 -9.44 -41.04 63.19
C GLY L 52 -9.79 -42.51 63.28
N ASN L 53 -8.84 -43.29 63.81
CA ASN L 53 -9.02 -44.72 63.94
C ASN L 53 -9.50 -45.09 65.34
N LYS L 54 -9.64 -44.08 66.19
CA LYS L 54 -10.07 -44.32 67.55
C LYS L 54 -11.54 -44.21 67.77
N ILE L 55 -12.27 -43.81 66.74
CA ILE L 55 -13.71 -43.76 66.88
C ILE L 55 -14.21 -45.17 66.59
N ARG L 56 -13.46 -45.92 65.77
CA ARG L 56 -13.84 -47.29 65.47
C ARG L 56 -13.71 -48.20 66.70
N LYS L 57 -12.55 -48.21 67.37
CA LYS L 57 -12.35 -49.04 68.55
C LYS L 57 -13.28 -48.63 69.69
N LEU L 58 -13.59 -47.35 69.72
CA LEU L 58 -14.46 -46.77 70.74
C LEU L 58 -15.93 -47.19 70.58
N GLU L 59 -16.24 -47.95 69.54
CA GLU L 59 -17.59 -48.40 69.31
C GLU L 59 -17.90 -49.60 70.16
N TYR L 60 -16.92 -50.47 70.33
CA TYR L 60 -17.15 -51.65 71.15
C TYR L 60 -16.75 -51.39 72.61
N LEU L 61 -15.79 -50.50 72.79
CA LEU L 61 -15.31 -50.13 74.13
C LEU L 61 -16.44 -49.46 74.89
N LEU L 62 -17.00 -48.42 74.30
CA LEU L 62 -18.11 -47.68 74.93
C LEU L 62 -19.42 -48.45 74.81
N GLY L 63 -19.43 -49.44 73.89
CA GLY L 63 -20.58 -50.30 73.67
C GLY L 63 -20.49 -51.37 74.73
N ASP L 64 -19.28 -51.59 75.23
CA ASP L 64 -19.06 -52.56 76.29
C ASP L 64 -19.21 -51.89 77.66
N ALA L 65 -18.45 -50.82 77.88
CA ALA L 65 -18.50 -50.07 79.14
C ALA L 65 -19.94 -49.84 79.55
N LEU L 66 -20.70 -49.22 78.64
CA LEU L 66 -22.12 -48.94 78.84
C LEU L 66 -22.84 -50.21 79.33
N SER L 67 -22.42 -51.36 78.80
CA SER L 67 -23.02 -52.65 79.15
C SER L 67 -22.76 -53.01 80.61
N LYS L 68 -21.52 -52.90 81.03
CA LYS L 68 -21.17 -53.22 82.40
C LYS L 68 -21.54 -52.12 83.41
N GLY L 69 -22.64 -51.43 83.12
CA GLY L 69 -23.11 -50.36 84.00
C GLY L 69 -22.07 -49.32 84.37
N ALA L 70 -20.99 -49.21 83.60
CA ALA L 70 -19.96 -48.24 83.89
C ALA L 70 -20.56 -46.85 83.92
N ASP L 71 -20.05 -45.98 84.78
CA ASP L 71 -20.55 -44.62 84.84
C ASP L 71 -19.38 -43.64 84.68
N VAL L 72 -18.17 -44.18 84.58
CA VAL L 72 -16.98 -43.36 84.42
C VAL L 72 -15.95 -44.10 83.54
N VAL L 73 -15.20 -43.30 82.78
CA VAL L 73 -14.17 -43.80 81.86
C VAL L 73 -12.79 -43.36 82.36
N ILE L 74 -11.80 -44.25 82.22
CA ILE L 74 -10.43 -44.00 82.66
C ILE L 74 -9.46 -44.49 81.59
N THR L 75 -8.96 -43.59 80.75
CA THR L 75 -8.05 -44.00 79.69
C THR L 75 -6.72 -43.23 79.70
N VAL L 76 -5.61 -43.96 79.51
CA VAL L 76 -4.26 -43.38 79.52
C VAL L 76 -3.54 -43.17 78.17
N GLY L 77 -2.39 -42.51 78.26
CA GLY L 77 -1.57 -42.23 77.09
C GLY L 77 -0.61 -41.07 77.31
N ALA L 78 -0.20 -40.43 76.22
CA ALA L 78 0.69 -39.29 76.27
C ALA L 78 -0.18 -38.06 76.50
N VAL L 79 0.36 -36.87 76.34
CA VAL L 79 -0.46 -35.69 76.57
C VAL L 79 -1.05 -35.15 75.26
N HIS L 80 -0.41 -35.55 74.16
CA HIS L 80 -0.82 -35.16 72.82
C HIS L 80 -1.58 -36.33 72.20
N SER L 81 -1.81 -37.35 73.01
CA SER L 81 -2.50 -38.52 72.55
C SER L 81 -3.91 -38.17 72.12
N ASN L 82 -4.16 -38.30 70.82
CA ASN L 82 -5.47 -38.05 70.22
C ASN L 82 -6.46 -38.96 70.94
N HIS L 83 -6.13 -40.25 70.93
CA HIS L 83 -6.93 -41.30 71.56
C HIS L 83 -7.64 -40.83 72.83
N ALA L 84 -6.88 -40.57 73.89
CA ALA L 84 -7.47 -40.12 75.14
C ALA L 84 -8.51 -39.01 74.95
N PHE L 85 -8.32 -38.13 73.96
CA PHE L 85 -9.28 -37.05 73.69
C PHE L 85 -10.61 -37.62 73.18
N VAL L 86 -10.55 -38.29 72.03
CA VAL L 86 -11.72 -38.91 71.40
C VAL L 86 -12.46 -39.82 72.39
N THR L 87 -11.72 -40.56 73.21
CA THR L 87 -12.32 -41.41 74.21
C THR L 87 -13.08 -40.53 75.18
N GLY L 88 -12.37 -39.61 75.81
CA GLY L 88 -12.98 -38.72 76.78
C GLY L 88 -14.14 -37.90 76.28
N LEU L 89 -14.07 -37.40 75.04
CA LEU L 89 -15.13 -36.58 74.48
C LEU L 89 -16.35 -37.40 74.10
N ALA L 90 -16.11 -38.59 73.58
CA ALA L 90 -17.16 -39.50 73.16
C ALA L 90 -17.91 -40.02 74.39
N ALA L 91 -17.16 -40.43 75.41
CA ALA L 91 -17.75 -40.94 76.64
C ALA L 91 -18.77 -39.94 77.25
N LYS L 92 -18.61 -38.65 76.98
CA LYS L 92 -19.54 -37.64 77.47
C LYS L 92 -20.77 -37.59 76.54
N LYS L 93 -20.54 -37.76 75.24
CA LYS L 93 -21.63 -37.76 74.27
C LYS L 93 -22.53 -38.95 74.63
N LEU L 94 -21.97 -39.90 75.38
CA LEU L 94 -22.72 -41.06 75.80
C LEU L 94 -23.34 -40.91 77.19
N GLY L 95 -23.14 -39.74 77.80
CA GLY L 95 -23.68 -39.51 79.13
C GLY L 95 -22.72 -39.74 80.27
N LEU L 96 -21.69 -40.53 80.01
CA LEU L 96 -20.67 -40.88 80.99
C LEU L 96 -19.68 -39.78 81.34
N ASP L 97 -18.92 -40.00 82.42
CA ASP L 97 -17.90 -39.05 82.88
C ASP L 97 -16.62 -39.47 82.17
N ALA L 98 -15.60 -38.60 82.23
CA ALA L 98 -14.32 -38.88 81.59
C ALA L 98 -13.14 -38.66 82.55
N ILE L 99 -12.02 -39.31 82.25
CA ILE L 99 -10.79 -39.22 83.06
C ILE L 99 -9.60 -39.61 82.17
N LEU L 100 -8.70 -38.67 81.88
CA LEU L 100 -7.54 -39.01 81.05
C LEU L 100 -6.21 -38.98 81.79
N VAL L 101 -5.68 -40.16 82.11
CA VAL L 101 -4.38 -40.22 82.77
C VAL L 101 -3.36 -39.85 81.70
N LEU L 102 -3.32 -38.57 81.33
CA LEU L 102 -2.38 -38.11 80.30
C LEU L 102 -0.94 -38.08 80.82
N ARG L 103 -0.05 -37.42 80.07
CA ARG L 103 1.35 -37.36 80.49
C ARG L 103 2.26 -36.44 79.67
N GLY L 104 3.26 -35.86 80.34
CA GLY L 104 4.22 -35.00 79.65
C GLY L 104 3.97 -33.50 79.58
N LYS L 105 4.55 -32.90 78.54
CA LYS L 105 4.47 -31.45 78.31
C LYS L 105 3.05 -30.89 78.39
N GLU L 106 2.62 -30.62 79.62
CA GLU L 106 1.30 -30.08 79.89
C GLU L 106 1.04 -28.74 79.21
N GLU L 107 1.25 -28.68 77.90
CA GLU L 107 1.02 -27.47 77.13
C GLU L 107 -0.48 -27.33 76.88
N LEU L 108 -0.96 -26.10 76.78
CA LEU L 108 -2.36 -25.87 76.54
C LEU L 108 -2.50 -25.58 75.07
N LYS L 109 -2.11 -26.58 74.28
CA LYS L 109 -2.13 -26.53 72.83
C LYS L 109 -2.37 -27.95 72.31
N GLY L 110 -2.67 -28.06 71.00
CA GLY L 110 -2.91 -29.37 70.40
C GLY L 110 -4.16 -30.06 70.92
N ASN L 111 -4.04 -31.36 71.17
CA ASN L 111 -5.17 -32.13 71.67
C ASN L 111 -5.51 -31.71 73.09
N TYR L 112 -4.47 -31.38 73.87
CA TYR L 112 -4.70 -30.96 75.24
C TYR L 112 -5.56 -29.70 75.28
N LEU L 113 -5.38 -28.81 74.29
CA LEU L 113 -6.14 -27.55 74.20
C LEU L 113 -7.64 -27.85 73.97
N LEU L 114 -7.92 -29.12 73.71
CA LEU L 114 -9.28 -29.59 73.47
C LEU L 114 -9.68 -30.33 74.75
N ASP L 115 -8.69 -30.98 75.35
CA ASP L 115 -8.89 -31.70 76.60
C ASP L 115 -9.48 -30.68 77.56
N LYS L 116 -9.12 -29.42 77.36
CA LYS L 116 -9.57 -28.31 78.20
C LYS L 116 -10.75 -27.53 77.62
N ILE L 117 -10.75 -27.26 76.31
CA ILE L 117 -11.86 -26.53 75.68
C ILE L 117 -13.22 -27.18 76.00
N MET L 118 -13.33 -28.48 75.73
CA MET L 118 -14.56 -29.26 75.97
C MET L 118 -14.77 -29.65 77.44
N GLY L 119 -13.75 -29.41 78.26
CA GLY L 119 -13.85 -29.71 79.67
C GLY L 119 -13.81 -31.18 80.04
N ILE L 120 -12.79 -31.88 79.56
CA ILE L 120 -12.62 -33.29 79.87
C ILE L 120 -11.64 -33.26 81.02
N GLU L 121 -11.81 -34.10 82.03
CA GLU L 121 -10.89 -34.02 83.16
C GLU L 121 -9.48 -34.40 82.76
N THR L 122 -8.50 -33.63 83.22
CA THR L 122 -7.11 -33.91 82.90
C THR L 122 -6.14 -34.12 84.07
N ARG L 123 -5.48 -35.27 84.03
CA ARG L 123 -4.49 -35.66 85.01
C ARG L 123 -3.30 -36.11 84.19
N VAL L 124 -2.18 -35.40 84.33
CA VAL L 124 -0.96 -35.69 83.60
C VAL L 124 0.18 -35.94 84.59
N TYR L 125 0.49 -37.20 84.86
CA TYR L 125 1.54 -37.53 85.79
C TYR L 125 2.89 -37.79 85.13
N ASP L 126 3.87 -36.99 85.49
CA ASP L 126 5.24 -37.15 85.01
C ASP L 126 5.63 -38.60 85.31
N ALA L 127 6.02 -39.32 84.27
CA ALA L 127 6.42 -40.71 84.44
C ALA L 127 6.98 -41.27 83.15
N LYS L 128 7.83 -42.28 83.31
CA LYS L 128 8.45 -43.00 82.22
C LYS L 128 7.46 -43.09 81.06
N ASP L 129 7.87 -42.65 79.87
CA ASP L 129 6.98 -42.69 78.71
C ASP L 129 6.76 -44.12 78.19
N SER L 130 6.46 -45.03 79.12
CA SER L 130 6.19 -46.43 78.82
C SER L 130 4.73 -46.65 79.24
N PHE L 131 4.00 -45.55 79.17
CA PHE L 131 2.58 -45.48 79.47
C PHE L 131 2.03 -46.30 80.64
N GLU L 132 2.92 -46.65 81.57
CA GLU L 132 2.51 -47.40 82.75
C GLU L 132 1.81 -46.43 83.72
N LEU L 133 0.99 -45.56 83.12
CA LEU L 133 0.18 -44.59 83.84
C LEU L 133 -1.03 -45.45 84.14
N MET L 134 -0.95 -46.67 83.62
CA MET L 134 -1.98 -47.71 83.75
C MET L 134 -2.42 -47.91 85.21
N LYS L 135 -1.44 -48.02 86.12
CA LYS L 135 -1.71 -48.21 87.55
C LYS L 135 -2.28 -46.93 88.19
N TYR L 136 -2.13 -45.79 87.50
CA TYR L 136 -2.70 -44.55 88.03
C TYR L 136 -4.21 -44.67 87.81
N ALA L 137 -4.57 -45.12 86.61
CA ALA L 137 -5.95 -45.32 86.20
C ALA L 137 -6.53 -46.47 87.01
N GLU L 138 -5.63 -47.31 87.51
CA GLU L 138 -5.97 -48.46 88.35
C GLU L 138 -6.22 -47.98 89.77
N GLU L 139 -5.32 -47.12 90.25
CA GLU L 139 -5.41 -46.55 91.59
C GLU L 139 -6.76 -45.85 91.72
N ILE L 140 -6.98 -44.92 90.79
CA ILE L 140 -8.20 -44.12 90.74
C ILE L 140 -9.45 -44.97 90.55
N ALA L 141 -9.38 -45.96 89.68
CA ALA L 141 -10.54 -46.82 89.45
C ALA L 141 -10.84 -47.63 90.72
N GLU L 142 -9.78 -48.04 91.42
CA GLU L 142 -9.90 -48.82 92.65
C GLU L 142 -10.53 -47.96 93.73
N GLU L 143 -10.09 -46.71 93.81
CA GLU L 143 -10.62 -45.75 94.77
C GLU L 143 -12.03 -45.38 94.34
N LEU L 144 -12.18 -44.83 93.14
CA LEU L 144 -13.49 -44.45 92.60
C LEU L 144 -14.54 -45.54 92.92
N LYS L 145 -14.12 -46.80 92.87
CA LYS L 145 -15.02 -47.92 93.19
C LYS L 145 -15.51 -47.72 94.63
N ARG L 146 -14.58 -47.35 95.51
CA ARG L 146 -14.87 -47.11 96.92
C ARG L 146 -15.95 -46.03 97.13
N GLU L 147 -16.59 -45.60 96.05
CA GLU L 147 -17.65 -44.59 96.20
C GLU L 147 -19.01 -45.08 95.73
N GLY L 148 -19.00 -46.24 95.08
CA GLY L 148 -20.25 -46.77 94.58
C GLY L 148 -20.39 -46.44 93.10
N ARG L 149 -19.27 -46.05 92.49
CA ARG L 149 -19.27 -45.73 91.07
C ARG L 149 -18.52 -46.85 90.40
N LYS L 150 -18.98 -47.20 89.20
CA LYS L 150 -18.38 -48.27 88.41
C LYS L 150 -17.43 -47.68 87.37
N PRO L 151 -16.11 -47.90 87.55
CA PRO L 151 -15.13 -47.38 86.60
C PRO L 151 -14.65 -48.46 85.66
N TYR L 152 -14.66 -48.15 84.36
CA TYR L 152 -14.21 -49.08 83.30
C TYR L 152 -12.94 -48.45 82.71
N VAL L 153 -11.82 -49.16 82.81
CA VAL L 153 -10.54 -48.62 82.30
C VAL L 153 -10.09 -49.18 80.95
N ILE L 154 -9.50 -48.31 80.12
CA ILE L 154 -9.04 -48.72 78.80
C ILE L 154 -7.51 -48.76 78.60
N PRO L 155 -7.03 -49.86 77.99
CA PRO L 155 -5.63 -50.10 77.69
C PRO L 155 -5.03 -48.90 76.94
N PRO L 156 -3.71 -48.90 76.69
CA PRO L 156 -3.20 -47.73 75.99
C PRO L 156 -3.58 -47.84 74.52
N GLY L 157 -4.22 -46.81 73.98
CA GLY L 157 -4.61 -46.87 72.58
C GLY L 157 -5.78 -47.80 72.34
N GLY L 158 -6.35 -48.28 73.44
CA GLY L 158 -7.47 -49.19 73.34
C GLY L 158 -7.09 -50.43 72.56
N ALA L 159 -5.88 -50.95 72.80
CA ALA L 159 -5.38 -52.16 72.13
C ALA L 159 -5.80 -53.37 72.97
N SER L 160 -7.09 -53.40 73.23
CA SER L 160 -7.77 -54.44 74.01
C SER L 160 -8.33 -55.44 72.98
N PRO L 161 -8.42 -56.73 73.32
CA PRO L 161 -8.97 -57.68 72.34
C PRO L 161 -10.38 -57.28 71.87
N ILE L 162 -11.13 -56.57 72.72
CA ILE L 162 -12.48 -56.13 72.35
C ILE L 162 -12.49 -54.83 71.53
N GLY L 163 -11.59 -53.91 71.85
CA GLY L 163 -11.54 -52.67 71.12
C GLY L 163 -10.91 -52.85 69.75
N THR L 164 -10.32 -54.03 69.52
CA THR L 164 -9.68 -54.35 68.24
C THR L 164 -10.72 -54.78 67.22
N LEU L 165 -11.83 -55.32 67.70
CA LEU L 165 -12.91 -55.76 66.82
C LEU L 165 -13.27 -54.63 65.89
N GLY L 166 -13.11 -53.40 66.40
CA GLY L 166 -13.42 -52.20 65.64
C GLY L 166 -12.76 -52.14 64.28
N TYR L 167 -11.54 -52.64 64.17
CA TYR L 167 -10.87 -52.62 62.89
C TYR L 167 -11.06 -53.91 62.10
N VAL L 168 -11.65 -54.92 62.73
CA VAL L 168 -11.92 -56.18 62.03
C VAL L 168 -13.14 -55.87 61.18
N ARG L 169 -14.05 -55.09 61.76
CA ARG L 169 -15.26 -54.68 61.08
C ARG L 169 -14.75 -53.81 59.95
N ALA L 170 -13.83 -52.92 60.31
CA ALA L 170 -13.22 -51.98 59.38
C ALA L 170 -12.78 -52.65 58.09
N VAL L 171 -12.49 -53.95 58.14
CA VAL L 171 -12.08 -54.67 56.93
C VAL L 171 -13.31 -55.15 56.18
N GLY L 172 -14.33 -55.58 56.93
CA GLY L 172 -15.54 -56.02 56.29
C GLY L 172 -16.06 -54.88 55.43
N GLU L 173 -16.03 -53.67 55.99
CA GLU L 173 -16.50 -52.47 55.27
C GLU L 173 -15.72 -52.36 53.97
N ILE L 174 -14.41 -52.15 54.10
CA ILE L 174 -13.52 -52.01 52.94
C ILE L 174 -13.83 -53.06 51.85
N ALA L 175 -14.09 -54.30 52.26
CA ALA L 175 -14.38 -55.38 51.31
C ALA L 175 -15.70 -55.14 50.54
N THR L 176 -16.66 -54.55 51.22
CA THR L 176 -17.93 -54.24 50.63
C THR L 176 -17.76 -52.99 49.77
N GLN L 177 -17.18 -51.93 50.37
CA GLN L 177 -16.99 -50.66 49.69
C GLN L 177 -15.93 -50.60 48.58
N SER L 178 -14.77 -51.21 48.81
CA SER L 178 -13.67 -51.15 47.85
C SER L 178 -13.86 -51.71 46.45
N GLU L 179 -13.61 -50.83 45.49
CA GLU L 179 -13.71 -51.15 44.09
C GLU L 179 -12.32 -51.62 43.68
N VAL L 180 -11.43 -51.82 44.66
CA VAL L 180 -10.04 -52.21 44.37
C VAL L 180 -9.44 -53.37 45.16
N LYS L 181 -8.93 -54.32 44.39
CA LYS L 181 -8.29 -55.55 44.88
C LYS L 181 -6.83 -55.29 45.29
N PHE L 182 -6.61 -54.82 46.51
CA PHE L 182 -5.26 -54.51 46.98
C PHE L 182 -4.35 -55.71 47.21
N ASP L 183 -3.05 -55.44 47.14
CA ASP L 183 -2.03 -56.45 47.41
C ASP L 183 -1.66 -56.26 48.90
N SER L 184 -1.44 -55.01 49.29
CA SER L 184 -1.10 -54.65 50.66
C SER L 184 -1.88 -53.41 51.08
N ILE L 185 -2.11 -53.30 52.38
CA ILE L 185 -2.86 -52.21 52.98
C ILE L 185 -1.89 -51.74 54.06
N VAL L 186 -1.63 -50.43 54.15
CA VAL L 186 -0.65 -49.89 55.13
C VAL L 186 -1.22 -48.99 56.25
N VAL L 187 -0.84 -49.32 57.48
CA VAL L 187 -1.33 -48.56 58.64
C VAL L 187 -0.22 -48.26 59.66
N ALA L 188 -0.35 -47.12 60.34
CA ALA L 188 0.60 -46.71 61.35
C ALA L 188 0.40 -47.56 62.59
N ALA L 189 1.48 -48.11 63.14
CA ALA L 189 1.39 -48.96 64.32
C ALA L 189 1.86 -48.35 65.64
N GLY L 190 0.91 -47.94 66.48
CA GLY L 190 1.24 -47.40 67.78
C GLY L 190 1.01 -48.54 68.75
N SER L 191 -0.02 -48.44 69.57
CA SER L 191 -0.35 -49.50 70.51
C SER L 191 -0.35 -50.82 69.74
N GLY L 192 -0.76 -50.75 68.47
CA GLY L 192 -0.81 -51.93 67.64
C GLY L 192 -2.23 -52.37 67.31
N GLY L 193 -3.13 -52.16 68.26
CA GLY L 193 -4.52 -52.55 68.08
C GLY L 193 -5.15 -52.40 66.69
N THR L 194 -4.86 -51.29 66.02
CA THR L 194 -5.42 -51.03 64.70
C THR L 194 -4.77 -51.94 63.67
N LEU L 195 -3.65 -52.53 64.03
CA LEU L 195 -2.95 -53.42 63.10
C LEU L 195 -3.28 -54.89 63.39
N ALA L 196 -3.65 -55.21 64.62
CA ALA L 196 -4.03 -56.57 64.94
C ALA L 196 -5.40 -56.74 64.30
N GLY L 197 -6.36 -55.91 64.73
CA GLY L 197 -7.70 -55.96 64.17
C GLY L 197 -7.73 -55.87 62.65
N LEU L 198 -6.79 -55.11 62.08
CA LEU L 198 -6.71 -54.96 60.63
C LEU L 198 -6.27 -56.30 60.08
N SER L 199 -5.49 -57.02 60.90
CA SER L 199 -4.97 -58.34 60.55
C SER L 199 -6.03 -59.37 60.73
N LEU L 200 -6.65 -59.37 61.89
CA LEU L 200 -7.71 -60.34 62.15
C LEU L 200 -8.69 -60.33 61.00
N GLY L 201 -8.88 -59.16 60.40
CA GLY L 201 -9.79 -59.00 59.28
C GLY L 201 -9.39 -59.70 57.98
N LEU L 202 -8.26 -59.32 57.40
CA LEU L 202 -7.80 -59.93 56.15
C LEU L 202 -7.78 -61.47 56.24
N SER L 203 -7.58 -61.96 57.47
CA SER L 203 -7.51 -63.37 57.82
C SER L 203 -8.86 -64.04 57.65
N ILE L 204 -9.87 -63.53 58.35
CA ILE L 204 -11.21 -64.08 58.22
C ILE L 204 -11.69 -63.94 56.77
N LEU L 205 -11.44 -62.80 56.15
CA LEU L 205 -11.83 -62.62 54.76
C LEU L 205 -10.94 -63.54 53.97
N ASN L 206 -9.86 -63.98 54.61
CA ASN L 206 -8.89 -64.87 54.00
C ASN L 206 -8.62 -64.40 52.57
N GLU L 207 -8.04 -63.21 52.48
CA GLU L 207 -7.70 -62.64 51.20
C GLU L 207 -6.20 -62.78 51.03
N ASP L 208 -5.73 -62.58 49.81
CA ASP L 208 -4.31 -62.66 49.51
C ASP L 208 -3.75 -61.28 49.86
N ILE L 209 -4.27 -60.68 50.92
CA ILE L 209 -3.86 -59.35 51.31
C ILE L 209 -2.94 -59.26 52.53
N ARG L 210 -1.90 -58.43 52.40
CA ARG L 210 -0.89 -58.19 53.44
C ARG L 210 -1.25 -57.06 54.43
N PRO L 211 -1.17 -57.35 55.74
CA PRO L 211 -1.47 -56.37 56.80
C PRO L 211 -0.13 -55.79 57.22
N VAL L 212 0.10 -54.51 56.95
CA VAL L 212 1.37 -53.87 57.30
C VAL L 212 1.21 -52.70 58.25
N GLY L 213 2.22 -52.56 59.14
CA GLY L 213 2.24 -51.49 60.12
C GLY L 213 3.61 -50.86 60.30
N ILE L 214 3.67 -49.53 60.21
CA ILE L 214 4.91 -48.75 60.36
C ILE L 214 5.00 -48.20 61.80
N ALA L 215 5.88 -48.79 62.61
CA ALA L 215 6.06 -48.46 64.02
C ALA L 215 6.62 -47.10 64.44
N VAL L 216 5.75 -46.10 64.55
CA VAL L 216 6.16 -44.75 64.93
C VAL L 216 6.97 -44.65 66.24
N GLY L 217 7.50 -45.78 66.73
CA GLY L 217 8.28 -45.72 67.95
C GLY L 217 8.92 -47.01 68.43
N ARG L 218 8.46 -47.49 69.58
CA ARG L 218 8.95 -48.73 70.18
C ARG L 218 8.91 -49.83 69.11
N PHE L 219 9.50 -51.00 69.40
CA PHE L 219 9.50 -52.06 68.41
C PHE L 219 9.97 -53.35 69.07
N GLY L 220 11.06 -53.92 68.54
CA GLY L 220 11.61 -55.14 69.11
C GLY L 220 10.63 -56.14 69.69
N GLU L 221 11.05 -56.78 70.79
CA GLU L 221 10.25 -57.80 71.47
C GLU L 221 9.02 -57.30 72.19
N VAL L 222 9.10 -56.11 72.79
CA VAL L 222 7.96 -55.55 73.50
C VAL L 222 6.79 -55.18 72.54
N MET L 223 7.09 -54.87 71.28
CA MET L 223 6.05 -54.56 70.30
C MET L 223 5.56 -55.85 69.63
N THR L 224 6.47 -56.68 69.15
CA THR L 224 6.10 -57.93 68.48
C THR L 224 5.30 -58.92 69.34
N SER L 225 5.87 -59.31 70.48
CA SER L 225 5.22 -60.26 71.37
C SER L 225 3.86 -59.80 71.79
N LYS L 226 3.75 -58.50 72.05
CA LYS L 226 2.50 -57.90 72.49
C LYS L 226 1.46 -57.74 71.37
N LEU L 227 1.93 -57.44 70.15
CA LEU L 227 1.06 -57.30 68.99
C LEU L 227 0.47 -58.68 68.72
N ASP L 228 1.34 -59.69 68.68
CA ASP L 228 0.96 -61.06 68.44
C ASP L 228 0.02 -61.63 69.51
N ASN L 229 0.33 -61.45 70.79
CA ASN L 229 -0.55 -61.98 71.82
C ASN L 229 -1.91 -61.27 71.72
N LEU L 230 -1.91 -60.10 71.10
CA LEU L 230 -3.14 -59.33 70.93
C LEU L 230 -3.97 -59.88 69.78
N ILE L 231 -3.37 -60.01 68.59
CA ILE L 231 -4.11 -60.54 67.43
C ILE L 231 -4.51 -62.00 67.64
N LYS L 232 -4.23 -62.53 68.83
CA LYS L 232 -4.55 -63.91 69.14
C LYS L 232 -5.61 -64.05 70.23
N GLU L 233 -5.54 -63.21 71.26
CA GLU L 233 -6.54 -63.24 72.32
C GLU L 233 -7.82 -62.68 71.71
N ALA L 234 -7.64 -61.84 70.69
CA ALA L 234 -8.78 -61.26 69.99
C ALA L 234 -9.30 -62.35 69.07
N ALA L 235 -8.38 -63.16 68.55
CA ALA L 235 -8.74 -64.26 67.65
C ALA L 235 -9.43 -65.32 68.48
N GLU L 236 -9.56 -65.04 69.77
CA GLU L 236 -10.20 -65.96 70.69
C GLU L 236 -11.51 -65.42 71.19
N LEU L 237 -11.71 -64.12 71.13
CA LEU L 237 -12.99 -63.54 71.55
C LEU L 237 -13.97 -63.98 70.47
N LEU L 238 -13.50 -63.94 69.21
CA LEU L 238 -14.27 -64.33 68.04
C LEU L 238 -14.22 -65.85 67.92
N GLY L 239 -13.21 -66.45 68.53
CA GLY L 239 -13.06 -67.89 68.45
C GLY L 239 -12.81 -68.25 67.01
N VAL L 240 -11.53 -68.27 66.64
CA VAL L 240 -11.16 -68.60 65.27
C VAL L 240 -9.64 -68.68 65.15
N LYS L 241 -9.17 -69.34 64.08
CA LYS L 241 -7.74 -69.51 63.81
C LYS L 241 -7.09 -68.20 63.39
N VAL L 242 -5.77 -68.12 63.53
CA VAL L 242 -5.05 -66.90 63.18
C VAL L 242 -4.09 -67.16 62.02
N GLU L 243 -3.95 -66.16 61.15
CA GLU L 243 -3.04 -66.23 60.00
C GLU L 243 -1.73 -65.57 60.39
N VAL L 244 -0.64 -66.32 60.26
CA VAL L 244 0.70 -65.85 60.60
C VAL L 244 0.81 -64.30 60.60
N ARG L 245 1.14 -63.78 61.78
CA ARG L 245 1.28 -62.35 62.03
C ARG L 245 1.57 -61.46 60.81
N PRO L 246 1.29 -60.16 60.95
CA PRO L 246 1.47 -59.12 59.93
C PRO L 246 2.93 -58.70 59.75
N GLU L 247 3.07 -57.58 59.05
CA GLU L 247 4.36 -56.97 58.72
C GLU L 247 4.52 -55.64 59.41
N LEU L 248 5.39 -55.63 60.42
CA LEU L 248 5.66 -54.41 61.19
C LEU L 248 7.02 -53.87 60.70
N TYR L 249 7.24 -52.57 60.91
CA TYR L 249 8.46 -51.90 60.48
C TYR L 249 8.79 -50.72 61.39
N ASP L 250 10.04 -50.28 61.33
CA ASP L 250 10.48 -49.16 62.14
C ASP L 250 10.80 -47.98 61.22
N TYR L 251 9.95 -46.95 61.29
CA TYR L 251 10.15 -45.74 60.51
C TYR L 251 10.04 -44.60 61.50
N SER L 252 10.32 -44.94 62.75
CA SER L 252 10.22 -44.02 63.87
C SER L 252 11.39 -43.06 64.11
N PHE L 253 12.17 -42.76 63.06
CA PHE L 253 13.32 -41.84 63.18
C PHE L 253 13.76 -41.63 64.63
N GLY L 254 14.13 -42.71 65.32
CA GLY L 254 14.56 -42.60 66.70
C GLY L 254 13.48 -42.85 67.74
N GLU L 255 12.81 -41.78 68.17
CA GLU L 255 11.77 -41.87 69.20
C GLU L 255 10.35 -41.40 68.87
N TYR L 256 9.46 -41.68 69.82
CA TYR L 256 8.05 -41.31 69.76
C TYR L 256 7.94 -39.81 69.93
N GLY L 257 7.39 -39.13 68.91
CA GLY L 257 7.26 -37.69 68.97
C GLY L 257 8.49 -37.04 68.38
N LYS L 258 9.39 -37.86 67.86
CA LYS L 258 10.63 -37.32 67.28
C LYS L 258 10.44 -37.00 65.80
N ILE L 259 9.76 -35.88 65.55
CA ILE L 259 9.48 -35.37 64.20
C ILE L 259 10.71 -34.86 63.45
N THR L 260 10.97 -35.44 62.27
CA THR L 260 12.11 -35.06 61.45
C THR L 260 11.76 -34.12 60.29
N GLY L 261 12.53 -34.22 59.21
CA GLY L 261 12.26 -33.38 58.05
C GLY L 261 11.55 -34.19 56.98
N GLU L 262 12.04 -35.40 56.77
CA GLU L 262 11.46 -36.30 55.78
C GLU L 262 9.99 -36.48 56.16
N VAL L 263 9.67 -35.98 57.35
CA VAL L 263 8.32 -36.08 57.88
C VAL L 263 7.61 -34.74 57.73
N ALA L 264 8.37 -33.65 57.62
CA ALA L 264 7.77 -32.34 57.44
C ALA L 264 7.45 -32.22 55.94
N GLN L 265 8.37 -32.67 55.10
CA GLN L 265 8.18 -32.63 53.67
C GLN L 265 6.99 -33.51 53.35
N ILE L 266 7.11 -34.78 53.72
CA ILE L 266 6.05 -35.75 53.47
C ILE L 266 4.69 -35.17 53.83
N ILE L 267 4.59 -34.53 54.99
CA ILE L 267 3.32 -33.92 55.37
C ILE L 267 2.97 -32.99 54.22
N ARG L 268 3.53 -31.79 54.29
CA ARG L 268 3.36 -30.74 53.28
C ARG L 268 3.27 -31.29 51.83
N LYS L 269 3.90 -32.44 51.58
CA LYS L 269 3.87 -33.03 50.24
C LYS L 269 2.52 -33.68 49.88
N VAL L 270 1.86 -34.28 50.87
CA VAL L 270 0.56 -34.93 50.66
C VAL L 270 -0.56 -33.88 50.66
N GLY L 271 -0.27 -32.76 51.32
CA GLY L 271 -1.25 -31.69 51.41
C GLY L 271 -1.24 -30.79 50.19
N THR L 272 -0.08 -30.63 49.57
CA THR L 272 0.00 -29.76 48.41
C THR L 272 -0.26 -30.48 47.10
N ARG L 273 0.11 -31.75 47.06
CA ARG L 273 -0.07 -32.56 45.86
C ARG L 273 -1.38 -33.37 45.84
N GLU L 274 -1.98 -33.60 47.00
CA GLU L 274 -3.22 -34.38 47.05
C GLU L 274 -4.33 -33.67 47.87
N GLY L 275 -3.95 -33.02 48.97
CA GLY L 275 -4.92 -32.32 49.79
C GLY L 275 -5.17 -32.91 51.17
N ILE L 276 -4.56 -34.05 51.45
CA ILE L 276 -4.77 -34.69 52.73
C ILE L 276 -3.74 -34.21 53.75
N ILE L 277 -4.19 -33.89 54.95
CA ILE L 277 -3.27 -33.44 56.00
C ILE L 277 -2.87 -34.56 56.95
N LEU L 278 -1.67 -35.11 56.74
CA LEU L 278 -1.15 -36.15 57.60
C LEU L 278 -0.62 -35.45 58.85
N ASP L 279 -0.23 -36.20 59.88
CA ASP L 279 0.30 -35.58 61.10
C ASP L 279 1.77 -35.96 61.27
N PRO L 280 2.58 -35.06 61.85
CA PRO L 280 4.02 -35.30 62.05
C PRO L 280 4.38 -36.42 63.02
N VAL L 281 3.38 -37.04 63.63
CA VAL L 281 3.63 -38.11 64.58
C VAL L 281 2.99 -39.47 64.24
N TYR L 282 2.27 -39.56 63.12
CA TYR L 282 1.61 -40.83 62.80
C TYR L 282 1.50 -41.17 61.32
N THR L 283 0.55 -40.53 60.63
CA THR L 283 0.34 -40.76 59.21
C THR L 283 1.54 -40.20 58.40
N GLY L 284 2.25 -39.24 59.00
CA GLY L 284 3.41 -38.67 58.36
C GLY L 284 4.55 -39.66 58.32
N LYS L 285 4.74 -40.37 59.44
CA LYS L 285 5.81 -41.36 59.51
C LYS L 285 5.43 -42.62 58.75
N ALA L 286 4.25 -43.17 59.07
CA ALA L 286 3.73 -44.38 58.45
C ALA L 286 3.71 -44.27 56.92
N PHE L 287 3.21 -43.14 56.41
CA PHE L 287 3.18 -42.93 54.98
C PHE L 287 4.62 -42.93 54.49
N TYR L 288 5.50 -42.14 55.11
CA TYR L 288 6.90 -42.12 54.70
C TYR L 288 7.39 -43.57 54.60
N GLY L 289 6.83 -44.44 55.45
CA GLY L 289 7.19 -45.84 55.41
C GLY L 289 6.62 -46.41 54.13
N LEU L 290 5.38 -46.06 53.85
CA LEU L 290 4.65 -46.48 52.65
C LEU L 290 5.41 -46.15 51.37
N VAL L 291 5.98 -44.96 51.31
CA VAL L 291 6.69 -44.51 50.12
C VAL L 291 8.03 -45.20 49.91
N ASP L 292 8.81 -45.25 50.97
CA ASP L 292 10.13 -45.86 50.95
C ASP L 292 10.01 -47.27 50.38
N LEU L 293 9.23 -48.09 51.07
CA LEU L 293 9.05 -49.48 50.66
C LEU L 293 8.57 -49.68 49.23
N ALA L 294 7.53 -48.94 48.84
CA ALA L 294 7.01 -49.05 47.48
C ALA L 294 8.13 -48.85 46.44
N ARG L 295 9.04 -47.92 46.71
CA ARG L 295 10.14 -47.65 45.80
C ARG L 295 11.06 -48.87 45.65
N LYS L 296 11.06 -49.72 46.66
CA LYS L 296 11.88 -50.93 46.62
C LYS L 296 10.94 -52.02 46.10
N GLY L 297 9.73 -51.59 45.76
CA GLY L 297 8.71 -52.49 45.26
C GLY L 297 8.41 -53.59 46.24
N GLU L 298 8.37 -53.26 47.54
CA GLU L 298 8.12 -54.25 48.57
C GLU L 298 6.72 -54.33 49.12
N LEU L 299 5.86 -53.42 48.68
CA LEU L 299 4.49 -53.42 49.16
C LEU L 299 3.53 -53.91 48.07
N GLY L 300 4.08 -54.16 46.88
CA GLY L 300 3.25 -54.61 45.78
C GLY L 300 2.78 -53.48 44.88
N GLU L 301 1.84 -53.81 43.99
CA GLU L 301 1.31 -52.84 43.03
C GLU L 301 0.19 -51.95 43.54
N LYS L 302 -0.86 -52.54 44.09
CA LYS L 302 -1.95 -51.73 44.58
C LYS L 302 -1.90 -51.74 46.10
N ILE L 303 -1.65 -50.56 46.65
CA ILE L 303 -1.53 -50.31 48.09
C ILE L 303 -2.64 -49.36 48.53
N LEU L 304 -3.13 -49.55 49.76
CA LEU L 304 -4.22 -48.75 50.34
C LEU L 304 -3.85 -48.21 51.73
N PHE L 305 -3.56 -46.90 51.81
CA PHE L 305 -3.20 -46.27 53.07
C PHE L 305 -4.44 -46.00 53.91
N ILE L 306 -4.32 -46.13 55.23
CA ILE L 306 -5.46 -45.91 56.08
C ILE L 306 -5.26 -44.72 57.01
N HIS L 307 -5.57 -43.54 56.49
CA HIS L 307 -5.44 -42.30 57.22
C HIS L 307 -5.98 -42.44 58.64
N THR L 308 -5.11 -42.86 59.54
CA THR L 308 -5.47 -43.04 60.93
C THR L 308 -5.83 -41.73 61.62
N GLY L 309 -6.12 -40.70 60.83
CA GLY L 309 -6.48 -39.41 61.38
C GLY L 309 -5.42 -38.63 62.18
N GLY L 310 -5.81 -38.17 63.37
CA GLY L 310 -4.92 -37.41 64.23
C GLY L 310 -4.32 -36.13 63.66
N ILE L 311 -5.17 -35.15 63.37
CA ILE L 311 -4.70 -33.88 62.81
C ILE L 311 -4.40 -32.83 63.87
N SER L 312 -4.17 -33.28 65.10
CA SER L 312 -3.79 -32.35 66.16
C SER L 312 -2.27 -32.34 66.24
N GLY L 313 -1.66 -33.51 66.08
CA GLY L 313 -0.21 -33.61 66.14
C GLY L 313 0.47 -32.67 65.16
N THR L 314 -0.31 -32.02 64.31
CA THR L 314 0.19 -31.08 63.30
C THR L 314 0.06 -29.67 63.83
N PHE L 315 -1.02 -29.41 64.56
CA PHE L 315 -1.26 -28.10 65.17
C PHE L 315 -0.41 -28.07 66.43
N HIS L 316 -0.22 -29.25 67.00
CA HIS L 316 0.53 -29.43 68.23
C HIS L 316 2.04 -29.42 68.04
N TYR L 317 2.48 -29.32 66.78
CA TYR L 317 3.91 -29.27 66.46
C TYR L 317 4.19 -28.53 65.16
N GLY L 318 3.26 -27.67 64.75
CA GLY L 318 3.41 -26.90 63.52
C GLY L 318 4.69 -26.08 63.40
N ASP L 319 5.34 -25.84 64.55
CA ASP L 319 6.56 -25.04 64.58
C ASP L 319 7.80 -25.94 64.64
N LYS L 320 7.73 -27.04 65.39
CA LYS L 320 8.85 -27.97 65.45
C LYS L 320 9.11 -28.41 64.03
N LEU L 321 8.04 -28.47 63.26
CA LEU L 321 8.10 -28.86 61.85
C LEU L 321 8.70 -27.74 61.01
N LEU L 322 8.11 -26.54 61.13
CA LEU L 322 8.54 -25.32 60.41
C LEU L 322 10.06 -25.12 60.46
N SER L 323 10.65 -25.39 61.62
CA SER L 323 12.09 -25.26 61.77
C SER L 323 12.75 -26.19 60.77
N LEU L 324 11.94 -27.02 60.10
CA LEU L 324 12.44 -27.96 59.11
C LEU L 324 11.91 -27.82 57.69
N LEU L 325 10.75 -27.19 57.51
CA LEU L 325 10.21 -27.03 56.16
C LEU L 325 11.17 -26.24 55.27
N MET M 1 -100.37 5.06 57.55
CA MET M 1 -101.56 4.86 58.43
C MET M 1 -102.79 5.56 57.84
N HIS M 2 -103.77 4.75 57.40
CA HIS M 2 -104.99 5.28 56.81
C HIS M 2 -105.58 6.34 57.72
N PRO M 3 -105.94 7.51 57.15
CA PRO M 3 -106.52 8.65 57.87
C PRO M 3 -107.85 8.40 58.55
N LYS M 4 -108.64 7.46 58.04
CA LYS M 4 -109.92 7.15 58.64
C LYS M 4 -109.67 6.25 59.83
N ILE M 5 -108.99 5.13 59.58
CA ILE M 5 -108.68 4.21 60.65
C ILE M 5 -108.06 5.05 61.77
N PHE M 6 -107.19 5.98 61.41
CA PHE M 6 -106.56 6.86 62.39
C PHE M 6 -107.66 7.48 63.25
N ALA M 7 -108.52 8.24 62.59
CA ALA M 7 -109.62 8.90 63.24
C ALA M 7 -110.48 7.95 64.09
N LEU M 8 -110.93 6.85 63.53
CA LEU M 8 -111.75 5.92 64.31
C LEU M 8 -111.07 5.29 65.52
N LEU M 9 -109.74 5.37 65.58
CA LEU M 9 -108.96 4.77 66.68
C LEU M 9 -108.15 5.78 67.50
N ALA M 10 -108.21 7.05 67.13
CA ALA M 10 -107.45 8.07 67.83
C ALA M 10 -107.82 8.32 69.29
N LYS M 11 -108.90 7.71 69.78
CA LYS M 11 -109.32 7.94 71.16
C LYS M 11 -109.04 6.81 72.13
N PHE M 12 -108.75 5.64 71.58
CA PHE M 12 -108.50 4.48 72.40
C PHE M 12 -107.08 4.45 72.95
N PRO M 13 -106.95 4.45 74.28
CA PRO M 13 -105.62 4.44 74.91
C PRO M 13 -104.78 3.32 74.31
N ARG M 14 -103.58 3.67 73.84
CA ARG M 14 -102.68 2.67 73.25
C ARG M 14 -101.20 2.79 73.62
N VAL M 15 -100.66 1.78 74.30
CA VAL M 15 -99.24 1.76 74.66
C VAL M 15 -98.47 1.47 73.39
N GLU M 16 -97.72 2.47 72.90
CA GLU M 16 -96.95 2.28 71.66
C GLU M 16 -95.84 1.26 71.92
N LEU M 17 -96.11 0.03 71.51
CA LEU M 17 -95.20 -1.08 71.71
C LEU M 17 -94.37 -1.41 70.48
N ILE M 18 -94.85 -1.05 69.30
CA ILE M 18 -94.09 -1.38 68.08
C ILE M 18 -93.55 -0.18 67.33
N PRO M 19 -92.25 0.09 67.50
CA PRO M 19 -91.48 1.19 66.90
C PRO M 19 -91.24 1.12 65.40
N TRP M 20 -92.17 0.56 64.64
CA TRP M 20 -92.00 0.46 63.18
C TRP M 20 -93.06 -0.42 62.52
N GLU M 21 -93.08 -0.40 61.19
CA GLU M 21 -94.03 -1.18 60.41
C GLU M 21 -93.31 -2.44 59.97
N THR M 22 -94.01 -3.56 59.94
CA THR M 22 -93.40 -4.83 59.52
C THR M 22 -93.29 -4.89 58.01
N PRO M 23 -92.16 -5.42 57.51
CA PRO M 23 -91.95 -5.53 56.07
C PRO M 23 -92.84 -6.60 55.45
N ILE M 24 -93.02 -6.49 54.14
CA ILE M 24 -93.82 -7.43 53.39
C ILE M 24 -92.92 -7.88 52.26
N GLN M 25 -92.67 -9.18 52.17
CA GLN M 25 -91.81 -9.70 51.11
C GLN M 25 -92.57 -10.61 50.16
N TYR M 26 -92.05 -10.80 48.95
CA TYR M 26 -92.70 -11.66 47.98
C TYR M 26 -92.03 -13.02 48.12
N LEU M 27 -92.78 -14.11 48.03
CA LEU M 27 -92.16 -15.41 48.19
C LEU M 27 -92.12 -16.15 46.85
N PRO M 28 -91.10 -15.85 46.05
CA PRO M 28 -90.87 -16.42 44.72
C PRO M 28 -91.02 -17.92 44.57
N ASN M 29 -90.41 -18.70 45.45
CA ASN M 29 -90.49 -20.14 45.33
C ASN M 29 -91.86 -20.76 45.63
N ILE M 30 -92.57 -20.24 46.63
CA ILE M 30 -93.87 -20.79 46.94
C ILE M 30 -94.83 -20.35 45.85
N SER M 31 -94.68 -19.10 45.43
CA SER M 31 -95.53 -18.55 44.38
C SER M 31 -95.38 -19.38 43.12
N ARG M 32 -94.14 -19.66 42.76
CA ARG M 32 -93.88 -20.47 41.58
C ARG M 32 -94.52 -21.85 41.73
N GLU M 33 -94.28 -22.47 42.88
CA GLU M 33 -94.79 -23.80 43.20
C GLU M 33 -96.32 -23.91 43.24
N ILE M 34 -97.02 -22.84 43.63
CA ILE M 34 -98.49 -22.87 43.69
C ILE M 34 -99.24 -22.00 42.67
N GLY M 35 -98.52 -21.53 41.65
CA GLY M 35 -99.11 -20.71 40.60
C GLY M 35 -99.92 -19.51 41.04
N ALA M 36 -99.35 -18.68 41.90
CA ALA M 36 -100.01 -17.47 42.41
C ALA M 36 -99.07 -16.69 43.33
N ASP M 37 -99.24 -15.36 43.35
CA ASP M 37 -98.40 -14.48 44.17
C ASP M 37 -98.78 -14.44 45.63
N VAL M 38 -97.84 -14.86 46.47
CA VAL M 38 -98.05 -14.84 47.90
C VAL M 38 -96.97 -13.96 48.49
N TYR M 39 -97.39 -12.96 49.25
CA TYR M 39 -96.48 -12.04 49.91
C TYR M 39 -96.68 -12.25 51.40
N ILE M 40 -95.61 -12.52 52.14
CA ILE M 40 -95.70 -12.74 53.58
C ILE M 40 -95.41 -11.46 54.35
N LYS M 41 -96.31 -11.08 55.26
CA LYS M 41 -96.14 -9.88 56.07
C LYS M 41 -95.51 -10.27 57.40
N ARG M 42 -94.25 -9.89 57.60
CA ARG M 42 -93.51 -10.26 58.81
C ARG M 42 -93.95 -9.67 60.14
N ASP M 43 -95.04 -10.18 60.71
CA ASP M 43 -95.52 -9.71 62.01
C ASP M 43 -94.81 -10.45 63.13
N ASP M 44 -94.00 -11.44 62.74
CA ASP M 44 -93.22 -12.25 63.64
C ASP M 44 -92.02 -11.41 64.11
N LEU M 45 -91.75 -10.33 63.38
CA LEU M 45 -90.65 -9.43 63.69
C LEU M 45 -91.16 -8.17 64.36
N THR M 46 -92.32 -8.26 65.01
CA THR M 46 -92.88 -7.11 65.68
C THR M 46 -92.07 -6.67 66.88
N GLY M 47 -90.95 -7.35 67.13
CA GLY M 47 -90.08 -6.95 68.23
C GLY M 47 -90.14 -7.50 69.65
N LEU M 48 -91.31 -7.48 70.29
CA LEU M 48 -91.41 -7.95 71.67
C LEU M 48 -91.36 -9.47 71.85
N GLY M 49 -90.51 -9.92 72.78
CA GLY M 49 -90.37 -11.36 73.04
C GLY M 49 -90.07 -12.15 71.78
N ILE M 50 -90.93 -13.11 71.48
CA ILE M 50 -90.77 -13.91 70.27
C ILE M 50 -91.53 -13.22 69.15
N GLY M 51 -91.96 -11.99 69.41
CA GLY M 51 -92.71 -11.23 68.44
C GLY M 51 -94.08 -11.86 68.27
N GLY M 52 -94.62 -11.79 67.07
CA GLY M 52 -95.91 -12.38 66.85
C GLY M 52 -97.04 -11.41 66.65
N ASN M 53 -98.25 -11.95 66.64
CA ASN M 53 -99.48 -11.20 66.43
C ASN M 53 -100.04 -10.60 67.71
N LYS M 54 -99.66 -11.15 68.85
CA LYS M 54 -100.18 -10.65 70.10
C LYS M 54 -99.61 -9.32 70.58
N ILE M 55 -98.53 -8.86 69.94
CA ILE M 55 -97.97 -7.57 70.34
C ILE M 55 -98.93 -6.43 69.98
N ARG M 56 -99.39 -6.38 68.73
CA ARG M 56 -100.35 -5.35 68.32
C ARG M 56 -101.57 -5.37 69.22
N LYS M 57 -102.10 -6.57 69.46
CA LYS M 57 -103.26 -6.73 70.32
C LYS M 57 -102.89 -6.25 71.71
N LEU M 58 -101.67 -6.57 72.13
CA LEU M 58 -101.20 -6.19 73.45
C LEU M 58 -101.12 -4.69 73.70
N GLU M 59 -100.92 -3.90 72.65
CA GLU M 59 -100.84 -2.44 72.80
C GLU M 59 -102.13 -1.97 73.45
N TYR M 60 -103.20 -1.95 72.64
CA TYR M 60 -104.50 -1.52 73.09
C TYR M 60 -104.92 -2.17 74.40
N LEU M 61 -104.60 -3.45 74.55
CA LEU M 61 -104.93 -4.18 75.76
C LEU M 61 -104.20 -3.63 77.01
N LEU M 62 -102.88 -3.65 76.98
CA LEU M 62 -102.12 -3.17 78.12
C LEU M 62 -102.43 -1.70 78.32
N GLY M 63 -102.84 -1.05 77.23
CA GLY M 63 -103.22 0.35 77.29
C GLY M 63 -104.57 0.53 77.97
N ASP M 64 -105.37 -0.54 78.01
CA ASP M 64 -106.70 -0.49 78.62
C ASP M 64 -106.62 -0.85 80.09
N ALA M 65 -105.58 -1.60 80.45
CA ALA M 65 -105.38 -1.98 81.84
C ALA M 65 -104.79 -0.76 82.54
N LEU M 66 -103.88 -0.08 81.85
CA LEU M 66 -103.23 1.12 82.38
C LEU M 66 -104.24 2.18 82.79
N SER M 67 -105.05 2.62 81.83
CA SER M 67 -106.08 3.62 82.08
C SER M 67 -107.00 3.17 83.21
N LYS M 68 -107.16 1.87 83.38
CA LYS M 68 -108.04 1.33 84.44
C LYS M 68 -107.35 1.11 85.79
N GLY M 69 -106.02 1.25 85.82
CA GLY M 69 -105.29 1.00 87.05
C GLY M 69 -105.36 -0.48 87.39
N ALA M 70 -104.34 -1.23 87.01
CA ALA M 70 -104.32 -2.66 87.28
C ALA M 70 -102.94 -3.03 87.76
N ASP M 71 -102.86 -3.83 88.82
CA ASP M 71 -101.56 -4.22 89.35
C ASP M 71 -101.07 -5.54 88.75
N VAL M 72 -102.00 -6.38 88.29
CA VAL M 72 -101.64 -7.67 87.70
C VAL M 72 -102.55 -8.12 86.56
N VAL M 73 -101.99 -8.18 85.36
CA VAL M 73 -102.74 -8.63 84.21
C VAL M 73 -102.82 -10.13 84.38
N ILE M 74 -103.89 -10.73 83.89
CA ILE M 74 -104.05 -12.16 83.97
C ILE M 74 -104.56 -12.62 82.63
N THR M 75 -104.05 -13.77 82.16
CA THR M 75 -104.49 -14.34 80.90
C THR M 75 -104.41 -15.86 80.93
N VAL M 76 -104.80 -16.48 79.84
CA VAL M 76 -104.78 -17.92 79.74
C VAL M 76 -104.21 -18.38 78.42
N GLY M 77 -104.00 -19.67 78.33
CA GLY M 77 -103.46 -20.26 77.12
C GLY M 77 -102.97 -21.62 77.54
N ALA M 78 -102.24 -22.30 76.66
CA ALA M 78 -101.69 -23.61 76.97
C ALA M 78 -100.25 -23.39 77.42
N VAL M 79 -99.49 -24.47 77.53
CA VAL M 79 -98.10 -24.34 77.98
C VAL M 79 -97.20 -23.83 76.85
N HIS M 80 -97.51 -24.24 75.61
CA HIS M 80 -96.71 -23.83 74.45
C HIS M 80 -97.14 -22.45 73.99
N SER M 81 -98.09 -21.89 74.74
CA SER M 81 -98.67 -20.58 74.47
C SER M 81 -97.74 -19.42 74.18
N ASN M 82 -97.72 -18.98 72.93
CA ASN M 82 -96.91 -17.82 72.57
C ASN M 82 -97.58 -16.63 73.23
N HIS M 83 -98.91 -16.59 73.15
CA HIS M 83 -99.69 -15.50 73.73
C HIS M 83 -99.48 -15.28 75.21
N ALA M 84 -99.40 -16.38 75.95
CA ALA M 84 -99.22 -16.26 77.39
C ALA M 84 -97.89 -15.66 77.79
N PHE M 85 -96.83 -16.02 77.10
CA PHE M 85 -95.50 -15.51 77.43
C PHE M 85 -95.40 -14.04 77.05
N VAL M 86 -95.95 -13.71 75.88
CA VAL M 86 -95.90 -12.36 75.37
C VAL M 86 -96.77 -11.34 76.08
N THR M 87 -97.78 -11.78 76.82
CA THR M 87 -98.58 -10.80 77.54
C THR M 87 -97.89 -10.67 78.89
N GLY M 88 -97.42 -11.79 79.42
CA GLY M 88 -96.73 -11.80 80.69
C GLY M 88 -95.43 -10.99 80.64
N LEU M 89 -94.70 -11.13 79.54
CA LEU M 89 -93.45 -10.38 79.40
C LEU M 89 -93.81 -8.91 79.17
N ALA M 90 -94.66 -8.65 78.16
CA ALA M 90 -95.07 -7.29 77.81
C ALA M 90 -95.61 -6.51 79.00
N ALA M 91 -96.18 -7.23 79.96
CA ALA M 91 -96.71 -6.56 81.15
C ALA M 91 -95.62 -6.13 82.10
N LYS M 92 -94.64 -6.99 82.33
CA LYS M 92 -93.56 -6.65 83.25
C LYS M 92 -92.77 -5.44 82.79
N LYS M 93 -92.54 -5.33 81.48
CA LYS M 93 -91.82 -4.18 80.94
C LYS M 93 -92.55 -2.89 81.35
N LEU M 94 -93.87 -2.88 81.21
CA LEU M 94 -94.62 -1.69 81.62
C LEU M 94 -94.63 -1.60 83.13
N GLY M 95 -94.03 -2.59 83.78
CA GLY M 95 -93.96 -2.58 85.23
C GLY M 95 -95.19 -3.11 85.93
N LEU M 96 -95.95 -3.98 85.28
CA LEU M 96 -97.13 -4.53 85.92
C LEU M 96 -96.86 -5.98 86.33
N ASP M 97 -97.67 -6.50 87.25
CA ASP M 97 -97.51 -7.88 87.72
C ASP M 97 -98.29 -8.81 86.81
N ALA M 98 -97.66 -9.90 86.40
CA ALA M 98 -98.32 -10.85 85.52
C ALA M 98 -98.55 -12.20 86.19
N ILE M 99 -99.56 -12.89 85.69
CA ILE M 99 -99.94 -14.22 86.16
C ILE M 99 -100.57 -14.95 84.97
N LEU M 100 -99.91 -16.01 84.53
CA LEU M 100 -100.38 -16.81 83.40
C LEU M 100 -101.06 -18.08 83.86
N VAL M 101 -102.29 -18.28 83.45
CA VAL M 101 -103.05 -19.48 83.79
C VAL M 101 -103.19 -20.30 82.53
N LEU M 102 -102.50 -21.44 82.48
CA LEU M 102 -102.53 -22.32 81.32
C LEU M 102 -102.91 -23.76 81.66
N ARG M 103 -102.43 -24.70 80.85
CA ARG M 103 -102.73 -26.12 81.04
C ARG M 103 -101.82 -26.95 80.14
N GLY M 104 -101.71 -28.23 80.45
CA GLY M 104 -100.85 -29.12 79.68
C GLY M 104 -99.65 -29.59 80.49
N LYS M 105 -98.83 -30.46 79.88
CA LYS M 105 -97.64 -30.99 80.56
C LYS M 105 -96.71 -29.92 81.11
N GLU M 106 -96.34 -30.08 82.38
CA GLU M 106 -95.42 -29.18 83.06
C GLU M 106 -94.03 -29.39 82.51
N GLU M 107 -93.91 -29.66 81.21
CA GLU M 107 -92.61 -29.87 80.58
C GLU M 107 -91.79 -28.61 80.72
N LEU M 108 -90.56 -28.64 80.21
CA LEU M 108 -89.69 -27.49 80.30
C LEU M 108 -89.05 -27.12 78.98
N LYS M 109 -89.82 -27.20 77.90
CA LYS M 109 -89.30 -26.84 76.59
C LYS M 109 -90.27 -25.89 75.91
N GLY M 110 -89.74 -25.01 75.06
CA GLY M 110 -90.59 -24.06 74.38
C GLY M 110 -90.80 -22.79 75.19
N ASN M 111 -92.05 -22.31 75.19
CA ASN M 111 -92.41 -21.08 75.89
C ASN M 111 -92.57 -21.23 77.39
N TYR M 112 -92.92 -22.41 77.86
CA TYR M 112 -93.06 -22.61 79.29
C TYR M 112 -91.67 -22.39 79.90
N LEU M 113 -90.64 -22.84 79.17
CA LEU M 113 -89.24 -22.69 79.57
C LEU M 113 -88.93 -21.20 79.75
N LEU M 114 -89.33 -20.40 78.77
CA LEU M 114 -89.09 -18.96 78.76
C LEU M 114 -89.86 -18.30 79.89
N ASP M 115 -91.09 -18.76 80.10
CA ASP M 115 -91.92 -18.20 81.15
C ASP M 115 -91.09 -18.23 82.41
N LYS M 116 -90.51 -19.40 82.64
CA LYS M 116 -89.70 -19.66 83.80
C LYS M 116 -88.39 -18.91 83.81
N ILE M 117 -87.68 -18.90 82.68
CA ILE M 117 -86.42 -18.18 82.63
C ILE M 117 -86.66 -16.69 82.90
N MET M 118 -87.76 -16.15 82.39
CA MET M 118 -88.06 -14.72 82.57
C MET M 118 -88.76 -14.35 83.87
N GLY M 119 -88.83 -15.31 84.80
CA GLY M 119 -89.45 -15.05 86.08
C GLY M 119 -90.89 -14.61 86.00
N ILE M 120 -91.71 -15.40 85.32
CA ILE M 120 -93.13 -15.09 85.17
C ILE M 120 -93.91 -16.18 85.89
N GLU M 121 -94.82 -15.77 86.75
CA GLU M 121 -95.62 -16.71 87.50
C GLU M 121 -96.58 -17.50 86.61
N THR M 122 -96.48 -18.81 86.74
CA THR M 122 -97.29 -19.74 85.99
C THR M 122 -98.16 -20.59 86.92
N ARG M 123 -99.41 -20.80 86.53
CA ARG M 123 -100.32 -21.63 87.30
C ARG M 123 -100.87 -22.58 86.27
N VAL M 124 -100.52 -23.85 86.44
CA VAL M 124 -100.94 -24.84 85.49
C VAL M 124 -102.01 -25.78 86.05
N TYR M 125 -103.26 -25.56 85.65
CA TYR M 125 -104.34 -26.43 86.12
C TYR M 125 -104.47 -27.69 85.24
N ASP M 126 -104.68 -28.83 85.89
CA ASP M 126 -104.80 -30.11 85.19
C ASP M 126 -106.13 -30.23 84.47
N ALA M 127 -106.95 -29.22 84.66
CA ALA M 127 -108.22 -29.19 83.99
C ALA M 127 -107.91 -28.79 82.53
N LYS M 128 -106.76 -29.24 82.04
CA LYS M 128 -106.41 -28.96 80.65
C LYS M 128 -107.55 -29.50 79.78
N ASP M 129 -107.96 -28.73 78.77
CA ASP M 129 -109.03 -29.15 77.87
C ASP M 129 -109.59 -27.97 77.08
N SER M 130 -110.48 -27.23 77.75
CA SER M 130 -111.17 -26.10 77.19
C SER M 130 -110.50 -24.78 77.47
N PHE M 131 -111.07 -23.72 76.90
CA PHE M 131 -110.56 -22.39 77.13
C PHE M 131 -111.18 -22.00 78.44
N GLU M 132 -112.23 -22.74 78.83
CA GLU M 132 -112.94 -22.51 80.09
C GLU M 132 -111.97 -22.83 81.24
N LEU M 133 -110.85 -22.12 81.21
CA LEU M 133 -109.76 -22.17 82.20
C LEU M 133 -109.77 -20.71 82.66
N MET M 134 -110.80 -20.03 82.16
CA MET M 134 -111.10 -18.62 82.39
C MET M 134 -111.76 -18.42 83.73
N LYS M 135 -112.41 -19.46 84.22
CA LYS M 135 -113.09 -19.40 85.51
C LYS M 135 -112.01 -19.43 86.57
N TYR M 136 -110.99 -20.26 86.35
CA TYR M 136 -109.88 -20.34 87.29
C TYR M 136 -109.26 -18.95 87.34
N ALA M 137 -109.12 -18.32 86.17
CA ALA M 137 -108.55 -16.99 86.09
C ALA M 137 -109.53 -15.97 86.67
N GLU M 138 -110.78 -16.37 86.89
CA GLU M 138 -111.71 -15.43 87.47
C GLU M 138 -111.55 -15.49 88.99
N GLU M 139 -111.64 -16.72 89.51
CA GLU M 139 -111.49 -16.96 90.94
C GLU M 139 -110.12 -16.55 91.47
N ILE M 140 -109.10 -16.51 90.62
CA ILE M 140 -107.77 -16.07 91.07
C ILE M 140 -107.76 -14.55 90.92
N ALA M 141 -108.67 -14.05 90.09
CA ALA M 141 -108.81 -12.61 89.87
C ALA M 141 -109.47 -12.01 91.10
N GLU M 142 -110.26 -12.82 91.80
CA GLU M 142 -110.92 -12.35 93.00
C GLU M 142 -109.93 -12.34 94.14
N GLU M 143 -109.32 -13.49 94.44
CA GLU M 143 -108.34 -13.56 95.51
C GLU M 143 -107.34 -12.41 95.37
N LEU M 144 -107.53 -11.56 94.38
CA LEU M 144 -106.65 -10.42 94.14
C LEU M 144 -107.40 -9.11 94.25
N LYS M 145 -108.61 -9.09 93.70
CA LYS M 145 -109.48 -7.91 93.77
C LYS M 145 -110.35 -8.14 94.99
N ARG M 146 -110.35 -9.38 95.50
CA ARG M 146 -111.10 -9.70 96.71
C ARG M 146 -110.30 -9.06 97.83
N GLU M 147 -109.37 -8.20 97.43
CA GLU M 147 -108.51 -7.45 98.33
C GLU M 147 -107.71 -6.39 97.58
N GLY M 148 -108.21 -5.16 97.61
CA GLY M 148 -107.52 -4.06 96.97
C GLY M 148 -107.03 -4.40 95.58
N ARG M 149 -105.84 -5.00 95.51
CA ARG M 149 -105.25 -5.38 94.22
C ARG M 149 -106.28 -5.50 93.09
N LYS M 150 -105.99 -4.76 92.02
CA LYS M 150 -106.86 -4.69 90.87
C LYS M 150 -106.29 -5.39 89.67
N PRO M 151 -106.87 -6.55 89.35
CA PRO M 151 -106.42 -7.35 88.22
C PRO M 151 -107.10 -6.93 86.92
N TYR M 152 -106.66 -7.52 85.82
CA TYR M 152 -107.21 -7.23 84.51
C TYR M 152 -107.03 -8.52 83.75
N VAL M 153 -108.14 -9.20 83.46
CA VAL M 153 -108.07 -10.45 82.74
C VAL M 153 -108.15 -10.21 81.24
N ILE M 154 -107.36 -10.97 80.48
CA ILE M 154 -107.32 -10.87 79.02
C ILE M 154 -107.74 -12.22 78.51
N PRO M 155 -108.85 -12.27 77.75
CA PRO M 155 -109.40 -13.51 77.17
C PRO M 155 -108.36 -14.31 76.43
N PRO M 156 -108.68 -15.57 76.10
CA PRO M 156 -107.74 -16.42 75.37
C PRO M 156 -107.24 -15.65 74.15
N GLY M 157 -105.94 -15.46 74.05
CA GLY M 157 -105.39 -14.73 72.92
C GLY M 157 -105.72 -13.25 72.86
N GLY M 158 -106.09 -12.68 73.99
CA GLY M 158 -106.43 -11.28 74.02
C GLY M 158 -107.62 -10.99 73.13
N ALA M 159 -108.25 -12.05 72.61
CA ALA M 159 -109.39 -11.89 71.71
C ALA M 159 -110.59 -11.18 72.33
N SER M 160 -110.36 -9.99 72.89
CA SER M 160 -111.45 -9.20 73.46
C SER M 160 -111.74 -8.12 72.40
N PRO M 161 -112.80 -7.31 72.59
CA PRO M 161 -113.12 -6.27 71.61
C PRO M 161 -111.94 -5.35 71.31
N ILE M 162 -111.40 -4.72 72.35
CA ILE M 162 -110.27 -3.82 72.18
C ILE M 162 -108.99 -4.52 71.72
N GLY M 163 -108.81 -5.78 72.10
CA GLY M 163 -107.63 -6.50 71.67
C GLY M 163 -107.62 -6.50 70.17
N THR M 164 -108.81 -6.63 69.61
CA THR M 164 -109.02 -6.65 68.16
C THR M 164 -108.49 -5.40 67.51
N LEU M 165 -108.79 -4.26 68.11
CA LEU M 165 -108.32 -2.99 67.56
C LEU M 165 -106.88 -3.11 67.07
N GLY M 166 -106.05 -3.87 67.79
CA GLY M 166 -104.67 -4.06 67.39
C GLY M 166 -104.51 -4.38 65.92
N TYR M 167 -105.42 -5.20 65.40
CA TYR M 167 -105.36 -5.57 63.98
C TYR M 167 -106.21 -4.68 63.07
N VAL M 168 -106.99 -3.81 63.69
CA VAL M 168 -107.80 -2.85 62.94
C VAL M 168 -106.74 -1.86 62.47
N ARG M 169 -105.67 -1.77 63.27
CA ARG M 169 -104.55 -0.89 62.99
C ARG M 169 -103.69 -1.54 61.94
N ALA M 170 -103.39 -2.82 62.15
CA ALA M 170 -102.58 -3.54 61.21
C ALA M 170 -103.03 -3.32 59.78
N VAL M 171 -104.34 -3.21 59.54
CA VAL M 171 -104.83 -3.00 58.17
C VAL M 171 -104.57 -1.58 57.72
N GLY M 172 -104.54 -0.66 58.66
CA GLY M 172 -104.25 0.72 58.31
C GLY M 172 -102.81 0.85 57.85
N GLU M 173 -101.96 -0.02 58.37
CA GLU M 173 -100.54 -0.04 58.05
C GLU M 173 -100.33 -0.70 56.70
N ILE M 174 -100.74 -1.96 56.58
CA ILE M 174 -100.60 -2.70 55.32
C ILE M 174 -101.03 -1.81 54.17
N ALA M 175 -102.26 -1.33 54.27
CA ALA M 175 -102.87 -0.47 53.27
C ALA M 175 -101.90 0.62 52.89
N THR M 176 -101.24 1.17 53.90
CA THR M 176 -100.27 2.25 53.71
C THR M 176 -98.93 1.78 53.17
N GLN M 177 -98.40 0.69 53.73
CA GLN M 177 -97.10 0.19 53.29
C GLN M 177 -97.13 -0.56 51.96
N SER M 178 -98.08 -1.48 51.83
CA SER M 178 -98.18 -2.27 50.61
C SER M 178 -98.44 -1.46 49.34
N GLU M 179 -97.89 -1.93 48.24
CA GLU M 179 -98.18 -1.31 46.95
C GLU M 179 -98.37 -2.52 46.04
N VAL M 180 -99.32 -3.34 46.49
CA VAL M 180 -99.79 -4.55 45.84
C VAL M 180 -101.16 -4.76 46.47
N LYS M 181 -102.15 -4.19 45.79
CA LYS M 181 -103.54 -4.25 46.15
C LYS M 181 -103.96 -5.72 46.18
N PHE M 182 -103.95 -6.31 47.37
CA PHE M 182 -104.29 -7.73 47.53
C PHE M 182 -105.72 -8.13 47.20
N ASP M 183 -105.91 -9.44 47.06
CA ASP M 183 -107.22 -10.04 46.82
C ASP M 183 -107.58 -10.63 48.17
N SER M 184 -106.58 -11.22 48.83
CA SER M 184 -106.77 -11.84 50.15
C SER M 184 -105.57 -11.79 51.10
N ILE M 185 -105.90 -11.91 52.38
CA ILE M 185 -104.94 -11.87 53.45
C ILE M 185 -105.24 -13.01 54.41
N VAL M 186 -104.44 -14.07 54.34
CA VAL M 186 -104.63 -15.23 55.22
C VAL M 186 -103.94 -15.09 56.56
N VAL M 187 -104.46 -15.84 57.53
CA VAL M 187 -103.95 -15.83 58.89
C VAL M 187 -104.50 -17.06 59.62
N ALA M 188 -103.66 -17.67 60.45
CA ALA M 188 -104.07 -18.82 61.23
C ALA M 188 -105.16 -18.37 62.18
N ALA M 189 -106.19 -19.19 62.37
CA ALA M 189 -107.27 -18.84 63.27
C ALA M 189 -107.27 -19.70 64.53
N GLY M 190 -107.05 -19.06 65.65
CA GLY M 190 -107.04 -19.77 66.91
C GLY M 190 -108.19 -19.28 67.75
N SER M 191 -107.96 -18.18 68.46
CA SER M 191 -109.00 -17.64 69.33
C SER M 191 -109.92 -16.62 68.66
N GLY M 192 -109.51 -16.07 67.52
CA GLY M 192 -110.37 -15.10 66.86
C GLY M 192 -109.77 -13.72 66.65
N GLY M 193 -109.38 -13.07 67.73
CA GLY M 193 -108.80 -11.75 67.64
C GLY M 193 -108.18 -11.34 66.32
N THR M 194 -107.15 -12.05 65.86
CA THR M 194 -106.48 -11.68 64.62
C THR M 194 -107.41 -11.55 63.42
N LEU M 195 -108.36 -12.47 63.31
CA LEU M 195 -109.31 -12.43 62.22
C LEU M 195 -110.29 -11.33 62.54
N ALA M 196 -110.93 -11.42 63.70
CA ALA M 196 -111.91 -10.41 64.08
C ALA M 196 -111.41 -9.02 63.74
N GLY M 197 -110.15 -8.77 64.06
CA GLY M 197 -109.57 -7.48 63.78
C GLY M 197 -109.33 -7.25 62.31
N LEU M 198 -108.39 -7.98 61.75
CA LEU M 198 -108.08 -7.87 60.34
C LEU M 198 -109.38 -7.53 59.61
N SER M 199 -110.40 -8.33 59.90
CA SER M 199 -111.72 -8.19 59.31
C SER M 199 -112.37 -6.82 59.47
N LEU M 200 -112.65 -6.42 60.71
CA LEU M 200 -113.25 -5.12 60.96
C LEU M 200 -112.39 -4.04 60.32
N GLY M 201 -111.12 -4.38 60.07
CA GLY M 201 -110.19 -3.46 59.46
C GLY M 201 -110.44 -3.25 57.97
N LEU M 202 -110.38 -4.33 57.18
CA LEU M 202 -110.65 -4.22 55.73
C LEU M 202 -112.07 -3.66 55.52
N SER M 203 -113.00 -4.18 56.31
CA SER M 203 -114.39 -3.76 56.28
C SER M 203 -114.45 -2.26 56.22
N ILE M 204 -113.83 -1.60 57.19
CA ILE M 204 -113.81 -0.15 57.25
C ILE M 204 -113.15 0.48 56.02
N LEU M 205 -112.03 -0.08 55.58
CA LEU M 205 -111.35 0.48 54.43
C LEU M 205 -112.11 0.16 53.18
N ASN M 206 -113.29 -0.43 53.34
CA ASN M 206 -114.18 -0.80 52.24
C ASN M 206 -113.39 -1.17 50.99
N GLU M 207 -112.40 -2.05 51.15
CA GLU M 207 -111.58 -2.51 50.04
C GLU M 207 -112.27 -3.78 49.60
N ASP M 208 -111.82 -4.38 48.51
CA ASP M 208 -112.43 -5.63 48.16
C ASP M 208 -111.36 -6.67 48.44
N ILE M 209 -111.17 -6.93 49.72
CA ILE M 209 -110.19 -7.90 50.15
C ILE M 209 -110.90 -8.91 51.04
N ARG M 210 -110.52 -10.18 50.89
CA ARG M 210 -111.12 -11.24 51.66
C ARG M 210 -110.36 -11.57 52.94
N PRO M 211 -110.99 -11.36 54.10
CA PRO M 211 -110.40 -11.63 55.41
C PRO M 211 -110.44 -13.13 55.64
N VAL M 212 -109.44 -13.85 55.14
CA VAL M 212 -109.42 -15.29 55.28
C VAL M 212 -108.67 -15.86 56.49
N GLY M 213 -109.42 -16.34 57.47
CA GLY M 213 -108.81 -16.94 58.64
C GLY M 213 -108.73 -18.44 58.37
N ILE M 214 -107.79 -19.12 59.01
CA ILE M 214 -107.66 -20.54 58.80
C ILE M 214 -107.41 -21.31 60.11
N ALA M 215 -108.50 -21.79 60.69
CA ALA M 215 -108.56 -22.52 61.95
C ALA M 215 -107.51 -23.58 62.21
N VAL M 216 -106.83 -23.44 63.33
CA VAL M 216 -105.78 -24.35 63.72
C VAL M 216 -106.37 -25.38 64.65
N GLY M 217 -107.39 -24.96 65.38
CA GLY M 217 -108.05 -25.83 66.34
C GLY M 217 -109.37 -26.31 65.83
N ARG M 218 -109.83 -27.42 66.40
CA ARG M 218 -111.10 -28.02 66.00
C ARG M 218 -112.19 -26.95 66.02
N PHE M 219 -112.36 -26.37 64.83
CA PHE M 219 -113.32 -25.32 64.51
C PHE M 219 -114.63 -25.56 65.22
N GLY M 220 -114.85 -24.81 66.31
CA GLY M 220 -116.06 -24.96 67.07
C GLY M 220 -117.22 -24.04 66.72
N GLU M 221 -118.12 -23.92 67.69
CA GLU M 221 -119.31 -23.08 67.61
C GLU M 221 -118.88 -21.67 67.95
N VAL M 222 -118.39 -21.54 69.19
CA VAL M 222 -117.89 -20.30 69.76
C VAL M 222 -116.66 -19.86 68.94
N MET M 223 -116.45 -20.53 67.80
CA MET M 223 -115.33 -20.21 66.92
C MET M 223 -115.86 -19.66 65.59
N THR M 224 -117.19 -19.57 65.48
CA THR M 224 -117.80 -19.03 64.27
C THR M 224 -118.93 -18.14 64.73
N SER M 225 -119.51 -18.51 65.86
CA SER M 225 -120.61 -17.75 66.45
C SER M 225 -119.96 -16.58 67.13
N LYS M 226 -118.89 -16.88 67.85
CA LYS M 226 -118.13 -15.89 68.57
C LYS M 226 -117.49 -14.95 67.56
N LEU M 227 -116.73 -15.51 66.63
CA LEU M 227 -116.07 -14.68 65.62
C LEU M 227 -116.94 -13.52 65.18
N ASP M 228 -118.21 -13.80 64.90
CA ASP M 228 -119.12 -12.76 64.44
C ASP M 228 -119.61 -11.87 65.58
N ASN M 229 -119.79 -12.45 66.75
CA ASN M 229 -120.24 -11.68 67.89
C ASN M 229 -119.05 -10.87 68.38
N LEU M 230 -117.86 -11.23 67.93
CA LEU M 230 -116.67 -10.51 68.31
C LEU M 230 -116.59 -9.33 67.34
N ILE M 231 -116.42 -9.63 66.06
CA ILE M 231 -116.35 -8.63 64.99
C ILE M 231 -117.45 -7.60 65.18
N LYS M 232 -118.62 -8.10 65.53
CA LYS M 232 -119.78 -7.26 65.76
C LYS M 232 -119.44 -6.17 66.78
N GLU M 233 -119.24 -6.57 68.04
CA GLU M 233 -118.93 -5.68 69.16
C GLU M 233 -117.87 -4.60 69.05
N ALA M 234 -116.77 -4.88 68.36
CA ALA M 234 -115.72 -3.88 68.22
C ALA M 234 -116.29 -2.71 67.43
N ALA M 235 -117.03 -3.04 66.38
CA ALA M 235 -117.65 -2.04 65.51
C ALA M 235 -118.59 -1.15 66.32
N GLU M 236 -119.03 -1.64 67.46
CA GLU M 236 -119.94 -0.88 68.30
C GLU M 236 -119.17 0.10 69.20
N LEU M 237 -117.85 0.14 69.06
CA LEU M 237 -117.01 1.07 69.83
C LEU M 237 -116.45 2.03 68.81
N LEU M 238 -115.92 1.48 67.73
CA LEU M 238 -115.38 2.31 66.67
C LEU M 238 -116.60 2.89 65.96
N GLY M 239 -117.78 2.61 66.52
CA GLY M 239 -119.06 3.07 65.99
C GLY M 239 -119.20 3.00 64.49
N VAL M 240 -118.92 1.83 63.92
CA VAL M 240 -118.98 1.65 62.48
C VAL M 240 -119.80 0.41 62.14
N LYS M 241 -120.27 0.34 60.91
CA LYS M 241 -121.08 -0.80 60.49
C LYS M 241 -120.29 -1.96 59.93
N VAL M 242 -120.66 -3.16 60.38
CA VAL M 242 -120.03 -4.40 59.94
C VAL M 242 -120.37 -4.63 58.46
N GLU M 243 -119.33 -4.73 57.61
CA GLU M 243 -119.56 -4.98 56.19
C GLU M 243 -120.14 -6.41 56.23
N VAL M 244 -119.36 -7.40 55.83
CA VAL M 244 -119.86 -8.78 55.92
C VAL M 244 -118.72 -9.77 56.21
N ARG M 245 -119.06 -10.73 57.07
CA ARG M 245 -118.21 -11.81 57.58
C ARG M 245 -116.93 -12.24 56.84
N PRO M 246 -116.07 -13.00 57.56
CA PRO M 246 -114.80 -13.53 57.06
C PRO M 246 -114.93 -14.99 56.64
N GLU M 247 -113.97 -15.47 55.87
CA GLU M 247 -113.97 -16.84 55.41
C GLU M 247 -113.10 -17.74 56.28
N LEU M 248 -113.72 -18.57 57.11
CA LEU M 248 -112.96 -19.49 57.97
C LEU M 248 -112.79 -20.83 57.25
N TYR M 249 -111.70 -21.54 57.55
CA TYR M 249 -111.44 -22.84 56.94
C TYR M 249 -110.76 -23.75 57.93
N ASP M 250 -111.16 -25.02 57.93
CA ASP M 250 -110.60 -25.99 58.86
C ASP M 250 -109.37 -26.78 58.45
N TYR M 251 -108.23 -26.33 58.99
CA TYR M 251 -106.97 -26.99 58.75
C TYR M 251 -106.35 -27.30 60.11
N SER M 252 -107.23 -27.62 61.05
CA SER M 252 -106.87 -27.97 62.42
C SER M 252 -106.09 -29.28 62.45
N PHE M 253 -106.50 -30.19 61.57
CA PHE M 253 -105.91 -31.50 61.44
C PHE M 253 -106.43 -32.47 62.48
N GLY M 254 -107.71 -32.34 62.78
CA GLY M 254 -108.32 -33.21 63.77
C GLY M 254 -108.38 -32.56 65.12
N GLU M 255 -107.23 -32.13 65.63
CA GLU M 255 -107.19 -31.47 66.91
C GLU M 255 -106.16 -30.36 66.99
N TYR M 256 -106.47 -29.36 67.79
CA TYR M 256 -105.60 -28.22 68.00
C TYR M 256 -104.32 -28.71 68.67
N GLY M 257 -103.18 -28.40 68.06
CA GLY M 257 -101.91 -28.82 68.65
C GLY M 257 -101.36 -30.11 68.10
N LYS M 258 -102.17 -30.84 67.34
CA LYS M 258 -101.71 -32.09 66.76
C LYS M 258 -100.60 -31.69 65.82
N ILE M 259 -99.63 -32.58 65.62
CA ILE M 259 -98.52 -32.32 64.72
C ILE M 259 -98.42 -33.48 63.77
N THR M 260 -98.37 -33.19 62.47
CA THR M 260 -98.34 -34.23 61.46
C THR M 260 -97.26 -34.09 60.42
N GLY M 261 -97.25 -35.05 59.50
CA GLY M 261 -96.29 -35.04 58.43
C GLY M 261 -96.55 -33.89 57.47
N GLU M 262 -97.82 -33.58 57.21
CA GLU M 262 -98.17 -32.50 56.29
C GLU M 262 -97.55 -31.21 56.74
N VAL M 263 -97.70 -30.89 58.03
CA VAL M 263 -97.16 -29.66 58.58
C VAL M 263 -95.64 -29.76 58.79
N ALA M 264 -95.16 -30.92 59.20
CA ALA M 264 -93.73 -31.07 59.43
C ALA M 264 -92.96 -30.98 58.10
N GLN M 265 -93.68 -31.14 57.01
CA GLN M 265 -93.05 -31.06 55.71
C GLN M 265 -93.17 -29.63 55.20
N ILE M 266 -94.28 -28.98 55.52
CA ILE M 266 -94.53 -27.61 55.09
C ILE M 266 -93.65 -26.65 55.83
N ILE M 267 -93.07 -27.09 56.94
CA ILE M 267 -92.18 -26.23 57.71
C ILE M 267 -90.79 -26.25 57.08
N ARG M 268 -90.43 -27.40 56.50
CA ARG M 268 -89.13 -27.56 55.87
C ARG M 268 -89.07 -26.94 54.46
N LYS M 269 -90.23 -26.66 53.85
CA LYS M 269 -90.27 -26.06 52.51
C LYS M 269 -90.05 -24.56 52.63
N VAL M 270 -90.83 -23.95 53.51
CA VAL M 270 -90.75 -22.51 53.72
C VAL M 270 -89.40 -22.11 54.31
N GLY M 271 -88.80 -22.99 55.10
CA GLY M 271 -87.52 -22.69 55.71
C GLY M 271 -86.34 -22.97 54.80
N THR M 272 -86.54 -23.85 53.82
CA THR M 272 -85.50 -24.23 52.87
C THR M 272 -85.69 -23.70 51.45
N ARG M 273 -86.80 -23.02 51.20
CA ARG M 273 -87.03 -22.46 49.87
C ARG M 273 -87.29 -20.97 50.03
N GLU M 274 -87.68 -20.56 51.23
CA GLU M 274 -87.95 -19.14 51.51
C GLU M 274 -87.18 -18.62 52.73
N GLY M 275 -86.36 -19.47 53.35
CA GLY M 275 -85.59 -19.05 54.51
C GLY M 275 -86.36 -18.49 55.70
N ILE M 276 -87.65 -18.82 55.81
CA ILE M 276 -88.49 -18.35 56.92
C ILE M 276 -88.91 -19.55 57.80
N ILE M 277 -88.99 -19.34 59.11
CA ILE M 277 -89.37 -20.42 60.02
C ILE M 277 -90.82 -20.32 60.45
N LEU M 278 -91.55 -21.42 60.38
CA LEU M 278 -92.94 -21.46 60.81
C LEU M 278 -93.01 -22.46 61.95
N ASP M 279 -94.12 -22.46 62.68
CA ASP M 279 -94.27 -23.39 63.80
C ASP M 279 -95.35 -24.39 63.47
N PRO M 280 -95.36 -25.55 64.14
CA PRO M 280 -96.37 -26.56 63.84
C PRO M 280 -97.80 -26.41 64.34
N VAL M 281 -98.05 -25.49 65.26
CA VAL M 281 -99.42 -25.38 65.75
C VAL M 281 -100.21 -24.19 65.25
N TYR M 282 -99.58 -23.27 64.53
CA TYR M 282 -100.30 -22.11 64.01
C TYR M 282 -100.01 -21.78 62.54
N THR M 283 -98.88 -21.10 62.32
CA THR M 283 -98.46 -20.68 60.99
C THR M 283 -98.11 -21.83 60.07
N GLY M 284 -97.86 -23.00 60.66
CA GLY M 284 -97.53 -24.16 59.86
C GLY M 284 -98.84 -24.66 59.31
N LYS M 285 -99.86 -24.60 60.14
CA LYS M 285 -101.16 -25.03 59.71
C LYS M 285 -101.78 -23.99 58.78
N ALA M 286 -101.69 -22.71 59.14
CA ALA M 286 -102.26 -21.67 58.30
C ALA M 286 -101.65 -21.64 56.91
N PHE M 287 -100.35 -21.87 56.80
CA PHE M 287 -99.69 -21.82 55.50
C PHE M 287 -100.09 -23.02 54.66
N TYR M 288 -100.27 -24.17 55.31
CA TYR M 288 -100.66 -25.37 54.57
C TYR M 288 -102.03 -25.13 53.93
N GLY M 289 -102.85 -24.36 54.64
CA GLY M 289 -104.20 -24.04 54.20
C GLY M 289 -104.31 -23.11 53.02
N LEU M 290 -103.39 -22.15 52.89
CA LEU M 290 -103.46 -21.26 51.76
C LEU M 290 -102.77 -21.97 50.61
N VAL M 291 -101.76 -22.77 50.92
CA VAL M 291 -101.04 -23.52 49.88
C VAL M 291 -102.08 -24.39 49.20
N ASP M 292 -103.08 -24.78 49.98
CA ASP M 292 -104.17 -25.62 49.51
C ASP M 292 -105.22 -24.77 48.77
N LEU M 293 -105.84 -23.84 49.50
CA LEU M 293 -106.85 -22.93 48.98
C LEU M 293 -106.39 -22.24 47.70
N ALA M 294 -105.09 -22.27 47.45
CA ALA M 294 -104.52 -21.63 46.27
C ALA M 294 -104.31 -22.62 45.15
N ARG M 295 -104.06 -23.88 45.46
CA ARG M 295 -103.90 -24.87 44.40
C ARG M 295 -105.30 -25.32 43.98
N LYS M 296 -106.30 -24.67 44.57
CA LYS M 296 -107.71 -24.90 44.27
C LYS M 296 -108.21 -23.56 43.75
N GLY M 297 -107.25 -22.71 43.36
CA GLY M 297 -107.55 -21.37 42.86
C GLY M 297 -108.45 -20.51 43.73
N GLU M 298 -108.72 -20.93 44.96
CA GLU M 298 -109.64 -20.20 45.83
C GLU M 298 -109.24 -18.95 46.60
N LEU M 299 -107.96 -18.57 46.58
CA LEU M 299 -107.53 -17.36 47.30
C LEU M 299 -107.16 -16.21 46.37
N GLY M 300 -107.50 -16.35 45.10
CA GLY M 300 -107.19 -15.29 44.16
C GLY M 300 -105.81 -15.43 43.56
N GLU M 301 -105.24 -14.30 43.17
CA GLU M 301 -103.93 -14.28 42.55
C GLU M 301 -102.90 -13.48 43.34
N LYS M 302 -103.38 -12.68 44.27
CA LYS M 302 -102.51 -11.88 45.12
C LYS M 302 -103.00 -12.03 46.54
N ILE M 303 -102.26 -12.89 47.26
CA ILE M 303 -102.52 -13.27 48.64
C ILE M 303 -101.44 -12.72 49.60
N LEU M 304 -101.86 -12.19 50.73
CA LEU M 304 -100.94 -11.64 51.71
C LEU M 304 -101.03 -12.45 52.99
N PHE M 305 -100.02 -13.28 53.25
CA PHE M 305 -99.98 -14.14 54.45
C PHE M 305 -99.36 -13.38 55.61
N ILE M 306 -100.09 -13.26 56.70
CA ILE M 306 -99.61 -12.55 57.88
C ILE M 306 -98.94 -13.54 58.79
N HIS M 307 -97.62 -13.42 58.94
CA HIS M 307 -96.86 -14.32 59.80
C HIS M 307 -97.12 -13.85 61.20
N THR M 308 -97.91 -14.60 61.93
CA THR M 308 -98.26 -14.24 63.31
C THR M 308 -97.26 -14.72 64.37
N GLY M 309 -96.06 -15.06 63.92
CA GLY M 309 -95.01 -15.49 64.83
C GLY M 309 -94.98 -16.94 65.28
N GLY M 310 -94.92 -17.13 66.61
CA GLY M 310 -94.88 -18.45 67.21
C GLY M 310 -93.58 -19.23 67.06
N ILE M 311 -92.46 -18.51 66.94
CA ILE M 311 -91.17 -19.15 66.77
C ILE M 311 -90.90 -20.22 67.82
N SER M 312 -91.09 -19.89 69.09
CA SER M 312 -90.88 -20.81 70.20
C SER M 312 -91.45 -22.21 69.98
N GLY M 313 -92.52 -22.30 69.20
CA GLY M 313 -93.14 -23.57 68.94
C GLY M 313 -92.31 -24.56 68.16
N THR M 314 -91.47 -24.09 67.25
CA THR M 314 -90.66 -25.04 66.49
C THR M 314 -89.55 -25.68 67.33
N PHE M 315 -89.18 -25.01 68.41
CA PHE M 315 -88.16 -25.51 69.32
C PHE M 315 -88.85 -26.46 70.25
N HIS M 316 -90.06 -26.08 70.66
CA HIS M 316 -90.85 -26.90 71.56
C HIS M 316 -91.08 -28.32 71.05
N TYR M 317 -91.84 -28.44 69.96
CA TYR M 317 -92.16 -29.76 69.40
C TYR M 317 -91.22 -30.26 68.29
N GLY M 318 -89.94 -29.97 68.44
CA GLY M 318 -88.96 -30.37 67.44
C GLY M 318 -88.79 -31.85 67.19
N ASP M 319 -88.61 -32.61 68.26
CA ASP M 319 -88.43 -34.05 68.16
C ASP M 319 -89.60 -34.68 67.43
N LYS M 320 -90.80 -34.22 67.79
CA LYS M 320 -92.01 -34.70 67.16
C LYS M 320 -91.87 -34.55 65.65
N LEU M 321 -91.43 -33.38 65.22
CA LEU M 321 -91.23 -33.09 63.81
C LEU M 321 -90.21 -34.05 63.19
N LEU M 322 -89.09 -34.25 63.88
CA LEU M 322 -88.02 -35.12 63.38
C LEU M 322 -88.47 -36.52 63.02
N SER M 323 -89.09 -37.18 63.98
CA SER M 323 -89.58 -38.53 63.77
C SER M 323 -90.70 -38.49 62.75
N LEU M 324 -91.13 -37.28 62.41
CA LEU M 324 -92.19 -37.08 61.43
C LEU M 324 -91.64 -36.80 60.05
N LEU M 325 -90.45 -36.23 60.01
CA LEU M 325 -89.80 -35.91 58.74
C LEU M 325 -89.22 -37.18 58.10
N MET N 1 -78.09 5.01 53.08
CA MET N 1 -76.73 4.58 52.67
C MET N 1 -75.88 5.77 52.31
N HIS N 2 -74.77 5.91 53.03
CA HIS N 2 -73.82 7.00 52.83
C HIS N 2 -73.13 6.74 51.50
N PRO N 3 -72.99 7.80 50.67
CA PRO N 3 -72.37 7.80 49.34
C PRO N 3 -71.01 7.12 49.29
N LYS N 4 -70.15 7.45 50.24
CA LYS N 4 -68.81 6.87 50.30
C LYS N 4 -68.83 5.35 50.43
N ILE N 5 -69.64 4.83 51.34
CA ILE N 5 -69.77 3.37 51.54
C ILE N 5 -70.37 2.75 50.28
N PHE N 6 -71.42 3.37 49.77
CA PHE N 6 -72.08 2.91 48.57
C PHE N 6 -71.07 2.70 47.45
N ALA N 7 -70.27 3.71 47.18
CA ALA N 7 -69.28 3.60 46.13
C ALA N 7 -68.22 2.55 46.46
N LEU N 8 -67.83 2.46 47.72
CA LEU N 8 -66.81 1.50 48.08
C LEU N 8 -67.23 0.04 48.03
N LEU N 9 -68.50 -0.22 48.33
CA LEU N 9 -69.03 -1.59 48.32
C LEU N 9 -69.66 -1.96 46.99
N ALA N 10 -69.84 -0.97 46.13
CA ALA N 10 -70.46 -1.14 44.83
C ALA N 10 -70.02 -2.27 43.90
N LYS N 11 -68.75 -2.64 43.93
CA LYS N 11 -68.32 -3.69 43.02
C LYS N 11 -68.37 -5.09 43.62
N PHE N 12 -68.86 -5.21 44.84
CA PHE N 12 -68.93 -6.52 45.45
C PHE N 12 -70.28 -7.19 45.28
N PRO N 13 -70.29 -8.31 44.55
CA PRO N 13 -71.51 -9.07 44.29
C PRO N 13 -72.18 -9.43 45.60
N ARG N 14 -73.41 -8.98 45.75
CA ARG N 14 -74.16 -9.24 46.95
C ARG N 14 -75.56 -9.70 46.58
N VAL N 15 -76.13 -10.56 47.42
CA VAL N 15 -77.47 -11.06 47.20
C VAL N 15 -78.33 -10.36 48.25
N GLU N 16 -79.39 -9.70 47.79
CA GLU N 16 -80.26 -8.94 48.67
C GLU N 16 -81.13 -9.80 49.56
N LEU N 17 -80.54 -10.27 50.66
CA LEU N 17 -81.24 -11.10 51.62
C LEU N 17 -82.10 -10.35 52.62
N ILE N 18 -81.72 -9.14 53.01
CA ILE N 18 -82.50 -8.39 54.01
C ILE N 18 -83.46 -7.36 53.46
N PRO N 19 -84.77 -7.60 53.63
CA PRO N 19 -85.82 -6.70 53.15
C PRO N 19 -85.72 -5.26 53.63
N TRP N 20 -85.86 -5.06 54.93
CA TRP N 20 -85.86 -3.74 55.54
C TRP N 20 -84.62 -3.27 56.29
N GLU N 21 -84.73 -2.10 56.90
CA GLU N 21 -83.67 -1.52 57.73
C GLU N 21 -84.09 -1.77 59.16
N THR N 22 -83.28 -2.61 59.82
CA THR N 22 -83.48 -3.02 61.21
C THR N 22 -83.67 -1.80 62.11
N PRO N 23 -84.76 -1.78 62.90
CA PRO N 23 -85.02 -0.66 63.79
C PRO N 23 -83.98 -0.40 64.88
N ILE N 24 -83.96 0.83 65.40
CA ILE N 24 -83.06 1.23 66.47
C ILE N 24 -83.97 1.72 67.58
N GLN N 25 -83.91 1.06 68.73
CA GLN N 25 -84.78 1.43 69.85
C GLN N 25 -84.03 1.97 71.06
N TYR N 26 -84.72 2.84 71.80
CA TYR N 26 -84.19 3.43 73.01
C TYR N 26 -84.69 2.66 74.20
N LEU N 27 -83.75 2.03 74.92
CA LEU N 27 -84.07 1.24 76.12
C LEU N 27 -84.08 2.14 77.37
N PRO N 28 -85.29 2.61 77.79
CA PRO N 28 -85.58 3.48 78.93
C PRO N 28 -85.10 2.99 80.28
N ASN N 29 -85.38 1.74 80.61
CA ASN N 29 -85.00 1.17 81.89
C ASN N 29 -83.49 0.92 82.07
N ILE N 30 -82.89 0.16 81.14
CA ILE N 30 -81.47 -0.14 81.23
C ILE N 30 -80.67 1.16 81.27
N SER N 31 -81.34 2.26 80.99
CA SER N 31 -80.69 3.57 81.00
C SER N 31 -80.82 4.18 82.39
N ARG N 32 -82.03 4.20 82.91
CA ARG N 32 -82.31 4.75 84.22
C ARG N 32 -81.35 4.14 85.23
N GLU N 33 -81.02 2.87 85.02
CA GLU N 33 -80.11 2.13 85.88
C GLU N 33 -78.65 2.40 85.52
N ILE N 34 -78.33 2.22 84.26
CA ILE N 34 -76.96 2.39 83.83
C ILE N 34 -76.40 3.81 83.90
N GLY N 35 -77.29 4.80 83.94
CA GLY N 35 -76.82 6.17 84.00
C GLY N 35 -76.33 6.66 82.65
N ALA N 36 -76.53 5.83 81.63
CA ALA N 36 -76.13 6.17 80.26
C ALA N 36 -77.32 5.90 79.33
N ASP N 37 -77.26 6.43 78.12
CA ASP N 37 -78.33 6.21 77.14
C ASP N 37 -77.97 5.06 76.24
N VAL N 38 -78.64 3.91 76.41
CA VAL N 38 -78.37 2.74 75.57
C VAL N 38 -79.46 2.49 74.52
N TYR N 39 -79.05 2.57 73.26
CA TYR N 39 -79.95 2.33 72.14
C TYR N 39 -79.60 0.97 71.57
N ILE N 40 -80.56 0.30 70.95
CA ILE N 40 -80.27 -1.02 70.39
C ILE N 40 -80.67 -1.18 68.92
N LYS N 41 -79.83 -1.91 68.18
CA LYS N 41 -80.12 -2.15 66.77
C LYS N 41 -80.52 -3.60 66.60
N ARG N 42 -81.80 -3.79 66.35
CA ARG N 42 -82.42 -5.10 66.19
C ARG N 42 -81.99 -5.90 64.96
N ASP N 43 -80.73 -6.34 64.94
CA ASP N 43 -80.21 -7.14 63.83
C ASP N 43 -80.65 -8.58 64.02
N ASP N 44 -81.42 -8.84 65.07
CA ASP N 44 -81.95 -10.16 65.34
C ASP N 44 -83.20 -10.27 64.48
N LEU N 45 -83.68 -9.12 64.03
CA LEU N 45 -84.85 -9.03 63.19
C LEU N 45 -84.41 -8.72 61.77
N THR N 46 -83.36 -9.37 61.29
CA THR N 46 -82.95 -9.10 59.92
C THR N 46 -83.74 -10.01 58.98
N GLY N 47 -84.44 -10.99 59.55
CA GLY N 47 -85.26 -11.85 58.73
C GLY N 47 -84.99 -13.32 58.53
N LEU N 48 -83.95 -13.64 57.79
CA LEU N 48 -83.60 -15.02 57.49
C LEU N 48 -83.24 -15.92 58.69
N GLY N 49 -84.00 -17.00 58.85
CA GLY N 49 -83.76 -17.94 59.94
C GLY N 49 -84.15 -17.41 61.30
N ILE N 50 -83.15 -17.27 62.15
CA ILE N 50 -83.29 -16.76 63.52
C ILE N 50 -82.71 -15.36 63.49
N GLY N 51 -82.40 -14.90 62.29
CA GLY N 51 -81.87 -13.57 62.12
C GLY N 51 -80.44 -13.45 62.57
N GLY N 52 -80.06 -12.26 63.02
CA GLY N 52 -78.70 -12.06 63.48
C GLY N 52 -77.75 -11.28 62.59
N ASN N 53 -76.48 -11.31 62.97
CA ASN N 53 -75.43 -10.59 62.26
C ASN N 53 -74.81 -11.39 61.11
N LYS N 54 -75.16 -12.66 61.00
CA LYS N 54 -74.60 -13.51 59.95
C LYS N 54 -75.33 -13.35 58.62
N ILE N 55 -76.53 -12.79 58.66
CA ILE N 55 -77.32 -12.56 57.46
C ILE N 55 -76.70 -11.42 56.67
N ARG N 56 -76.13 -10.46 57.38
CA ARG N 56 -75.46 -9.34 56.73
C ARG N 56 -74.23 -9.90 56.00
N LYS N 57 -73.42 -10.68 56.71
CA LYS N 57 -72.21 -11.30 56.16
C LYS N 57 -72.55 -12.22 55.00
N LEU N 58 -73.59 -13.03 55.20
CA LEU N 58 -74.02 -13.99 54.20
C LEU N 58 -74.33 -13.38 52.83
N GLU N 59 -74.83 -12.15 52.79
CA GLU N 59 -75.16 -11.54 51.51
C GLU N 59 -73.94 -11.52 50.61
N TYR N 60 -72.85 -10.93 51.09
CA TYR N 60 -71.61 -10.85 50.32
C TYR N 60 -70.92 -12.20 50.18
N LEU N 61 -71.04 -13.01 51.22
CA LEU N 61 -70.44 -14.34 51.22
C LEU N 61 -71.08 -15.23 50.18
N LEU N 62 -72.39 -15.38 50.26
CA LEU N 62 -73.11 -16.22 49.31
C LEU N 62 -73.20 -15.54 47.97
N GLY N 63 -73.29 -14.22 47.97
CA GLY N 63 -73.34 -13.49 46.72
C GLY N 63 -72.05 -13.75 45.97
N ASP N 64 -71.00 -14.04 46.72
CA ASP N 64 -69.71 -14.33 46.12
C ASP N 64 -69.69 -15.76 45.62
N ALA N 65 -70.21 -16.67 46.43
CA ALA N 65 -70.26 -18.08 46.06
C ALA N 65 -71.09 -18.20 44.79
N LEU N 66 -72.19 -17.46 44.72
CA LEU N 66 -73.03 -17.47 43.54
C LEU N 66 -72.19 -16.98 42.36
N SER N 67 -71.45 -15.90 42.58
CA SER N 67 -70.59 -15.35 41.54
C SER N 67 -69.81 -16.46 40.86
N LYS N 68 -68.94 -17.09 41.63
CA LYS N 68 -68.07 -18.17 41.13
C LYS N 68 -68.77 -19.48 40.75
N GLY N 69 -70.09 -19.45 40.64
CA GLY N 69 -70.85 -20.65 40.29
C GLY N 69 -70.46 -21.83 41.15
N ALA N 70 -70.92 -21.84 42.41
CA ALA N 70 -70.59 -22.90 43.35
C ALA N 70 -71.86 -23.58 43.86
N ASP N 71 -72.09 -24.81 43.40
CA ASP N 71 -73.29 -25.56 43.76
C ASP N 71 -73.42 -25.99 45.23
N VAL N 72 -72.29 -26.08 45.93
CA VAL N 72 -72.27 -26.48 47.35
C VAL N 72 -71.55 -25.46 48.26
N VAL N 73 -72.12 -25.22 49.44
CA VAL N 73 -71.58 -24.29 50.44
C VAL N 73 -71.19 -25.02 51.73
N ILE N 74 -69.93 -24.92 52.14
CA ILE N 74 -69.44 -25.59 53.38
C ILE N 74 -69.08 -24.58 54.45
N THR N 75 -69.33 -24.94 55.70
CA THR N 75 -69.00 -24.05 56.80
C THR N 75 -68.71 -24.86 58.07
N VAL N 76 -67.90 -24.30 58.96
CA VAL N 76 -67.54 -24.97 60.21
C VAL N 76 -68.10 -24.25 61.41
N GLY N 77 -68.33 -24.98 62.50
CA GLY N 77 -68.86 -24.34 63.68
C GLY N 77 -69.11 -25.29 64.83
N ALA N 78 -69.44 -24.71 65.97
CA ALA N 78 -69.74 -25.47 67.16
C ALA N 78 -71.07 -26.13 66.82
N VAL N 79 -71.34 -27.28 67.41
CA VAL N 79 -72.58 -28.00 67.15
C VAL N 79 -73.80 -27.10 67.31
N HIS N 80 -73.72 -26.17 68.25
CA HIS N 80 -74.81 -25.23 68.54
C HIS N 80 -74.68 -23.94 67.73
N SER N 81 -73.87 -23.96 66.68
CA SER N 81 -73.63 -22.80 65.83
C SER N 81 -74.87 -22.12 65.23
N ASN N 82 -74.97 -20.81 65.39
CA ASN N 82 -76.06 -20.03 64.82
C ASN N 82 -75.66 -19.84 63.37
N HIS N 83 -74.37 -19.61 63.20
CA HIS N 83 -73.79 -19.36 61.90
C HIS N 83 -73.94 -20.56 61.00
N ALA N 84 -73.69 -21.75 61.52
CA ALA N 84 -73.82 -22.95 60.70
C ALA N 84 -75.26 -23.13 60.24
N PHE N 85 -76.20 -22.69 61.07
CA PHE N 85 -77.62 -22.82 60.75
C PHE N 85 -78.11 -21.92 59.63
N VAL N 86 -78.13 -20.62 59.88
CA VAL N 86 -78.62 -19.71 58.88
C VAL N 86 -77.81 -19.77 57.59
N THR N 87 -76.60 -20.32 57.66
CA THR N 87 -75.76 -20.43 56.49
C THR N 87 -76.17 -21.63 55.65
N GLY N 88 -76.73 -22.62 56.31
CA GLY N 88 -77.17 -23.81 55.60
C GLY N 88 -78.56 -23.49 55.10
N LEU N 89 -79.30 -22.70 55.89
CA LEU N 89 -80.65 -22.30 55.54
C LEU N 89 -80.60 -21.35 54.36
N ALA N 90 -79.81 -20.28 54.51
CA ALA N 90 -79.63 -19.28 53.48
C ALA N 90 -79.16 -19.91 52.17
N ALA N 91 -78.06 -20.63 52.21
CA ALA N 91 -77.51 -21.28 51.02
C ALA N 91 -78.58 -22.04 50.22
N LYS N 92 -79.49 -22.68 50.94
CA LYS N 92 -80.57 -23.44 50.32
C LYS N 92 -81.62 -22.55 49.65
N LYS N 93 -82.10 -21.55 50.38
CA LYS N 93 -83.08 -20.63 49.81
C LYS N 93 -82.53 -20.03 48.52
N LEU N 94 -81.21 -19.91 48.43
CA LEU N 94 -80.57 -19.35 47.25
C LEU N 94 -80.47 -20.45 46.20
N GLY N 95 -80.85 -21.66 46.60
CA GLY N 95 -80.84 -22.81 45.70
C GLY N 95 -79.61 -23.70 45.62
N LEU N 96 -78.78 -23.71 46.66
CA LEU N 96 -77.58 -24.53 46.64
C LEU N 96 -77.68 -25.76 47.54
N ASP N 97 -76.60 -26.55 47.52
CA ASP N 97 -76.45 -27.74 48.36
C ASP N 97 -75.46 -27.30 49.47
N ALA N 98 -75.76 -27.60 50.72
CA ALA N 98 -74.86 -27.23 51.83
C ALA N 98 -74.44 -28.40 52.68
N ILE N 99 -73.40 -28.19 53.48
CA ILE N 99 -72.84 -29.21 54.38
C ILE N 99 -72.19 -28.58 55.60
N LEU N 100 -72.73 -28.89 56.77
CA LEU N 100 -72.21 -28.37 58.04
C LEU N 100 -71.19 -29.28 58.74
N VAL N 101 -70.01 -28.73 59.01
CA VAL N 101 -68.95 -29.46 59.68
C VAL N 101 -68.85 -28.92 61.09
N LEU N 102 -69.55 -29.58 61.99
CA LEU N 102 -69.62 -29.17 63.39
C LEU N 102 -68.79 -29.98 64.39
N ARG N 103 -68.88 -29.58 65.66
CA ARG N 103 -68.18 -30.23 66.74
C ARG N 103 -68.92 -30.04 68.04
N GLY N 104 -69.01 -31.10 68.85
CA GLY N 104 -69.66 -30.96 70.14
C GLY N 104 -70.65 -32.04 70.58
N LYS N 105 -71.36 -31.73 71.66
CA LYS N 105 -72.36 -32.64 72.20
C LYS N 105 -73.31 -32.76 71.04
N GLU N 106 -73.70 -33.96 70.67
CA GLU N 106 -74.60 -34.07 69.54
C GLU N 106 -76.07 -34.12 69.88
N GLU N 107 -76.52 -33.36 70.89
CA GLU N 107 -77.95 -33.37 71.25
C GLU N 107 -78.77 -32.59 70.23
N LEU N 108 -80.05 -32.93 70.11
CA LEU N 108 -80.99 -32.27 69.19
C LEU N 108 -81.69 -31.12 69.91
N LYS N 109 -80.92 -30.06 70.21
CA LYS N 109 -81.42 -28.86 70.91
C LYS N 109 -81.00 -27.61 70.15
N GLY N 110 -81.74 -26.52 70.32
CA GLY N 110 -81.40 -25.30 69.61
C GLY N 110 -81.08 -25.47 68.13
N ASN N 111 -79.99 -24.83 67.70
CA ASN N 111 -79.55 -24.88 66.31
C ASN N 111 -79.35 -26.24 65.66
N TYR N 112 -78.88 -27.24 66.40
CA TYR N 112 -78.69 -28.54 65.77
C TYR N 112 -80.08 -29.12 65.50
N LEU N 113 -81.05 -28.78 66.35
CA LEU N 113 -82.40 -29.27 66.15
C LEU N 113 -82.84 -28.77 64.78
N LEU N 114 -82.77 -27.45 64.62
CA LEU N 114 -83.14 -26.73 63.41
C LEU N 114 -82.46 -27.29 62.16
N ASP N 115 -81.16 -27.49 62.22
CA ASP N 115 -80.44 -28.01 61.07
C ASP N 115 -81.03 -29.30 60.58
N LYS N 116 -81.47 -30.14 61.52
CA LYS N 116 -82.06 -31.43 61.21
C LYS N 116 -83.46 -31.34 60.64
N ILE N 117 -84.28 -30.45 61.20
CA ILE N 117 -85.65 -30.26 60.75
C ILE N 117 -85.69 -29.80 59.29
N MET N 118 -84.89 -28.78 58.98
CA MET N 118 -84.82 -28.21 57.65
C MET N 118 -84.06 -29.12 56.71
N GLY N 119 -83.46 -30.16 57.28
CA GLY N 119 -82.69 -31.13 56.50
C GLY N 119 -81.35 -30.68 55.96
N ILE N 120 -80.59 -29.93 56.75
CA ILE N 120 -79.27 -29.43 56.33
C ILE N 120 -78.16 -30.43 56.73
N GLU N 121 -77.42 -30.94 55.76
CA GLU N 121 -76.35 -31.90 56.05
C GLU N 121 -75.51 -31.42 57.23
N THR N 122 -75.09 -32.37 58.05
CA THR N 122 -74.31 -32.05 59.23
C THR N 122 -73.39 -33.21 59.51
N ARG N 123 -72.16 -32.88 59.89
CA ARG N 123 -71.16 -33.89 60.18
C ARG N 123 -70.47 -33.48 61.47
N VAL N 124 -70.94 -34.00 62.60
CA VAL N 124 -70.31 -33.65 63.87
C VAL N 124 -68.99 -34.38 64.02
N TYR N 125 -67.96 -33.66 64.44
CA TYR N 125 -66.64 -34.28 64.67
C TYR N 125 -66.24 -33.95 66.09
N ASP N 126 -65.63 -34.91 66.76
CA ASP N 126 -65.17 -34.62 68.09
C ASP N 126 -63.83 -33.98 67.75
N ALA N 127 -63.74 -32.68 67.95
CA ALA N 127 -62.52 -31.96 67.65
C ALA N 127 -62.25 -30.80 68.58
N LYS N 128 -60.98 -30.44 68.65
CA LYS N 128 -60.54 -29.35 69.49
C LYS N 128 -61.40 -28.15 69.19
N ASP N 129 -62.13 -27.66 70.19
CA ASP N 129 -62.95 -26.48 69.98
C ASP N 129 -61.96 -25.33 69.75
N SER N 130 -61.17 -25.52 68.69
CA SER N 130 -60.17 -24.59 68.20
C SER N 130 -60.69 -24.17 66.81
N PHE N 131 -61.83 -24.75 66.43
CA PHE N 131 -62.46 -24.49 65.15
C PHE N 131 -61.57 -24.84 63.98
N GLU N 132 -60.92 -25.99 64.14
CA GLU N 132 -60.04 -26.55 63.13
C GLU N 132 -60.79 -27.71 62.50
N LEU N 133 -62.10 -27.51 62.37
CA LEU N 133 -62.94 -28.49 61.70
C LEU N 133 -62.53 -28.14 60.28
N MET N 134 -61.87 -27.01 60.16
CA MET N 134 -61.42 -26.53 58.87
C MET N 134 -60.57 -27.51 58.07
N LYS N 135 -59.90 -28.43 58.74
CA LYS N 135 -59.09 -29.41 58.00
C LYS N 135 -60.05 -30.40 57.34
N TYR N 136 -61.16 -30.67 58.04
CA TYR N 136 -62.20 -31.57 57.54
C TYR N 136 -62.94 -30.90 56.40
N ALA N 137 -63.40 -29.67 56.64
CA ALA N 137 -64.11 -28.90 55.63
C ALA N 137 -63.31 -28.92 54.33
N GLU N 138 -62.01 -28.71 54.43
CA GLU N 138 -61.13 -28.67 53.27
C GLU N 138 -61.03 -30.04 52.59
N GLU N 139 -61.14 -31.10 53.38
CA GLU N 139 -61.08 -32.46 52.83
C GLU N 139 -62.33 -32.69 51.99
N ILE N 140 -63.47 -32.31 52.56
CA ILE N 140 -64.77 -32.46 51.91
C ILE N 140 -64.74 -31.66 50.61
N ALA N 141 -64.40 -30.38 50.75
CA ALA N 141 -64.33 -29.46 49.63
C ALA N 141 -63.44 -30.03 48.54
N GLU N 142 -62.43 -30.78 48.94
CA GLU N 142 -61.53 -31.37 47.97
C GLU N 142 -62.13 -32.64 47.37
N GLU N 143 -62.64 -33.53 48.23
CA GLU N 143 -63.26 -34.77 47.76
C GLU N 143 -64.39 -34.38 46.82
N LEU N 144 -65.22 -33.44 47.28
CA LEU N 144 -66.34 -32.91 46.51
C LEU N 144 -65.80 -32.27 45.21
N LYS N 145 -64.55 -31.81 45.27
CA LYS N 145 -63.91 -31.19 44.13
C LYS N 145 -63.50 -32.29 43.18
N ARG N 146 -63.23 -33.47 43.72
CA ARG N 146 -62.84 -34.63 42.90
C ARG N 146 -64.12 -35.35 42.50
N GLU N 147 -65.16 -34.55 42.27
CA GLU N 147 -66.49 -35.03 41.88
C GLU N 147 -67.18 -34.03 40.96
N GLY N 148 -66.44 -33.02 40.50
CA GLY N 148 -67.01 -32.03 39.60
C GLY N 148 -67.77 -30.91 40.27
N ARG N 149 -68.42 -31.20 41.39
CA ARG N 149 -69.17 -30.18 42.10
C ARG N 149 -68.18 -29.17 42.61
N LYS N 150 -68.56 -27.91 42.52
CA LYS N 150 -67.71 -26.80 42.91
C LYS N 150 -67.97 -26.35 44.33
N PRO N 151 -67.10 -26.75 45.27
CA PRO N 151 -67.28 -26.36 46.67
C PRO N 151 -66.73 -25.01 47.09
N TYR N 152 -67.61 -24.12 47.51
CA TYR N 152 -67.19 -22.82 48.01
C TYR N 152 -67.20 -23.03 49.52
N VAL N 153 -66.15 -22.59 50.21
CA VAL N 153 -66.06 -22.79 51.67
C VAL N 153 -66.04 -21.49 52.47
N ILE N 154 -66.73 -21.47 53.60
CA ILE N 154 -66.76 -20.28 54.46
C ILE N 154 -65.96 -20.50 55.75
N PRO N 155 -65.31 -19.42 56.25
CA PRO N 155 -64.51 -19.46 57.48
C PRO N 155 -65.41 -19.43 58.72
N PRO N 156 -64.84 -19.65 59.90
CA PRO N 156 -65.65 -19.62 61.12
C PRO N 156 -66.35 -18.28 61.34
N GLY N 157 -67.68 -18.31 61.43
CA GLY N 157 -68.43 -17.10 61.65
C GLY N 157 -68.47 -16.21 60.42
N GLY N 158 -68.16 -16.80 59.27
CA GLY N 158 -68.13 -16.06 58.03
C GLY N 158 -67.08 -15.00 58.18
N ALA N 159 -66.06 -15.32 58.97
CA ALA N 159 -64.98 -14.39 59.29
C ALA N 159 -63.97 -14.23 58.15
N SER N 160 -64.47 -13.73 57.04
CA SER N 160 -63.66 -13.50 55.85
C SER N 160 -63.55 -12.00 55.63
N PRO N 161 -62.70 -11.56 54.69
CA PRO N 161 -62.62 -10.11 54.46
C PRO N 161 -63.86 -9.70 53.65
N ILE N 162 -64.39 -10.63 52.86
CA ILE N 162 -65.58 -10.41 52.03
C ILE N 162 -66.85 -10.42 52.90
N GLY N 163 -66.84 -11.24 53.94
CA GLY N 163 -67.98 -11.32 54.83
C GLY N 163 -67.97 -10.20 55.83
N THR N 164 -66.84 -9.53 55.94
CA THR N 164 -66.66 -8.42 56.87
C THR N 164 -67.35 -7.19 56.32
N LEU N 165 -67.62 -7.21 55.01
CA LEU N 165 -68.29 -6.10 54.36
C LEU N 165 -69.77 -5.98 54.73
N GLY N 166 -70.34 -7.05 55.26
CA GLY N 166 -71.73 -7.00 55.68
C GLY N 166 -71.99 -5.94 56.74
N TYR N 167 -71.03 -5.75 57.63
CA TYR N 167 -71.20 -4.73 58.66
C TYR N 167 -70.55 -3.43 58.26
N VAL N 168 -69.70 -3.48 57.26
CA VAL N 168 -69.11 -2.26 56.75
C VAL N 168 -70.32 -1.54 56.16
N ARG N 169 -71.27 -2.34 55.72
CA ARG N 169 -72.51 -1.85 55.14
C ARG N 169 -73.53 -1.50 56.23
N ALA N 170 -73.48 -2.23 57.33
CA ALA N 170 -74.38 -1.99 58.45
C ALA N 170 -74.31 -0.55 58.91
N VAL N 171 -73.09 -0.04 59.07
CA VAL N 171 -72.92 1.32 59.52
C VAL N 171 -73.41 2.31 58.48
N GLY N 172 -73.36 1.91 57.22
CA GLY N 172 -73.81 2.80 56.16
C GLY N 172 -75.27 3.06 56.42
N GLU N 173 -75.92 2.03 56.94
CA GLU N 173 -77.32 2.13 57.24
C GLU N 173 -77.55 2.93 58.50
N ILE N 174 -76.92 2.51 59.58
CA ILE N 174 -77.06 3.18 60.86
C ILE N 174 -76.86 4.68 60.69
N ALA N 175 -75.90 5.04 59.86
CA ALA N 175 -75.54 6.43 59.59
C ALA N 175 -76.62 7.17 58.85
N THR N 176 -77.32 6.45 57.98
CA THR N 176 -78.42 6.98 57.18
C THR N 176 -79.70 7.04 57.99
N GLN N 177 -79.85 6.13 58.96
CA GLN N 177 -81.06 6.08 59.77
C GLN N 177 -80.96 6.69 61.16
N SER N 178 -79.87 6.45 61.85
CA SER N 178 -79.73 6.95 63.21
C SER N 178 -80.05 8.43 63.38
N GLU N 179 -80.91 8.71 64.34
CA GLU N 179 -81.31 10.07 64.68
C GLU N 179 -80.56 10.36 65.97
N VAL N 180 -79.47 9.62 66.20
CA VAL N 180 -78.66 9.77 67.40
C VAL N 180 -77.22 9.43 67.10
N LYS N 181 -76.35 10.43 67.22
CA LYS N 181 -74.90 10.25 67.00
C LYS N 181 -74.39 9.53 68.25
N PHE N 182 -73.99 8.29 68.06
CA PHE N 182 -73.54 7.44 69.16
C PHE N 182 -72.07 7.55 69.48
N ASP N 183 -71.74 7.64 70.78
CA ASP N 183 -70.36 7.73 71.22
C ASP N 183 -69.70 6.38 70.91
N SER N 184 -70.36 5.33 71.38
CA SER N 184 -69.87 3.96 71.22
C SER N 184 -70.94 3.00 70.70
N ILE N 185 -70.51 2.07 69.86
CA ILE N 185 -71.37 1.04 69.28
C ILE N 185 -70.79 -0.27 69.77
N VAL N 186 -71.42 -0.87 70.77
CA VAL N 186 -70.97 -2.13 71.36
C VAL N 186 -71.61 -3.38 70.75
N VAL N 187 -70.79 -4.38 70.40
CA VAL N 187 -71.31 -5.62 69.78
C VAL N 187 -70.57 -6.89 70.26
N ALA N 188 -71.27 -8.02 70.35
CA ALA N 188 -70.61 -9.27 70.76
C ALA N 188 -69.43 -9.50 69.83
N ALA N 189 -68.55 -10.43 70.17
CA ALA N 189 -67.37 -10.70 69.34
C ALA N 189 -66.87 -12.13 69.45
N GLY N 190 -67.03 -12.88 68.38
CA GLY N 190 -66.59 -14.26 68.37
C GLY N 190 -65.49 -14.38 67.35
N SER N 191 -65.87 -14.66 66.10
CA SER N 191 -64.88 -14.77 65.04
C SER N 191 -64.31 -13.36 64.84
N GLY N 192 -65.05 -12.38 65.33
CA GLY N 192 -64.61 -11.00 65.22
C GLY N 192 -64.94 -10.34 63.90
N GLY N 193 -65.51 -11.10 62.97
CA GLY N 193 -65.90 -10.54 61.69
C GLY N 193 -66.80 -9.31 61.84
N THR N 194 -67.83 -9.41 62.67
CA THR N 194 -68.75 -8.30 62.89
C THR N 194 -68.01 -7.01 63.21
N LEU N 195 -67.46 -6.96 64.42
CA LEU N 195 -66.68 -5.87 64.98
C LEU N 195 -65.58 -5.35 64.03
N ALA N 196 -65.24 -6.15 63.02
CA ALA N 196 -64.23 -5.78 62.03
C ALA N 196 -64.90 -4.95 60.94
N GLY N 197 -66.03 -5.43 60.45
CA GLY N 197 -66.77 -4.70 59.44
C GLY N 197 -67.17 -3.40 60.11
N LEU N 198 -67.60 -3.54 61.35
CA LEU N 198 -68.02 -2.41 62.16
C LEU N 198 -66.91 -1.35 62.19
N SER N 199 -65.68 -1.79 62.47
CA SER N 199 -64.50 -0.92 62.57
C SER N 199 -64.15 -0.29 61.24
N LEU N 200 -63.92 -1.13 60.25
CA LEU N 200 -63.59 -0.69 58.90
C LEU N 200 -64.64 0.35 58.57
N GLY N 201 -65.89 -0.02 58.78
CA GLY N 201 -66.98 0.89 58.55
C GLY N 201 -66.72 2.26 59.19
N LEU N 202 -67.13 2.44 60.44
CA LEU N 202 -66.94 3.71 61.15
C LEU N 202 -65.65 4.47 60.79
N SER N 203 -64.64 3.72 60.36
CA SER N 203 -63.35 4.31 59.94
C SER N 203 -63.55 5.08 58.64
N ILE N 204 -64.08 4.38 57.64
CA ILE N 204 -64.34 4.96 56.32
C ILE N 204 -65.15 6.25 56.44
N LEU N 205 -66.12 6.27 57.34
CA LEU N 205 -66.93 7.47 57.54
C LEU N 205 -66.20 8.44 58.47
N ASN N 206 -64.99 8.04 58.88
CA ASN N 206 -64.17 8.82 59.79
C ASN N 206 -65.05 9.45 60.85
N GLU N 207 -65.77 8.59 61.54
CA GLU N 207 -66.65 9.02 62.60
C GLU N 207 -65.88 9.01 63.92
N ASP N 208 -66.42 9.71 64.90
CA ASP N 208 -65.85 9.79 66.23
C ASP N 208 -66.71 8.84 67.06
N ILE N 209 -66.76 7.58 66.63
CA ILE N 209 -67.56 6.54 67.27
C ILE N 209 -66.65 5.33 67.51
N ARG N 210 -66.72 4.76 68.71
CA ARG N 210 -65.85 3.65 69.08
C ARG N 210 -66.32 2.22 68.87
N PRO N 211 -65.63 1.46 68.00
CA PRO N 211 -66.07 0.08 67.82
C PRO N 211 -65.65 -0.70 69.06
N VAL N 212 -66.61 -0.99 69.94
CA VAL N 212 -66.31 -1.73 71.14
C VAL N 212 -66.82 -3.15 71.11
N GLY N 213 -65.90 -4.10 71.15
CA GLY N 213 -66.28 -5.50 71.15
C GLY N 213 -66.29 -6.09 72.55
N ILE N 214 -66.92 -7.24 72.69
CA ILE N 214 -66.98 -7.92 73.96
C ILE N 214 -66.82 -9.40 73.66
N ALA N 215 -65.61 -9.90 73.90
CA ALA N 215 -65.29 -11.30 73.65
C ALA N 215 -66.12 -12.19 74.54
N VAL N 216 -66.51 -13.33 73.98
CA VAL N 216 -67.30 -14.27 74.75
C VAL N 216 -66.53 -15.57 74.91
N GLY N 217 -65.25 -15.56 74.55
CA GLY N 217 -64.47 -16.77 74.67
C GLY N 217 -62.98 -16.58 74.78
N ARG N 218 -62.23 -17.13 73.82
CA ARG N 218 -60.78 -17.03 73.79
C ARG N 218 -60.31 -15.57 73.97
N PHE N 219 -59.03 -15.29 73.66
CA PHE N 219 -58.47 -13.93 73.79
C PHE N 219 -56.94 -13.84 73.58
N GLY N 220 -56.34 -12.83 74.18
CA GLY N 220 -54.89 -12.64 74.09
C GLY N 220 -54.26 -12.15 72.80
N GLU N 221 -53.26 -12.91 72.36
CA GLU N 221 -52.48 -12.64 71.17
C GLU N 221 -53.13 -13.25 69.94
N VAL N 222 -53.38 -14.56 70.00
CA VAL N 222 -54.00 -15.31 68.90
C VAL N 222 -55.15 -14.52 68.28
N MET N 223 -56.13 -14.19 69.11
CA MET N 223 -57.30 -13.43 68.69
C MET N 223 -56.83 -12.03 68.27
N THR N 224 -56.59 -11.15 69.25
CA THR N 224 -56.13 -9.79 68.99
C THR N 224 -55.46 -9.68 67.59
N SER N 225 -54.37 -10.40 67.41
CA SER N 225 -53.62 -10.40 66.15
C SER N 225 -54.40 -10.85 64.89
N LYS N 226 -55.36 -11.76 65.04
CA LYS N 226 -56.13 -12.22 63.90
C LYS N 226 -57.09 -11.10 63.48
N LEU N 227 -57.69 -10.46 64.47
CA LEU N 227 -58.61 -9.37 64.24
C LEU N 227 -57.90 -8.32 63.41
N ASP N 228 -56.81 -7.79 63.96
CA ASP N 228 -56.01 -6.76 63.31
C ASP N 228 -55.63 -7.14 61.89
N ASN N 229 -55.22 -8.39 61.71
CA ASN N 229 -54.84 -8.87 60.39
C ASN N 229 -56.11 -8.96 59.54
N LEU N 230 -57.21 -9.34 60.17
CA LEU N 230 -58.48 -9.44 59.45
C LEU N 230 -58.84 -8.08 58.85
N ILE N 231 -59.28 -7.15 59.70
CA ILE N 231 -59.70 -5.84 59.21
C ILE N 231 -58.74 -5.20 58.22
N LYS N 232 -57.46 -5.45 58.36
CA LYS N 232 -56.50 -4.85 57.43
C LYS N 232 -56.80 -5.42 56.07
N GLU N 233 -56.93 -6.75 56.02
CA GLU N 233 -57.20 -7.48 54.80
C GLU N 233 -58.48 -7.00 54.13
N ALA N 234 -59.53 -6.87 54.92
CA ALA N 234 -60.81 -6.40 54.41
C ALA N 234 -60.56 -5.00 53.89
N ALA N 235 -59.90 -4.20 54.71
CA ALA N 235 -59.58 -2.83 54.36
C ALA N 235 -59.02 -2.75 52.95
N GLU N 236 -58.08 -3.62 52.64
CA GLU N 236 -57.46 -3.61 51.32
C GLU N 236 -58.37 -4.01 50.17
N LEU N 237 -59.54 -4.53 50.49
CA LEU N 237 -60.50 -4.90 49.46
C LEU N 237 -61.08 -3.60 48.92
N LEU N 238 -61.53 -2.77 49.83
CA LEU N 238 -62.10 -1.49 49.45
C LEU N 238 -60.96 -0.57 49.08
N GLY N 239 -59.75 -0.93 49.49
CA GLY N 239 -58.60 -0.11 49.20
C GLY N 239 -58.59 1.21 49.93
N VAL N 240 -59.12 1.25 51.16
CA VAL N 240 -59.15 2.47 51.95
C VAL N 240 -58.19 2.39 53.13
N LYS N 241 -57.84 3.54 53.69
CA LYS N 241 -56.95 3.62 54.85
C LYS N 241 -57.65 3.02 56.07
N VAL N 242 -57.00 2.11 56.75
CA VAL N 242 -57.61 1.49 57.92
C VAL N 242 -57.37 2.32 59.18
N GLU N 243 -58.46 2.72 59.84
CA GLU N 243 -58.39 3.49 61.08
C GLU N 243 -58.11 2.58 62.27
N VAL N 244 -56.91 2.70 62.84
CA VAL N 244 -56.48 1.89 64.00
C VAL N 244 -57.64 1.19 64.73
N ARG N 245 -57.49 -0.12 64.85
CA ARG N 245 -58.44 -1.04 65.48
C ARG N 245 -59.39 -0.52 66.55
N PRO N 246 -60.30 -1.38 66.98
CA PRO N 246 -61.28 -1.04 68.01
C PRO N 246 -60.92 -1.65 69.35
N GLU N 247 -61.78 -1.42 70.32
CA GLU N 247 -61.62 -1.93 71.67
C GLU N 247 -62.19 -3.36 71.79
N LEU N 248 -61.54 -4.19 72.61
CA LEU N 248 -61.95 -5.58 72.82
C LEU N 248 -61.87 -5.92 74.33
N TYR N 249 -62.99 -6.35 74.91
CA TYR N 249 -63.06 -6.67 76.36
C TYR N 249 -63.47 -8.09 76.70
N ASP N 250 -62.67 -8.76 77.51
CA ASP N 250 -63.00 -10.12 77.92
C ASP N 250 -64.16 -10.16 78.92
N TYR N 251 -65.24 -10.83 78.55
CA TYR N 251 -66.40 -11.02 79.41
C TYR N 251 -66.90 -12.43 79.12
N SER N 252 -65.97 -13.29 78.73
CA SER N 252 -66.27 -14.68 78.40
C SER N 252 -66.61 -15.44 79.66
N PHE N 253 -66.20 -14.86 80.80
CA PHE N 253 -66.42 -15.47 82.11
C PHE N 253 -65.65 -16.77 82.20
N GLY N 254 -64.61 -16.94 81.40
CA GLY N 254 -63.84 -18.18 81.46
C GLY N 254 -63.58 -18.94 80.18
N GLU N 255 -64.65 -19.33 79.49
CA GLU N 255 -64.49 -20.07 78.23
C GLU N 255 -65.78 -20.12 77.40
N TYR N 256 -65.63 -19.91 76.10
CA TYR N 256 -66.74 -19.91 75.15
C TYR N 256 -67.68 -21.05 75.55
N GLY N 257 -68.95 -20.71 75.71
CA GLY N 257 -69.94 -21.69 76.09
C GLY N 257 -70.26 -21.73 77.56
N LYS N 258 -69.32 -21.29 78.39
CA LYS N 258 -69.57 -21.29 79.82
C LYS N 258 -70.70 -20.34 80.17
N ILE N 259 -71.77 -20.90 80.71
CA ILE N 259 -72.93 -20.12 81.10
C ILE N 259 -72.89 -19.77 82.58
N THR N 260 -73.07 -18.49 82.90
CA THR N 260 -73.04 -18.06 84.29
C THR N 260 -74.34 -17.42 84.74
N GLY N 261 -74.59 -17.49 86.05
CA GLY N 261 -75.79 -16.92 86.62
C GLY N 261 -75.79 -15.42 86.39
N GLU N 262 -74.63 -14.87 86.12
CA GLU N 262 -74.54 -13.45 85.86
C GLU N 262 -75.29 -13.26 84.57
N VAL N 263 -74.95 -14.10 83.59
CA VAL N 263 -75.58 -14.07 82.28
C VAL N 263 -77.07 -14.38 82.41
N ALA N 264 -77.38 -15.53 82.99
CA ALA N 264 -78.77 -15.90 83.16
C ALA N 264 -79.57 -14.73 83.75
N GLN N 265 -78.94 -14.05 84.69
CA GLN N 265 -79.59 -12.93 85.35
C GLN N 265 -79.73 -11.75 84.41
N ILE N 266 -78.76 -11.54 83.52
CA ILE N 266 -78.88 -10.41 82.62
C ILE N 266 -79.98 -10.72 81.61
N ILE N 267 -80.02 -11.97 81.15
CA ILE N 267 -81.03 -12.39 80.21
C ILE N 267 -82.39 -12.07 80.79
N ARG N 268 -82.64 -12.52 82.01
CA ARG N 268 -83.93 -12.28 82.66
C ARG N 268 -84.24 -10.80 82.83
N LYS N 269 -83.22 -9.95 82.76
CA LYS N 269 -83.43 -8.51 82.93
C LYS N 269 -83.79 -7.72 81.65
N VAL N 270 -83.14 -8.04 80.53
CA VAL N 270 -83.43 -7.36 79.28
C VAL N 270 -84.82 -7.84 78.82
N GLY N 271 -85.25 -8.96 79.37
CA GLY N 271 -86.55 -9.52 79.03
C GLY N 271 -87.69 -8.87 79.80
N THR N 272 -87.57 -8.77 81.12
CA THR N 272 -88.62 -8.17 81.95
C THR N 272 -88.63 -6.65 82.04
N ARG N 273 -87.71 -6.00 81.34
CA ARG N 273 -87.67 -4.56 81.37
C ARG N 273 -87.73 -3.94 79.98
N GLU N 274 -87.12 -4.59 78.99
CA GLU N 274 -87.17 -4.05 77.63
C GLU N 274 -87.89 -4.98 76.66
N GLY N 275 -88.32 -6.13 77.16
CA GLY N 275 -89.03 -7.09 76.33
C GLY N 275 -88.17 -7.77 75.29
N ILE N 276 -86.86 -7.56 75.36
CA ILE N 276 -85.97 -8.16 74.39
C ILE N 276 -85.35 -9.44 74.96
N ILE N 277 -85.09 -10.40 74.09
CA ILE N 277 -84.48 -11.66 74.51
C ILE N 277 -83.01 -11.76 74.10
N LEU N 278 -82.13 -11.86 75.09
CA LEU N 278 -80.68 -11.98 74.83
C LEU N 278 -80.27 -13.43 75.04
N ASP N 279 -79.25 -13.91 74.32
CA ASP N 279 -78.83 -15.30 74.48
C ASP N 279 -77.64 -15.43 75.45
N PRO N 280 -77.56 -16.54 76.20
CA PRO N 280 -76.49 -16.81 77.18
C PRO N 280 -75.05 -17.01 76.68
N VAL N 281 -74.86 -17.21 75.39
CA VAL N 281 -73.52 -17.44 74.90
C VAL N 281 -72.95 -16.31 74.05
N TYR N 282 -73.81 -15.41 73.58
CA TYR N 282 -73.33 -14.29 72.78
C TYR N 282 -73.86 -12.94 73.24
N THR N 283 -75.12 -12.65 72.90
CA THR N 283 -75.74 -11.38 73.24
C THR N 283 -76.00 -11.11 74.71
N GLY N 284 -76.39 -12.14 75.46
CA GLY N 284 -76.63 -11.99 76.88
C GLY N 284 -75.32 -11.59 77.54
N LYS N 285 -74.22 -12.21 77.09
CA LYS N 285 -72.91 -11.88 77.60
C LYS N 285 -72.48 -10.50 77.16
N ALA N 286 -72.47 -10.27 75.84
CA ALA N 286 -72.06 -8.97 75.30
C ALA N 286 -72.83 -7.78 75.85
N PHE N 287 -74.04 -8.02 76.34
CA PHE N 287 -74.81 -6.92 76.89
C PHE N 287 -74.32 -6.71 78.31
N TYR N 288 -74.16 -7.80 79.05
CA TYR N 288 -73.67 -7.72 80.42
C TYR N 288 -72.41 -6.87 80.32
N GLY N 289 -71.62 -7.11 79.27
CA GLY N 289 -70.40 -6.35 79.07
C GLY N 289 -70.68 -4.87 78.96
N LEU N 290 -71.77 -4.53 78.28
CA LEU N 290 -72.20 -3.14 78.07
C LEU N 290 -72.46 -2.55 79.44
N VAL N 291 -73.40 -3.15 80.15
CA VAL N 291 -73.79 -2.70 81.48
C VAL N 291 -72.60 -2.48 82.40
N ASP N 292 -71.81 -3.52 82.64
CA ASP N 292 -70.66 -3.38 83.52
C ASP N 292 -69.76 -2.25 83.07
N LEU N 293 -69.55 -2.14 81.76
CA LEU N 293 -68.67 -1.11 81.24
C LEU N 293 -69.15 0.34 81.39
N ALA N 294 -70.46 0.57 81.29
CA ALA N 294 -71.04 1.91 81.36
C ALA N 294 -71.29 2.39 82.78
N ARG N 295 -71.15 1.46 83.72
CA ARG N 295 -71.32 1.72 85.15
C ARG N 295 -70.02 2.30 85.65
N LYS N 296 -68.95 2.02 84.90
CA LYS N 296 -67.62 2.53 85.19
C LYS N 296 -67.51 3.76 84.29
N GLY N 297 -68.64 4.12 83.69
CA GLY N 297 -68.71 5.27 82.79
C GLY N 297 -67.71 5.17 81.65
N GLU N 298 -67.49 3.97 81.13
CA GLU N 298 -66.50 3.78 80.08
C GLU N 298 -66.93 3.73 78.62
N LEU N 299 -68.23 3.74 78.35
CA LEU N 299 -68.72 3.66 76.98
C LEU N 299 -69.22 4.97 76.39
N GLY N 300 -69.35 5.98 77.23
CA GLY N 300 -69.84 7.26 76.74
C GLY N 300 -71.24 7.54 77.26
N GLU N 301 -71.90 8.51 76.64
CA GLU N 301 -73.25 8.87 77.05
C GLU N 301 -74.31 8.25 76.16
N LYS N 302 -73.96 8.01 74.91
CA LYS N 302 -74.90 7.43 73.96
C LYS N 302 -74.27 6.19 73.34
N ILE N 303 -74.79 5.04 73.75
CA ILE N 303 -74.29 3.74 73.30
C ILE N 303 -75.30 3.04 72.41
N LEU N 304 -74.80 2.32 71.43
CA LEU N 304 -75.64 1.57 70.49
C LEU N 304 -75.24 0.10 70.52
N PHE N 305 -76.01 -0.71 71.24
CA PHE N 305 -75.76 -2.15 71.32
C PHE N 305 -76.42 -2.82 70.11
N ILE N 306 -75.67 -3.68 69.45
CA ILE N 306 -76.14 -4.38 68.29
C ILE N 306 -76.56 -5.79 68.61
N HIS N 307 -77.88 -5.99 68.73
CA HIS N 307 -78.42 -7.30 68.98
C HIS N 307 -77.97 -8.12 67.77
N THR N 308 -77.17 -9.15 67.97
CA THR N 308 -76.70 -9.97 66.86
C THR N 308 -77.51 -11.25 66.66
N GLY N 309 -78.55 -11.44 67.47
CA GLY N 309 -79.39 -12.63 67.35
C GLY N 309 -79.16 -13.78 68.31
N GLY N 310 -79.20 -15.01 67.77
CA GLY N 310 -78.97 -16.20 68.57
C GLY N 310 -79.98 -16.65 69.61
N ILE N 311 -81.25 -16.59 69.28
CA ILE N 311 -82.29 -16.99 70.22
C ILE N 311 -82.27 -18.50 70.49
N SER N 312 -81.96 -19.27 69.46
CA SER N 312 -81.91 -20.73 69.57
C SER N 312 -81.04 -21.22 70.73
N GLY N 313 -80.13 -20.37 71.20
CA GLY N 313 -79.26 -20.71 72.31
C GLY N 313 -79.98 -20.66 73.64
N THR N 314 -80.85 -19.67 73.81
CA THR N 314 -81.61 -19.57 75.05
C THR N 314 -82.51 -20.78 75.22
N PHE N 315 -83.01 -21.33 74.12
CA PHE N 315 -83.88 -22.51 74.16
C PHE N 315 -83.03 -23.77 74.41
N HIS N 316 -81.82 -23.78 73.83
CA HIS N 316 -80.84 -24.86 73.92
C HIS N 316 -80.26 -25.05 75.36
N TYR N 317 -80.12 -23.96 76.09
CA TYR N 317 -79.57 -23.99 77.44
C TYR N 317 -80.54 -23.54 78.52
N GLY N 318 -81.71 -23.06 78.10
CA GLY N 318 -82.71 -22.60 79.03
C GLY N 318 -82.73 -23.37 80.34
N ASP N 319 -82.48 -24.67 80.26
CA ASP N 319 -82.47 -25.52 81.45
C ASP N 319 -81.33 -25.13 82.37
N LYS N 320 -80.13 -25.01 81.81
CA LYS N 320 -79.00 -24.60 82.60
C LYS N 320 -79.44 -23.29 83.23
N LEU N 321 -79.67 -22.29 82.39
CA LEU N 321 -80.08 -20.97 82.84
C LEU N 321 -80.95 -21.07 84.09
N LEU N 322 -81.95 -21.94 84.07
CA LEU N 322 -82.86 -22.11 85.20
C LEU N 322 -82.14 -22.54 86.48
N SER N 323 -81.27 -23.54 86.36
CA SER N 323 -80.51 -24.04 87.50
C SER N 323 -79.65 -22.97 88.13
N LEU N 324 -79.50 -21.84 87.44
CA LEU N 324 -78.70 -20.71 87.91
C LEU N 324 -79.58 -19.55 88.38
N LEU N 325 -80.90 -19.72 88.27
CA LEU N 325 -81.81 -18.67 88.70
C LEU N 325 -82.39 -19.06 90.06
N MET O 1 41.64 -15.94 7.51
CA MET O 1 41.47 -15.10 6.29
C MET O 1 41.53 -16.01 5.08
N HIS O 2 40.35 -16.49 4.65
CA HIS O 2 40.26 -17.38 3.50
C HIS O 2 41.14 -16.84 2.39
N PRO O 3 41.81 -17.72 1.65
CA PRO O 3 42.65 -17.23 0.57
C PRO O 3 41.91 -16.33 -0.44
N LYS O 4 40.80 -16.84 -0.98
CA LYS O 4 39.95 -16.14 -1.94
C LYS O 4 39.67 -14.69 -1.54
N ILE O 5 39.15 -14.49 -0.33
CA ILE O 5 38.87 -13.15 0.17
C ILE O 5 40.14 -12.29 0.33
N PHE O 6 40.90 -12.61 1.38
CA PHE O 6 42.15 -11.90 1.69
C PHE O 6 42.80 -11.30 0.45
N ALA O 7 42.89 -12.12 -0.60
CA ALA O 7 43.48 -11.69 -1.84
C ALA O 7 42.69 -10.57 -2.50
N LEU O 8 41.46 -10.87 -2.93
CA LEU O 8 40.62 -9.87 -3.61
C LEU O 8 40.55 -8.57 -2.82
N LEU O 9 40.94 -8.61 -1.55
CA LEU O 9 40.93 -7.42 -0.71
C LEU O 9 42.30 -6.77 -0.68
N ALA O 10 43.32 -7.54 -1.04
CA ALA O 10 44.70 -7.08 -1.03
C ALA O 10 44.91 -5.57 -1.21
N LYS O 11 44.64 -5.12 -2.45
CA LYS O 11 44.78 -3.75 -2.90
C LYS O 11 44.21 -2.62 -2.06
N PHE O 12 43.11 -2.84 -1.36
CA PHE O 12 42.51 -1.75 -0.60
C PHE O 12 43.18 -1.22 0.66
N PRO O 13 43.20 0.12 0.81
CA PRO O 13 43.77 0.95 1.88
C PRO O 13 43.20 0.71 3.29
N ARG O 14 43.69 -0.31 3.98
CA ARG O 14 43.20 -0.61 5.33
C ARG O 14 44.01 0.04 6.45
N VAL O 15 43.30 0.42 7.51
CA VAL O 15 43.90 1.03 8.69
C VAL O 15 43.53 0.17 9.89
N GLU O 16 44.21 -0.96 9.99
CA GLU O 16 43.97 -1.92 11.06
C GLU O 16 43.65 -1.26 12.39
N LEU O 17 42.37 -1.00 12.64
CA LEU O 17 42.01 -0.42 13.92
C LEU O 17 41.94 -1.63 14.83
N ILE O 18 40.95 -2.48 14.57
CA ILE O 18 40.76 -3.70 15.34
C ILE O 18 42.03 -4.47 15.04
N PRO O 19 42.68 -5.01 16.09
CA PRO O 19 43.92 -5.78 15.98
C PRO O 19 43.74 -7.30 16.09
N TRP O 20 42.89 -7.71 17.02
CA TRP O 20 42.60 -9.12 17.27
C TRP O 20 41.23 -9.44 16.72
N GLU O 21 40.86 -10.72 16.75
CA GLU O 21 39.57 -11.16 16.26
C GLU O 21 38.58 -11.34 17.39
N THR O 22 37.34 -10.98 17.12
CA THR O 22 36.27 -11.09 18.12
C THR O 22 35.81 -12.53 18.23
N PRO O 23 35.58 -12.99 19.47
CA PRO O 23 35.13 -14.34 19.82
C PRO O 23 33.68 -14.74 19.46
N ILE O 24 33.52 -15.97 18.98
CA ILE O 24 32.20 -16.49 18.62
C ILE O 24 31.74 -17.38 19.76
N GLN O 25 30.72 -16.95 20.47
CA GLN O 25 30.21 -17.72 21.59
C GLN O 25 28.86 -18.36 21.34
N TYR O 26 28.63 -19.47 22.04
CA TYR O 26 27.36 -20.20 21.96
C TYR O 26 26.56 -19.71 23.18
N LEU O 27 25.28 -19.38 22.95
CA LEU O 27 24.40 -18.86 24.00
C LEU O 27 23.48 -19.90 24.65
N PRO O 28 24.03 -20.76 25.50
CA PRO O 28 23.28 -21.81 26.18
C PRO O 28 21.79 -21.60 26.48
N ASN O 29 21.43 -20.50 27.11
CA ASN O 29 20.03 -20.29 27.47
C ASN O 29 19.02 -19.81 26.44
N ILE O 30 19.46 -19.18 25.37
CA ILE O 30 18.49 -18.75 24.37
C ILE O 30 18.20 -19.90 23.39
N SER O 31 19.22 -20.72 23.15
CA SER O 31 19.14 -21.87 22.24
C SER O 31 18.22 -22.95 22.79
N ARG O 32 17.69 -22.71 23.97
CA ARG O 32 16.81 -23.65 24.64
C ARG O 32 15.47 -22.92 24.78
N GLU O 33 15.55 -21.67 25.22
CA GLU O 33 14.38 -20.83 25.41
C GLU O 33 13.68 -20.62 24.06
N ILE O 34 14.23 -21.21 22.99
CA ILE O 34 13.67 -21.11 21.64
C ILE O 34 14.06 -22.28 20.71
N GLY O 35 14.52 -23.38 21.29
CA GLY O 35 14.91 -24.57 20.51
C GLY O 35 15.69 -24.30 19.24
N ALA O 36 16.78 -23.54 19.37
CA ALA O 36 17.63 -23.19 18.23
C ALA O 36 19.01 -22.73 18.67
N ASP O 37 20.05 -23.27 18.02
CA ASP O 37 21.45 -22.93 18.33
C ASP O 37 21.77 -21.48 18.00
N VAL O 38 21.97 -20.64 19.01
CA VAL O 38 22.28 -19.24 18.75
C VAL O 38 23.69 -18.82 19.23
N TYR O 39 24.57 -18.61 18.27
CA TYR O 39 25.97 -18.21 18.51
C TYR O 39 26.21 -16.74 18.20
N ILE O 40 26.47 -15.92 19.21
CA ILE O 40 26.72 -14.49 19.00
C ILE O 40 28.21 -14.13 18.75
N LYS O 41 28.45 -13.30 17.74
CA LYS O 41 29.81 -12.87 17.40
C LYS O 41 30.12 -11.44 17.89
N ARG O 42 30.64 -11.37 19.12
CA ARG O 42 31.00 -10.14 19.87
C ARG O 42 31.66 -8.93 19.18
N ASP O 43 31.11 -8.47 18.07
CA ASP O 43 31.68 -7.34 17.38
C ASP O 43 31.53 -6.05 18.18
N ASP O 44 31.14 -6.18 19.44
CA ASP O 44 30.97 -5.02 20.33
C ASP O 44 32.18 -4.90 21.29
N LEU O 45 33.28 -5.53 20.88
CA LEU O 45 34.53 -5.54 21.65
C LEU O 45 35.65 -5.38 20.62
N THR O 46 35.41 -4.57 19.61
CA THR O 46 36.41 -4.34 18.58
C THR O 46 37.42 -3.28 19.03
N GLY O 47 37.24 -2.77 20.24
CA GLY O 47 38.16 -1.78 20.77
C GLY O 47 37.81 -0.30 20.83
N LEU O 48 37.83 0.35 19.67
CA LEU O 48 37.60 1.80 19.55
C LEU O 48 36.27 2.43 20.01
N GLY O 49 36.34 3.16 21.13
CA GLY O 49 35.17 3.84 21.67
C GLY O 49 34.29 2.93 22.50
N ILE O 50 33.26 2.42 21.84
CA ILE O 50 32.32 1.50 22.45
C ILE O 50 32.24 0.33 21.48
N GLY O 51 33.41 -0.15 21.05
CA GLY O 51 33.47 -1.26 20.12
C GLY O 51 32.32 -1.14 19.15
N GLY O 52 31.68 -2.24 18.81
CA GLY O 52 30.57 -2.17 17.88
C GLY O 52 30.99 -2.34 16.44
N ASN O 53 30.00 -2.37 15.53
CA ASN O 53 30.24 -2.58 14.10
C ASN O 53 30.80 -1.42 13.26
N LYS O 54 30.85 -0.21 13.82
CA LYS O 54 31.37 0.96 13.07
C LYS O 54 32.90 1.01 13.08
N ILE O 55 33.51 0.34 14.05
CA ILE O 55 34.95 0.29 14.17
C ILE O 55 35.54 -0.64 13.09
N ARG O 56 34.74 -1.60 12.61
CA ARG O 56 35.22 -2.54 11.59
C ARG O 56 35.18 -1.82 10.26
N LYS O 57 34.14 -1.01 10.05
CA LYS O 57 33.96 -0.27 8.81
C LYS O 57 35.01 0.82 8.66
N LEU O 58 35.08 1.66 9.70
CA LEU O 58 35.99 2.78 9.73
C LEU O 58 37.44 2.51 9.30
N GLU O 59 37.80 1.23 9.12
CA GLU O 59 39.15 0.90 8.68
C GLU O 59 39.27 1.32 7.23
N TYR O 60 38.45 0.72 6.37
CA TYR O 60 38.47 1.07 4.96
C TYR O 60 38.09 2.52 4.82
N LEU O 61 37.13 2.94 5.62
CA LEU O 61 36.72 4.33 5.56
C LEU O 61 37.93 5.22 5.86
N LEU O 62 38.21 5.50 7.14
CA LEU O 62 39.36 6.35 7.50
C LEU O 62 40.63 6.01 6.70
N GLY O 63 40.75 4.76 6.25
CA GLY O 63 41.91 4.36 5.46
C GLY O 63 41.75 4.82 4.02
N ASP O 64 40.67 5.55 3.77
CA ASP O 64 40.36 6.11 2.46
C ASP O 64 40.86 7.55 2.55
N ALA O 65 40.13 8.37 3.32
CA ALA O 65 40.48 9.77 3.52
C ALA O 65 41.97 9.99 3.78
N LEU O 66 42.59 9.09 4.54
CA LEU O 66 44.03 9.18 4.87
C LEU O 66 44.91 8.97 3.65
N SER O 67 44.37 8.25 2.66
CA SER O 67 45.08 7.98 1.40
C SER O 67 44.76 9.14 0.43
N LYS O 68 43.72 9.90 0.75
CA LYS O 68 43.29 11.04 -0.07
C LYS O 68 43.65 12.37 0.61
N GLY O 69 44.11 12.28 1.86
CA GLY O 69 44.55 13.46 2.59
C GLY O 69 43.56 14.32 3.33
N ALA O 70 42.46 13.74 3.79
CA ALA O 70 41.49 14.54 4.51
C ALA O 70 42.19 15.19 5.68
N ASP O 71 41.69 16.36 6.07
CA ASP O 71 42.20 17.10 7.21
C ASP O 71 41.01 17.12 8.13
N VAL O 72 39.85 16.85 7.52
CA VAL O 72 38.59 16.76 8.23
C VAL O 72 37.79 15.58 7.67
N VAL O 73 36.87 15.06 8.48
CA VAL O 73 36.07 13.91 8.10
C VAL O 73 34.69 14.15 8.69
N ILE O 74 33.77 14.50 7.80
CA ILE O 74 32.39 14.78 8.18
C ILE O 74 31.46 13.62 7.83
N THR O 75 30.54 13.34 8.75
CA THR O 75 29.60 12.27 8.60
C THR O 75 28.39 12.71 9.41
N VAL O 76 27.22 12.18 9.06
CA VAL O 76 25.98 12.51 9.77
C VAL O 76 25.41 11.29 10.49
N GLY O 77 24.74 11.56 11.60
CA GLY O 77 24.12 10.49 12.36
C GLY O 77 22.89 11.02 13.06
N ALA O 78 22.64 10.48 14.23
CA ALA O 78 21.53 10.90 15.07
C ALA O 78 22.23 11.42 16.32
N VAL O 79 21.60 12.35 17.03
CA VAL O 79 22.19 12.90 18.26
C VAL O 79 22.79 11.72 19.03
N HIS O 80 22.09 10.59 18.97
CA HIS O 80 22.47 9.36 19.67
C HIS O 80 23.23 8.38 18.78
N SER O 81 23.29 8.66 17.48
CA SER O 81 24.02 7.78 16.57
C SER O 81 25.26 7.19 17.24
N ASN O 82 25.57 5.96 16.82
CA ASN O 82 26.74 5.22 17.29
C ASN O 82 27.82 5.51 16.28
N HIS O 83 27.36 5.76 15.06
CA HIS O 83 28.23 6.07 13.94
C HIS O 83 29.03 7.35 14.19
N ALA O 84 28.32 8.41 14.54
CA ALA O 84 28.93 9.70 14.82
C ALA O 84 30.14 9.60 15.77
N PHE O 85 29.89 9.17 17.01
CA PHE O 85 30.93 9.05 18.03
C PHE O 85 32.10 8.16 17.62
N VAL O 86 31.84 6.86 17.47
CA VAL O 86 32.88 5.91 17.06
C VAL O 86 33.84 6.66 16.16
N THR O 87 33.31 7.07 15.01
CA THR O 87 34.05 7.81 13.96
C THR O 87 34.86 9.03 14.40
N GLY O 88 34.26 9.88 15.23
CA GLY O 88 34.94 11.08 15.71
C GLY O 88 36.26 10.66 16.32
N LEU O 89 36.15 9.85 17.37
CA LEU O 89 37.28 9.31 18.09
C LEU O 89 38.29 8.75 17.07
N ALA O 90 38.01 7.56 16.54
CA ALA O 90 38.89 6.94 15.56
C ALA O 90 39.71 8.01 14.83
N ALA O 91 39.01 8.92 14.16
CA ALA O 91 39.63 10.02 13.44
C ALA O 91 40.71 10.69 14.28
N LYS O 92 40.30 11.47 15.27
CA LYS O 92 41.24 12.18 16.14
C LYS O 92 42.46 11.32 16.47
N LYS O 93 42.23 10.07 16.86
CA LYS O 93 43.33 9.18 17.18
C LYS O 93 44.32 9.19 16.02
N LEU O 94 43.79 9.12 14.80
CA LEU O 94 44.61 9.13 13.59
C LEU O 94 44.98 10.55 13.14
N GLY O 95 45.06 11.46 14.12
CA GLY O 95 45.40 12.84 13.84
C GLY O 95 44.20 13.66 13.40
N LEU O 96 43.75 13.39 12.18
CA LEU O 96 42.62 14.06 11.53
C LEU O 96 41.62 14.79 12.44
N ASP O 97 40.97 15.79 11.86
CA ASP O 97 39.96 16.58 12.55
C ASP O 97 38.62 15.83 12.37
N ALA O 98 37.53 16.39 12.91
CA ALA O 98 36.22 15.76 12.78
C ALA O 98 35.02 16.63 13.19
N ILE O 99 34.02 16.68 12.31
CA ILE O 99 32.79 17.46 12.56
C ILE O 99 31.52 16.61 12.33
N LEU O 100 30.73 16.48 13.40
CA LEU O 100 29.51 15.69 13.42
C LEU O 100 28.25 16.54 13.33
N VAL O 101 27.35 16.19 12.41
CA VAL O 101 26.10 16.93 12.24
C VAL O 101 24.89 16.10 12.75
N LEU O 102 24.44 16.39 13.97
CA LEU O 102 23.32 15.70 14.61
C LEU O 102 21.96 16.38 14.45
N ARG O 103 20.88 15.61 14.60
CA ARG O 103 19.52 16.13 14.45
C ARG O 103 18.59 15.70 15.54
N GLY O 104 18.10 16.65 16.33
CA GLY O 104 17.17 16.29 17.40
C GLY O 104 17.58 16.78 18.77
N LYS O 105 16.80 16.42 19.80
CA LYS O 105 17.11 16.83 21.16
C LYS O 105 18.61 16.80 21.39
N GLU O 106 19.06 17.61 22.34
CA GLU O 106 20.48 17.69 22.65
C GLU O 106 20.76 17.45 24.12
N GLU O 107 20.35 16.28 24.62
CA GLU O 107 20.58 15.91 26.01
C GLU O 107 22.05 15.54 26.15
N LEU O 108 22.65 15.84 27.30
CA LEU O 108 24.03 15.47 27.50
C LEU O 108 24.04 14.17 28.31
N LYS O 109 23.52 13.12 27.65
CA LYS O 109 23.43 11.77 28.19
C LYS O 109 23.31 10.82 26.99
N GLY O 110 23.89 9.62 27.12
CA GLY O 110 23.84 8.65 26.04
C GLY O 110 25.04 8.69 25.10
N ASN O 111 24.83 8.91 23.81
CA ASN O 111 25.96 8.98 22.89
C ASN O 111 26.43 10.42 22.69
N TYR O 112 25.50 11.36 22.67
CA TYR O 112 25.81 12.77 22.49
C TYR O 112 26.66 13.31 23.64
N LEU O 113 26.45 12.79 24.85
CA LEU O 113 27.23 13.22 26.01
C LEU O 113 28.66 12.77 25.79
N LEU O 114 28.84 11.72 24.99
CA LEU O 114 30.17 11.20 24.72
C LEU O 114 30.95 12.16 23.83
N ASP O 115 30.33 12.51 22.71
CA ASP O 115 30.92 13.45 21.75
C ASP O 115 31.61 14.58 22.53
N LYS O 116 30.79 15.45 23.13
CA LYS O 116 31.30 16.57 23.90
C LYS O 116 32.41 16.17 24.89
N ILE O 117 32.12 15.29 25.85
CA ILE O 117 33.13 14.85 26.82
C ILE O 117 34.44 14.56 26.13
N MET O 118 34.38 14.17 24.85
CA MET O 118 35.61 13.86 24.12
C MET O 118 36.26 15.07 23.42
N GLY O 119 35.45 16.03 23.01
CA GLY O 119 35.99 17.19 22.35
C GLY O 119 35.64 17.19 20.87
N ILE O 120 34.79 16.27 20.47
CA ILE O 120 34.37 16.19 19.06
C ILE O 120 33.32 17.26 18.78
N GLU O 121 33.38 17.89 17.59
CA GLU O 121 32.44 18.96 17.25
C GLU O 121 31.06 18.50 16.80
N THR O 122 30.02 19.02 17.46
CA THR O 122 28.63 18.68 17.14
C THR O 122 27.85 19.91 16.66
N ARG O 123 27.27 19.82 15.48
CA ARG O 123 26.48 20.90 14.91
C ARG O 123 25.06 20.39 14.73
N VAL O 124 24.25 20.50 15.78
CA VAL O 124 22.88 20.01 15.73
C VAL O 124 21.90 20.82 14.86
N TYR O 125 21.40 20.18 13.80
CA TYR O 125 20.47 20.83 12.89
C TYR O 125 19.02 20.47 13.17
N ASP O 126 18.34 21.41 13.83
CA ASP O 126 16.94 21.28 14.19
C ASP O 126 16.17 20.46 13.16
N ALA O 127 16.57 20.60 11.90
CA ALA O 127 15.97 19.92 10.75
C ALA O 127 15.89 18.42 10.91
N LYS O 128 15.63 17.98 12.14
CA LYS O 128 15.54 16.56 12.50
C LYS O 128 14.41 15.78 11.80
N ASP O 129 14.79 14.98 10.80
CA ASP O 129 13.83 14.12 10.09
C ASP O 129 14.40 12.97 9.22
N SER O 130 14.94 13.28 8.05
CA SER O 130 15.49 12.25 7.17
C SER O 130 17.02 12.09 7.26
N PHE O 131 17.63 11.42 6.28
CA PHE O 131 19.09 11.28 6.26
C PHE O 131 19.62 12.32 5.29
N GLU O 132 18.79 13.34 5.01
CA GLU O 132 19.18 14.41 4.10
C GLU O 132 19.99 15.51 4.77
N LEU O 133 20.52 15.18 5.95
CA LEU O 133 21.38 16.06 6.73
C LEU O 133 22.71 16.04 5.97
N MET O 134 22.69 15.24 4.89
CA MET O 134 23.80 15.00 3.97
C MET O 134 23.81 16.07 2.87
N LYS O 135 23.34 17.25 3.27
CA LYS O 135 23.28 18.43 2.41
C LYS O 135 24.03 19.46 3.24
N TYR O 136 23.90 19.31 4.55
CA TYR O 136 24.56 20.20 5.49
C TYR O 136 25.99 19.71 5.69
N ALA O 137 26.20 18.43 5.46
CA ALA O 137 27.53 17.83 5.56
C ALA O 137 28.04 17.99 4.12
N GLU O 138 27.54 19.04 3.48
CA GLU O 138 27.92 19.37 2.11
C GLU O 138 28.08 20.87 2.03
N GLU O 139 27.15 21.63 2.63
CA GLU O 139 27.29 23.09 2.60
C GLU O 139 28.42 23.47 3.59
N ILE O 140 28.77 22.51 4.45
CA ILE O 140 29.86 22.67 5.41
C ILE O 140 31.13 22.13 4.75
N ALA O 141 31.01 20.95 4.15
CA ALA O 141 32.14 20.35 3.44
C ALA O 141 32.59 21.26 2.30
N GLU O 142 31.76 22.24 1.97
CA GLU O 142 32.08 23.20 0.92
C GLU O 142 32.82 24.38 1.53
N GLU O 143 32.15 25.13 2.40
CA GLU O 143 32.81 26.28 3.01
C GLU O 143 34.22 25.86 3.37
N LEU O 144 34.32 24.63 3.90
CA LEU O 144 35.59 24.06 4.34
C LEU O 144 36.58 23.72 3.23
N LYS O 145 36.14 22.98 2.21
CA LYS O 145 37.06 22.63 1.14
C LYS O 145 37.35 23.88 0.32
N ARG O 146 36.33 24.73 0.13
CA ARG O 146 36.48 25.98 -0.64
C ARG O 146 37.34 26.92 0.18
N GLU O 147 38.17 26.32 1.03
CA GLU O 147 39.06 27.04 1.90
C GLU O 147 40.18 26.10 2.33
N GLY O 148 41.28 26.14 1.60
CA GLY O 148 42.44 25.32 1.90
C GLY O 148 42.27 23.90 2.37
N ARG O 149 41.23 23.67 3.17
CA ARG O 149 40.92 22.37 3.73
C ARG O 149 40.28 21.39 2.76
N LYS O 150 40.50 20.10 3.03
CA LYS O 150 39.98 19.01 2.23
C LYS O 150 39.09 18.08 3.07
N PRO O 151 37.87 18.50 3.33
CA PRO O 151 36.98 17.65 4.14
C PRO O 151 36.75 16.27 3.54
N TYR O 152 35.95 15.48 4.25
CA TYR O 152 35.61 14.13 3.81
C TYR O 152 34.21 13.83 4.28
N VAL O 153 33.43 13.21 3.40
CA VAL O 153 32.07 12.87 3.74
C VAL O 153 31.91 11.36 3.88
N ILE O 154 31.52 10.95 5.07
CA ILE O 154 31.26 9.56 5.40
C ILE O 154 29.75 9.49 5.50
N PRO O 155 29.09 8.69 4.62
CA PRO O 155 27.63 8.52 4.60
C PRO O 155 26.97 8.28 5.97
N PRO O 156 25.67 7.96 5.95
CA PRO O 156 25.05 7.72 7.27
C PRO O 156 25.42 6.28 7.59
N GLY O 157 26.37 6.08 8.50
CA GLY O 157 26.81 4.73 8.83
C GLY O 157 27.69 4.11 7.74
N GLY O 158 28.88 4.68 7.58
CA GLY O 158 29.81 4.18 6.58
C GLY O 158 29.11 3.39 5.50
N ALA O 159 28.14 4.03 4.86
CA ALA O 159 27.35 3.40 3.80
C ALA O 159 28.13 3.17 2.49
N SER O 160 29.06 4.08 2.19
CA SER O 160 29.87 3.97 0.97
C SER O 160 30.16 2.50 0.62
N PRO O 161 30.09 2.15 -0.66
CA PRO O 161 30.33 0.78 -1.14
C PRO O 161 31.62 0.17 -0.58
N ILE O 162 32.57 1.04 -0.27
CA ILE O 162 33.88 0.61 0.23
C ILE O 162 33.92 0.31 1.73
N GLY O 163 33.46 1.24 2.56
CA GLY O 163 33.48 0.99 3.98
C GLY O 163 32.70 -0.29 4.23
N THR O 164 31.95 -0.71 3.22
CA THR O 164 31.13 -1.92 3.30
C THR O 164 32.06 -3.07 3.53
N LEU O 165 33.17 -3.06 2.80
CA LEU O 165 34.18 -4.10 2.87
C LEU O 165 34.52 -4.51 4.32
N GLY O 166 34.22 -3.66 5.29
CA GLY O 166 34.49 -4.01 6.67
C GLY O 166 34.08 -5.46 6.94
N TYR O 167 32.79 -5.76 6.71
CA TYR O 167 32.28 -7.11 6.93
C TYR O 167 32.47 -8.02 5.74
N VAL O 168 33.00 -7.49 4.66
CA VAL O 168 33.27 -8.32 3.50
C VAL O 168 34.58 -9.00 3.87
N ARG O 169 35.18 -8.48 4.93
CA ARG O 169 36.43 -8.98 5.47
C ARG O 169 36.05 -9.91 6.61
N ALA O 170 35.07 -9.48 7.41
CA ALA O 170 34.56 -10.26 8.54
C ALA O 170 34.17 -11.65 8.09
N VAL O 171 33.54 -11.75 6.93
CA VAL O 171 33.14 -13.03 6.40
C VAL O 171 34.38 -13.88 6.20
N GLY O 172 35.55 -13.23 6.21
CA GLY O 172 36.81 -13.93 6.04
C GLY O 172 37.30 -14.41 7.39
N GLU O 173 37.23 -13.53 8.38
CA GLU O 173 37.64 -13.86 9.73
C GLU O 173 36.80 -15.03 10.16
N ILE O 174 35.49 -14.83 10.16
CA ILE O 174 34.53 -15.86 10.56
C ILE O 174 34.77 -17.17 9.85
N ALA O 175 34.87 -17.11 8.52
CA ALA O 175 35.08 -18.30 7.72
C ALA O 175 36.22 -19.14 8.29
N THR O 176 37.25 -18.45 8.76
CA THR O 176 38.42 -19.09 9.34
C THR O 176 38.34 -19.33 10.84
N GLN O 177 37.95 -18.30 11.58
CA GLN O 177 37.85 -18.39 13.03
C GLN O 177 36.89 -19.48 13.52
N SER O 178 35.75 -19.62 12.87
CA SER O 178 34.73 -20.59 13.25
C SER O 178 34.86 -22.05 12.80
N GLU O 179 34.31 -22.92 13.65
CA GLU O 179 34.25 -24.35 13.38
C GLU O 179 32.80 -24.73 13.68
N VAL O 180 31.90 -23.98 13.04
CA VAL O 180 30.45 -24.16 13.14
C VAL O 180 29.85 -23.68 11.80
N LYS O 181 29.71 -24.59 10.84
CA LYS O 181 29.15 -24.26 9.52
C LYS O 181 27.76 -23.63 9.61
N PHE O 182 27.74 -22.32 9.83
CA PHE O 182 26.51 -21.55 9.97
C PHE O 182 25.49 -21.55 8.82
N ASP O 183 24.23 -21.74 9.20
CA ASP O 183 23.11 -21.75 8.27
C ASP O 183 22.73 -20.29 8.06
N SER O 184 22.46 -19.60 9.14
CA SER O 184 22.06 -18.22 9.03
C SER O 184 22.85 -17.23 9.87
N ILE O 185 23.27 -16.15 9.23
CA ILE O 185 23.99 -15.09 9.93
C ILE O 185 23.01 -13.92 9.91
N VAL O 186 22.56 -13.54 11.09
CA VAL O 186 21.61 -12.45 11.20
C VAL O 186 22.24 -11.26 11.91
N VAL O 187 22.22 -10.12 11.22
CA VAL O 187 22.79 -8.89 11.72
C VAL O 187 21.77 -7.75 11.61
N ALA O 188 21.82 -6.82 12.55
CA ALA O 188 20.92 -5.67 12.55
C ALA O 188 21.27 -4.77 11.37
N ALA O 189 20.31 -3.90 11.00
CA ALA O 189 20.47 -2.97 9.88
C ALA O 189 19.72 -1.65 10.11
N GLY O 190 20.23 -0.60 9.49
CA GLY O 190 19.65 0.73 9.59
C GLY O 190 19.90 1.41 8.26
N SER O 191 21.17 1.49 7.90
CA SER O 191 21.55 2.09 6.64
C SER O 191 22.07 0.96 5.73
N GLY O 192 21.68 -0.27 6.06
CA GLY O 192 22.10 -1.42 5.29
C GLY O 192 23.60 -1.63 5.23
N GLY O 193 24.33 -0.78 5.95
CA GLY O 193 25.79 -0.86 5.97
C GLY O 193 26.42 -2.23 6.15
N THR O 194 26.44 -2.72 7.39
CA THR O 194 27.02 -4.03 7.70
C THR O 194 26.43 -5.16 6.87
N LEU O 195 25.11 -5.31 7.01
CA LEU O 195 24.38 -6.35 6.31
C LEU O 195 24.89 -6.40 4.88
N ALA O 196 24.92 -5.22 4.26
CA ALA O 196 25.39 -5.09 2.90
C ALA O 196 26.64 -5.93 2.74
N GLY O 197 27.67 -5.59 3.52
CA GLY O 197 28.94 -6.28 3.48
C GLY O 197 28.89 -7.75 3.88
N LEU O 198 28.04 -8.08 4.85
CA LEU O 198 27.90 -9.47 5.27
C LEU O 198 27.38 -10.22 4.07
N SER O 199 26.28 -9.71 3.51
CA SER O 199 25.66 -10.28 2.32
C SER O 199 26.77 -10.46 1.29
N LEU O 200 27.39 -9.34 0.90
CA LEU O 200 28.49 -9.34 -0.07
C LEU O 200 29.66 -10.17 0.48
N GLY O 201 29.49 -10.68 1.69
CA GLY O 201 30.53 -11.48 2.28
C GLY O 201 30.39 -12.92 1.86
N LEU O 202 29.21 -13.47 2.12
CA LEU O 202 29.00 -14.86 1.78
C LEU O 202 28.93 -15.18 0.28
N SER O 203 28.68 -14.18 -0.56
CA SER O 203 28.62 -14.42 -2.00
C SER O 203 29.92 -15.04 -2.48
N ILE O 204 30.98 -14.22 -2.42
CA ILE O 204 32.31 -14.61 -2.83
C ILE O 204 32.68 -16.01 -2.33
N LEU O 205 32.58 -16.23 -1.03
CA LEU O 205 32.91 -17.54 -0.45
C LEU O 205 32.11 -18.64 -1.16
N ASN O 206 30.79 -18.48 -1.20
CA ASN O 206 29.87 -19.43 -1.83
C ASN O 206 29.47 -20.53 -0.87
N GLU O 207 29.03 -20.09 0.29
CA GLU O 207 28.55 -21.00 1.30
C GLU O 207 27.10 -20.62 1.37
N ASP O 208 26.23 -21.60 1.56
CA ASP O 208 24.80 -21.34 1.61
C ASP O 208 24.40 -20.74 2.95
N ILE O 209 25.05 -19.64 3.31
CA ILE O 209 24.76 -18.95 4.55
C ILE O 209 23.79 -17.83 4.21
N ARG O 210 22.96 -17.43 5.17
CA ARG O 210 21.98 -16.40 4.88
C ARG O 210 22.14 -15.02 5.51
N PRO O 211 22.23 -13.98 4.68
CA PRO O 211 22.37 -12.62 5.19
C PRO O 211 20.96 -12.22 5.59
N VAL O 212 20.65 -12.24 6.86
CA VAL O 212 19.29 -11.88 7.23
C VAL O 212 19.25 -10.58 8.04
N GLY O 213 18.71 -9.54 7.42
CA GLY O 213 18.59 -8.26 8.07
C GLY O 213 17.46 -8.23 9.09
N ILE O 214 17.43 -7.14 9.86
CA ILE O 214 16.42 -6.96 10.88
C ILE O 214 16.30 -5.47 11.20
N ALA O 215 15.68 -4.73 10.27
CA ALA O 215 15.51 -3.30 10.43
C ALA O 215 14.96 -2.96 11.82
N VAL O 216 15.69 -2.12 12.57
CA VAL O 216 15.29 -1.69 13.93
C VAL O 216 14.35 -0.48 13.90
N GLY O 217 14.34 0.21 12.75
CA GLY O 217 13.51 1.38 12.57
C GLY O 217 13.04 1.31 11.14
N ARG O 218 11.81 1.75 10.92
CA ARG O 218 11.15 1.75 9.60
C ARG O 218 11.90 1.16 8.38
N PHE O 219 11.37 0.06 7.87
CA PHE O 219 11.86 -0.65 6.67
C PHE O 219 11.19 0.09 5.49
N GLY O 220 11.99 0.67 4.60
CA GLY O 220 11.41 1.43 3.50
C GLY O 220 11.78 1.07 2.06
N GLU O 221 12.10 2.10 1.28
CA GLU O 221 12.45 1.95 -0.12
C GLU O 221 13.95 2.16 -0.42
N VAL O 222 14.44 3.40 -0.32
CA VAL O 222 15.86 3.70 -0.56
C VAL O 222 16.64 3.03 0.60
N MET O 223 15.97 2.01 1.14
CA MET O 223 16.45 1.17 2.21
C MET O 223 16.52 -0.22 1.57
N THR O 224 15.40 -0.66 1.00
CA THR O 224 15.31 -1.97 0.34
C THR O 224 15.54 -1.85 -1.17
N SER O 225 16.50 -1.01 -1.54
CA SER O 225 16.86 -0.77 -2.93
C SER O 225 18.23 -0.12 -2.89
N LYS O 226 18.45 0.65 -1.83
CA LYS O 226 19.70 1.35 -1.62
C LYS O 226 20.72 0.28 -1.27
N LEU O 227 20.25 -0.74 -0.55
CA LEU O 227 21.07 -1.87 -0.15
C LEU O 227 21.46 -2.69 -1.39
N ASP O 228 20.74 -2.46 -2.48
CA ASP O 228 20.99 -3.19 -3.74
C ASP O 228 21.81 -2.44 -4.79
N ASN O 229 21.95 -1.15 -4.59
CA ASN O 229 22.76 -0.35 -5.50
C ASN O 229 24.15 -0.48 -4.86
N LEU O 230 24.15 -0.91 -3.61
CA LEU O 230 25.36 -1.10 -2.81
C LEU O 230 26.05 -2.42 -3.17
N ILE O 231 25.37 -3.52 -2.88
CA ILE O 231 25.86 -4.86 -3.17
C ILE O 231 26.16 -5.01 -4.65
N LYS O 232 25.81 -3.98 -5.43
CA LYS O 232 26.03 -4.00 -6.88
C LYS O 232 27.28 -3.18 -7.25
N GLU O 233 27.40 -1.98 -6.67
CA GLU O 233 28.58 -1.15 -6.93
C GLU O 233 29.73 -1.81 -6.16
N ALA O 234 29.53 -2.00 -4.85
CA ALA O 234 30.55 -2.63 -4.01
C ALA O 234 30.97 -4.04 -4.45
N ALA O 235 30.24 -4.66 -5.38
CA ALA O 235 30.59 -6.00 -5.86
C ALA O 235 31.41 -5.89 -7.12
N GLU O 236 31.46 -4.67 -7.64
CA GLU O 236 32.23 -4.38 -8.84
C GLU O 236 33.63 -3.97 -8.38
N LEU O 237 33.72 -3.57 -7.11
CA LEU O 237 34.96 -3.15 -6.47
C LEU O 237 36.02 -4.24 -6.38
N LEU O 238 35.59 -5.45 -6.02
CA LEU O 238 36.53 -6.56 -5.91
C LEU O 238 36.52 -7.26 -7.26
N GLY O 239 35.75 -6.71 -8.19
CA GLY O 239 35.65 -7.29 -9.51
C GLY O 239 34.96 -8.64 -9.45
N VAL O 240 33.98 -8.74 -8.55
CA VAL O 240 33.22 -9.98 -8.36
C VAL O 240 31.73 -9.79 -8.64
N LYS O 241 31.05 -10.90 -8.96
CA LYS O 241 29.62 -10.86 -9.27
C LYS O 241 28.73 -11.02 -8.03
N VAL O 242 27.84 -10.06 -7.81
CA VAL O 242 26.92 -10.12 -6.67
C VAL O 242 26.17 -11.44 -6.75
N GLU O 243 26.03 -12.11 -5.61
CA GLU O 243 25.33 -13.39 -5.61
C GLU O 243 23.82 -13.19 -5.58
N VAL O 244 23.18 -13.48 -4.46
CA VAL O 244 21.71 -13.34 -4.40
C VAL O 244 21.16 -12.71 -3.12
N ARG O 245 20.97 -11.39 -3.20
CA ARG O 245 20.45 -10.54 -2.11
C ARG O 245 20.34 -11.10 -0.67
N PRO O 246 20.47 -10.19 0.30
CA PRO O 246 20.40 -10.44 1.74
C PRO O 246 18.97 -10.29 2.28
N GLU O 247 18.45 -11.37 2.84
CA GLU O 247 17.11 -11.33 3.37
C GLU O 247 16.96 -10.18 4.34
N LEU O 248 15.92 -9.36 4.15
CA LEU O 248 15.67 -8.20 5.02
C LEU O 248 14.28 -8.30 5.66
N TYR O 249 14.19 -8.06 6.96
CA TYR O 249 12.92 -8.15 7.65
C TYR O 249 12.77 -6.90 8.51
N ASP O 250 11.62 -6.75 9.17
CA ASP O 250 11.36 -5.56 10.02
C ASP O 250 10.88 -5.85 11.44
N TYR O 251 11.64 -5.36 12.42
CA TYR O 251 11.30 -5.51 13.83
C TYR O 251 11.53 -4.17 14.50
N SER O 252 10.94 -3.16 13.86
CA SER O 252 11.00 -1.75 14.25
C SER O 252 10.14 -1.30 15.43
N PHE O 253 8.90 -1.79 15.43
CA PHE O 253 7.90 -1.42 16.44
C PHE O 253 7.34 -0.08 15.95
N GLY O 254 7.25 0.05 14.63
CA GLY O 254 6.77 1.27 14.02
C GLY O 254 7.92 2.08 13.47
N GLU O 255 8.41 3.02 14.28
CA GLU O 255 9.51 3.91 13.91
C GLU O 255 10.85 3.73 14.65
N TYR O 256 11.92 4.21 14.01
CA TYR O 256 13.26 4.14 14.58
C TYR O 256 13.19 4.66 16.02
N GLY O 257 14.21 4.33 16.79
CA GLY O 257 14.31 4.79 18.15
C GLY O 257 13.03 4.96 18.93
N LYS O 258 12.03 4.12 18.67
CA LYS O 258 10.78 4.17 19.42
C LYS O 258 10.86 3.02 20.41
N ILE O 259 11.13 3.33 21.68
CA ILE O 259 11.25 2.28 22.69
C ILE O 259 9.90 1.82 23.24
N THR O 260 9.76 0.51 23.42
CA THR O 260 8.52 -0.05 23.93
C THR O 260 8.75 -0.84 25.20
N GLY O 261 7.70 -1.52 25.65
CA GLY O 261 7.81 -2.35 26.84
C GLY O 261 8.64 -3.56 26.48
N GLU O 262 8.31 -4.19 25.35
CA GLU O 262 9.02 -5.38 24.86
C GLU O 262 10.50 -5.07 24.74
N VAL O 263 10.86 -4.17 23.82
CA VAL O 263 12.27 -3.80 23.65
C VAL O 263 13.04 -3.88 24.96
N ALA O 264 12.57 -3.20 26.00
CA ALA O 264 13.24 -3.21 27.29
C ALA O 264 13.25 -4.60 27.95
N GLN O 265 12.56 -5.56 27.33
CA GLN O 265 12.47 -6.93 27.84
C GLN O 265 13.54 -7.73 27.08
N ILE O 266 13.45 -7.74 25.76
CA ILE O 266 14.41 -8.46 24.94
C ILE O 266 15.79 -8.26 25.57
N ILE O 267 16.00 -7.07 26.15
CA ILE O 267 17.25 -6.69 26.82
C ILE O 267 17.34 -7.20 28.28
N ARG O 268 16.25 -7.07 29.05
CA ARG O 268 16.26 -7.55 30.43
C ARG O 268 16.44 -9.07 30.47
N LYS O 269 15.93 -9.75 29.43
CA LYS O 269 15.99 -11.21 29.31
C LYS O 269 17.36 -11.71 28.95
N VAL O 270 18.05 -10.97 28.09
CA VAL O 270 19.38 -11.35 27.62
C VAL O 270 20.54 -10.92 28.53
N GLY O 271 20.34 -9.87 29.32
CA GLY O 271 21.37 -9.41 30.22
C GLY O 271 21.52 -10.39 31.39
N THR O 272 20.44 -11.11 31.68
CA THR O 272 20.48 -12.05 32.78
C THR O 272 20.51 -13.53 32.37
N ARG O 273 20.22 -13.84 31.12
CA ARG O 273 20.24 -15.23 30.70
C ARG O 273 21.45 -15.55 29.81
N GLU O 274 22.28 -14.53 29.56
CA GLU O 274 23.48 -14.68 28.72
C GLU O 274 24.45 -13.54 29.01
N GLY O 275 24.27 -12.89 30.16
CA GLY O 275 25.14 -11.79 30.52
C GLY O 275 25.55 -10.79 29.44
N ILE O 276 24.87 -10.80 28.29
CA ILE O 276 25.20 -9.86 27.22
C ILE O 276 24.25 -8.64 27.24
N ILE O 277 24.68 -7.55 26.65
CA ILE O 277 23.91 -6.31 26.66
C ILE O 277 23.58 -5.74 25.29
N LEU O 278 22.34 -5.29 25.14
CA LEU O 278 21.86 -4.70 23.89
C LEU O 278 21.19 -3.34 24.12
N ASP O 279 21.25 -2.48 23.12
CA ASP O 279 20.66 -1.15 23.20
C ASP O 279 19.20 -1.24 22.77
N PRO O 280 18.34 -0.31 23.25
CA PRO O 280 16.92 -0.36 22.87
C PRO O 280 16.65 0.40 21.56
N VAL O 281 17.54 0.27 20.58
CA VAL O 281 17.34 0.93 19.28
C VAL O 281 18.12 0.28 18.11
N TYR O 282 18.75 -0.87 18.37
CA TYR O 282 19.49 -1.60 17.34
C TYR O 282 19.61 -3.08 17.67
N THR O 283 20.38 -3.39 18.71
CA THR O 283 20.60 -4.76 19.16
C THR O 283 19.37 -5.37 19.89
N GLY O 284 18.76 -4.58 20.77
CA GLY O 284 17.59 -5.06 21.51
C GLY O 284 16.52 -5.60 20.56
N LYS O 285 16.32 -4.88 19.44
CA LYS O 285 15.34 -5.22 18.40
C LYS O 285 15.91 -6.18 17.35
N ALA O 286 17.22 -6.10 17.15
CA ALA O 286 17.93 -6.96 16.21
C ALA O 286 17.86 -8.38 16.78
N PHE O 287 17.67 -8.47 18.09
CA PHE O 287 17.60 -9.75 18.80
C PHE O 287 16.16 -10.28 18.76
N TYR O 288 15.22 -9.48 19.25
CA TYR O 288 13.81 -9.86 19.23
C TYR O 288 13.53 -10.44 17.83
N GLY O 289 14.10 -9.85 16.80
CA GLY O 289 13.87 -10.36 15.47
C GLY O 289 14.48 -11.73 15.25
N LEU O 290 15.61 -12.00 15.90
CA LEU O 290 16.33 -13.27 15.80
C LEU O 290 15.42 -14.39 16.26
N VAL O 291 15.10 -14.37 17.55
CA VAL O 291 14.24 -15.35 18.20
C VAL O 291 12.98 -15.58 17.38
N ASP O 292 12.08 -14.58 17.40
CA ASP O 292 10.82 -14.60 16.67
C ASP O 292 10.88 -15.35 15.31
N LEU O 293 12.02 -15.24 14.64
CA LEU O 293 12.24 -15.89 13.37
C LEU O 293 12.81 -17.31 13.59
N ALA O 294 13.66 -17.45 14.60
CA ALA O 294 14.26 -18.72 14.95
C ALA O 294 13.14 -19.62 15.48
N ARG O 295 12.39 -19.10 16.46
CA ARG O 295 11.27 -19.82 17.05
C ARG O 295 10.40 -20.35 15.91
N LYS O 296 9.79 -19.43 15.15
CA LYS O 296 8.94 -19.76 14.00
C LYS O 296 9.55 -20.87 13.16
N GLY O 297 10.83 -21.16 13.39
CA GLY O 297 11.51 -22.20 12.66
C GLY O 297 12.00 -21.74 11.31
N GLU O 298 12.33 -20.46 11.21
CA GLU O 298 12.80 -19.89 9.95
C GLU O 298 14.30 -19.77 9.76
N LEU O 299 14.99 -19.22 10.75
CA LEU O 299 16.45 -19.04 10.67
C LEU O 299 17.32 -20.30 10.58
N GLY O 300 16.72 -21.48 10.58
CA GLY O 300 17.51 -22.70 10.49
C GLY O 300 17.82 -23.31 11.85
N GLU O 301 18.89 -24.12 11.90
CA GLU O 301 19.30 -24.82 13.13
C GLU O 301 20.55 -24.23 13.84
N LYS O 302 21.37 -23.51 13.08
CA LYS O 302 22.61 -22.91 13.61
C LYS O 302 22.73 -21.44 13.19
N ILE O 303 22.45 -20.52 14.12
CA ILE O 303 22.47 -19.07 13.87
C ILE O 303 23.67 -18.23 14.39
N LEU O 304 24.23 -17.39 13.52
CA LEU O 304 25.38 -16.52 13.89
C LEU O 304 25.02 -15.05 14.16
N PHE O 305 24.36 -14.76 15.28
CA PHE O 305 24.03 -13.38 15.61
C PHE O 305 25.31 -12.54 15.58
N ILE O 306 25.31 -11.44 14.83
CA ILE O 306 26.49 -10.58 14.73
C ILE O 306 26.32 -9.30 15.55
N HIS O 307 26.34 -9.47 16.88
CA HIS O 307 26.19 -8.36 17.84
C HIS O 307 26.92 -7.13 17.32
N THR O 308 26.49 -5.92 17.68
CA THR O 308 27.17 -4.73 17.18
C THR O 308 27.23 -3.54 18.13
N GLY O 309 26.54 -3.61 19.27
CA GLY O 309 26.63 -2.49 20.20
C GLY O 309 25.43 -1.67 20.64
N GLY O 310 25.71 -0.41 20.95
CA GLY O 310 24.70 0.52 21.42
C GLY O 310 24.75 0.64 22.93
N ILE O 311 25.72 -0.03 23.54
CA ILE O 311 25.89 -0.01 25.00
C ILE O 311 25.56 1.35 25.64
N SER O 312 25.61 2.40 24.82
CA SER O 312 25.30 3.75 25.25
C SER O 312 23.81 3.95 25.00
N GLY O 313 23.34 3.49 23.85
CA GLY O 313 21.93 3.62 23.54
C GLY O 313 21.10 3.17 24.72
N THR O 314 21.68 2.33 25.58
CA THR O 314 21.00 1.79 26.78
C THR O 314 21.22 2.67 28.01
N PHE O 315 22.36 3.35 28.06
CA PHE O 315 22.62 4.25 29.18
C PHE O 315 21.73 5.46 28.93
N HIS O 316 21.50 5.69 27.64
CA HIS O 316 20.69 6.77 27.10
C HIS O 316 19.32 6.83 27.75
N TYR O 317 18.38 6.10 27.17
CA TYR O 317 17.02 6.10 27.67
C TYR O 317 16.79 4.97 28.66
N GLY O 318 17.77 4.82 29.57
CA GLY O 318 17.70 3.81 30.62
C GLY O 318 16.42 3.98 31.43
N ASP O 319 16.11 5.23 31.79
CA ASP O 319 14.88 5.49 32.53
C ASP O 319 13.70 5.18 31.62
N LYS O 320 13.91 5.35 30.31
CA LYS O 320 12.91 5.04 29.29
C LYS O 320 13.11 3.55 28.90
N LEU O 321 13.62 2.80 29.89
CA LEU O 321 13.83 1.36 29.78
C LEU O 321 13.04 0.85 30.98
N LEU O 322 13.27 1.49 32.13
CA LEU O 322 12.60 1.14 33.39
C LEU O 322 11.09 1.24 33.21
N SER O 323 10.61 2.45 32.89
CA SER O 323 9.19 2.70 32.70
C SER O 323 8.46 1.61 31.91
N LEU O 324 9.20 0.80 31.16
CA LEU O 324 8.59 -0.27 30.39
C LEU O 324 8.86 -1.66 31.00
N LEU O 325 9.27 -1.63 32.26
CA LEU O 325 9.54 -2.82 33.07
C LEU O 325 8.83 -2.53 34.38
N MET P 1 48.31 -20.49 28.94
CA MET P 1 48.51 -20.56 30.42
C MET P 1 49.92 -21.07 30.77
N HIS P 2 50.60 -20.39 31.69
CA HIS P 2 51.92 -20.89 32.05
C HIS P 2 51.66 -22.07 32.93
N PRO P 3 52.41 -23.17 32.73
CA PRO P 3 52.33 -24.45 33.45
C PRO P 3 52.28 -24.34 34.97
N LYS P 4 53.01 -23.38 35.54
CA LYS P 4 53.02 -23.24 36.99
C LYS P 4 51.77 -22.56 37.55
N ILE P 5 51.00 -21.90 36.71
CA ILE P 5 49.78 -21.27 37.21
C ILE P 5 48.70 -22.31 36.92
N PHE P 6 48.94 -23.08 35.86
CA PHE P 6 48.01 -24.11 35.47
C PHE P 6 47.95 -25.20 36.52
N ALA P 7 49.11 -25.68 36.92
CA ALA P 7 49.22 -26.75 37.91
C ALA P 7 48.74 -26.32 39.27
N LEU P 8 48.98 -25.09 39.62
CA LEU P 8 48.58 -24.57 40.93
C LEU P 8 47.12 -24.11 41.02
N LEU P 9 46.49 -23.85 39.87
CA LEU P 9 45.11 -23.43 39.87
C LEU P 9 44.21 -24.57 39.41
N ALA P 10 44.80 -25.72 39.14
CA ALA P 10 44.10 -26.92 38.66
C ALA P 10 42.94 -27.53 39.47
N LYS P 11 42.92 -27.34 40.80
CA LYS P 11 41.85 -27.91 41.63
C LYS P 11 40.77 -26.95 42.16
N PHE P 12 40.81 -25.68 41.77
CA PHE P 12 39.81 -24.72 42.25
C PHE P 12 38.61 -24.55 41.33
N PRO P 13 37.39 -24.76 41.86
CA PRO P 13 36.13 -24.63 41.15
C PRO P 13 35.97 -23.29 40.46
N ARG P 14 36.00 -23.32 39.13
CA ARG P 14 35.86 -22.13 38.33
C ARG P 14 34.80 -22.30 37.26
N VAL P 15 33.91 -21.34 37.17
CA VAL P 15 32.88 -21.37 36.13
C VAL P 15 33.71 -20.65 35.09
N GLU P 16 33.68 -21.09 33.84
CA GLU P 16 34.47 -20.44 32.80
C GLU P 16 33.65 -19.39 32.05
N LEU P 17 33.58 -18.20 32.62
CA LEU P 17 32.83 -17.13 31.99
C LEU P 17 33.47 -16.57 30.72
N ILE P 18 34.75 -16.19 30.81
CA ILE P 18 35.48 -15.60 29.68
C ILE P 18 35.90 -16.51 28.52
N PRO P 19 35.32 -16.28 27.33
CA PRO P 19 35.69 -17.14 26.21
C PRO P 19 37.12 -16.96 25.72
N TRP P 20 37.47 -15.73 25.36
CA TRP P 20 38.79 -15.44 24.80
C TRP P 20 39.86 -14.81 25.72
N GLU P 21 41.10 -14.78 25.21
CA GLU P 21 42.21 -14.15 25.93
C GLU P 21 42.11 -12.66 25.58
N THR P 22 41.71 -11.83 26.55
CA THR P 22 41.60 -10.39 26.27
C THR P 22 42.91 -9.92 25.69
N PRO P 23 42.85 -9.19 24.57
CA PRO P 23 43.98 -8.63 23.83
C PRO P 23 44.88 -7.62 24.55
N ILE P 24 46.03 -7.34 23.94
CA ILE P 24 47.02 -6.39 24.45
C ILE P 24 47.45 -5.49 23.31
N GLN P 25 47.48 -4.19 23.54
CA GLN P 25 47.86 -3.28 22.47
C GLN P 25 48.96 -2.29 22.87
N TYR P 26 49.69 -1.80 21.87
CA TYR P 26 50.74 -0.83 22.12
C TYR P 26 50.06 0.54 22.08
N LEU P 27 50.61 1.52 22.79
CA LEU P 27 50.05 2.86 22.82
C LEU P 27 51.04 3.87 22.18
N PRO P 28 51.01 4.00 20.85
CA PRO P 28 51.92 4.95 20.21
C PRO P 28 51.93 6.37 20.76
N ASN P 29 50.90 7.15 20.44
CA ASN P 29 50.85 8.54 20.91
C ASN P 29 51.15 8.77 22.40
N ILE P 30 50.63 7.94 23.29
CA ILE P 30 50.88 8.13 24.73
C ILE P 30 52.33 7.82 25.13
N SER P 31 52.91 6.78 24.53
CA SER P 31 54.28 6.37 24.83
C SER P 31 55.26 7.47 24.44
N ARG P 32 54.83 8.29 23.49
CA ARG P 32 55.61 9.40 22.95
C ARG P 32 55.69 10.55 23.96
N GLU P 33 54.53 11.16 24.25
CA GLU P 33 54.43 12.25 25.22
C GLU P 33 55.22 11.82 26.44
N ILE P 34 54.60 10.88 27.15
CA ILE P 34 55.13 10.26 28.34
C ILE P 34 56.56 9.78 28.13
N GLY P 35 56.93 9.58 26.86
CA GLY P 35 58.27 9.12 26.52
C GLY P 35 58.64 7.81 27.20
N ALA P 36 58.17 6.69 26.64
CA ALA P 36 58.44 5.36 27.19
C ALA P 36 57.52 4.36 26.50
N ASP P 37 57.52 3.12 26.96
CA ASP P 37 56.65 2.08 26.38
C ASP P 37 55.48 1.68 27.25
N VAL P 38 54.28 2.09 26.87
CA VAL P 38 53.06 1.77 27.63
C VAL P 38 52.04 0.98 26.81
N TYR P 39 52.00 -0.32 27.05
CA TYR P 39 51.05 -1.20 26.37
C TYR P 39 49.85 -1.28 27.31
N ILE P 40 48.68 -1.65 26.79
CA ILE P 40 47.50 -1.75 27.64
C ILE P 40 46.85 -3.11 27.45
N LYS P 41 46.42 -3.73 28.55
CA LYS P 41 45.75 -5.04 28.48
C LYS P 41 44.23 -4.91 28.61
N ARG P 42 43.57 -4.74 27.46
CA ARG P 42 42.12 -4.58 27.37
C ARG P 42 41.30 -5.60 28.16
N ASP P 43 41.42 -5.61 29.47
CA ASP P 43 40.64 -6.52 30.28
C ASP P 43 39.31 -5.86 30.57
N ASP P 44 38.94 -4.99 29.64
CA ASP P 44 37.70 -4.23 29.69
C ASP P 44 36.80 -4.90 28.68
N LEU P 45 37.37 -5.92 28.04
CA LEU P 45 36.65 -6.68 27.02
C LEU P 45 36.52 -8.13 27.46
N THR P 46 36.28 -8.36 28.75
CA THR P 46 36.12 -9.72 29.29
C THR P 46 34.81 -10.38 28.86
N GLY P 47 33.92 -9.57 28.29
CA GLY P 47 32.65 -10.09 27.79
C GLY P 47 31.36 -9.81 28.53
N LEU P 48 31.23 -10.37 29.74
CA LEU P 48 30.01 -10.21 30.53
C LEU P 48 29.61 -8.78 30.87
N GLY P 49 28.44 -8.38 30.37
CA GLY P 49 27.93 -7.05 30.62
C GLY P 49 28.91 -5.99 30.18
N ILE P 50 29.25 -5.09 31.10
CA ILE P 50 30.21 -4.02 30.85
C ILE P 50 31.62 -4.60 30.90
N GLY P 51 31.76 -5.70 31.65
CA GLY P 51 33.03 -6.40 31.80
C GLY P 51 34.00 -5.82 32.83
N GLY P 52 35.29 -5.96 32.54
CA GLY P 52 36.30 -5.44 33.45
C GLY P 52 37.14 -6.50 34.14
N ASN P 53 37.51 -6.18 35.38
CA ASN P 53 38.34 -7.03 36.21
C ASN P 53 37.55 -7.98 37.10
N LYS P 54 36.39 -7.53 37.56
CA LYS P 54 35.57 -8.37 38.42
C LYS P 54 35.09 -9.63 37.69
N ILE P 55 34.95 -9.55 36.37
CA ILE P 55 34.51 -10.72 35.63
C ILE P 55 35.46 -11.91 35.81
N ARG P 56 36.73 -11.61 36.08
CA ARG P 56 37.72 -12.67 36.30
C ARG P 56 37.45 -13.30 37.66
N LYS P 57 37.47 -12.49 38.70
CA LYS P 57 37.22 -12.98 40.04
C LYS P 57 35.95 -13.81 40.16
N LEU P 58 34.86 -13.33 39.56
CA LEU P 58 33.58 -14.04 39.63
C LEU P 58 33.69 -15.51 39.26
N GLU P 59 34.48 -15.82 38.22
CA GLU P 59 34.67 -17.21 37.81
C GLU P 59 34.96 -18.02 39.07
N TYR P 60 35.98 -17.59 39.79
CA TYR P 60 36.38 -18.28 41.02
C TYR P 60 35.41 -18.04 42.16
N LEU P 61 34.80 -16.88 42.16
CA LEU P 61 33.85 -16.53 43.20
C LEU P 61 32.63 -17.40 43.09
N LEU P 62 31.94 -17.27 41.96
CA LEU P 62 30.73 -18.01 41.69
C LEU P 62 30.96 -19.51 41.78
N GLY P 63 32.05 -19.98 41.18
CA GLY P 63 32.37 -21.40 41.21
C GLY P 63 32.39 -21.93 42.64
N ASP P 64 32.82 -21.07 43.55
CA ASP P 64 32.87 -21.41 44.97
C ASP P 64 31.43 -21.36 45.53
N ALA P 65 30.63 -20.44 44.99
CA ALA P 65 29.23 -20.34 45.40
C ALA P 65 28.56 -21.64 45.00
N LEU P 66 28.71 -21.99 43.73
CA LEU P 66 28.13 -23.23 43.22
C LEU P 66 28.64 -24.43 44.01
N SER P 67 29.75 -24.26 44.71
CA SER P 67 30.29 -25.33 45.54
C SER P 67 29.34 -25.45 46.70
N LYS P 68 29.42 -24.48 47.61
CA LYS P 68 28.56 -24.51 48.79
C LYS P 68 27.09 -24.32 48.45
N GLY P 69 26.72 -24.80 47.26
CA GLY P 69 25.35 -24.73 46.77
C GLY P 69 24.51 -23.51 47.15
N ALA P 70 24.99 -22.32 46.87
CA ALA P 70 24.22 -21.14 47.21
C ALA P 70 23.07 -21.03 46.22
N ASP P 71 21.94 -20.50 46.67
CA ASP P 71 20.77 -20.34 45.79
C ASP P 71 20.52 -18.88 45.43
N VAL P 72 21.08 -17.96 46.22
CA VAL P 72 20.93 -16.51 45.98
C VAL P 72 22.27 -15.83 46.26
N VAL P 73 22.58 -14.75 45.55
CA VAL P 73 23.85 -14.07 45.77
C VAL P 73 23.75 -12.64 46.30
N ILE P 74 24.65 -12.31 47.24
CA ILE P 74 24.68 -11.00 47.88
C ILE P 74 26.03 -10.30 47.89
N THR P 75 26.06 -9.12 47.29
CA THR P 75 27.26 -8.29 47.18
C THR P 75 26.94 -6.88 47.66
N VAL P 76 28.00 -6.08 47.90
CA VAL P 76 27.85 -4.68 48.35
C VAL P 76 28.43 -3.66 47.37
N GLY P 77 28.62 -2.45 47.88
CA GLY P 77 29.18 -1.38 47.07
C GLY P 77 28.64 0.02 47.30
N ALA P 78 28.86 0.86 46.28
CA ALA P 78 28.39 2.23 46.25
C ALA P 78 27.43 2.11 45.10
N VAL P 79 26.31 2.83 45.16
CA VAL P 79 25.31 2.77 44.11
C VAL P 79 25.86 2.75 42.67
N HIS P 80 27.11 3.12 42.46
CA HIS P 80 27.67 3.13 41.11
C HIS P 80 28.63 1.98 40.83
N SER P 81 28.85 1.12 41.82
CA SER P 81 29.77 0.01 41.65
C SER P 81 29.49 -0.92 40.49
N ASN P 82 30.54 -1.17 39.73
CA ASN P 82 30.51 -2.05 38.59
C ASN P 82 30.50 -3.47 39.15
N HIS P 83 31.41 -3.71 40.08
CA HIS P 83 31.48 -5.02 40.69
C HIS P 83 30.11 -5.49 41.20
N ALA P 84 29.33 -4.56 41.76
CA ALA P 84 28.00 -4.89 42.28
C ALA P 84 27.05 -5.21 41.12
N PHE P 85 27.18 -4.46 40.03
CA PHE P 85 26.35 -4.67 38.84
C PHE P 85 26.85 -5.94 38.16
N VAL P 86 28.17 -6.09 38.11
CA VAL P 86 28.86 -7.23 37.50
C VAL P 86 28.60 -8.51 38.27
N THR P 87 28.66 -8.42 39.60
CA THR P 87 28.41 -9.58 40.44
C THR P 87 26.95 -10.04 40.28
N GLY P 88 26.03 -9.11 40.04
CA GLY P 88 24.62 -9.48 39.86
C GLY P 88 24.23 -10.05 38.49
N LEU P 89 24.55 -9.32 37.43
CA LEU P 89 24.25 -9.76 36.08
C LEU P 89 24.83 -11.16 35.86
N ALA P 90 25.97 -11.40 36.50
CA ALA P 90 26.70 -12.66 36.42
C ALA P 90 26.06 -13.71 37.30
N ALA P 91 26.00 -13.44 38.59
CA ALA P 91 25.39 -14.37 39.53
C ALA P 91 24.03 -14.80 39.02
N LYS P 92 23.51 -14.06 38.05
CA LYS P 92 22.21 -14.35 37.47
C LYS P 92 22.25 -15.09 36.14
N LYS P 93 23.44 -15.15 35.51
CA LYS P 93 23.56 -15.87 34.25
C LYS P 93 23.60 -17.34 34.61
N LEU P 94 23.90 -17.60 35.89
CA LEU P 94 23.98 -18.95 36.44
C LEU P 94 22.70 -19.37 37.18
N GLY P 95 21.64 -18.57 37.05
CA GLY P 95 20.39 -18.90 37.71
C GLY P 95 20.38 -18.76 39.21
N LEU P 96 21.14 -17.78 39.73
CA LEU P 96 21.20 -17.51 41.17
C LEU P 96 20.72 -16.10 41.41
N ASP P 97 19.77 -15.94 42.32
CA ASP P 97 19.22 -14.62 42.63
C ASP P 97 20.32 -13.63 43.02
N ALA P 98 19.93 -12.42 43.41
CA ALA P 98 20.93 -11.44 43.81
C ALA P 98 20.40 -10.32 44.72
N ILE P 99 21.28 -9.75 45.54
CA ILE P 99 20.90 -8.64 46.43
C ILE P 99 22.09 -7.68 46.67
N LEU P 100 22.15 -6.63 45.86
CA LEU P 100 23.19 -5.62 45.93
C LEU P 100 22.95 -4.58 47.03
N VAL P 101 23.80 -4.59 48.05
CA VAL P 101 23.67 -3.62 49.15
C VAL P 101 24.46 -2.37 48.75
N LEU P 102 23.93 -1.58 47.82
CA LEU P 102 24.56 -0.36 47.34
C LEU P 102 24.23 0.84 48.22
N ARG P 103 25.21 1.74 48.41
CA ARG P 103 25.04 2.94 49.25
C ARG P 103 25.08 4.26 48.49
N GLY P 104 24.46 5.29 49.09
CA GLY P 104 24.47 6.63 48.52
C GLY P 104 23.33 7.18 47.69
N LYS P 105 23.68 8.21 46.94
CA LYS P 105 22.77 8.92 46.05
C LYS P 105 21.90 8.00 45.17
N GLU P 106 20.69 7.68 45.65
CA GLU P 106 19.79 6.82 44.88
C GLU P 106 19.31 7.54 43.64
N GLU P 107 20.23 7.96 42.79
CA GLU P 107 19.81 8.64 41.57
C GLU P 107 19.15 7.63 40.64
N LEU P 108 19.70 7.51 39.44
CA LEU P 108 19.21 6.58 38.44
C LEU P 108 19.94 6.74 37.11
N LYS P 109 21.18 6.27 37.11
CA LYS P 109 22.02 6.27 35.92
C LYS P 109 23.32 5.59 36.34
N GLY P 110 24.04 5.05 35.37
CA GLY P 110 25.29 4.38 35.67
C GLY P 110 25.13 2.89 35.72
N ASN P 111 25.36 2.31 36.90
CA ASN P 111 25.26 0.87 37.11
C ASN P 111 23.95 0.57 37.86
N TYR P 112 23.44 1.58 38.54
CA TYR P 112 22.18 1.46 39.27
C TYR P 112 21.16 1.39 38.14
N LEU P 113 21.32 2.27 37.15
CA LEU P 113 20.42 2.28 36.02
C LEU P 113 20.33 0.84 35.54
N LEU P 114 21.43 0.31 35.03
CA LEU P 114 21.42 -1.06 34.54
C LEU P 114 21.09 -2.07 35.64
N ASP P 115 21.28 -1.71 36.91
CA ASP P 115 20.95 -2.60 38.03
C ASP P 115 19.42 -2.77 38.16
N LYS P 116 18.67 -1.72 37.83
CA LYS P 116 17.21 -1.74 37.90
C LYS P 116 16.69 -2.36 36.63
N ILE P 117 17.13 -1.79 35.51
CA ILE P 117 16.76 -2.26 34.18
C ILE P 117 16.89 -3.78 34.17
N MET P 118 17.95 -4.28 34.80
CA MET P 118 18.23 -5.72 34.87
C MET P 118 17.45 -6.38 35.99
N GLY P 119 16.83 -5.58 36.84
CA GLY P 119 16.07 -6.15 37.93
C GLY P 119 16.98 -6.95 38.85
N ILE P 120 17.97 -6.29 39.44
CA ILE P 120 18.89 -6.95 40.35
C ILE P 120 18.51 -6.35 41.68
N GLU P 121 17.57 -6.97 42.40
CA GLU P 121 17.13 -6.39 43.66
C GLU P 121 18.20 -5.53 44.30
N THR P 122 17.86 -4.26 44.47
CA THR P 122 18.75 -3.27 45.05
C THR P 122 18.30 -2.92 46.47
N ARG P 123 19.24 -2.50 47.32
CA ARG P 123 18.89 -2.14 48.68
C ARG P 123 19.64 -0.95 49.19
N VAL P 124 19.65 0.11 48.39
CA VAL P 124 20.33 1.32 48.81
C VAL P 124 20.25 1.45 50.34
N TYR P 125 21.40 1.68 50.96
CA TYR P 125 21.50 1.85 52.40
C TYR P 125 22.38 3.08 52.64
N ASP P 126 22.01 3.92 53.61
CA ASP P 126 22.80 5.12 53.91
C ASP P 126 23.81 4.82 55.04
N ALA P 127 25.06 4.51 54.67
CA ALA P 127 26.10 4.18 55.66
C ALA P 127 27.53 4.69 55.38
N LYS P 128 28.40 4.52 56.37
CA LYS P 128 29.80 4.93 56.32
C LYS P 128 30.47 4.45 55.06
N ASP P 129 31.05 5.37 54.30
CA ASP P 129 31.73 5.01 53.06
C ASP P 129 33.01 4.25 53.39
N SER P 130 32.87 3.32 54.31
CA SER P 130 33.93 2.45 54.73
C SER P 130 33.17 1.14 54.59
N PHE P 131 32.55 1.00 53.41
CA PHE P 131 31.71 -0.14 52.99
C PHE P 131 31.39 -1.20 54.05
N GLU P 132 30.91 -0.72 55.19
CA GLU P 132 30.52 -1.57 56.32
C GLU P 132 29.10 -2.06 56.12
N LEU P 133 28.61 -1.85 54.91
CA LEU P 133 27.28 -2.30 54.53
C LEU P 133 27.25 -3.81 54.86
N MET P 134 28.33 -4.50 54.54
CA MET P 134 28.49 -5.92 54.81
C MET P 134 27.55 -6.33 55.94
N LYS P 135 27.87 -5.95 57.18
CA LYS P 135 27.03 -6.31 58.31
C LYS P 135 25.55 -6.36 57.92
N TYR P 136 25.17 -5.53 56.94
CA TYR P 136 23.79 -5.50 56.40
C TYR P 136 23.63 -6.69 55.48
N ALA P 137 24.55 -6.80 54.51
CA ALA P 137 24.55 -7.92 53.61
C ALA P 137 24.61 -9.16 54.51
N GLU P 138 25.20 -8.98 55.69
CA GLU P 138 25.32 -10.04 56.70
C GLU P 138 23.95 -10.25 57.34
N GLU P 139 23.27 -9.15 57.64
CA GLU P 139 21.94 -9.19 58.22
C GLU P 139 20.98 -9.81 57.20
N ILE P 140 20.98 -9.23 55.99
CA ILE P 140 20.13 -9.73 54.89
C ILE P 140 20.26 -11.26 54.79
N ALA P 141 21.46 -11.74 55.08
CA ALA P 141 21.83 -13.17 55.03
C ALA P 141 21.20 -13.95 56.19
N GLU P 142 21.42 -13.43 57.38
CA GLU P 142 20.92 -14.07 58.58
C GLU P 142 19.42 -14.20 58.68
N GLU P 143 18.67 -13.39 57.93
CA GLU P 143 17.21 -13.48 57.94
C GLU P 143 16.83 -14.53 56.90
N LEU P 144 17.44 -14.41 55.73
CA LEU P 144 17.16 -15.35 54.66
C LEU P 144 17.58 -16.75 55.07
N LYS P 145 18.73 -16.87 55.72
CA LYS P 145 19.18 -18.19 56.17
C LYS P 145 18.05 -18.80 57.01
N ARG P 146 17.32 -17.95 57.72
CA ARG P 146 16.20 -18.40 58.53
C ARG P 146 14.96 -18.44 57.64
N GLU P 147 15.13 -19.03 56.46
CA GLU P 147 14.07 -19.20 55.46
C GLU P 147 14.45 -20.36 54.54
N GLY P 148 15.52 -21.06 54.92
CA GLY P 148 15.99 -22.20 54.16
C GLY P 148 17.05 -21.87 53.14
N ARG P 149 16.80 -20.82 52.37
CA ARG P 149 17.69 -20.37 51.32
C ARG P 149 19.14 -20.13 51.79
N LYS P 150 20.09 -20.70 51.04
CA LYS P 150 21.50 -20.55 51.35
C LYS P 150 22.04 -19.52 50.37
N PRO P 151 22.45 -18.36 50.89
CA PRO P 151 22.99 -17.23 50.14
C PRO P 151 24.51 -17.10 50.14
N TYR P 152 25.09 -16.72 49.00
CA TYR P 152 26.53 -16.54 48.91
C TYR P 152 26.73 -15.02 49.03
N VAL P 153 27.64 -14.62 49.91
CA VAL P 153 27.92 -13.21 50.16
C VAL P 153 29.33 -12.81 49.79
N ILE P 154 29.45 -12.09 48.66
CA ILE P 154 30.75 -11.63 48.14
C ILE P 154 31.17 -10.30 48.71
N PRO P 155 32.43 -10.20 49.18
CA PRO P 155 32.99 -8.97 49.77
C PRO P 155 33.07 -7.83 48.76
N PRO P 156 33.78 -6.76 49.14
CA PRO P 156 33.89 -5.63 48.22
C PRO P 156 34.99 -5.90 47.19
N GLY P 157 34.66 -5.67 45.93
CA GLY P 157 35.60 -5.89 44.85
C GLY P 157 35.86 -7.35 44.59
N GLY P 158 35.07 -8.21 45.22
CA GLY P 158 35.25 -9.64 45.07
C GLY P 158 36.59 -10.04 45.63
N ALA P 159 37.30 -9.06 46.19
CA ALA P 159 38.62 -9.27 46.78
C ALA P 159 38.55 -10.30 47.90
N SER P 160 38.36 -11.54 47.48
CA SER P 160 38.27 -12.67 48.39
C SER P 160 39.43 -13.56 47.94
N PRO P 161 40.14 -14.22 48.89
CA PRO P 161 41.27 -15.09 48.53
C PRO P 161 40.95 -15.90 47.28
N ILE P 162 39.81 -16.59 47.32
CA ILE P 162 39.34 -17.42 46.22
C ILE P 162 39.14 -16.67 44.90
N GLY P 163 38.63 -15.44 44.98
CA GLY P 163 38.39 -14.65 43.78
C GLY P 163 39.71 -14.25 43.18
N THR P 164 40.56 -13.73 44.05
CA THR P 164 41.91 -13.28 43.71
C THR P 164 42.60 -14.16 42.67
N LEU P 165 42.46 -15.47 42.82
CA LEU P 165 43.10 -16.39 41.88
C LEU P 165 42.74 -15.95 40.48
N GLY P 166 41.77 -15.05 40.38
CA GLY P 166 41.33 -14.54 39.10
C GLY P 166 42.46 -13.88 38.33
N TYR P 167 43.20 -12.99 38.97
CA TYR P 167 44.31 -12.34 38.30
C TYR P 167 45.58 -13.16 38.42
N VAL P 168 45.53 -14.21 39.24
CA VAL P 168 46.67 -15.10 39.37
C VAL P 168 46.74 -15.80 38.03
N ARG P 169 45.56 -16.03 37.46
CA ARG P 169 45.42 -16.68 36.16
C ARG P 169 45.62 -15.61 35.10
N ALA P 170 45.16 -14.40 35.37
CA ALA P 170 45.30 -13.28 34.46
C ALA P 170 46.76 -13.12 34.05
N VAL P 171 47.67 -13.32 35.00
CA VAL P 171 49.11 -13.21 34.75
C VAL P 171 49.58 -14.34 33.86
N GLY P 172 49.36 -15.57 34.30
CA GLY P 172 49.77 -16.70 33.51
C GLY P 172 49.36 -16.43 32.08
N GLU P 173 48.15 -15.91 31.90
CA GLU P 173 47.66 -15.58 30.56
C GLU P 173 48.64 -14.62 29.92
N ILE P 174 48.91 -13.50 30.58
CA ILE P 174 49.84 -12.52 30.05
C ILE P 174 51.20 -13.14 29.72
N ALA P 175 51.76 -13.91 30.66
CA ALA P 175 53.06 -14.56 30.44
C ALA P 175 53.10 -15.38 29.15
N THR P 176 52.03 -16.13 28.94
CA THR P 176 51.86 -16.97 27.77
C THR P 176 51.58 -16.19 26.48
N GLN P 177 50.74 -15.16 26.58
CA GLN P 177 50.32 -14.32 25.45
C GLN P 177 51.27 -13.19 25.05
N SER P 178 51.98 -12.63 26.02
CA SER P 178 52.88 -11.52 25.75
C SER P 178 54.11 -11.82 24.93
N GLU P 179 54.53 -10.80 24.19
CA GLU P 179 55.73 -10.90 23.37
C GLU P 179 56.69 -9.86 23.92
N VAL P 180 56.36 -9.35 25.10
CA VAL P 180 57.21 -8.38 25.74
C VAL P 180 57.36 -8.59 27.22
N LYS P 181 58.57 -8.31 27.66
CA LYS P 181 58.97 -8.40 29.05
C LYS P 181 58.54 -7.09 29.68
N PHE P 182 57.83 -7.17 30.80
CA PHE P 182 57.38 -5.94 31.44
C PHE P 182 58.15 -5.61 32.69
N ASP P 183 58.63 -4.38 32.72
CA ASP P 183 59.36 -3.92 33.87
C ASP P 183 58.31 -3.77 34.97
N SER P 184 57.10 -3.37 34.55
CA SER P 184 56.01 -3.18 35.48
C SER P 184 54.65 -3.43 34.81
N ILE P 185 53.64 -3.76 35.63
CA ILE P 185 52.28 -3.98 35.14
C ILE P 185 51.37 -3.15 36.08
N VAL P 186 50.87 -2.03 35.58
CA VAL P 186 50.03 -1.12 36.34
C VAL P 186 48.55 -1.50 36.39
N VAL P 187 47.82 -0.92 37.35
CA VAL P 187 46.40 -1.20 37.53
C VAL P 187 45.84 -0.43 38.73
N ALA P 188 44.59 0.00 38.64
CA ALA P 188 43.95 0.77 39.72
C ALA P 188 43.70 -0.08 40.93
N ALA P 189 43.19 0.53 41.99
CA ALA P 189 42.92 -0.22 43.20
C ALA P 189 41.71 0.30 43.98
N GLY P 190 40.91 -0.64 44.47
CA GLY P 190 39.74 -0.32 45.26
C GLY P 190 39.87 -1.17 46.52
N SER P 191 39.42 -2.41 46.42
CA SER P 191 39.52 -3.36 47.52
C SER P 191 40.94 -3.87 47.43
N GLY P 192 41.57 -3.67 46.27
CA GLY P 192 42.90 -4.16 46.06
C GLY P 192 42.77 -5.60 45.63
N GLY P 193 41.57 -5.97 45.18
CA GLY P 193 41.34 -7.33 44.74
C GLY P 193 42.23 -7.63 43.55
N THR P 194 42.01 -6.89 42.47
CA THR P 194 42.78 -7.06 41.24
C THR P 194 44.29 -6.97 41.49
N LEU P 195 44.70 -6.00 42.29
CA LEU P 195 46.11 -5.83 42.58
C LEU P 195 46.66 -7.03 43.30
N ALA P 196 45.95 -7.46 44.34
CA ALA P 196 46.36 -8.59 45.16
C ALA P 196 46.92 -9.79 44.41
N GLY P 197 46.08 -10.42 43.58
CA GLY P 197 46.47 -11.58 42.79
C GLY P 197 47.45 -11.28 41.69
N LEU P 198 47.52 -10.01 41.31
CA LEU P 198 48.44 -9.60 40.27
C LEU P 198 49.86 -9.72 40.83
N SER P 199 49.94 -9.78 42.17
CA SER P 199 51.22 -9.89 42.86
C SER P 199 51.56 -11.35 43.06
N LEU P 200 50.56 -12.13 43.47
CA LEU P 200 50.73 -13.56 43.69
C LEU P 200 51.25 -14.17 42.38
N GLY P 201 50.63 -13.74 41.29
CA GLY P 201 51.02 -14.23 39.98
C GLY P 201 52.47 -13.99 39.70
N LEU P 202 52.84 -12.75 39.40
CA LEU P 202 54.22 -12.39 39.10
C LEU P 202 55.18 -12.95 40.15
N SER P 203 54.63 -13.30 41.31
CA SER P 203 55.43 -13.87 42.37
C SER P 203 55.74 -15.33 42.01
N ILE P 204 54.69 -16.11 41.76
CA ILE P 204 54.82 -17.52 41.41
C ILE P 204 55.75 -17.83 40.23
N LEU P 205 55.91 -16.86 39.34
CA LEU P 205 56.76 -17.03 38.17
C LEU P 205 58.17 -16.55 38.44
N ASN P 206 58.34 -15.70 39.46
CA ASN P 206 59.63 -15.12 39.80
C ASN P 206 60.18 -14.42 38.57
N GLU P 207 59.29 -13.67 37.95
CA GLU P 207 59.65 -12.89 36.78
C GLU P 207 60.10 -11.56 37.35
N ASP P 208 61.24 -11.04 36.92
CA ASP P 208 61.73 -9.77 37.44
C ASP P 208 60.76 -8.65 37.02
N ILE P 209 59.51 -8.73 37.48
CA ILE P 209 58.48 -7.76 37.08
C ILE P 209 57.75 -6.96 38.19
N ARG P 210 57.82 -5.64 38.07
CA ARG P 210 57.17 -4.77 39.04
C ARG P 210 55.63 -4.75 38.98
N PRO P 211 54.98 -4.98 40.12
CA PRO P 211 53.52 -4.99 40.25
C PRO P 211 53.05 -3.63 40.80
N VAL P 212 52.71 -2.68 39.94
CA VAL P 212 52.28 -1.38 40.44
C VAL P 212 50.77 -1.29 40.71
N GLY P 213 50.42 -0.44 41.68
CA GLY P 213 49.04 -0.22 42.03
C GLY P 213 48.73 1.27 42.04
N ILE P 214 47.51 1.64 41.67
CA ILE P 214 47.13 3.04 41.63
C ILE P 214 45.90 3.32 42.46
N ALA P 215 46.08 3.48 43.78
CA ALA P 215 44.97 3.78 44.67
C ALA P 215 44.13 4.94 44.11
N VAL P 216 42.81 4.83 44.22
CA VAL P 216 41.92 5.87 43.73
C VAL P 216 41.07 6.43 44.86
N GLY P 217 41.55 6.26 46.10
CA GLY P 217 40.81 6.76 47.26
C GLY P 217 41.56 6.59 48.57
N ARG P 218 40.90 6.00 49.55
CA ARG P 218 41.50 5.76 50.87
C ARG P 218 42.87 5.10 50.74
N PHE P 219 43.71 5.29 51.74
CA PHE P 219 45.06 4.72 51.76
C PHE P 219 45.43 4.36 53.21
N GLY P 220 46.65 4.69 53.60
CA GLY P 220 47.11 4.43 54.96
C GLY P 220 47.34 2.99 55.38
N GLU P 221 47.36 2.81 56.70
CA GLU P 221 47.57 1.50 57.33
C GLU P 221 46.43 0.51 57.04
N VAL P 222 45.22 1.01 56.81
CA VAL P 222 44.09 0.12 56.53
C VAL P 222 44.20 -0.64 55.19
N MET P 223 44.48 0.05 54.08
CA MET P 223 44.58 -0.66 52.80
C MET P 223 45.88 -1.47 52.80
N THR P 224 47.01 -0.75 52.91
CA THR P 224 48.33 -1.36 52.96
C THR P 224 48.29 -2.66 53.76
N SER P 225 48.06 -2.53 55.07
CA SER P 225 48.00 -3.68 55.96
C SER P 225 47.16 -4.76 55.30
N LYS P 226 45.85 -4.68 55.48
CA LYS P 226 44.89 -5.62 54.89
C LYS P 226 45.39 -6.26 53.59
N LEU P 227 45.54 -5.45 52.55
CA LEU P 227 46.00 -5.96 51.27
C LEU P 227 47.11 -6.99 51.42
N ASP P 228 48.07 -6.71 52.30
CA ASP P 228 49.18 -7.64 52.54
C ASP P 228 48.65 -8.95 53.07
N ASN P 229 47.74 -8.87 54.04
CA ASN P 229 47.15 -10.07 54.64
C ASN P 229 46.35 -10.81 53.58
N LEU P 230 45.93 -10.08 52.54
CA LEU P 230 45.17 -10.72 51.50
C LEU P 230 46.12 -11.64 50.72
N ILE P 231 46.91 -11.09 49.81
CA ILE P 231 47.82 -11.89 49.00
C ILE P 231 48.60 -12.95 49.79
N LYS P 232 48.58 -12.87 51.12
CA LYS P 232 49.27 -13.84 51.95
C LYS P 232 48.34 -15.03 52.22
N GLU P 233 47.07 -14.73 52.53
CA GLU P 233 46.11 -15.80 52.76
C GLU P 233 45.77 -16.51 51.46
N ALA P 234 45.61 -15.73 50.39
CA ALA P 234 45.31 -16.27 49.07
C ALA P 234 46.49 -17.14 48.68
N ALA P 235 47.69 -16.61 48.84
CA ALA P 235 48.91 -17.35 48.50
C ALA P 235 49.03 -18.60 49.36
N GLU P 236 48.49 -18.57 50.56
CA GLU P 236 48.57 -19.76 51.39
C GLU P 236 47.64 -20.80 50.78
N LEU P 237 46.57 -20.34 50.14
CA LEU P 237 45.62 -21.23 49.49
C LEU P 237 46.35 -22.10 48.47
N LEU P 238 47.38 -21.52 47.85
CA LEU P 238 48.19 -22.22 46.87
C LEU P 238 49.51 -22.69 47.52
N GLY P 239 49.65 -22.43 48.81
CA GLY P 239 50.87 -22.82 49.50
C GLY P 239 52.06 -22.35 48.69
N VAL P 240 52.37 -21.06 48.77
CA VAL P 240 53.50 -20.50 48.04
C VAL P 240 54.02 -19.26 48.74
N LYS P 241 55.32 -18.99 48.55
CA LYS P 241 56.01 -17.86 49.19
C LYS P 241 55.67 -16.49 48.61
N VAL P 242 54.99 -15.67 49.40
CA VAL P 242 54.63 -14.34 48.96
C VAL P 242 55.88 -13.49 48.73
N GLU P 243 56.20 -13.27 47.46
CA GLU P 243 57.36 -12.48 47.11
C GLU P 243 57.19 -11.01 47.41
N VAL P 244 57.40 -10.63 48.68
CA VAL P 244 57.32 -9.21 49.10
C VAL P 244 56.35 -8.31 48.32
N ARG P 245 55.39 -7.72 49.05
CA ARG P 245 54.35 -6.87 48.46
C ARG P 245 54.60 -5.91 47.27
N PRO P 246 53.49 -5.50 46.63
CA PRO P 246 53.47 -4.60 45.47
C PRO P 246 53.76 -3.15 45.84
N GLU P 247 53.59 -2.28 44.84
CA GLU P 247 53.78 -0.85 44.99
C GLU P 247 52.37 -0.33 44.91
N LEU P 248 52.02 0.63 45.76
CA LEU P 248 50.66 1.15 45.77
C LEU P 248 50.57 2.67 45.88
N TYR P 249 50.87 3.37 44.79
CA TYR P 249 50.83 4.82 44.80
C TYR P 249 49.42 5.41 44.79
N ASP P 250 49.22 6.40 45.64
CA ASP P 250 47.94 7.11 45.82
C ASP P 250 47.70 8.26 44.82
N TYR P 251 46.59 8.18 44.08
CA TYR P 251 46.22 9.22 43.13
C TYR P 251 44.70 9.42 43.16
N SER P 252 44.22 9.71 44.37
CA SER P 252 42.80 9.91 44.71
C SER P 252 42.25 11.32 44.47
N PHE P 253 43.05 12.33 44.80
CA PHE P 253 42.60 13.71 44.64
C PHE P 253 41.70 14.05 45.82
N GLY P 254 42.22 13.80 47.02
CA GLY P 254 41.49 14.10 48.24
C GLY P 254 40.61 12.99 48.79
N GLU P 255 39.68 12.53 47.95
CA GLU P 255 38.79 11.46 48.36
C GLU P 255 38.41 10.62 47.15
N TYR P 256 37.91 9.42 47.41
CA TYR P 256 37.50 8.46 46.40
C TYR P 256 36.21 8.92 45.74
N GLY P 257 36.15 8.81 44.42
CA GLY P 257 34.97 9.22 43.69
C GLY P 257 35.02 10.71 43.40
N LYS P 258 36.03 11.37 43.94
CA LYS P 258 36.20 12.82 43.79
C LYS P 258 36.67 13.23 42.40
N ILE P 259 35.72 13.24 41.47
CA ILE P 259 36.01 13.59 40.08
C ILE P 259 36.65 14.96 39.96
N THR P 260 37.58 15.11 39.01
CA THR P 260 38.27 16.39 38.81
C THR P 260 38.68 16.57 37.34
N GLY P 261 39.25 17.74 37.03
CA GLY P 261 39.69 18.01 35.66
C GLY P 261 40.82 17.10 35.20
N GLU P 262 41.93 17.06 35.96
CA GLU P 262 43.07 16.21 35.64
C GLU P 262 42.60 14.87 35.09
N VAL P 263 41.57 14.31 35.74
CA VAL P 263 40.96 13.04 35.36
C VAL P 263 40.07 13.23 34.15
N ALA P 264 39.44 14.40 34.09
CA ALA P 264 38.57 14.74 32.97
C ALA P 264 39.44 14.87 31.72
N GLN P 265 40.53 15.61 31.83
CA GLN P 265 41.43 15.79 30.69
C GLN P 265 42.12 14.48 30.29
N ILE P 266 42.20 13.53 31.23
CA ILE P 266 42.81 12.25 30.92
C ILE P 266 41.81 11.50 30.05
N ILE P 267 40.56 11.38 30.52
CA ILE P 267 39.54 10.66 29.76
C ILE P 267 39.45 11.18 28.33
N ARG P 268 39.57 12.50 28.18
CA ARG P 268 39.51 13.13 26.87
C ARG P 268 40.74 12.75 26.08
N LYS P 269 41.89 12.72 26.75
CA LYS P 269 43.17 12.41 26.12
C LYS P 269 43.35 10.99 25.56
N VAL P 270 43.10 9.99 26.38
CA VAL P 270 43.25 8.61 25.95
C VAL P 270 42.32 8.24 24.80
N GLY P 271 41.07 8.70 24.85
CA GLY P 271 40.16 8.39 23.78
C GLY P 271 40.62 9.05 22.50
N THR P 272 41.00 10.33 22.58
CA THR P 272 41.42 11.10 21.41
C THR P 272 42.76 10.81 20.77
N ARG P 273 43.70 10.29 21.54
CA ARG P 273 45.01 9.98 20.96
C ARG P 273 45.12 8.48 20.72
N GLU P 274 44.63 7.69 21.67
CA GLU P 274 44.67 6.23 21.55
C GLU P 274 43.34 5.62 21.21
N GLY P 275 42.25 6.20 21.72
CA GLY P 275 40.93 5.67 21.43
C GLY P 275 40.32 4.75 22.47
N ILE P 276 40.74 4.89 23.72
CA ILE P 276 40.20 4.06 24.80
C ILE P 276 39.46 4.95 25.79
N ILE P 277 38.40 4.42 26.39
CA ILE P 277 37.60 5.20 27.33
C ILE P 277 37.79 4.85 28.80
N LEU P 278 38.48 5.71 29.54
CA LEU P 278 38.74 5.50 30.97
C LEU P 278 37.75 6.25 31.85
N ASP P 279 37.21 5.53 32.85
CA ASP P 279 36.23 6.10 33.76
C ASP P 279 36.90 7.06 34.76
N PRO P 280 36.13 8.03 35.31
CA PRO P 280 36.63 9.00 36.27
C PRO P 280 36.86 8.50 37.69
N VAL P 281 36.35 7.33 38.03
CA VAL P 281 36.54 6.84 39.41
C VAL P 281 37.58 5.73 39.62
N TYR P 282 37.83 4.93 38.58
CA TYR P 282 38.81 3.85 38.68
C TYR P 282 39.99 3.97 37.71
N THR P 283 39.77 3.67 36.43
CA THR P 283 40.85 3.72 35.44
C THR P 283 41.48 5.10 35.27
N GLY P 284 40.74 6.07 34.74
CA GLY P 284 41.28 7.41 34.55
C GLY P 284 42.29 7.83 35.60
N LYS P 285 41.90 7.70 36.87
CA LYS P 285 42.75 8.04 38.01
C LYS P 285 43.99 7.15 38.09
N ALA P 286 43.99 6.09 37.30
CA ALA P 286 45.09 5.15 37.23
C ALA P 286 46.04 5.63 36.15
N PHE P 287 45.55 5.68 34.91
CA PHE P 287 46.37 6.10 33.79
C PHE P 287 47.07 7.39 34.17
N TYR P 288 46.32 8.32 34.74
CA TYR P 288 46.93 9.57 35.17
C TYR P 288 48.14 9.14 36.01
N GLY P 289 47.88 8.38 37.06
CA GLY P 289 48.97 7.90 37.91
C GLY P 289 49.97 7.12 37.09
N LEU P 290 49.52 6.57 35.96
CA LEU P 290 50.35 5.80 35.05
C LEU P 290 51.27 6.81 34.38
N VAL P 291 50.69 7.96 34.02
CA VAL P 291 51.42 9.03 33.35
C VAL P 291 52.47 9.68 34.24
N ASP P 292 52.08 9.99 35.47
CA ASP P 292 52.97 10.61 36.44
C ASP P 292 54.26 9.82 36.63
N LEU P 293 54.14 8.59 37.09
CA LEU P 293 55.34 7.78 37.27
C LEU P 293 56.01 7.53 35.91
N ALA P 294 55.23 7.63 34.83
CA ALA P 294 55.77 7.39 33.49
C ALA P 294 56.84 8.39 33.11
N ARG P 295 56.55 9.68 33.32
CA ARG P 295 57.50 10.75 33.01
C ARG P 295 58.64 10.83 34.01
N LYS P 296 58.31 10.83 35.30
CA LYS P 296 59.32 10.87 36.34
C LYS P 296 60.25 9.70 36.13
N GLY P 297 59.87 8.79 35.23
CA GLY P 297 60.68 7.63 34.94
C GLY P 297 60.77 6.74 36.15
N GLU P 298 59.61 6.39 36.71
CA GLU P 298 59.54 5.55 37.90
C GLU P 298 58.93 4.18 37.60
N LEU P 299 58.74 3.85 36.33
CA LEU P 299 58.11 2.57 35.99
C LEU P 299 58.84 1.80 34.90
N GLY P 300 60.15 1.96 34.84
CA GLY P 300 60.89 1.24 33.83
C GLY P 300 60.55 1.74 32.45
N GLU P 301 60.89 0.94 31.44
CA GLU P 301 60.67 1.29 30.05
C GLU P 301 59.46 0.59 29.42
N LYS P 302 59.24 -0.66 29.81
CA LYS P 302 58.14 -1.42 29.26
C LYS P 302 57.00 -1.56 30.25
N ILE P 303 56.13 -0.54 30.26
CA ILE P 303 54.99 -0.50 31.16
C ILE P 303 53.73 -1.12 30.56
N LEU P 304 53.02 -1.89 31.38
CA LEU P 304 51.78 -2.55 30.97
C LEU P 304 50.64 -2.13 31.88
N PHE P 305 49.66 -1.43 31.28
CA PHE P 305 48.46 -0.97 31.99
C PHE P 305 47.39 -2.04 31.78
N ILE P 306 46.37 -2.03 32.63
CA ILE P 306 45.33 -3.01 32.49
C ILE P 306 44.03 -2.26 32.49
N HIS P 307 43.27 -2.37 31.40
CA HIS P 307 41.99 -1.71 31.36
C HIS P 307 41.04 -2.57 32.19
N THR P 308 40.74 -2.05 33.37
CA THR P 308 39.85 -2.73 34.29
C THR P 308 38.39 -2.39 33.98
N GLY P 309 38.19 -1.61 32.91
CA GLY P 309 36.85 -1.24 32.43
C GLY P 309 35.85 -0.35 33.14
N GLY P 310 34.57 -0.62 32.89
CA GLY P 310 33.53 0.15 33.54
C GLY P 310 33.16 1.45 32.87
N ILE P 311 32.79 1.39 31.59
CA ILE P 311 32.43 2.56 30.81
C ILE P 311 31.19 3.29 31.34
N SER P 312 30.45 2.63 32.22
CA SER P 312 29.23 3.19 32.83
C SER P 312 29.46 4.48 33.62
N GLY P 313 30.38 4.42 34.60
CA GLY P 313 30.70 5.55 35.45
C GLY P 313 31.07 6.82 34.72
N THR P 314 31.46 6.76 33.45
CA THR P 314 31.76 7.99 32.72
C THR P 314 30.42 8.56 32.28
N PHE P 315 29.48 7.66 31.99
CA PHE P 315 28.15 8.11 31.65
C PHE P 315 27.64 8.67 32.98
N HIS P 316 27.38 7.79 33.95
CA HIS P 316 26.88 8.21 35.28
C HIS P 316 27.26 9.63 35.68
N TYR P 317 28.56 9.91 35.72
CA TYR P 317 29.11 11.23 36.12
C TYR P 317 29.52 12.09 34.90
N GLY P 318 29.03 11.71 33.72
CA GLY P 318 29.35 12.42 32.49
C GLY P 318 29.32 13.92 32.64
N ASP P 319 28.13 14.49 32.85
CA ASP P 319 28.00 15.93 33.01
C ASP P 319 29.13 16.47 33.87
N LYS P 320 29.27 15.92 35.08
CA LYS P 320 30.34 16.33 36.00
C LYS P 320 31.68 16.54 35.30
N LEU P 321 31.97 15.72 34.30
CA LEU P 321 33.22 15.84 33.54
C LEU P 321 33.18 17.10 32.68
N LEU P 322 32.05 17.32 32.02
CA LEU P 322 31.89 18.49 31.18
C LEU P 322 32.25 19.78 31.94
N SER P 323 31.54 20.01 33.06
CA SER P 323 31.77 21.19 33.89
C SER P 323 33.16 21.25 34.52
N LEU P 324 34.10 20.52 33.89
CA LEU P 324 35.50 20.45 34.29
C LEU P 324 36.33 20.57 33.01
N LEU P 325 35.86 19.97 31.91
CA LEU P 325 36.58 20.07 30.65
C LEU P 325 36.41 21.49 30.12
N MET Q 1 69.60 -17.52 -58.76
CA MET Q 1 69.70 -18.01 -57.36
C MET Q 1 71.11 -18.48 -57.05
N HIS Q 2 71.76 -17.81 -56.10
CA HIS Q 2 73.12 -18.17 -55.73
C HIS Q 2 73.16 -19.51 -54.97
N PRO Q 3 74.07 -20.42 -55.39
CA PRO Q 3 74.26 -21.76 -54.80
C PRO Q 3 74.08 -21.87 -53.27
N LYS Q 4 75.10 -21.48 -52.51
CA LYS Q 4 75.04 -21.54 -51.05
C LYS Q 4 73.68 -21.14 -50.47
N ILE Q 5 73.08 -20.08 -51.00
CA ILE Q 5 71.77 -19.69 -50.50
C ILE Q 5 70.81 -20.83 -50.83
N PHE Q 6 70.50 -20.99 -52.12
CA PHE Q 6 69.62 -22.06 -52.58
C PHE Q 6 69.55 -23.20 -51.57
N ALA Q 7 70.70 -23.85 -51.36
CA ALA Q 7 70.79 -24.98 -50.42
C ALA Q 7 70.20 -24.61 -49.05
N LEU Q 8 70.78 -23.61 -48.41
CA LEU Q 8 70.34 -23.15 -47.11
C LEU Q 8 68.85 -22.79 -47.09
N LEU Q 9 68.19 -22.99 -48.23
CA LEU Q 9 66.77 -22.70 -48.36
C LEU Q 9 66.09 -23.78 -49.22
N ALA Q 10 66.74 -24.94 -49.34
CA ALA Q 10 66.18 -26.01 -50.15
C ALA Q 10 65.23 -26.93 -49.37
N LYS Q 11 65.06 -26.67 -48.08
CA LYS Q 11 64.18 -27.51 -47.27
C LYS Q 11 63.01 -26.74 -46.72
N PHE Q 12 62.83 -25.51 -47.19
CA PHE Q 12 61.71 -24.68 -46.74
C PHE Q 12 60.52 -24.68 -47.69
N PRO Q 13 59.34 -24.29 -47.19
CA PRO Q 13 58.08 -24.24 -47.94
C PRO Q 13 57.75 -22.97 -48.72
N ARG Q 14 58.48 -22.71 -49.79
CA ARG Q 14 58.16 -21.53 -50.58
C ARG Q 14 57.00 -21.86 -51.50
N VAL Q 15 55.97 -21.03 -51.43
CA VAL Q 15 54.81 -21.16 -52.28
C VAL Q 15 55.04 -20.14 -53.38
N GLU Q 16 55.90 -20.49 -54.32
CA GLU Q 16 56.22 -19.59 -55.41
C GLU Q 16 55.02 -18.79 -55.91
N LEU Q 17 55.06 -17.47 -55.69
CA LEU Q 17 53.99 -16.60 -56.17
C LEU Q 17 54.53 -15.65 -57.24
N ILE Q 18 55.87 -15.56 -57.31
CA ILE Q 18 56.54 -14.69 -58.27
C ILE Q 18 57.26 -15.52 -59.34
N PRO Q 19 56.81 -15.41 -60.60
CA PRO Q 19 57.39 -16.17 -61.72
C PRO Q 19 58.64 -15.59 -62.44
N TRP Q 20 59.37 -14.69 -61.80
CA TRP Q 20 60.55 -14.10 -62.44
C TRP Q 20 61.35 -13.15 -61.56
N GLU Q 21 62.54 -12.80 -62.04
CA GLU Q 21 63.41 -11.89 -61.33
C GLU Q 21 62.96 -10.46 -61.63
N THR Q 22 62.78 -9.68 -60.59
CA THR Q 22 62.37 -8.29 -60.76
C THR Q 22 63.56 -7.45 -61.22
N PRO Q 23 63.37 -6.67 -62.30
CA PRO Q 23 64.34 -5.78 -62.97
C PRO Q 23 65.04 -4.67 -62.19
N ILE Q 24 66.35 -4.54 -62.45
CA ILE Q 24 67.22 -3.53 -61.86
C ILE Q 24 67.65 -2.55 -62.95
N GLN Q 25 67.10 -1.34 -62.90
CA GLN Q 25 67.39 -0.25 -63.85
C GLN Q 25 68.22 0.84 -63.16
N TYR Q 26 69.00 1.59 -63.94
CA TYR Q 26 69.84 2.66 -63.40
C TYR Q 26 69.04 3.96 -63.31
N LEU Q 27 69.58 4.93 -62.56
CA LEU Q 27 68.93 6.23 -62.38
C LEU Q 27 69.92 7.41 -62.50
N PRO Q 28 70.12 7.93 -63.72
CA PRO Q 28 71.04 9.05 -63.91
C PRO Q 28 70.63 10.40 -63.30
N ASN Q 29 69.42 10.88 -63.59
CA ASN Q 29 69.01 12.16 -63.03
C ASN Q 29 69.17 12.23 -61.53
N ILE Q 30 69.18 11.06 -60.89
CA ILE Q 30 69.34 11.00 -59.45
C ILE Q 30 70.80 10.85 -59.08
N SER Q 31 71.56 10.10 -59.87
CA SER Q 31 73.00 9.90 -59.58
C SER Q 31 73.82 11.12 -59.91
N ARG Q 32 73.48 11.77 -61.01
CA ARG Q 32 74.18 12.97 -61.44
C ARG Q 32 73.85 14.11 -60.47
N GLU Q 33 72.70 14.00 -59.81
CA GLU Q 33 72.26 15.03 -58.86
C GLU Q 33 72.78 14.77 -57.46
N ILE Q 34 72.87 13.48 -57.09
CA ILE Q 34 73.36 13.09 -55.76
C ILE Q 34 74.83 12.69 -55.75
N GLY Q 35 75.41 12.57 -56.95
CA GLY Q 35 76.83 12.23 -57.09
C GLY Q 35 77.28 10.79 -56.88
N ALA Q 36 76.40 9.84 -57.12
CA ALA Q 36 76.75 8.42 -56.96
C ALA Q 36 75.76 7.56 -57.75
N ASP Q 37 76.25 6.50 -58.37
CA ASP Q 37 75.34 5.65 -59.12
C ASP Q 37 74.23 5.15 -58.18
N VAL Q 38 72.99 5.54 -58.47
CA VAL Q 38 71.87 5.10 -57.65
C VAL Q 38 70.90 4.25 -58.46
N TYR Q 39 71.19 2.96 -58.54
CA TYR Q 39 70.34 2.03 -59.27
C TYR Q 39 69.12 1.73 -58.40
N ILE Q 40 68.11 1.10 -58.99
CA ILE Q 40 66.88 0.75 -58.27
C ILE Q 40 66.41 -0.64 -58.67
N LYS Q 41 66.00 -1.45 -57.68
CA LYS Q 41 65.51 -2.80 -57.94
C LYS Q 41 64.00 -2.84 -57.75
N ARG Q 42 63.31 -3.17 -58.82
CA ARG Q 42 61.87 -3.17 -58.83
C ARG Q 42 61.11 -4.27 -58.10
N ASP Q 43 60.96 -4.15 -56.78
CA ASP Q 43 60.17 -5.16 -56.07
C ASP Q 43 58.73 -4.72 -56.16
N ASP Q 44 58.56 -3.46 -56.49
CA ASP Q 44 57.24 -2.87 -56.64
C ASP Q 44 56.48 -3.56 -57.77
N LEU Q 45 57.13 -4.50 -58.43
CA LEU Q 45 56.51 -5.20 -59.53
C LEU Q 45 56.52 -6.73 -59.32
N THR Q 46 56.32 -7.20 -58.09
CA THR Q 46 56.33 -8.64 -57.87
C THR Q 46 55.14 -9.35 -58.49
N GLY Q 47 54.11 -8.57 -58.83
CA GLY Q 47 52.92 -9.12 -59.47
C GLY Q 47 51.62 -9.15 -58.69
N LEU Q 48 51.61 -9.95 -57.62
CA LEU Q 48 50.43 -10.13 -56.77
C LEU Q 48 50.01 -8.87 -55.98
N GLY Q 49 48.86 -8.31 -56.36
CA GLY Q 49 48.32 -7.13 -55.71
C GLY Q 49 48.91 -5.81 -56.20
N ILE Q 50 49.75 -5.21 -55.35
CA ILE Q 50 50.44 -3.94 -55.67
C ILE Q 50 51.90 -4.21 -55.44
N GLY Q 51 52.27 -5.48 -55.54
CA GLY Q 51 53.64 -5.89 -55.33
C GLY Q 51 54.12 -5.47 -53.95
N GLY Q 52 55.40 -5.13 -53.87
CA GLY Q 52 55.94 -4.74 -52.59
C GLY Q 52 56.75 -5.92 -52.15
N ASN Q 53 57.63 -5.69 -51.17
CA ASN Q 53 58.49 -6.73 -50.63
C ASN Q 53 57.76 -7.90 -49.97
N LYS Q 54 56.52 -7.66 -49.52
CA LYS Q 54 55.77 -8.71 -48.84
C LYS Q 54 55.74 -10.04 -49.57
N ILE Q 55 55.34 -9.99 -50.84
CA ILE Q 55 55.24 -11.19 -51.67
C ILE Q 55 56.38 -12.20 -51.45
N ARG Q 56 57.62 -11.74 -51.35
CA ARG Q 56 58.78 -12.63 -51.13
C ARG Q 56 58.79 -13.29 -49.74
N LYS Q 57 58.41 -12.53 -48.72
CA LYS Q 57 58.35 -13.02 -47.34
C LYS Q 57 57.09 -13.88 -47.20
N LEU Q 58 56.07 -13.47 -47.96
CA LEU Q 58 54.75 -14.09 -48.03
C LEU Q 58 54.88 -15.48 -48.70
N GLU Q 59 55.88 -15.64 -49.57
CA GLU Q 59 56.14 -16.93 -50.23
C GLU Q 59 56.47 -17.95 -49.17
N TYR Q 60 57.11 -17.49 -48.09
CA TYR Q 60 57.48 -18.40 -47.02
C TYR Q 60 56.48 -18.49 -45.89
N LEU Q 61 55.62 -17.49 -45.77
CA LEU Q 61 54.61 -17.54 -44.74
C LEU Q 61 53.53 -18.52 -45.17
N LEU Q 62 52.95 -18.29 -46.35
CA LEU Q 62 51.90 -19.17 -46.85
C LEU Q 62 52.37 -20.61 -47.02
N GLY Q 63 53.66 -20.80 -47.28
CA GLY Q 63 54.15 -22.15 -47.41
C GLY Q 63 54.10 -22.75 -46.01
N ASP Q 64 54.38 -21.91 -45.02
CA ASP Q 64 54.40 -22.31 -43.61
C ASP Q 64 52.99 -22.28 -43.00
N ALA Q 65 52.03 -21.74 -43.75
CA ALA Q 65 50.64 -21.68 -43.32
C ALA Q 65 50.00 -22.94 -43.86
N LEU Q 66 50.24 -23.17 -45.14
CA LEU Q 66 49.72 -24.34 -45.81
C LEU Q 66 50.34 -25.57 -45.12
N SER Q 67 51.66 -25.70 -45.21
CA SER Q 67 52.37 -26.84 -44.62
C SER Q 67 51.81 -27.23 -43.25
N LYS Q 68 50.93 -26.40 -42.69
CA LYS Q 68 50.35 -26.66 -41.38
C LYS Q 68 48.84 -26.74 -41.43
N GLY Q 69 48.27 -26.77 -42.63
CA GLY Q 69 46.83 -26.85 -42.75
C GLY Q 69 46.14 -25.64 -42.13
N ALA Q 70 46.52 -24.44 -42.56
CA ALA Q 70 45.89 -23.22 -42.07
C ALA Q 70 44.60 -23.12 -42.89
N ASP Q 71 43.84 -22.04 -42.75
CA ASP Q 71 42.60 -21.90 -43.53
C ASP Q 71 41.96 -20.54 -43.30
N VAL Q 72 42.64 -19.75 -42.48
CA VAL Q 72 42.15 -18.43 -42.13
C VAL Q 72 43.32 -17.61 -41.57
N VAL Q 73 44.26 -17.31 -42.47
CA VAL Q 73 45.46 -16.53 -42.14
C VAL Q 73 45.12 -15.18 -41.51
N ILE Q 74 45.91 -14.82 -40.50
CA ILE Q 74 45.72 -13.58 -39.78
C ILE Q 74 46.99 -12.75 -39.88
N THR Q 75 46.89 -11.49 -39.48
CA THR Q 75 48.02 -10.58 -39.48
C THR Q 75 47.51 -9.17 -39.24
N VAL Q 76 48.14 -8.52 -38.27
CA VAL Q 76 47.80 -7.16 -37.83
C VAL Q 76 48.33 -6.09 -38.76
N GLY Q 77 47.85 -4.87 -38.54
CA GLY Q 77 48.32 -3.76 -39.36
C GLY Q 77 47.60 -2.43 -39.12
N ALA Q 78 48.15 -1.37 -39.71
CA ALA Q 78 47.53 -0.05 -39.61
C ALA Q 78 46.48 -0.08 -40.71
N VAL Q 79 45.50 0.82 -40.69
CA VAL Q 79 44.44 0.80 -41.70
C VAL Q 79 44.88 1.07 -43.14
N HIS Q 80 46.17 1.21 -43.35
CA HIS Q 80 46.70 1.47 -44.70
C HIS Q 80 47.81 0.50 -45.08
N SER Q 81 48.27 -0.27 -44.10
CA SER Q 81 49.35 -1.24 -44.31
C SER Q 81 49.24 -1.96 -45.63
N ASN Q 82 50.31 -1.88 -46.42
CA ASN Q 82 50.34 -2.57 -47.70
C ASN Q 82 50.45 -4.04 -47.28
N HIS Q 83 51.03 -4.27 -46.10
CA HIS Q 83 51.20 -5.61 -45.60
C HIS Q 83 49.84 -6.22 -45.41
N ALA Q 84 48.83 -5.36 -45.28
CA ALA Q 84 47.48 -5.82 -45.10
C ALA Q 84 47.02 -6.45 -46.40
N PHE Q 85 46.38 -5.63 -47.22
CA PHE Q 85 45.87 -6.00 -48.53
C PHE Q 85 46.48 -7.26 -49.13
N VAL Q 86 47.75 -7.17 -49.52
CA VAL Q 86 48.46 -8.29 -50.15
C VAL Q 86 48.37 -9.62 -49.38
N THR Q 87 48.55 -9.58 -48.05
CA THR Q 87 48.49 -10.79 -47.23
C THR Q 87 47.13 -11.50 -47.31
N GLY Q 88 46.05 -10.71 -47.40
CA GLY Q 88 44.74 -11.31 -47.50
C GLY Q 88 44.58 -11.88 -48.90
N LEU Q 89 44.42 -10.97 -49.86
CA LEU Q 89 44.28 -11.33 -51.26
C LEU Q 89 45.08 -12.57 -51.70
N ALA Q 90 46.39 -12.55 -51.41
CA ALA Q 90 47.28 -13.66 -51.78
C ALA Q 90 46.85 -14.99 -51.16
N ALA Q 91 46.37 -14.94 -49.92
CA ALA Q 91 45.90 -16.13 -49.23
C ALA Q 91 44.64 -16.60 -49.97
N LYS Q 92 43.75 -15.66 -50.27
CA LYS Q 92 42.51 -15.98 -51.00
C LYS Q 92 42.83 -16.52 -52.38
N LYS Q 93 43.99 -16.15 -52.90
CA LYS Q 93 44.39 -16.67 -54.18
C LYS Q 93 44.71 -18.14 -53.91
N LEU Q 94 44.94 -18.48 -52.65
CA LEU Q 94 45.26 -19.85 -52.29
C LEU Q 94 44.11 -20.53 -51.56
N GLY Q 95 42.89 -20.08 -51.86
CA GLY Q 95 41.73 -20.66 -51.22
C GLY Q 95 41.65 -20.34 -49.74
N LEU Q 96 42.81 -20.24 -49.09
CA LEU Q 96 42.86 -19.95 -47.65
C LEU Q 96 42.16 -18.65 -47.30
N ASP Q 97 41.17 -18.74 -46.41
CA ASP Q 97 40.45 -17.57 -45.95
C ASP Q 97 41.46 -16.76 -45.11
N ALA Q 98 41.07 -15.60 -44.59
CA ALA Q 98 41.99 -14.79 -43.78
C ALA Q 98 41.37 -13.51 -43.24
N ILE Q 99 41.95 -12.97 -42.16
CA ILE Q 99 41.46 -11.74 -41.53
C ILE Q 99 42.56 -10.79 -41.07
N LEU Q 100 42.32 -9.49 -41.23
CA LEU Q 100 43.28 -8.46 -40.82
C LEU Q 100 42.81 -7.67 -39.58
N VAL Q 101 43.73 -7.50 -38.63
CA VAL Q 101 43.48 -6.75 -37.39
C VAL Q 101 44.13 -5.34 -37.57
N LEU Q 102 43.30 -4.39 -37.95
CA LEU Q 102 43.71 -3.00 -38.23
C LEU Q 102 43.43 -1.98 -37.12
N ARG Q 103 43.88 -0.74 -37.36
CA ARG Q 103 43.67 0.37 -36.43
C ARG Q 103 43.76 1.76 -37.12
N GLY Q 104 42.61 2.44 -37.28
CA GLY Q 104 42.64 3.77 -37.89
C GLY Q 104 41.38 4.30 -38.57
N LYS Q 105 41.53 5.41 -39.30
CA LYS Q 105 40.42 6.08 -40.03
C LYS Q 105 39.67 5.18 -41.04
N GLU Q 106 38.39 4.92 -40.80
CA GLU Q 106 37.66 4.06 -41.73
C GLU Q 106 37.41 4.71 -43.10
N GLU Q 107 38.17 5.78 -43.39
CA GLU Q 107 38.10 6.47 -44.69
C GLU Q 107 38.24 5.36 -45.70
N LEU Q 108 37.60 5.51 -46.87
CA LEU Q 108 37.65 4.46 -47.90
C LEU Q 108 38.58 4.70 -49.09
N LYS Q 109 39.87 4.76 -48.80
CA LYS Q 109 40.92 4.97 -49.79
C LYS Q 109 42.16 4.17 -49.33
N GLY Q 110 43.20 4.10 -50.17
CA GLY Q 110 44.42 3.38 -49.79
C GLY Q 110 44.27 1.87 -49.62
N ASN Q 111 45.18 1.25 -48.86
CA ASN Q 111 45.07 -0.19 -48.66
C ASN Q 111 43.83 -0.65 -47.90
N TYR Q 112 43.07 0.30 -47.35
CA TYR Q 112 41.84 -0.05 -46.65
C TYR Q 112 40.78 -0.27 -47.73
N LEU Q 113 40.56 0.77 -48.54
CA LEU Q 113 39.61 0.77 -49.65
C LEU Q 113 39.81 -0.43 -50.56
N LEU Q 114 41.06 -0.82 -50.74
CA LEU Q 114 41.38 -1.96 -51.60
C LEU Q 114 40.85 -3.28 -51.06
N ASP Q 115 40.87 -3.45 -49.73
CA ASP Q 115 40.35 -4.68 -49.13
C ASP Q 115 38.82 -4.75 -49.38
N LYS Q 116 38.13 -3.68 -49.02
CA LYS Q 116 36.68 -3.62 -49.21
C LYS Q 116 36.32 -3.86 -50.68
N ILE Q 117 37.31 -3.73 -51.56
CA ILE Q 117 37.09 -3.96 -52.97
C ILE Q 117 37.22 -5.45 -53.24
N MET Q 118 38.34 -6.02 -52.82
CA MET Q 118 38.56 -7.45 -53.03
C MET Q 118 37.70 -8.26 -52.09
N GLY Q 119 37.06 -7.56 -51.15
CA GLY Q 119 36.21 -8.23 -50.17
C GLY Q 119 37.03 -9.00 -49.17
N ILE Q 120 37.83 -8.29 -48.39
CA ILE Q 120 38.68 -8.93 -47.37
C ILE Q 120 38.15 -8.61 -45.97
N GLU Q 121 38.41 -9.51 -45.02
CA GLU Q 121 37.91 -9.30 -43.67
C GLU Q 121 38.82 -8.46 -42.77
N THR Q 122 38.26 -7.32 -42.34
CA THR Q 122 38.90 -6.30 -41.50
C THR Q 122 38.23 -6.12 -40.14
N ARG Q 123 38.99 -5.60 -39.18
CA ARG Q 123 38.47 -5.38 -37.83
C ARG Q 123 38.92 -4.06 -37.20
N VAL Q 124 38.68 -2.95 -37.92
CA VAL Q 124 39.03 -1.58 -37.48
C VAL Q 124 38.98 -1.37 -35.97
N TYR Q 125 40.12 -1.51 -35.31
CA TYR Q 125 40.20 -1.34 -33.87
C TYR Q 125 40.69 0.03 -33.44
N ASP Q 126 39.94 0.62 -32.51
CA ASP Q 126 40.23 1.95 -31.96
C ASP Q 126 41.48 1.97 -31.05
N ALA Q 127 41.96 0.79 -30.66
CA ALA Q 127 43.15 0.69 -29.84
C ALA Q 127 44.19 1.26 -30.78
N LYS Q 128 44.20 2.59 -30.85
CA LYS Q 128 45.15 3.24 -31.73
C LYS Q 128 46.40 3.54 -30.94
N ASP Q 129 47.45 2.82 -31.28
CA ASP Q 129 48.76 3.03 -30.66
C ASP Q 129 49.85 2.15 -31.27
N SER Q 130 49.58 0.86 -31.46
CA SER Q 130 50.62 -0.01 -32.00
C SER Q 130 50.23 -1.41 -32.47
N PHE Q 131 51.25 -2.25 -32.63
CA PHE Q 131 51.09 -3.63 -33.07
C PHE Q 131 50.70 -4.52 -31.90
N GLU Q 132 50.30 -3.91 -30.78
CA GLU Q 132 49.87 -4.70 -29.64
C GLU Q 132 48.40 -5.05 -29.86
N LEU Q 133 48.00 -4.90 -31.12
CA LEU Q 133 46.66 -5.23 -31.61
C LEU Q 133 46.81 -6.75 -31.80
N MET Q 134 48.06 -7.14 -32.07
CA MET Q 134 48.48 -8.52 -32.23
C MET Q 134 47.83 -9.32 -31.11
N LYS Q 135 47.64 -8.69 -29.95
CA LYS Q 135 47.00 -9.36 -28.82
C LYS Q 135 45.60 -9.70 -29.30
N TYR Q 136 44.89 -8.70 -29.85
CA TYR Q 136 43.56 -8.95 -30.39
C TYR Q 136 43.75 -10.18 -31.29
N ALA Q 137 44.69 -10.07 -32.23
CA ALA Q 137 44.99 -11.16 -33.16
C ALA Q 137 45.23 -12.48 -32.46
N GLU Q 138 45.96 -12.46 -31.35
CA GLU Q 138 46.20 -13.69 -30.62
C GLU Q 138 44.86 -14.19 -30.08
N GLU Q 139 44.07 -13.28 -29.50
CA GLU Q 139 42.75 -13.61 -28.95
C GLU Q 139 41.61 -13.66 -29.98
N ILE Q 140 41.90 -13.35 -31.24
CA ILE Q 140 40.88 -13.37 -32.30
C ILE Q 140 40.87 -14.72 -32.99
N ALA Q 141 42.07 -15.32 -33.07
CA ALA Q 141 42.25 -16.62 -33.68
C ALA Q 141 41.69 -17.65 -32.71
N GLU Q 142 42.01 -17.44 -31.43
CA GLU Q 142 41.57 -18.31 -30.34
C GLU Q 142 40.21 -18.93 -30.53
N GLU Q 143 39.21 -18.07 -30.74
CA GLU Q 143 37.84 -18.53 -30.95
C GLU Q 143 37.78 -19.45 -32.16
N LEU Q 144 38.39 -19.02 -33.27
CA LEU Q 144 38.42 -19.82 -34.50
C LEU Q 144 38.90 -21.23 -34.16
N LYS Q 145 40.19 -21.34 -33.84
CA LYS Q 145 40.80 -22.62 -33.48
C LYS Q 145 39.91 -23.42 -32.50
N ARG Q 146 39.33 -22.74 -31.50
CA ARG Q 146 38.45 -23.38 -30.50
C ARG Q 146 37.04 -23.53 -31.12
N GLU Q 147 37.06 -23.93 -32.39
CA GLU Q 147 35.85 -24.15 -33.23
C GLU Q 147 36.37 -24.70 -34.56
N GLY Q 148 37.15 -25.78 -34.47
CA GLY Q 148 37.72 -26.40 -35.66
C GLY Q 148 38.84 -25.60 -36.29
N ARG Q 149 38.45 -24.65 -37.14
CA ARG Q 149 39.36 -23.77 -37.91
C ARG Q 149 40.70 -23.42 -37.28
N LYS Q 150 41.79 -23.84 -37.94
CA LYS Q 150 43.17 -23.58 -37.50
C LYS Q 150 43.75 -22.32 -38.16
N PRO Q 151 43.60 -21.13 -37.53
CA PRO Q 151 44.12 -19.88 -38.11
C PRO Q 151 45.64 -19.67 -38.14
N TYR Q 152 46.11 -18.99 -39.19
CA TYR Q 152 47.54 -18.72 -39.35
C TYR Q 152 47.95 -17.26 -39.01
N VAL Q 153 48.43 -17.05 -37.78
CA VAL Q 153 48.86 -15.72 -37.32
C VAL Q 153 50.21 -15.31 -37.92
N ILE Q 154 50.27 -14.10 -38.44
CA ILE Q 154 51.49 -13.54 -39.06
C ILE Q 154 51.82 -12.22 -38.36
N PRO Q 155 53.09 -12.02 -37.94
CA PRO Q 155 53.44 -10.76 -37.27
C PRO Q 155 53.30 -9.53 -38.16
N PRO Q 156 53.90 -8.40 -37.73
CA PRO Q 156 53.76 -7.22 -38.60
C PRO Q 156 54.79 -7.37 -39.71
N GLY Q 157 54.43 -6.98 -40.93
CA GLY Q 157 55.35 -7.09 -42.06
C GLY Q 157 55.90 -8.48 -42.22
N GLY Q 158 55.12 -9.48 -41.81
CA GLY Q 158 55.58 -10.85 -41.92
C GLY Q 158 56.89 -10.92 -41.16
N ALA Q 159 56.92 -10.21 -40.04
CA ALA Q 159 58.10 -10.13 -39.18
C ALA Q 159 58.64 -11.48 -38.73
N SER Q 160 57.90 -12.54 -39.07
CA SER Q 160 58.27 -13.89 -38.72
C SER Q 160 59.69 -14.25 -39.15
N PRO Q 161 60.42 -14.99 -38.30
CA PRO Q 161 61.77 -15.35 -38.71
C PRO Q 161 61.69 -16.09 -40.04
N ILE Q 162 60.48 -16.49 -40.41
CA ILE Q 162 60.24 -17.21 -41.66
C ILE Q 162 59.93 -16.22 -42.78
N GLY Q 163 59.41 -15.05 -42.40
CA GLY Q 163 59.14 -14.04 -43.39
C GLY Q 163 60.49 -13.53 -43.86
N THR Q 164 61.45 -13.55 -42.94
CA THR Q 164 62.82 -13.11 -43.17
C THR Q 164 63.42 -13.75 -44.40
N LEU Q 165 63.23 -15.06 -44.51
CA LEU Q 165 63.77 -15.81 -45.63
C LEU Q 165 63.34 -15.23 -46.97
N GLY Q 166 62.25 -14.47 -46.98
CA GLY Q 166 61.81 -13.86 -48.21
C GLY Q 166 62.98 -13.15 -48.89
N TYR Q 167 63.69 -12.33 -48.09
CA TYR Q 167 64.83 -11.56 -48.56
C TYR Q 167 66.21 -12.21 -48.47
N VAL Q 168 66.24 -13.48 -48.07
CA VAL Q 168 67.50 -14.22 -48.00
C VAL Q 168 67.56 -15.00 -49.31
N ARG Q 169 66.54 -14.78 -50.15
CA ARG Q 169 66.44 -15.43 -51.46
C ARG Q 169 66.59 -14.35 -52.52
N ALA Q 170 66.52 -13.10 -52.08
CA ALA Q 170 66.65 -11.93 -52.94
C ALA Q 170 68.12 -11.55 -53.13
N VAL Q 171 68.91 -11.70 -52.07
CA VAL Q 171 70.33 -11.37 -52.19
C VAL Q 171 70.93 -12.44 -53.11
N GLY Q 172 70.26 -13.59 -53.16
CA GLY Q 172 70.74 -14.65 -54.03
C GLY Q 172 70.30 -14.31 -55.42
N GLU Q 173 69.17 -13.61 -55.51
CA GLU Q 173 68.65 -13.21 -56.81
C GLU Q 173 69.51 -12.03 -57.27
N ILE Q 174 69.58 -11.01 -56.43
CA ILE Q 174 70.37 -9.82 -56.76
C ILE Q 174 71.80 -10.22 -57.11
N ALA Q 175 72.27 -11.32 -56.54
CA ALA Q 175 73.64 -11.81 -56.77
C ALA Q 175 73.80 -12.54 -58.09
N THR Q 176 72.69 -12.85 -58.73
CA THR Q 176 72.72 -13.55 -60.00
C THR Q 176 72.37 -12.59 -61.14
N GLN Q 177 71.20 -11.99 -61.05
CA GLN Q 177 70.71 -11.06 -62.06
C GLN Q 177 71.56 -9.79 -62.18
N SER Q 178 72.19 -9.38 -61.10
CA SER Q 178 73.00 -8.16 -61.09
C SER Q 178 74.47 -8.31 -61.40
N GLU Q 179 74.95 -7.50 -62.33
CA GLU Q 179 76.36 -7.51 -62.70
C GLU Q 179 76.95 -6.16 -62.28
N VAL Q 180 76.46 -5.67 -61.15
CA VAL Q 180 76.93 -4.41 -60.58
C VAL Q 180 77.18 -4.68 -59.12
N LYS Q 181 78.44 -4.54 -58.69
CA LYS Q 181 78.86 -4.77 -57.32
C LYS Q 181 78.66 -3.55 -56.44
N PHE Q 182 77.52 -3.50 -55.79
CA PHE Q 182 77.18 -2.40 -54.93
C PHE Q 182 77.94 -2.47 -53.60
N ASP Q 183 78.24 -1.29 -53.07
CA ASP Q 183 78.96 -1.18 -51.80
C ASP Q 183 77.92 -1.23 -50.67
N SER Q 184 76.67 -0.95 -51.06
CA SER Q 184 75.53 -0.91 -50.15
C SER Q 184 74.19 -1.15 -50.84
N ILE Q 185 73.16 -1.52 -50.06
CA ILE Q 185 71.79 -1.74 -50.56
C ILE Q 185 70.85 -1.13 -49.53
N VAL Q 186 70.28 0.06 -49.78
CA VAL Q 186 69.38 0.63 -48.77
C VAL Q 186 67.95 0.19 -48.98
N VAL Q 187 67.26 -0.08 -47.87
CA VAL Q 187 65.86 -0.53 -47.91
C VAL Q 187 65.08 0.12 -46.76
N ALA Q 188 63.84 0.54 -47.04
CA ALA Q 188 62.99 1.13 -46.01
C ALA Q 188 62.98 0.18 -44.79
N ALA Q 189 62.58 0.68 -43.64
CA ALA Q 189 62.54 -0.17 -42.46
C ALA Q 189 61.31 0.11 -41.63
N GLY Q 190 60.35 -0.82 -41.65
CA GLY Q 190 59.11 -0.68 -40.88
C GLY Q 190 59.15 -1.57 -39.64
N SER Q 191 58.98 -2.88 -39.86
CA SER Q 191 59.06 -3.85 -38.77
C SER Q 191 60.49 -4.43 -38.80
N GLY Q 192 61.18 -4.24 -39.93
CA GLY Q 192 62.53 -4.74 -40.10
C GLY Q 192 62.55 -6.08 -40.82
N GLY Q 193 61.36 -6.55 -41.19
CA GLY Q 193 61.29 -7.82 -41.89
C GLY Q 193 62.23 -7.75 -43.08
N THR Q 194 61.97 -6.79 -43.95
CA THR Q 194 62.77 -6.57 -45.16
C THR Q 194 64.26 -6.44 -44.84
N LEU Q 195 64.58 -5.49 -43.96
CA LEU Q 195 65.96 -5.22 -43.57
C LEU Q 195 66.61 -6.46 -42.96
N ALA Q 196 65.93 -7.07 -42.01
CA ALA Q 196 66.45 -8.25 -41.34
C ALA Q 196 66.85 -9.30 -42.37
N GLY Q 197 65.93 -9.59 -43.30
CA GLY Q 197 66.20 -10.58 -44.33
C GLY Q 197 67.40 -10.25 -45.21
N LEU Q 198 67.39 -9.04 -45.73
CA LEU Q 198 68.47 -8.59 -46.59
C LEU Q 198 69.83 -8.86 -45.94
N SER Q 199 69.92 -8.55 -44.65
CA SER Q 199 71.15 -8.72 -43.89
C SER Q 199 71.61 -10.17 -43.79
N LEU Q 200 70.68 -11.11 -43.69
CA LEU Q 200 71.04 -12.51 -43.58
C LEU Q 200 71.73 -12.97 -44.87
N GLY Q 201 71.06 -12.75 -46.01
CA GLY Q 201 71.61 -13.15 -47.29
C GLY Q 201 72.97 -12.57 -47.58
N LEU Q 202 73.11 -11.27 -47.37
CA LEU Q 202 74.38 -10.59 -47.61
C LEU Q 202 75.49 -11.15 -46.72
N SER Q 203 75.11 -11.60 -45.52
CA SER Q 203 76.05 -12.18 -44.58
C SER Q 203 76.37 -13.61 -44.98
N ILE Q 204 75.35 -14.33 -45.44
CA ILE Q 204 75.49 -15.72 -45.88
C ILE Q 204 76.40 -15.71 -47.09
N LEU Q 205 76.41 -14.57 -47.76
CA LEU Q 205 77.21 -14.36 -48.96
C LEU Q 205 78.55 -13.75 -48.60
N ASN Q 206 78.61 -13.15 -47.43
CA ASN Q 206 79.82 -12.47 -46.96
C ASN Q 206 80.21 -11.56 -48.11
N GLU Q 207 79.32 -10.61 -48.38
CA GLU Q 207 79.50 -9.61 -49.42
C GLU Q 207 79.44 -8.27 -48.73
N ASP Q 208 80.59 -7.57 -48.74
CA ASP Q 208 80.74 -6.29 -48.07
C ASP Q 208 79.63 -5.30 -48.31
N ILE Q 209 78.76 -5.61 -49.26
CA ILE Q 209 77.61 -4.75 -49.52
C ILE Q 209 77.07 -4.37 -48.14
N ARG Q 210 76.60 -3.14 -48.00
CA ARG Q 210 76.12 -2.72 -46.70
C ARG Q 210 74.59 -2.68 -46.62
N PRO Q 211 74.01 -3.56 -45.80
CA PRO Q 211 72.56 -3.54 -45.71
C PRO Q 211 72.25 -2.31 -44.86
N VAL Q 212 71.78 -1.25 -45.50
CA VAL Q 212 71.47 -0.03 -44.76
C VAL Q 212 69.96 0.28 -44.74
N GLY Q 213 69.36 0.07 -43.57
CA GLY Q 213 67.95 0.35 -43.40
C GLY Q 213 67.73 1.81 -43.02
N ILE Q 214 66.54 2.31 -43.34
CA ILE Q 214 66.20 3.70 -43.05
C ILE Q 214 64.82 3.74 -42.40
N ALA Q 215 64.79 3.87 -41.08
CA ALA Q 215 63.52 3.88 -40.36
C ALA Q 215 62.62 5.00 -40.82
N VAL Q 216 61.44 4.63 -41.33
CA VAL Q 216 60.45 5.60 -41.78
C VAL Q 216 59.36 5.68 -40.71
N GLY Q 217 59.65 5.05 -39.57
CA GLY Q 217 58.74 5.04 -38.44
C GLY Q 217 59.50 5.50 -37.21
N ARG Q 218 58.80 5.66 -36.09
CA ARG Q 218 59.44 6.08 -34.85
C ARG Q 218 60.55 5.09 -34.49
N PHE Q 219 61.80 5.57 -34.54
CA PHE Q 219 63.01 4.78 -34.27
C PHE Q 219 63.07 4.20 -32.85
N GLY Q 220 61.98 3.55 -32.45
CA GLY Q 220 61.88 2.99 -31.13
C GLY Q 220 62.82 1.86 -30.78
N GLU Q 221 62.82 1.56 -29.48
CA GLU Q 221 63.59 0.50 -28.86
C GLU Q 221 63.19 -0.77 -29.58
N VAL Q 222 61.92 -1.14 -29.43
CA VAL Q 222 61.42 -2.35 -30.05
C VAL Q 222 61.39 -2.14 -31.57
N MET Q 223 62.59 -2.08 -32.15
CA MET Q 223 62.80 -1.88 -33.58
C MET Q 223 64.32 -1.81 -33.78
N THR Q 224 65.05 -1.90 -32.66
CA THR Q 224 66.52 -1.86 -32.62
C THR Q 224 67.06 -3.13 -31.90
N SER Q 225 66.25 -3.68 -30.99
CA SER Q 225 66.58 -4.89 -30.23
C SER Q 225 65.71 -6.02 -30.78
N LYS Q 226 64.52 -5.63 -31.24
CA LYS Q 226 63.59 -6.54 -31.86
C LYS Q 226 64.37 -7.08 -33.06
N LEU Q 227 64.98 -6.13 -33.79
CA LEU Q 227 65.77 -6.40 -34.99
C LEU Q 227 66.85 -7.47 -34.82
N ASP Q 228 67.68 -7.31 -33.78
CA ASP Q 228 68.77 -8.26 -33.53
C ASP Q 228 68.29 -9.68 -33.22
N ASN Q 229 67.25 -9.80 -32.40
CA ASN Q 229 66.73 -11.13 -32.10
C ASN Q 229 66.34 -11.78 -33.45
N LEU Q 230 65.49 -11.09 -34.20
CA LEU Q 230 65.03 -11.56 -35.49
C LEU Q 230 66.15 -12.13 -36.36
N ILE Q 231 67.29 -11.43 -36.38
CA ILE Q 231 68.40 -11.86 -37.20
C ILE Q 231 69.26 -12.99 -36.64
N LYS Q 232 69.01 -13.42 -35.41
CA LYS Q 232 69.79 -14.52 -34.85
C LYS Q 232 68.96 -15.79 -34.72
N GLU Q 233 67.67 -15.68 -35.00
CA GLU Q 233 66.77 -16.84 -34.99
C GLU Q 233 66.56 -17.16 -36.47
N ALA Q 234 66.18 -16.15 -37.24
CA ALA Q 234 65.99 -16.33 -38.65
C ALA Q 234 67.33 -16.87 -39.14
N ALA Q 235 68.38 -16.45 -38.46
CA ALA Q 235 69.70 -16.91 -38.82
C ALA Q 235 69.91 -18.32 -38.25
N GLU Q 236 69.03 -18.76 -37.37
CA GLU Q 236 69.17 -20.10 -36.80
C GLU Q 236 68.36 -21.10 -37.63
N LEU Q 237 67.18 -20.68 -38.08
CA LEU Q 237 66.35 -21.54 -38.93
C LEU Q 237 67.27 -22.01 -40.06
N LEU Q 238 67.83 -21.04 -40.80
CA LEU Q 238 68.72 -21.41 -41.87
C LEU Q 238 69.85 -22.23 -41.28
N GLY Q 239 70.26 -21.87 -40.07
CA GLY Q 239 71.35 -22.55 -39.40
C GLY Q 239 72.66 -21.94 -39.82
N VAL Q 240 72.69 -20.62 -39.84
CA VAL Q 240 73.88 -19.88 -40.24
C VAL Q 240 74.30 -18.87 -39.16
N LYS Q 241 75.59 -18.55 -39.13
CA LYS Q 241 76.13 -17.59 -38.16
C LYS Q 241 75.97 -16.15 -38.66
N VAL Q 242 75.23 -15.33 -37.91
CA VAL Q 242 75.05 -13.94 -38.29
C VAL Q 242 76.37 -13.21 -38.23
N GLU Q 243 76.55 -12.21 -39.08
CA GLU Q 243 77.81 -11.49 -39.11
C GLU Q 243 77.92 -10.52 -37.92
N VAL Q 244 77.40 -9.30 -38.13
CA VAL Q 244 77.40 -8.22 -37.13
C VAL Q 244 76.51 -7.10 -37.69
N ARG Q 245 75.29 -6.98 -37.16
CA ARG Q 245 74.26 -5.98 -37.52
C ARG Q 245 74.21 -5.25 -38.90
N PRO Q 246 73.09 -4.57 -39.15
CA PRO Q 246 72.84 -3.80 -40.38
C PRO Q 246 72.73 -2.34 -39.98
N GLU Q 247 72.98 -1.43 -40.93
CA GLU Q 247 72.88 0.00 -40.62
C GLU Q 247 71.43 0.47 -40.65
N LEU Q 248 71.10 1.41 -39.76
CA LEU Q 248 69.74 1.93 -39.69
C LEU Q 248 69.80 3.46 -39.65
N TYR Q 249 68.81 4.15 -40.24
CA TYR Q 249 68.80 5.61 -40.23
C TYR Q 249 67.41 6.19 -40.11
N ASP Q 250 67.20 6.98 -39.06
CA ASP Q 250 65.93 7.61 -38.77
C ASP Q 250 65.63 8.73 -39.77
N TYR Q 251 64.83 8.43 -40.80
CA TYR Q 251 64.41 9.42 -41.80
C TYR Q 251 62.89 9.42 -41.88
N SER Q 252 62.31 9.28 -40.70
CA SER Q 252 60.87 9.24 -40.47
C SER Q 252 60.24 10.62 -40.47
N PHE Q 253 61.04 11.62 -40.13
CA PHE Q 253 60.60 12.99 -40.04
C PHE Q 253 59.55 13.19 -38.96
N GLY Q 254 59.87 12.82 -37.73
CA GLY Q 254 58.93 13.04 -36.65
C GLY Q 254 58.26 11.83 -36.04
N GLU Q 255 57.69 10.99 -36.90
CA GLU Q 255 57.00 9.80 -36.46
C GLU Q 255 56.59 9.02 -37.69
N TYR Q 256 55.80 7.97 -37.48
CA TYR Q 256 55.32 7.13 -38.57
C TYR Q 256 54.07 7.70 -39.26
N GLY Q 257 53.85 7.26 -40.49
CA GLY Q 257 52.71 7.73 -41.26
C GLY Q 257 52.69 9.24 -41.40
N LYS Q 258 53.72 9.88 -40.83
CA LYS Q 258 53.88 11.33 -40.84
C LYS Q 258 54.31 11.81 -42.22
N ILE Q 259 53.61 12.85 -42.71
CA ILE Q 259 53.85 13.42 -44.04
C ILE Q 259 54.44 14.82 -43.95
N THR Q 260 55.76 14.90 -43.96
CA THR Q 260 56.46 16.18 -43.89
C THR Q 260 56.56 16.79 -45.29
N GLY Q 261 56.82 18.09 -45.37
CA GLY Q 261 56.89 18.78 -46.66
C GLY Q 261 57.95 18.30 -47.63
N GLU Q 262 59.14 18.01 -47.09
CA GLU Q 262 60.27 17.55 -47.88
C GLU Q 262 59.90 16.30 -48.68
N VAL Q 263 59.01 15.49 -48.12
CA VAL Q 263 58.57 14.23 -48.74
C VAL Q 263 57.59 14.44 -49.90
N ALA Q 264 56.82 15.51 -49.83
CA ALA Q 264 55.88 15.81 -50.88
C ALA Q 264 56.66 16.26 -52.11
N GLN Q 265 57.98 16.40 -51.92
CA GLN Q 265 58.92 16.82 -52.98
C GLN Q 265 59.64 15.65 -53.64
N ILE Q 266 60.29 14.83 -52.81
CA ILE Q 266 61.06 13.65 -53.22
C ILE Q 266 60.21 12.64 -53.99
N ILE Q 267 58.90 12.83 -53.98
CA ILE Q 267 58.03 11.94 -54.72
C ILE Q 267 57.82 12.57 -56.09
N ARG Q 268 58.01 13.87 -56.18
CA ARG Q 268 57.83 14.55 -57.45
C ARG Q 268 59.08 14.54 -58.32
N LYS Q 269 60.27 14.56 -57.70
CA LYS Q 269 61.52 14.53 -58.47
C LYS Q 269 61.73 13.12 -59.06
N VAL Q 270 61.83 12.12 -58.18
CA VAL Q 270 62.01 10.71 -58.55
C VAL Q 270 60.84 10.26 -59.43
N GLY Q 271 59.87 11.15 -59.62
CA GLY Q 271 58.72 10.79 -60.43
C GLY Q 271 58.81 11.46 -61.77
N THR Q 272 59.34 12.69 -61.80
CA THR Q 272 59.45 13.42 -63.05
C THR Q 272 60.82 13.31 -63.71
N ARG Q 273 61.81 12.85 -62.97
CA ARG Q 273 63.13 12.71 -63.54
C ARG Q 273 63.43 11.23 -63.79
N GLU Q 274 62.55 10.36 -63.33
CA GLU Q 274 62.77 8.93 -63.53
C GLU Q 274 61.47 8.17 -63.80
N GLY Q 275 60.35 8.88 -63.81
CA GLY Q 275 59.09 8.22 -64.08
C GLY Q 275 58.63 7.28 -62.99
N ILE Q 276 59.57 6.71 -62.25
CA ILE Q 276 59.22 5.79 -61.16
C ILE Q 276 58.43 6.52 -60.06
N ILE Q 277 57.41 5.86 -59.53
CA ILE Q 277 56.58 6.43 -58.48
C ILE Q 277 56.97 5.89 -57.10
N LEU Q 278 56.91 6.76 -56.10
CA LEU Q 278 57.25 6.36 -54.73
C LEU Q 278 55.99 6.68 -53.93
N ASP Q 279 55.98 6.38 -52.63
CA ASP Q 279 54.79 6.67 -51.80
C ASP Q 279 55.11 7.48 -50.53
N PRO Q 280 54.28 8.51 -50.24
CA PRO Q 280 54.44 9.39 -49.07
C PRO Q 280 54.72 8.79 -47.70
N VAL Q 281 54.45 7.50 -47.51
CA VAL Q 281 54.68 6.89 -46.20
C VAL Q 281 55.92 6.01 -46.02
N TYR Q 282 56.41 5.41 -47.10
CA TYR Q 282 57.62 4.55 -47.04
C TYR Q 282 58.79 4.98 -47.95
N THR Q 283 58.85 4.39 -49.16
CA THR Q 283 59.91 4.69 -50.13
C THR Q 283 60.26 6.18 -50.34
N GLY Q 284 59.24 7.04 -50.37
CA GLY Q 284 59.50 8.46 -50.57
C GLY Q 284 60.47 8.96 -49.53
N LYS Q 285 60.28 8.46 -48.31
CA LYS Q 285 61.14 8.82 -47.20
C LYS Q 285 62.43 8.03 -47.35
N ALA Q 286 62.31 6.71 -47.22
CA ALA Q 286 63.44 5.79 -47.33
C ALA Q 286 64.44 6.28 -48.36
N PHE Q 287 63.95 6.56 -49.56
CA PHE Q 287 64.81 7.02 -50.64
C PHE Q 287 65.42 8.39 -50.34
N TYR Q 288 64.64 9.24 -49.66
CA TYR Q 288 65.13 10.55 -49.29
C TYR Q 288 66.41 10.34 -48.47
N GLY Q 289 66.30 9.58 -47.39
CA GLY Q 289 67.45 9.31 -46.56
C GLY Q 289 68.66 8.88 -47.38
N LEU Q 290 68.38 8.17 -48.48
CA LEU Q 290 69.42 7.67 -49.38
C LEU Q 290 70.08 8.87 -50.05
N VAL Q 291 69.27 9.73 -50.66
CA VAL Q 291 69.79 10.91 -51.34
C VAL Q 291 70.75 11.62 -50.41
N ASP Q 292 70.29 11.76 -49.17
CA ASP Q 292 71.04 12.41 -48.10
C ASP Q 292 72.41 11.77 -47.84
N LEU Q 293 72.42 10.54 -47.36
CA LEU Q 293 73.66 9.83 -47.04
C LEU Q 293 74.65 9.75 -48.18
N ALA Q 294 74.17 9.47 -49.39
CA ALA Q 294 75.05 9.42 -50.55
C ALA Q 294 75.59 10.84 -50.74
N ARG Q 295 74.70 11.83 -50.67
CA ARG Q 295 75.09 13.22 -50.80
C ARG Q 295 76.27 13.51 -49.87
N LYS Q 296 76.24 12.89 -48.68
CA LYS Q 296 77.30 13.10 -47.68
C LYS Q 296 78.50 12.17 -47.91
N GLY Q 297 78.29 11.13 -48.71
CA GLY Q 297 79.36 10.20 -49.03
C GLY Q 297 79.15 8.88 -48.33
N GLU Q 298 78.38 8.96 -47.24
CA GLU Q 298 78.07 7.82 -46.40
C GLU Q 298 77.12 6.87 -47.09
N LEU Q 299 77.70 6.09 -48.02
CA LEU Q 299 77.01 5.05 -48.80
C LEU Q 299 77.96 4.51 -49.87
N GLY Q 300 78.81 5.39 -50.40
CA GLY Q 300 79.74 4.96 -51.42
C GLY Q 300 79.30 5.27 -52.84
N GLU Q 301 80.05 4.75 -53.81
CA GLU Q 301 79.78 4.97 -55.24
C GLU Q 301 78.50 4.28 -55.77
N LYS Q 302 78.53 2.95 -55.82
CA LYS Q 302 77.41 2.14 -56.31
C LYS Q 302 76.50 1.74 -55.16
N ILE Q 303 75.25 2.19 -55.26
CA ILE Q 303 74.22 1.94 -54.25
C ILE Q 303 72.99 1.38 -54.94
N LEU Q 304 72.39 0.33 -54.37
CA LEU Q 304 71.18 -0.25 -54.96
C LEU Q 304 69.98 -0.08 -54.04
N PHE Q 305 68.94 0.58 -54.54
CA PHE Q 305 67.72 0.82 -53.77
C PHE Q 305 66.62 -0.21 -54.09
N ILE Q 306 65.97 -0.73 -53.06
CA ILE Q 306 64.93 -1.73 -53.22
C ILE Q 306 63.52 -1.15 -53.13
N HIS Q 307 63.00 -0.62 -54.22
CA HIS Q 307 61.65 -0.05 -54.23
C HIS Q 307 60.71 -1.05 -53.59
N THR Q 308 60.58 -0.96 -52.28
CA THR Q 308 59.72 -1.85 -51.49
C THR Q 308 58.27 -1.93 -51.99
N GLY Q 309 57.92 -1.03 -52.91
CA GLY Q 309 56.59 -1.01 -53.45
C GLY Q 309 55.71 -0.03 -52.71
N GLY Q 310 54.57 -0.53 -52.23
CA GLY Q 310 53.63 0.30 -51.50
C GLY Q 310 53.04 1.45 -52.30
N ILE Q 311 52.74 1.22 -53.58
CA ILE Q 311 52.16 2.26 -54.42
C ILE Q 311 50.95 2.99 -53.82
N SER Q 312 49.95 2.24 -53.37
CA SER Q 312 48.72 2.78 -52.78
C SER Q 312 48.83 4.00 -51.84
N GLY Q 313 49.98 4.13 -51.16
CA GLY Q 313 50.17 5.23 -50.25
C GLY Q 313 50.13 6.60 -50.89
N THR Q 314 50.29 6.67 -52.20
CA THR Q 314 50.27 7.94 -52.92
C THR Q 314 48.83 8.35 -53.19
N PHE Q 315 47.94 7.37 -53.19
CA PHE Q 315 46.54 7.63 -53.47
C PHE Q 315 45.79 8.05 -52.19
N HIS Q 316 46.21 7.51 -51.04
CA HIS Q 316 45.59 7.83 -49.75
C HIS Q 316 45.90 9.29 -49.41
N TYR Q 317 47.13 9.52 -48.99
CA TYR Q 317 47.67 10.83 -48.58
C TYR Q 317 48.01 11.77 -49.72
N GLY Q 318 47.18 11.78 -50.76
CA GLY Q 318 47.45 12.63 -51.91
C GLY Q 318 47.28 14.13 -51.67
N ASP Q 319 46.07 14.52 -51.32
CA ASP Q 319 45.82 15.92 -51.06
C ASP Q 319 46.85 16.38 -50.05
N LYS Q 320 47.16 15.53 -49.08
CA LYS Q 320 48.16 15.83 -48.07
C LYS Q 320 49.50 16.10 -48.76
N LEU Q 321 49.68 15.56 -49.96
CA LEU Q 321 50.88 15.80 -50.74
C LEU Q 321 50.62 17.04 -51.59
N LEU Q 322 49.36 17.37 -51.80
CA LEU Q 322 49.00 18.56 -52.57
C LEU Q 322 49.19 19.82 -51.73
N SER Q 323 48.96 19.68 -50.43
CA SER Q 323 49.09 20.78 -49.47
C SER Q 323 50.55 21.12 -49.26
N LEU Q 324 51.38 20.10 -49.34
CA LEU Q 324 52.82 20.25 -49.16
C LEU Q 324 53.61 20.62 -50.42
N LEU Q 325 52.98 20.54 -51.59
CA LEU Q 325 53.65 20.92 -52.86
C LEU Q 325 53.14 22.26 -53.37
N MET R 1 62.69 -10.62 -79.63
CA MET R 1 62.57 -9.95 -80.96
C MET R 1 62.78 -10.91 -82.13
N HIS R 2 61.69 -11.23 -82.83
CA HIS R 2 61.77 -12.11 -83.98
C HIS R 2 62.57 -11.39 -85.06
N PRO R 3 63.34 -12.13 -85.87
CA PRO R 3 64.18 -11.60 -86.96
C PRO R 3 63.54 -10.68 -88.00
N LYS R 4 62.25 -10.84 -88.24
CA LYS R 4 61.58 -10.03 -89.23
C LYS R 4 61.10 -8.67 -88.70
N ILE R 5 60.45 -8.68 -87.55
CA ILE R 5 59.94 -7.47 -86.92
C ILE R 5 61.10 -6.49 -86.77
N PHE R 6 62.14 -6.96 -86.10
CA PHE R 6 63.38 -6.22 -85.86
C PHE R 6 63.77 -5.35 -87.05
N ALA R 7 64.31 -5.98 -88.08
CA ALA R 7 64.70 -5.26 -89.28
C ALA R 7 63.60 -4.30 -89.72
N LEU R 8 62.36 -4.74 -89.60
CA LEU R 8 61.21 -3.93 -90.01
C LEU R 8 60.97 -2.65 -89.20
N LEU R 9 61.19 -2.72 -87.89
CA LEU R 9 60.99 -1.56 -87.03
C LEU R 9 62.32 -1.00 -86.60
N ALA R 10 63.37 -1.50 -87.22
CA ALA R 10 64.75 -1.10 -86.89
C ALA R 10 65.22 0.23 -87.43
N LYS R 11 64.35 0.97 -88.10
CA LYS R 11 64.76 2.26 -88.64
C LYS R 11 64.02 3.45 -88.03
N PHE R 12 62.94 3.17 -87.30
CA PHE R 12 62.14 4.20 -86.66
C PHE R 12 62.77 4.44 -85.32
N PRO R 13 62.95 5.70 -84.94
CA PRO R 13 63.56 5.98 -83.65
C PRO R 13 62.65 5.62 -82.50
N ARG R 14 63.23 4.99 -81.47
CA ARG R 14 62.48 4.61 -80.28
C ARG R 14 63.29 4.78 -78.99
N VAL R 15 62.71 5.50 -78.04
CA VAL R 15 63.38 5.70 -76.76
C VAL R 15 63.16 4.41 -76.01
N GLU R 16 64.18 3.98 -75.28
CA GLU R 16 64.09 2.74 -74.53
C GLU R 16 63.61 2.95 -73.09
N LEU R 17 62.30 2.96 -72.92
CA LEU R 17 61.69 3.14 -71.61
C LEU R 17 61.50 1.80 -70.88
N ILE R 18 60.84 0.82 -71.51
CA ILE R 18 60.64 -0.49 -70.88
C ILE R 18 61.98 -1.23 -70.83
N PRO R 19 62.52 -1.49 -69.63
CA PRO R 19 63.80 -2.16 -69.41
C PRO R 19 63.87 -3.68 -69.59
N TRP R 20 62.73 -4.35 -69.61
CA TRP R 20 62.68 -5.81 -69.75
C TRP R 20 61.47 -6.31 -70.54
N GLU R 21 61.34 -7.63 -70.66
CA GLU R 21 60.19 -8.23 -71.33
C GLU R 21 59.17 -8.42 -70.21
N THR R 22 57.89 -8.25 -70.50
CA THR R 22 56.90 -8.39 -69.44
C THR R 22 56.42 -9.82 -69.31
N PRO R 23 56.75 -10.47 -68.18
CA PRO R 23 56.41 -11.85 -67.85
C PRO R 23 54.99 -12.32 -68.17
N ILE R 24 54.89 -13.57 -68.65
CA ILE R 24 53.61 -14.16 -68.97
C ILE R 24 53.30 -15.05 -67.79
N GLN R 25 52.08 -15.54 -67.68
CA GLN R 25 51.69 -16.37 -66.55
C GLN R 25 50.49 -17.24 -66.90
N TYR R 26 50.18 -18.20 -66.03
CA TYR R 26 49.04 -19.09 -66.25
C TYR R 26 48.00 -18.70 -65.21
N LEU R 27 46.73 -18.87 -65.53
CA LEU R 27 45.67 -18.51 -64.60
C LEU R 27 44.93 -19.79 -64.17
N PRO R 28 45.50 -20.51 -63.17
CA PRO R 28 45.01 -21.77 -62.58
C PRO R 28 43.52 -21.88 -62.22
N ASN R 29 42.88 -20.75 -61.88
CA ASN R 29 41.48 -20.79 -61.51
C ASN R 29 40.54 -20.37 -62.63
N ILE R 30 40.78 -19.18 -63.20
CA ILE R 30 39.96 -18.69 -64.29
C ILE R 30 40.05 -19.74 -65.39
N SER R 31 41.21 -20.36 -65.52
CA SER R 31 41.38 -21.40 -66.52
C SER R 31 40.50 -22.56 -66.08
N ARG R 32 40.35 -22.70 -64.76
CA ARG R 32 39.54 -23.79 -64.24
C ARG R 32 38.07 -23.65 -64.65
N GLU R 33 37.40 -22.57 -64.24
CA GLU R 33 36.02 -22.36 -64.65
C GLU R 33 36.05 -22.32 -66.19
N ILE R 34 36.07 -21.12 -66.76
CA ILE R 34 36.09 -20.89 -68.21
C ILE R 34 36.13 -22.12 -69.12
N GLY R 35 37.14 -22.98 -68.94
CA GLY R 35 37.26 -24.17 -69.76
C GLY R 35 38.29 -23.99 -70.87
N ALA R 36 39.33 -23.23 -70.58
CA ALA R 36 40.42 -22.97 -71.53
C ALA R 36 41.71 -22.59 -70.79
N ASP R 37 42.81 -22.48 -71.53
CA ASP R 37 44.05 -22.10 -70.89
C ASP R 37 44.22 -20.60 -71.09
N VAL R 38 43.82 -19.80 -70.10
CA VAL R 38 44.00 -18.35 -70.22
C VAL R 38 45.35 -17.92 -69.65
N TYR R 39 46.17 -17.32 -70.51
CA TYR R 39 47.50 -16.85 -70.14
C TYR R 39 47.50 -15.33 -70.18
N ILE R 40 47.91 -14.70 -69.08
CA ILE R 40 47.94 -13.24 -68.99
C ILE R 40 49.33 -12.66 -69.19
N LYS R 41 49.40 -11.55 -69.93
CA LYS R 41 50.67 -10.85 -70.18
C LYS R 41 50.64 -9.59 -69.32
N ARG R 42 51.61 -9.50 -68.42
CA ARG R 42 51.68 -8.38 -67.49
C ARG R 42 52.22 -7.05 -68.02
N ASP R 43 51.53 -6.49 -69.00
CA ASP R 43 51.91 -5.22 -69.56
C ASP R 43 51.52 -4.10 -68.60
N ASP R 44 51.00 -4.48 -67.45
CA ASP R 44 50.63 -3.50 -66.42
C ASP R 44 51.88 -3.25 -65.56
N LEU R 45 52.94 -4.00 -65.88
CA LEU R 45 54.21 -3.90 -65.18
C LEU R 45 55.30 -3.43 -66.16
N THR R 46 54.96 -2.46 -66.99
CA THR R 46 55.90 -1.93 -67.96
C THR R 46 56.94 -1.08 -67.26
N GLY R 47 56.58 -0.49 -66.13
CA GLY R 47 57.55 0.29 -65.38
C GLY R 47 57.35 1.77 -65.15
N LEU R 48 57.58 2.60 -66.17
CA LEU R 48 57.44 4.04 -66.04
C LEU R 48 56.03 4.40 -65.58
N GLY R 49 55.93 4.71 -64.28
CA GLY R 49 54.65 5.07 -63.70
C GLY R 49 53.83 3.90 -63.19
N ILE R 50 52.57 3.87 -63.58
CA ILE R 50 51.64 2.82 -63.19
C ILE R 50 51.64 1.78 -64.30
N GLY R 51 52.64 1.88 -65.16
CA GLY R 51 52.75 0.96 -66.27
C GLY R 51 51.59 1.05 -67.24
N GLY R 52 51.37 -0.04 -67.96
CA GLY R 52 50.28 -0.07 -68.92
C GLY R 52 50.78 -0.33 -70.33
N ASN R 53 49.90 -0.08 -71.30
CA ASN R 53 50.24 -0.30 -72.70
C ASN R 53 50.77 0.98 -73.31
N LYS R 54 50.37 2.11 -72.74
CA LYS R 54 50.82 3.39 -73.25
C LYS R 54 52.35 3.46 -73.27
N ILE R 55 52.99 3.03 -72.18
CA ILE R 55 54.44 3.05 -72.08
C ILE R 55 55.13 2.35 -73.27
N ARG R 56 54.38 1.52 -74.00
CA ARG R 56 54.94 0.84 -75.17
C ARG R 56 54.87 1.73 -76.41
N LYS R 57 53.79 2.48 -76.57
CA LYS R 57 53.67 3.37 -77.72
C LYS R 57 54.50 4.64 -77.56
N LEU R 58 54.79 4.98 -76.31
CA LEU R 58 55.57 6.18 -76.01
C LEU R 58 57.03 6.01 -76.40
N GLU R 59 57.45 4.77 -76.62
CA GLU R 59 58.82 4.53 -77.00
C GLU R 59 59.01 4.93 -78.44
N TYR R 60 57.92 4.90 -79.21
CA TYR R 60 58.01 5.29 -80.60
C TYR R 60 57.51 6.72 -80.76
N LEU R 61 56.63 7.12 -79.86
CA LEU R 61 56.08 8.46 -79.89
C LEU R 61 57.18 9.43 -79.43
N LEU R 62 57.53 9.33 -78.16
CA LEU R 62 58.58 10.17 -77.59
C LEU R 62 59.90 9.95 -78.35
N GLY R 63 60.00 8.82 -79.04
CA GLY R 63 61.20 8.51 -79.80
C GLY R 63 61.16 9.22 -81.12
N ASP R 64 59.95 9.58 -81.55
CA ASP R 64 59.77 10.29 -82.80
C ASP R 64 59.96 11.76 -82.52
N ALA R 65 59.34 12.24 -81.44
CA ALA R 65 59.43 13.64 -81.06
C ALA R 65 60.88 14.09 -80.90
N LEU R 66 61.55 13.55 -79.89
CA LEU R 66 62.96 13.88 -79.64
C LEU R 66 63.73 13.82 -80.95
N SER R 67 63.39 12.87 -81.79
CA SER R 67 64.04 12.71 -83.09
C SER R 67 63.92 14.00 -83.94
N LYS R 68 62.71 14.54 -84.02
CA LYS R 68 62.44 15.72 -84.82
C LYS R 68 62.75 17.08 -84.15
N GLY R 69 62.99 17.07 -82.85
CA GLY R 69 63.32 18.30 -82.18
C GLY R 69 62.21 19.05 -81.47
N ALA R 70 61.34 18.31 -80.79
CA ALA R 70 60.25 18.93 -80.06
C ALA R 70 60.71 19.23 -78.62
N ASP R 71 60.16 20.25 -77.99
CA ASP R 71 60.55 20.53 -76.62
C ASP R 71 59.35 20.68 -75.68
N VAL R 72 58.17 20.44 -76.23
CA VAL R 72 56.92 20.47 -75.47
C VAL R 72 55.90 19.49 -76.11
N VAL R 73 55.31 18.65 -75.27
CA VAL R 73 54.35 17.65 -75.73
C VAL R 73 52.91 17.96 -75.29
N ILE R 74 51.96 17.66 -76.17
CA ILE R 74 50.54 17.90 -75.93
C ILE R 74 49.74 16.61 -76.15
N THR R 75 48.96 16.19 -75.16
CA THR R 75 48.19 14.98 -75.30
C THR R 75 46.78 15.19 -74.74
N VAL R 76 45.79 14.40 -75.18
CA VAL R 76 44.44 14.58 -74.69
C VAL R 76 43.85 13.37 -73.94
N GLY R 77 42.57 13.44 -73.60
CA GLY R 77 41.91 12.35 -72.90
C GLY R 77 40.93 12.76 -71.82
N ALA R 78 40.43 11.77 -71.08
CA ALA R 78 39.50 12.06 -69.99
C ALA R 78 40.36 12.68 -68.90
N VAL R 79 39.78 13.25 -67.87
CA VAL R 79 40.61 13.84 -66.83
C VAL R 79 41.26 12.71 -66.01
N HIS R 80 40.91 11.47 -66.36
CA HIS R 80 41.42 10.24 -65.73
C HIS R 80 42.06 9.38 -66.84
N SER R 81 42.26 10.00 -68.00
CA SER R 81 42.85 9.31 -69.12
C SER R 81 44.20 8.79 -68.64
N ASN R 82 44.27 7.48 -68.36
CA ASN R 82 45.52 6.84 -67.89
C ASN R 82 46.68 7.35 -68.73
N HIS R 83 46.46 7.24 -70.04
CA HIS R 83 47.37 7.62 -71.10
C HIS R 83 48.10 8.96 -70.87
N ALA R 84 47.32 10.02 -70.57
CA ALA R 84 47.83 11.37 -70.33
C ALA R 84 48.88 11.45 -69.22
N PHE R 85 48.56 10.92 -68.04
CA PHE R 85 49.52 10.94 -66.95
C PHE R 85 50.83 10.34 -67.48
N VAL R 86 50.81 9.03 -67.77
CA VAL R 86 51.97 8.32 -68.27
C VAL R 86 52.68 9.00 -69.47
N THR R 87 51.96 9.81 -70.24
CA THR R 87 52.59 10.50 -71.35
C THR R 87 53.25 11.79 -70.86
N GLY R 88 52.54 12.54 -70.02
CA GLY R 88 53.12 13.75 -69.50
C GLY R 88 54.35 13.32 -68.72
N LEU R 89 54.14 12.56 -67.66
CA LEU R 89 55.22 12.10 -66.82
C LEU R 89 56.43 11.60 -67.60
N ALA R 90 56.18 10.98 -68.76
CA ALA R 90 57.28 10.45 -69.57
C ALA R 90 57.97 11.61 -70.29
N ALA R 91 57.19 12.56 -70.79
CA ALA R 91 57.77 13.70 -71.48
C ALA R 91 58.80 14.28 -70.52
N LYS R 92 58.33 14.61 -69.32
CA LYS R 92 59.16 15.16 -68.28
C LYS R 92 60.38 14.32 -67.91
N LYS R 93 60.30 12.99 -68.04
CA LYS R 93 61.43 12.13 -67.71
C LYS R 93 62.51 12.27 -68.78
N LEU R 94 62.11 12.53 -70.00
CA LEU R 94 63.07 12.66 -71.10
C LEU R 94 63.55 14.11 -71.25
N GLY R 95 63.10 14.96 -70.32
CA GLY R 95 63.50 16.35 -70.34
C GLY R 95 62.61 17.31 -71.13
N LEU R 96 61.37 16.93 -71.40
CA LEU R 96 60.47 17.78 -72.17
C LEU R 96 59.36 18.43 -71.35
N ASP R 97 58.64 19.36 -71.98
CA ASP R 97 57.51 20.04 -71.35
C ASP R 97 56.33 19.14 -71.65
N ALA R 98 55.28 19.23 -70.84
CA ALA R 98 54.11 18.40 -71.08
C ALA R 98 52.79 19.05 -70.70
N ILE R 99 52.04 19.50 -71.72
CA ILE R 99 50.75 20.11 -71.48
C ILE R 99 49.73 18.98 -71.58
N LEU R 100 48.85 18.88 -70.59
CA LEU R 100 47.81 17.87 -70.63
C LEU R 100 46.49 18.61 -70.82
N VAL R 101 45.84 18.35 -71.96
CA VAL R 101 44.54 18.92 -72.27
C VAL R 101 43.59 17.79 -71.95
N LEU R 102 42.97 17.84 -70.77
CA LEU R 102 42.06 16.77 -70.36
C LEU R 102 40.60 17.16 -70.62
N ARG R 103 39.69 16.51 -69.90
CA ARG R 103 38.27 16.81 -70.00
C ARG R 103 37.54 15.94 -69.00
N GLY R 104 36.60 16.55 -68.28
CA GLY R 104 35.83 15.82 -67.31
C GLY R 104 35.73 16.41 -65.92
N LYS R 105 35.45 15.51 -64.97
CA LYS R 105 35.29 15.86 -63.55
C LYS R 105 36.65 16.30 -62.99
N GLU R 106 36.83 17.61 -62.79
CA GLU R 106 38.10 18.11 -62.29
C GLU R 106 38.38 17.71 -60.84
N GLU R 107 38.17 16.44 -60.53
CA GLU R 107 38.40 15.89 -59.19
C GLU R 107 39.88 15.73 -58.87
N LEU R 108 40.24 15.93 -57.62
CA LEU R 108 41.64 15.76 -57.25
C LEU R 108 41.71 14.32 -56.75
N LYS R 109 41.56 13.38 -57.70
CA LYS R 109 41.58 11.94 -57.40
C LYS R 109 41.90 11.07 -58.62
N GLY R 110 42.23 9.80 -58.37
CA GLY R 110 42.57 8.86 -59.44
C GLY R 110 43.88 9.15 -60.17
N ASN R 111 43.85 9.07 -61.51
CA ASN R 111 45.05 9.37 -62.30
C ASN R 111 45.34 10.87 -62.25
N TYR R 112 44.33 11.64 -61.88
CA TYR R 112 44.44 13.09 -61.82
C TYR R 112 45.22 13.57 -60.60
N LEU R 113 44.89 13.01 -59.43
CA LEU R 113 45.58 13.31 -58.14
C LEU R 113 47.07 13.13 -58.41
N LEU R 114 47.36 12.31 -59.43
CA LEU R 114 48.71 12.00 -59.89
C LEU R 114 49.22 13.03 -60.90
N ASP R 115 48.34 13.58 -61.73
CA ASP R 115 48.78 14.58 -62.70
C ASP R 115 49.37 15.74 -61.92
N LYS R 116 48.66 16.16 -60.87
CA LYS R 116 49.12 17.27 -60.03
C LYS R 116 50.35 16.89 -59.19
N ILE R 117 50.19 15.99 -58.22
CA ILE R 117 51.32 15.59 -57.37
C ILE R 117 52.71 15.56 -58.04
N MET R 118 52.74 15.13 -59.31
CA MET R 118 53.99 15.06 -60.08
C MET R 118 54.33 16.40 -60.72
N GLY R 119 53.32 17.25 -60.85
CA GLY R 119 53.51 18.55 -61.44
C GLY R 119 53.46 18.62 -62.96
N ILE R 120 52.43 18.04 -63.56
CA ILE R 120 52.31 18.09 -65.02
C ILE R 120 51.24 19.13 -65.29
N GLU R 121 51.34 19.82 -66.41
CA GLU R 121 50.32 20.82 -66.66
C GLU R 121 49.00 20.16 -67.06
N THR R 122 47.91 20.67 -66.50
CA THR R 122 46.57 20.16 -66.75
C THR R 122 45.53 21.23 -67.11
N ARG R 123 45.14 21.26 -68.39
CA ARG R 123 44.12 22.19 -68.83
C ARG R 123 42.88 21.41 -69.19
N VAL R 124 41.86 21.54 -68.34
CA VAL R 124 40.59 20.85 -68.49
C VAL R 124 39.57 21.73 -69.21
N TYR R 125 39.02 21.23 -70.31
CA TYR R 125 37.99 21.98 -71.06
C TYR R 125 36.73 21.11 -71.17
N ASP R 126 35.56 21.74 -71.17
CA ASP R 126 34.32 20.99 -71.30
C ASP R 126 34.13 20.84 -72.82
N ALA R 127 33.41 19.79 -73.24
CA ALA R 127 33.14 19.53 -74.66
C ALA R 127 32.55 18.15 -75.00
N LYS R 128 32.09 18.07 -76.24
CA LYS R 128 31.54 16.85 -76.81
C LYS R 128 32.58 15.81 -76.48
N ASP R 129 32.29 14.99 -75.46
CA ASP R 129 33.22 13.97 -75.03
C ASP R 129 33.89 13.10 -76.11
N SER R 130 33.81 13.50 -77.39
CA SER R 130 34.42 12.73 -78.50
C SER R 130 35.91 13.10 -78.61
N PHE R 131 36.46 13.54 -77.48
CA PHE R 131 37.87 13.94 -77.37
C PHE R 131 38.29 14.87 -78.52
N GLU R 132 37.38 15.77 -78.89
CA GLU R 132 37.65 16.78 -79.93
C GLU R 132 38.29 17.97 -79.24
N LEU R 133 39.38 17.64 -78.55
CA LEU R 133 40.19 18.58 -77.81
C LEU R 133 41.46 18.67 -78.65
N MET R 134 41.37 18.12 -79.86
CA MET R 134 42.46 18.12 -80.81
C MET R 134 42.64 19.53 -81.35
N LYS R 135 41.52 20.16 -81.72
CA LYS R 135 41.54 21.53 -82.22
C LYS R 135 42.28 22.35 -81.19
N TYR R 136 41.91 22.14 -79.92
CA TYR R 136 42.53 22.82 -78.78
C TYR R 136 44.03 22.61 -78.88
N ALA R 137 44.43 21.37 -78.61
CA ALA R 137 45.81 20.94 -78.64
C ALA R 137 46.60 21.45 -79.84
N GLU R 138 45.89 21.88 -80.88
CA GLU R 138 46.50 22.42 -82.10
C GLU R 138 46.66 23.92 -81.93
N GLU R 139 45.60 24.59 -81.46
CA GLU R 139 45.64 26.03 -81.24
C GLU R 139 46.75 26.20 -80.22
N ILE R 140 46.57 25.49 -79.11
CA ILE R 140 47.47 25.46 -77.96
C ILE R 140 48.95 25.33 -78.37
N ALA R 141 49.16 24.50 -79.40
CA ALA R 141 50.49 24.25 -79.93
C ALA R 141 50.88 25.33 -80.93
N GLU R 142 49.91 26.16 -81.33
CA GLU R 142 50.16 27.24 -82.28
C GLU R 142 50.65 28.42 -81.48
N GLU R 143 49.93 28.67 -80.38
CA GLU R 143 50.27 29.74 -79.46
C GLU R 143 51.72 29.51 -79.13
N LEU R 144 52.00 28.31 -78.61
CA LEU R 144 53.34 27.86 -78.23
C LEU R 144 54.30 27.84 -79.42
N LYS R 145 53.78 27.47 -80.59
CA LYS R 145 54.59 27.41 -81.79
C LYS R 145 54.91 28.84 -82.19
N ARG R 146 53.94 29.73 -81.92
CA ARG R 146 54.08 31.17 -82.22
C ARG R 146 55.13 31.77 -81.29
N GLU R 147 55.61 30.93 -80.37
CA GLU R 147 56.64 31.30 -79.42
C GLU R 147 57.77 30.32 -79.63
N GLY R 148 58.72 30.71 -80.48
CA GLY R 148 59.90 29.93 -80.85
C GLY R 148 60.10 28.44 -80.59
N ARG R 149 59.22 27.83 -79.81
CA ARG R 149 59.32 26.41 -79.45
C ARG R 149 58.77 25.44 -80.50
N LYS R 150 58.96 24.14 -80.24
CA LYS R 150 58.50 23.09 -81.14
C LYS R 150 57.58 22.08 -80.46
N PRO R 151 56.27 22.23 -80.68
CA PRO R 151 55.30 21.31 -80.08
C PRO R 151 55.17 20.03 -80.92
N TYR R 152 54.79 18.95 -80.27
CA TYR R 152 54.58 17.65 -80.92
C TYR R 152 53.31 17.16 -80.28
N VAL R 153 52.27 17.00 -81.08
CA VAL R 153 50.97 16.55 -80.58
C VAL R 153 50.79 15.03 -80.69
N ILE R 154 50.13 14.44 -79.70
CA ILE R 154 49.87 13.00 -79.74
C ILE R 154 48.37 12.76 -79.66
N PRO R 155 47.83 12.06 -80.64
CA PRO R 155 46.41 11.70 -80.73
C PRO R 155 45.98 10.86 -79.52
N PRO R 156 44.66 10.85 -79.20
CA PRO R 156 44.15 10.09 -78.07
C PRO R 156 44.66 8.64 -77.96
N GLY R 157 45.06 8.25 -76.75
CA GLY R 157 45.55 6.91 -76.54
C GLY R 157 46.85 6.58 -77.23
N GLY R 158 47.45 7.59 -77.83
CA GLY R 158 48.70 7.39 -78.52
C GLY R 158 48.57 6.64 -79.83
N ALA R 159 47.37 6.62 -80.41
CA ALA R 159 47.13 5.92 -81.67
C ALA R 159 47.52 6.72 -82.93
N SER R 160 48.77 6.58 -83.32
CA SER R 160 49.34 7.22 -84.51
C SER R 160 49.90 6.05 -85.33
N PRO R 161 49.82 6.11 -86.66
CA PRO R 161 50.38 4.95 -87.37
C PRO R 161 51.71 4.54 -86.72
N ILE R 162 52.45 5.54 -86.23
CA ILE R 162 53.74 5.34 -85.59
C ILE R 162 53.65 4.81 -84.15
N GLY R 163 52.74 5.35 -83.34
CA GLY R 163 52.60 4.87 -81.98
C GLY R 163 52.15 3.41 -82.02
N THR R 164 51.57 3.04 -83.16
CA THR R 164 51.07 1.69 -83.46
C THR R 164 52.18 0.64 -83.38
N LEU R 165 53.38 1.04 -83.74
CA LEU R 165 54.52 0.16 -83.75
C LEU R 165 54.89 -0.39 -82.39
N GLY R 166 54.47 0.31 -81.34
CA GLY R 166 54.77 -0.12 -80.00
C GLY R 166 54.24 -1.51 -79.70
N TYR R 167 53.00 -1.78 -80.11
CA TYR R 167 52.43 -3.09 -79.87
C TYR R 167 52.78 -4.13 -80.92
N VAL R 168 53.43 -3.68 -81.98
CA VAL R 168 53.89 -4.58 -83.03
C VAL R 168 55.17 -5.17 -82.45
N ARG R 169 55.76 -4.40 -81.53
CA ARG R 169 56.98 -4.85 -80.88
C ARG R 169 56.48 -5.83 -79.84
N ALA R 170 55.30 -5.54 -79.29
CA ALA R 170 54.71 -6.43 -78.31
C ALA R 170 54.66 -7.87 -78.82
N VAL R 171 54.34 -8.08 -80.09
CA VAL R 171 54.26 -9.44 -80.62
C VAL R 171 55.61 -10.09 -80.85
N GLY R 172 56.57 -9.32 -81.35
CA GLY R 172 57.89 -9.87 -81.59
C GLY R 172 58.50 -10.30 -80.29
N GLU R 173 58.17 -9.55 -79.24
CA GLU R 173 58.66 -9.84 -77.88
C GLU R 173 58.00 -11.13 -77.42
N ILE R 174 56.67 -11.10 -77.33
CA ILE R 174 55.86 -12.26 -76.90
C ILE R 174 56.31 -13.58 -77.57
N ALA R 175 56.55 -13.55 -78.88
CA ALA R 175 57.00 -14.75 -79.58
C ALA R 175 58.24 -15.28 -78.83
N THR R 176 59.37 -14.65 -79.05
CA THR R 176 60.60 -15.04 -78.37
C THR R 176 60.37 -15.64 -76.97
N GLN R 177 59.51 -14.98 -76.20
CA GLN R 177 59.25 -15.38 -74.82
C GLN R 177 58.26 -16.52 -74.59
N SER R 178 57.26 -16.65 -75.46
CA SER R 178 56.25 -17.67 -75.25
C SER R 178 56.65 -19.11 -75.43
N GLU R 179 56.01 -19.96 -74.64
CA GLU R 179 56.27 -21.39 -74.68
C GLU R 179 54.97 -21.98 -75.20
N VAL R 180 53.93 -21.16 -75.20
CA VAL R 180 52.61 -21.58 -75.65
C VAL R 180 52.23 -21.09 -77.03
N LYS R 181 51.53 -21.95 -77.76
CA LYS R 181 51.03 -21.65 -79.09
C LYS R 181 49.61 -21.19 -78.82
N PHE R 182 49.37 -19.90 -78.95
CA PHE R 182 48.07 -19.34 -78.68
C PHE R 182 47.12 -19.34 -79.87
N ASP R 183 45.82 -19.28 -79.57
CA ASP R 183 44.78 -19.23 -80.59
C ASP R 183 44.41 -17.76 -80.78
N SER R 184 44.02 -17.11 -79.68
CA SER R 184 43.61 -15.70 -79.68
C SER R 184 44.43 -14.91 -78.68
N ILE R 185 44.36 -13.58 -78.80
CA ILE R 185 45.05 -12.66 -77.90
C ILE R 185 44.06 -11.53 -77.60
N VAL R 186 43.41 -11.63 -76.44
CA VAL R 186 42.44 -10.66 -76.01
C VAL R 186 43.10 -9.48 -75.30
N VAL R 187 42.71 -8.27 -75.70
CA VAL R 187 43.30 -7.06 -75.12
C VAL R 187 42.27 -5.93 -75.22
N ALA R 188 42.06 -5.20 -74.11
CA ALA R 188 41.12 -4.06 -74.09
C ALA R 188 41.36 -3.17 -75.31
N ALA R 189 40.33 -2.46 -75.76
CA ALA R 189 40.43 -1.59 -76.94
C ALA R 189 39.59 -0.32 -76.88
N GLY R 190 40.24 0.85 -76.83
CA GLY R 190 39.52 2.10 -76.75
C GLY R 190 39.83 3.10 -77.86
N SER R 191 41.10 3.46 -77.98
CA SER R 191 41.52 4.39 -79.02
C SER R 191 41.80 3.49 -80.17
N GLY R 192 41.91 2.21 -79.86
CA GLY R 192 42.21 1.25 -80.88
C GLY R 192 43.69 0.95 -80.79
N GLY R 193 44.51 1.94 -81.12
CA GLY R 193 45.94 1.77 -81.09
C GLY R 193 46.45 0.35 -80.80
N THR R 194 46.29 -0.08 -79.56
CA THR R 194 46.76 -1.40 -79.15
C THR R 194 46.29 -2.59 -79.98
N LEU R 195 45.02 -2.61 -80.37
CA LEU R 195 44.51 -3.71 -81.18
C LEU R 195 45.09 -3.68 -82.60
N ALA R 196 45.26 -2.47 -83.15
CA ALA R 196 45.81 -2.29 -84.49
C ALA R 196 47.28 -2.75 -84.51
N GLY R 197 48.06 -2.35 -83.52
CA GLY R 197 49.44 -2.77 -83.48
C GLY R 197 49.55 -4.26 -83.27
N LEU R 198 48.68 -4.81 -82.42
CA LEU R 198 48.64 -6.24 -82.10
C LEU R 198 48.41 -7.04 -83.38
N SER R 199 47.47 -6.54 -84.18
CA SER R 199 47.06 -7.14 -85.45
C SER R 199 48.16 -7.14 -86.47
N LEU R 200 48.73 -5.98 -86.71
CA LEU R 200 49.82 -5.88 -87.67
C LEU R 200 50.93 -6.85 -87.27
N GLY R 201 51.17 -6.93 -85.96
CA GLY R 201 52.19 -7.81 -85.40
C GLY R 201 52.06 -9.26 -85.80
N LEU R 202 50.92 -9.88 -85.47
CA LEU R 202 50.66 -11.29 -85.81
C LEU R 202 50.59 -11.54 -87.34
N SER R 203 50.21 -10.50 -88.08
CA SER R 203 50.09 -10.55 -89.53
C SER R 203 51.45 -10.67 -90.23
N ILE R 204 52.46 -10.01 -89.66
CA ILE R 204 53.80 -10.06 -90.24
C ILE R 204 54.55 -11.33 -89.83
N LEU R 205 54.19 -11.89 -88.69
CA LEU R 205 54.80 -13.11 -88.19
C LEU R 205 53.95 -14.24 -88.72
N ASN R 206 52.86 -13.86 -89.39
CA ASN R 206 51.95 -14.82 -89.98
C ASN R 206 51.67 -16.01 -89.07
N GLU R 207 51.20 -15.70 -87.86
CA GLU R 207 50.86 -16.73 -86.89
C GLU R 207 49.39 -17.09 -87.10
N ASP R 208 49.07 -18.37 -87.08
CA ASP R 208 47.69 -18.77 -87.25
C ASP R 208 46.94 -18.26 -86.02
N ILE R 209 47.18 -17.00 -85.62
CA ILE R 209 46.55 -16.42 -84.41
C ILE R 209 45.57 -15.26 -84.60
N ARG R 210 44.58 -15.20 -83.71
CA ARG R 210 43.51 -14.20 -83.70
C ARG R 210 43.64 -13.00 -82.72
N PRO R 211 43.46 -11.77 -83.23
CA PRO R 211 43.53 -10.49 -82.49
C PRO R 211 42.17 -10.04 -81.96
N VAL R 212 41.89 -10.25 -80.67
CA VAL R 212 40.60 -9.86 -80.11
C VAL R 212 40.60 -8.56 -79.30
N GLY R 213 39.58 -7.73 -79.54
CA GLY R 213 39.49 -6.46 -78.85
C GLY R 213 38.14 -6.11 -78.25
N ILE R 214 38.09 -6.00 -76.93
CA ILE R 214 36.86 -5.69 -76.18
C ILE R 214 36.58 -4.19 -75.98
N ALA R 215 35.86 -3.59 -76.93
CA ALA R 215 35.52 -2.17 -76.84
C ALA R 215 34.97 -1.80 -75.46
N VAL R 216 35.38 -0.64 -74.93
CA VAL R 216 34.90 -0.15 -73.62
C VAL R 216 34.17 1.16 -73.79
N GLY R 217 33.82 1.48 -75.03
CA GLY R 217 33.10 2.71 -75.33
C GLY R 217 32.38 2.64 -76.67
N ARG R 218 32.82 3.50 -77.58
CA ARG R 218 32.30 3.63 -78.95
C ARG R 218 32.23 2.25 -79.62
N PHE R 219 31.92 2.22 -80.92
CA PHE R 219 31.85 0.94 -81.67
C PHE R 219 31.44 1.13 -83.14
N GLY R 220 30.15 1.32 -83.39
CA GLY R 220 29.63 1.52 -84.73
C GLY R 220 30.60 1.46 -85.90
N GLU R 221 30.80 2.61 -86.57
CA GLU R 221 31.70 2.72 -87.74
C GLU R 221 32.99 3.45 -87.36
N VAL R 222 32.80 4.63 -86.79
CA VAL R 222 33.88 5.50 -86.33
C VAL R 222 34.92 4.72 -85.52
N MET R 223 34.47 3.73 -84.75
CA MET R 223 35.39 2.89 -83.99
C MET R 223 36.06 1.94 -84.98
N THR R 224 35.26 1.35 -85.86
CA THR R 224 35.82 0.45 -86.84
C THR R 224 36.66 1.17 -87.91
N SER R 225 36.00 1.84 -88.86
CA SER R 225 36.67 2.54 -89.96
C SER R 225 37.97 3.24 -89.60
N LYS R 226 37.95 3.99 -88.49
CA LYS R 226 39.13 4.71 -88.05
C LYS R 226 40.23 3.69 -87.76
N LEU R 227 39.85 2.61 -87.09
CA LEU R 227 40.79 1.55 -86.78
C LEU R 227 41.26 0.88 -88.06
N ASP R 228 40.37 0.79 -89.06
CA ASP R 228 40.70 0.17 -90.35
C ASP R 228 41.83 0.93 -91.05
N ASN R 229 41.60 2.21 -91.29
CA ASN R 229 42.60 3.06 -91.94
C ASN R 229 43.86 3.17 -91.06
N LEU R 230 43.68 3.04 -89.73
CA LEU R 230 44.81 3.11 -88.78
C LEU R 230 45.80 2.03 -89.17
N ILE R 231 45.51 0.78 -88.79
CA ILE R 231 46.40 -0.34 -89.09
C ILE R 231 46.93 -0.26 -90.53
N LYS R 232 46.10 0.26 -91.43
CA LYS R 232 46.46 0.36 -92.83
C LYS R 232 47.66 1.23 -93.15
N GLU R 233 47.82 2.32 -92.40
CA GLU R 233 48.93 3.25 -92.63
C GLU R 233 50.23 2.78 -91.98
N ALA R 234 50.16 2.27 -90.76
CA ALA R 234 51.36 1.80 -90.08
C ALA R 234 51.88 0.62 -90.89
N ALA R 235 50.95 -0.07 -91.55
CA ALA R 235 51.30 -1.22 -92.38
C ALA R 235 51.80 -0.69 -93.71
N GLU R 236 51.87 0.63 -93.82
CA GLU R 236 52.38 1.26 -95.02
C GLU R 236 53.70 1.83 -94.59
N LEU R 237 53.73 2.32 -93.36
CA LEU R 237 54.93 2.90 -92.74
C LEU R 237 56.05 1.85 -92.71
N LEU R 238 55.65 0.59 -92.67
CA LEU R 238 56.60 -0.52 -92.62
C LEU R 238 56.67 -1.33 -93.92
N GLY R 239 56.05 -0.84 -94.99
CA GLY R 239 56.10 -1.56 -96.25
C GLY R 239 55.71 -3.02 -96.08
N VAL R 240 54.43 -3.26 -95.84
CA VAL R 240 53.95 -4.62 -95.64
C VAL R 240 52.45 -4.77 -95.89
N LYS R 241 52.10 -5.92 -96.48
CA LYS R 241 50.73 -6.30 -96.82
C LYS R 241 49.82 -6.40 -95.59
N VAL R 242 48.54 -6.11 -95.79
CA VAL R 242 47.57 -6.17 -94.70
C VAL R 242 46.83 -7.49 -94.71
N GLU R 243 46.81 -8.15 -93.56
CA GLU R 243 46.08 -9.41 -93.44
C GLU R 243 44.77 -8.98 -92.84
N VAL R 244 43.68 -9.47 -93.43
CA VAL R 244 42.32 -9.18 -92.97
C VAL R 244 42.29 -8.78 -91.48
N ARG R 245 41.69 -7.63 -91.21
CA ARG R 245 41.61 -7.11 -89.85
C ARG R 245 41.21 -8.13 -88.75
N PRO R 246 41.24 -7.71 -87.47
CA PRO R 246 40.89 -8.52 -86.30
C PRO R 246 39.40 -8.50 -85.96
N GLU R 247 39.11 -8.93 -84.73
CA GLU R 247 37.75 -9.00 -84.21
C GLU R 247 37.50 -7.97 -83.12
N LEU R 248 36.56 -7.06 -83.37
CA LEU R 248 36.25 -6.06 -82.37
C LEU R 248 34.85 -6.33 -81.82
N TYR R 249 34.82 -6.82 -80.59
CA TYR R 249 33.58 -7.13 -79.88
C TYR R 249 33.22 -5.96 -78.94
N ASP R 250 32.19 -6.17 -78.12
CA ASP R 250 31.74 -5.13 -77.21
C ASP R 250 31.27 -5.57 -75.83
N TYR R 251 31.81 -4.90 -74.81
CA TYR R 251 31.48 -5.16 -73.42
C TYR R 251 31.54 -3.82 -72.66
N SER R 252 31.21 -2.75 -73.39
CA SER R 252 31.23 -1.39 -72.82
C SER R 252 30.20 -1.20 -71.73
N PHE R 253 29.16 -2.02 -71.76
CA PHE R 253 28.06 -1.93 -70.79
C PHE R 253 27.22 -0.67 -71.04
N GLY R 254 27.20 -0.21 -72.28
CA GLY R 254 26.41 0.96 -72.61
C GLY R 254 27.25 2.07 -73.18
N GLU R 255 28.05 2.71 -72.32
CA GLU R 255 28.90 3.82 -72.71
C GLU R 255 30.11 3.97 -71.78
N TYR R 256 31.13 4.63 -72.29
CA TYR R 256 32.39 4.90 -71.61
C TYR R 256 32.18 5.37 -70.17
N GLY R 257 32.94 4.79 -69.24
CA GLY R 257 32.85 5.21 -67.86
C GLY R 257 31.78 4.53 -67.02
N LYS R 258 30.58 4.41 -67.57
CA LYS R 258 29.48 3.77 -66.85
C LYS R 258 29.83 2.40 -66.25
N ILE R 259 30.25 2.41 -64.97
CA ILE R 259 30.62 1.21 -64.21
C ILE R 259 29.42 0.28 -63.97
N THR R 260 29.71 -0.97 -63.57
CA THR R 260 28.68 -1.96 -63.28
C THR R 260 29.19 -2.95 -62.20
N GLY R 261 28.35 -3.93 -61.85
CA GLY R 261 28.74 -4.91 -60.84
C GLY R 261 29.22 -6.19 -61.49
N GLU R 262 29.07 -6.24 -62.82
CA GLU R 262 29.50 -7.38 -63.62
C GLU R 262 31.00 -7.16 -63.82
N VAL R 263 31.35 -5.87 -63.97
CA VAL R 263 32.72 -5.41 -64.13
C VAL R 263 33.34 -5.30 -62.73
N ALA R 264 32.47 -5.18 -61.73
CA ALA R 264 32.89 -5.09 -60.34
C ALA R 264 33.26 -6.49 -59.83
N GLN R 265 32.35 -7.44 -60.03
CA GLN R 265 32.57 -8.81 -59.59
C GLN R 265 33.84 -9.37 -60.24
N ILE R 266 34.03 -9.09 -61.52
CA ILE R 266 35.20 -9.55 -62.24
C ILE R 266 36.50 -9.04 -61.60
N ILE R 267 36.50 -7.79 -61.14
CA ILE R 267 37.70 -7.24 -60.51
C ILE R 267 38.00 -8.02 -59.22
N ARG R 268 37.07 -7.99 -58.27
CA ARG R 268 37.22 -8.72 -57.02
C ARG R 268 37.51 -10.17 -57.40
N LYS R 269 36.78 -10.67 -58.40
CA LYS R 269 36.96 -12.04 -58.86
C LYS R 269 38.40 -12.35 -59.25
N VAL R 270 38.95 -11.63 -60.23
CA VAL R 270 40.32 -11.89 -60.67
C VAL R 270 41.40 -11.67 -59.59
N GLY R 271 41.18 -10.68 -58.73
CA GLY R 271 42.13 -10.37 -57.68
C GLY R 271 42.32 -11.43 -56.60
N THR R 272 41.23 -12.04 -56.15
CA THR R 272 41.31 -13.07 -55.11
C THR R 272 41.62 -14.45 -55.62
N ARG R 273 41.32 -14.66 -56.90
CA ARG R 273 41.57 -15.96 -57.54
C ARG R 273 42.90 -16.00 -58.33
N GLU R 274 43.49 -14.84 -58.61
CA GLU R 274 44.76 -14.77 -59.34
C GLU R 274 45.78 -13.73 -58.80
N GLY R 275 45.29 -12.71 -58.10
CA GLY R 275 46.16 -11.68 -57.53
C GLY R 275 46.39 -10.44 -58.37
N ILE R 276 45.76 -10.37 -59.53
CA ILE R 276 45.95 -9.23 -60.42
C ILE R 276 44.86 -8.19 -60.19
N ILE R 277 45.11 -6.94 -60.58
CA ILE R 277 44.13 -5.86 -60.40
C ILE R 277 43.67 -5.19 -61.71
N LEU R 278 42.55 -5.64 -62.24
CA LEU R 278 42.04 -5.05 -63.46
C LEU R 278 41.35 -3.77 -63.01
N ASP R 279 41.18 -2.82 -63.93
CA ASP R 279 40.51 -1.55 -63.61
C ASP R 279 39.07 -1.61 -64.13
N PRO R 280 38.17 -0.85 -63.51
CA PRO R 280 36.77 -0.83 -63.92
C PRO R 280 36.41 -0.19 -65.28
N VAL R 281 37.37 0.45 -65.96
CA VAL R 281 37.06 1.10 -67.23
C VAL R 281 37.78 0.55 -68.49
N TYR R 282 38.69 -0.40 -68.29
CA TYR R 282 39.41 -0.98 -69.41
C TYR R 282 39.67 -2.46 -69.23
N THR R 283 40.81 -2.83 -68.65
CA THR R 283 41.13 -4.25 -68.45
C THR R 283 39.92 -4.98 -67.88
N GLY R 284 39.29 -4.37 -66.88
CA GLY R 284 38.12 -4.96 -66.27
C GLY R 284 37.05 -5.40 -67.26
N LYS R 285 36.72 -4.55 -68.22
CA LYS R 285 35.69 -4.86 -69.22
C LYS R 285 36.16 -5.72 -70.39
N ALA R 286 37.47 -5.79 -70.60
CA ALA R 286 38.04 -6.57 -71.70
C ALA R 286 38.15 -8.04 -71.33
N PHE R 287 38.38 -8.29 -70.04
CA PHE R 287 38.53 -9.64 -69.52
C PHE R 287 37.14 -10.27 -69.42
N TYR R 288 36.12 -9.45 -69.15
CA TYR R 288 34.75 -9.95 -69.09
C TYR R 288 34.51 -10.53 -70.48
N GLY R 289 34.59 -9.68 -71.50
CA GLY R 289 34.41 -10.17 -72.85
C GLY R 289 35.19 -11.46 -73.01
N LEU R 290 36.40 -11.48 -72.46
CA LEU R 290 37.27 -12.66 -72.51
C LEU R 290 36.53 -13.87 -71.94
N VAL R 291 35.96 -13.68 -70.75
CA VAL R 291 35.23 -14.74 -70.04
C VAL R 291 33.87 -15.07 -70.62
N ASP R 292 33.22 -14.08 -71.19
CA ASP R 292 31.92 -14.29 -71.79
C ASP R 292 32.17 -15.14 -73.04
N LEU R 293 32.94 -14.58 -73.98
CA LEU R 293 33.25 -15.28 -75.20
C LEU R 293 33.82 -16.69 -75.00
N ALA R 294 34.61 -16.88 -73.95
CA ALA R 294 35.26 -18.18 -73.68
C ALA R 294 34.26 -19.33 -73.44
N ARG R 295 33.28 -19.09 -72.57
CA ARG R 295 32.29 -20.11 -72.27
C ARG R 295 31.51 -20.46 -73.55
N LYS R 296 31.17 -19.44 -74.34
CA LYS R 296 30.48 -19.67 -75.61
C LYS R 296 31.53 -20.27 -76.57
N GLY R 297 32.64 -20.74 -75.98
CA GLY R 297 33.74 -21.34 -76.70
C GLY R 297 34.10 -20.67 -78.02
N GLU R 298 34.13 -19.34 -78.07
CA GLU R 298 34.44 -18.65 -79.32
C GLU R 298 35.81 -17.99 -79.47
N LEU R 299 36.70 -18.26 -78.51
CA LEU R 299 38.04 -17.68 -78.55
C LEU R 299 39.09 -18.79 -78.77
N GLY R 300 38.68 -20.03 -78.68
CA GLY R 300 39.60 -21.13 -78.89
C GLY R 300 40.01 -21.86 -77.62
N GLU R 301 41.10 -22.61 -77.70
CA GLU R 301 41.58 -23.38 -76.55
C GLU R 301 42.54 -22.58 -75.67
N LYS R 302 43.32 -21.72 -76.30
CA LYS R 302 44.28 -20.92 -75.57
C LYS R 302 44.20 -19.43 -75.90
N ILE R 303 43.73 -18.68 -74.91
CA ILE R 303 43.55 -17.25 -75.06
C ILE R 303 44.59 -16.50 -74.23
N LEU R 304 45.24 -15.51 -74.84
CA LEU R 304 46.30 -14.73 -74.17
C LEU R 304 45.88 -13.27 -74.00
N PHE R 305 45.39 -12.94 -72.81
CA PHE R 305 44.95 -11.58 -72.48
C PHE R 305 46.11 -10.70 -72.04
N ILE R 306 46.19 -9.50 -72.60
CA ILE R 306 47.27 -8.56 -72.27
C ILE R 306 46.82 -7.40 -71.38
N HIS R 307 47.19 -7.49 -70.11
CA HIS R 307 46.85 -6.50 -69.11
C HIS R 307 47.34 -5.13 -69.55
N THR R 308 46.41 -4.23 -69.80
CA THR R 308 46.74 -2.89 -70.21
C THR R 308 46.90 -1.95 -69.03
N GLY R 309 46.89 -2.52 -67.82
CA GLY R 309 47.07 -1.73 -66.61
C GLY R 309 45.86 -1.00 -66.00
N GLY R 310 45.88 0.32 -66.15
CA GLY R 310 44.84 1.20 -65.65
C GLY R 310 44.48 1.12 -64.17
N ILE R 311 45.38 0.60 -63.33
CA ILE R 311 45.12 0.41 -61.89
C ILE R 311 44.73 1.65 -61.08
N SER R 312 44.84 2.83 -61.68
CA SER R 312 44.47 4.08 -61.00
C SER R 312 42.94 4.17 -60.87
N GLY R 313 42.22 3.86 -61.95
CA GLY R 313 40.76 3.90 -61.92
C GLY R 313 40.17 3.06 -60.80
N THR R 314 40.80 1.92 -60.52
CA THR R 314 40.41 1.00 -59.44
C THR R 314 40.56 1.75 -58.12
N PHE R 315 41.38 2.80 -58.14
CA PHE R 315 41.59 3.66 -56.99
C PHE R 315 40.62 4.84 -57.11
N HIS R 316 40.43 5.28 -58.36
CA HIS R 316 39.56 6.41 -58.72
C HIS R 316 38.07 6.24 -58.45
N TYR R 317 37.50 5.08 -58.81
CA TYR R 317 36.07 4.87 -58.61
C TYR R 317 35.69 3.77 -57.61
N GLY R 318 36.70 3.16 -57.00
CA GLY R 318 36.50 2.08 -56.03
C GLY R 318 35.23 2.14 -55.18
N ASP R 319 34.69 3.34 -55.01
CA ASP R 319 33.48 3.56 -54.22
C ASP R 319 32.21 3.47 -55.10
N LYS R 320 32.27 4.01 -56.33
CA LYS R 320 31.10 3.91 -57.20
C LYS R 320 30.92 2.41 -57.40
N LEU R 321 31.98 1.68 -57.05
CA LEU R 321 31.97 0.23 -57.13
C LEU R 321 31.40 -0.34 -55.83
N LEU R 322 32.12 -0.13 -54.72
CA LEU R 322 31.73 -0.64 -53.40
C LEU R 322 30.23 -0.49 -53.10
N SER R 323 29.52 0.19 -53.99
CA SER R 323 28.07 0.36 -53.86
C SER R 323 27.46 -0.78 -54.67
N LEU R 324 28.30 -1.73 -55.07
CA LEU R 324 27.90 -2.86 -55.90
C LEU R 324 28.55 -4.18 -55.51
N LEU R 325 29.48 -4.15 -54.56
CA LEU R 325 30.14 -5.41 -54.15
C LEU R 325 29.62 -5.95 -52.81
N MET S 1 53.67 -10.69 14.47
CA MET S 1 53.97 -9.23 14.33
C MET S 1 54.08 -8.61 15.72
N HIS S 2 55.30 -8.24 16.10
CA HIS S 2 55.50 -7.63 17.39
C HIS S 2 54.48 -6.49 17.55
N PRO S 3 53.69 -6.53 18.63
CA PRO S 3 52.70 -5.48 18.85
C PRO S 3 53.15 -4.03 18.69
N LYS S 4 54.38 -3.73 19.09
CA LYS S 4 54.84 -2.34 18.98
C LYS S 4 54.89 -1.92 17.54
N ILE S 5 55.48 -2.79 16.72
CA ILE S 5 55.64 -2.53 15.30
C ILE S 5 54.30 -2.52 14.60
N PHE S 6 53.33 -3.21 15.18
CA PHE S 6 51.98 -3.26 14.62
C PHE S 6 51.33 -1.91 14.85
N ALA S 7 51.13 -1.57 16.11
CA ALA S 7 50.52 -0.29 16.46
C ALA S 7 51.34 0.86 15.89
N LEU S 8 52.51 0.56 15.33
CA LEU S 8 53.34 1.62 14.79
C LEU S 8 53.22 1.85 13.29
N LEU S 9 53.11 0.75 12.54
CA LEU S 9 52.95 0.84 11.09
C LEU S 9 51.47 0.79 10.79
N ALA S 10 50.66 0.73 11.84
CA ALA S 10 49.21 0.58 11.72
C ALA S 10 48.35 1.68 11.11
N LYS S 11 48.91 2.56 10.30
CA LYS S 11 48.07 3.59 9.71
C LYS S 11 48.54 3.90 8.32
N PHE S 12 49.45 3.08 7.84
CA PHE S 12 50.02 3.30 6.52
C PHE S 12 49.42 2.40 5.48
N PRO S 13 48.90 3.01 4.41
CA PRO S 13 48.27 2.28 3.30
C PRO S 13 49.19 1.13 2.89
N ARG S 14 48.75 -0.10 3.16
CA ARG S 14 49.57 -1.25 2.82
C ARG S 14 48.85 -2.27 1.98
N VAL S 15 49.31 -2.42 0.75
CA VAL S 15 48.77 -3.39 -0.18
C VAL S 15 49.51 -4.69 0.16
N GLU S 16 48.80 -5.81 0.18
CA GLU S 16 49.42 -7.09 0.50
C GLU S 16 49.98 -7.84 -0.72
N LEU S 17 51.31 -8.01 -0.78
CA LEU S 17 51.94 -8.70 -1.89
C LEU S 17 52.66 -9.96 -1.43
N ILE S 18 52.88 -10.05 -0.12
CA ILE S 18 53.57 -11.18 0.48
C ILE S 18 52.60 -11.89 1.41
N PRO S 19 51.97 -12.96 0.93
CA PRO S 19 50.98 -13.76 1.67
C PRO S 19 51.47 -14.41 2.94
N TRP S 20 52.63 -15.06 2.83
CA TRP S 20 53.26 -15.75 3.96
C TRP S 20 54.38 -14.95 4.57
N GLU S 21 55.17 -15.63 5.38
CA GLU S 21 56.35 -15.07 6.01
C GLU S 21 57.46 -15.89 5.41
N THR S 22 58.59 -15.28 5.16
CA THR S 22 59.69 -16.03 4.60
C THR S 22 60.38 -16.84 5.71
N PRO S 23 60.87 -18.05 5.37
CA PRO S 23 61.54 -18.93 6.31
C PRO S 23 62.98 -18.59 6.71
N ILE S 24 63.44 -19.19 7.81
CA ILE S 24 64.79 -18.96 8.28
C ILE S 24 65.45 -20.31 8.48
N GLN S 25 66.57 -20.48 7.78
CA GLN S 25 67.33 -21.72 7.83
C GLN S 25 68.71 -21.49 8.45
N TYR S 26 69.36 -22.60 8.80
CA TYR S 26 70.69 -22.56 9.38
C TYR S 26 71.61 -23.15 8.34
N LEU S 27 72.71 -22.46 8.05
CA LEU S 27 73.66 -22.98 7.09
C LEU S 27 74.76 -23.66 7.92
N PRO S 28 74.73 -25.01 8.00
CA PRO S 28 75.72 -25.75 8.78
C PRO S 28 77.11 -25.93 8.17
N ASN S 29 77.17 -26.02 6.84
CA ASN S 29 78.43 -26.23 6.15
C ASN S 29 79.28 -24.98 6.12
N ILE S 30 78.63 -23.82 6.05
CA ILE S 30 79.33 -22.55 6.02
C ILE S 30 79.66 -22.08 7.43
N SER S 31 78.77 -22.38 8.38
CA SER S 31 78.95 -22.01 9.77
C SER S 31 80.12 -22.77 10.36
N ARG S 32 80.38 -23.94 9.78
CA ARG S 32 81.45 -24.78 10.23
C ARG S 32 82.76 -24.18 9.76
N GLU S 33 82.77 -23.74 8.51
CA GLU S 33 83.95 -23.14 7.89
C GLU S 33 84.41 -21.78 8.43
N ILE S 34 83.51 -20.95 8.93
CA ILE S 34 83.95 -19.66 9.43
C ILE S 34 84.15 -19.62 10.95
N GLY S 35 83.33 -20.35 11.69
CA GLY S 35 83.47 -20.37 13.14
C GLY S 35 82.39 -19.60 13.86
N ALA S 36 81.25 -19.44 13.20
CA ALA S 36 80.13 -18.71 13.77
C ALA S 36 78.87 -19.28 13.16
N ASP S 37 77.76 -19.17 13.86
CA ASP S 37 76.50 -19.68 13.36
C ASP S 37 75.86 -18.63 12.48
N VAL S 38 75.60 -18.98 11.23
CA VAL S 38 74.97 -18.07 10.29
C VAL S 38 73.67 -18.62 9.73
N TYR S 39 72.58 -17.91 10.03
CA TYR S 39 71.26 -18.27 9.57
C TYR S 39 70.92 -17.41 8.34
N ILE S 40 70.11 -17.93 7.44
CA ILE S 40 69.73 -17.16 6.26
C ILE S 40 68.22 -16.99 6.17
N LYS S 41 67.75 -15.78 5.87
CA LYS S 41 66.32 -15.56 5.73
C LYS S 41 66.02 -15.50 4.25
N ARG S 42 65.07 -16.33 3.80
CA ARG S 42 64.73 -16.42 2.39
C ARG S 42 63.83 -15.35 1.73
N ASP S 43 64.05 -14.08 2.03
CA ASP S 43 63.26 -13.01 1.41
C ASP S 43 63.46 -13.00 -0.10
N ASP S 44 64.21 -14.00 -0.58
CA ASP S 44 64.48 -14.18 -2.01
C ASP S 44 63.36 -15.09 -2.52
N LEU S 45 62.42 -15.35 -1.63
CA LEU S 45 61.28 -16.20 -1.91
C LEU S 45 60.00 -15.49 -1.54
N THR S 46 59.92 -14.20 -1.81
CA THR S 46 58.72 -13.46 -1.48
C THR S 46 57.60 -13.62 -2.48
N GLY S 47 57.87 -14.28 -3.61
CA GLY S 47 56.83 -14.53 -4.60
C GLY S 47 56.66 -13.77 -5.92
N LEU S 48 56.27 -12.51 -5.84
CA LEU S 48 56.08 -11.68 -7.02
C LEU S 48 57.38 -11.48 -7.79
N GLY S 49 57.39 -11.89 -9.06
CA GLY S 49 58.59 -11.76 -9.86
C GLY S 49 59.66 -12.70 -9.36
N ILE S 50 60.90 -12.24 -9.31
CA ILE S 50 62.00 -13.06 -8.82
C ILE S 50 62.13 -12.75 -7.35
N GLY S 51 61.04 -12.23 -6.81
CA GLY S 51 60.99 -11.88 -5.41
C GLY S 51 62.08 -10.92 -5.03
N GLY S 52 62.54 -11.03 -3.78
CA GLY S 52 63.58 -10.15 -3.32
C GLY S 52 63.10 -9.19 -2.27
N ASN S 53 63.99 -8.30 -1.84
CA ASN S 53 63.71 -7.31 -0.80
C ASN S 53 62.78 -6.18 -1.21
N LYS S 54 62.80 -5.82 -2.48
CA LYS S 54 61.96 -4.73 -2.96
C LYS S 54 60.46 -4.96 -2.76
N ILE S 55 60.00 -6.20 -2.89
CA ILE S 55 58.59 -6.49 -2.72
C ILE S 55 57.99 -5.91 -1.43
N ARG S 56 58.68 -6.06 -0.31
CA ARG S 56 58.16 -5.54 0.95
C ARG S 56 57.95 -4.05 0.89
N LYS S 57 58.67 -3.38 -0.01
CA LYS S 57 58.55 -1.94 -0.13
C LYS S 57 57.37 -1.53 -0.98
N LEU S 58 57.19 -2.19 -2.13
CA LEU S 58 56.07 -1.88 -3.03
C LEU S 58 54.75 -1.92 -2.29
N GLU S 59 54.62 -2.82 -1.32
CA GLU S 59 53.39 -2.91 -0.55
C GLU S 59 53.09 -1.51 -0.08
N TYR S 60 54.06 -0.91 0.59
CA TYR S 60 53.91 0.46 1.10
C TYR S 60 54.12 1.47 0.00
N LEU S 61 55.07 1.18 -0.87
CA LEU S 61 55.33 2.06 -2.00
C LEU S 61 54.00 2.08 -2.73
N LEU S 62 53.80 1.15 -3.66
CA LEU S 62 52.57 1.05 -4.43
C LEU S 62 51.37 1.42 -3.60
N GLY S 63 51.25 0.79 -2.43
CA GLY S 63 50.12 1.09 -1.55
C GLY S 63 49.85 2.59 -1.43
N ASP S 64 50.89 3.39 -1.62
CA ASP S 64 50.80 4.82 -1.55
C ASP S 64 50.14 5.28 -2.85
N ALA S 65 50.84 5.01 -3.94
CA ALA S 65 50.40 5.35 -5.29
C ALA S 65 48.93 5.12 -5.48
N LEU S 66 48.49 3.90 -5.16
CA LEU S 66 47.08 3.53 -5.30
C LEU S 66 46.21 4.35 -4.36
N SER S 67 46.68 4.52 -3.12
CA SER S 67 45.94 5.26 -2.08
C SER S 67 45.68 6.70 -2.54
N LYS S 68 46.56 7.20 -3.41
CA LYS S 68 46.46 8.54 -3.96
C LYS S 68 46.08 8.49 -5.45
N GLY S 69 45.67 7.29 -5.91
CA GLY S 69 45.28 7.12 -7.29
C GLY S 69 46.20 7.67 -8.38
N ALA S 70 46.92 6.78 -9.04
CA ALA S 70 47.82 7.12 -10.13
C ALA S 70 47.42 6.17 -11.26
N ASP S 71 48.14 6.13 -12.36
CA ASP S 71 47.79 5.20 -13.45
C ASP S 71 49.05 4.58 -14.04
N VAL S 72 50.17 5.26 -13.83
CA VAL S 72 51.45 4.80 -14.32
C VAL S 72 52.57 5.04 -13.30
N VAL S 73 53.12 3.94 -12.78
CA VAL S 73 54.21 4.03 -11.83
C VAL S 73 55.48 4.24 -12.63
N ILE S 74 56.33 5.15 -12.19
CA ILE S 74 57.57 5.36 -12.90
C ILE S 74 58.75 5.21 -11.95
N THR S 75 59.82 4.60 -12.44
CA THR S 75 61.01 4.41 -11.60
C THR S 75 62.29 4.25 -12.42
N VAL S 76 63.39 4.54 -11.75
CA VAL S 76 64.71 4.48 -12.38
C VAL S 76 65.55 3.32 -11.87
N GLY S 77 66.45 2.85 -12.73
CA GLY S 77 67.33 1.75 -12.37
C GLY S 77 68.30 1.46 -13.50
N ALA S 78 68.99 0.33 -13.37
CA ALA S 78 69.96 -0.09 -14.38
C ALA S 78 69.34 -1.13 -15.33
N VAL S 79 69.93 -1.29 -16.50
CA VAL S 79 69.42 -2.24 -17.46
C VAL S 79 69.24 -3.59 -16.79
N HIS S 80 69.81 -3.75 -15.60
CA HIS S 80 69.68 -5.01 -14.87
C HIS S 80 68.91 -4.84 -13.57
N SER S 81 68.52 -3.61 -13.27
CA SER S 81 67.80 -3.30 -12.04
C SER S 81 66.73 -4.31 -11.66
N ASN S 82 66.93 -5.00 -10.55
CA ASN S 82 65.96 -5.99 -10.06
C ASN S 82 64.70 -5.21 -9.68
N HIS S 83 64.90 -4.18 -8.88
CA HIS S 83 63.82 -3.32 -8.40
C HIS S 83 62.98 -2.78 -9.54
N ALA S 84 63.65 -2.49 -10.65
CA ALA S 84 62.95 -1.98 -11.82
C ALA S 84 61.90 -3.02 -12.20
N PHE S 85 62.34 -4.13 -12.76
CA PHE S 85 61.48 -5.23 -13.19
C PHE S 85 60.39 -5.56 -12.18
N VAL S 86 60.80 -5.98 -10.99
CA VAL S 86 59.85 -6.35 -9.95
C VAL S 86 58.84 -5.25 -9.65
N THR S 87 59.28 -3.99 -9.61
CA THR S 87 58.37 -2.88 -9.34
C THR S 87 57.41 -2.75 -10.51
N GLY S 88 57.91 -3.06 -11.71
CA GLY S 88 57.09 -3.00 -12.90
C GLY S 88 55.98 -3.99 -12.72
N LEU S 89 56.33 -5.27 -12.77
CA LEU S 89 55.37 -6.35 -12.59
C LEU S 89 54.45 -6.09 -11.38
N ALA S 90 54.92 -5.37 -10.38
CA ALA S 90 54.05 -5.11 -9.24
C ALA S 90 53.04 -4.03 -9.61
N ALA S 91 53.30 -3.29 -10.68
CA ALA S 91 52.37 -2.27 -11.13
C ALA S 91 51.23 -2.94 -11.91
N LYS S 92 51.60 -3.62 -13.00
CA LYS S 92 50.62 -4.30 -13.82
C LYS S 92 49.67 -5.21 -13.04
N LYS S 93 50.18 -5.91 -12.03
CA LYS S 93 49.33 -6.79 -11.24
C LYS S 93 48.22 -5.95 -10.65
N LEU S 94 48.58 -4.94 -9.86
CA LEU S 94 47.60 -4.06 -9.25
C LEU S 94 46.92 -3.18 -10.31
N GLY S 95 46.99 -3.63 -11.57
CA GLY S 95 46.41 -2.88 -12.67
C GLY S 95 47.46 -1.94 -13.24
N LEU S 96 47.48 -0.73 -12.68
CA LEU S 96 48.42 0.34 -13.03
C LEU S 96 49.40 0.15 -14.19
N ASP S 97 49.78 1.27 -14.80
CA ASP S 97 50.74 1.28 -15.89
C ASP S 97 52.15 1.48 -15.28
N ALA S 98 53.20 1.18 -16.05
CA ALA S 98 54.56 1.35 -15.54
C ALA S 98 55.59 1.61 -16.62
N ILE S 99 56.40 2.66 -16.45
CA ILE S 99 57.45 2.99 -17.42
C ILE S 99 58.80 2.97 -16.71
N LEU S 100 59.72 2.13 -17.18
CA LEU S 100 61.04 1.99 -16.55
C LEU S 100 62.17 2.79 -17.17
N VAL S 101 62.73 3.72 -16.41
CA VAL S 101 63.86 4.54 -16.88
C VAL S 101 65.20 3.87 -16.55
N LEU S 102 65.70 3.04 -17.45
CA LEU S 102 66.94 2.35 -17.21
C LEU S 102 68.17 3.08 -17.74
N ARG S 103 69.30 2.39 -17.74
CA ARG S 103 70.57 2.94 -18.24
C ARG S 103 71.58 1.80 -18.26
N GLY S 104 72.25 1.64 -19.38
CA GLY S 104 73.23 0.58 -19.48
C GLY S 104 73.13 -0.10 -20.81
N LYS S 105 74.02 -1.06 -21.05
CA LYS S 105 74.00 -1.79 -22.31
C LYS S 105 72.61 -2.38 -22.49
N GLU S 106 72.17 -2.51 -23.73
CA GLU S 106 70.86 -3.06 -24.01
C GLU S 106 70.97 -4.51 -24.43
N GLU S 107 71.73 -5.26 -23.64
CA GLU S 107 71.91 -6.68 -23.87
C GLU S 107 70.55 -7.28 -23.55
N LEU S 108 70.26 -8.44 -24.12
CA LEU S 108 68.97 -9.05 -23.90
C LEU S 108 69.00 -10.22 -22.93
N LYS S 109 69.20 -9.90 -21.64
CA LYS S 109 69.23 -10.92 -20.58
C LYS S 109 69.03 -10.32 -19.20
N GLY S 110 68.93 -11.18 -18.20
CA GLY S 110 68.75 -10.70 -16.86
C GLY S 110 67.43 -9.97 -16.72
N ASN S 111 67.34 -9.05 -15.76
CA ASN S 111 66.12 -8.31 -15.52
C ASN S 111 65.66 -7.40 -16.65
N TYR S 112 66.50 -7.19 -17.66
CA TYR S 112 66.07 -6.36 -18.78
C TYR S 112 65.26 -7.26 -19.72
N LEU S 113 65.76 -8.48 -19.92
CA LEU S 113 65.12 -9.49 -20.76
C LEU S 113 63.69 -9.66 -20.24
N LEU S 114 63.59 -10.08 -18.99
CA LEU S 114 62.30 -10.29 -18.38
C LEU S 114 61.52 -9.00 -18.43
N ASP S 115 62.22 -7.88 -18.54
CA ASP S 115 61.53 -6.59 -18.61
C ASP S 115 60.67 -6.65 -19.86
N LYS S 116 61.31 -7.05 -20.95
CA LYS S 116 60.64 -7.15 -22.23
C LYS S 116 59.58 -8.23 -22.25
N ILE S 117 60.00 -9.49 -22.28
CA ILE S 117 59.09 -10.63 -22.26
C ILE S 117 57.79 -10.35 -21.50
N MET S 118 57.89 -9.62 -20.39
CA MET S 118 56.72 -9.26 -19.57
C MET S 118 56.06 -8.00 -20.08
N GLY S 119 56.22 -7.72 -21.36
CA GLY S 119 55.64 -6.51 -21.92
C GLY S 119 55.69 -5.27 -21.06
N ILE S 120 56.80 -5.04 -20.36
CA ILE S 120 56.98 -3.85 -19.52
C ILE S 120 57.81 -2.80 -20.29
N GLU S 121 57.31 -1.56 -20.35
CA GLU S 121 58.01 -0.52 -21.10
C GLU S 121 59.39 -0.20 -20.53
N THR S 122 60.29 0.20 -21.44
CA THR S 122 61.68 0.50 -21.13
C THR S 122 62.31 1.65 -21.96
N ARG S 123 62.97 2.58 -21.27
CA ARG S 123 63.65 3.72 -21.93
C ARG S 123 65.09 3.82 -21.44
N VAL S 124 66.03 3.40 -22.28
CA VAL S 124 67.46 3.39 -21.94
C VAL S 124 68.25 4.68 -22.25
N TYR S 125 68.39 5.55 -21.25
CA TYR S 125 69.13 6.80 -21.43
C TYR S 125 70.62 6.55 -21.28
N ASP S 126 71.37 6.90 -22.33
CA ASP S 126 72.83 6.74 -22.32
C ASP S 126 73.36 7.68 -21.24
N ALA S 127 72.43 8.34 -20.56
CA ALA S 127 72.72 9.24 -19.46
C ALA S 127 73.08 8.29 -18.31
N LYS S 128 73.82 7.25 -18.68
CA LYS S 128 74.33 6.20 -17.79
C LYS S 128 75.38 6.81 -16.83
N ASP S 129 75.15 6.71 -15.53
CA ASP S 129 76.08 7.28 -14.55
C ASP S 129 75.50 7.14 -13.16
N SER S 130 75.05 8.26 -12.60
CA SER S 130 74.43 8.28 -11.28
C SER S 130 72.92 8.32 -11.48
N PHE S 131 72.18 7.91 -10.47
CA PHE S 131 70.72 7.87 -10.50
C PHE S 131 70.10 9.25 -10.80
N GLU S 132 70.88 10.12 -11.41
CA GLU S 132 70.42 11.44 -11.79
C GLU S 132 69.79 11.16 -13.18
N LEU S 133 69.04 10.06 -13.18
CA LEU S 133 68.29 9.55 -14.32
C LEU S 133 66.88 9.87 -13.83
N MET S 134 66.85 10.36 -12.60
CA MET S 134 65.65 10.76 -11.89
C MET S 134 65.04 12.01 -12.55
N LYS S 135 65.87 12.86 -13.15
CA LYS S 135 65.35 14.05 -13.79
C LYS S 135 64.57 13.62 -15.02
N TYR S 136 65.15 12.68 -15.77
CA TYR S 136 64.53 12.17 -16.98
C TYR S 136 63.23 11.46 -16.62
N ALA S 137 63.18 10.86 -15.43
CA ALA S 137 62.00 10.15 -14.94
C ALA S 137 60.97 11.15 -14.45
N GLU S 138 61.47 12.21 -13.84
CA GLU S 138 60.67 13.30 -13.27
C GLU S 138 60.13 14.23 -14.37
N GLU S 139 60.92 14.43 -15.43
CA GLU S 139 60.51 15.27 -16.53
C GLU S 139 59.39 14.56 -17.27
N ILE S 140 59.65 13.32 -17.63
CA ILE S 140 58.65 12.54 -18.33
C ILE S 140 57.34 12.64 -17.57
N ALA S 141 57.40 12.31 -16.27
CA ALA S 141 56.22 12.37 -15.42
C ALA S 141 55.42 13.64 -15.69
N GLU S 142 56.08 14.63 -16.30
CA GLU S 142 55.47 15.92 -16.63
C GLU S 142 54.70 15.80 -17.95
N GLU S 143 55.39 15.38 -19.01
CA GLU S 143 54.78 15.19 -20.33
C GLU S 143 53.89 13.96 -20.23
N LEU S 144 53.27 13.81 -19.06
CA LEU S 144 52.37 12.71 -18.76
C LEU S 144 51.31 13.36 -17.88
N LYS S 145 51.72 13.75 -16.69
CA LYS S 145 50.84 14.39 -15.72
C LYS S 145 50.16 15.61 -16.33
N ARG S 146 50.90 16.39 -17.11
CA ARG S 146 50.31 17.58 -17.72
C ARG S 146 49.43 17.19 -18.92
N GLU S 147 48.71 16.08 -18.73
CA GLU S 147 47.79 15.53 -19.70
C GLU S 147 46.82 14.60 -18.96
N GLY S 148 46.47 14.98 -17.74
CA GLY S 148 45.53 14.19 -16.98
C GLY S 148 46.04 12.88 -16.41
N ARG S 149 46.99 12.26 -17.09
CA ARG S 149 47.52 11.00 -16.56
C ARG S 149 48.17 11.31 -15.23
N LYS S 150 47.77 10.58 -14.20
CA LYS S 150 48.32 10.79 -12.87
C LYS S 150 49.45 9.82 -12.54
N PRO S 151 50.71 10.28 -12.68
CA PRO S 151 51.81 9.35 -12.37
C PRO S 151 52.29 9.34 -10.91
N TYR S 152 53.03 8.28 -10.58
CA TYR S 152 53.62 8.15 -9.25
C TYR S 152 55.11 7.93 -9.49
N VAL S 153 55.96 8.58 -8.71
CA VAL S 153 57.39 8.44 -8.92
C VAL S 153 58.20 7.82 -7.80
N ILE S 154 58.38 6.51 -7.86
CA ILE S 154 59.15 5.82 -6.83
C ILE S 154 60.63 5.93 -7.13
N PRO S 155 61.40 6.42 -6.15
CA PRO S 155 62.85 6.62 -6.18
C PRO S 155 63.67 5.35 -6.46
N PRO S 156 65.01 5.46 -6.48
CA PRO S 156 65.82 4.26 -6.73
C PRO S 156 65.74 3.29 -5.56
N GLY S 157 65.78 2.00 -5.86
CA GLY S 157 65.69 1.00 -4.82
C GLY S 157 64.41 1.16 -4.03
N GLY S 158 63.70 2.25 -4.28
CA GLY S 158 62.45 2.50 -3.59
C GLY S 158 62.78 3.20 -2.30
N ALA S 159 64.05 3.55 -2.17
CA ALA S 159 64.55 4.20 -0.98
C ALA S 159 63.85 5.54 -0.67
N SER S 160 63.00 5.53 0.35
CA SER S 160 62.27 6.73 0.77
C SER S 160 61.63 6.43 2.12
N PRO S 161 61.14 7.46 2.80
CA PRO S 161 60.51 7.18 4.10
C PRO S 161 59.51 6.02 4.07
N ILE S 162 58.47 6.11 3.25
CA ILE S 162 57.46 5.04 3.16
C ILE S 162 58.03 3.74 2.57
N GLY S 163 58.92 3.85 1.60
CA GLY S 163 59.50 2.65 1.03
C GLY S 163 60.23 1.86 2.11
N THR S 164 60.92 2.58 2.99
CA THR S 164 61.68 1.98 4.08
C THR S 164 60.78 1.15 4.99
N LEU S 165 59.53 1.56 5.11
CA LEU S 165 58.58 0.85 5.96
C LEU S 165 58.39 -0.62 5.53
N GLY S 166 59.06 -1.02 4.46
CA GLY S 166 58.94 -2.39 4.03
C GLY S 166 59.73 -3.30 4.94
N TYR S 167 60.90 -2.84 5.39
CA TYR S 167 61.72 -3.63 6.27
C TYR S 167 61.59 -3.25 7.73
N VAL S 168 60.83 -2.19 7.99
CA VAL S 168 60.57 -1.77 9.35
C VAL S 168 59.56 -2.82 9.77
N ARG S 169 59.17 -3.60 8.77
CA ARG S 169 58.20 -4.66 8.93
C ARG S 169 58.91 -6.03 8.95
N ALA S 170 59.81 -6.25 7.99
CA ALA S 170 60.55 -7.51 7.91
C ALA S 170 61.22 -7.88 9.24
N VAL S 171 61.59 -6.87 10.03
CA VAL S 171 62.21 -7.12 11.34
C VAL S 171 61.08 -7.53 12.28
N GLY S 172 59.89 -7.02 11.99
CA GLY S 172 58.72 -7.33 12.81
C GLY S 172 58.31 -8.77 12.63
N GLU S 173 58.52 -9.28 11.41
CA GLU S 173 58.21 -10.66 11.07
C GLU S 173 59.29 -11.53 11.68
N ILE S 174 60.52 -11.02 11.66
CA ILE S 174 61.66 -11.75 12.22
C ILE S 174 61.63 -11.71 13.73
N ALA S 175 61.05 -10.66 14.29
CA ALA S 175 60.95 -10.52 15.73
C ALA S 175 60.06 -11.59 16.34
N THR S 176 59.03 -11.97 15.59
CA THR S 176 58.08 -12.97 16.05
C THR S 176 58.43 -14.42 15.67
N GLN S 177 58.76 -14.61 14.40
CA GLN S 177 59.05 -15.92 13.86
C GLN S 177 60.29 -16.62 14.33
N SER S 178 61.33 -15.87 14.65
CA SER S 178 62.56 -16.54 15.04
C SER S 178 62.78 -16.82 16.50
N GLU S 179 63.32 -18.00 16.78
CA GLU S 179 63.63 -18.34 18.16
C GLU S 179 65.14 -18.43 18.23
N VAL S 180 65.78 -17.48 17.57
CA VAL S 180 67.24 -17.35 17.55
C VAL S 180 67.52 -15.89 17.83
N LYS S 181 68.33 -15.66 18.87
CA LYS S 181 68.67 -14.32 19.32
C LYS S 181 69.90 -13.74 18.63
N PHE S 182 69.73 -13.33 17.38
CA PHE S 182 70.79 -12.78 16.56
C PHE S 182 71.54 -11.58 17.18
N ASP S 183 72.84 -11.49 16.92
CA ASP S 183 73.70 -10.42 17.42
C ASP S 183 73.82 -9.39 16.34
N SER S 184 73.61 -9.82 15.12
CA SER S 184 73.68 -8.94 13.97
C SER S 184 72.88 -9.49 12.79
N ILE S 185 72.42 -8.59 11.94
CA ILE S 185 71.66 -8.93 10.74
C ILE S 185 72.26 -8.12 9.59
N VAL S 186 73.02 -8.80 8.74
CA VAL S 186 73.67 -8.15 7.62
C VAL S 186 72.83 -8.16 6.35
N VAL S 187 72.85 -7.04 5.63
CA VAL S 187 72.10 -6.90 4.39
C VAL S 187 73.01 -6.24 3.36
N ALA S 188 72.68 -6.40 2.08
CA ALA S 188 73.46 -5.78 1.02
C ALA S 188 73.01 -4.34 1.03
N ALA S 189 73.91 -3.42 0.70
CA ALA S 189 73.55 -2.00 0.71
C ALA S 189 73.82 -1.31 -0.63
N GLY S 190 72.76 -1.05 -1.37
CA GLY S 190 72.89 -0.39 -2.65
C GLY S 190 72.43 1.05 -2.58
N SER S 191 71.18 1.23 -2.18
CA SER S 191 70.61 2.57 -2.06
C SER S 191 70.18 2.80 -0.63
N GLY S 192 70.29 1.76 0.19
CA GLY S 192 69.95 1.92 1.60
C GLY S 192 68.50 1.77 1.95
N GLY S 193 67.72 1.21 1.04
CA GLY S 193 66.31 1.02 1.31
C GLY S 193 66.25 -0.01 2.43
N THR S 194 66.59 -1.26 2.07
CA THR S 194 66.59 -2.38 3.00
C THR S 194 67.28 -2.08 4.36
N LEU S 195 68.45 -1.47 4.31
CA LEU S 195 69.20 -1.14 5.52
C LEU S 195 68.50 -0.11 6.40
N ALA S 196 68.00 0.96 5.79
CA ALA S 196 67.34 2.01 6.57
C ALA S 196 66.19 1.46 7.39
N GLY S 197 65.36 0.63 6.76
CA GLY S 197 64.23 0.04 7.44
C GLY S 197 64.67 -0.83 8.60
N LEU S 198 65.70 -1.63 8.37
CA LEU S 198 66.28 -2.54 9.38
C LEU S 198 66.66 -1.81 10.65
N SER S 199 67.35 -0.69 10.48
CA SER S 199 67.80 0.15 11.58
C SER S 199 66.62 0.68 12.37
N LEU S 200 65.63 1.22 11.65
CA LEU S 200 64.43 1.79 12.26
C LEU S 200 63.71 0.75 13.09
N GLY S 201 63.36 -0.36 12.43
CA GLY S 201 62.67 -1.44 13.12
C GLY S 201 63.45 -2.09 14.24
N LEU S 202 64.76 -2.26 14.07
CA LEU S 202 65.57 -2.84 15.13
C LEU S 202 65.66 -1.77 16.17
N SER S 203 65.65 -0.53 15.71
CA SER S 203 65.66 0.61 16.60
C SER S 203 64.38 0.59 17.41
N ILE S 204 63.25 0.45 16.72
CA ILE S 204 61.94 0.44 17.36
C ILE S 204 61.73 -0.70 18.35
N LEU S 205 62.55 -1.75 18.24
CA LEU S 205 62.46 -2.91 19.12
C LEU S 205 63.36 -2.83 20.34
N ASN S 206 64.43 -2.05 20.22
CA ASN S 206 65.40 -1.87 21.29
C ASN S 206 66.06 -3.17 21.65
N GLU S 207 66.72 -3.77 20.68
CA GLU S 207 67.46 -5.03 20.87
C GLU S 207 68.95 -4.72 20.73
N ASP S 208 69.79 -5.47 21.43
CA ASP S 208 71.21 -5.23 21.30
C ASP S 208 71.66 -5.92 20.02
N ILE S 209 70.85 -5.76 18.97
CA ILE S 209 71.14 -6.35 17.65
C ILE S 209 71.78 -5.33 16.74
N ARG S 210 72.65 -5.79 15.86
CA ARG S 210 73.34 -4.89 14.97
C ARG S 210 72.94 -4.91 13.51
N PRO S 211 72.51 -3.76 12.98
CA PRO S 211 72.11 -3.63 11.58
C PRO S 211 73.38 -3.45 10.78
N VAL S 212 73.97 -4.55 10.30
CA VAL S 212 75.22 -4.45 9.56
C VAL S 212 75.04 -4.49 8.04
N GLY S 213 75.20 -3.34 7.40
CA GLY S 213 75.04 -3.28 5.96
C GLY S 213 76.32 -3.47 5.20
N ILE S 214 76.22 -3.88 3.94
CA ILE S 214 77.41 -4.06 3.17
C ILE S 214 77.20 -3.52 1.76
N ALA S 215 77.95 -2.48 1.42
CA ALA S 215 77.86 -1.84 0.12
C ALA S 215 78.55 -2.56 -1.03
N VAL S 216 77.79 -2.79 -2.11
CA VAL S 216 78.28 -3.47 -3.31
C VAL S 216 78.74 -2.46 -4.36
N GLY S 217 78.73 -1.19 -4.00
CA GLY S 217 79.16 -0.16 -4.92
C GLY S 217 79.97 0.84 -4.16
N ARG S 218 80.75 1.66 -4.87
CA ARG S 218 81.60 2.64 -4.23
C ARG S 218 80.82 3.36 -3.12
N PHE S 219 81.16 3.02 -1.89
CA PHE S 219 80.56 3.60 -0.70
C PHE S 219 80.61 5.11 -0.85
N GLY S 220 79.62 5.67 -1.56
CA GLY S 220 79.55 7.10 -1.80
C GLY S 220 79.36 8.02 -0.60
N GLU S 221 78.78 9.19 -0.86
CA GLU S 221 78.54 10.20 0.19
C GLU S 221 77.09 10.45 0.55
N VAL S 222 76.35 11.00 -0.41
CA VAL S 222 74.92 11.23 -0.21
C VAL S 222 74.40 9.79 -0.25
N MET S 223 75.26 8.91 0.27
CA MET S 223 75.04 7.47 0.39
C MET S 223 75.19 7.19 1.89
N THR S 224 76.04 7.97 2.55
CA THR S 224 76.24 7.79 3.98
C THR S 224 75.43 8.87 4.66
N SER S 225 75.30 10.00 3.97
CA SER S 225 74.55 11.14 4.47
C SER S 225 73.08 10.93 4.25
N LYS S 226 72.73 10.68 2.99
CA LYS S 226 71.36 10.43 2.59
C LYS S 226 70.76 9.38 3.53
N LEU S 227 71.56 8.36 3.80
CA LEU S 227 71.20 7.24 4.66
C LEU S 227 70.76 7.61 6.08
N ASP S 228 71.39 8.61 6.69
CA ASP S 228 70.94 8.96 8.02
C ASP S 228 69.75 9.89 7.94
N ASN S 229 69.64 10.61 6.84
CA ASN S 229 68.52 11.51 6.67
C ASN S 229 67.31 10.61 6.42
N LEU S 230 67.51 9.62 5.56
CA LEU S 230 66.46 8.65 5.23
C LEU S 230 65.93 8.12 6.56
N ILE S 231 66.83 7.47 7.28
CA ILE S 231 66.51 6.89 8.57
C ILE S 231 65.73 7.86 9.45
N LYS S 232 66.04 9.14 9.37
CA LYS S 232 65.34 10.12 10.19
C LYS S 232 63.94 10.42 9.66
N GLU S 233 63.83 10.58 8.34
CA GLU S 233 62.55 10.87 7.73
C GLU S 233 61.63 9.67 7.91
N ALA S 234 62.14 8.48 7.60
CA ALA S 234 61.33 7.29 7.78
C ALA S 234 61.15 7.03 9.26
N ALA S 235 61.86 7.77 10.11
CA ALA S 235 61.75 7.59 11.55
C ALA S 235 60.79 8.61 12.10
N GLU S 236 60.53 9.63 11.32
CA GLU S 236 59.56 10.62 11.74
C GLU S 236 58.26 10.08 11.23
N LEU S 237 58.29 9.64 9.99
CA LEU S 237 57.10 9.11 9.35
C LEU S 237 56.30 8.29 10.32
N LEU S 238 56.99 7.66 11.27
CA LEU S 238 56.37 6.83 12.31
C LEU S 238 56.42 7.50 13.68
N GLY S 239 57.11 8.63 13.75
CA GLY S 239 57.18 9.38 15.00
C GLY S 239 57.90 8.73 16.16
N VAL S 240 59.08 8.17 15.90
CA VAL S 240 59.87 7.54 16.95
C VAL S 240 61.26 8.19 17.01
N LYS S 241 61.92 8.04 18.15
CA LYS S 241 63.24 8.62 18.31
C LYS S 241 64.27 7.60 17.87
N VAL S 242 64.80 7.81 16.67
CA VAL S 242 65.84 6.96 16.08
C VAL S 242 66.86 6.45 17.09
N GLU S 243 67.30 5.21 16.91
CA GLU S 243 68.32 4.66 17.78
C GLU S 243 69.57 5.46 17.40
N VAL S 244 70.56 4.76 16.86
CA VAL S 244 71.79 5.40 16.41
C VAL S 244 72.45 4.47 15.40
N ARG S 245 72.90 5.10 14.32
CA ARG S 245 73.57 4.48 13.18
C ARG S 245 73.72 2.97 13.00
N PRO S 246 73.64 2.53 11.74
CA PRO S 246 73.78 1.14 11.31
C PRO S 246 75.21 1.06 10.78
N GLU S 247 75.79 -0.13 10.79
CA GLU S 247 77.16 -0.29 10.32
C GLU S 247 77.14 -0.50 8.81
N LEU S 248 78.06 0.14 8.10
CA LEU S 248 78.13 -0.02 6.66
C LEU S 248 79.55 -0.28 6.24
N TYR S 249 79.84 -1.50 5.79
CA TYR S 249 81.18 -1.86 5.36
C TYR S 249 81.28 -1.85 3.86
N ASP S 250 82.49 -1.87 3.34
CA ASP S 250 82.68 -1.81 1.90
C ASP S 250 83.27 -3.08 1.30
N TYR S 251 82.47 -3.80 0.53
CA TYR S 251 82.90 -5.02 -0.12
C TYR S 251 82.57 -5.00 -1.60
N SER S 252 82.65 -3.82 -2.22
CA SER S 252 82.34 -3.65 -3.63
C SER S 252 83.39 -4.14 -4.62
N PHE S 253 84.64 -4.22 -4.18
CA PHE S 253 85.76 -4.67 -5.02
C PHE S 253 86.20 -3.67 -6.11
N GLY S 254 85.77 -2.41 -5.99
CA GLY S 254 86.12 -1.41 -6.99
C GLY S 254 84.99 -0.45 -7.29
N GLU S 255 83.82 -1.01 -7.60
CA GLU S 255 82.65 -0.19 -7.88
C GLU S 255 81.42 -1.08 -8.05
N TYR S 256 80.27 -0.42 -8.17
CA TYR S 256 78.98 -1.07 -8.37
C TYR S 256 79.10 -1.90 -9.64
N GLY S 257 78.54 -3.09 -9.61
CA GLY S 257 78.59 -3.92 -10.78
C GLY S 257 79.88 -4.66 -11.05
N LYS S 258 80.97 -4.31 -10.37
CA LYS S 258 82.22 -5.02 -10.64
C LYS S 258 82.22 -6.46 -10.13
N ILE S 259 82.51 -7.39 -11.05
CA ILE S 259 82.56 -8.82 -10.81
C ILE S 259 83.99 -9.31 -10.80
N THR S 260 84.40 -9.94 -9.71
CA THR S 260 85.75 -10.45 -9.58
C THR S 260 85.67 -11.94 -9.37
N GLY S 261 86.81 -12.62 -9.41
CA GLY S 261 86.84 -14.04 -9.20
C GLY S 261 86.55 -14.35 -7.75
N GLU S 262 86.52 -13.29 -6.94
CA GLU S 262 86.24 -13.41 -5.52
C GLU S 262 84.76 -13.70 -5.34
N VAL S 263 83.96 -12.82 -5.91
CA VAL S 263 82.52 -12.94 -5.86
C VAL S 263 82.09 -14.24 -6.53
N ALA S 264 82.73 -14.59 -7.64
CA ALA S 264 82.39 -15.81 -8.34
C ALA S 264 82.59 -17.01 -7.43
N GLN S 265 83.75 -17.08 -6.79
CA GLN S 265 84.09 -18.17 -5.89
C GLN S 265 83.04 -18.32 -4.81
N ILE S 266 82.70 -17.22 -4.14
CA ILE S 266 81.69 -17.28 -3.08
C ILE S 266 80.42 -17.96 -3.63
N ILE S 267 80.00 -17.54 -4.83
CA ILE S 267 78.80 -18.06 -5.48
C ILE S 267 78.85 -19.56 -5.72
N ARG S 268 80.01 -20.08 -6.06
CA ARG S 268 80.12 -21.52 -6.26
C ARG S 268 80.14 -22.33 -4.93
N LYS S 269 80.44 -21.68 -3.80
CA LYS S 269 80.46 -22.37 -2.49
C LYS S 269 79.08 -22.43 -1.91
N VAL S 270 78.46 -21.26 -1.78
CA VAL S 270 77.14 -21.14 -1.22
C VAL S 270 76.15 -22.03 -1.96
N GLY S 271 76.38 -22.24 -3.25
CA GLY S 271 75.49 -23.08 -4.03
C GLY S 271 75.78 -24.55 -3.92
N THR S 272 77.05 -24.89 -3.79
CA THR S 272 77.45 -26.29 -3.69
C THR S 272 77.67 -26.78 -2.27
N ARG S 273 77.57 -25.88 -1.29
CA ARG S 273 77.74 -26.29 0.10
C ARG S 273 76.42 -26.09 0.88
N GLU S 274 75.70 -25.02 0.56
CA GLU S 274 74.44 -24.72 1.23
C GLU S 274 73.20 -24.69 0.32
N GLY S 275 73.40 -25.02 -0.95
CA GLY S 275 72.31 -25.05 -1.92
C GLY S 275 71.53 -23.77 -2.17
N ILE S 276 72.11 -22.61 -1.90
CA ILE S 276 71.40 -21.37 -2.15
C ILE S 276 72.13 -20.54 -3.20
N ILE S 277 71.40 -20.06 -4.21
CA ILE S 277 72.02 -19.28 -5.26
C ILE S 277 72.02 -17.78 -4.95
N LEU S 278 73.22 -17.18 -4.96
CA LEU S 278 73.41 -15.76 -4.68
C LEU S 278 73.81 -15.04 -5.98
N ASP S 279 73.64 -13.72 -6.02
CA ASP S 279 73.98 -12.96 -7.23
C ASP S 279 75.32 -12.21 -7.20
N PRO S 280 76.00 -12.13 -8.35
CA PRO S 280 77.30 -11.45 -8.50
C PRO S 280 77.42 -9.96 -8.18
N VAL S 281 76.32 -9.21 -8.32
CA VAL S 281 76.35 -7.77 -8.05
C VAL S 281 75.88 -7.34 -6.67
N TYR S 282 74.95 -8.09 -6.09
CA TYR S 282 74.41 -7.76 -4.78
C TYR S 282 74.69 -8.72 -3.62
N THR S 283 73.81 -9.72 -3.46
CA THR S 283 73.90 -10.69 -2.35
C THR S 283 75.20 -11.48 -2.20
N GLY S 284 75.81 -11.89 -3.30
CA GLY S 284 77.04 -12.65 -3.21
C GLY S 284 78.14 -11.78 -2.66
N LYS S 285 78.13 -10.51 -3.08
CA LYS S 285 79.12 -9.56 -2.60
C LYS S 285 78.86 -9.36 -1.12
N ALA S 286 77.58 -9.36 -0.77
CA ALA S 286 77.18 -9.18 0.61
C ALA S 286 77.50 -10.37 1.50
N PHE S 287 77.37 -11.58 0.96
CA PHE S 287 77.65 -12.76 1.74
C PHE S 287 79.16 -12.83 1.89
N TYR S 288 79.89 -12.49 0.83
CA TYR S 288 81.35 -12.51 0.91
C TYR S 288 81.78 -11.61 2.07
N GLY S 289 81.10 -10.47 2.20
CA GLY S 289 81.42 -9.52 3.26
C GLY S 289 80.98 -10.03 4.62
N LEU S 290 80.17 -11.07 4.61
CA LEU S 290 79.66 -11.71 5.83
C LEU S 290 80.74 -12.65 6.37
N VAL S 291 81.17 -13.57 5.50
CA VAL S 291 82.18 -14.54 5.82
C VAL S 291 83.47 -13.85 6.22
N ASP S 292 83.94 -12.94 5.38
CA ASP S 292 85.17 -12.23 5.66
C ASP S 292 85.11 -11.40 6.93
N LEU S 293 83.91 -11.12 7.41
CA LEU S 293 83.79 -10.33 8.63
C LEU S 293 83.61 -11.25 9.85
N ALA S 294 83.05 -12.44 9.61
CA ALA S 294 82.80 -13.40 10.67
C ALA S 294 84.04 -14.22 10.98
N ARG S 295 84.98 -14.24 10.04
CA ARG S 295 86.23 -14.96 10.23
C ARG S 295 87.10 -14.15 11.18
N LYS S 296 86.80 -12.85 11.24
CA LYS S 296 87.55 -11.94 12.07
C LYS S 296 86.82 -11.65 13.36
N GLY S 297 85.79 -12.44 13.66
CA GLY S 297 85.02 -12.24 14.87
C GLY S 297 84.41 -10.86 14.90
N GLU S 298 84.09 -10.31 13.73
CA GLU S 298 83.51 -8.97 13.65
C GLU S 298 82.00 -8.87 13.56
N LEU S 299 81.29 -9.99 13.64
CA LEU S 299 79.83 -9.95 13.57
C LEU S 299 79.07 -10.70 14.64
N GLY S 300 79.75 -11.14 15.69
CA GLY S 300 79.08 -11.87 16.76
C GLY S 300 79.16 -13.39 16.59
N GLU S 301 78.19 -14.11 17.14
CA GLU S 301 78.17 -15.56 17.06
C GLU S 301 76.89 -16.02 16.39
N LYS S 302 75.92 -15.12 16.34
CA LYS S 302 74.64 -15.42 15.71
C LYS S 302 74.32 -14.31 14.72
N ILE S 303 74.47 -14.62 13.44
CA ILE S 303 74.26 -13.64 12.39
C ILE S 303 73.04 -13.98 11.53
N LEU S 304 72.28 -12.95 11.13
CA LEU S 304 71.12 -13.14 10.26
C LEU S 304 71.40 -12.44 8.92
N PHE S 305 71.65 -13.21 7.87
CA PHE S 305 71.87 -12.65 6.55
C PHE S 305 70.51 -12.61 5.85
N ILE S 306 70.09 -11.45 5.39
CA ILE S 306 68.82 -11.40 4.69
C ILE S 306 69.06 -11.71 3.22
N HIS S 307 68.54 -12.83 2.73
CA HIS S 307 68.70 -13.11 1.31
C HIS S 307 67.65 -12.18 0.69
N THR S 308 68.09 -11.39 -0.26
CA THR S 308 67.24 -10.42 -0.89
C THR S 308 67.06 -10.68 -2.38
N GLY S 309 67.22 -11.93 -2.76
CA GLY S 309 67.05 -12.35 -4.14
C GLY S 309 68.00 -11.80 -5.17
N GLY S 310 67.48 -11.55 -6.37
CA GLY S 310 68.32 -11.03 -7.43
C GLY S 310 68.85 -12.12 -8.34
N ILE S 311 68.20 -13.28 -8.29
CA ILE S 311 68.61 -14.44 -9.09
C ILE S 311 68.96 -14.13 -10.54
N SER S 312 68.40 -13.04 -11.07
CA SER S 312 68.64 -12.62 -12.44
C SER S 312 70.11 -12.38 -12.74
N GLY S 313 70.70 -11.47 -11.99
CA GLY S 313 72.11 -11.14 -12.16
C GLY S 313 73.04 -12.31 -12.40
N THR S 314 72.72 -13.46 -11.82
CA THR S 314 73.56 -14.63 -11.99
C THR S 314 73.49 -15.11 -13.43
N PHE S 315 72.34 -14.95 -14.06
CA PHE S 315 72.18 -15.32 -15.47
C PHE S 315 72.77 -14.19 -16.36
N HIS S 316 72.38 -12.96 -16.05
CA HIS S 316 72.83 -11.75 -16.73
C HIS S 316 74.33 -11.79 -17.02
N TYR S 317 75.12 -12.00 -15.96
CA TYR S 317 76.57 -12.03 -16.06
C TYR S 317 77.19 -13.39 -15.82
N GLY S 318 76.49 -14.44 -16.23
CA GLY S 318 77.00 -15.78 -16.05
C GLY S 318 78.26 -16.01 -16.83
N ASP S 319 78.40 -15.40 -18.00
CA ASP S 319 79.62 -15.62 -18.78
C ASP S 319 80.83 -14.91 -18.19
N LYS S 320 80.58 -13.93 -17.36
CA LYS S 320 81.63 -13.20 -16.69
C LYS S 320 82.10 -14.14 -15.58
N LEU S 321 81.15 -14.69 -14.85
CA LEU S 321 81.45 -15.61 -13.76
C LEU S 321 82.30 -16.79 -14.21
N LEU S 322 82.04 -17.30 -15.41
CA LEU S 322 82.79 -18.43 -15.92
C LEU S 322 84.20 -18.02 -16.31
N SER S 323 84.41 -16.73 -16.55
CA SER S 323 85.74 -16.26 -16.95
C SER S 323 86.66 -16.11 -15.74
N LEU S 324 86.07 -15.98 -14.57
CA LEU S 324 86.82 -15.84 -13.33
C LEU S 324 86.91 -17.20 -12.66
N LEU S 325 86.11 -18.15 -13.12
CA LEU S 325 86.10 -19.49 -12.54
C LEU S 325 87.00 -20.45 -13.31
N MET T 1 50.63 -32.51 7.38
CA MET T 1 50.77 -33.94 7.07
C MET T 1 49.58 -34.67 7.61
N HIS T 2 48.73 -35.17 6.70
CA HIS T 2 47.54 -35.91 7.07
C HIS T 2 47.98 -37.21 7.75
N PRO T 3 47.36 -37.54 8.90
CA PRO T 3 47.68 -38.73 9.67
C PRO T 3 47.96 -39.93 8.79
N LYS T 4 47.13 -40.14 7.78
CA LYS T 4 47.33 -41.27 6.91
C LYS T 4 48.65 -41.19 6.18
N ILE T 5 48.87 -40.09 5.46
CA ILE T 5 50.12 -39.91 4.70
C ILE T 5 51.30 -40.08 5.64
N PHE T 6 51.18 -39.50 6.83
CA PHE T 6 52.20 -39.58 7.86
C PHE T 6 52.53 -41.03 8.10
N ALA T 7 51.57 -41.74 8.69
CA ALA T 7 51.74 -43.14 9.02
C ALA T 7 52.28 -44.00 7.86
N LEU T 8 51.84 -43.72 6.64
CA LEU T 8 52.26 -44.49 5.47
C LEU T 8 53.63 -44.14 4.93
N LEU T 9 54.08 -42.91 5.16
CA LEU T 9 55.38 -42.47 4.68
C LEU T 9 56.48 -42.60 5.73
N ALA T 10 56.04 -42.73 6.97
CA ALA T 10 56.89 -42.84 8.15
C ALA T 10 58.12 -43.72 8.08
N LYS T 11 58.03 -44.88 7.43
CA LYS T 11 59.18 -45.80 7.36
C LYS T 11 60.18 -45.54 6.26
N PHE T 12 60.02 -44.45 5.51
CA PHE T 12 60.94 -44.17 4.43
C PHE T 12 61.93 -43.06 4.69
N PRO T 13 63.24 -43.37 4.49
CA PRO T 13 64.42 -42.55 4.66
C PRO T 13 64.52 -41.40 3.68
N ARG T 14 64.42 -40.17 4.17
CA ARG T 14 64.53 -39.04 3.28
C ARG T 14 65.40 -37.95 3.92
N VAL T 15 66.28 -37.35 3.11
CA VAL T 15 67.15 -36.27 3.56
C VAL T 15 66.22 -35.05 3.54
N GLU T 16 66.01 -34.40 4.68
CA GLU T 16 65.13 -33.24 4.72
C GLU T 16 65.70 -31.93 4.18
N LEU T 17 65.49 -31.64 2.89
CA LEU T 17 65.96 -30.42 2.25
C LEU T 17 65.05 -29.18 2.32
N ILE T 18 63.74 -29.36 2.53
CA ILE T 18 62.83 -28.22 2.60
C ILE T 18 62.45 -27.94 4.04
N PRO T 19 62.59 -26.69 4.48
CA PRO T 19 62.28 -26.28 5.85
C PRO T 19 60.85 -25.86 6.10
N TRP T 20 60.11 -25.55 5.04
CA TRP T 20 58.72 -25.11 5.21
C TRP T 20 57.71 -25.73 4.24
N GLU T 21 56.47 -25.28 4.34
CA GLU T 21 55.40 -25.73 3.44
C GLU T 21 55.23 -24.65 2.38
N THR T 22 55.45 -24.98 1.11
CA THR T 22 55.27 -24.00 0.05
C THR T 22 53.85 -23.46 0.11
N PRO T 23 53.69 -22.14 0.28
CA PRO T 23 52.36 -21.52 0.37
C PRO T 23 51.41 -21.80 -0.81
N ILE T 24 50.15 -21.42 -0.65
CA ILE T 24 49.11 -21.60 -1.66
C ILE T 24 48.45 -20.25 -1.89
N GLN T 25 48.59 -19.69 -3.09
CA GLN T 25 48.01 -18.39 -3.40
C GLN T 25 46.80 -18.44 -4.32
N TYR T 26 45.86 -17.55 -4.10
CA TYR T 26 44.70 -17.45 -4.97
C TYR T 26 45.11 -16.57 -6.15
N LEU T 27 44.57 -16.85 -7.33
CA LEU T 27 44.86 -16.09 -8.56
C LEU T 27 43.54 -15.45 -9.06
N PRO T 28 43.24 -14.24 -8.58
CA PRO T 28 42.06 -13.40 -8.85
C PRO T 28 41.88 -12.86 -10.27
N ASN T 29 42.97 -12.81 -11.01
CA ASN T 29 42.83 -12.32 -12.36
C ASN T 29 42.59 -13.48 -13.29
N ILE T 30 43.54 -14.41 -13.37
CA ILE T 30 43.36 -15.57 -14.24
C ILE T 30 42.12 -16.31 -13.75
N SER T 31 41.53 -15.77 -12.68
CA SER T 31 40.31 -16.33 -12.08
C SER T 31 39.08 -15.68 -12.73
N ARG T 32 39.08 -14.33 -12.80
CA ARG T 32 37.99 -13.54 -13.39
C ARG T 32 37.85 -13.86 -14.87
N GLU T 33 38.99 -14.06 -15.54
CA GLU T 33 39.01 -14.43 -16.95
C GLU T 33 38.39 -15.82 -16.90
N ILE T 34 39.23 -16.84 -17.07
CA ILE T 34 38.82 -18.26 -17.01
C ILE T 34 37.43 -18.53 -16.39
N GLY T 35 37.05 -17.82 -15.33
CA GLY T 35 35.73 -18.03 -14.72
C GLY T 35 35.72 -18.88 -13.45
N ALA T 36 36.63 -19.85 -13.40
CA ALA T 36 36.78 -20.76 -12.27
C ALA T 36 37.55 -20.16 -11.09
N ASP T 37 37.48 -20.80 -9.94
CA ASP T 37 38.22 -20.34 -8.76
C ASP T 37 39.55 -21.10 -8.83
N VAL T 38 40.66 -20.42 -9.12
CA VAL T 38 41.97 -21.09 -9.23
C VAL T 38 43.13 -20.56 -8.37
N TYR T 39 43.66 -21.43 -7.51
CA TYR T 39 44.76 -21.11 -6.61
C TYR T 39 46.07 -21.72 -7.07
N ILE T 40 47.17 -21.23 -6.51
CA ILE T 40 48.47 -21.74 -6.90
C ILE T 40 49.29 -22.13 -5.70
N LYS T 41 49.99 -23.25 -5.81
CA LYS T 41 50.87 -23.71 -4.75
C LYS T 41 52.28 -23.41 -5.24
N ARG T 42 53.00 -22.61 -4.45
CA ARG T 42 54.35 -22.17 -4.79
C ARG T 42 55.50 -23.13 -4.57
N ASP T 43 55.46 -24.28 -5.24
CA ASP T 43 56.53 -25.27 -5.11
C ASP T 43 57.81 -24.79 -5.80
N ASP T 44 57.75 -23.55 -6.30
CA ASP T 44 58.92 -22.96 -6.93
C ASP T 44 59.60 -22.16 -5.83
N LEU T 45 59.21 -22.47 -4.61
CA LEU T 45 59.75 -21.84 -3.43
C LEU T 45 60.21 -22.93 -2.47
N THR T 46 60.56 -24.09 -3.02
CA THR T 46 61.04 -25.15 -2.16
C THR T 46 62.40 -24.78 -1.59
N GLY T 47 63.08 -23.83 -2.22
CA GLY T 47 64.35 -23.36 -1.72
C GLY T 47 65.68 -23.82 -2.29
N LEU T 48 65.82 -25.11 -2.59
CA LEU T 48 67.09 -25.61 -3.10
C LEU T 48 67.38 -25.30 -4.56
N GLY T 49 68.23 -24.31 -4.77
CA GLY T 49 68.61 -23.90 -6.09
C GLY T 49 67.54 -22.99 -6.64
N ILE T 50 67.01 -23.37 -7.80
CA ILE T 50 65.98 -22.62 -8.49
C ILE T 50 64.61 -23.13 -8.07
N GLY T 51 64.59 -24.02 -7.08
CA GLY T 51 63.36 -24.58 -6.55
C GLY T 51 62.69 -25.65 -7.40
N GLY T 52 61.40 -25.86 -7.18
CA GLY T 52 60.70 -26.83 -7.97
C GLY T 52 60.49 -28.21 -7.40
N ASN T 53 59.66 -28.96 -8.12
CA ASN T 53 59.25 -30.32 -7.79
C ASN T 53 60.34 -31.36 -7.46
N LYS T 54 61.58 -31.15 -7.90
CA LYS T 54 62.61 -32.14 -7.61
C LYS T 54 63.18 -32.11 -6.19
N ILE T 55 63.09 -30.97 -5.54
CA ILE T 55 63.59 -30.85 -4.16
C ILE T 55 62.85 -31.87 -3.30
N ARG T 56 61.59 -32.13 -3.64
CA ARG T 56 60.76 -33.12 -2.94
C ARG T 56 61.15 -34.55 -3.28
N LYS T 57 61.63 -34.81 -4.47
CA LYS T 57 61.98 -36.18 -4.80
C LYS T 57 63.35 -36.53 -4.28
N LEU T 58 64.28 -35.59 -4.42
CA LEU T 58 65.66 -35.80 -4.00
C LEU T 58 65.79 -36.08 -2.51
N GLU T 59 64.80 -35.72 -1.71
CA GLU T 59 64.86 -35.99 -0.29
C GLU T 59 64.79 -37.51 -0.12
N TYR T 60 63.80 -38.12 -0.76
CA TYR T 60 63.65 -39.57 -0.70
C TYR T 60 64.74 -40.24 -1.53
N LEU T 61 65.09 -39.59 -2.64
CA LEU T 61 66.13 -40.04 -3.57
C LEU T 61 67.55 -39.93 -3.03
N LEU T 62 67.90 -38.76 -2.51
CA LEU T 62 69.22 -38.58 -1.93
C LEU T 62 69.14 -39.34 -0.62
N GLY T 63 67.91 -39.57 -0.17
CA GLY T 63 67.74 -40.33 1.04
C GLY T 63 68.44 -41.65 0.80
N ASP T 64 67.98 -42.38 -0.21
CA ASP T 64 68.54 -43.68 -0.53
C ASP T 64 70.01 -43.72 -0.93
N ALA T 65 70.47 -42.75 -1.71
CA ALA T 65 71.88 -42.73 -2.10
C ALA T 65 72.73 -42.84 -0.81
N LEU T 66 72.56 -41.88 0.10
CA LEU T 66 73.27 -41.89 1.38
C LEU T 66 73.12 -43.27 2.03
N SER T 67 71.92 -43.84 1.89
CA SER T 67 71.54 -45.14 2.46
C SER T 67 72.32 -46.31 1.89
N LYS T 68 72.48 -46.28 0.57
CA LYS T 68 73.23 -47.32 -0.14
C LYS T 68 74.59 -46.72 -0.32
N GLY T 69 75.14 -46.16 0.75
CA GLY T 69 76.45 -45.54 0.74
C GLY T 69 77.08 -45.25 -0.62
N ALA T 70 76.78 -44.08 -1.17
CA ALA T 70 77.31 -43.69 -2.47
C ALA T 70 78.19 -42.46 -2.30
N ASP T 71 79.19 -42.32 -3.16
CA ASP T 71 80.12 -41.19 -3.09
C ASP T 71 80.17 -40.40 -4.39
N VAL T 72 79.22 -40.64 -5.28
CA VAL T 72 79.16 -39.94 -6.55
C VAL T 72 77.83 -40.20 -7.27
N VAL T 73 76.95 -39.20 -7.22
CA VAL T 73 75.62 -39.29 -7.85
C VAL T 73 75.73 -39.14 -9.36
N ILE T 74 74.67 -39.52 -10.04
CA ILE T 74 74.60 -39.40 -11.49
C ILE T 74 73.13 -39.26 -11.87
N THR T 75 72.88 -38.60 -12.98
CA THR T 75 71.51 -38.44 -13.43
C THR T 75 71.51 -38.03 -14.89
N VAL T 76 70.34 -37.73 -15.43
CA VAL T 76 70.28 -37.32 -16.83
C VAL T 76 69.23 -36.28 -17.05
N GLY T 77 69.18 -35.82 -18.29
CA GLY T 77 68.23 -34.81 -18.69
C GLY T 77 68.78 -34.09 -19.89
N ALA T 78 67.97 -33.21 -20.47
CA ALA T 78 68.41 -32.42 -21.62
C ALA T 78 69.46 -31.43 -21.10
N VAL T 79 70.13 -30.73 -22.00
CA VAL T 79 71.15 -29.79 -21.59
C VAL T 79 70.59 -28.69 -20.72
N HIS T 80 69.27 -28.45 -20.84
CA HIS T 80 68.60 -27.41 -20.06
C HIS T 80 67.79 -28.02 -18.92
N SER T 81 68.24 -29.15 -18.39
CA SER T 81 67.56 -29.83 -17.29
C SER T 81 67.50 -29.09 -15.98
N ASN T 82 66.29 -29.01 -15.43
CA ASN T 82 66.02 -28.37 -14.15
C ASN T 82 66.38 -29.39 -13.09
N HIS T 83 66.29 -30.64 -13.50
CA HIS T 83 66.56 -31.78 -12.67
C HIS T 83 68.06 -32.01 -12.48
N ALA T 84 68.78 -32.17 -13.58
CA ALA T 84 70.23 -32.39 -13.52
C ALA T 84 70.93 -31.37 -12.64
N PHE T 85 70.54 -30.11 -12.74
CA PHE T 85 71.14 -29.04 -11.94
C PHE T 85 70.71 -29.27 -10.49
N VAL T 86 69.46 -29.00 -10.19
CA VAL T 86 68.96 -29.19 -8.85
C VAL T 86 69.46 -30.49 -8.20
N THR T 87 69.80 -31.47 -9.01
CA THR T 87 70.28 -32.74 -8.51
C THR T 87 71.76 -32.69 -8.11
N GLY T 88 72.60 -32.25 -9.04
CA GLY T 88 74.01 -32.17 -8.78
C GLY T 88 74.31 -31.20 -7.66
N LEU T 89 73.43 -30.23 -7.50
CA LEU T 89 73.62 -29.24 -6.46
C LEU T 89 73.36 -29.83 -5.07
N ALA T 90 72.17 -30.37 -4.86
CA ALA T 90 71.77 -30.97 -3.61
C ALA T 90 72.66 -32.15 -3.26
N ALA T 91 73.19 -32.84 -4.27
CA ALA T 91 74.07 -33.96 -4.05
C ALA T 91 75.42 -33.48 -3.49
N LYS T 92 75.87 -32.31 -3.96
CA LYS T 92 77.11 -31.69 -3.50
C LYS T 92 76.98 -31.06 -2.12
N LYS T 93 75.74 -30.75 -1.73
CA LYS T 93 75.41 -30.13 -0.44
C LYS T 93 75.38 -31.20 0.66
N LEU T 94 75.40 -32.44 0.20
CA LEU T 94 75.42 -33.61 1.07
C LEU T 94 76.79 -34.20 0.78
N GLY T 95 77.78 -33.31 0.78
CA GLY T 95 79.17 -33.67 0.53
C GLY T 95 79.40 -34.90 -0.31
N LEU T 96 78.88 -34.88 -1.55
CA LEU T 96 79.02 -35.99 -2.49
C LEU T 96 79.45 -35.47 -3.84
N ASP T 97 79.40 -36.35 -4.85
CA ASP T 97 79.76 -36.00 -6.21
C ASP T 97 78.58 -36.24 -7.12
N ALA T 98 78.65 -35.75 -8.35
CA ALA T 98 77.59 -35.93 -9.31
C ALA T 98 78.11 -35.69 -10.71
N ILE T 99 77.54 -36.41 -11.68
CA ILE T 99 77.93 -36.25 -13.05
C ILE T 99 76.64 -36.21 -13.84
N LEU T 100 76.21 -35.03 -14.24
CA LEU T 100 74.99 -34.86 -15.02
C LEU T 100 75.26 -35.36 -16.44
N VAL T 101 74.63 -36.46 -16.83
CA VAL T 101 74.80 -37.02 -18.17
C VAL T 101 73.66 -36.56 -19.08
N LEU T 102 73.79 -35.32 -19.54
CA LEU T 102 72.82 -34.64 -20.37
C LEU T 102 73.03 -34.85 -21.87
N ARG T 103 72.27 -34.09 -22.64
CA ARG T 103 72.30 -34.10 -24.10
C ARG T 103 71.78 -32.75 -24.53
N GLY T 104 72.17 -32.30 -25.71
CA GLY T 104 71.66 -31.04 -26.21
C GLY T 104 72.63 -30.01 -26.74
N LYS T 105 72.07 -28.83 -27.00
CA LYS T 105 72.80 -27.67 -27.52
C LYS T 105 73.64 -27.16 -26.36
N GLU T 106 74.95 -27.40 -26.42
CA GLU T 106 75.85 -26.98 -25.34
C GLU T 106 75.89 -25.49 -25.04
N GLU T 107 74.81 -24.78 -25.32
CA GLU T 107 74.75 -23.35 -25.06
C GLU T 107 75.03 -23.07 -23.60
N LEU T 108 75.57 -21.88 -23.33
CA LEU T 108 75.86 -21.44 -21.97
C LEU T 108 74.72 -20.53 -21.52
N LYS T 109 73.58 -21.13 -21.21
CA LYS T 109 72.40 -20.41 -20.76
C LYS T 109 71.48 -21.38 -20.06
N GLY T 110 70.59 -20.84 -19.23
CA GLY T 110 69.66 -21.66 -18.52
C GLY T 110 70.32 -22.41 -17.39
N ASN T 111 70.13 -23.73 -17.36
CA ASN T 111 70.71 -24.57 -16.32
C ASN T 111 72.09 -25.07 -16.68
N TYR T 112 72.41 -25.07 -17.97
CA TYR T 112 73.72 -25.52 -18.34
C TYR T 112 74.63 -24.46 -17.76
N LEU T 113 74.28 -23.19 -17.97
CA LEU T 113 75.11 -22.09 -17.44
C LEU T 113 75.28 -22.30 -15.93
N LEU T 114 74.17 -22.51 -15.25
CA LEU T 114 74.18 -22.77 -13.82
C LEU T 114 74.94 -24.05 -13.45
N ASP T 115 75.10 -24.98 -14.39
CA ASP T 115 75.84 -26.20 -14.12
C ASP T 115 77.34 -25.86 -14.08
N LYS T 116 77.86 -25.39 -15.20
CA LYS T 116 79.26 -25.05 -15.28
C LYS T 116 79.60 -24.07 -14.17
N ILE T 117 78.70 -23.11 -13.96
CA ILE T 117 78.87 -22.09 -12.93
C ILE T 117 79.09 -22.69 -11.54
N MET T 118 78.22 -23.58 -11.10
CA MET T 118 78.34 -24.21 -9.78
C MET T 118 79.35 -25.36 -9.68
N GLY T 119 80.09 -25.60 -10.75
CA GLY T 119 81.09 -26.66 -10.73
C GLY T 119 80.55 -28.06 -10.94
N ILE T 120 79.29 -28.18 -11.30
CA ILE T 120 78.71 -29.48 -11.52
C ILE T 120 79.23 -30.07 -12.83
N GLU T 121 79.97 -31.17 -12.70
CA GLU T 121 80.56 -31.84 -13.85
C GLU T 121 79.50 -32.23 -14.87
N THR T 122 79.83 -32.08 -16.14
CA THR T 122 78.87 -32.39 -17.18
C THR T 122 79.53 -33.18 -18.28
N ARG T 123 78.75 -34.03 -18.93
CA ARG T 123 79.22 -34.83 -20.04
C ARG T 123 78.05 -34.91 -20.99
N VAL T 124 78.12 -34.19 -22.10
CA VAL T 124 77.05 -34.18 -23.08
C VAL T 124 77.28 -35.18 -24.21
N TYR T 125 76.52 -36.27 -24.19
CA TYR T 125 76.66 -37.27 -25.23
C TYR T 125 75.46 -37.10 -26.18
N ASP T 126 75.73 -37.19 -27.48
CA ASP T 126 74.69 -37.09 -28.49
C ASP T 126 74.04 -38.46 -28.57
N ALA T 127 72.86 -38.58 -27.96
CA ALA T 127 72.09 -39.83 -27.95
C ALA T 127 70.60 -39.52 -28.14
N LYS T 128 69.95 -40.29 -29.00
CA LYS T 128 68.53 -40.13 -29.27
C LYS T 128 67.86 -39.49 -28.06
N ASP T 129 67.23 -38.33 -28.28
CA ASP T 129 66.53 -37.56 -27.23
C ASP T 129 65.59 -38.51 -26.46
N SER T 130 65.74 -39.80 -26.67
CA SER T 130 64.90 -40.79 -26.02
C SER T 130 65.37 -41.00 -24.59
N PHE T 131 65.98 -39.98 -24.00
CA PHE T 131 66.47 -40.04 -22.63
C PHE T 131 66.98 -41.43 -22.24
N GLU T 132 67.61 -42.13 -23.20
CA GLU T 132 68.18 -43.45 -22.96
C GLU T 132 69.68 -43.28 -22.65
N LEU T 133 70.06 -42.01 -22.44
CA LEU T 133 71.43 -41.61 -22.12
C LEU T 133 71.87 -42.52 -21.00
N MET T 134 70.86 -43.11 -20.37
CA MET T 134 70.99 -44.04 -19.27
C MET T 134 72.02 -45.14 -19.47
N LYS T 135 72.40 -45.42 -20.71
CA LYS T 135 73.43 -46.45 -20.85
C LYS T 135 74.69 -45.70 -20.37
N TYR T 136 74.98 -44.57 -21.04
CA TYR T 136 76.15 -43.74 -20.71
C TYR T 136 76.21 -43.51 -19.22
N ALA T 137 75.06 -43.25 -18.64
CA ALA T 137 75.00 -43.03 -17.22
C ALA T 137 75.48 -44.31 -16.57
N GLU T 138 74.84 -45.41 -16.93
CA GLU T 138 75.18 -46.71 -16.36
C GLU T 138 76.57 -47.18 -16.76
N GLU T 139 76.98 -46.83 -17.97
CA GLU T 139 78.29 -47.23 -18.45
C GLU T 139 79.36 -46.61 -17.56
N ILE T 140 79.30 -45.28 -17.47
CA ILE T 140 80.23 -44.50 -16.66
C ILE T 140 80.40 -45.14 -15.30
N ALA T 141 79.31 -45.16 -14.52
CA ALA T 141 79.31 -45.74 -13.19
C ALA T 141 80.07 -47.06 -13.17
N GLU T 142 79.66 -47.94 -14.07
CA GLU T 142 80.24 -49.26 -14.23
C GLU T 142 81.77 -49.24 -14.43
N GLU T 143 82.35 -48.04 -14.41
CA GLU T 143 83.78 -47.83 -14.60
C GLU T 143 84.35 -47.22 -13.32
N LEU T 144 83.65 -46.22 -12.79
CA LEU T 144 84.08 -45.56 -11.57
C LEU T 144 84.08 -46.65 -10.51
N LYS T 145 83.12 -47.55 -10.68
CA LYS T 145 82.92 -48.72 -9.82
C LYS T 145 84.27 -49.41 -9.82
N ARG T 146 84.97 -49.34 -10.95
CA ARG T 146 86.27 -49.99 -11.08
C ARG T 146 87.37 -49.06 -10.56
N GLU T 147 87.07 -48.38 -9.47
CA GLU T 147 88.01 -47.48 -8.82
C GLU T 147 87.57 -47.32 -7.36
N GLY T 148 86.66 -48.19 -6.94
CA GLY T 148 86.16 -48.16 -5.57
C GLY T 148 85.01 -47.19 -5.34
N ARG T 149 84.90 -46.19 -6.22
CA ARG T 149 83.86 -45.17 -6.12
C ARG T 149 82.46 -45.71 -6.40
N LYS T 150 81.64 -45.74 -5.36
CA LYS T 150 80.27 -46.23 -5.46
C LYS T 150 79.39 -45.17 -6.10
N PRO T 151 78.73 -45.50 -7.20
CA PRO T 151 77.87 -44.52 -7.86
C PRO T 151 76.41 -44.81 -7.60
N TYR T 152 75.57 -43.79 -7.76
CA TYR T 152 74.14 -43.94 -7.57
C TYR T 152 73.45 -43.18 -8.69
N VAL T 153 72.98 -43.92 -9.67
CA VAL T 153 72.31 -43.33 -10.81
C VAL T 153 70.83 -43.06 -10.58
N ILE T 154 70.44 -41.82 -10.74
CA ILE T 154 69.07 -41.43 -10.59
C ILE T 154 68.52 -41.45 -12.00
N PRO T 155 67.22 -41.80 -12.14
CA PRO T 155 66.53 -41.88 -13.42
C PRO T 155 65.96 -40.54 -13.87
N PRO T 156 65.71 -40.39 -15.18
CA PRO T 156 65.16 -39.17 -15.73
C PRO T 156 64.04 -38.70 -14.83
N GLY T 157 64.02 -37.40 -14.51
CA GLY T 157 62.98 -36.84 -13.67
C GLY T 157 62.91 -37.23 -12.20
N GLY T 158 63.79 -38.12 -11.77
CA GLY T 158 63.78 -38.55 -10.39
C GLY T 158 62.71 -39.61 -10.28
N ALA T 159 62.02 -39.84 -11.39
CA ALA T 159 60.93 -40.81 -11.48
C ALA T 159 61.33 -42.19 -10.97
N SER T 160 61.51 -42.27 -9.66
CA SER T 160 61.88 -43.50 -9.00
C SER T 160 60.71 -43.79 -8.08
N PRO T 161 60.30 -45.06 -7.95
CA PRO T 161 59.17 -45.32 -7.06
C PRO T 161 59.44 -44.60 -5.75
N ILE T 162 60.61 -44.85 -5.18
CA ILE T 162 61.01 -44.22 -3.94
C ILE T 162 60.88 -42.73 -4.18
N GLY T 163 61.33 -42.29 -5.36
CA GLY T 163 61.28 -40.90 -5.73
C GLY T 163 59.89 -40.32 -5.88
N THR T 164 58.90 -41.16 -6.19
CA THR T 164 57.54 -40.69 -6.37
C THR T 164 56.88 -40.30 -5.05
N LEU T 165 57.40 -40.88 -3.97
CA LEU T 165 56.90 -40.63 -2.64
C LEU T 165 56.98 -39.15 -2.29
N GLY T 166 57.81 -38.41 -3.03
CA GLY T 166 57.95 -36.98 -2.78
C GLY T 166 56.67 -36.17 -2.86
N TYR T 167 55.94 -36.32 -3.95
CA TYR T 167 54.70 -35.59 -4.08
C TYR T 167 53.60 -36.30 -3.34
N VAL T 168 53.87 -37.52 -2.90
CA VAL T 168 52.89 -38.26 -2.10
C VAL T 168 52.82 -37.45 -0.82
N ARG T 169 54.00 -37.05 -0.35
CA ARG T 169 54.18 -36.25 0.85
C ARG T 169 53.61 -34.87 0.58
N ALA T 170 53.73 -34.44 -0.68
CA ALA T 170 53.22 -33.15 -1.13
C ALA T 170 51.70 -33.03 -1.01
N VAL T 171 50.96 -34.03 -1.47
CA VAL T 171 49.52 -33.96 -1.37
C VAL T 171 49.16 -34.07 0.11
N GLY T 172 49.99 -34.79 0.85
CA GLY T 172 49.77 -34.95 2.27
C GLY T 172 49.87 -33.60 2.95
N GLU T 173 50.76 -32.76 2.42
CA GLU T 173 50.94 -31.42 2.96
C GLU T 173 49.73 -30.59 2.57
N ILE T 174 49.46 -30.52 1.28
CA ILE T 174 48.31 -29.76 0.78
C ILE T 174 47.07 -29.94 1.63
N ALA T 175 46.77 -31.19 1.96
CA ALA T 175 45.61 -31.52 2.79
C ALA T 175 45.63 -30.78 4.13
N THR T 176 46.82 -30.57 4.69
CA THR T 176 47.00 -29.86 5.98
C THR T 176 46.77 -28.37 5.87
N GLN T 177 47.62 -27.74 5.06
CA GLN T 177 47.60 -26.30 4.83
C GLN T 177 46.30 -25.76 4.24
N SER T 178 45.76 -26.46 3.24
CA SER T 178 44.55 -26.03 2.54
C SER T 178 43.29 -25.67 3.32
N GLU T 179 42.69 -24.54 2.92
CA GLU T 179 41.46 -24.03 3.49
C GLU T 179 40.36 -24.20 2.41
N VAL T 180 40.71 -24.93 1.35
CA VAL T 180 39.81 -25.15 0.23
C VAL T 180 39.81 -26.60 -0.27
N LYS T 181 38.70 -26.97 -0.90
CA LYS T 181 38.45 -28.28 -1.45
C LYS T 181 38.67 -28.30 -2.96
N PHE T 182 39.51 -29.20 -3.45
CA PHE T 182 39.80 -29.28 -4.88
C PHE T 182 39.18 -30.45 -5.63
N ASP T 183 38.87 -30.18 -6.90
CA ASP T 183 38.25 -31.14 -7.81
C ASP T 183 39.34 -31.74 -8.65
N SER T 184 40.31 -30.91 -9.01
CA SER T 184 41.48 -31.31 -9.79
C SER T 184 42.68 -30.53 -9.25
N ILE T 185 43.87 -31.00 -9.61
CA ILE T 185 45.10 -30.37 -9.19
C ILE T 185 46.00 -30.53 -10.39
N VAL T 186 46.39 -29.44 -11.01
CA VAL T 186 47.23 -29.57 -12.19
C VAL T 186 48.70 -29.30 -11.92
N VAL T 187 49.53 -30.16 -12.50
CA VAL T 187 50.98 -30.12 -12.39
C VAL T 187 51.44 -30.51 -13.78
N ALA T 188 52.61 -30.04 -14.22
CA ALA T 188 53.10 -30.38 -15.55
C ALA T 188 53.10 -31.88 -15.73
N ALA T 189 54.00 -32.40 -16.58
CA ALA T 189 54.09 -33.84 -16.79
C ALA T 189 55.20 -34.16 -17.75
N GLY T 190 56.30 -34.68 -17.23
CA GLY T 190 57.43 -35.04 -18.05
C GLY T 190 57.67 -36.50 -17.79
N SER T 191 58.73 -36.82 -17.05
CA SER T 191 59.06 -38.19 -16.72
C SER T 191 57.84 -38.89 -16.14
N GLY T 192 56.96 -38.09 -15.54
CA GLY T 192 55.77 -38.64 -14.95
C GLY T 192 55.83 -38.56 -13.43
N GLY T 193 57.00 -38.83 -12.89
CA GLY T 193 57.22 -38.80 -11.46
C GLY T 193 56.33 -37.92 -10.59
N THR T 194 56.16 -36.66 -10.95
CA THR T 194 55.35 -35.73 -10.15
C THR T 194 53.86 -36.08 -10.07
N LEU T 195 53.21 -36.25 -11.22
CA LEU T 195 51.79 -36.58 -11.23
C LEU T 195 51.59 -37.92 -10.51
N ALA T 196 52.50 -38.87 -10.75
CA ALA T 196 52.40 -40.19 -10.14
C ALA T 196 52.28 -40.12 -8.62
N GLY T 197 53.22 -39.42 -7.99
CA GLY T 197 53.19 -39.29 -6.54
C GLY T 197 51.96 -38.54 -6.09
N LEU T 198 51.51 -37.63 -6.93
CA LEU T 198 50.33 -36.84 -6.66
C LEU T 198 49.21 -37.86 -6.66
N SER T 199 49.20 -38.67 -7.72
CA SER T 199 48.21 -39.72 -7.92
C SER T 199 48.01 -40.56 -6.66
N LEU T 200 48.98 -41.44 -6.40
CA LEU T 200 48.97 -42.32 -5.23
C LEU T 200 48.51 -41.53 -4.00
N GLY T 201 49.03 -40.30 -3.88
CA GLY T 201 48.68 -39.42 -2.78
C GLY T 201 47.20 -39.17 -2.60
N LEU T 202 46.56 -38.51 -3.58
CA LEU T 202 45.13 -38.24 -3.48
C LEU T 202 44.36 -39.54 -3.31
N SER T 203 44.86 -40.61 -3.92
CA SER T 203 44.22 -41.92 -3.82
C SER T 203 44.11 -42.28 -2.33
N ILE T 204 45.25 -42.33 -1.66
CA ILE T 204 45.28 -42.65 -0.24
C ILE T 204 44.37 -41.74 0.55
N LEU T 205 44.26 -40.48 0.15
CA LEU T 205 43.39 -39.58 0.88
C LEU T 205 41.94 -39.84 0.48
N ASN T 206 41.78 -40.53 -0.64
CA ASN T 206 40.47 -40.86 -1.18
C ASN T 206 39.58 -39.64 -1.02
N GLU T 207 40.10 -38.49 -1.41
CA GLU T 207 39.32 -37.27 -1.36
C GLU T 207 38.59 -37.39 -2.68
N ASP T 208 37.70 -36.45 -2.96
CA ASP T 208 37.08 -36.48 -4.26
C ASP T 208 37.96 -35.43 -4.95
N ILE T 209 39.17 -35.84 -5.39
CA ILE T 209 40.08 -34.91 -6.04
C ILE T 209 40.88 -35.53 -7.18
N ARG T 210 40.90 -34.83 -8.32
CA ARG T 210 41.57 -35.29 -9.53
C ARG T 210 43.02 -34.89 -9.78
N PRO T 211 43.84 -35.84 -10.22
CA PRO T 211 45.27 -35.69 -10.53
C PRO T 211 45.48 -35.51 -12.04
N VAL T 212 45.62 -34.26 -12.49
CA VAL T 212 45.80 -33.97 -13.92
C VAL T 212 47.18 -33.46 -14.32
N GLY T 213 47.79 -34.16 -15.28
CA GLY T 213 49.10 -33.75 -15.75
C GLY T 213 49.21 -33.26 -17.19
N ILE T 214 49.15 -31.94 -17.38
CA ILE T 214 49.29 -31.34 -18.70
C ILE T 214 50.67 -31.76 -19.17
N ALA T 215 50.76 -32.58 -20.20
CA ALA T 215 52.08 -33.01 -20.67
C ALA T 215 52.85 -31.93 -21.45
N VAL T 216 54.07 -32.24 -21.82
CA VAL T 216 54.90 -31.28 -22.53
C VAL T 216 55.79 -31.98 -23.56
N GLY T 217 55.49 -33.23 -23.85
CA GLY T 217 56.30 -33.95 -24.82
C GLY T 217 55.61 -35.08 -25.57
N ARG T 218 56.25 -36.24 -25.56
CA ARG T 218 55.76 -37.45 -26.20
C ARG T 218 54.31 -37.68 -25.79
N PHE T 219 53.97 -38.91 -25.40
CA PHE T 219 52.60 -39.25 -24.97
C PHE T 219 52.23 -40.66 -25.42
N GLY T 220 50.93 -40.96 -25.38
CA GLY T 220 50.45 -42.28 -25.78
C GLY T 220 51.07 -43.40 -24.97
N GLU T 221 50.67 -44.64 -25.29
CA GLU T 221 51.14 -45.86 -24.63
C GLU T 221 52.34 -45.65 -23.72
N VAL T 222 53.51 -46.03 -24.24
CA VAL T 222 54.81 -45.90 -23.55
C VAL T 222 54.71 -45.07 -22.27
N MET T 223 54.66 -43.75 -22.41
CA MET T 223 54.57 -42.86 -21.26
C MET T 223 53.35 -43.25 -20.40
N THR T 224 52.15 -42.93 -20.90
CA THR T 224 50.87 -43.17 -20.24
C THR T 224 50.77 -44.54 -19.55
N SER T 225 51.17 -45.59 -20.25
CA SER T 225 51.15 -46.95 -19.71
C SER T 225 52.21 -47.09 -18.61
N LYS T 226 53.43 -46.62 -18.90
CA LYS T 226 54.54 -46.67 -17.95
C LYS T 226 54.24 -45.89 -16.67
N LEU T 227 53.39 -44.86 -16.78
CA LEU T 227 53.00 -44.04 -15.62
C LEU T 227 52.13 -44.84 -14.68
N ASP T 228 51.44 -45.84 -15.22
CA ASP T 228 50.55 -46.67 -14.43
C ASP T 228 51.35 -47.59 -13.53
N ASN T 229 52.29 -48.30 -14.15
CA ASN T 229 53.16 -49.24 -13.44
C ASN T 229 53.97 -48.48 -12.39
N LEU T 230 54.16 -47.19 -12.65
CA LEU T 230 54.91 -46.37 -11.73
C LEU T 230 54.13 -46.22 -10.44
N ILE T 231 52.89 -45.73 -10.55
CA ILE T 231 52.06 -45.54 -9.38
C ILE T 231 51.52 -46.84 -8.79
N LYS T 232 52.04 -47.96 -9.26
CA LYS T 232 51.64 -49.27 -8.72
C LYS T 232 52.81 -49.71 -7.85
N GLU T 233 54.00 -49.59 -8.42
CA GLU T 233 55.23 -49.93 -7.71
C GLU T 233 55.30 -49.08 -6.46
N ALA T 234 54.91 -47.82 -6.60
CA ALA T 234 54.93 -46.91 -5.47
C ALA T 234 53.91 -47.35 -4.46
N ALA T 235 52.71 -47.64 -4.93
CA ALA T 235 51.60 -48.07 -4.09
C ALA T 235 51.98 -49.29 -3.27
N GLU T 236 52.80 -50.17 -3.85
CA GLU T 236 53.24 -51.35 -3.12
C GLU T 236 54.16 -50.90 -1.99
N LEU T 237 55.08 -50.01 -2.36
CA LEU T 237 56.03 -49.45 -1.42
C LEU T 237 55.33 -49.06 -0.13
N LEU T 238 54.13 -48.51 -0.26
CA LEU T 238 53.30 -48.07 0.86
C LEU T 238 52.23 -49.09 1.22
N GLY T 239 52.26 -50.26 0.56
CA GLY T 239 51.27 -51.29 0.82
C GLY T 239 49.84 -50.77 0.70
N VAL T 240 49.63 -49.84 -0.24
CA VAL T 240 48.33 -49.25 -0.45
C VAL T 240 47.70 -49.70 -1.76
N LYS T 241 46.46 -49.26 -1.97
CA LYS T 241 45.69 -49.61 -3.17
C LYS T 241 45.51 -48.44 -4.17
N VAL T 242 45.62 -48.74 -5.46
CA VAL T 242 45.45 -47.71 -6.50
C VAL T 242 43.98 -47.51 -6.93
N GLU T 243 43.52 -46.28 -6.74
CA GLU T 243 42.15 -45.90 -7.07
C GLU T 243 42.08 -45.40 -8.50
N VAL T 244 42.41 -46.28 -9.45
CA VAL T 244 42.35 -45.92 -10.86
C VAL T 244 43.22 -44.70 -11.19
N ARG T 245 44.00 -44.83 -12.28
CA ARG T 245 44.90 -43.77 -12.73
C ARG T 245 44.35 -42.31 -12.80
N PRO T 246 45.24 -41.35 -13.14
CA PRO T 246 44.95 -39.91 -13.26
C PRO T 246 44.67 -39.43 -14.69
N GLU T 247 44.28 -38.17 -14.82
CA GLU T 247 44.03 -37.60 -16.14
C GLU T 247 45.38 -37.06 -16.63
N LEU T 248 45.51 -36.89 -17.94
CA LEU T 248 46.77 -36.42 -18.53
C LEU T 248 46.55 -36.16 -20.01
N TYR T 249 46.42 -34.88 -20.37
CA TYR T 249 46.20 -34.55 -21.77
C TYR T 249 47.45 -34.04 -22.42
N ASP T 250 47.29 -33.56 -23.63
CA ASP T 250 48.40 -33.04 -24.39
C ASP T 250 48.35 -31.52 -24.47
N TYR T 251 49.53 -30.94 -24.51
CA TYR T 251 49.74 -29.51 -24.61
C TYR T 251 51.25 -29.36 -24.80
N SER T 252 51.82 -30.28 -25.59
CA SER T 252 53.23 -30.29 -25.87
C SER T 252 53.55 -29.43 -27.10
N PHE T 253 52.59 -29.38 -28.04
CA PHE T 253 52.71 -28.61 -29.29
C PHE T 253 53.69 -29.23 -30.29
N GLY T 254 53.45 -30.47 -30.65
CA GLY T 254 54.31 -31.13 -31.63
C GLY T 254 55.46 -31.89 -30.99
N GLU T 255 56.18 -31.20 -30.10
CA GLU T 255 57.31 -31.80 -29.41
C GLU T 255 57.58 -31.23 -28.02
N TYR T 256 58.72 -31.62 -27.48
CA TYR T 256 59.19 -31.18 -26.17
C TYR T 256 60.23 -30.08 -26.38
N GLY T 257 60.12 -29.01 -25.59
CA GLY T 257 61.08 -27.93 -25.66
C GLY T 257 60.90 -26.87 -26.73
N LYS T 258 59.98 -27.12 -27.65
CA LYS T 258 59.65 -26.20 -28.74
C LYS T 258 58.82 -25.07 -28.14
N ILE T 259 59.18 -23.82 -28.40
CA ILE T 259 58.41 -22.69 -27.86
C ILE T 259 57.48 -22.11 -28.91
N THR T 260 56.21 -21.95 -28.52
CA THR T 260 55.18 -21.44 -29.41
C THR T 260 54.82 -20.04 -28.91
N GLY T 261 53.88 -19.39 -29.58
CA GLY T 261 53.46 -18.06 -29.17
C GLY T 261 52.45 -18.19 -28.06
N GLU T 262 51.80 -19.35 -28.02
CA GLU T 262 50.81 -19.64 -27.00
C GLU T 262 51.58 -19.62 -25.70
N VAL T 263 52.58 -20.52 -25.65
CA VAL T 263 53.45 -20.65 -24.50
C VAL T 263 53.95 -19.28 -24.13
N ALA T 264 54.34 -18.52 -25.14
CA ALA T 264 54.85 -17.16 -24.93
C ALA T 264 53.80 -16.20 -24.41
N GLN T 265 52.65 -16.16 -25.08
CA GLN T 265 51.57 -15.27 -24.67
C GLN T 265 51.12 -15.63 -23.26
N ILE T 266 51.00 -16.92 -23.02
CA ILE T 266 50.58 -17.40 -21.72
C ILE T 266 51.53 -16.90 -20.62
N ILE T 267 52.84 -17.11 -20.81
CA ILE T 267 53.83 -16.65 -19.83
C ILE T 267 53.75 -15.15 -19.52
N ARG T 268 53.30 -14.32 -20.47
CA ARG T 268 53.21 -12.89 -20.20
C ARG T 268 51.98 -12.44 -19.43
N LYS T 269 50.92 -13.25 -19.40
CA LYS T 269 49.69 -12.87 -18.67
C LYS T 269 49.70 -13.31 -17.20
N VAL T 270 50.44 -14.38 -16.92
CA VAL T 270 50.52 -14.84 -15.54
C VAL T 270 51.36 -13.85 -14.76
N GLY T 271 52.41 -13.34 -15.41
CA GLY T 271 53.28 -12.38 -14.75
C GLY T 271 52.72 -10.98 -14.66
N THR T 272 52.40 -10.39 -15.80
CA THR T 272 51.87 -9.02 -15.83
C THR T 272 50.47 -8.92 -15.23
N ARG T 273 49.87 -10.05 -14.90
CA ARG T 273 48.53 -10.06 -14.33
C ARG T 273 48.50 -10.71 -12.96
N GLU T 274 49.34 -11.72 -12.72
CA GLU T 274 49.38 -12.40 -11.42
C GLU T 274 50.69 -12.26 -10.67
N GLY T 275 51.67 -11.64 -11.31
CA GLY T 275 52.97 -11.47 -10.68
C GLY T 275 53.70 -12.78 -10.41
N ILE T 276 53.55 -13.77 -11.30
CA ILE T 276 54.21 -15.06 -11.14
C ILE T 276 54.88 -15.48 -12.43
N ILE T 277 56.04 -16.14 -12.34
CA ILE T 277 56.80 -16.55 -13.51
C ILE T 277 56.83 -18.05 -13.82
N LEU T 278 56.28 -18.44 -14.97
CA LEU T 278 56.24 -19.83 -15.38
C LEU T 278 57.29 -20.00 -16.45
N ASP T 279 57.46 -21.20 -16.99
CA ASP T 279 58.48 -21.41 -18.02
C ASP T 279 58.00 -21.99 -19.35
N PRO T 280 58.64 -21.59 -20.47
CA PRO T 280 58.23 -22.11 -21.78
C PRO T 280 58.01 -23.64 -21.85
N VAL T 281 59.03 -24.43 -21.56
CA VAL T 281 58.90 -25.89 -21.64
C VAL T 281 57.94 -26.62 -20.67
N TYR T 282 57.77 -26.16 -19.42
CA TYR T 282 56.86 -26.85 -18.46
C TYR T 282 55.68 -26.04 -17.87
N THR T 283 55.88 -25.43 -16.71
CA THR T 283 54.82 -24.66 -16.05
C THR T 283 54.10 -23.64 -16.94
N GLY T 284 54.76 -23.16 -17.98
CA GLY T 284 54.15 -22.20 -18.88
C GLY T 284 53.07 -22.84 -19.71
N LYS T 285 53.40 -24.00 -20.31
CA LYS T 285 52.47 -24.76 -21.12
C LYS T 285 51.40 -25.29 -20.19
N ALA T 286 51.86 -25.86 -19.09
CA ALA T 286 50.97 -26.41 -18.10
C ALA T 286 49.85 -25.45 -17.68
N PHE T 287 50.16 -24.17 -17.47
CA PHE T 287 49.13 -23.23 -17.03
C PHE T 287 48.28 -22.79 -18.20
N TYR T 288 48.69 -23.19 -19.39
CA TYR T 288 47.94 -22.89 -20.60
C TYR T 288 46.91 -24.03 -20.70
N GLY T 289 47.25 -25.19 -20.15
CA GLY T 289 46.32 -26.30 -20.13
C GLY T 289 45.20 -25.94 -19.16
N LEU T 290 45.56 -25.69 -17.91
CA LEU T 290 44.59 -25.30 -16.90
C LEU T 290 43.58 -24.34 -17.57
N VAL T 291 44.09 -23.27 -18.20
CA VAL T 291 43.24 -22.27 -18.86
C VAL T 291 42.23 -22.93 -19.82
N ASP T 292 42.77 -23.67 -20.79
CA ASP T 292 41.95 -24.37 -21.77
C ASP T 292 40.89 -25.20 -21.04
N LEU T 293 41.24 -26.40 -20.59
CA LEU T 293 40.29 -27.28 -19.88
C LEU T 293 39.42 -26.54 -18.89
N ALA T 294 39.91 -25.45 -18.31
CA ALA T 294 39.08 -24.68 -17.37
C ALA T 294 38.16 -23.77 -18.19
N ARG T 295 38.60 -23.42 -19.39
CA ARG T 295 37.82 -22.58 -20.29
C ARG T 295 36.72 -23.45 -20.89
N LYS T 296 36.87 -24.77 -20.73
CA LYS T 296 35.89 -25.74 -21.20
C LYS T 296 35.22 -26.37 -19.97
N GLY T 297 35.30 -25.67 -18.83
CA GLY T 297 34.72 -26.13 -17.58
C GLY T 297 35.03 -27.59 -17.21
N GLU T 298 36.08 -28.17 -17.79
CA GLU T 298 36.46 -29.56 -17.53
C GLU T 298 37.18 -29.86 -16.21
N LEU T 299 37.48 -28.84 -15.42
CA LEU T 299 38.21 -29.07 -14.17
C LEU T 299 37.48 -28.61 -12.90
N GLY T 300 36.16 -28.53 -12.97
CA GLY T 300 35.40 -28.11 -11.82
C GLY T 300 35.68 -26.67 -11.46
N GLU T 301 34.88 -26.10 -10.58
CA GLU T 301 35.04 -24.71 -10.18
C GLU T 301 36.26 -24.45 -9.30
N LYS T 302 36.91 -25.52 -8.84
CA LYS T 302 38.09 -25.39 -7.98
C LYS T 302 39.30 -26.19 -8.46
N ILE T 303 40.30 -25.42 -8.89
CA ILE T 303 41.55 -25.95 -9.43
C ILE T 303 42.77 -25.35 -8.73
N LEU T 304 43.71 -26.23 -8.39
CA LEU T 304 44.95 -25.85 -7.72
C LEU T 304 46.08 -26.13 -8.69
N PHE T 305 46.75 -25.08 -9.14
CA PHE T 305 47.86 -25.31 -10.02
C PHE T 305 49.13 -25.41 -9.18
N ILE T 306 49.89 -26.48 -9.38
CA ILE T 306 51.14 -26.68 -8.66
C ILE T 306 52.28 -26.16 -9.50
N HIS T 307 52.80 -25.00 -9.13
CA HIS T 307 53.90 -24.41 -9.88
C HIS T 307 55.13 -25.21 -9.53
N THR T 308 55.70 -25.90 -10.52
CA THR T 308 56.86 -26.72 -10.24
C THR T 308 58.24 -26.16 -10.55
N GLY T 309 58.33 -24.84 -10.69
CA GLY T 309 59.62 -24.22 -10.96
C GLY T 309 60.01 -24.00 -12.41
N GLY T 310 61.25 -24.30 -12.73
CA GLY T 310 61.75 -24.14 -14.08
C GLY T 310 62.17 -22.75 -14.54
N ILE T 311 62.06 -21.74 -13.68
CA ILE T 311 62.41 -20.37 -14.06
C ILE T 311 63.67 -20.21 -14.90
N SER T 312 64.56 -21.18 -14.82
CA SER T 312 65.78 -21.10 -15.59
C SER T 312 65.45 -21.15 -17.06
N GLY T 313 64.20 -21.50 -17.35
CA GLY T 313 63.72 -21.61 -18.72
C GLY T 313 63.41 -20.28 -19.39
N THR T 314 62.64 -19.42 -18.72
CA THR T 314 62.29 -18.11 -19.24
C THR T 314 63.58 -17.41 -19.71
N PHE T 315 64.67 -17.66 -18.98
CA PHE T 315 65.97 -17.09 -19.27
C PHE T 315 66.61 -17.74 -20.52
N HIS T 316 66.78 -19.06 -20.47
CA HIS T 316 67.38 -19.88 -21.53
C HIS T 316 66.76 -19.68 -22.92
N TYR T 317 65.52 -19.21 -22.95
CA TYR T 317 64.80 -18.99 -24.19
C TYR T 317 64.11 -17.64 -24.18
N GLY T 318 64.62 -16.72 -23.37
CA GLY T 318 64.05 -15.38 -23.30
C GLY T 318 63.82 -14.80 -24.67
N ASP T 319 64.90 -14.60 -25.44
CA ASP T 319 64.83 -14.07 -26.81
C ASP T 319 63.67 -14.69 -27.60
N LYS T 320 63.86 -15.97 -27.95
CA LYS T 320 62.94 -16.80 -28.70
C LYS T 320 61.48 -16.60 -28.26
N LEU T 321 61.29 -15.94 -27.12
CA LEU T 321 59.98 -15.64 -26.56
C LEU T 321 59.51 -14.28 -27.06
N LEU T 322 60.45 -13.44 -27.47
CA LEU T 322 60.14 -12.09 -27.93
C LEU T 322 59.71 -12.08 -29.38
N SER T 323 60.40 -12.87 -30.19
CA SER T 323 60.06 -12.95 -31.59
C SER T 323 58.65 -13.55 -31.72
N LEU T 324 58.08 -13.93 -30.58
CA LEU T 324 56.75 -14.54 -30.50
C LEU T 324 55.73 -13.69 -29.75
N LEU T 325 56.18 -12.85 -28.82
CA LEU T 325 55.24 -12.02 -28.08
C LEU T 325 54.59 -11.00 -29.01
N MET U 1 -11.59 26.61 14.87
CA MET U 1 -11.64 25.79 13.62
C MET U 1 -10.43 26.13 12.74
N HIS U 2 -9.50 25.18 12.65
CA HIS U 2 -8.31 25.37 11.84
C HIS U 2 -8.74 25.77 10.42
N PRO U 3 -8.26 26.92 9.93
CA PRO U 3 -8.60 27.41 8.59
C PRO U 3 -8.64 26.33 7.51
N LYS U 4 -7.77 25.34 7.59
CA LYS U 4 -7.73 24.29 6.58
C LYS U 4 -8.95 23.37 6.63
N ILE U 5 -9.27 22.89 7.83
CA ILE U 5 -10.41 22.02 8.02
C ILE U 5 -11.67 22.81 7.69
N PHE U 6 -11.67 24.07 8.10
CA PHE U 6 -12.76 24.99 7.83
C PHE U 6 -12.99 25.02 6.31
N ALA U 7 -11.94 25.38 5.58
CA ALA U 7 -12.04 25.46 4.13
C ALA U 7 -12.49 24.16 3.50
N LEU U 8 -11.95 23.03 3.94
CA LEU U 8 -12.29 21.73 3.39
C LEU U 8 -13.71 21.23 3.68
N LEU U 9 -14.23 21.59 4.85
CA LEU U 9 -15.57 21.16 5.23
C LEU U 9 -16.60 22.18 4.77
N ALA U 10 -16.14 23.41 4.61
CA ALA U 10 -16.98 24.51 4.20
C ALA U 10 -18.25 24.12 3.47
N LYS U 11 -18.11 23.40 2.37
CA LYS U 11 -19.25 22.98 1.53
C LYS U 11 -20.21 21.90 2.01
N PHE U 12 -20.12 21.50 3.28
CA PHE U 12 -21.00 20.45 3.78
C PHE U 12 -22.14 20.85 4.72
N PRO U 13 -23.37 20.41 4.40
CA PRO U 13 -24.63 20.65 5.11
C PRO U 13 -24.66 20.17 6.55
N ARG U 14 -25.01 21.06 7.47
CA ARG U 14 -25.08 20.71 8.89
C ARG U 14 -26.35 21.24 9.56
N VAL U 15 -26.55 20.82 10.80
CA VAL U 15 -27.65 21.29 11.61
C VAL U 15 -26.90 21.54 12.89
N GLU U 16 -26.67 22.81 13.19
CA GLU U 16 -25.92 23.17 14.37
C GLU U 16 -26.53 22.74 15.70
N LEU U 17 -26.38 21.45 15.99
CA LEU U 17 -26.88 20.82 17.20
C LEU U 17 -26.05 21.14 18.44
N ILE U 18 -24.73 21.33 18.26
CA ILE U 18 -23.82 21.65 19.36
C ILE U 18 -23.42 23.12 19.33
N PRO U 19 -23.98 23.92 20.26
CA PRO U 19 -23.78 25.36 20.45
C PRO U 19 -22.43 25.84 21.01
N TRP U 20 -21.45 24.94 21.15
CA TRP U 20 -20.15 25.37 21.67
C TRP U 20 -19.05 24.35 21.46
N GLU U 21 -17.88 24.65 22.03
CA GLU U 21 -16.71 23.80 21.95
C GLU U 21 -16.57 23.06 23.27
N THR U 22 -16.42 21.74 23.23
CA THR U 22 -16.28 20.97 24.45
C THR U 22 -14.89 21.19 25.02
N PRO U 23 -14.82 21.53 26.33
CA PRO U 23 -13.59 21.79 27.06
C PRO U 23 -12.58 20.65 27.17
N ILE U 24 -11.31 21.01 27.25
CA ILE U 24 -10.26 20.03 27.39
C ILE U 24 -9.66 20.21 28.78
N GLN U 25 -9.38 19.09 29.44
CA GLN U 25 -8.83 19.11 30.79
C GLN U 25 -7.65 18.17 30.94
N TYR U 26 -6.86 18.40 31.96
CA TYR U 26 -5.72 17.55 32.23
C TYR U 26 -6.12 16.68 33.41
N LEU U 27 -5.60 15.46 33.44
CA LEU U 27 -5.89 14.52 34.53
C LEU U 27 -4.61 14.35 35.35
N PRO U 28 -4.40 15.23 36.35
CA PRO U 28 -3.22 15.20 37.23
C PRO U 28 -2.97 13.88 37.98
N ASN U 29 -4.03 13.27 38.47
CA ASN U 29 -3.90 12.03 39.21
C ASN U 29 -3.63 10.88 38.27
N ILE U 30 -4.51 10.65 37.30
CA ILE U 30 -4.33 9.56 36.35
C ILE U 30 -2.95 9.61 35.68
N SER U 31 -2.43 10.82 35.51
CA SER U 31 -1.12 11.04 34.88
C SER U 31 0.03 10.59 35.79
N ARG U 32 -0.06 10.99 37.05
CA ARG U 32 0.92 10.64 38.07
C ARG U 32 0.99 9.12 38.14
N GLU U 33 -0.16 8.52 38.42
CA GLU U 33 -0.34 7.07 38.55
C GLU U 33 -0.02 6.21 37.33
N ILE U 34 0.28 6.83 36.18
CA ILE U 34 0.62 6.04 34.99
C ILE U 34 1.92 6.57 34.38
N GLY U 35 2.28 7.79 34.75
CA GLY U 35 3.51 8.36 34.22
C GLY U 35 3.47 8.64 32.74
N ALA U 36 2.94 9.80 32.39
CA ALA U 36 2.78 10.30 31.02
C ALA U 36 1.58 11.24 31.07
N ASP U 37 1.73 12.45 30.54
CA ASP U 37 0.63 13.39 30.56
C ASP U 37 -0.57 12.96 29.72
N VAL U 38 -1.74 12.93 30.36
CA VAL U 38 -2.96 12.54 29.70
C VAL U 38 -4.01 13.63 29.83
N TYR U 39 -4.68 13.89 28.71
CA TYR U 39 -5.73 14.90 28.60
C TYR U 39 -6.99 14.28 28.02
N ILE U 40 -8.14 14.74 28.51
CA ILE U 40 -9.41 14.22 28.05
C ILE U 40 -10.32 15.34 27.52
N LYS U 41 -10.82 15.18 26.29
CA LYS U 41 -11.75 16.17 25.72
C LYS U 41 -13.14 15.71 26.12
N ARG U 42 -13.95 16.63 26.62
CA ARG U 42 -15.29 16.31 27.08
C ARG U 42 -16.42 16.31 26.04
N ASP U 43 -16.50 15.25 25.21
CA ASP U 43 -17.56 15.16 24.21
C ASP U 43 -18.84 14.61 24.84
N ASP U 44 -18.80 14.32 26.13
CA ASP U 44 -19.98 13.83 26.81
C ASP U 44 -20.73 15.06 27.33
N LEU U 45 -20.23 16.24 26.95
CA LEU U 45 -20.84 17.50 27.34
C LEU U 45 -21.25 18.22 26.06
N THR U 46 -21.75 17.44 25.11
CA THR U 46 -22.18 17.94 23.81
C THR U 46 -23.59 18.54 23.74
N GLY U 47 -24.37 18.32 24.79
CA GLY U 47 -25.70 18.92 24.85
C GLY U 47 -26.97 18.15 24.53
N LEU U 48 -26.99 17.40 23.46
CA LEU U 48 -28.20 16.68 23.10
C LEU U 48 -28.31 15.27 23.68
N GLY U 49 -29.29 15.08 24.57
CA GLY U 49 -29.54 13.78 25.19
C GLY U 49 -28.61 13.49 26.35
N ILE U 50 -27.79 12.45 26.22
CA ILE U 50 -26.83 12.10 27.24
C ILE U 50 -25.44 12.42 26.68
N GLY U 51 -25.44 13.20 25.61
CA GLY U 51 -24.21 13.64 24.97
C GLY U 51 -23.35 12.57 24.30
N GLY U 52 -22.15 12.98 23.88
CA GLY U 52 -21.24 12.03 23.27
C GLY U 52 -20.82 12.25 21.83
N ASN U 53 -19.93 11.36 21.39
CA ASN U 53 -19.37 11.36 20.03
C ASN U 53 -20.39 11.22 18.90
N LYS U 54 -21.59 10.77 19.21
CA LYS U 54 -22.60 10.58 18.19
C LYS U 54 -23.31 11.86 17.78
N ILE U 55 -23.39 12.81 18.69
CA ILE U 55 -24.05 14.08 18.39
C ILE U 55 -23.34 14.77 17.22
N ARG U 56 -22.02 14.88 17.30
CA ARG U 56 -21.23 15.51 16.24
C ARG U 56 -21.56 14.95 14.86
N LYS U 57 -21.71 13.63 14.75
CA LYS U 57 -22.02 13.01 13.46
C LYS U 57 -23.42 13.34 13.02
N LEU U 58 -24.35 13.22 13.96
CA LEU U 58 -25.73 13.51 13.71
C LEU U 58 -25.89 14.89 13.11
N GLU U 59 -25.01 15.82 13.47
CA GLU U 59 -25.09 17.18 12.94
C GLU U 59 -25.04 17.15 11.44
N TYR U 60 -24.20 16.28 10.88
CA TYR U 60 -24.09 16.14 9.44
C TYR U 60 -25.13 15.13 8.97
N LEU U 61 -25.06 13.91 9.49
CA LEU U 61 -26.00 12.85 9.13
C LEU U 61 -27.46 13.32 9.07
N LEU U 62 -27.91 14.05 10.10
CA LEU U 62 -29.28 14.54 10.15
C LEU U 62 -29.44 15.76 9.26
N GLY U 63 -28.34 16.33 8.82
CA GLY U 63 -28.44 17.47 7.94
C GLY U 63 -28.79 16.92 6.58
N ASP U 64 -28.45 15.67 6.37
CA ASP U 64 -28.71 15.00 5.12
C ASP U 64 -30.12 14.42 5.16
N ALA U 65 -30.59 14.10 6.36
CA ALA U 65 -31.94 13.61 6.49
C ALA U 65 -32.77 14.77 5.91
N LEU U 66 -32.60 15.95 6.49
CA LEU U 66 -33.29 17.16 6.06
C LEU U 66 -33.02 17.48 4.58
N SER U 67 -31.74 17.49 4.19
CA SER U 67 -31.35 17.80 2.81
C SER U 67 -31.97 16.81 1.83
N LYS U 68 -32.12 15.55 2.27
CA LYS U 68 -32.72 14.51 1.45
C LYS U 68 -34.18 14.31 1.86
N GLY U 69 -34.87 15.41 2.14
CA GLY U 69 -36.28 15.36 2.56
C GLY U 69 -36.66 14.08 3.30
N ALA U 70 -36.30 13.96 4.57
CA ALA U 70 -36.64 12.77 5.33
C ALA U 70 -37.65 13.10 6.42
N ASP U 71 -38.67 12.25 6.55
CA ASP U 71 -39.71 12.44 7.57
C ASP U 71 -39.54 11.47 8.73
N VAL U 72 -38.84 10.37 8.49
CA VAL U 72 -38.62 9.38 9.53
C VAL U 72 -37.20 8.81 9.45
N VAL U 73 -36.48 8.88 10.57
CA VAL U 73 -35.10 8.38 10.62
C VAL U 73 -35.12 6.96 11.15
N ILE U 74 -34.07 6.21 10.83
CA ILE U 74 -33.96 4.83 11.27
C ILE U 74 -32.51 4.54 11.55
N THR U 75 -32.26 3.73 12.57
CA THR U 75 -30.90 3.40 12.94
C THR U 75 -30.91 2.11 13.76
N VAL U 76 -29.82 1.36 13.71
CA VAL U 76 -29.76 0.12 14.45
C VAL U 76 -28.67 0.11 15.50
N GLY U 77 -28.63 -0.97 16.27
CA GLY U 77 -27.64 -1.10 17.31
C GLY U 77 -28.15 -2.05 18.37
N ALA U 78 -27.38 -2.20 19.44
CA ALA U 78 -27.76 -3.06 20.55
C ALA U 78 -28.83 -2.34 21.35
N VAL U 79 -29.45 -3.05 22.29
CA VAL U 79 -30.49 -2.48 23.11
C VAL U 79 -29.97 -1.37 24.01
N HIS U 80 -28.71 -1.47 24.41
CA HIS U 80 -28.13 -0.44 25.26
C HIS U 80 -27.48 0.65 24.43
N SER U 81 -27.67 0.59 23.11
CA SER U 81 -27.08 1.56 22.18
C SER U 81 -27.26 3.04 22.47
N ASN U 82 -26.15 3.70 22.79
CA ASN U 82 -26.04 5.13 23.09
C ASN U 82 -26.42 5.91 21.86
N HIS U 83 -26.17 5.27 20.73
CA HIS U 83 -26.40 5.82 19.41
C HIS U 83 -27.86 5.83 19.04
N ALA U 84 -28.50 4.68 19.20
CA ALA U 84 -29.90 4.54 18.87
C ALA U 84 -30.70 5.61 19.59
N PHE U 85 -30.43 5.76 20.89
CA PHE U 85 -31.15 6.75 21.67
C PHE U 85 -30.91 8.14 21.15
N VAL U 86 -29.69 8.61 21.35
CA VAL U 86 -29.31 9.94 20.95
C VAL U 86 -29.63 10.22 19.49
N THR U 87 -29.73 9.18 18.67
CA THR U 87 -30.06 9.40 17.28
C THR U 87 -31.54 9.77 17.13
N GLY U 88 -32.42 8.93 17.67
CA GLY U 88 -33.83 9.20 17.58
C GLY U 88 -34.25 10.43 18.35
N LEU U 89 -33.49 10.77 19.39
CA LEU U 89 -33.85 11.94 20.18
C LEU U 89 -33.54 13.22 19.42
N ALA U 90 -32.35 13.26 18.82
CA ALA U 90 -31.92 14.43 18.06
C ALA U 90 -32.79 14.64 16.85
N ALA U 91 -33.30 13.52 16.33
CA ALA U 91 -34.16 13.52 15.15
C ALA U 91 -35.53 14.11 15.48
N LYS U 92 -36.08 13.76 16.65
CA LYS U 92 -37.38 14.28 17.05
C LYS U 92 -37.34 15.81 17.23
N LYS U 93 -36.24 16.29 17.81
CA LYS U 93 -36.07 17.69 18.08
C LYS U 93 -36.09 18.52 16.79
N LEU U 94 -35.76 17.86 15.68
CA LEU U 94 -35.72 18.53 14.39
C LEU U 94 -37.04 18.39 13.65
N GLY U 95 -38.06 17.90 14.35
CA GLY U 95 -39.37 17.72 13.77
C GLY U 95 -39.67 16.35 13.17
N LEU U 96 -38.62 15.55 12.95
CA LEU U 96 -38.74 14.20 12.36
C LEU U 96 -39.30 13.11 13.30
N ASP U 97 -39.25 11.87 12.84
CA ASP U 97 -39.70 10.73 13.63
C ASP U 97 -38.62 9.67 13.51
N ALA U 98 -38.51 8.79 14.52
CA ALA U 98 -37.47 7.76 14.51
C ALA U 98 -37.89 6.33 14.84
N ILE U 99 -37.12 5.38 14.34
CA ILE U 99 -37.37 3.97 14.59
C ILE U 99 -36.08 3.24 14.85
N LEU U 100 -35.83 2.94 16.12
CA LEU U 100 -34.61 2.26 16.54
C LEU U 100 -34.71 0.75 16.49
N VAL U 101 -33.97 0.16 15.57
CA VAL U 101 -33.92 -1.29 15.37
C VAL U 101 -32.76 -1.88 16.15
N LEU U 102 -33.04 -2.34 17.37
CA LEU U 102 -32.02 -2.91 18.25
C LEU U 102 -32.17 -4.43 18.35
N ARG U 103 -31.15 -5.07 18.94
CA ARG U 103 -31.17 -6.51 19.12
C ARG U 103 -30.63 -6.81 20.51
N GLY U 104 -31.35 -7.65 21.26
CA GLY U 104 -30.92 -8.00 22.60
C GLY U 104 -32.01 -8.07 23.68
N LYS U 105 -31.59 -7.90 24.94
CA LYS U 105 -32.52 -7.94 26.06
C LYS U 105 -33.37 -6.70 26.16
N GLU U 106 -34.62 -6.88 26.56
CA GLU U 106 -35.56 -5.77 26.71
C GLU U 106 -35.60 -5.19 28.11
N GLU U 107 -34.52 -5.35 28.87
CA GLU U 107 -34.47 -4.83 30.23
C GLU U 107 -34.81 -3.34 30.24
N LEU U 108 -35.88 -2.96 30.92
CA LEU U 108 -36.27 -1.56 30.96
C LEU U 108 -35.31 -0.71 31.76
N LYS U 109 -34.11 -0.55 31.22
CA LYS U 109 -33.07 0.25 31.84
C LYS U 109 -32.06 0.76 30.82
N GLY U 110 -31.20 1.66 31.24
CA GLY U 110 -30.19 2.20 30.33
C GLY U 110 -30.78 3.08 29.26
N ASN U 111 -30.27 2.95 28.04
CA ASN U 111 -30.76 3.75 26.94
C ASN U 111 -32.13 3.33 26.51
N TYR U 112 -32.44 2.04 26.68
CA TYR U 112 -33.74 1.55 26.31
C TYR U 112 -34.69 2.32 27.20
N LEU U 113 -34.38 2.38 28.48
CA LEU U 113 -35.23 3.11 29.42
C LEU U 113 -35.50 4.51 28.87
N LEU U 114 -34.44 5.22 28.50
CA LEU U 114 -34.56 6.57 27.97
C LEU U 114 -35.34 6.57 26.68
N ASP U 115 -35.13 5.53 25.87
CA ASP U 115 -35.83 5.39 24.60
C ASP U 115 -37.35 5.45 24.78
N LYS U 116 -37.84 4.67 25.73
CA LYS U 116 -39.27 4.63 25.96
C LYS U 116 -39.77 5.86 26.71
N ILE U 117 -39.02 6.28 27.72
CA ILE U 117 -39.42 7.45 28.49
C ILE U 117 -39.66 8.62 27.56
N MET U 118 -38.87 8.69 26.49
CA MET U 118 -39.01 9.80 25.54
C MET U 118 -40.03 9.57 24.42
N GLY U 119 -40.38 8.31 24.18
CA GLY U 119 -41.35 8.03 23.16
C GLY U 119 -40.69 7.67 21.85
N ILE U 120 -39.39 7.50 21.88
CA ILE U 120 -38.70 7.14 20.66
C ILE U 120 -39.07 5.68 20.38
N GLU U 121 -39.73 5.47 19.25
CA GLU U 121 -40.18 4.15 18.84
C GLU U 121 -39.01 3.21 18.81
N THR U 122 -39.25 1.98 19.21
CA THR U 122 -38.18 1.01 19.29
C THR U 122 -38.70 -0.30 18.68
N ARG U 123 -37.79 -1.24 18.40
CA ARG U 123 -38.17 -2.55 17.85
C ARG U 123 -37.00 -3.48 18.10
N VAL U 124 -37.16 -4.43 19.01
CA VAL U 124 -36.06 -5.33 19.31
C VAL U 124 -36.11 -6.62 18.52
N TYR U 125 -35.40 -6.69 17.40
CA TYR U 125 -35.39 -7.91 16.62
C TYR U 125 -34.50 -8.94 17.29
N ASP U 126 -35.09 -10.11 17.56
CA ASP U 126 -34.41 -11.20 18.27
C ASP U 126 -33.21 -11.83 17.59
N ALA U 127 -32.95 -11.42 16.35
CA ALA U 127 -31.78 -11.92 15.63
C ALA U 127 -30.63 -11.13 16.24
N LYS U 128 -30.42 -11.32 17.54
CA LYS U 128 -29.38 -10.62 18.26
C LYS U 128 -27.99 -11.15 17.93
N ASP U 129 -27.53 -10.90 16.70
CA ASP U 129 -26.21 -11.36 16.28
C ASP U 129 -25.22 -10.22 16.02
N SER U 130 -25.38 -9.53 14.88
CA SER U 130 -24.48 -8.45 14.49
C SER U 130 -25.15 -7.11 14.11
N PHE U 131 -24.52 -6.42 13.17
CA PHE U 131 -25.02 -5.14 12.66
C PHE U 131 -25.86 -5.38 11.40
N GLU U 132 -25.88 -6.64 10.92
CA GLU U 132 -26.68 -7.02 9.75
C GLU U 132 -28.12 -7.05 10.24
N LEU U 133 -28.41 -6.13 11.15
CA LEU U 133 -29.72 -5.91 11.78
C LEU U 133 -30.23 -4.74 10.94
N MET U 134 -29.41 -4.43 9.94
CA MET U 134 -29.60 -3.36 8.97
C MET U 134 -30.62 -3.76 7.91
N LYS U 135 -30.75 -5.07 7.70
CA LYS U 135 -31.71 -5.56 6.71
C LYS U 135 -33.11 -5.16 7.21
N TYR U 136 -33.43 -5.53 8.45
CA TYR U 136 -34.71 -5.20 9.03
C TYR U 136 -34.91 -3.68 8.97
N ALA U 137 -33.80 -2.95 9.09
CA ALA U 137 -33.90 -1.50 9.02
C ALA U 137 -34.34 -1.08 7.61
N GLU U 138 -33.67 -1.61 6.58
CA GLU U 138 -34.01 -1.23 5.21
C GLU U 138 -35.36 -1.77 4.79
N GLU U 139 -35.60 -3.07 4.97
CA GLU U 139 -36.89 -3.55 4.55
C GLU U 139 -38.00 -2.69 5.16
N ILE U 140 -37.87 -2.31 6.43
CA ILE U 140 -38.88 -1.47 7.08
C ILE U 140 -39.03 -0.13 6.36
N ALA U 141 -37.91 0.38 5.88
CA ALA U 141 -37.93 1.64 5.15
C ALA U 141 -38.85 1.39 3.96
N GLU U 142 -38.62 0.27 3.28
CA GLU U 142 -39.44 -0.06 2.12
C GLU U 142 -40.93 0.10 2.39
N GLU U 143 -41.45 -0.48 3.47
CA GLU U 143 -42.88 -0.33 3.73
C GLU U 143 -43.26 1.13 4.06
N LEU U 144 -42.42 1.80 4.83
CA LEU U 144 -42.69 3.18 5.24
C LEU U 144 -42.62 4.14 4.05
N LYS U 145 -41.71 3.84 3.12
CA LYS U 145 -41.52 4.64 1.89
C LYS U 145 -42.37 4.03 0.79
N ARG U 146 -42.88 2.82 1.04
CA ARG U 146 -43.73 2.13 0.07
C ARG U 146 -45.09 2.59 0.49
N GLU U 147 -45.08 3.77 1.08
CA GLU U 147 -46.25 4.45 1.54
C GLU U 147 -45.80 5.90 1.50
N GLY U 148 -44.94 6.16 0.52
CA GLY U 148 -44.39 7.49 0.25
C GLY U 148 -43.32 8.01 1.19
N ARG U 149 -43.71 8.15 2.46
CA ARG U 149 -42.87 8.65 3.54
C ARG U 149 -41.39 8.35 3.33
N LYS U 150 -40.58 9.40 3.44
CA LYS U 150 -39.15 9.29 3.23
C LYS U 150 -38.37 8.94 4.48
N PRO U 151 -37.98 7.66 4.61
CA PRO U 151 -37.24 7.28 5.80
C PRO U 151 -35.79 7.51 5.47
N TYR U 152 -34.97 7.72 6.50
CA TYR U 152 -33.54 7.89 6.31
C TYR U 152 -32.95 6.76 7.15
N VAL U 153 -32.00 6.03 6.61
CA VAL U 153 -31.40 4.96 7.40
C VAL U 153 -29.96 5.27 7.69
N ILE U 154 -29.66 5.37 8.98
CA ILE U 154 -28.32 5.63 9.43
C ILE U 154 -27.67 4.28 9.73
N PRO U 155 -26.39 4.10 9.37
CA PRO U 155 -25.69 2.83 9.61
C PRO U 155 -25.27 2.71 11.07
N PRO U 156 -24.68 1.56 11.43
CA PRO U 156 -24.23 1.33 12.81
C PRO U 156 -23.25 2.40 13.25
N GLY U 157 -23.57 3.10 14.33
CA GLY U 157 -22.70 4.13 14.86
C GLY U 157 -22.53 5.43 14.10
N GLY U 158 -23.26 5.60 13.00
CA GLY U 158 -23.11 6.82 12.23
C GLY U 158 -21.83 6.66 11.46
N ALA U 159 -21.54 5.39 11.14
CA ALA U 159 -20.34 4.99 10.43
C ALA U 159 -20.37 5.21 8.91
N SER U 160 -20.60 6.45 8.49
CA SER U 160 -20.61 6.75 7.08
C SER U 160 -19.55 7.82 6.82
N PRO U 161 -18.85 7.71 5.68
CA PRO U 161 -17.82 8.71 5.35
C PRO U 161 -18.22 10.16 5.67
N ILE U 162 -19.44 10.54 5.31
CA ILE U 162 -19.90 11.89 5.59
C ILE U 162 -20.20 11.99 7.08
N GLY U 163 -20.77 10.93 7.61
CA GLY U 163 -21.10 10.88 9.03
C GLY U 163 -19.84 10.90 9.85
N THR U 164 -18.71 10.81 9.15
CA THR U 164 -17.40 10.82 9.76
C THR U 164 -16.89 12.26 9.94
N LEU U 165 -17.32 13.14 9.05
CA LEU U 165 -16.96 14.55 9.06
C LEU U 165 -17.21 15.24 10.40
N GLY U 166 -17.67 14.49 11.39
CA GLY U 166 -17.92 15.08 12.69
C GLY U 166 -16.63 15.20 13.48
N TYR U 167 -15.81 14.15 13.41
CA TYR U 167 -14.58 14.21 14.14
C TYR U 167 -13.51 14.82 13.29
N VAL U 168 -13.81 14.99 12.01
CA VAL U 168 -12.85 15.66 11.14
C VAL U 168 -12.91 17.10 11.62
N ARG U 169 -14.14 17.55 11.88
CA ARG U 169 -14.41 18.90 12.36
C ARG U 169 -13.85 18.95 13.75
N ALA U 170 -14.14 17.90 14.51
CA ALA U 170 -13.68 17.79 15.88
C ALA U 170 -12.18 18.05 16.05
N VAL U 171 -11.33 17.44 15.23
CA VAL U 171 -9.89 17.68 15.39
C VAL U 171 -9.56 19.15 15.14
N GLY U 172 -10.31 19.78 14.25
CA GLY U 172 -10.06 21.19 13.98
C GLY U 172 -10.38 22.04 15.18
N GLU U 173 -11.36 21.59 15.97
CA GLU U 173 -11.76 22.31 17.17
C GLU U 173 -10.57 22.19 18.11
N ILE U 174 -10.16 20.96 18.39
CA ILE U 174 -9.04 20.70 19.28
C ILE U 174 -7.80 21.49 18.83
N ALA U 175 -7.59 21.55 17.52
CA ALA U 175 -6.46 22.28 16.91
C ALA U 175 -6.44 23.74 17.36
N THR U 176 -7.61 24.36 17.23
CA THR U 176 -7.88 25.74 17.58
C THR U 176 -7.76 25.97 19.07
N GLN U 177 -8.65 25.34 19.82
CA GLN U 177 -8.72 25.48 21.26
C GLN U 177 -7.49 25.00 22.03
N SER U 178 -6.96 23.84 21.66
CA SER U 178 -5.84 23.31 22.42
C SER U 178 -4.45 23.89 22.17
N GLU U 179 -3.71 24.07 23.27
CA GLU U 179 -2.33 24.56 23.23
C GLU U 179 -1.50 23.51 23.99
N VAL U 180 -1.66 22.27 23.51
CA VAL U 180 -0.99 21.11 24.06
C VAL U 180 -0.72 20.13 22.93
N LYS U 181 0.54 19.98 22.61
CA LYS U 181 1.03 19.10 21.57
C LYS U 181 0.78 17.61 21.86
N PHE U 182 -0.40 17.13 21.53
CA PHE U 182 -0.76 15.72 21.76
C PHE U 182 0.01 14.80 20.83
N ASP U 183 0.56 13.72 21.40
CA ASP U 183 1.34 12.77 20.65
C ASP U 183 0.46 11.79 19.94
N SER U 184 -0.66 11.47 20.58
CA SER U 184 -1.63 10.57 20.00
C SER U 184 -2.99 11.01 20.54
N ILE U 185 -4.03 10.35 20.10
CA ILE U 185 -5.36 10.66 20.56
C ILE U 185 -6.09 9.33 20.58
N VAL U 186 -6.56 8.94 21.77
CA VAL U 186 -7.25 7.67 21.91
C VAL U 186 -8.74 7.81 22.18
N VAL U 187 -9.48 6.92 21.52
CA VAL U 187 -10.92 6.87 21.62
C VAL U 187 -11.46 5.46 21.36
N ALA U 188 -12.21 4.92 22.30
CA ALA U 188 -12.78 3.61 22.11
C ALA U 188 -13.26 3.56 20.65
N ALA U 189 -13.33 2.37 20.08
CA ALA U 189 -13.77 2.23 18.70
C ALA U 189 -14.69 1.05 18.46
N GLY U 190 -15.94 1.36 18.14
CA GLY U 190 -16.91 0.33 17.84
C GLY U 190 -16.92 0.29 16.34
N SER U 191 -18.01 0.76 15.72
CA SER U 191 -18.16 0.80 14.26
C SER U 191 -17.01 1.50 13.56
N GLY U 192 -16.19 2.23 14.33
CA GLY U 192 -15.04 2.92 13.76
C GLY U 192 -15.17 4.35 13.25
N GLY U 193 -16.37 4.89 13.16
CA GLY U 193 -16.49 6.24 12.67
C GLY U 193 -15.56 7.23 13.34
N THR U 194 -15.63 7.29 14.67
CA THR U 194 -14.82 8.22 15.43
C THR U 194 -13.30 8.12 15.22
N LEU U 195 -12.79 6.91 14.98
CA LEU U 195 -11.35 6.77 14.74
C LEU U 195 -11.14 7.17 13.30
N ALA U 196 -12.14 6.89 12.47
CA ALA U 196 -12.07 7.22 11.06
C ALA U 196 -11.82 8.70 10.93
N GLY U 197 -12.86 9.49 11.22
CA GLY U 197 -12.78 10.93 11.13
C GLY U 197 -11.76 11.56 12.04
N LEU U 198 -11.23 10.76 12.97
CA LEU U 198 -10.21 11.23 13.90
C LEU U 198 -8.92 11.32 13.11
N SER U 199 -8.65 10.23 12.41
CA SER U 199 -7.47 10.09 11.58
C SER U 199 -7.56 10.97 10.33
N LEU U 200 -8.66 10.85 9.59
CA LEU U 200 -8.81 11.64 8.37
C LEU U 200 -8.58 13.11 8.71
N GLY U 201 -8.81 13.45 9.97
CA GLY U 201 -8.62 14.82 10.42
C GLY U 201 -7.16 15.14 10.62
N LEU U 202 -6.51 14.37 11.50
CA LEU U 202 -5.09 14.53 11.79
C LEU U 202 -4.23 14.43 10.53
N SER U 203 -4.72 13.73 9.53
CA SER U 203 -3.97 13.59 8.27
C SER U 203 -4.03 14.93 7.59
N ILE U 204 -5.19 15.56 7.63
CA ILE U 204 -5.36 16.86 7.01
C ILE U 204 -4.53 17.91 7.74
N LEU U 205 -4.47 17.84 9.06
CA LEU U 205 -3.63 18.80 9.79
C LEU U 205 -2.18 18.35 9.63
N ASN U 206 -1.98 17.14 9.10
CA ASN U 206 -0.65 16.56 8.92
C ASN U 206 0.33 16.82 10.06
N GLU U 207 -0.16 17.06 11.27
CA GLU U 207 0.73 17.27 12.41
C GLU U 207 1.29 15.88 12.65
N ASP U 208 2.22 15.76 13.58
CA ASP U 208 2.74 14.44 13.90
C ASP U 208 1.95 13.94 15.10
N ILE U 209 0.69 13.60 14.86
CA ILE U 209 -0.23 13.13 15.89
C ILE U 209 -0.89 11.82 15.50
N ARG U 210 -0.81 10.84 16.40
CA ARG U 210 -1.35 9.51 16.16
C ARG U 210 -2.81 9.21 16.49
N PRO U 211 -3.54 8.63 15.53
CA PRO U 211 -4.94 8.30 15.79
C PRO U 211 -4.91 6.89 16.42
N VAL U 212 -5.62 6.68 17.52
CA VAL U 212 -5.61 5.37 18.16
C VAL U 212 -6.99 4.89 18.55
N GLY U 213 -7.43 3.85 17.85
CA GLY U 213 -8.73 3.26 18.12
C GLY U 213 -8.50 2.09 19.05
N ILE U 214 -9.30 2.03 20.11
CA ILE U 214 -9.19 0.96 21.07
C ILE U 214 -10.55 0.26 21.03
N ALA U 215 -10.63 -0.71 20.12
CA ALA U 215 -11.82 -1.52 19.84
C ALA U 215 -12.37 -2.27 21.04
N VAL U 216 -13.46 -1.75 21.60
CA VAL U 216 -14.05 -2.38 22.77
C VAL U 216 -14.76 -3.68 22.42
N GLY U 217 -14.68 -4.06 21.14
CA GLY U 217 -15.34 -5.27 20.69
C GLY U 217 -14.40 -6.29 20.10
N ARG U 218 -14.93 -7.45 19.73
CA ARG U 218 -14.11 -8.51 19.16
C ARG U 218 -13.47 -7.94 17.91
N PHE U 219 -12.37 -7.22 18.10
CA PHE U 219 -11.63 -6.60 17.01
C PHE U 219 -11.63 -7.50 15.78
N GLY U 220 -12.70 -7.39 14.99
CA GLY U 220 -12.88 -8.21 13.80
C GLY U 220 -12.09 -7.79 12.58
N GLU U 221 -12.38 -8.45 11.44
CA GLU U 221 -11.72 -8.14 10.17
C GLU U 221 -12.30 -6.84 9.63
N VAL U 222 -13.58 -6.91 9.29
CA VAL U 222 -14.34 -5.78 8.76
C VAL U 222 -14.30 -4.69 9.85
N MET U 223 -13.33 -4.81 10.75
CA MET U 223 -13.15 -3.85 11.83
C MET U 223 -11.79 -3.21 11.58
N THR U 224 -11.02 -3.79 10.65
CA THR U 224 -9.69 -3.29 10.33
C THR U 224 -9.66 -2.80 8.88
N SER U 225 -10.29 -3.55 7.98
CA SER U 225 -10.35 -3.18 6.57
C SER U 225 -11.51 -2.23 6.33
N LYS U 226 -12.58 -2.41 7.09
CA LYS U 226 -13.74 -1.54 6.96
C LYS U 226 -13.29 -0.13 7.34
N LEU U 227 -12.38 -0.04 8.31
CA LEU U 227 -11.83 1.23 8.80
C LEU U 227 -10.93 1.92 7.77
N ASP U 228 -10.26 1.12 6.94
CA ASP U 228 -9.40 1.69 5.93
C ASP U 228 -10.24 2.12 4.74
N ASN U 229 -11.08 1.22 4.23
CA ASN U 229 -11.95 1.55 3.11
C ASN U 229 -12.87 2.70 3.51
N LEU U 230 -13.08 2.86 4.81
CA LEU U 230 -13.94 3.93 5.31
C LEU U 230 -13.23 5.27 5.17
N ILE U 231 -11.93 5.26 5.41
CA ILE U 231 -11.15 6.47 5.33
C ILE U 231 -10.76 6.88 3.90
N LYS U 232 -10.36 5.94 3.05
CA LYS U 232 -10.02 6.35 1.69
C LYS U 232 -11.32 6.84 1.03
N GLU U 233 -12.44 6.60 1.70
CA GLU U 233 -13.73 7.01 1.16
C GLU U 233 -14.10 8.42 1.57
N ALA U 234 -14.06 8.70 2.86
CA ALA U 234 -14.39 10.01 3.38
C ALA U 234 -13.31 11.02 3.04
N ALA U 235 -12.12 10.53 2.74
CA ALA U 235 -11.01 11.39 2.37
C ALA U 235 -11.13 11.65 0.88
N GLU U 236 -12.06 10.97 0.24
CA GLU U 236 -12.30 11.16 -1.19
C GLU U 236 -13.35 12.24 -1.27
N LEU U 237 -14.16 12.33 -0.22
CA LEU U 237 -15.21 13.32 -0.12
C LEU U 237 -14.64 14.71 -0.01
N LEU U 238 -13.61 14.83 0.81
CA LEU U 238 -12.92 16.10 1.08
C LEU U 238 -11.82 16.44 0.09
N GLY U 239 -11.62 15.57 -0.91
CA GLY U 239 -10.60 15.81 -1.92
C GLY U 239 -9.16 15.69 -1.45
N VAL U 240 -8.98 15.40 -0.17
CA VAL U 240 -7.66 15.24 0.42
C VAL U 240 -7.16 13.79 0.20
N LYS U 241 -5.84 13.59 0.36
CA LYS U 241 -5.26 12.26 0.17
C LYS U 241 -5.02 11.52 1.48
N VAL U 242 -5.37 10.24 1.49
CA VAL U 242 -5.20 9.42 2.67
C VAL U 242 -3.72 9.24 3.04
N GLU U 243 -3.22 10.13 3.91
CA GLU U 243 -1.84 10.05 4.36
C GLU U 243 -1.56 8.60 4.77
N VAL U 244 -1.77 8.27 6.05
CA VAL U 244 -1.56 6.90 6.54
C VAL U 244 -2.29 6.56 7.83
N ARG U 245 -2.73 5.30 7.89
CA ARG U 245 -3.47 4.69 9.00
C ARG U 245 -3.25 5.08 10.48
N PRO U 246 -4.17 4.58 11.32
CA PRO U 246 -4.29 4.71 12.77
C PRO U 246 -4.05 3.33 13.43
N GLU U 247 -3.53 3.34 14.65
CA GLU U 247 -3.29 2.09 15.34
C GLU U 247 -4.63 1.59 15.86
N LEU U 248 -4.64 0.37 16.34
CA LEU U 248 -5.87 -0.23 16.83
C LEU U 248 -5.48 -1.41 17.72
N TYR U 249 -5.97 -1.40 18.95
CA TYR U 249 -5.66 -2.47 19.87
C TYR U 249 -6.90 -3.15 20.42
N ASP U 250 -6.91 -4.47 20.32
CA ASP U 250 -8.02 -5.25 20.84
C ASP U 250 -8.03 -5.17 22.37
N TYR U 251 -9.10 -4.60 22.93
CA TYR U 251 -9.26 -4.47 24.38
C TYR U 251 -10.70 -4.71 24.75
N SER U 252 -11.30 -5.66 24.04
CA SER U 252 -12.69 -6.01 24.23
C SER U 252 -12.90 -6.90 25.43
N PHE U 253 -11.90 -7.74 25.70
CA PHE U 253 -11.96 -8.72 26.78
C PHE U 253 -12.70 -9.95 26.25
N GLY U 254 -12.50 -10.27 24.97
CA GLY U 254 -13.15 -11.44 24.40
C GLY U 254 -14.42 -11.18 23.61
N GLU U 255 -15.22 -10.22 24.05
CA GLU U 255 -16.46 -9.88 23.34
C GLU U 255 -16.91 -8.50 23.67
N TYR U 256 -17.67 -7.94 22.73
CA TYR U 256 -18.23 -6.60 22.84
C TYR U 256 -19.38 -6.64 23.84
N GLY U 257 -19.31 -5.79 24.86
CA GLY U 257 -20.38 -5.72 25.87
C GLY U 257 -20.14 -6.61 27.06
N LYS U 258 -18.92 -7.11 27.18
CA LYS U 258 -18.53 -7.99 28.29
C LYS U 258 -17.93 -7.20 29.46
N ILE U 259 -18.53 -7.30 30.66
CA ILE U 259 -18.01 -6.56 31.81
C ILE U 259 -17.10 -7.34 32.75
N THR U 260 -15.87 -6.85 32.91
CA THR U 260 -14.84 -7.46 33.76
C THR U 260 -14.50 -6.58 34.94
N GLY U 261 -13.72 -7.14 35.86
CA GLY U 261 -13.32 -6.41 37.05
C GLY U 261 -12.34 -5.33 36.71
N GLU U 262 -11.73 -5.48 35.53
CA GLU U 262 -10.78 -4.49 35.05
C GLU U 262 -11.61 -3.24 34.84
N VAL U 263 -12.54 -3.35 33.89
CA VAL U 263 -13.43 -2.26 33.56
C VAL U 263 -14.02 -1.67 34.85
N ALA U 264 -14.75 -2.50 35.58
CA ALA U 264 -15.36 -2.06 36.81
C ALA U 264 -14.34 -1.33 37.66
N GLN U 265 -13.18 -1.95 37.80
CA GLN U 265 -12.10 -1.41 38.58
C GLN U 265 -11.64 -0.04 38.04
N ILE U 266 -11.27 -0.01 36.76
CA ILE U 266 -10.79 1.19 36.10
C ILE U 266 -11.81 2.35 36.13
N ILE U 267 -13.11 2.03 36.17
CA ILE U 267 -14.17 3.07 36.25
C ILE U 267 -14.18 3.74 37.62
N ARG U 268 -14.00 2.93 38.66
CA ARG U 268 -13.97 3.42 40.03
C ARG U 268 -12.77 4.36 40.23
N LYS U 269 -11.73 4.17 39.42
CA LYS U 269 -10.51 4.97 39.48
C LYS U 269 -10.71 6.33 38.85
N VAL U 270 -11.10 6.33 37.59
CA VAL U 270 -11.34 7.57 36.86
C VAL U 270 -12.30 8.40 37.69
N GLY U 271 -13.40 7.80 38.09
CA GLY U 271 -14.39 8.53 38.87
C GLY U 271 -13.94 9.01 40.23
N THR U 272 -13.60 8.05 41.10
CA THR U 272 -13.16 8.39 42.44
C THR U 272 -11.85 9.19 42.42
N ARG U 273 -11.16 9.21 41.28
CA ARG U 273 -9.92 9.96 41.21
C ARG U 273 -9.89 11.13 40.21
N GLU U 274 -10.87 11.21 39.31
CA GLU U 274 -10.90 12.30 38.32
C GLU U 274 -12.25 12.99 38.17
N GLY U 275 -13.23 12.56 38.97
CA GLY U 275 -14.56 13.16 38.94
C GLY U 275 -15.27 12.94 37.62
N ILE U 276 -14.60 12.26 36.70
CA ILE U 276 -15.17 12.00 35.41
C ILE U 276 -15.74 10.59 35.41
N ILE U 277 -16.96 10.44 34.89
CA ILE U 277 -17.66 9.17 34.84
C ILE U 277 -17.61 8.47 33.48
N LEU U 278 -16.97 7.32 33.42
CA LEU U 278 -16.86 6.55 32.20
C LEU U 278 -17.84 5.40 32.24
N ASP U 279 -17.88 4.60 31.18
CA ASP U 279 -18.79 3.46 31.13
C ASP U 279 -18.11 2.15 30.79
N PRO U 280 -18.66 1.02 31.29
CA PRO U 280 -18.16 -0.34 31.08
C PRO U 280 -18.16 -0.92 29.65
N VAL U 281 -18.98 -0.42 28.75
CA VAL U 281 -19.00 -0.97 27.39
C VAL U 281 -18.12 -0.25 26.35
N TYR U 282 -17.97 1.07 26.47
CA TYR U 282 -17.14 1.82 25.52
C TYR U 282 -15.96 2.61 26.09
N THR U 283 -16.23 3.78 26.66
CA THR U 283 -15.17 4.62 27.21
C THR U 283 -14.48 4.02 28.42
N GLY U 284 -15.15 3.10 29.11
CA GLY U 284 -14.53 2.47 30.25
C GLY U 284 -13.41 1.56 29.76
N LYS U 285 -13.75 0.64 28.87
CA LYS U 285 -12.79 -0.30 28.30
C LYS U 285 -11.65 0.45 27.66
N ALA U 286 -12.00 1.57 27.02
CA ALA U 286 -11.02 2.40 26.32
C ALA U 286 -10.01 3.08 27.23
N PHE U 287 -10.41 3.53 28.41
CA PHE U 287 -9.48 4.19 29.30
C PHE U 287 -8.58 3.20 30.04
N TYR U 288 -8.62 1.94 29.62
CA TYR U 288 -7.79 0.89 30.23
C TYR U 288 -6.84 0.40 29.15
N GLY U 289 -7.09 0.81 27.92
CA GLY U 289 -6.20 0.45 26.82
C GLY U 289 -5.16 1.54 26.87
N LEU U 290 -5.62 2.76 27.13
CA LEU U 290 -4.73 3.90 27.22
C LEU U 290 -3.80 3.67 28.39
N VAL U 291 -4.34 3.67 29.62
CA VAL U 291 -3.58 3.45 30.84
C VAL U 291 -2.53 2.34 30.63
N ASP U 292 -2.97 1.25 30.04
CA ASP U 292 -2.13 0.11 29.75
C ASP U 292 -1.15 0.39 28.62
N LEU U 293 -1.59 1.12 27.60
CA LEU U 293 -0.70 1.46 26.48
C LEU U 293 0.25 2.57 26.93
N ALA U 294 -0.16 3.26 27.98
CA ALA U 294 0.60 4.35 28.58
C ALA U 294 1.46 3.77 29.71
N ARG U 295 1.13 2.54 30.14
CA ARG U 295 1.88 1.90 31.21
C ARG U 295 3.07 1.16 30.65
N LYS U 296 3.03 0.87 29.36
CA LYS U 296 4.12 0.18 28.68
C LYS U 296 4.79 1.23 27.80
N GLY U 297 4.34 2.47 27.98
CA GLY U 297 4.88 3.58 27.23
C GLY U 297 4.87 3.32 25.75
N GLU U 298 3.76 3.62 25.09
CA GLU U 298 3.66 3.39 23.65
C GLU U 298 2.69 4.37 23.02
N LEU U 299 2.30 5.39 23.79
CA LEU U 299 1.39 6.45 23.36
C LEU U 299 2.09 7.75 23.69
N GLY U 300 3.39 7.79 23.43
CA GLY U 300 4.16 9.00 23.71
C GLY U 300 4.01 9.52 25.12
N GLU U 301 4.37 10.77 25.32
CA GLU U 301 4.32 11.38 26.62
C GLU U 301 3.02 12.09 26.91
N LYS U 302 2.42 12.70 25.88
CA LYS U 302 1.15 13.44 26.03
C LYS U 302 0.06 12.85 25.15
N ILE U 303 -0.99 12.36 25.83
CA ILE U 303 -2.12 11.69 25.20
C ILE U 303 -3.46 12.40 25.40
N LEU U 304 -4.20 12.56 24.30
CA LEU U 304 -5.52 13.19 24.32
C LEU U 304 -6.58 12.12 24.09
N PHE U 305 -7.21 11.71 25.18
CA PHE U 305 -8.26 10.70 25.15
C PHE U 305 -9.57 11.45 24.94
N ILE U 306 -10.44 10.91 24.10
CA ILE U 306 -11.72 11.58 23.86
C ILE U 306 -12.87 10.91 24.57
N HIS U 307 -13.43 11.59 25.56
CA HIS U 307 -14.56 11.06 26.32
C HIS U 307 -15.79 11.09 25.41
N THR U 308 -16.22 9.92 24.96
CA THR U 308 -17.34 9.83 24.03
C THR U 308 -18.78 9.59 24.49
N GLY U 309 -19.03 9.53 25.80
CA GLY U 309 -20.39 9.33 26.27
C GLY U 309 -20.63 8.05 27.07
N GLY U 310 -21.72 7.36 26.78
CA GLY U 310 -22.04 6.12 27.46
C GLY U 310 -22.48 6.21 28.92
N ILE U 311 -22.60 7.41 29.45
CA ILE U 311 -23.03 7.58 30.83
C ILE U 311 -24.13 6.61 31.18
N SER U 312 -25.10 6.46 30.29
CA SER U 312 -26.20 5.54 30.53
C SER U 312 -25.69 4.17 30.93
N GLY U 313 -24.81 3.62 30.10
CA GLY U 313 -24.24 2.30 30.35
C GLY U 313 -23.93 1.98 31.80
N THR U 314 -23.29 2.91 32.50
CA THR U 314 -22.96 2.69 33.91
C THR U 314 -24.23 2.44 34.72
N PHE U 315 -25.26 3.26 34.49
CA PHE U 315 -26.54 3.11 35.18
C PHE U 315 -27.10 1.73 34.88
N HIS U 316 -27.11 1.39 33.60
CA HIS U 316 -27.58 0.11 33.10
C HIS U 316 -26.80 -0.95 33.90
N TYR U 317 -25.66 -1.35 33.34
CA TYR U 317 -24.78 -2.36 33.90
C TYR U 317 -24.28 -2.21 35.32
N GLY U 318 -24.89 -1.30 36.07
CA GLY U 318 -24.50 -1.09 37.45
C GLY U 318 -24.42 -2.42 38.18
N ASP U 319 -25.55 -2.91 38.68
CA ASP U 319 -25.57 -4.19 39.38
C ASP U 319 -24.41 -5.09 38.98
N LYS U 320 -24.31 -5.36 37.68
CA LYS U 320 -23.26 -6.22 37.17
C LYS U 320 -21.86 -5.71 37.51
N LEU U 321 -21.71 -4.39 37.57
CA LEU U 321 -20.43 -3.80 37.90
C LEU U 321 -20.15 -4.04 39.37
N LEU U 322 -21.12 -3.73 40.22
CA LEU U 322 -20.99 -3.91 41.67
C LEU U 322 -20.39 -5.22 42.10
N SER U 323 -20.70 -6.28 41.37
CA SER U 323 -20.17 -7.58 41.71
C SER U 323 -18.78 -7.79 41.16
N LEU U 324 -18.24 -6.78 40.50
CA LEU U 324 -16.90 -6.84 39.95
C LEU U 324 -15.95 -6.03 40.83
N LEU U 325 -16.52 -5.10 41.60
CA LEU U 325 -15.77 -4.25 42.52
C LEU U 325 -15.73 -4.96 43.85
N MET V 1 -16.88 37.60 33.96
CA MET V 1 -17.08 37.85 35.42
C MET V 1 -17.27 39.34 35.63
N HIS V 2 -18.44 39.72 36.12
CA HIS V 2 -18.76 41.12 36.38
C HIS V 2 -17.75 41.66 37.38
N PRO V 3 -17.19 42.84 37.11
CA PRO V 3 -16.20 43.44 38.01
C PRO V 3 -16.60 43.51 39.48
N LYS V 4 -17.91 43.54 39.74
CA LYS V 4 -18.40 43.66 41.11
C LYS V 4 -18.50 42.32 41.84
N ILE V 5 -19.17 41.36 41.21
CA ILE V 5 -19.34 40.04 41.81
C ILE V 5 -17.96 39.45 42.02
N PHE V 6 -17.00 39.95 41.26
CA PHE V 6 -15.61 39.48 41.33
C PHE V 6 -14.89 39.96 42.57
N ALA V 7 -15.05 41.25 42.87
CA ALA V 7 -14.42 41.86 44.03
C ALA V 7 -15.01 41.32 45.33
N LEU V 8 -16.31 41.50 45.52
CA LEU V 8 -16.95 41.04 46.75
C LEU V 8 -16.74 39.56 47.04
N LEU V 9 -16.43 38.80 45.99
CA LEU V 9 -16.24 37.35 46.09
C LEU V 9 -14.83 36.86 45.92
N ALA V 10 -13.85 37.75 46.01
CA ALA V 10 -12.46 37.34 45.85
C ALA V 10 -11.80 36.91 47.16
N LYS V 11 -12.13 37.57 48.26
CA LYS V 11 -11.55 37.22 49.54
C LYS V 11 -12.04 35.87 50.03
N PHE V 12 -12.68 35.11 49.13
CA PHE V 12 -13.18 33.81 49.52
C PHE V 12 -12.46 32.65 48.85
N PRO V 13 -11.84 31.77 49.65
CA PRO V 13 -11.09 30.62 49.13
C PRO V 13 -12.04 29.71 48.39
N ARG V 14 -11.62 29.26 47.21
CA ARG V 14 -12.44 28.41 46.40
C ARG V 14 -11.69 27.46 45.48
N VAL V 15 -12.08 26.19 45.54
CA VAL V 15 -11.48 25.17 44.70
C VAL V 15 -12.12 25.22 43.31
N GLU V 16 -11.30 25.11 42.28
CA GLU V 16 -11.82 25.16 40.92
C GLU V 16 -12.20 23.78 40.34
N LEU V 17 -13.50 23.47 40.40
CA LEU V 17 -14.04 22.21 39.89
C LEU V 17 -14.63 22.42 38.51
N ILE V 18 -15.15 23.62 38.27
CA ILE V 18 -15.78 23.96 37.01
C ILE V 18 -14.78 24.53 36.01
N PRO V 19 -14.38 23.73 35.01
CA PRO V 19 -13.42 24.10 34.00
C PRO V 19 -13.80 25.27 33.09
N TRP V 20 -15.02 25.26 32.57
CA TRP V 20 -15.48 26.29 31.66
C TRP V 20 -16.72 27.04 32.12
N GLU V 21 -17.23 27.89 31.23
CA GLU V 21 -18.45 28.63 31.47
C GLU V 21 -19.50 27.76 30.80
N THR V 22 -20.53 27.35 31.53
CA THR V 22 -21.57 26.56 30.90
C THR V 22 -22.33 27.46 29.91
N PRO V 23 -22.59 26.95 28.70
CA PRO V 23 -23.28 27.70 27.64
C PRO V 23 -24.76 27.99 27.86
N ILE V 24 -25.26 29.00 27.16
CA ILE V 24 -26.66 29.35 27.25
C ILE V 24 -27.26 29.23 25.86
N GLN V 25 -28.37 28.51 25.77
CA GLN V 25 -29.05 28.31 24.51
C GLN V 25 -30.45 28.89 24.50
N TYR V 26 -31.01 28.97 23.30
CA TYR V 26 -32.37 29.46 23.09
C TYR V 26 -33.21 28.25 22.72
N LEU V 27 -34.41 28.19 23.26
CA LEU V 27 -35.32 27.09 22.96
C LEU V 27 -36.47 27.64 22.11
N PRO V 28 -36.35 27.56 20.77
CA PRO V 28 -37.32 28.04 19.80
C PRO V 28 -38.70 27.39 19.95
N ASN V 29 -38.70 26.07 20.07
CA ASN V 29 -39.91 25.27 20.24
C ASN V 29 -40.70 25.62 21.50
N ILE V 30 -40.09 25.44 22.67
CA ILE V 30 -40.77 25.72 23.94
C ILE V 30 -41.18 27.18 24.12
N SER V 31 -40.61 28.09 23.34
CA SER V 31 -40.97 29.51 23.44
C SER V 31 -42.14 29.78 22.48
N ARG V 32 -42.18 28.99 21.40
CA ARG V 32 -43.25 29.09 20.41
C ARG V 32 -44.59 28.71 21.05
N GLU V 33 -44.57 27.68 21.89
CA GLU V 33 -45.76 27.20 22.61
C GLU V 33 -46.09 28.12 23.78
N ILE V 34 -45.05 28.55 24.48
CA ILE V 34 -45.16 29.43 25.65
C ILE V 34 -45.66 30.83 25.30
N GLY V 35 -45.09 31.39 24.24
CA GLY V 35 -45.46 32.74 23.84
C GLY V 35 -44.49 33.70 24.49
N ALA V 36 -43.28 33.21 24.77
CA ALA V 36 -42.25 34.00 25.41
C ALA V 36 -40.91 33.35 25.12
N ASP V 37 -39.85 34.14 25.06
CA ASP V 37 -38.50 33.64 24.80
C ASP V 37 -37.90 32.98 26.02
N VAL V 38 -37.61 31.69 25.91
CA VAL V 38 -37.01 30.97 27.03
C VAL V 38 -35.62 30.43 26.69
N TYR V 39 -34.63 30.80 27.48
CA TYR V 39 -33.29 30.30 27.24
C TYR V 39 -32.92 29.34 28.39
N ILE V 40 -31.84 28.59 28.22
CA ILE V 40 -31.44 27.67 29.26
C ILE V 40 -29.94 27.72 29.46
N LYS V 41 -29.49 27.61 30.72
CA LYS V 41 -28.07 27.60 31.08
C LYS V 41 -27.77 26.17 31.48
N ARG V 42 -26.74 25.60 30.87
CA ARG V 42 -26.43 24.20 31.07
C ARG V 42 -25.61 23.76 32.27
N ASP V 43 -26.00 24.21 33.46
CA ASP V 43 -25.28 23.84 34.67
C ASP V 43 -25.38 22.34 34.92
N ASP V 44 -25.98 21.61 33.98
CA ASP V 44 -26.13 20.16 34.08
C ASP V 44 -24.89 19.57 33.48
N LEU V 45 -24.13 20.46 32.85
CA LEU V 45 -22.88 20.11 32.21
C LEU V 45 -21.69 20.75 32.90
N THR V 46 -21.76 20.91 34.23
CA THR V 46 -20.65 21.50 34.97
C THR V 46 -19.47 20.54 35.08
N GLY V 47 -19.67 19.30 34.65
CA GLY V 47 -18.56 18.36 34.65
C GLY V 47 -18.27 17.29 35.71
N LEU V 48 -18.33 17.63 37.00
CA LEU V 48 -18.02 16.65 38.03
C LEU V 48 -19.18 15.74 38.37
N GLY V 49 -18.97 14.44 38.15
CA GLY V 49 -19.99 13.45 38.42
C GLY V 49 -21.06 13.53 37.35
N ILE V 50 -22.30 13.71 37.79
CA ILE V 50 -23.46 13.83 36.91
C ILE V 50 -23.64 15.33 36.76
N GLY V 51 -22.68 16.05 37.34
CA GLY V 51 -22.68 17.49 37.28
C GLY V 51 -23.81 18.08 38.07
N GLY V 52 -24.07 19.35 37.80
CA GLY V 52 -25.16 20.00 38.49
C GLY V 52 -24.83 21.31 39.17
N ASN V 53 -25.86 21.87 39.78
CA ASN V 53 -25.80 23.12 40.50
C ASN V 53 -24.93 22.99 41.75
N LYS V 54 -24.86 21.79 42.30
CA LYS V 54 -24.07 21.58 43.49
C LYS V 54 -22.56 21.75 43.30
N ILE V 55 -22.06 21.54 42.08
CA ILE V 55 -20.63 21.69 41.85
C ILE V 55 -20.22 23.14 42.02
N ARG V 56 -21.04 24.06 41.53
CA ARG V 56 -20.72 25.46 41.69
C ARG V 56 -20.68 25.70 43.19
N LYS V 57 -21.36 24.85 43.93
CA LYS V 57 -21.40 24.99 45.38
C LYS V 57 -20.22 24.31 46.09
N LEU V 58 -19.86 23.12 45.64
CA LEU V 58 -18.76 22.39 46.25
C LEU V 58 -17.47 23.19 46.19
N GLU V 59 -17.31 24.02 45.16
CA GLU V 59 -16.09 24.82 45.03
C GLU V 59 -15.78 25.54 46.33
N TYR V 60 -16.77 26.27 46.85
CA TYR V 60 -16.60 26.98 48.11
C TYR V 60 -16.75 25.97 49.26
N LEU V 61 -17.82 25.18 49.24
CA LEU V 61 -18.04 24.20 50.31
C LEU V 61 -16.82 23.29 50.51
N LEU V 62 -16.46 22.50 49.52
CA LEU V 62 -15.28 21.65 49.65
C LEU V 62 -14.08 22.59 49.75
N GLY V 63 -14.33 23.85 49.35
CA GLY V 63 -13.30 24.88 49.36
C GLY V 63 -12.95 25.26 50.78
N ASP V 64 -13.95 25.21 51.65
CA ASP V 64 -13.76 25.53 53.04
C ASP V 64 -13.39 24.25 53.80
N ALA V 65 -13.40 23.13 53.08
CA ALA V 65 -13.04 21.86 53.68
C ALA V 65 -11.56 21.98 53.98
N LEU V 66 -10.77 21.79 52.93
CA LEU V 66 -9.32 21.89 52.99
C LEU V 66 -8.86 23.04 53.90
N SER V 67 -9.33 24.25 53.57
CA SER V 67 -9.01 25.48 54.32
C SER V 67 -9.11 25.34 55.85
N LYS V 68 -9.98 24.44 56.32
CA LYS V 68 -10.13 24.24 57.75
C LYS V 68 -9.54 22.88 58.11
N GLY V 69 -8.77 22.33 57.17
CA GLY V 69 -8.14 21.04 57.40
C GLY V 69 -9.12 20.02 57.94
N ALA V 70 -9.67 19.22 57.04
CA ALA V 70 -10.61 18.14 57.40
C ALA V 70 -10.16 16.93 56.57
N ASP V 71 -10.35 15.71 57.10
CA ASP V 71 -9.92 14.53 56.36
C ASP V 71 -11.04 13.58 55.87
N VAL V 72 -12.29 14.01 56.03
CA VAL V 72 -13.42 13.22 55.60
C VAL V 72 -14.70 14.07 55.56
N VAL V 73 -15.29 14.18 54.38
CA VAL V 73 -16.50 14.97 54.19
C VAL V 73 -17.72 14.16 54.58
N ILE V 74 -18.77 14.85 55.03
CA ILE V 74 -20.04 14.20 55.39
C ILE V 74 -21.23 15.10 55.05
N THR V 75 -22.31 14.50 54.56
CA THR V 75 -23.51 15.25 54.17
C THR V 75 -24.77 14.38 54.13
N VAL V 76 -25.94 15.02 54.01
CA VAL V 76 -27.24 14.34 53.98
C VAL V 76 -28.03 14.50 52.69
N GLY V 77 -29.22 13.91 52.67
CA GLY V 77 -30.10 13.96 51.52
C GLY V 77 -30.85 12.66 51.28
N ALA V 78 -31.71 12.65 50.28
CA ALA V 78 -32.45 11.43 49.98
C ALA V 78 -31.48 10.33 49.60
N VAL V 79 -31.96 9.12 49.56
CA VAL V 79 -31.12 8.03 49.18
C VAL V 79 -30.74 8.28 47.73
N HIS V 80 -31.45 9.20 47.08
CA HIS V 80 -31.21 9.51 45.68
C HIS V 80 -30.58 10.87 45.42
N SER V 81 -30.26 11.61 46.50
CA SER V 81 -29.67 12.94 46.41
C SER V 81 -28.54 13.09 45.40
N ASN V 82 -28.62 14.12 44.56
CA ASN V 82 -27.60 14.40 43.55
C ASN V 82 -26.42 14.99 44.27
N HIS V 83 -26.70 16.00 45.08
CA HIS V 83 -25.70 16.69 45.87
C HIS V 83 -24.87 15.63 46.59
N ALA V 84 -25.51 14.54 46.96
CA ALA V 84 -24.86 13.44 47.66
C ALA V 84 -23.73 12.85 46.83
N PHE V 85 -24.06 12.00 45.86
CA PHE V 85 -23.05 11.37 45.01
C PHE V 85 -22.02 12.36 44.46
N VAL V 86 -22.39 13.63 44.43
CA VAL V 86 -21.49 14.65 43.91
C VAL V 86 -20.60 15.24 45.02
N THR V 87 -21.19 15.61 46.15
CA THR V 87 -20.38 16.15 47.25
C THR V 87 -19.44 15.04 47.73
N GLY V 88 -19.87 13.81 47.51
CA GLY V 88 -19.09 12.66 47.90
C GLY V 88 -18.01 12.39 46.88
N LEU V 89 -18.39 12.22 45.63
CA LEU V 89 -17.42 11.93 44.59
C LEU V 89 -16.42 13.06 44.43
N ALA V 90 -16.85 14.29 44.65
CA ALA V 90 -15.92 15.41 44.51
C ALA V 90 -14.83 15.22 45.56
N ALA V 91 -15.24 15.12 46.82
CA ALA V 91 -14.33 14.95 47.95
C ALA V 91 -13.22 13.93 47.74
N LYS V 92 -13.57 12.76 47.25
CA LYS V 92 -12.57 11.75 47.02
C LYS V 92 -11.64 12.11 45.87
N LYS V 93 -12.06 13.03 45.02
CA LYS V 93 -11.21 13.43 43.91
C LYS V 93 -10.22 14.40 44.50
N LEU V 94 -10.73 15.35 45.28
CA LEU V 94 -9.88 16.33 45.94
C LEU V 94 -9.08 15.59 47.00
N GLY V 95 -9.24 14.26 47.01
CA GLY V 95 -8.50 13.40 47.92
C GLY V 95 -8.92 13.18 49.37
N LEU V 96 -10.06 13.69 49.81
CA LEU V 96 -10.46 13.48 51.20
C LEU V 96 -11.39 12.28 51.22
N ASP V 97 -11.97 11.97 52.37
CA ASP V 97 -12.89 10.85 52.50
C ASP V 97 -14.34 11.32 52.54
N ALA V 98 -15.27 10.44 52.20
CA ALA V 98 -16.69 10.80 52.24
C ALA V 98 -17.52 9.75 52.94
N ILE V 99 -18.60 10.21 53.58
CA ILE V 99 -19.57 9.37 54.29
C ILE V 99 -20.91 10.03 54.05
N LEU V 100 -21.82 9.38 53.35
CA LEU V 100 -23.12 9.99 53.07
C LEU V 100 -24.28 9.50 53.94
N VAL V 101 -24.95 10.43 54.60
CA VAL V 101 -26.09 10.11 55.45
C VAL V 101 -27.41 10.19 54.69
N LEU V 102 -27.65 9.18 53.87
CA LEU V 102 -28.85 9.10 53.04
C LEU V 102 -30.09 8.77 53.82
N ARG V 103 -31.14 8.36 53.11
CA ARG V 103 -32.41 8.04 53.76
C ARG V 103 -33.48 7.60 52.76
N GLY V 104 -34.03 6.39 52.97
CA GLY V 104 -35.06 5.92 52.08
C GLY V 104 -34.91 4.56 51.44
N LYS V 105 -35.93 4.13 50.70
CA LYS V 105 -35.96 2.85 50.01
C LYS V 105 -34.58 2.54 49.39
N GLU V 106 -33.75 1.86 50.18
CA GLU V 106 -32.38 1.50 49.84
C GLU V 106 -32.15 0.64 48.62
N GLU V 107 -32.69 1.06 47.48
CA GLU V 107 -32.53 0.33 46.22
C GLU V 107 -31.14 0.58 45.64
N LEU V 108 -30.72 -0.32 44.77
CA LEU V 108 -29.41 -0.25 44.13
C LEU V 108 -29.51 0.49 42.79
N LYS V 109 -30.13 1.67 42.80
CA LYS V 109 -30.28 2.45 41.58
C LYS V 109 -30.13 3.97 41.71
N GLY V 110 -30.00 4.61 40.56
CA GLY V 110 -29.85 6.06 40.54
C GLY V 110 -28.55 6.53 41.13
N ASN V 111 -28.59 7.69 41.79
CA ASN V 111 -27.40 8.24 42.39
C ASN V 111 -26.84 7.33 43.46
N TYR V 112 -27.73 6.58 44.10
CA TYR V 112 -27.29 5.65 45.13
C TYR V 112 -26.35 4.63 44.49
N LEU V 113 -26.85 4.00 43.41
CA LEU V 113 -26.14 3.00 42.62
C LEU V 113 -24.71 3.46 42.40
N LEU V 114 -24.57 4.74 42.05
CA LEU V 114 -23.27 5.33 41.82
C LEU V 114 -22.46 5.37 43.10
N ASP V 115 -23.12 5.70 44.21
CA ASP V 115 -22.47 5.76 45.54
C ASP V 115 -21.70 4.46 45.73
N LYS V 116 -22.41 3.37 45.46
CA LYS V 116 -21.86 2.05 45.59
C LYS V 116 -20.80 1.80 44.51
N ILE V 117 -21.04 2.26 43.30
CA ILE V 117 -20.05 2.07 42.25
C ILE V 117 -18.80 2.86 42.64
N MET V 118 -18.93 4.18 42.74
CA MET V 118 -17.79 5.00 43.11
C MET V 118 -17.21 4.70 44.47
N GLY V 119 -17.85 3.82 45.23
CA GLY V 119 -17.32 3.49 46.53
C GLY V 119 -17.32 4.68 47.48
N ILE V 120 -18.51 5.08 47.90
CA ILE V 120 -18.71 6.21 48.81
C ILE V 120 -19.49 5.71 50.04
N GLU V 121 -18.84 5.69 51.20
CA GLU V 121 -19.48 5.17 52.39
C GLU V 121 -20.89 5.72 52.54
N THR V 122 -21.83 4.78 52.51
CA THR V 122 -23.26 5.04 52.61
C THR V 122 -23.80 4.62 53.98
N ARG V 123 -24.76 5.39 54.49
CA ARG V 123 -25.37 5.10 55.77
C ARG V 123 -26.82 5.51 55.71
N VAL V 124 -27.64 4.63 55.16
CA VAL V 124 -29.05 4.89 55.01
C VAL V 124 -29.74 4.63 56.33
N TYR V 125 -30.26 5.69 56.93
CA TYR V 125 -30.97 5.59 58.20
C TYR V 125 -32.42 5.75 57.83
N ASP V 126 -33.30 5.43 58.78
CA ASP V 126 -34.71 5.61 58.48
C ASP V 126 -35.21 6.72 59.38
N ALA V 127 -34.86 7.95 59.02
CA ALA V 127 -35.31 9.10 59.79
C ALA V 127 -36.37 9.90 59.03
N LYS V 128 -37.15 10.66 59.78
CA LYS V 128 -38.20 11.51 59.25
C LYS V 128 -37.76 12.11 57.92
N ASP V 129 -38.70 12.33 57.01
CA ASP V 129 -38.30 12.91 55.74
C ASP V 129 -38.04 14.40 55.94
N SER V 130 -37.46 14.73 57.09
CA SER V 130 -37.16 16.13 57.42
C SER V 130 -35.66 16.40 57.23
N PHE V 131 -35.02 15.53 56.46
CA PHE V 131 -33.58 15.61 56.17
C PHE V 131 -32.82 16.00 57.43
N GLU V 132 -33.42 15.67 58.58
CA GLU V 132 -32.79 15.94 59.87
C GLU V 132 -31.89 14.75 60.22
N LEU V 133 -31.31 14.16 59.17
CA LEU V 133 -30.36 13.06 59.30
C LEU V 133 -29.13 13.83 59.79
N MET V 134 -29.33 15.15 59.82
CA MET V 134 -28.35 16.09 60.27
C MET V 134 -27.96 15.55 61.63
N LYS V 135 -28.98 15.15 62.39
CA LYS V 135 -28.79 14.58 63.73
C LYS V 135 -27.65 13.58 63.68
N TYR V 136 -27.84 12.61 62.79
CA TYR V 136 -26.90 11.54 62.59
C TYR V 136 -25.59 12.05 62.00
N ALA V 137 -25.69 13.02 61.09
CA ALA V 137 -24.51 13.59 60.44
C ALA V 137 -23.55 14.18 61.46
N GLU V 138 -24.13 14.77 62.50
CA GLU V 138 -23.38 15.37 63.60
C GLU V 138 -22.88 14.24 64.50
N GLU V 139 -23.79 13.37 64.93
CA GLU V 139 -23.37 12.25 65.75
C GLU V 139 -22.10 11.74 65.09
N ILE V 140 -22.22 11.27 63.84
CA ILE V 140 -21.09 10.76 63.08
C ILE V 140 -19.90 11.69 63.14
N ALA V 141 -20.12 12.96 62.79
CA ALA V 141 -19.04 13.93 62.83
C ALA V 141 -18.47 13.98 64.24
N GLU V 142 -19.27 13.56 65.22
CA GLU V 142 -18.86 13.58 66.63
C GLU V 142 -18.04 12.36 67.09
N GLU V 143 -18.62 11.17 66.95
CA GLU V 143 -17.90 9.95 67.30
C GLU V 143 -16.79 9.81 66.26
N LEU V 144 -16.69 10.80 65.37
CA LEU V 144 -15.67 10.80 64.32
C LEU V 144 -14.49 11.62 64.79
N LYS V 145 -14.75 12.61 65.62
CA LYS V 145 -13.69 13.45 66.14
C LYS V 145 -12.90 12.58 67.14
N ARG V 146 -13.59 11.57 67.70
CA ARG V 146 -13.01 10.66 68.68
C ARG V 146 -11.91 9.73 68.16
N GLU V 147 -11.04 10.30 67.33
CA GLU V 147 -9.88 9.62 66.76
C GLU V 147 -9.12 10.78 66.15
N GLY V 148 -9.47 11.99 66.62
CA GLY V 148 -8.82 13.18 66.11
C GLY V 148 -9.09 13.44 64.64
N ARG V 149 -10.03 12.68 64.06
CA ARG V 149 -10.35 12.88 62.66
C ARG V 149 -11.14 14.17 62.56
N LYS V 150 -10.90 14.93 61.50
CA LYS V 150 -11.59 16.20 61.28
C LYS V 150 -12.66 15.99 60.19
N PRO V 151 -13.85 15.58 60.61
CA PRO V 151 -14.97 15.33 59.70
C PRO V 151 -15.71 16.58 59.22
N TYR V 152 -15.43 17.06 58.02
CA TYR V 152 -16.14 18.24 57.56
C TYR V 152 -17.55 17.87 57.10
N VAL V 153 -18.56 18.53 57.70
CA VAL V 153 -19.98 18.27 57.42
C VAL V 153 -20.81 19.37 56.72
N ILE V 154 -21.22 19.06 55.50
CA ILE V 154 -22.01 19.97 54.68
C ILE V 154 -23.53 19.83 54.81
N PRO V 155 -24.23 20.96 55.03
CA PRO V 155 -25.70 21.03 55.18
C PRO V 155 -26.46 20.54 53.94
N PRO V 156 -27.79 20.35 54.06
CA PRO V 156 -28.65 19.89 52.96
C PRO V 156 -28.52 20.74 51.71
N GLY V 157 -28.27 20.09 50.58
CA GLY V 157 -28.10 20.79 49.32
C GLY V 157 -27.01 21.85 49.43
N GLY V 158 -26.13 21.67 50.40
CA GLY V 158 -25.06 22.61 50.64
C GLY V 158 -25.61 24.02 50.88
N ALA V 159 -26.87 24.09 51.29
CA ALA V 159 -27.55 25.36 51.51
C ALA V 159 -27.05 26.25 52.65
N SER V 160 -25.73 26.31 52.86
CA SER V 160 -25.20 27.16 53.92
C SER V 160 -24.86 28.51 53.29
N PRO V 161 -24.60 29.54 54.12
CA PRO V 161 -24.27 30.80 53.44
C PRO V 161 -23.17 30.62 52.38
N ILE V 162 -22.03 30.05 52.74
CA ILE V 162 -20.93 29.86 51.78
C ILE V 162 -21.35 29.30 50.42
N GLY V 163 -21.86 28.07 50.40
CA GLY V 163 -22.28 27.45 49.14
C GLY V 163 -23.15 28.34 48.29
N THR V 164 -24.01 29.11 48.93
CA THR V 164 -24.92 30.05 48.28
C THR V 164 -24.16 31.00 47.36
N LEU V 165 -22.84 31.00 47.50
CA LEU V 165 -21.99 31.86 46.71
C LEU V 165 -21.69 31.27 45.35
N GLY V 166 -22.06 30.00 45.17
CA GLY V 166 -21.84 29.35 43.89
C GLY V 166 -22.71 29.97 42.81
N TYR V 167 -23.89 30.45 43.19
CA TYR V 167 -24.78 31.06 42.23
C TYR V 167 -24.69 32.58 42.24
N VAL V 168 -24.04 33.14 43.26
CA VAL V 168 -23.81 34.58 43.30
C VAL V 168 -22.74 34.74 42.24
N ARG V 169 -22.00 33.67 42.03
CA ARG V 169 -20.93 33.62 41.06
C ARG V 169 -21.50 33.36 39.68
N ALA V 170 -22.54 32.52 39.64
CA ALA V 170 -23.23 32.13 38.42
C ALA V 170 -23.85 33.34 37.72
N VAL V 171 -24.53 34.19 38.50
CA VAL V 171 -25.16 35.38 37.96
C VAL V 171 -24.09 36.29 37.37
N GLY V 172 -22.89 36.16 37.91
CA GLY V 172 -21.77 36.96 37.43
C GLY V 172 -21.30 36.43 36.11
N GLU V 173 -21.40 35.11 35.94
CA GLU V 173 -20.99 34.45 34.70
C GLU V 173 -22.05 34.85 33.69
N ILE V 174 -23.31 34.66 34.07
CA ILE V 174 -24.44 34.99 33.24
C ILE V 174 -24.37 36.45 32.79
N ALA V 175 -24.03 37.34 33.72
CA ALA V 175 -23.92 38.77 33.45
C ALA V 175 -22.91 39.13 32.38
N THR V 176 -21.78 38.45 32.39
CA THR V 176 -20.71 38.72 31.46
C THR V 176 -20.87 38.04 30.09
N GLN V 177 -21.45 36.84 30.08
CA GLN V 177 -21.60 36.06 28.85
C GLN V 177 -22.92 36.19 28.12
N SER V 178 -23.90 36.84 28.73
CA SER V 178 -25.22 36.93 28.11
C SER V 178 -25.43 38.02 27.08
N GLU V 179 -26.17 37.68 26.03
CA GLU V 179 -26.53 38.63 24.97
C GLU V 179 -27.86 39.21 25.44
N VAL V 180 -28.67 38.28 25.94
CA VAL V 180 -30.01 38.56 26.41
C VAL V 180 -30.17 39.26 27.74
N LYS V 181 -30.99 40.29 27.73
CA LYS V 181 -31.34 41.10 28.87
C LYS V 181 -32.59 40.41 29.37
N PHE V 182 -32.49 39.74 30.53
CA PHE V 182 -33.57 38.95 31.13
C PHE V 182 -34.50 39.59 32.14
N ASP V 183 -35.77 39.18 32.09
CA ASP V 183 -36.80 39.68 32.99
C ASP V 183 -36.86 38.79 34.20
N SER V 184 -36.54 37.53 34.00
CA SER V 184 -36.57 36.57 35.10
C SER V 184 -35.69 35.36 34.81
N ILE V 185 -35.18 34.76 35.88
CA ILE V 185 -34.34 33.59 35.80
C ILE V 185 -34.99 32.60 36.75
N VAL V 186 -35.36 31.45 36.23
CA VAL V 186 -36.05 30.44 37.01
C VAL V 186 -35.16 29.27 37.35
N VAL V 187 -35.24 28.80 38.59
CA VAL V 187 -34.45 27.67 39.04
C VAL V 187 -35.29 26.81 39.99
N ALA V 188 -34.95 25.52 40.13
CA ALA V 188 -35.70 24.62 41.01
C ALA V 188 -35.39 24.94 42.47
N ALA V 189 -36.37 24.78 43.36
CA ALA V 189 -36.17 25.09 44.77
C ALA V 189 -36.53 24.00 45.77
N GLY V 190 -35.49 23.41 46.36
CA GLY V 190 -35.69 22.38 47.36
C GLY V 190 -35.23 22.87 48.72
N SER V 191 -33.94 23.14 48.83
CA SER V 191 -33.36 23.63 50.08
C SER V 191 -32.97 25.06 49.93
N GLY V 192 -33.54 25.73 48.94
CA GLY V 192 -33.24 27.13 48.73
C GLY V 192 -31.79 27.40 48.40
N GLY V 193 -31.06 26.34 48.07
CA GLY V 193 -29.67 26.51 47.71
C GLY V 193 -29.50 27.55 46.62
N THR V 194 -29.61 27.12 45.38
CA THR V 194 -29.48 27.96 44.20
C THR V 194 -30.27 29.29 44.25
N LEU V 195 -31.49 29.24 44.77
CA LEU V 195 -32.33 30.44 44.84
C LEU V 195 -31.69 31.53 45.69
N ALA V 196 -31.12 31.16 46.83
CA ALA V 196 -30.49 32.12 47.72
C ALA V 196 -29.36 32.88 47.02
N GLY V 197 -28.45 32.14 46.39
CA GLY V 197 -27.35 32.76 45.69
C GLY V 197 -27.79 33.57 44.49
N LEU V 198 -28.72 33.02 43.71
CA LEU V 198 -29.26 33.70 42.51
C LEU V 198 -29.83 35.06 42.84
N SER V 199 -30.55 35.15 43.96
CA SER V 199 -31.14 36.39 44.41
C SER V 199 -30.05 37.38 44.80
N LEU V 200 -29.05 36.90 45.54
CA LEU V 200 -27.92 37.71 46.04
C LEU V 200 -27.22 38.44 44.94
N GLY V 201 -26.75 37.68 43.96
CA GLY V 201 -26.05 38.26 42.84
C GLY V 201 -26.88 39.19 42.00
N LEU V 202 -28.17 38.89 41.86
CA LEU V 202 -29.02 39.76 41.09
C LEU V 202 -29.20 41.02 41.92
N SER V 203 -29.26 40.85 43.24
CA SER V 203 -29.39 42.00 44.12
C SER V 203 -28.15 42.86 43.93
N ILE V 204 -26.99 42.22 43.90
CA ILE V 204 -25.72 42.93 43.72
C ILE V 204 -25.64 43.68 42.39
N LEU V 205 -25.85 42.98 41.28
CA LEU V 205 -25.81 43.63 39.96
C LEU V 205 -26.86 44.74 39.89
N ASN V 206 -27.89 44.60 40.72
CA ASN V 206 -28.97 45.56 40.74
C ASN V 206 -29.57 45.70 39.37
N GLU V 207 -29.52 44.62 38.59
CA GLU V 207 -30.12 44.61 37.25
C GLU V 207 -31.60 44.60 37.59
N ASP V 208 -32.48 44.80 36.63
CA ASP V 208 -33.89 44.79 37.01
C ASP V 208 -34.51 43.43 36.83
N ILE V 209 -33.68 42.40 37.00
CA ILE V 209 -34.07 41.00 36.84
C ILE V 209 -34.78 40.42 38.05
N ARG V 210 -35.55 39.35 37.82
CA ARG V 210 -36.34 38.68 38.86
C ARG V 210 -35.92 37.27 39.29
N PRO V 211 -35.57 37.10 40.58
CA PRO V 211 -35.17 35.77 41.01
C PRO V 211 -36.47 35.02 41.22
N VAL V 212 -36.65 33.91 40.51
CA VAL V 212 -37.90 33.17 40.63
C VAL V 212 -37.71 31.67 40.87
N GLY V 213 -38.09 31.21 42.05
CA GLY V 213 -37.92 29.81 42.37
C GLY V 213 -39.17 28.95 42.36
N ILE V 214 -39.00 27.70 41.95
CA ILE V 214 -40.11 26.77 41.89
C ILE V 214 -39.96 25.73 43.01
N ALA V 215 -40.81 25.83 44.02
CA ALA V 215 -40.77 24.90 45.14
C ALA V 215 -41.16 23.50 44.69
N VAL V 216 -40.28 22.53 44.86
CA VAL V 216 -40.57 21.15 44.48
C VAL V 216 -40.99 20.31 45.67
N GLY V 217 -41.44 20.97 46.75
CA GLY V 217 -41.86 20.25 47.93
C GLY V 217 -42.63 21.05 48.96
N ARG V 218 -42.08 21.08 50.17
CA ARG V 218 -42.67 21.77 51.32
C ARG V 218 -43.31 23.13 51.04
N PHE V 219 -42.79 24.15 51.74
CA PHE V 219 -43.18 25.57 51.68
C PHE V 219 -43.54 26.12 53.07
N GLY V 220 -44.64 26.86 53.16
CA GLY V 220 -45.05 27.43 54.43
C GLY V 220 -44.02 28.40 55.00
N GLU V 221 -44.24 28.81 56.25
CA GLU V 221 -43.33 29.71 56.95
C GLU V 221 -41.96 29.04 56.94
N VAL V 222 -41.89 27.86 57.55
CA VAL V 222 -40.67 27.08 57.60
C VAL V 222 -39.75 27.40 56.43
N MET V 223 -39.87 26.62 55.36
CA MET V 223 -39.07 26.79 54.15
C MET V 223 -38.92 28.26 53.78
N THR V 224 -40.05 28.94 53.58
CA THR V 224 -40.07 30.35 53.17
C THR V 224 -39.32 31.27 54.12
N SER V 225 -39.43 31.04 55.43
CA SER V 225 -38.76 31.85 56.43
C SER V 225 -37.30 31.51 56.61
N LYS V 226 -36.98 30.23 56.67
CA LYS V 226 -35.59 29.82 56.81
C LYS V 226 -34.73 30.34 55.63
N LEU V 227 -35.39 30.62 54.50
CA LEU V 227 -34.72 31.11 53.29
C LEU V 227 -34.45 32.60 53.31
N ASP V 228 -35.19 33.33 54.13
CA ASP V 228 -34.97 34.76 54.22
C ASP V 228 -33.71 34.98 55.03
N ASN V 229 -33.57 34.19 56.09
CA ASN V 229 -32.42 34.31 56.94
C ASN V 229 -31.20 33.86 56.15
N LEU V 230 -31.32 32.75 55.44
CA LEU V 230 -30.23 32.19 54.64
C LEU V 230 -29.56 33.26 53.78
N ILE V 231 -30.34 34.01 53.03
CA ILE V 231 -29.79 35.05 52.16
C ILE V 231 -29.46 36.38 52.86
N LYS V 232 -29.95 36.56 54.08
CA LYS V 232 -29.62 37.76 54.81
C LYS V 232 -28.23 37.50 55.39
N GLU V 233 -27.98 36.22 55.67
CA GLU V 233 -26.71 35.79 56.19
C GLU V 233 -25.77 35.89 55.00
N ALA V 234 -26.09 35.14 53.95
CA ALA V 234 -25.27 35.17 52.75
C ALA V 234 -24.95 36.61 52.39
N ALA V 235 -25.93 37.50 52.51
CA ALA V 235 -25.74 38.91 52.18
C ALA V 235 -24.76 39.56 53.15
N GLU V 236 -24.90 39.26 54.42
CA GLU V 236 -24.02 39.83 55.43
C GLU V 236 -22.64 39.24 55.25
N LEU V 237 -22.60 37.97 54.89
CA LEU V 237 -21.34 37.29 54.70
C LEU V 237 -20.56 38.07 53.65
N LEU V 238 -21.26 38.63 52.67
CA LEU V 238 -20.63 39.40 51.60
C LEU V 238 -20.64 40.87 51.92
N GLY V 239 -21.18 41.22 53.07
CA GLY V 239 -21.27 42.60 53.51
C GLY V 239 -22.06 43.49 52.57
N VAL V 240 -23.37 43.22 52.48
CA VAL V 240 -24.26 43.97 51.58
C VAL V 240 -25.76 43.94 51.92
N LYS V 241 -26.45 45.03 51.59
CA LYS V 241 -27.89 45.18 51.80
C LYS V 241 -28.63 44.41 50.72
N VAL V 242 -29.52 43.51 51.12
CA VAL V 242 -30.27 42.69 50.15
C VAL V 242 -31.57 43.31 49.62
N GLU V 243 -31.60 43.54 48.30
CA GLU V 243 -32.78 44.08 47.63
C GLU V 243 -33.93 43.09 47.87
N VAL V 244 -34.92 43.49 48.67
CA VAL V 244 -36.04 42.62 49.03
C VAL V 244 -36.22 41.38 48.13
N ARG V 245 -36.36 40.26 48.84
CA ARG V 245 -36.50 38.90 48.33
C ARG V 245 -37.06 38.53 46.95
N PRO V 246 -37.01 37.21 46.65
CA PRO V 246 -37.46 36.58 45.42
C PRO V 246 -38.86 35.95 45.44
N GLU V 247 -39.31 35.59 44.25
CA GLU V 247 -40.59 34.96 44.09
C GLU V 247 -40.39 33.47 44.31
N LEU V 248 -41.45 32.79 44.67
CA LEU V 248 -41.41 31.36 44.89
C LEU V 248 -42.83 30.87 44.68
N TYR V 249 -42.97 29.75 43.99
CA TYR V 249 -44.29 29.18 43.71
C TYR V 249 -44.27 27.68 43.91
N ASP V 250 -45.35 27.15 44.45
CA ASP V 250 -45.46 25.73 44.69
C ASP V 250 -45.89 24.98 43.42
N TYR V 251 -44.97 24.19 42.87
CA TYR V 251 -45.25 23.37 41.68
C TYR V 251 -44.76 21.96 41.94
N SER V 252 -44.97 21.50 43.17
CA SER V 252 -44.54 20.18 43.62
C SER V 252 -45.54 19.06 43.36
N PHE V 253 -46.80 19.42 43.17
CA PHE V 253 -47.84 18.46 42.91
C PHE V 253 -48.26 17.70 44.19
N GLY V 254 -48.15 18.37 45.33
CA GLY V 254 -48.55 17.73 46.58
C GLY V 254 -47.44 17.56 47.61
N GLU V 255 -46.35 16.92 47.20
CA GLU V 255 -45.23 16.71 48.10
C GLU V 255 -43.91 16.51 47.34
N TYR V 256 -42.88 16.13 48.09
CA TYR V 256 -41.53 15.89 47.59
C TYR V 256 -41.37 14.54 46.92
N GLY V 257 -40.61 14.52 45.84
CA GLY V 257 -40.38 13.30 45.09
C GLY V 257 -41.64 12.58 44.64
N LYS V 258 -42.73 13.30 44.43
CA LYS V 258 -43.96 12.69 43.98
C LYS V 258 -44.13 12.82 42.48
N ILE V 259 -43.70 11.80 41.75
CA ILE V 259 -43.80 11.81 40.31
C ILE V 259 -45.24 11.72 39.87
N THR V 260 -45.68 12.67 39.06
CA THR V 260 -47.04 12.65 38.54
C THR V 260 -46.97 12.71 37.01
N GLY V 261 -48.11 12.51 36.36
CA GLY V 261 -48.19 12.51 34.91
C GLY V 261 -47.80 13.80 34.24
N GLU V 262 -48.03 14.92 34.91
CA GLU V 262 -47.66 16.21 34.34
C GLU V 262 -46.15 16.28 34.18
N VAL V 263 -45.44 15.68 35.14
CA VAL V 263 -43.99 15.60 35.17
C VAL V 263 -43.43 14.65 34.11
N ALA V 264 -43.88 13.40 34.15
CA ALA V 264 -43.41 12.42 33.18
C ALA V 264 -43.63 12.94 31.76
N GLN V 265 -44.74 13.64 31.56
CA GLN V 265 -45.09 14.18 30.26
C GLN V 265 -44.19 15.30 29.75
N ILE V 266 -43.80 16.20 30.64
CA ILE V 266 -42.92 17.32 30.28
C ILE V 266 -41.47 16.89 30.07
N ILE V 267 -41.05 15.77 30.68
CA ILE V 267 -39.70 15.29 30.49
C ILE V 267 -39.64 14.72 29.08
N ARG V 268 -40.81 14.36 28.57
CA ARG V 268 -40.92 13.83 27.22
C ARG V 268 -41.01 14.97 26.18
N LYS V 269 -41.55 16.11 26.58
CA LYS V 269 -41.72 17.31 25.72
C LYS V 269 -40.39 18.06 25.53
N VAL V 270 -39.84 18.53 26.65
CA VAL V 270 -38.58 19.26 26.63
C VAL V 270 -37.52 18.37 26.01
N GLY V 271 -37.53 17.09 26.41
CA GLY V 271 -36.56 16.15 25.89
C GLY V 271 -36.72 15.77 24.44
N THR V 272 -37.93 15.85 23.90
CA THR V 272 -38.14 15.48 22.51
C THR V 272 -38.26 16.67 21.59
N ARG V 273 -38.45 17.85 22.17
CA ARG V 273 -38.55 19.07 21.37
C ARG V 273 -37.30 19.93 21.47
N GLU V 274 -36.58 19.83 22.58
CA GLU V 274 -35.37 20.62 22.77
C GLU V 274 -34.07 19.85 22.99
N GLY V 275 -34.17 18.53 23.08
CA GLY V 275 -33.00 17.68 23.26
C GLY V 275 -32.35 17.72 24.63
N ILE V 276 -33.13 18.13 25.62
CA ILE V 276 -32.58 18.24 26.96
C ILE V 276 -33.34 17.35 27.94
N ILE V 277 -32.58 16.59 28.72
CA ILE V 277 -33.15 15.68 29.69
C ILE V 277 -33.30 16.35 31.05
N LEU V 278 -34.56 16.48 31.50
CA LEU V 278 -34.87 17.07 32.80
C LEU V 278 -35.10 15.91 33.77
N ASP V 279 -35.10 16.18 35.08
CA ASP V 279 -35.31 15.10 36.04
C ASP V 279 -36.67 15.14 36.74
N PRO V 280 -37.20 13.96 37.10
CA PRO V 280 -38.49 13.83 37.78
C PRO V 280 -38.69 14.46 39.15
N VAL V 281 -37.62 14.70 39.90
CA VAL V 281 -37.80 15.27 41.22
C VAL V 281 -37.47 16.76 41.36
N TYR V 282 -36.67 17.30 40.45
CA TYR V 282 -36.30 18.72 40.51
C TYR V 282 -36.55 19.54 39.25
N THR V 283 -35.57 19.59 38.35
CA THR V 283 -35.68 20.37 37.11
C THR V 283 -36.97 20.28 36.30
N GLY V 284 -37.48 19.07 36.08
CA GLY V 284 -38.71 18.90 35.32
C GLY V 284 -39.85 19.68 35.93
N LYS V 285 -40.02 19.53 37.24
CA LYS V 285 -41.08 20.22 37.98
C LYS V 285 -40.85 21.71 37.87
N ALA V 286 -39.60 22.11 37.93
CA ALA V 286 -39.24 23.51 37.84
C ALA V 286 -39.61 24.03 36.45
N PHE V 287 -39.16 23.33 35.42
CA PHE V 287 -39.46 23.73 34.06
C PHE V 287 -40.97 23.58 33.82
N TYR V 288 -41.70 23.09 34.82
CA TYR V 288 -43.15 22.98 34.67
C TYR V 288 -43.76 24.25 35.22
N GLY V 289 -43.23 24.76 36.32
CA GLY V 289 -43.75 25.99 36.89
C GLY V 289 -43.43 27.13 35.94
N LEU V 290 -42.36 26.96 35.17
CA LEU V 290 -41.89 27.94 34.19
C LEU V 290 -42.95 28.13 33.10
N VAL V 291 -43.24 27.06 32.37
CA VAL V 291 -44.20 27.07 31.30
C VAL V 291 -45.59 27.48 31.79
N ASP V 292 -46.01 26.92 32.92
CA ASP V 292 -47.32 27.23 33.46
C ASP V 292 -47.40 28.67 33.89
N LEU V 293 -46.27 29.30 34.14
CA LEU V 293 -46.27 30.71 34.53
C LEU V 293 -46.16 31.58 33.27
N ALA V 294 -45.36 31.14 32.31
CA ALA V 294 -45.17 31.89 31.09
C ALA V 294 -46.48 32.00 30.32
N ARG V 295 -47.23 30.91 30.30
CA ARG V 295 -48.50 30.90 29.62
C ARG V 295 -49.44 31.94 30.22
N LYS V 296 -49.22 32.30 31.48
CA LYS V 296 -50.05 33.27 32.17
C LYS V 296 -49.46 34.67 32.09
N GLY V 297 -48.33 34.80 31.40
CA GLY V 297 -47.68 36.09 31.27
C GLY V 297 -47.17 36.62 32.59
N GLU V 298 -46.86 35.70 33.51
CA GLU V 298 -46.37 36.06 34.84
C GLU V 298 -44.85 36.17 35.06
N LEU V 299 -44.06 35.65 34.12
CA LEU V 299 -42.60 35.73 34.23
C LEU V 299 -41.95 36.78 33.34
N GLY V 300 -42.68 37.26 32.33
CA GLY V 300 -42.15 38.27 31.43
C GLY V 300 -41.99 37.74 30.02
N GLU V 301 -41.22 38.43 29.19
CA GLU V 301 -40.98 37.99 27.81
C GLU V 301 -39.64 37.28 27.69
N LYS V 302 -38.71 37.62 28.58
CA LYS V 302 -37.40 37.01 28.57
C LYS V 302 -37.14 36.24 29.87
N ILE V 303 -36.91 34.95 29.72
CA ILE V 303 -36.73 34.08 30.86
C ILE V 303 -35.52 33.18 30.66
N LEU V 304 -34.79 32.94 31.74
CA LEU V 304 -33.60 32.09 31.71
C LEU V 304 -33.83 30.91 32.67
N PHE V 305 -33.98 29.72 32.13
CA PHE V 305 -34.14 28.57 33.00
C PHE V 305 -32.74 28.03 33.33
N ILE V 306 -32.50 27.71 34.59
CA ILE V 306 -31.20 27.16 34.96
C ILE V 306 -31.31 25.64 35.10
N HIS V 307 -30.71 24.91 34.16
CA HIS V 307 -30.74 23.46 34.21
C HIS V 307 -29.72 23.03 35.24
N THR V 308 -30.22 22.62 36.40
CA THR V 308 -29.37 22.23 37.49
C THR V 308 -29.04 20.75 37.61
N GLY V 309 -28.86 20.07 36.49
CA GLY V 309 -28.49 18.66 36.48
C GLY V 309 -29.50 17.62 36.96
N GLY V 310 -29.07 16.75 37.87
CA GLY V 310 -29.92 15.72 38.43
C GLY V 310 -30.31 14.53 37.55
N ILE V 311 -29.67 14.36 36.41
CA ILE V 311 -30.02 13.27 35.48
C ILE V 311 -30.12 11.86 36.05
N SER V 312 -29.53 11.62 37.20
CA SER V 312 -29.61 10.27 37.77
C SER V 312 -31.06 9.96 38.08
N GLY V 313 -31.85 11.00 38.29
CA GLY V 313 -33.25 10.81 38.61
C GLY V 313 -34.05 10.06 37.58
N THR V 314 -33.91 10.42 36.31
CA THR V 314 -34.67 9.77 35.25
C THR V 314 -34.35 8.29 35.10
N PHE V 315 -33.16 7.89 35.54
CA PHE V 315 -32.78 6.48 35.51
C PHE V 315 -33.35 5.81 36.77
N HIS V 316 -33.24 6.52 37.89
CA HIS V 316 -33.69 6.08 39.20
C HIS V 316 -35.17 5.75 39.26
N TYR V 317 -35.97 6.60 38.61
CA TYR V 317 -37.42 6.45 38.60
C TYR V 317 -38.02 6.22 37.24
N GLY V 318 -37.17 6.01 36.24
CA GLY V 318 -37.67 5.79 34.91
C GLY V 318 -38.92 4.93 34.91
N ASP V 319 -38.94 3.93 35.78
CA ASP V 319 -40.09 3.03 35.85
C ASP V 319 -41.41 3.69 36.28
N LYS V 320 -41.36 4.50 37.32
CA LYS V 320 -42.54 5.20 37.81
C LYS V 320 -43.07 6.09 36.70
N LEU V 321 -42.14 6.56 35.88
CA LEU V 321 -42.41 7.45 34.77
C LEU V 321 -43.11 6.80 33.60
N LEU V 322 -42.80 5.54 33.32
CA LEU V 322 -43.45 4.86 32.22
C LEU V 322 -44.91 4.62 32.54
N SER V 323 -45.17 4.00 33.69
CA SER V 323 -46.54 3.72 34.11
C SER V 323 -47.38 4.99 34.06
N LEU V 324 -46.72 6.13 33.99
CA LEU V 324 -47.41 7.40 33.95
C LEU V 324 -47.48 7.95 32.54
N LEU V 325 -46.86 7.25 31.59
CA LEU V 325 -46.85 7.68 30.20
C LEU V 325 -47.78 6.88 29.29
N MET W 1 -83.17 90.44 34.41
CA MET W 1 -84.38 90.19 35.25
C MET W 1 -85.63 90.78 34.57
N HIS W 2 -86.31 89.99 33.76
CA HIS W 2 -87.49 90.45 33.05
C HIS W 2 -88.37 91.23 34.03
N PRO W 3 -88.87 92.41 33.61
CA PRO W 3 -89.72 93.28 34.42
C PRO W 3 -90.95 92.64 35.08
N LYS W 4 -91.34 91.45 34.64
CA LYS W 4 -92.50 90.84 35.25
C LYS W 4 -92.12 89.97 36.43
N ILE W 5 -91.16 89.08 36.21
CA ILE W 5 -90.74 88.21 37.28
C ILE W 5 -90.21 89.01 38.48
N PHE W 6 -89.55 90.13 38.21
CA PHE W 6 -89.07 90.97 39.31
C PHE W 6 -90.27 91.58 39.98
N ALA W 7 -91.20 92.05 39.16
CA ALA W 7 -92.42 92.68 39.64
C ALA W 7 -93.20 91.75 40.56
N LEU W 8 -93.13 90.44 40.32
CA LEU W 8 -93.86 89.48 41.15
C LEU W 8 -93.12 88.85 42.35
N LEU W 9 -91.80 88.90 42.35
CA LEU W 9 -91.02 88.31 43.45
C LEU W 9 -90.63 89.29 44.54
N ALA W 10 -90.86 90.57 44.27
CA ALA W 10 -90.52 91.64 45.19
C ALA W 10 -90.85 91.44 46.68
N LYS W 11 -92.12 91.26 47.00
CA LYS W 11 -92.53 91.11 48.40
C LYS W 11 -91.97 89.90 49.16
N PHE W 12 -91.42 88.93 48.44
CA PHE W 12 -90.94 87.74 49.11
C PHE W 12 -89.52 87.84 49.66
N PRO W 13 -89.38 87.62 50.98
CA PRO W 13 -88.15 87.64 51.80
C PRO W 13 -87.11 86.62 51.34
N ARG W 14 -86.13 87.10 50.58
CA ARG W 14 -85.08 86.27 50.02
C ARG W 14 -83.65 86.53 50.51
N VAL W 15 -83.02 85.47 51.00
CA VAL W 15 -81.67 85.53 51.50
C VAL W 15 -80.70 85.25 50.36
N GLU W 16 -80.51 86.23 49.48
CA GLU W 16 -79.61 86.09 48.34
C GLU W 16 -78.24 85.44 48.60
N LEU W 17 -78.13 84.14 48.31
CA LEU W 17 -76.87 83.38 48.49
C LEU W 17 -76.08 83.26 47.18
N ILE W 18 -76.74 83.45 46.04
CA ILE W 18 -76.03 83.36 44.77
C ILE W 18 -75.74 84.77 44.27
N PRO W 19 -74.45 85.08 44.05
CA PRO W 19 -74.03 86.41 43.58
C PRO W 19 -73.97 86.66 42.08
N TRP W 20 -73.95 85.61 41.27
CA TRP W 20 -73.81 85.80 39.84
C TRP W 20 -74.74 84.96 38.98
N GLU W 21 -75.16 85.53 37.85
CA GLU W 21 -75.98 84.78 36.93
C GLU W 21 -75.03 83.64 36.56
N THR W 22 -75.49 82.40 36.59
CA THR W 22 -74.60 81.31 36.23
C THR W 22 -74.71 81.24 34.71
N PRO W 23 -73.57 81.00 34.03
CA PRO W 23 -73.40 80.91 32.56
C PRO W 23 -74.15 79.85 31.74
N ILE W 24 -74.43 80.22 30.48
CA ILE W 24 -75.13 79.36 29.51
C ILE W 24 -74.26 79.18 28.27
N GLN W 25 -73.73 77.98 28.10
CA GLN W 25 -72.85 77.64 26.98
C GLN W 25 -73.60 76.82 25.94
N TYR W 26 -72.99 76.65 24.79
CA TYR W 26 -73.58 75.86 23.71
C TYR W 26 -72.70 74.61 23.57
N LEU W 27 -73.33 73.45 23.57
CA LEU W 27 -72.62 72.17 23.44
C LEU W 27 -72.54 71.75 21.96
N PRO W 28 -71.30 71.73 21.40
CA PRO W 28 -70.93 71.38 20.01
C PRO W 28 -70.82 69.93 19.53
N ASN W 29 -70.22 69.04 20.32
CA ASN W 29 -70.06 67.64 19.91
C ASN W 29 -71.30 66.81 20.14
N ILE W 30 -72.20 67.34 20.96
CA ILE W 30 -73.43 66.63 21.25
C ILE W 30 -74.48 67.19 20.35
N SER W 31 -74.37 68.49 20.03
CA SER W 31 -75.36 69.08 19.14
C SER W 31 -75.08 68.60 17.73
N ARG W 32 -74.01 67.82 17.59
CA ARG W 32 -73.64 67.26 16.30
C ARG W 32 -74.08 65.78 16.31
N GLU W 33 -73.87 65.13 17.47
CA GLU W 33 -74.19 63.73 17.68
C GLU W 33 -75.69 63.43 17.87
N ILE W 34 -76.53 64.46 17.98
CA ILE W 34 -77.97 64.24 18.13
C ILE W 34 -78.80 64.98 17.08
N GLY W 35 -78.17 65.90 16.35
CA GLY W 35 -78.90 66.63 15.33
C GLY W 35 -79.88 67.66 15.88
N ALA W 36 -79.37 68.58 16.71
CA ALA W 36 -80.19 69.63 17.33
C ALA W 36 -79.35 70.51 18.27
N ASP W 37 -79.66 71.80 18.28
CA ASP W 37 -78.93 72.71 19.14
C ASP W 37 -79.34 72.51 20.58
N VAL W 38 -78.39 72.02 21.37
CA VAL W 38 -78.62 71.80 22.79
C VAL W 38 -77.67 72.66 23.65
N TYR W 39 -78.25 73.63 24.35
CA TYR W 39 -77.52 74.54 25.23
C TYR W 39 -77.72 74.12 26.70
N ILE W 40 -76.71 74.31 27.54
CA ILE W 40 -76.83 73.96 28.94
C ILE W 40 -76.66 75.20 29.83
N LYS W 41 -77.40 75.30 30.93
CA LYS W 41 -77.25 76.43 31.85
C LYS W 41 -76.52 75.92 33.10
N ARG W 42 -75.25 76.29 33.22
CA ARG W 42 -74.41 75.84 34.33
C ARG W 42 -74.83 76.24 35.73
N ASP W 43 -75.57 75.34 36.37
CA ASP W 43 -76.06 75.56 37.72
C ASP W 43 -75.36 74.72 38.75
N ASP W 44 -74.34 73.99 38.31
CA ASP W 44 -73.54 73.20 39.25
C ASP W 44 -72.50 74.21 39.73
N LEU W 45 -72.70 75.46 39.31
CA LEU W 45 -71.85 76.59 39.65
C LEU W 45 -72.65 77.68 40.37
N THR W 46 -73.59 77.28 41.22
CA THR W 46 -74.34 78.27 41.96
C THR W 46 -73.51 78.63 43.22
N GLY W 47 -72.31 78.07 43.29
CA GLY W 47 -71.37 78.36 44.35
C GLY W 47 -71.48 77.84 45.78
N LEU W 48 -72.66 77.44 46.20
CA LEU W 48 -72.80 76.95 47.58
C LEU W 48 -72.53 75.44 47.69
N GLY W 49 -71.55 75.08 48.51
CA GLY W 49 -71.20 73.69 48.72
C GLY W 49 -70.89 72.95 47.43
N ILE W 50 -71.94 72.47 46.76
CA ILE W 50 -71.79 71.75 45.51
C ILE W 50 -72.69 72.39 44.47
N GLY W 51 -73.00 73.66 44.67
CA GLY W 51 -73.86 74.35 43.74
C GLY W 51 -75.13 73.55 43.58
N GLY W 52 -75.76 73.62 42.42
CA GLY W 52 -77.00 72.89 42.20
C GLY W 52 -78.23 73.77 42.35
N ASN W 53 -79.36 73.28 41.85
CA ASN W 53 -80.65 73.95 41.85
C ASN W 53 -81.26 74.23 43.25
N LYS W 54 -80.92 73.38 44.22
CA LYS W 54 -81.42 73.52 45.59
C LYS W 54 -80.99 74.83 46.24
N ILE W 55 -79.84 75.36 45.82
CA ILE W 55 -79.40 76.63 46.38
C ILE W 55 -80.44 77.65 45.94
N ARG W 56 -80.79 77.63 44.66
CA ARG W 56 -81.82 78.53 44.13
C ARG W 56 -83.08 78.58 45.04
N LYS W 57 -83.68 77.41 45.25
CA LYS W 57 -84.90 77.32 46.05
C LYS W 57 -84.65 77.66 47.53
N LEU W 58 -83.44 77.37 47.99
CA LEU W 58 -83.09 77.62 49.38
C LEU W 58 -83.08 79.12 49.73
N GLU W 59 -83.03 79.98 48.73
CA GLU W 59 -83.04 81.41 49.00
C GLU W 59 -84.35 81.83 49.67
N TYR W 60 -85.46 81.71 48.95
CA TYR W 60 -86.74 82.08 49.51
C TYR W 60 -87.06 81.16 50.68
N LEU W 61 -86.37 80.03 50.70
CA LEU W 61 -86.55 79.06 51.76
C LEU W 61 -85.89 79.57 53.03
N LEU W 62 -84.56 79.44 53.10
CA LEU W 62 -83.81 79.88 54.27
C LEU W 62 -84.23 81.28 54.66
N GLY W 63 -84.92 81.95 53.75
CA GLY W 63 -85.41 83.28 54.03
C GLY W 63 -86.63 83.18 54.93
N ASP W 64 -87.68 82.54 54.42
CA ASP W 64 -88.92 82.36 55.17
C ASP W 64 -88.66 81.89 56.60
N ALA W 65 -87.92 80.80 56.74
CA ALA W 65 -87.59 80.24 58.05
C ALA W 65 -87.05 81.35 58.93
N LEU W 66 -85.89 81.89 58.53
CA LEU W 66 -85.26 82.96 59.27
C LEU W 66 -86.32 84.00 59.59
N SER W 67 -87.15 84.32 58.59
CA SER W 67 -88.22 85.29 58.76
C SER W 67 -89.08 84.95 59.97
N LYS W 68 -89.38 83.67 60.14
CA LYS W 68 -90.19 83.21 61.25
C LYS W 68 -89.28 82.61 62.31
N GLY W 69 -88.12 83.23 62.47
CA GLY W 69 -87.13 82.79 63.43
C GLY W 69 -87.15 81.34 63.90
N ALA W 70 -86.71 80.41 63.06
CA ALA W 70 -86.68 79.01 63.46
C ALA W 70 -85.24 78.78 63.85
N ASP W 71 -84.99 77.86 64.77
CA ASP W 71 -83.63 77.65 65.23
C ASP W 71 -82.97 76.34 64.82
N VAL W 72 -83.63 75.59 63.95
CA VAL W 72 -83.05 74.34 63.49
C VAL W 72 -83.70 73.88 62.21
N VAL W 73 -82.87 73.72 61.20
CA VAL W 73 -83.34 73.29 59.91
C VAL W 73 -83.29 71.77 59.83
N ILE W 74 -84.47 71.18 59.69
CA ILE W 74 -84.62 69.75 59.56
C ILE W 74 -85.23 69.49 58.20
N THR W 75 -84.73 68.45 57.53
CA THR W 75 -85.22 68.10 56.21
C THR W 75 -84.78 66.67 55.87
N VAL W 76 -85.47 66.07 54.90
CA VAL W 76 -85.20 64.69 54.46
C VAL W 76 -84.46 64.62 53.13
N GLY W 77 -83.89 63.46 52.87
CA GLY W 77 -83.14 63.24 51.65
C GLY W 77 -82.53 61.87 51.81
N ALA W 78 -82.08 61.28 50.70
CA ALA W 78 -81.48 59.96 50.75
C ALA W 78 -80.02 60.08 51.20
N VAL W 79 -79.54 59.09 51.94
CA VAL W 79 -78.16 59.09 52.41
C VAL W 79 -77.24 59.88 51.48
N HIS W 80 -77.36 59.64 50.18
CA HIS W 80 -76.52 60.33 49.21
C HIS W 80 -76.97 61.74 48.92
N SER W 81 -78.21 62.08 49.28
CA SER W 81 -78.79 63.40 49.02
C SER W 81 -77.84 64.58 48.99
N ASN W 82 -78.13 65.48 48.05
CA ASN W 82 -77.38 66.72 47.83
C ASN W 82 -78.13 67.79 48.58
N HIS W 83 -79.42 67.89 48.30
CA HIS W 83 -80.28 68.87 48.94
C HIS W 83 -80.13 68.90 50.47
N ALA W 84 -80.01 67.73 51.08
CA ALA W 84 -79.87 67.66 52.52
C ALA W 84 -78.50 68.22 52.94
N PHE W 85 -77.44 67.86 52.19
CA PHE W 85 -76.10 68.37 52.49
C PHE W 85 -76.13 69.89 52.39
N VAL W 86 -76.54 70.37 51.22
CA VAL W 86 -76.66 71.79 50.94
C VAL W 86 -77.62 72.46 51.92
N THR W 87 -78.88 72.02 51.95
CA THR W 87 -79.83 72.66 52.85
C THR W 87 -79.24 72.77 54.24
N GLY W 88 -78.46 71.77 54.63
CA GLY W 88 -77.84 71.79 55.94
C GLY W 88 -76.74 72.82 55.91
N LEU W 89 -75.70 72.54 55.12
CA LEU W 89 -74.56 73.45 55.00
C LEU W 89 -74.98 74.91 54.89
N ALA W 90 -76.13 75.17 54.26
CA ALA W 90 -76.64 76.53 54.10
C ALA W 90 -77.35 76.95 55.37
N ALA W 91 -77.61 75.99 56.24
CA ALA W 91 -78.28 76.27 57.51
C ALA W 91 -77.27 76.81 58.54
N LYS W 92 -76.06 76.26 58.51
CA LYS W 92 -74.99 76.68 59.42
C LYS W 92 -74.32 77.98 59.00
N LYS W 93 -74.44 78.32 57.72
CA LYS W 93 -73.85 79.56 57.25
C LYS W 93 -74.64 80.66 57.96
N LEU W 94 -75.96 80.63 57.80
CA LEU W 94 -76.85 81.60 58.42
C LEU W 94 -77.01 81.33 59.92
N GLY W 95 -76.19 80.43 60.45
CA GLY W 95 -76.24 80.07 61.88
C GLY W 95 -77.19 78.95 62.31
N LEU W 96 -78.34 78.88 61.66
CA LEU W 96 -79.37 77.87 61.93
C LEU W 96 -78.77 76.50 62.26
N ASP W 97 -79.55 75.67 62.94
CA ASP W 97 -79.11 74.34 63.32
C ASP W 97 -79.51 73.32 62.26
N ALA W 98 -78.66 72.33 62.04
CA ALA W 98 -78.96 71.34 61.00
C ALA W 98 -79.01 69.88 61.41
N ILE W 99 -80.19 69.28 61.22
CA ILE W 99 -80.38 67.87 61.51
C ILE W 99 -80.89 67.27 60.19
N LEU W 100 -80.15 66.30 59.67
CA LEU W 100 -80.50 65.64 58.43
C LEU W 100 -81.19 64.32 58.72
N VAL W 101 -82.26 64.06 57.97
CA VAL W 101 -83.06 62.83 58.11
C VAL W 101 -82.93 61.93 56.88
N LEU W 102 -82.02 60.96 56.95
CA LEU W 102 -81.80 60.08 55.82
C LEU W 102 -82.39 58.67 55.93
N ARG W 103 -81.92 57.84 54.99
CA ARG W 103 -82.27 56.42 54.85
C ARG W 103 -81.37 55.92 53.72
N GLY W 104 -80.81 54.72 53.89
CA GLY W 104 -79.92 54.16 52.87
C GLY W 104 -78.68 53.52 53.48
N LYS W 105 -77.65 53.31 52.65
CA LYS W 105 -76.38 52.71 53.08
C LYS W 105 -75.44 53.70 53.73
N GLU W 106 -75.43 53.69 55.07
CA GLU W 106 -74.59 54.59 55.83
C GLU W 106 -73.10 54.37 55.63
N GLU W 107 -72.64 54.49 54.38
CA GLU W 107 -71.21 54.35 54.08
C GLU W 107 -70.58 55.74 54.30
N LEU W 108 -69.31 55.88 53.95
CA LEU W 108 -68.67 57.17 54.10
C LEU W 108 -68.23 57.78 52.77
N LYS W 109 -69.15 57.85 51.83
CA LYS W 109 -68.89 58.44 50.52
C LYS W 109 -70.11 59.21 50.03
N GLY W 110 -69.88 60.16 49.12
CA GLY W 110 -70.97 60.99 48.61
C GLY W 110 -71.30 62.06 49.63
N ASN W 111 -72.37 62.83 49.39
CA ASN W 111 -72.77 63.89 50.31
C ASN W 111 -72.82 63.43 51.76
N TYR W 112 -73.15 62.16 51.98
CA TYR W 112 -73.22 61.66 53.35
C TYR W 112 -71.84 61.77 54.01
N LEU W 113 -70.81 61.54 53.21
CA LEU W 113 -69.43 61.65 53.69
C LEU W 113 -69.17 63.11 54.00
N LEU W 114 -69.79 64.00 53.22
CA LEU W 114 -69.64 65.44 53.38
C LEU W 114 -70.23 65.94 54.71
N ASP W 115 -71.45 65.54 55.01
CA ASP W 115 -72.08 65.98 56.24
C ASP W 115 -71.17 65.73 57.46
N LYS W 116 -70.55 64.56 57.49
CA LYS W 116 -69.70 64.17 58.60
C LYS W 116 -68.41 64.95 58.62
N ILE W 117 -68.07 65.51 57.47
CA ILE W 117 -66.86 66.31 57.34
C ILE W 117 -67.09 67.71 57.92
N MET W 118 -68.25 68.31 57.62
CA MET W 118 -68.56 69.64 58.11
C MET W 118 -69.26 69.49 59.45
N GLY W 119 -69.47 68.23 59.85
CA GLY W 119 -70.11 67.93 61.11
C GLY W 119 -71.55 68.38 61.22
N ILE W 120 -72.43 67.78 60.41
CA ILE W 120 -73.85 68.12 60.45
C ILE W 120 -74.60 66.90 61.00
N GLU W 121 -75.47 67.14 61.97
CA GLU W 121 -76.20 66.04 62.58
C GLU W 121 -77.00 65.25 61.57
N THR W 122 -76.61 63.99 61.44
CA THR W 122 -77.23 63.00 60.55
C THR W 122 -78.09 62.05 61.41
N ARG W 123 -79.19 61.56 60.86
CA ARG W 123 -80.04 60.63 61.58
C ARG W 123 -80.65 59.60 60.63
N VAL W 124 -79.79 58.74 60.08
CA VAL W 124 -80.15 57.68 59.13
C VAL W 124 -81.23 56.71 59.60
N TYR W 125 -82.41 56.85 59.00
CA TYR W 125 -83.55 56.00 59.32
C TYR W 125 -83.60 54.74 58.46
N ASP W 126 -83.22 53.59 59.05
CA ASP W 126 -83.26 52.31 58.34
C ASP W 126 -84.73 52.07 57.90
N ALA W 127 -85.58 53.05 58.17
CA ALA W 127 -86.98 52.98 57.80
C ALA W 127 -86.98 53.10 56.28
N LYS W 128 -85.81 52.80 55.68
CA LYS W 128 -85.59 52.84 54.24
C LYS W 128 -86.89 52.56 53.51
N ASP W 129 -87.47 53.58 52.89
CA ASP W 129 -88.76 53.40 52.19
C ASP W 129 -89.11 54.55 51.25
N SER W 130 -90.38 54.94 51.35
CA SER W 130 -90.96 56.01 50.56
C SER W 130 -90.24 57.31 50.91
N PHE W 131 -90.84 58.44 50.57
CA PHE W 131 -90.23 59.68 50.99
C PHE W 131 -91.07 60.10 52.18
N GLU W 132 -92.05 59.26 52.49
CA GLU W 132 -92.91 59.49 53.63
C GLU W 132 -92.05 59.41 54.90
N LEU W 133 -90.72 59.41 54.70
CA LEU W 133 -89.72 59.41 55.75
C LEU W 133 -89.82 60.82 56.34
N MET W 134 -90.88 61.50 55.93
CA MET W 134 -91.14 62.87 56.35
C MET W 134 -91.96 62.92 57.64
N LYS W 135 -92.63 61.82 57.97
CA LYS W 135 -93.43 61.76 59.18
C LYS W 135 -92.45 61.92 60.33
N TYR W 136 -91.27 61.34 60.16
CA TYR W 136 -90.19 61.41 61.15
C TYR W 136 -89.81 62.87 61.38
N ALA W 137 -89.16 63.45 60.37
CA ALA W 137 -88.71 64.85 60.43
C ALA W 137 -89.91 65.76 60.74
N GLU W 138 -91.07 65.14 60.92
CA GLU W 138 -92.28 65.85 61.27
C GLU W 138 -92.41 65.72 62.78
N GLU W 139 -92.23 64.49 63.24
CA GLU W 139 -92.30 64.18 64.66
C GLU W 139 -91.11 64.82 65.33
N ILE W 140 -89.92 64.49 64.85
CA ILE W 140 -88.67 65.05 65.39
C ILE W 140 -88.92 66.53 65.66
N ALA W 141 -89.74 67.14 64.83
CA ALA W 141 -90.06 68.55 64.99
C ALA W 141 -90.74 68.79 66.35
N GLU W 142 -91.93 68.21 66.54
CA GLU W 142 -92.66 68.37 67.81
C GLU W 142 -91.80 68.16 69.06
N GLU W 143 -91.15 67.00 69.19
CA GLU W 143 -90.30 66.74 70.35
C GLU W 143 -89.36 67.95 70.52
N LEU W 144 -88.89 68.46 69.39
CA LEU W 144 -88.01 69.62 69.38
C LEU W 144 -88.82 70.87 69.76
N LYS W 145 -89.85 71.19 68.99
CA LYS W 145 -90.62 72.39 69.30
C LYS W 145 -91.41 72.32 70.60
N ARG W 146 -91.40 71.13 71.21
CA ARG W 146 -92.08 70.94 72.48
C ARG W 146 -90.97 71.18 73.48
N GLU W 147 -90.10 72.11 73.07
CA GLU W 147 -88.96 72.54 73.82
C GLU W 147 -88.60 73.90 73.24
N GLY W 148 -89.63 74.72 73.04
CA GLY W 148 -89.43 76.05 72.49
C GLY W 148 -88.68 76.05 71.17
N ARG W 149 -87.77 75.09 71.00
CA ARG W 149 -86.92 74.93 69.83
C ARG W 149 -87.67 75.01 68.50
N LYS W 150 -87.87 76.22 67.97
CA LYS W 150 -88.61 76.42 66.71
C LYS W 150 -87.91 75.75 65.52
N PRO W 151 -88.39 74.55 65.11
CA PRO W 151 -87.82 73.79 64.00
C PRO W 151 -88.51 74.07 62.66
N TYR W 152 -87.78 73.89 61.56
CA TYR W 152 -88.29 74.11 60.21
C TYR W 152 -88.23 72.83 59.36
N VAL W 153 -89.39 72.27 59.03
CA VAL W 153 -89.43 71.05 58.25
C VAL W 153 -89.42 71.37 56.77
N ILE W 154 -88.36 70.94 56.10
CA ILE W 154 -88.19 71.21 54.69
C ILE W 154 -88.62 70.08 53.76
N PRO W 155 -89.79 70.26 53.10
CA PRO W 155 -90.30 69.23 52.18
C PRO W 155 -89.09 68.71 51.43
N PRO W 156 -89.10 67.42 51.04
CA PRO W 156 -87.91 66.97 50.31
C PRO W 156 -87.86 67.81 49.03
N GLY W 157 -86.75 67.73 48.29
CA GLY W 157 -86.67 68.54 47.09
C GLY W 157 -86.96 70.01 47.34
N GLY W 158 -87.05 70.41 48.63
CA GLY W 158 -87.34 71.79 48.98
C GLY W 158 -88.47 72.30 48.13
N ALA W 159 -89.20 71.37 47.53
CA ALA W 159 -90.31 71.70 46.64
C ALA W 159 -91.55 72.16 47.38
N SER W 160 -91.52 73.36 47.95
CA SER W 160 -92.70 73.89 48.63
C SER W 160 -93.32 74.95 47.70
N PRO W 161 -94.37 75.66 48.14
CA PRO W 161 -94.89 76.65 47.19
C PRO W 161 -93.96 77.84 47.02
N ILE W 162 -93.19 78.14 48.07
CA ILE W 162 -92.24 79.25 48.00
C ILE W 162 -90.97 78.74 47.33
N GLY W 163 -90.37 77.71 47.94
CA GLY W 163 -89.14 77.11 47.40
C GLY W 163 -89.21 76.84 45.91
N THR W 164 -90.43 76.94 45.36
CA THR W 164 -90.62 76.74 43.94
C THR W 164 -90.18 78.02 43.28
N LEU W 165 -90.22 79.11 44.03
CA LEU W 165 -89.81 80.41 43.51
C LEU W 165 -88.31 80.44 43.13
N GLY W 166 -87.58 79.44 43.61
CA GLY W 166 -86.15 79.36 43.33
C GLY W 166 -85.83 79.42 41.84
N TYR W 167 -86.65 78.77 41.02
CA TYR W 167 -86.44 78.76 39.58
C TYR W 167 -87.39 79.69 38.88
N VAL W 168 -88.54 79.91 39.50
CA VAL W 168 -89.53 80.83 38.95
C VAL W 168 -88.77 82.15 38.85
N ARG W 169 -87.63 82.20 39.54
CA ARG W 169 -86.80 83.39 39.53
C ARG W 169 -85.76 83.20 38.44
N ALA W 170 -85.30 81.96 38.30
CA ALA W 170 -84.31 81.63 37.29
C ALA W 170 -84.85 81.99 35.90
N VAL W 171 -86.08 81.58 35.58
CA VAL W 171 -86.65 81.92 34.26
C VAL W 171 -86.56 83.42 34.00
N GLY W 172 -86.71 84.21 35.05
CA GLY W 172 -86.63 85.64 34.93
C GLY W 172 -85.23 85.98 34.49
N GLU W 173 -84.26 85.29 35.10
CA GLU W 173 -82.86 85.50 34.78
C GLU W 173 -82.55 84.96 33.38
N ILE W 174 -82.95 83.71 33.11
CA ILE W 174 -82.68 83.09 31.82
C ILE W 174 -83.27 83.90 30.68
N ALA W 175 -84.45 84.47 30.91
CA ALA W 175 -85.10 85.27 29.88
C ALA W 175 -84.27 86.52 29.63
N THR W 176 -83.60 86.98 30.67
CA THR W 176 -82.76 88.17 30.60
C THR W 176 -81.35 87.91 30.09
N GLN W 177 -80.73 86.83 30.52
CA GLN W 177 -79.35 86.51 30.14
C GLN W 177 -79.12 85.82 28.79
N SER W 178 -80.16 85.60 28.01
CA SER W 178 -79.93 84.94 26.74
C SER W 178 -80.33 85.67 25.47
N GLU W 179 -79.63 85.34 24.40
CA GLU W 179 -79.92 85.89 23.09
C GLU W 179 -80.12 84.66 22.22
N VAL W 180 -80.72 83.64 22.83
CA VAL W 180 -81.03 82.37 22.18
C VAL W 180 -82.41 81.95 22.69
N LYS W 181 -83.45 82.25 21.91
CA LYS W 181 -84.82 81.92 22.26
C LYS W 181 -84.96 80.41 22.12
N PHE W 182 -85.38 79.71 23.19
CA PHE W 182 -85.49 78.26 23.15
C PHE W 182 -86.88 77.67 22.88
N ASP W 183 -86.88 76.44 22.36
CA ASP W 183 -88.12 75.71 22.08
C ASP W 183 -88.53 74.96 23.34
N SER W 184 -87.54 74.38 24.01
CA SER W 184 -87.79 73.64 25.23
C SER W 184 -86.61 73.75 26.19
N ILE W 185 -86.96 73.84 27.48
CA ILE W 185 -86.00 73.93 28.56
C ILE W 185 -86.22 72.66 29.40
N VAL W 186 -85.32 71.70 29.28
CA VAL W 186 -85.46 70.45 30.02
C VAL W 186 -84.75 70.45 31.38
N VAL W 187 -85.49 70.08 32.42
CA VAL W 187 -84.98 70.02 33.80
C VAL W 187 -85.24 68.66 34.49
N ALA W 188 -84.21 68.06 35.05
CA ALA W 188 -84.35 66.78 35.74
C ALA W 188 -85.39 66.90 36.83
N ALA W 189 -86.17 65.84 37.04
CA ALA W 189 -87.22 65.85 38.06
C ALA W 189 -87.10 64.73 39.10
N GLY W 190 -86.92 65.14 40.35
CA GLY W 190 -86.81 64.22 41.47
C GLY W 190 -88.07 64.38 42.30
N SER W 191 -88.18 65.52 42.98
CA SER W 191 -89.35 65.85 43.79
C SER W 191 -90.16 66.86 43.00
N GLY W 192 -89.69 67.12 41.77
CA GLY W 192 -90.36 68.03 40.86
C GLY W 192 -90.43 69.50 41.19
N GLY W 193 -89.85 69.91 42.32
CA GLY W 193 -89.87 71.31 42.69
C GLY W 193 -89.27 72.18 41.59
N THR W 194 -88.04 71.86 41.22
CA THR W 194 -87.32 72.58 40.17
C THR W 194 -88.13 72.65 38.87
N LEU W 195 -88.85 71.58 38.60
CA LEU W 195 -89.66 71.53 37.40
C LEU W 195 -90.86 72.46 37.53
N ALA W 196 -91.50 72.39 38.70
CA ALA W 196 -92.68 73.19 38.96
C ALA W 196 -92.41 74.68 38.89
N GLY W 197 -91.25 75.06 39.41
CA GLY W 197 -90.86 76.45 39.44
C GLY W 197 -90.39 76.93 38.11
N LEU W 198 -89.84 76.03 37.31
CA LEU W 198 -89.35 76.38 35.99
C LEU W 198 -90.56 76.64 35.11
N SER W 199 -91.55 75.76 35.25
CA SER W 199 -92.76 75.85 34.48
C SER W 199 -93.60 77.06 34.87
N LEU W 200 -93.42 77.56 36.08
CA LEU W 200 -94.19 78.71 36.54
C LEU W 200 -93.59 80.01 36.03
N GLY W 201 -92.31 79.96 35.68
CA GLY W 201 -91.63 81.15 35.17
C GLY W 201 -91.86 81.37 33.68
N LEU W 202 -91.74 80.29 32.89
CA LEU W 202 -91.96 80.33 31.45
C LEU W 202 -93.42 80.69 31.28
N SER W 203 -94.22 80.22 32.23
CA SER W 203 -95.64 80.48 32.28
C SER W 203 -95.90 81.98 32.35
N ILE W 204 -95.37 82.60 33.41
CA ILE W 204 -95.52 84.03 33.65
C ILE W 204 -95.17 84.91 32.45
N LEU W 205 -93.95 84.80 31.93
CA LEU W 205 -93.60 85.64 30.79
C LEU W 205 -94.55 85.31 29.66
N ASN W 206 -94.97 84.05 29.64
CA ASN W 206 -95.88 83.52 28.63
C ASN W 206 -95.16 83.32 27.29
N GLU W 207 -94.02 82.62 27.34
CA GLU W 207 -93.21 82.35 26.14
C GLU W 207 -93.43 80.92 25.69
N ASP W 208 -93.64 80.73 24.39
CA ASP W 208 -93.86 79.40 23.84
C ASP W 208 -92.69 78.43 24.03
N ILE W 209 -92.02 78.60 25.15
CA ILE W 209 -90.90 77.76 25.50
C ILE W 209 -91.52 76.65 26.35
N ARG W 210 -91.14 75.42 26.04
CA ARG W 210 -91.69 74.29 26.77
C ARG W 210 -90.89 73.87 28.00
N PRO W 211 -91.59 73.66 29.11
CA PRO W 211 -90.90 73.24 30.34
C PRO W 211 -90.95 71.74 30.17
N VAL W 212 -89.81 71.11 29.91
CA VAL W 212 -89.81 69.66 29.73
C VAL W 212 -89.01 68.93 30.81
N GLY W 213 -89.74 68.17 31.63
CA GLY W 213 -89.12 67.40 32.71
C GLY W 213 -88.78 65.96 32.37
N ILE W 214 -87.98 65.33 33.21
CA ILE W 214 -87.57 63.94 33.00
C ILE W 214 -87.41 63.20 34.33
N ALA W 215 -88.49 62.50 34.71
CA ALA W 215 -88.57 61.73 35.96
C ALA W 215 -87.35 60.87 36.16
N VAL W 216 -86.68 61.06 37.31
CA VAL W 216 -85.49 60.27 37.62
C VAL W 216 -85.80 59.23 38.69
N GLY W 217 -86.88 59.49 39.42
CA GLY W 217 -87.29 58.56 40.45
C GLY W 217 -88.44 57.86 39.82
N ARG W 218 -88.95 56.82 40.46
CA ARG W 218 -90.08 56.15 39.88
C ARG W 218 -91.20 57.18 39.80
N PHE W 219 -91.24 57.90 38.67
CA PHE W 219 -92.27 58.90 38.39
C PHE W 219 -93.47 58.40 39.19
N GLY W 220 -93.71 59.00 40.36
CA GLY W 220 -94.79 58.56 41.22
C GLY W 220 -96.12 59.27 41.13
N GLU W 221 -97.14 58.59 41.66
CA GLU W 221 -98.51 59.10 41.70
C GLU W 221 -98.43 60.57 42.06
N VAL W 222 -98.17 60.77 43.34
CA VAL W 222 -98.02 62.07 43.94
C VAL W 222 -96.67 62.66 43.46
N MET W 223 -96.40 62.50 42.16
CA MET W 223 -95.16 63.02 41.56
C MET W 223 -95.53 63.76 40.29
N THR W 224 -96.72 63.44 39.76
CA THR W 224 -97.21 64.05 38.54
C THR W 224 -98.27 65.12 38.80
N SER W 225 -99.11 64.89 39.81
CA SER W 225 -100.17 65.84 40.15
C SER W 225 -99.75 66.66 41.37
N LYS W 226 -98.74 66.15 42.09
CA LYS W 226 -98.22 66.87 43.23
C LYS W 226 -97.69 68.03 42.46
N LEU W 227 -96.86 67.68 41.48
CA LEU W 227 -96.29 68.66 40.58
C LEU W 227 -97.36 69.72 40.28
N ASP W 228 -98.55 69.25 39.93
CA ASP W 228 -99.67 70.13 39.58
C ASP W 228 -100.38 70.82 40.74
N ASN W 229 -100.35 70.22 41.93
CA ASN W 229 -100.92 70.88 43.11
C ASN W 229 -99.75 71.68 43.73
N LEU W 230 -98.53 71.36 43.30
CA LEU W 230 -97.29 72.01 43.78
C LEU W 230 -97.09 73.32 43.01
N ILE W 231 -97.53 73.31 41.75
CA ILE W 231 -97.44 74.46 40.86
C ILE W 231 -98.61 75.39 41.06
N LYS W 232 -99.77 74.85 41.36
CA LYS W 232 -100.94 75.69 41.55
C LYS W 232 -100.81 76.47 42.85
N GLU W 233 -100.28 75.82 43.88
CA GLU W 233 -100.09 76.51 45.13
C GLU W 233 -98.88 77.43 45.00
N ALA W 234 -97.84 76.95 44.34
CA ALA W 234 -96.65 77.77 44.16
C ALA W 234 -97.01 79.00 43.32
N ALA W 235 -98.16 78.96 42.66
CA ALA W 235 -98.63 80.07 41.84
C ALA W 235 -99.64 80.96 42.57
N GLU W 236 -100.19 80.46 43.67
CA GLU W 236 -101.18 81.22 44.46
C GLU W 236 -100.56 82.28 45.38
N LEU W 237 -99.26 82.18 45.62
CA LEU W 237 -98.56 83.18 46.40
C LEU W 237 -98.49 84.34 45.42
N LEU W 238 -97.70 84.15 44.38
CA LEU W 238 -97.48 85.15 43.34
C LEU W 238 -98.75 85.50 42.53
N GLY W 239 -99.92 85.16 43.07
CA GLY W 239 -101.18 85.46 42.41
C GLY W 239 -101.25 85.57 40.88
N VAL W 240 -100.81 84.52 40.21
CA VAL W 240 -100.85 84.46 38.74
C VAL W 240 -101.64 83.23 38.30
N LYS W 241 -102.32 83.35 37.16
CA LYS W 241 -103.15 82.26 36.63
C LYS W 241 -102.32 81.27 35.83
N VAL W 242 -102.03 80.13 36.44
CA VAL W 242 -101.24 79.08 35.80
C VAL W 242 -101.60 78.95 34.30
N GLU W 243 -100.57 78.83 33.46
CA GLU W 243 -100.79 78.66 32.04
C GLU W 243 -101.18 77.21 31.89
N VAL W 244 -100.44 76.44 31.11
CA VAL W 244 -100.80 75.05 30.97
C VAL W 244 -99.63 74.07 30.89
N ARG W 245 -99.70 73.11 31.79
CA ARG W 245 -98.75 72.02 32.01
C ARG W 245 -97.42 71.84 31.23
N PRO W 246 -96.46 71.21 31.92
CA PRO W 246 -95.11 70.88 31.47
C PRO W 246 -95.08 69.41 31.08
N GLU W 247 -94.17 69.04 30.19
CA GLU W 247 -94.02 67.65 29.77
C GLU W 247 -93.14 66.89 30.80
N LEU W 248 -93.40 65.59 31.00
CA LEU W 248 -92.65 64.80 31.97
C LEU W 248 -92.30 63.42 31.41
N TYR W 249 -91.01 63.09 31.25
CA TYR W 249 -90.67 61.79 30.67
C TYR W 249 -89.84 60.89 31.59
N ASP W 250 -90.41 59.74 31.94
CA ASP W 250 -89.74 58.79 32.84
C ASP W 250 -88.43 58.31 32.29
N TYR W 251 -87.36 58.57 33.02
CA TYR W 251 -86.03 58.13 32.64
C TYR W 251 -85.29 57.68 33.90
N SER W 252 -86.08 57.08 34.79
CA SER W 252 -85.63 56.57 36.06
C SER W 252 -84.95 55.22 35.91
N PHE W 253 -85.26 54.53 34.80
CA PHE W 253 -84.76 53.18 34.52
C PHE W 253 -85.37 52.25 35.57
N GLY W 254 -86.62 52.55 35.94
CA GLY W 254 -87.29 51.74 36.93
C GLY W 254 -87.39 52.43 38.28
N GLU W 255 -86.25 52.53 38.99
CA GLU W 255 -86.22 53.16 40.32
C GLU W 255 -85.08 54.16 40.61
N TYR W 256 -85.45 55.28 41.24
CA TYR W 256 -84.51 56.34 41.62
C TYR W 256 -83.37 55.72 42.42
N GLY W 257 -82.17 55.75 41.84
CA GLY W 257 -81.01 55.17 42.49
C GLY W 257 -80.33 54.14 41.59
N LYS W 258 -81.06 53.62 40.62
CA LYS W 258 -80.48 52.64 39.72
C LYS W 258 -79.48 53.22 38.74
N ILE W 259 -78.29 52.62 38.69
CA ILE W 259 -77.22 53.04 37.81
C ILE W 259 -76.99 52.03 36.68
N THR W 260 -77.45 52.34 35.48
CA THR W 260 -77.26 51.42 34.38
C THR W 260 -76.10 51.89 33.53
N GLY W 261 -75.69 51.05 32.60
CA GLY W 261 -74.58 51.39 31.72
C GLY W 261 -74.94 52.55 30.81
N GLU W 262 -76.25 52.71 30.54
CA GLU W 262 -76.73 53.78 29.69
C GLU W 262 -76.42 55.10 30.38
N VAL W 263 -76.54 55.09 31.70
CA VAL W 263 -76.24 56.26 32.54
C VAL W 263 -74.72 56.43 32.61
N ALA W 264 -74.06 55.37 33.06
CA ALA W 264 -72.61 55.32 33.22
C ALA W 264 -71.88 55.54 31.90
N GLN W 265 -72.65 55.69 30.82
CA GLN W 265 -72.07 55.90 29.50
C GLN W 265 -72.27 57.36 29.06
N ILE W 266 -73.38 57.96 29.52
CA ILE W 266 -73.69 59.34 29.17
C ILE W 266 -72.66 60.19 29.89
N ILE W 267 -72.48 59.91 31.17
CA ILE W 267 -71.52 60.60 32.01
C ILE W 267 -70.19 60.71 31.30
N ARG W 268 -69.79 59.61 30.68
CA ARG W 268 -68.53 59.52 29.94
C ARG W 268 -68.62 60.17 28.58
N LYS W 269 -69.73 60.01 27.86
CA LYS W 269 -69.81 60.67 26.56
C LYS W 269 -69.66 62.16 26.91
N VAL W 270 -70.73 62.74 27.44
CA VAL W 270 -70.73 64.14 27.84
C VAL W 270 -69.38 64.57 28.41
N GLY W 271 -68.98 63.93 29.50
CA GLY W 271 -67.71 64.27 30.14
C GLY W 271 -66.50 64.43 29.26
N THR W 272 -66.36 63.55 28.27
CA THR W 272 -65.21 63.59 27.37
C THR W 272 -65.45 64.22 25.99
N ARG W 273 -66.59 64.87 25.83
CA ARG W 273 -66.92 65.55 24.58
C ARG W 273 -67.48 66.94 24.89
N GLU W 274 -67.66 67.25 26.17
CA GLU W 274 -68.15 68.56 26.55
C GLU W 274 -67.50 69.05 27.82
N GLY W 275 -66.67 68.20 28.41
CA GLY W 275 -65.99 68.57 29.64
C GLY W 275 -66.95 69.01 30.73
N ILE W 276 -68.10 68.37 30.78
CA ILE W 276 -69.10 68.69 31.80
C ILE W 276 -69.56 67.41 32.49
N ILE W 277 -69.27 67.31 33.79
CA ILE W 277 -69.64 66.15 34.61
C ILE W 277 -71.13 66.17 34.98
N LEU W 278 -71.77 65.02 34.89
CA LEU W 278 -73.18 64.88 35.26
C LEU W 278 -73.23 63.73 36.29
N ASP W 279 -74.31 63.61 37.05
CA ASP W 279 -74.38 62.52 38.04
C ASP W 279 -75.24 61.34 37.64
N PRO W 280 -74.89 60.14 38.13
CA PRO W 280 -75.66 58.95 37.80
C PRO W 280 -77.00 58.81 38.51
N VAL W 281 -77.44 59.88 39.18
CA VAL W 281 -78.70 59.79 39.91
C VAL W 281 -79.75 60.81 39.44
N TYR W 282 -79.31 61.82 38.70
CA TYR W 282 -80.23 62.82 38.15
C TYR W 282 -79.79 63.37 36.79
N THR W 283 -78.75 64.19 36.75
CA THR W 283 -78.33 64.80 35.49
C THR W 283 -78.12 63.76 34.40
N GLY W 284 -77.13 62.88 34.57
CA GLY W 284 -76.88 61.85 33.58
C GLY W 284 -78.17 61.32 32.94
N LYS W 285 -79.15 60.99 33.76
CA LYS W 285 -80.43 60.49 33.28
C LYS W 285 -81.15 61.63 32.55
N ALA W 286 -81.28 62.78 33.22
CA ALA W 286 -81.95 63.94 32.64
C ALA W 286 -81.31 64.31 31.30
N PHE W 287 -80.15 63.74 31.04
CA PHE W 287 -79.45 64.00 29.81
C PHE W 287 -79.63 62.81 28.86
N TYR W 288 -79.83 61.63 29.44
CA TYR W 288 -80.06 60.44 28.62
C TYR W 288 -81.40 60.70 27.96
N GLY W 289 -82.30 61.28 28.74
CA GLY W 289 -83.61 61.63 28.24
C GLY W 289 -83.41 62.61 27.11
N LEU W 290 -82.93 63.80 27.44
CA LEU W 290 -82.70 64.82 26.43
C LEU W 290 -82.15 64.20 25.14
N VAL W 291 -81.12 63.36 25.23
CA VAL W 291 -80.54 62.73 24.05
C VAL W 291 -81.50 61.80 23.33
N ASP W 292 -82.57 61.41 24.03
CA ASP W 292 -83.57 60.50 23.49
C ASP W 292 -84.60 61.20 22.62
N LEU W 293 -85.43 62.03 23.26
CA LEU W 293 -86.49 62.79 22.61
C LEU W 293 -85.87 63.77 21.63
N ALA W 294 -84.59 64.08 21.86
CA ALA W 294 -83.87 64.99 21.00
C ALA W 294 -83.93 64.46 19.58
N ARG W 295 -83.40 63.25 19.41
CA ARG W 295 -83.36 62.56 18.13
C ARG W 295 -84.73 62.35 17.48
N LYS W 296 -85.72 61.99 18.28
CA LYS W 296 -87.06 61.80 17.74
C LYS W 296 -87.61 63.22 17.48
N GLY W 297 -86.70 64.16 17.32
CA GLY W 297 -87.08 65.54 17.04
C GLY W 297 -88.21 66.07 17.90
N GLU W 298 -88.47 65.42 19.02
CA GLU W 298 -89.54 65.85 19.93
C GLU W 298 -89.21 67.07 20.80
N LEU W 299 -87.93 67.39 20.96
CA LEU W 299 -87.57 68.53 21.81
C LEU W 299 -87.23 69.82 21.07
N GLY W 300 -87.89 70.07 19.95
CA GLY W 300 -87.60 71.28 19.19
C GLY W 300 -86.18 71.23 18.66
N GLU W 301 -85.75 72.30 18.02
CA GLU W 301 -84.39 72.39 17.45
C GLU W 301 -83.40 73.14 18.35
N LYS W 302 -83.92 73.71 19.43
CA LYS W 302 -83.11 74.47 20.36
C LYS W 302 -83.47 74.08 21.79
N ILE W 303 -82.55 73.40 22.46
CA ILE W 303 -82.80 72.97 23.82
C ILE W 303 -81.90 73.66 24.87
N LEU W 304 -82.44 73.79 26.09
CA LEU W 304 -81.76 74.42 27.22
C LEU W 304 -81.78 73.43 28.38
N PHE W 305 -80.69 72.69 28.55
CA PHE W 305 -80.59 71.71 29.62
C PHE W 305 -80.03 72.30 30.92
N ILE W 306 -80.92 72.66 31.83
CA ILE W 306 -80.52 73.20 33.11
C ILE W 306 -79.79 72.19 33.98
N HIS W 307 -78.46 72.34 34.07
CA HIS W 307 -77.65 71.45 34.88
C HIS W 307 -78.11 71.60 36.33
N THR W 308 -78.17 70.51 37.08
CA THR W 308 -78.66 70.62 38.45
C THR W 308 -77.69 70.17 39.58
N GLY W 309 -76.45 69.87 39.21
CA GLY W 309 -75.43 69.47 40.18
C GLY W 309 -75.10 68.01 40.31
N GLY W 310 -75.37 67.48 41.50
CA GLY W 310 -75.14 66.08 41.80
C GLY W 310 -73.74 65.52 41.77
N ILE W 311 -72.74 66.34 41.45
CA ILE W 311 -71.36 65.87 41.39
C ILE W 311 -71.00 64.82 42.43
N SER W 312 -71.52 64.94 43.65
CA SER W 312 -71.19 63.93 44.64
C SER W 312 -71.62 62.55 44.14
N GLY W 313 -72.79 62.49 43.52
CA GLY W 313 -73.30 61.24 43.00
C GLY W 313 -72.31 60.54 42.10
N THR W 314 -71.46 61.32 41.44
CA THR W 314 -70.49 60.73 40.53
C THR W 314 -69.30 60.17 41.32
N PHE W 315 -68.99 60.79 42.45
CA PHE W 315 -67.90 60.28 43.30
C PHE W 315 -68.45 59.14 44.14
N HIS W 316 -69.64 59.36 44.70
CA HIS W 316 -70.33 58.38 45.56
C HIS W 316 -70.54 57.03 44.89
N TYR W 317 -71.18 57.02 43.72
CA TYR W 317 -71.43 55.77 43.05
C TYR W 317 -70.38 55.38 42.03
N GLY W 318 -69.14 55.78 42.28
CA GLY W 318 -68.05 55.43 41.37
C GLY W 318 -68.09 53.94 41.05
N ASP W 319 -67.19 53.14 41.64
CA ASP W 319 -67.15 51.68 41.45
C ASP W 319 -68.30 51.15 40.59
N LYS W 320 -69.52 51.36 41.08
CA LYS W 320 -70.73 50.95 40.39
C LYS W 320 -70.91 51.65 39.03
N LEU W 321 -70.01 52.56 38.70
CA LEU W 321 -70.03 53.29 37.42
C LEU W 321 -68.93 52.70 36.59
N LEU W 322 -67.87 52.25 37.26
CA LEU W 322 -66.74 51.65 36.57
C LEU W 322 -67.10 50.25 36.14
N SER W 323 -67.67 49.48 37.05
CA SER W 323 -68.05 48.11 36.75
C SER W 323 -68.97 48.10 35.51
N LEU W 324 -69.65 49.22 35.26
CA LEU W 324 -70.57 49.35 34.12
C LEU W 324 -69.91 49.80 32.81
N LEU W 325 -68.74 50.42 32.92
CA LEU W 325 -68.00 50.87 31.74
C LEU W 325 -66.90 49.87 31.37
N MET X 1 -60.99 92.81 31.91
CA MET X 1 -59.76 92.55 31.12
C MET X 1 -58.99 93.85 30.91
N HIS X 2 -57.98 94.08 31.74
CA HIS X 2 -57.20 95.30 31.65
C HIS X 2 -56.48 95.41 30.30
N PRO X 3 -56.55 96.60 29.65
CA PRO X 3 -55.96 96.97 28.35
C PRO X 3 -54.52 96.52 28.17
N LYS X 4 -53.73 96.74 29.21
CA LYS X 4 -52.32 96.38 29.20
C LYS X 4 -52.11 94.86 29.11
N ILE X 5 -52.87 94.10 29.90
CA ILE X 5 -52.75 92.66 29.89
C ILE X 5 -53.27 92.14 28.54
N PHE X 6 -54.26 92.84 28.01
CA PHE X 6 -54.83 92.50 26.71
C PHE X 6 -53.70 92.47 25.70
N ALA X 7 -53.36 93.64 25.17
CA ALA X 7 -52.33 93.78 24.16
C ALA X 7 -51.06 92.96 24.35
N LEU X 8 -50.80 92.54 25.59
CA LEU X 8 -49.59 91.79 25.86
C LEU X 8 -49.73 90.26 25.77
N LEU X 9 -50.96 89.78 25.90
CA LEU X 9 -51.23 88.36 25.82
C LEU X 9 -51.86 88.06 24.45
N ALA X 10 -52.19 89.12 23.73
CA ALA X 10 -52.82 89.04 22.42
C ALA X 10 -52.29 88.02 21.41
N LYS X 11 -50.98 87.99 21.16
CA LYS X 11 -50.41 87.08 20.17
C LYS X 11 -50.29 85.63 20.57
N PHE X 12 -50.61 85.30 21.82
CA PHE X 12 -50.50 83.91 22.22
C PHE X 12 -51.80 83.16 22.01
N PRO X 13 -51.78 82.17 21.10
CA PRO X 13 -52.97 81.36 20.80
C PRO X 13 -53.41 80.57 22.01
N ARG X 14 -54.67 80.81 22.40
CA ARG X 14 -55.29 80.15 23.54
C ARG X 14 -56.65 79.56 23.13
N VAL X 15 -56.98 78.42 23.74
CA VAL X 15 -58.25 77.77 23.48
C VAL X 15 -59.17 78.26 24.58
N GLU X 16 -60.26 78.89 24.19
CA GLU X 16 -61.21 79.44 25.13
C GLU X 16 -62.06 78.36 25.77
N LEU X 17 -61.55 77.82 26.89
CA LEU X 17 -62.25 76.79 27.66
C LEU X 17 -63.23 77.44 28.64
N ILE X 18 -62.79 78.53 29.30
CA ILE X 18 -63.60 79.24 30.31
C ILE X 18 -64.63 80.25 29.76
N PRO X 19 -65.93 79.95 29.92
CA PRO X 19 -67.09 80.72 29.46
C PRO X 19 -67.38 82.09 30.06
N TRP X 20 -67.30 82.19 31.38
CA TRP X 20 -67.60 83.43 32.08
C TRP X 20 -66.43 83.99 32.83
N GLU X 21 -66.70 84.96 33.70
CA GLU X 21 -65.65 85.54 34.52
C GLU X 21 -65.87 85.00 35.91
N THR X 22 -64.88 84.29 36.46
CA THR X 22 -65.06 83.74 37.80
C THR X 22 -65.22 84.88 38.80
N PRO X 23 -66.36 84.91 39.49
CA PRO X 23 -66.74 85.91 40.50
C PRO X 23 -65.77 86.08 41.68
N ILE X 24 -65.94 87.20 42.39
CA ILE X 24 -65.14 87.51 43.58
C ILE X 24 -66.20 87.71 44.67
N GLN X 25 -65.94 87.28 45.90
CA GLN X 25 -66.93 87.44 46.96
C GLN X 25 -66.37 87.77 48.34
N TYR X 26 -67.17 88.50 49.13
CA TYR X 26 -66.76 88.88 50.48
C TYR X 26 -67.18 87.85 51.52
N LEU X 27 -66.17 87.29 52.18
CA LEU X 27 -66.34 86.31 53.24
C LEU X 27 -66.40 87.07 54.57
N PRO X 28 -67.61 87.49 54.99
CA PRO X 28 -67.76 88.23 56.23
C PRO X 28 -67.13 87.57 57.46
N ASN X 29 -67.79 86.53 57.97
CA ASN X 29 -67.35 85.80 59.16
C ASN X 29 -65.85 85.60 59.26
N ILE X 30 -65.27 84.91 58.29
CA ILE X 30 -63.82 84.65 58.28
C ILE X 30 -63.02 85.95 58.23
N SER X 31 -63.73 87.07 58.30
CA SER X 31 -63.10 88.37 58.31
C SER X 31 -63.41 88.98 59.68
N ARG X 32 -64.56 88.62 60.23
CA ARG X 32 -64.96 89.10 61.53
C ARG X 32 -64.14 88.31 62.52
N GLU X 33 -63.48 87.27 62.01
CA GLU X 33 -62.64 86.42 62.82
C GLU X 33 -61.19 86.88 62.73
N ILE X 34 -60.68 86.99 61.50
CA ILE X 34 -59.30 87.40 61.27
C ILE X 34 -59.01 88.90 61.52
N GLY X 35 -60.05 89.71 61.75
CA GLY X 35 -59.81 91.12 61.99
C GLY X 35 -59.10 91.74 60.80
N ALA X 36 -59.75 91.58 59.64
CA ALA X 36 -59.27 92.08 58.35
C ALA X 36 -60.43 91.94 57.37
N ASP X 37 -60.14 92.03 56.08
CA ASP X 37 -61.15 91.90 55.02
C ASP X 37 -60.68 90.94 53.94
N VAL X 38 -61.41 89.83 53.77
CA VAL X 38 -61.03 88.85 52.76
C VAL X 38 -62.15 88.41 51.81
N TYR X 39 -61.82 88.41 50.52
CA TYR X 39 -62.76 87.99 49.47
C TYR X 39 -62.12 86.77 48.83
N ILE X 40 -62.93 85.90 48.26
CA ILE X 40 -62.39 84.72 47.61
C ILE X 40 -62.82 84.77 46.16
N LYS X 41 -61.91 84.43 45.25
CA LYS X 41 -62.24 84.43 43.82
C LYS X 41 -62.43 83.00 43.35
N ARG X 42 -63.70 82.61 43.21
CA ARG X 42 -64.14 81.28 42.80
C ARG X 42 -63.60 80.64 41.52
N ASP X 43 -62.29 80.41 41.43
CA ASP X 43 -61.73 79.78 40.24
C ASP X 43 -62.00 78.28 40.29
N ASP X 44 -62.89 77.89 41.20
CA ASP X 44 -63.30 76.50 41.35
C ASP X 44 -64.54 76.37 40.49
N LEU X 45 -64.86 77.47 39.82
CA LEU X 45 -66.00 77.52 38.93
C LEU X 45 -65.55 77.98 37.56
N THR X 46 -64.49 77.37 37.05
CA THR X 46 -63.99 77.70 35.71
C THR X 46 -64.72 76.82 34.68
N GLY X 47 -65.46 75.82 35.16
CA GLY X 47 -66.23 74.96 34.28
C GLY X 47 -65.81 73.60 33.74
N LEU X 48 -64.52 73.29 33.56
CA LEU X 48 -64.16 71.99 33.01
C LEU X 48 -63.85 70.91 34.06
N GLY X 49 -64.80 70.00 34.25
CA GLY X 49 -64.64 68.94 35.22
C GLY X 49 -64.85 69.52 36.59
N ILE X 50 -63.82 69.47 37.42
CA ILE X 50 -63.90 70.02 38.77
C ILE X 50 -63.41 71.48 38.80
N GLY X 51 -63.02 71.99 37.64
CA GLY X 51 -62.55 73.35 37.54
C GLY X 51 -61.21 73.61 38.21
N GLY X 52 -61.11 74.76 38.86
CA GLY X 52 -59.86 75.07 39.53
C GLY X 52 -59.00 76.04 38.75
N ASN X 53 -57.74 76.09 39.17
CA ASN X 53 -56.73 76.97 38.58
C ASN X 53 -56.12 76.43 37.31
N LYS X 54 -56.40 75.17 37.00
CA LYS X 54 -55.82 74.54 35.81
C LYS X 54 -56.47 74.93 34.50
N ILE X 55 -57.79 74.98 34.47
CA ILE X 55 -58.45 75.33 33.23
C ILE X 55 -57.85 76.59 32.59
N ARG X 56 -57.37 77.52 33.40
CA ARG X 56 -56.76 78.75 32.90
C ARG X 56 -55.45 78.48 32.19
N LYS X 57 -54.72 77.48 32.68
CA LYS X 57 -53.45 77.12 32.05
C LYS X 57 -53.75 76.31 30.80
N LEU X 58 -54.57 75.28 30.99
CA LEU X 58 -54.96 74.39 29.91
C LEU X 58 -55.18 75.12 28.60
N GLU X 59 -55.74 76.32 28.67
CA GLU X 59 -56.00 77.15 27.48
C GLU X 59 -54.69 77.38 26.72
N TYR X 60 -53.78 78.13 27.35
CA TYR X 60 -52.50 78.46 26.74
C TYR X 60 -51.66 77.21 26.47
N LEU X 61 -51.80 76.20 27.33
CA LEU X 61 -51.04 74.94 27.19
C LEU X 61 -51.51 74.09 26.02
N LEU X 62 -52.83 73.85 25.96
CA LEU X 62 -53.44 73.03 24.91
C LEU X 62 -53.59 73.86 23.66
N GLY X 63 -53.97 75.12 23.86
CA GLY X 63 -54.15 76.01 22.72
C GLY X 63 -52.91 75.96 21.85
N ASP X 64 -51.87 75.31 22.35
CA ASP X 64 -50.61 75.20 21.61
C ASP X 64 -50.31 73.73 21.27
N ALA X 65 -50.81 72.82 22.09
CA ALA X 65 -50.59 71.41 21.83
C ALA X 65 -51.19 71.20 20.46
N LEU X 66 -52.34 71.83 20.23
CA LEU X 66 -53.06 71.77 18.96
C LEU X 66 -52.25 72.42 17.86
N SER X 67 -51.83 73.66 18.10
CA SER X 67 -51.04 74.39 17.12
C SER X 67 -50.04 73.42 16.52
N LYS X 68 -49.29 72.80 17.41
CA LYS X 68 -48.25 71.87 17.02
C LYS X 68 -48.82 70.51 16.52
N GLY X 69 -50.07 70.55 16.07
CA GLY X 69 -50.74 69.37 15.55
C GLY X 69 -50.63 68.09 16.36
N ALA X 70 -50.25 68.18 17.63
CA ALA X 70 -50.12 67.00 18.47
C ALA X 70 -51.43 66.23 18.49
N ASP X 71 -51.36 64.91 18.68
CA ASP X 71 -52.58 64.11 18.73
C ASP X 71 -52.57 63.13 19.92
N VAL X 72 -51.96 63.57 21.02
CA VAL X 72 -51.88 62.81 22.24
C VAL X 72 -51.07 63.55 23.31
N VAL X 73 -51.77 64.07 24.32
CA VAL X 73 -51.16 64.81 25.43
C VAL X 73 -50.61 63.80 26.46
N ILE X 74 -49.55 64.18 27.17
CA ILE X 74 -48.92 63.31 28.16
C ILE X 74 -48.48 64.07 29.42
N THR X 75 -49.41 64.33 30.33
CA THR X 75 -49.09 65.06 31.54
C THR X 75 -48.88 64.11 32.71
N VAL X 76 -48.60 64.67 33.89
CA VAL X 76 -48.39 63.88 35.11
C VAL X 76 -48.86 64.59 36.39
N GLY X 77 -48.83 63.83 37.49
CA GLY X 77 -49.25 64.35 38.79
C GLY X 77 -49.16 63.20 39.78
N ALA X 78 -49.70 63.39 40.98
CA ALA X 78 -49.67 62.31 41.96
C ALA X 78 -50.82 61.44 41.45
N VAL X 79 -51.09 60.30 42.11
CA VAL X 79 -52.18 59.45 41.66
C VAL X 79 -53.50 60.22 41.77
N HIS X 80 -53.54 61.20 42.67
CA HIS X 80 -54.73 62.00 42.89
C HIS X 80 -54.66 63.40 42.25
N SER X 81 -53.79 63.56 41.25
CA SER X 81 -53.55 64.84 40.56
C SER X 81 -54.68 65.57 39.82
N ASN X 82 -55.18 66.65 40.44
CA ASN X 82 -56.24 67.46 39.87
C ASN X 82 -55.84 67.92 38.47
N HIS X 83 -54.55 68.19 38.31
CA HIS X 83 -54.03 68.62 37.03
C HIS X 83 -54.09 67.46 36.04
N ALA X 84 -53.85 66.25 36.53
CA ALA X 84 -53.87 65.04 35.73
C ALA X 84 -55.23 64.83 35.06
N PHE X 85 -56.30 65.08 35.81
CA PHE X 85 -57.68 64.90 35.32
C PHE X 85 -58.24 65.98 34.35
N VAL X 86 -58.52 67.17 34.87
CA VAL X 86 -59.05 68.25 34.04
C VAL X 86 -58.15 68.54 32.83
N THR X 87 -57.07 67.76 32.69
CA THR X 87 -56.17 67.90 31.56
C THR X 87 -56.56 66.88 30.52
N GLY X 88 -56.51 65.61 30.93
CA GLY X 88 -56.90 64.52 30.05
C GLY X 88 -58.34 64.73 29.60
N LEU X 89 -59.15 65.33 30.48
CA LEU X 89 -60.55 65.61 30.19
C LEU X 89 -60.67 66.95 29.46
N ALA X 90 -59.53 67.57 29.24
CA ALA X 90 -59.48 68.85 28.56
C ALA X 90 -59.03 68.59 27.14
N ALA X 91 -58.18 67.59 26.98
CA ALA X 91 -57.69 67.24 25.68
C ALA X 91 -58.72 66.33 25.02
N LYS X 92 -59.23 65.37 25.77
CA LYS X 92 -60.21 64.48 25.19
C LYS X 92 -61.40 65.26 24.69
N LYS X 93 -61.52 66.51 25.15
CA LYS X 93 -62.61 67.36 24.69
C LYS X 93 -62.24 68.05 23.40
N LEU X 94 -60.95 68.31 23.21
CA LEU X 94 -60.51 69.00 22.01
C LEU X 94 -60.12 68.07 20.85
N GLY X 95 -60.36 66.77 21.06
CA GLY X 95 -60.10 65.79 20.02
C GLY X 95 -58.78 65.02 20.08
N LEU X 96 -57.96 65.31 21.07
CA LEU X 96 -56.69 64.62 21.19
C LEU X 96 -56.82 63.62 22.32
N ASP X 97 -56.09 62.52 22.23
CA ASP X 97 -56.11 61.49 23.29
C ASP X 97 -55.32 62.03 24.49
N ALA X 98 -54.92 61.14 25.39
CA ALA X 98 -54.15 61.58 26.57
C ALA X 98 -53.59 60.42 27.39
N ILE X 99 -52.36 60.59 27.85
CA ILE X 99 -51.71 59.58 28.68
C ILE X 99 -51.14 60.18 29.98
N LEU X 100 -51.95 60.15 31.02
CA LEU X 100 -51.55 60.67 32.33
C LEU X 100 -50.55 59.70 32.98
N VAL X 101 -49.33 60.16 33.30
CA VAL X 101 -48.35 59.28 33.96
C VAL X 101 -48.38 59.60 35.47
N LEU X 102 -49.32 58.97 36.20
CA LEU X 102 -49.47 59.20 37.63
C LEU X 102 -48.54 58.39 38.54
N ARG X 103 -48.55 58.74 39.82
CA ARG X 103 -47.74 58.04 40.82
C ARG X 103 -48.49 57.90 42.13
N GLY X 104 -48.24 56.82 42.88
CA GLY X 104 -48.89 56.66 44.16
C GLY X 104 -49.78 55.46 44.45
N LYS X 105 -50.37 55.47 45.65
CA LYS X 105 -51.28 54.42 46.11
C LYS X 105 -52.40 54.34 45.08
N GLU X 106 -52.31 53.34 44.21
CA GLU X 106 -53.26 53.15 43.12
C GLU X 106 -54.73 52.93 43.54
N GLU X 107 -55.24 53.74 44.47
CA GLU X 107 -56.62 53.63 44.95
C GLU X 107 -57.63 53.94 43.82
N LEU X 108 -58.92 53.73 44.09
CA LEU X 108 -59.94 54.02 43.09
C LEU X 108 -60.95 55.05 43.62
N LYS X 109 -60.40 56.14 44.17
CA LYS X 109 -61.21 57.25 44.72
C LYS X 109 -60.70 58.62 44.24
N GLY X 110 -61.42 59.68 44.59
CA GLY X 110 -61.02 61.02 44.17
C GLY X 110 -61.07 61.26 42.66
N ASN X 111 -59.92 61.60 42.08
CA ASN X 111 -59.79 61.88 40.64
C ASN X 111 -59.40 60.63 39.87
N TYR X 112 -58.61 59.75 40.51
CA TYR X 112 -58.21 58.51 39.87
C TYR X 112 -59.51 57.78 39.64
N LEU X 113 -60.48 58.01 40.51
CA LEU X 113 -61.78 57.40 40.35
C LEU X 113 -62.40 58.14 39.18
N LEU X 114 -62.22 59.46 39.14
CA LEU X 114 -62.79 60.25 38.05
C LEU X 114 -62.07 60.05 36.73
N ASP X 115 -60.78 59.73 36.79
CA ASP X 115 -60.01 59.50 35.57
C ASP X 115 -60.72 58.36 34.85
N LYS X 116 -60.52 57.14 35.35
CA LYS X 116 -61.14 55.94 34.82
C LYS X 116 -62.57 56.16 34.37
N ILE X 117 -63.37 56.82 35.19
CA ILE X 117 -64.76 57.07 34.81
C ILE X 117 -64.87 57.70 33.42
N MET X 118 -64.14 58.79 33.17
CA MET X 118 -64.16 59.42 31.86
C MET X 118 -63.38 58.59 30.84
N GLY X 119 -62.88 57.46 31.29
CA GLY X 119 -62.09 56.60 30.41
C GLY X 119 -60.87 57.37 29.96
N ILE X 120 -59.80 57.32 30.74
CA ILE X 120 -58.56 58.04 30.41
C ILE X 120 -57.35 57.12 30.62
N GLU X 121 -56.54 56.97 29.59
CA GLU X 121 -55.36 56.12 29.72
C GLU X 121 -54.49 56.57 30.89
N THR X 122 -54.30 55.66 31.84
CA THR X 122 -53.48 55.94 32.99
C THR X 122 -52.38 54.90 32.98
N ARG X 123 -51.28 55.19 33.67
CA ARG X 123 -50.15 54.28 33.76
C ARG X 123 -49.45 54.59 35.08
N VAL X 124 -49.78 53.86 36.14
CA VAL X 124 -49.16 54.12 37.43
C VAL X 124 -47.74 53.53 37.45
N TYR X 125 -46.83 54.22 38.17
CA TYR X 125 -45.41 53.83 38.34
C TYR X 125 -45.11 54.20 39.78
N ASP X 126 -44.12 53.54 40.39
CA ASP X 126 -43.76 53.90 41.75
C ASP X 126 -42.42 54.64 41.81
N ALA X 127 -42.22 55.55 40.85
CA ALA X 127 -41.00 56.33 40.80
C ALA X 127 -40.96 57.26 42.03
N LYS X 128 -39.98 58.16 42.03
CA LYS X 128 -39.79 59.10 43.12
C LYS X 128 -40.95 60.10 43.24
N ASP X 129 -41.50 60.26 44.45
CA ASP X 129 -42.58 61.22 44.67
C ASP X 129 -41.99 62.61 44.44
N SER X 130 -40.87 62.64 43.72
CA SER X 130 -40.23 63.90 43.38
C SER X 130 -40.59 64.18 41.92
N PHE X 131 -41.80 63.78 41.54
CA PHE X 131 -42.33 63.95 40.18
C PHE X 131 -41.25 64.01 39.12
N GLU X 132 -40.32 63.07 39.15
CA GLU X 132 -39.28 63.07 38.14
C GLU X 132 -39.75 62.07 37.12
N LEU X 133 -41.03 61.70 37.26
CA LEU X 133 -41.74 60.77 36.39
C LEU X 133 -41.54 61.19 34.95
N MET X 134 -41.04 62.41 34.77
CA MET X 134 -40.79 62.97 33.47
C MET X 134 -40.12 62.00 32.50
N LYS X 135 -38.90 61.58 32.80
CA LYS X 135 -38.19 60.64 31.92
C LYS X 135 -39.08 59.52 31.30
N TYR X 136 -40.03 58.99 32.07
CA TYR X 136 -40.94 57.95 31.57
C TYR X 136 -41.87 58.59 30.54
N ALA X 137 -42.66 59.55 31.02
CA ALA X 137 -43.58 60.29 30.17
C ALA X 137 -42.84 60.69 28.90
N GLU X 138 -41.54 60.97 29.05
CA GLU X 138 -40.69 61.32 27.93
C GLU X 138 -40.62 60.08 27.06
N GLU X 139 -40.11 59.00 27.65
CA GLU X 139 -39.99 57.71 26.98
C GLU X 139 -41.26 57.44 26.18
N ILE X 140 -42.40 57.55 26.86
CA ILE X 140 -43.70 57.36 26.21
C ILE X 140 -43.69 58.20 24.93
N ALA X 141 -43.46 59.49 25.13
CA ALA X 141 -43.41 60.46 24.06
C ALA X 141 -42.60 59.93 22.88
N GLU X 142 -41.43 59.36 23.19
CA GLU X 142 -40.49 58.82 22.20
C GLU X 142 -40.93 57.60 21.38
N GLU X 143 -41.38 56.56 22.07
CA GLU X 143 -41.86 55.34 21.40
C GLU X 143 -43.14 55.73 20.63
N LEU X 144 -44.09 56.29 21.37
CA LEU X 144 -45.37 56.75 20.83
C LEU X 144 -45.06 57.64 19.62
N LYS X 145 -43.79 57.95 19.45
CA LYS X 145 -43.30 58.79 18.36
C LYS X 145 -42.71 57.91 17.27
N ARG X 146 -42.25 56.73 17.65
CA ARG X 146 -41.71 55.78 16.69
C ARG X 146 -42.98 55.19 16.07
N GLU X 147 -44.05 55.97 16.17
CA GLU X 147 -45.36 55.58 15.67
C GLU X 147 -46.01 56.69 14.85
N GLY X 148 -45.18 57.52 14.20
CA GLY X 148 -45.68 58.62 13.39
C GLY X 148 -46.63 59.54 14.14
N ARG X 149 -46.92 59.16 15.38
CA ARG X 149 -47.81 59.93 16.24
C ARG X 149 -47.01 61.11 16.79
N LYS X 150 -47.73 62.18 17.11
CA LYS X 150 -47.16 63.43 17.67
C LYS X 150 -47.79 63.72 19.05
N PRO X 151 -46.96 63.65 20.11
CA PRO X 151 -47.50 63.91 21.44
C PRO X 151 -47.35 65.34 21.95
N TYR X 152 -47.27 65.47 23.25
CA TYR X 152 -47.14 66.77 23.91
C TYR X 152 -47.12 66.48 25.40
N VAL X 153 -46.00 66.78 26.07
CA VAL X 153 -45.91 66.56 27.51
C VAL X 153 -46.32 67.83 28.24
N ILE X 154 -46.87 67.69 29.46
CA ILE X 154 -47.32 68.84 30.26
C ILE X 154 -46.75 68.74 31.68
N PRO X 155 -45.91 69.71 32.07
CA PRO X 155 -45.27 69.77 33.40
C PRO X 155 -46.19 69.72 34.61
N PRO X 156 -45.66 69.18 35.73
CA PRO X 156 -46.45 69.08 36.95
C PRO X 156 -47.05 70.47 37.26
N GLY X 157 -48.38 70.56 37.27
CA GLY X 157 -49.03 71.83 37.55
C GLY X 157 -49.30 72.65 36.30
N GLY X 158 -48.38 72.59 35.35
CA GLY X 158 -48.54 73.36 34.13
C GLY X 158 -47.59 74.55 34.22
N ALA X 159 -46.61 74.43 35.12
CA ALA X 159 -45.63 75.48 35.31
C ALA X 159 -44.82 75.65 34.04
N SER X 160 -45.49 76.06 32.97
CA SER X 160 -44.85 76.27 31.70
C SER X 160 -44.85 77.77 31.46
N PRO X 161 -43.76 78.31 30.91
CA PRO X 161 -43.89 79.76 30.74
C PRO X 161 -45.17 79.98 29.94
N ILE X 162 -45.44 79.07 29.00
CA ILE X 162 -46.61 79.18 28.18
C ILE X 162 -47.92 79.12 28.96
N GLY X 163 -48.08 78.04 29.71
CA GLY X 163 -49.30 77.88 30.47
C GLY X 163 -49.40 78.83 31.64
N THR X 164 -48.30 79.50 31.96
CA THR X 164 -48.31 80.43 33.08
C THR X 164 -48.90 81.74 32.62
N LEU X 165 -49.05 81.88 31.31
CA LEU X 165 -49.63 83.08 30.75
C LEU X 165 -51.08 83.06 31.15
N GLY X 166 -51.50 81.91 31.64
CA GLY X 166 -52.85 81.75 32.10
C GLY X 166 -53.21 82.69 33.24
N TYR X 167 -52.48 82.66 34.35
CA TYR X 167 -52.84 83.54 35.47
C TYR X 167 -52.46 85.00 35.33
N VAL X 168 -51.81 85.36 34.22
CA VAL X 168 -51.47 86.74 33.96
C VAL X 168 -52.83 87.30 33.56
N ARG X 169 -53.51 86.57 32.68
CA ARG X 169 -54.83 86.94 32.22
C ARG X 169 -55.71 86.97 33.47
N ALA X 170 -55.46 86.00 34.35
CA ALA X 170 -56.19 85.85 35.59
C ALA X 170 -56.26 87.15 36.35
N VAL X 171 -55.11 87.72 36.69
CA VAL X 171 -55.14 88.98 37.43
C VAL X 171 -55.79 90.03 36.50
N GLY X 172 -55.44 89.99 35.20
CA GLY X 172 -56.03 90.92 34.26
C GLY X 172 -57.56 90.87 34.29
N GLU X 173 -58.12 89.77 34.79
CA GLU X 173 -59.56 89.63 34.89
C GLU X 173 -60.04 90.25 36.20
N ILE X 174 -59.33 89.93 37.27
CA ILE X 174 -59.58 90.45 38.61
C ILE X 174 -59.51 91.96 38.47
N ALA X 175 -58.46 92.38 37.76
CA ALA X 175 -58.15 93.76 37.45
C ALA X 175 -59.38 94.58 37.11
N THR X 176 -60.09 94.18 36.06
CA THR X 176 -61.27 94.93 35.68
C THR X 176 -62.54 94.65 36.48
N GLN X 177 -62.73 93.43 36.95
CA GLN X 177 -63.94 93.12 37.69
C GLN X 177 -64.02 93.73 39.09
N SER X 178 -62.98 93.50 39.89
CA SER X 178 -62.91 93.96 41.27
C SER X 178 -63.27 95.42 41.62
N GLU X 179 -64.32 95.58 42.42
CA GLU X 179 -64.73 96.89 42.88
C GLU X 179 -63.90 97.15 44.14
N VAL X 180 -62.88 96.32 44.38
CA VAL X 180 -62.01 96.42 45.56
C VAL X 180 -60.49 96.30 45.36
N LYS X 181 -59.75 97.08 46.14
CA LYS X 181 -58.29 97.15 46.14
C LYS X 181 -57.64 96.09 47.05
N PHE X 182 -56.74 95.26 46.50
CA PHE X 182 -56.12 94.17 47.28
C PHE X 182 -54.61 94.25 47.57
N ASP X 183 -54.29 94.33 48.86
CA ASP X 183 -52.92 94.40 49.36
C ASP X 183 -52.18 93.12 49.06
N SER X 184 -52.90 92.00 49.18
CA SER X 184 -52.34 90.69 48.90
C SER X 184 -53.35 89.81 48.15
N ILE X 185 -52.85 88.71 47.60
CA ILE X 185 -53.65 87.74 46.87
C ILE X 185 -52.95 86.41 47.12
N VAL X 186 -53.63 85.55 47.90
CA VAL X 186 -53.08 84.23 48.26
C VAL X 186 -53.46 83.05 47.35
N VAL X 187 -52.52 82.11 47.21
CA VAL X 187 -52.70 80.92 46.38
C VAL X 187 -51.70 79.81 46.79
N ALA X 188 -52.14 78.55 46.75
CA ALA X 188 -51.29 77.42 47.11
C ALA X 188 -50.13 77.29 46.15
N ALA X 189 -48.91 77.26 46.67
CA ALA X 189 -47.75 77.14 45.81
C ALA X 189 -47.37 75.69 45.44
N GLY X 190 -48.22 75.02 44.67
CA GLY X 190 -47.93 73.66 44.26
C GLY X 190 -46.68 73.59 43.40
N SER X 191 -46.85 73.66 42.10
CA SER X 191 -45.72 73.63 41.15
C SER X 191 -45.10 75.01 41.14
N GLY X 192 -45.94 75.99 41.46
CA GLY X 192 -45.50 77.37 41.49
C GLY X 192 -46.09 78.15 40.35
N GLY X 193 -46.50 77.44 39.30
CA GLY X 193 -47.07 78.06 38.13
C GLY X 193 -48.12 79.12 38.41
N THR X 194 -49.14 78.79 39.20
CA THR X 194 -50.18 79.78 39.47
C THR X 194 -49.59 80.99 40.17
N LEU X 195 -48.77 80.75 41.19
CA LEU X 195 -48.11 81.80 41.95
C LEU X 195 -47.37 82.75 41.03
N ALA X 196 -46.70 82.20 40.02
CA ALA X 196 -45.94 82.97 39.04
C ALA X 196 -46.87 83.87 38.20
N GLY X 197 -47.61 83.26 37.28
CA GLY X 197 -48.52 83.99 36.41
C GLY X 197 -49.27 85.03 37.19
N LEU X 198 -49.55 84.72 38.44
CA LEU X 198 -50.24 85.64 39.31
C LEU X 198 -49.29 86.82 39.52
N SER X 199 -48.08 86.49 39.95
CA SER X 199 -47.07 87.50 40.18
C SER X 199 -46.91 88.28 38.89
N LEU X 200 -46.24 87.68 37.90
CA LEU X 200 -45.99 88.33 36.61
C LEU X 200 -47.14 89.26 36.25
N GLY X 201 -48.37 88.80 36.49
CA GLY X 201 -49.53 89.62 36.19
C GLY X 201 -49.59 90.95 36.92
N LEU X 202 -49.62 90.89 38.25
CA LEU X 202 -49.67 92.06 39.14
C LEU X 202 -48.51 93.04 39.02
N SER X 203 -47.38 92.54 38.53
CA SER X 203 -46.16 93.31 38.34
C SER X 203 -46.33 94.12 37.08
N ILE X 204 -47.10 93.54 36.16
CA ILE X 204 -47.41 94.14 34.89
C ILE X 204 -48.40 95.29 35.13
N LEU X 205 -49.30 95.13 36.10
CA LEU X 205 -50.26 96.19 36.37
C LEU X 205 -49.69 97.17 37.38
N ASN X 206 -48.39 97.09 37.61
CA ASN X 206 -47.67 97.95 38.57
C ASN X 206 -48.51 98.39 39.78
N GLU X 207 -49.29 97.45 40.32
CA GLU X 207 -50.12 97.72 41.48
C GLU X 207 -49.31 97.26 42.66
N ASP X 208 -49.40 98.00 43.76
CA ASP X 208 -48.68 97.61 44.95
C ASP X 208 -49.43 96.42 45.55
N ILE X 209 -49.53 95.35 44.79
CA ILE X 209 -50.23 94.15 45.24
C ILE X 209 -49.22 93.03 45.41
N ARG X 210 -49.23 92.42 46.60
CA ARG X 210 -48.32 91.33 46.89
C ARG X 210 -48.87 89.97 46.47
N PRO X 211 -48.06 89.19 45.73
CA PRO X 211 -48.42 87.85 45.25
C PRO X 211 -47.92 86.88 46.31
N VAL X 212 -48.83 86.35 47.12
CA VAL X 212 -48.43 85.45 48.20
C VAL X 212 -48.63 83.95 48.03
N GLY X 213 -47.52 83.22 48.14
CA GLY X 213 -47.54 81.77 48.02
C GLY X 213 -47.50 81.02 49.35
N ILE X 214 -48.22 79.90 49.38
CA ILE X 214 -48.28 79.04 50.55
C ILE X 214 -47.87 77.64 50.11
N ALA X 215 -46.57 77.35 50.05
CA ALA X 215 -46.12 76.03 49.62
C ALA X 215 -46.88 74.98 50.42
N VAL X 216 -47.35 73.94 49.74
CA VAL X 216 -48.10 72.89 50.40
C VAL X 216 -47.25 71.66 50.59
N GLY X 217 -46.04 71.72 50.05
CA GLY X 217 -45.12 70.60 50.20
C GLY X 217 -43.66 71.01 50.39
N ARG X 218 -42.86 70.73 49.36
CA ARG X 218 -41.44 71.03 49.36
C ARG X 218 -41.12 72.47 49.80
N PHE X 219 -39.98 72.94 49.34
CA PHE X 219 -39.47 74.28 49.63
C PHE X 219 -37.97 74.18 49.46
N GLY X 220 -37.24 75.09 50.08
CA GLY X 220 -35.78 75.06 49.95
C GLY X 220 -35.36 75.73 48.67
N GLU X 221 -34.11 75.52 48.28
CA GLU X 221 -33.58 76.11 47.05
C GLU X 221 -34.40 75.66 45.86
N VAL X 222 -34.39 74.35 45.63
CA VAL X 222 -35.13 73.71 44.55
C VAL X 222 -36.35 74.50 44.09
N MET X 223 -37.24 74.88 45.00
CA MET X 223 -38.41 75.65 44.58
C MET X 223 -38.11 77.14 44.45
N THR X 224 -37.73 77.80 45.55
CA THR X 224 -37.43 79.22 45.49
C THR X 224 -36.58 79.60 44.26
N SER X 225 -35.53 78.84 43.99
CA SER X 225 -34.64 79.11 42.86
C SER X 225 -35.23 78.77 41.49
N LYS X 226 -36.01 77.68 41.44
CA LYS X 226 -36.64 77.24 40.19
C LYS X 226 -37.86 78.10 39.85
N LEU X 227 -38.52 78.66 40.86
CA LEU X 227 -39.70 79.50 40.67
C LEU X 227 -39.33 80.83 40.02
N ASP X 228 -38.30 81.49 40.54
CA ASP X 228 -37.85 82.76 39.95
C ASP X 228 -37.47 82.38 38.52
N ASN X 229 -36.79 81.25 38.42
CA ASN X 229 -36.33 80.70 37.16
C ASN X 229 -37.53 80.63 36.20
N LEU X 230 -38.72 80.58 36.78
CA LEU X 230 -39.97 80.49 35.99
C LEU X 230 -40.46 81.85 35.49
N ILE X 231 -41.15 82.57 36.36
CA ILE X 231 -41.69 83.87 36.01
C ILE X 231 -40.73 84.70 35.14
N LYS X 232 -39.43 84.44 35.21
CA LYS X 232 -38.46 85.19 34.42
C LYS X 232 -38.49 84.70 32.97
N GLU X 233 -39.02 83.50 32.77
CA GLU X 233 -39.13 82.94 31.42
C GLU X 233 -40.44 83.45 30.83
N ALA X 234 -41.45 83.57 31.68
CA ALA X 234 -42.75 84.06 31.24
C ALA X 234 -42.52 85.51 30.88
N ALA X 235 -41.89 86.25 31.80
CA ALA X 235 -41.61 87.66 31.60
C ALA X 235 -40.96 87.82 30.25
N GLU X 236 -40.09 86.87 29.88
CA GLU X 236 -39.41 86.95 28.59
C GLU X 236 -40.36 86.68 27.43
N LEU X 237 -41.40 85.90 27.67
CA LEU X 237 -42.38 85.63 26.61
C LEU X 237 -43.14 86.92 26.32
N LEU X 238 -43.58 87.58 27.39
CA LEU X 238 -44.32 88.82 27.32
C LEU X 238 -43.49 90.08 27.11
N GLY X 239 -42.18 89.99 27.26
CA GLY X 239 -41.32 91.15 27.08
C GLY X 239 -41.46 92.20 28.16
N VAL X 240 -41.56 91.77 29.40
CA VAL X 240 -41.71 92.70 30.53
C VAL X 240 -40.56 92.55 31.52
N LYS X 241 -40.42 93.57 32.38
CA LYS X 241 -39.40 93.63 33.42
C LYS X 241 -39.99 93.08 34.70
N VAL X 242 -39.42 91.98 35.18
CA VAL X 242 -39.90 91.37 36.39
C VAL X 242 -39.65 92.29 37.59
N GLU X 243 -40.73 92.56 38.33
CA GLU X 243 -40.70 93.41 39.52
C GLU X 243 -40.60 92.49 40.75
N VAL X 244 -39.36 92.00 40.97
CA VAL X 244 -38.97 91.14 42.10
C VAL X 244 -39.99 90.10 42.60
N ARG X 245 -39.50 88.87 42.74
CA ARG X 245 -40.29 87.73 43.19
C ARG X 245 -41.29 88.02 44.31
N PRO X 246 -42.34 87.16 44.41
CA PRO X 246 -43.40 87.26 45.41
C PRO X 246 -43.03 86.51 46.70
N GLU X 247 -44.03 86.30 47.56
CA GLU X 247 -43.82 85.62 48.83
C GLU X 247 -44.23 84.17 48.83
N LEU X 248 -43.35 83.31 49.36
CA LEU X 248 -43.61 81.88 49.45
C LEU X 248 -43.46 81.39 50.91
N TYR X 249 -44.57 81.02 51.54
CA TYR X 249 -44.54 80.55 52.93
C TYR X 249 -44.83 79.06 53.14
N ASP X 250 -43.86 78.34 53.71
CA ASP X 250 -44.00 76.91 53.97
C ASP X 250 -45.16 76.63 54.94
N TYR X 251 -46.13 75.83 54.49
CA TYR X 251 -47.27 75.46 55.32
C TYR X 251 -47.64 74.03 54.98
N SER X 252 -46.63 73.30 54.52
CA SER X 252 -46.78 71.91 54.14
C SER X 252 -46.99 71.00 55.33
N PHE X 253 -47.24 71.61 56.51
CA PHE X 253 -47.45 70.88 57.76
C PHE X 253 -46.58 69.62 57.82
N GLY X 254 -45.37 69.71 57.29
CA GLY X 254 -44.45 68.59 57.29
C GLY X 254 -44.07 68.15 55.88
N GLU X 255 -45.00 67.47 55.19
CA GLU X 255 -44.76 67.00 53.83
C GLU X 255 -46.00 67.18 52.94
N TYR X 256 -45.84 66.86 51.66
CA TYR X 256 -46.94 66.98 50.71
C TYR X 256 -47.85 65.78 50.84
N GLY X 257 -49.14 66.04 51.01
CA GLY X 257 -50.08 64.95 51.13
C GLY X 257 -50.44 64.61 52.55
N LYS X 258 -49.84 65.29 53.52
CA LYS X 258 -50.12 65.02 54.94
C LYS X 258 -51.33 65.83 55.39
N ILE X 259 -52.46 65.15 55.58
CA ILE X 259 -53.67 65.82 56.03
C ILE X 259 -53.46 65.91 57.53
N THR X 260 -54.06 66.90 58.19
CA THR X 260 -53.87 67.05 59.64
C THR X 260 -55.13 67.48 60.36
N GLY X 261 -55.03 67.63 61.67
CA GLY X 261 -56.19 68.05 62.45
C GLY X 261 -56.55 69.48 62.13
N GLU X 262 -55.54 70.33 62.13
CA GLU X 262 -55.70 71.74 61.82
C GLU X 262 -56.19 71.83 60.37
N VAL X 263 -55.59 71.00 59.51
CA VAL X 263 -55.92 70.90 58.08
C VAL X 263 -57.39 70.46 57.90
N ALA X 264 -57.88 69.61 58.79
CA ALA X 264 -59.26 69.14 58.75
C ALA X 264 -60.13 70.20 59.39
N GLN X 265 -59.53 70.92 60.31
CA GLN X 265 -60.22 71.98 61.02
C GLN X 265 -60.66 73.04 60.03
N ILE X 266 -59.68 73.72 59.44
CA ILE X 266 -59.96 74.78 58.49
C ILE X 266 -61.14 74.48 57.54
N ILE X 267 -61.27 73.22 57.11
CA ILE X 267 -62.34 72.86 56.18
C ILE X 267 -63.73 73.01 56.79
N ARG X 268 -64.08 72.15 57.74
CA ARG X 268 -65.40 72.24 58.35
C ARG X 268 -65.64 73.69 58.74
N LYS X 269 -64.57 74.47 58.72
CA LYS X 269 -64.66 75.87 59.12
C LYS X 269 -65.07 76.83 58.01
N VAL X 270 -64.26 76.93 56.95
CA VAL X 270 -64.61 77.81 55.85
C VAL X 270 -65.98 77.38 55.32
N GLY X 271 -66.14 76.06 55.15
CA GLY X 271 -67.38 75.50 54.65
C GLY X 271 -68.59 75.54 55.56
N THR X 272 -68.44 76.00 56.80
CA THR X 272 -69.61 76.07 57.68
C THR X 272 -70.07 77.50 57.87
N ARG X 273 -69.15 78.45 57.68
CA ARG X 273 -69.47 79.86 57.83
C ARG X 273 -69.59 80.52 56.47
N GLU X 274 -68.92 79.95 55.48
CA GLU X 274 -68.96 80.52 54.14
C GLU X 274 -69.41 79.54 53.05
N GLY X 275 -70.10 78.48 53.47
CA GLY X 275 -70.57 77.48 52.52
C GLY X 275 -69.59 77.19 51.41
N ILE X 276 -68.33 76.94 51.76
CA ILE X 276 -67.32 76.66 50.74
C ILE X 276 -66.42 75.49 51.13
N ILE X 277 -66.18 74.61 50.17
CA ILE X 277 -65.38 73.41 50.43
C ILE X 277 -63.97 73.45 49.84
N LEU X 278 -62.96 73.28 50.68
CA LEU X 278 -61.58 73.31 50.22
C LEU X 278 -61.03 71.90 50.01
N ASP X 279 -59.73 71.78 49.74
CA ASP X 279 -59.13 70.46 49.57
C ASP X 279 -57.90 70.30 50.50
N PRO X 280 -57.84 69.16 51.21
CA PRO X 280 -56.78 68.80 52.15
C PRO X 280 -55.35 68.92 51.66
N VAL X 281 -55.14 68.91 50.35
CA VAL X 281 -53.78 69.00 49.84
C VAL X 281 -53.39 70.38 49.34
N TYR X 282 -54.39 71.19 48.99
CA TYR X 282 -54.15 72.54 48.48
C TYR X 282 -54.95 73.62 49.20
N THR X 283 -55.96 74.16 48.53
CA THR X 283 -56.81 75.22 49.07
C THR X 283 -57.05 75.23 50.57
N GLY X 284 -56.96 74.06 51.20
CA GLY X 284 -57.17 73.96 52.63
C GLY X 284 -55.95 74.39 53.44
N LYS X 285 -54.78 73.87 53.06
CA LYS X 285 -53.52 74.20 53.74
C LYS X 285 -53.05 75.64 53.55
N ALA X 286 -53.53 76.29 52.48
CA ALA X 286 -53.14 77.66 52.16
C ALA X 286 -54.09 78.72 52.71
N PHE X 287 -55.31 78.31 53.04
CA PHE X 287 -56.27 79.26 53.62
C PHE X 287 -55.98 79.30 55.09
N TYR X 288 -55.32 78.26 55.59
CA TYR X 288 -54.93 78.17 56.99
C TYR X 288 -53.81 79.17 57.08
N GLY X 289 -52.89 79.06 56.12
CA GLY X 289 -51.75 79.96 56.05
C GLY X 289 -52.17 81.32 55.54
N LEU X 290 -53.44 81.67 55.82
CA LEU X 290 -54.03 82.95 55.45
C LEU X 290 -54.55 83.46 56.77
N VAL X 291 -55.33 82.63 57.46
CA VAL X 291 -55.83 83.00 58.75
C VAL X 291 -54.63 83.25 59.65
N ASP X 292 -53.70 82.29 59.71
CA ASP X 292 -52.51 82.42 60.54
C ASP X 292 -51.63 83.59 60.15
N LEU X 293 -51.28 83.65 58.85
CA LEU X 293 -50.44 84.73 58.32
C LEU X 293 -51.16 86.09 58.32
N ALA X 294 -52.45 86.10 58.67
CA ALA X 294 -53.25 87.33 58.73
C ALA X 294 -53.52 87.62 60.19
N ARG X 295 -53.10 86.67 61.03
CA ARG X 295 -53.24 86.74 62.47
C ARG X 295 -51.97 87.44 63.02
N LYS X 296 -50.88 87.37 62.26
CA LYS X 296 -49.65 88.07 62.62
C LYS X 296 -49.72 89.39 61.89
N GLY X 297 -50.95 89.83 61.55
CA GLY X 297 -51.15 91.08 60.83
C GLY X 297 -50.35 91.30 59.55
N GLU X 298 -49.58 90.30 59.13
CA GLU X 298 -48.70 90.35 57.95
C GLU X 298 -49.30 90.43 56.54
N LEU X 299 -50.55 90.87 56.36
CA LEU X 299 -51.11 90.93 55.01
C LEU X 299 -52.09 92.06 54.66
N GLY X 300 -51.75 93.29 55.01
CA GLY X 300 -52.65 94.38 54.71
C GLY X 300 -54.07 94.10 55.16
N GLU X 301 -54.90 95.13 55.15
CA GLU X 301 -56.28 95.01 55.57
C GLU X 301 -57.14 94.23 54.59
N LYS X 302 -56.80 94.26 53.30
CA LYS X 302 -57.60 93.56 52.28
C LYS X 302 -56.88 92.44 51.56
N ILE X 303 -57.46 91.24 51.66
CA ILE X 303 -56.91 90.04 51.05
C ILE X 303 -57.90 89.36 50.11
N LEU X 304 -57.39 88.84 49.00
CA LEU X 304 -58.18 88.15 47.99
C LEU X 304 -57.62 86.75 47.92
N PHE X 305 -58.40 85.77 48.36
CA PHE X 305 -57.97 84.37 48.30
C PHE X 305 -58.52 83.81 47.01
N ILE X 306 -57.65 83.18 46.21
CA ILE X 306 -58.04 82.57 44.95
C ILE X 306 -58.34 81.08 45.16
N HIS X 307 -59.57 80.69 44.86
CA HIS X 307 -59.98 79.31 45.03
C HIS X 307 -59.44 78.49 43.86
N THR X 308 -58.42 77.69 44.13
CA THR X 308 -57.80 76.87 43.10
C THR X 308 -58.57 75.57 42.81
N GLY X 309 -59.75 75.43 43.42
CA GLY X 309 -60.56 74.24 43.20
C GLY X 309 -60.05 72.96 43.89
N GLY X 310 -60.05 71.85 43.15
CA GLY X 310 -59.58 70.57 43.68
C GLY X 310 -60.45 69.86 44.71
N ILE X 311 -61.76 70.02 44.60
CA ILE X 311 -62.70 69.38 45.54
C ILE X 311 -62.54 67.86 45.61
N SER X 312 -62.03 67.29 44.52
CA SER X 312 -61.82 65.85 44.42
C SER X 312 -61.12 65.27 45.64
N GLY X 313 -59.98 65.85 46.00
CA GLY X 313 -59.21 65.39 47.15
C GLY X 313 -59.95 65.33 48.48
N THR X 314 -61.09 66.03 48.60
CA THR X 314 -61.88 66.05 49.82
C THR X 314 -62.88 64.90 49.85
N PHE X 315 -62.91 64.13 48.76
CA PHE X 315 -63.75 62.95 48.63
C PHE X 315 -62.71 61.83 48.80
N HIS X 316 -61.56 62.08 48.18
CA HIS X 316 -60.42 61.16 48.18
C HIS X 316 -59.85 60.87 49.57
N TYR X 317 -60.01 61.81 50.50
CA TYR X 317 -59.53 61.67 51.87
C TYR X 317 -60.60 62.13 52.84
N GLY X 318 -61.83 62.24 52.35
CA GLY X 318 -62.92 62.67 53.21
C GLY X 318 -62.91 61.92 54.53
N ASP X 319 -62.36 60.70 54.50
CA ASP X 319 -62.25 59.82 55.65
C ASP X 319 -61.12 60.19 56.61
N LYS X 320 -59.89 60.17 56.09
CA LYS X 320 -58.68 60.49 56.87
C LYS X 320 -58.72 61.88 57.48
N LEU X 321 -59.82 62.59 57.24
CA LEU X 321 -60.02 63.93 57.79
C LEU X 321 -61.05 63.72 58.89
N LEU X 322 -61.77 62.61 58.83
CA LEU X 322 -62.78 62.29 59.83
C LEU X 322 -62.14 61.71 61.06
N SER X 323 -60.96 61.13 60.88
CA SER X 323 -60.23 60.56 62.00
C SER X 323 -59.91 61.72 62.94
N LEU X 324 -59.61 62.89 62.36
CA LEU X 324 -59.24 64.08 63.14
C LEU X 324 -60.30 65.16 63.42
N LEU X 325 -61.56 64.77 63.60
CA LEU X 325 -62.59 65.76 63.90
C LEU X 325 -63.46 65.33 65.07
#